data_9GB8
#
_entry.id   9GB8
#
_cell.length_a   1.00
_cell.length_b   1.00
_cell.length_c   1.00
_cell.angle_alpha   90.00
_cell.angle_beta   90.00
_cell.angle_gamma   90.00
#
_symmetry.space_group_name_H-M   'P 1'
#
_entity_poly.entity_id   1
_entity_poly.type   'polypeptide(L)'
_entity_poly.pdbx_seq_one_letter_code
;MATGTWNEKERKEIPGFYNRFKTQAEKSTNTGLKGRLAMPIRANWGDVGKVVTIKNDLRQLKNLFGDDMNYSAFKLGKLA
LLGNVKELLLYRLVDGNQKKGTLTLKDTTENSAKDVIKLETKYPTARNFNVTIKSNLVDSDKKDFIFFENTKQLFSSSIK
GTIDEIVLEINSNLDNEYVIATKVADSDTILANVVNQALEGGNDGCTSITNESYLKALEEFERYSFDSFVLDGVADEALQ
ETTKAWVAKNKELGKDILLFLGGKTEDNIKQINDKSKSFNDENIVNVGSSAYYENIKYTPSEVAVYIAALSVSKGITGSI
CNAKTIFEEVEPRLSQSEVKECLKSGTLVLDFDDGDVIIVDDVNTFKKYVDDKNEAMGYISNIMFINTINKDTSLKRKEF
VGKIFNDATGQTTVICALKKYFEELMSQGIISEFNVDIDTELQATAKADEFYWKWDAVKVDVMKKIYGTGYLG
;
_entity_poly.pdbx_strand_id   J,K,L,M,N,O,P,Q,R,S,T,U,V,W,X,Y,Z,a
#
# COMPACT_ATOMS: atom_id res chain seq x y z
N GLU A 13 36.98 -21.36 65.86
CA GLU A 13 36.47 -22.76 65.89
C GLU A 13 37.25 -23.62 64.91
N ILE A 14 36.94 -24.91 64.89
CA ILE A 14 37.56 -25.82 63.94
C ILE A 14 37.00 -25.52 62.55
N PRO A 15 37.72 -25.81 61.47
CA PRO A 15 37.15 -25.58 60.14
C PRO A 15 35.94 -26.46 59.88
N GLY A 16 34.99 -25.89 59.13
CA GLY A 16 33.74 -26.56 58.86
C GLY A 16 32.70 -25.53 58.43
N PHE A 17 31.46 -26.01 58.24
CA PHE A 17 30.38 -25.17 57.74
C PHE A 17 29.25 -25.37 58.74
N TYR A 18 29.20 -24.57 59.80
CA TYR A 18 28.31 -24.85 60.93
C TYR A 18 27.13 -23.89 60.95
N ASN A 19 25.95 -24.42 60.66
CA ASN A 19 24.72 -23.66 60.62
C ASN A 19 24.22 -23.39 62.05
N ARG A 20 23.54 -22.26 62.22
CA ARG A 20 22.90 -21.93 63.49
C ARG A 20 21.61 -21.18 63.15
N PHE A 21 20.50 -21.91 63.14
CA PHE A 21 19.24 -21.39 62.63
C PHE A 21 18.55 -20.51 63.65
N LYS A 22 17.93 -19.43 63.16
CA LYS A 22 17.44 -18.34 63.98
C LYS A 22 16.04 -17.90 63.53
N THR A 23 15.18 -18.86 63.21
CA THR A 23 13.77 -18.56 62.96
C THR A 23 13.02 -18.47 64.29
N GLN A 24 13.40 -17.43 65.02
CA GLN A 24 12.90 -17.14 66.34
C GLN A 24 11.56 -16.43 66.22
N ALA A 25 11.62 -15.22 65.69
CA ALA A 25 10.52 -14.26 65.54
C ALA A 25 10.48 -13.73 64.12
N GLU A 26 10.44 -14.65 63.14
CA GLU A 26 10.58 -14.29 61.74
C GLU A 26 9.55 -13.25 61.33
N LYS A 27 8.26 -13.58 61.43
CA LYS A 27 7.20 -12.59 61.21
C LYS A 27 6.07 -12.80 62.22
N SER A 28 6.43 -13.07 63.48
CA SER A 28 5.48 -13.25 64.57
C SER A 28 5.35 -11.99 65.41
N THR A 29 5.45 -10.82 64.78
CA THR A 29 5.54 -9.54 65.46
C THR A 29 4.41 -8.62 65.04
N ASN A 30 4.00 -7.76 65.97
CA ASN A 30 3.02 -6.72 65.71
C ASN A 30 3.39 -5.49 66.54
N THR A 31 2.90 -4.33 66.10
CA THR A 31 3.28 -3.03 66.65
C THR A 31 2.08 -2.30 67.26
N GLY A 32 1.15 -3.04 67.85
CA GLY A 32 -0.07 -2.45 68.38
C GLY A 32 -0.02 -2.08 69.85
N LEU A 33 1.19 -2.00 70.42
CA LEU A 33 1.35 -1.77 71.85
C LEU A 33 2.46 -0.76 72.09
N LYS A 34 2.36 -0.06 73.22
CA LYS A 34 3.34 0.96 73.58
C LYS A 34 3.14 1.32 75.05
N GLY A 35 4.15 1.97 75.62
CA GLY A 35 4.05 2.56 76.93
C GLY A 35 4.28 1.57 78.07
N ARG A 36 4.52 2.13 79.25
CA ARG A 36 4.69 1.36 80.47
C ARG A 36 4.05 2.12 81.63
N LEU A 37 3.51 1.36 82.59
CA LEU A 37 2.71 1.92 83.66
C LEU A 37 3.14 1.33 85.01
N ALA A 38 2.99 2.15 86.05
CA ALA A 38 3.26 1.74 87.43
C ALA A 38 1.96 1.38 88.12
N MET A 39 2.04 0.43 89.06
CA MET A 39 0.86 -0.12 89.72
C MET A 39 1.23 -0.63 91.11
N PRO A 40 0.93 0.12 92.16
CA PRO A 40 0.79 -0.50 93.48
C PRO A 40 -0.54 -1.24 93.56
N ILE A 41 -0.50 -2.49 94.02
CA ILE A 41 -1.66 -3.36 93.99
C ILE A 41 -1.76 -4.17 95.29
N ARG A 42 -2.99 -4.41 95.72
CA ARG A 42 -3.29 -5.40 96.74
C ARG A 42 -3.67 -6.70 96.04
N ALA A 43 -3.08 -7.81 96.49
CA ALA A 43 -3.25 -9.09 95.82
C ALA A 43 -3.30 -10.21 96.84
N ASN A 44 -4.14 -11.22 96.56
CA ASN A 44 -4.14 -12.45 97.33
C ASN A 44 -2.98 -13.36 96.99
N TRP A 45 -2.41 -13.22 95.79
CA TRP A 45 -1.39 -14.12 95.30
C TRP A 45 -0.30 -13.32 94.58
N GLY A 46 0.90 -13.87 94.54
CA GLY A 46 1.99 -13.33 93.76
C GLY A 46 3.13 -12.84 94.64
N ASP A 47 4.18 -12.40 93.95
CA ASP A 47 5.39 -11.94 94.63
C ASP A 47 5.10 -10.70 95.48
N VAL A 48 5.91 -10.51 96.51
CA VAL A 48 5.75 -9.45 97.49
C VAL A 48 7.06 -8.69 97.63
N GLY A 49 6.97 -7.37 97.71
CA GLY A 49 8.13 -6.54 97.98
C GLY A 49 9.02 -6.29 96.80
N LYS A 50 8.58 -6.56 95.58
CA LYS A 50 9.36 -6.34 94.38
C LYS A 50 8.49 -5.73 93.30
N VAL A 51 9.13 -4.96 92.42
CA VAL A 51 8.47 -4.33 91.29
C VAL A 51 8.69 -5.24 90.08
N VAL A 52 7.62 -5.92 89.66
CA VAL A 52 7.69 -6.93 88.61
C VAL A 52 7.01 -6.38 87.36
N THR A 53 7.66 -6.59 86.20
CA THR A 53 7.10 -6.18 84.92
C THR A 53 6.23 -7.29 84.37
N ILE A 54 5.08 -6.91 83.82
CA ILE A 54 4.11 -7.84 83.24
C ILE A 54 3.94 -7.49 81.78
N LYS A 55 4.16 -8.46 80.90
CA LYS A 55 3.84 -8.30 79.49
C LYS A 55 2.32 -8.31 79.31
N ASN A 56 1.87 -7.76 78.18
CA ASN A 56 0.45 -7.43 78.02
C ASN A 56 -0.46 -8.65 77.99
N ASP A 57 0.07 -9.86 77.89
CA ASP A 57 -0.78 -11.04 77.99
C ASP A 57 -1.35 -11.14 79.41
N LEU A 58 -2.67 -11.14 79.51
CA LEU A 58 -3.32 -11.26 80.81
C LEU A 58 -3.05 -12.61 81.47
N ARG A 59 -2.71 -13.63 80.68
CA ARG A 59 -2.34 -14.91 81.25
C ARG A 59 -1.15 -14.77 82.19
N GLN A 60 -0.21 -13.88 81.85
CA GLN A 60 0.91 -13.61 82.74
C GLN A 60 0.44 -13.02 84.05
N LEU A 61 -0.49 -12.06 83.99
CA LEU A 61 -1.06 -11.48 85.21
C LEU A 61 -1.78 -12.55 86.02
N LYS A 62 -2.58 -13.38 85.33
CA LYS A 62 -3.35 -14.42 86.01
C LYS A 62 -2.41 -15.41 86.71
N ASN A 63 -1.31 -15.76 86.06
CA ASN A 63 -0.36 -16.69 86.65
C ASN A 63 0.35 -16.07 87.84
N LEU A 64 0.86 -14.85 87.68
CA LEU A 64 1.77 -14.26 88.65
C LEU A 64 1.08 -13.55 89.80
N PHE A 65 -0.23 -13.28 89.70
CA PHE A 65 -0.95 -12.61 90.78
C PHE A 65 -2.37 -13.15 90.98
N GLY A 66 -2.71 -14.29 90.39
CA GLY A 66 -4.02 -14.86 90.58
C GLY A 66 -5.07 -14.21 89.69
N ASP A 67 -6.30 -14.70 89.85
CA ASP A 67 -7.43 -14.28 89.01
C ASP A 67 -8.63 -13.86 89.87
N ASP A 68 -8.37 -13.31 91.04
CA ASP A 68 -9.44 -12.90 91.95
C ASP A 68 -9.78 -11.44 91.69
N MET A 69 -11.03 -11.20 91.29
CA MET A 69 -11.49 -9.84 91.01
C MET A 69 -11.86 -9.08 92.27
N ASN A 70 -11.87 -9.73 93.44
CA ASN A 70 -12.11 -9.03 94.69
C ASN A 70 -10.96 -8.11 95.08
N TYR A 71 -9.82 -8.20 94.40
CA TYR A 71 -8.60 -7.50 94.77
C TYR A 71 -8.22 -6.51 93.67
N SER A 72 -7.57 -5.42 94.08
CA SER A 72 -7.18 -4.40 93.13
C SER A 72 -6.25 -4.95 92.05
N ALA A 73 -5.43 -5.93 92.41
CA ALA A 73 -4.41 -6.45 91.50
C ALA A 73 -4.98 -6.93 90.19
N PHE A 74 -5.80 -7.99 90.22
CA PHE A 74 -6.28 -8.57 88.98
C PHE A 74 -7.20 -7.62 88.21
N LYS A 75 -8.09 -6.93 88.91
CA LYS A 75 -9.06 -6.05 88.25
C LYS A 75 -8.35 -4.90 87.55
N LEU A 76 -7.51 -4.17 88.28
CA LEU A 76 -6.80 -3.05 87.69
C LEU A 76 -5.79 -3.50 86.66
N GLY A 77 -5.20 -4.70 86.85
CA GLY A 77 -4.32 -5.24 85.83
C GLY A 77 -5.06 -5.52 84.54
N LYS A 78 -6.24 -6.12 84.63
CA LYS A 78 -7.03 -6.37 83.44
C LYS A 78 -7.39 -5.06 82.74
N LEU A 79 -7.78 -4.06 83.51
CA LEU A 79 -8.11 -2.77 82.92
C LEU A 79 -6.89 -2.16 82.21
N ALA A 80 -5.72 -2.23 82.85
CA ALA A 80 -4.51 -1.68 82.24
C ALA A 80 -4.14 -2.44 80.97
N LEU A 81 -4.23 -3.77 81.01
CA LEU A 81 -3.89 -4.57 79.84
C LEU A 81 -4.84 -4.27 78.69
N LEU A 82 -6.13 -4.12 78.99
CA LEU A 82 -7.07 -3.66 77.96
C LEU A 82 -6.76 -2.24 77.51
N GLY A 83 -6.06 -1.47 78.34
CA GLY A 83 -5.50 -0.20 77.90
C GLY A 83 -4.35 -0.34 76.91
N ASN A 84 -3.87 -1.56 76.67
CA ASN A 84 -2.89 -1.85 75.62
C ASN A 84 -1.51 -1.28 75.97
N VAL A 85 -1.11 -1.42 77.21
CA VAL A 85 0.24 -1.02 77.63
C VAL A 85 1.22 -2.11 77.21
N LYS A 86 2.38 -1.69 76.71
CA LYS A 86 3.37 -2.66 76.26
C LYS A 86 3.86 -3.53 77.42
N GLU A 87 4.13 -2.92 78.57
CA GLU A 87 4.61 -3.64 79.74
C GLU A 87 4.04 -2.99 80.98
N LEU A 88 3.34 -3.77 81.80
CA LEU A 88 2.68 -3.28 83.00
C LEU A 88 3.52 -3.68 84.20
N LEU A 89 3.95 -2.69 84.98
CA LEU A 89 4.81 -2.92 86.14
C LEU A 89 3.97 -2.86 87.41
N LEU A 90 4.01 -3.93 88.19
CA LEU A 90 3.18 -4.10 89.37
C LEU A 90 4.03 -4.15 90.62
N TYR A 91 3.39 -3.92 91.77
CA TYR A 91 4.02 -4.06 93.07
C TYR A 91 2.95 -4.47 94.07
N ARG A 92 3.15 -5.60 94.74
CA ARG A 92 2.17 -6.12 95.67
C ARG A 92 2.31 -5.42 97.02
N LEU A 93 1.24 -4.80 97.48
CA LEU A 93 1.21 -4.11 98.76
C LEU A 93 0.72 -5.07 99.84
N VAL A 94 1.36 -5.00 101.00
CA VAL A 94 1.04 -5.89 102.12
C VAL A 94 1.30 -5.16 103.43
N ASP A 95 0.63 -5.63 104.47
CA ASP A 95 1.03 -5.33 105.84
C ASP A 95 2.09 -6.34 106.26
N GLY A 96 2.92 -5.94 107.23
CA GLY A 96 4.03 -6.79 107.64
C GLY A 96 3.59 -8.17 108.13
N ASN A 97 2.38 -8.27 108.67
CA ASN A 97 1.86 -9.56 109.12
C ASN A 97 1.52 -10.50 107.96
N GLN A 98 1.52 -10.01 106.72
CA GLN A 98 1.10 -10.84 105.59
C GLN A 98 2.06 -12.02 105.42
N LYS A 99 1.50 -13.19 105.10
CA LYS A 99 2.18 -14.45 105.35
C LYS A 99 1.80 -15.49 104.30
N LYS A 100 2.65 -16.51 104.18
CA LYS A 100 2.43 -17.66 103.31
C LYS A 100 1.63 -18.73 104.03
N GLY A 101 0.80 -19.43 103.27
CA GLY A 101 0.17 -20.63 103.78
C GLY A 101 1.15 -21.77 103.90
N THR A 102 0.87 -22.70 104.81
CA THR A 102 1.80 -23.77 105.12
C THR A 102 1.04 -25.01 105.56
N LEU A 103 1.64 -26.17 105.28
CA LEU A 103 1.14 -27.46 105.74
C LEU A 103 2.33 -28.35 106.02
N THR A 104 2.15 -29.30 106.95
CA THR A 104 3.20 -30.21 107.38
C THR A 104 2.74 -31.65 107.21
N LEU A 105 3.69 -32.52 106.88
CA LEU A 105 3.45 -33.94 106.69
C LEU A 105 4.28 -34.73 107.69
N LYS A 106 3.82 -35.94 107.99
CA LYS A 106 4.41 -36.79 109.01
C LYS A 106 4.45 -38.23 108.52
N ASP A 107 5.37 -39.00 109.08
CA ASP A 107 5.52 -40.41 108.74
C ASP A 107 4.56 -41.26 109.58
N THR A 108 4.45 -42.53 109.18
CA THR A 108 3.59 -43.49 109.85
C THR A 108 4.29 -44.79 110.22
N THR A 109 5.52 -45.02 109.77
CA THR A 109 6.23 -46.25 110.10
C THR A 109 6.48 -46.35 111.59
N GLU A 110 6.87 -45.25 112.22
CA GLU A 110 7.18 -45.21 113.64
C GLU A 110 5.93 -44.86 114.44
N ASN A 111 5.78 -45.47 115.61
CA ASN A 111 4.67 -45.14 116.49
C ASN A 111 4.73 -43.68 116.92
N SER A 112 5.92 -43.20 117.29
CA SER A 112 6.15 -41.79 117.55
C SER A 112 6.44 -41.12 116.22
N ALA A 113 5.36 -40.76 115.52
CA ALA A 113 5.49 -40.18 114.19
C ALA A 113 6.23 -38.85 114.25
N LYS A 114 7.07 -38.62 113.24
CA LYS A 114 7.95 -37.46 113.17
C LYS A 114 7.67 -36.70 111.88
N ASP A 115 7.62 -35.38 111.98
CA ASP A 115 7.42 -34.55 110.80
C ASP A 115 8.62 -34.67 109.87
N VAL A 116 8.35 -34.90 108.59
CA VAL A 116 9.40 -35.17 107.60
C VAL A 116 9.32 -34.28 106.37
N ILE A 117 8.17 -33.72 106.04
CA ILE A 117 8.02 -32.80 104.90
C ILE A 117 7.09 -31.67 105.32
N LYS A 118 7.42 -30.46 104.88
CA LYS A 118 6.56 -29.30 105.03
C LYS A 118 6.27 -28.69 103.66
N LEU A 119 5.02 -28.32 103.43
CA LEU A 119 4.57 -27.69 102.20
C LEU A 119 4.18 -26.26 102.49
N GLU A 120 4.69 -25.33 101.67
CA GLU A 120 4.42 -23.91 101.83
C GLU A 120 4.13 -23.31 100.46
N THR A 121 3.13 -22.41 100.41
CA THR A 121 2.78 -21.77 99.15
C THR A 121 3.95 -20.99 98.59
N LYS A 122 4.12 -21.06 97.27
CA LYS A 122 5.27 -20.41 96.64
C LYS A 122 5.24 -18.90 96.83
N TYR A 123 4.04 -18.33 96.95
CA TYR A 123 3.86 -16.90 97.16
C TYR A 123 3.01 -16.67 98.41
N PRO A 124 3.18 -15.53 99.09
CA PRO A 124 2.30 -15.24 100.23
C PRO A 124 0.85 -15.13 99.81
N THR A 125 -0.04 -15.63 100.66
CA THR A 125 -1.46 -15.68 100.35
C THR A 125 -2.22 -16.09 101.61
N ALA A 126 -3.54 -16.22 101.46
CA ALA A 126 -4.39 -16.87 102.46
C ALA A 126 -5.41 -17.80 101.83
N ARG A 127 -5.26 -18.11 100.54
CA ARG A 127 -6.25 -18.94 99.86
C ARG A 127 -6.19 -20.38 100.36
N ASN A 128 -7.24 -21.12 100.05
CA ASN A 128 -7.39 -22.50 100.52
C ASN A 128 -6.74 -23.48 99.54
N PHE A 129 -5.44 -23.32 99.35
CA PHE A 129 -4.68 -24.30 98.58
C PHE A 129 -4.58 -25.58 99.39
N ASN A 130 -5.09 -26.67 98.83
CA ASN A 130 -5.25 -27.93 99.55
C ASN A 130 -4.39 -29.02 98.92
N VAL A 131 -4.12 -30.06 99.72
CA VAL A 131 -3.26 -31.16 99.33
C VAL A 131 -3.87 -32.46 99.81
N THR A 132 -3.67 -33.52 99.02
CA THR A 132 -4.13 -34.87 99.34
C THR A 132 -3.00 -35.86 99.14
N ILE A 133 -2.85 -36.77 100.10
CA ILE A 133 -1.90 -37.87 100.01
C ILE A 133 -2.65 -39.16 100.32
N LYS A 134 -2.48 -40.16 99.48
CA LYS A 134 -3.18 -41.43 99.62
C LYS A 134 -2.27 -42.56 99.18
N SER A 135 -2.62 -43.77 99.61
CA SER A 135 -1.83 -44.94 99.25
C SER A 135 -1.92 -45.21 97.75
N ASN A 136 -0.78 -45.47 97.13
CA ASN A 136 -0.77 -45.80 95.71
C ASN A 136 -1.36 -47.19 95.50
N LEU A 137 -2.26 -47.30 94.52
CA LEU A 137 -2.95 -48.56 94.28
C LEU A 137 -2.11 -49.57 93.49
N VAL A 138 -1.03 -49.12 92.85
CA VAL A 138 -0.20 -49.99 92.02
C VAL A 138 0.98 -50.47 92.83
N ASP A 139 1.82 -49.55 93.30
CA ASP A 139 3.01 -49.87 94.07
C ASP A 139 2.72 -49.72 95.55
N SER A 140 3.26 -50.63 96.35
CA SER A 140 2.93 -50.68 97.78
C SER A 140 3.45 -49.44 98.51
N ASP A 141 4.72 -49.10 98.33
CA ASP A 141 5.33 -48.02 99.10
C ASP A 141 5.05 -46.63 98.54
N LYS A 142 4.42 -46.53 97.36
CA LYS A 142 4.19 -45.24 96.75
C LYS A 142 2.99 -44.54 97.38
N LYS A 143 3.07 -43.22 97.47
CA LYS A 143 1.98 -42.36 97.93
C LYS A 143 1.63 -41.40 96.81
N ASP A 144 0.34 -41.24 96.54
CA ASP A 144 -0.15 -40.39 95.47
C ASP A 144 -0.36 -38.99 96.01
N PHE A 145 0.50 -38.06 95.62
CA PHE A 145 0.44 -36.68 96.09
C PHE A 145 -0.38 -35.86 95.10
N ILE A 146 -1.49 -35.29 95.58
CA ILE A 146 -2.40 -34.50 94.76
C ILE A 146 -2.60 -33.16 95.43
N PHE A 147 -2.77 -32.13 94.63
CA PHE A 147 -2.85 -30.75 95.08
C PHE A 147 -4.09 -30.08 94.51
N PHE A 148 -4.73 -29.25 95.32
CA PHE A 148 -5.98 -28.59 94.93
C PHE A 148 -5.98 -27.15 95.42
N GLU A 149 -7.03 -26.44 95.03
CA GLU A 149 -7.41 -25.16 95.64
C GLU A 149 -8.93 -25.19 95.77
N ASN A 150 -9.42 -25.35 97.00
CA ASN A 150 -10.85 -25.54 97.25
C ASN A 150 -11.38 -26.75 96.47
N THR A 151 -10.59 -27.83 96.49
CA THR A 151 -10.88 -29.10 95.83
C THR A 151 -10.71 -29.06 94.32
N LYS A 152 -10.38 -27.91 93.73
CA LYS A 152 -10.08 -27.83 92.30
C LYS A 152 -8.63 -28.28 92.10
N GLN A 153 -8.45 -29.45 91.49
CA GLN A 153 -7.14 -30.06 91.45
C GLN A 153 -6.18 -29.27 90.59
N LEU A 154 -4.95 -29.13 91.10
CA LEU A 154 -3.84 -28.50 90.38
C LEU A 154 -2.95 -29.55 89.71
N PHE A 155 -2.47 -30.51 90.49
CA PHE A 155 -1.43 -31.43 90.04
C PHE A 155 -1.50 -32.71 90.88
N SER A 156 -1.14 -33.82 90.25
CA SER A 156 -1.08 -35.12 90.91
C SER A 156 0.25 -35.80 90.60
N SER A 157 0.76 -36.56 91.56
CA SER A 157 2.03 -37.26 91.39
C SER A 157 2.09 -38.44 92.34
N SER A 158 3.03 -39.34 92.08
CA SER A 158 3.22 -40.54 92.88
C SER A 158 4.71 -40.84 92.99
N ILE A 159 5.21 -41.00 94.22
CA ILE A 159 6.61 -41.30 94.47
C ILE A 159 6.70 -42.32 95.59
N LYS A 160 7.72 -43.17 95.51
CA LYS A 160 8.00 -44.15 96.55
C LYS A 160 8.21 -43.48 97.91
N GLY A 161 8.20 -44.30 98.96
CA GLY A 161 8.19 -43.79 100.32
C GLY A 161 9.54 -43.40 100.88
N THR A 162 10.32 -42.63 100.12
CA THR A 162 11.54 -42.00 100.61
C THR A 162 11.37 -40.49 100.49
N ILE A 163 11.72 -39.78 101.56
CA ILE A 163 11.34 -38.37 101.67
C ILE A 163 12.08 -37.51 100.67
N ASP A 164 13.36 -37.83 100.41
CA ASP A 164 14.17 -36.99 99.52
C ASP A 164 13.60 -36.98 98.10
N GLU A 165 13.32 -38.17 97.55
CA GLU A 165 12.75 -38.24 96.21
C GLU A 165 11.36 -37.60 96.18
N ILE A 166 10.59 -37.74 97.26
CA ILE A 166 9.25 -37.14 97.31
C ILE A 166 9.35 -35.63 97.19
N VAL A 167 10.18 -35.01 98.02
CA VAL A 167 10.28 -33.55 98.00
C VAL A 167 10.90 -33.07 96.68
N LEU A 168 11.87 -33.83 96.16
CA LEU A 168 12.48 -33.44 94.90
C LEU A 168 11.48 -33.46 93.76
N GLU A 169 10.64 -34.50 93.69
CA GLU A 169 9.60 -34.54 92.66
C GLU A 169 8.58 -33.43 92.85
N ILE A 170 8.17 -33.20 94.11
CA ILE A 170 7.13 -32.19 94.36
C ILE A 170 7.65 -30.80 93.97
N ASN A 171 8.94 -30.55 94.18
CA ASN A 171 9.55 -29.29 93.77
C ASN A 171 9.98 -29.27 92.31
N SER A 172 9.99 -30.43 91.64
CA SER A 172 10.53 -30.49 90.28
C SER A 172 9.54 -29.97 89.26
N ASN A 173 8.36 -30.59 89.19
CA ASN A 173 7.38 -30.22 88.17
C ASN A 173 6.82 -28.83 88.46
N LEU A 174 6.77 -28.01 87.42
CA LEU A 174 6.18 -26.68 87.52
C LEU A 174 4.65 -26.71 87.54
N ASP A 175 4.04 -27.88 87.32
CA ASP A 175 2.63 -28.02 87.62
C ASP A 175 2.34 -27.80 89.10
N ASN A 176 3.33 -28.07 89.96
CA ASN A 176 3.25 -27.81 91.38
C ASN A 176 3.86 -26.47 91.77
N GLU A 177 3.79 -25.49 90.87
CA GLU A 177 4.41 -24.19 91.13
C GLU A 177 3.71 -23.43 92.25
N TYR A 178 2.47 -23.78 92.59
CA TYR A 178 1.77 -23.08 93.65
C TYR A 178 2.40 -23.27 95.02
N VAL A 179 3.16 -24.35 95.21
CA VAL A 179 3.63 -24.77 96.53
C VAL A 179 5.07 -25.22 96.45
N ILE A 180 5.80 -25.02 97.55
CA ILE A 180 7.18 -25.45 97.70
C ILE A 180 7.23 -26.50 98.79
N ALA A 181 7.91 -27.61 98.51
CA ALA A 181 8.11 -28.68 99.48
C ALA A 181 9.52 -28.62 100.03
N THR A 182 9.65 -28.76 101.35
CA THR A 182 10.94 -28.77 102.02
C THR A 182 11.00 -29.96 102.98
N LYS A 183 12.20 -30.53 103.10
CA LYS A 183 12.40 -31.70 103.94
C LYS A 183 12.61 -31.28 105.38
N VAL A 184 11.82 -31.86 106.29
CA VAL A 184 11.96 -31.59 107.72
C VAL A 184 12.94 -32.56 108.36
N ALA A 185 12.98 -33.81 107.90
CA ALA A 185 13.88 -34.81 108.44
C ALA A 185 14.26 -35.79 107.34
N ASP A 186 15.40 -36.45 107.53
CA ASP A 186 15.93 -37.39 106.55
C ASP A 186 15.43 -38.79 106.90
N SER A 187 14.15 -39.02 106.59
CA SER A 187 13.47 -40.28 106.86
C SER A 187 13.26 -41.04 105.56
N ASP A 188 13.20 -42.37 105.67
CA ASP A 188 12.81 -43.27 104.59
C ASP A 188 11.52 -44.01 104.93
N THR A 189 10.66 -43.35 105.70
CA THR A 189 9.46 -43.96 106.25
C THR A 189 8.23 -43.58 105.43
N ILE A 190 7.16 -44.36 105.60
CA ILE A 190 5.93 -44.14 104.86
C ILE A 190 5.23 -42.90 105.39
N LEU A 191 4.81 -42.03 104.48
CA LEU A 191 4.14 -40.79 104.87
C LEU A 191 2.72 -41.06 105.35
N ALA A 192 2.18 -40.08 106.07
CA ALA A 192 0.80 -40.12 106.52
C ALA A 192 -0.12 -39.59 105.43
N ASN A 193 -1.28 -40.21 105.30
CA ASN A 193 -2.25 -39.80 104.28
C ASN A 193 -3.01 -38.57 104.75
N VAL A 194 -3.16 -37.60 103.85
CA VAL A 194 -3.95 -36.40 104.06
C VAL A 194 -4.94 -36.31 102.92
N VAL A 195 -6.03 -35.59 103.17
CA VAL A 195 -7.10 -35.43 102.18
C VAL A 195 -7.58 -33.98 102.17
N ASN A 196 -7.14 -33.23 101.15
CA ASN A 196 -7.61 -31.86 100.94
C ASN A 196 -7.30 -30.96 102.13
N GLN A 197 -6.11 -31.14 102.71
CA GLN A 197 -5.68 -30.34 103.84
C GLN A 197 -5.13 -29.01 103.34
N ALA A 198 -5.72 -27.92 103.82
CA ALA A 198 -5.32 -26.59 103.36
C ALA A 198 -3.97 -26.20 103.94
N LEU A 199 -3.22 -25.44 103.15
CA LEU A 199 -1.94 -24.87 103.60
C LEU A 199 -2.26 -23.64 104.43
N GLU A 200 -2.44 -23.86 105.72
CA GLU A 200 -2.89 -22.82 106.63
C GLU A 200 -1.71 -21.98 107.11
N GLY A 201 -2.01 -20.98 107.94
CA GLY A 201 -1.00 -20.07 108.45
C GLY A 201 -0.72 -18.87 107.58
N GLY A 202 -1.34 -18.78 106.39
CA GLY A 202 -1.13 -17.66 105.52
C GLY A 202 -2.03 -16.49 105.82
N ASN A 203 -1.67 -15.34 105.28
CA ASN A 203 -2.42 -14.10 105.44
C ASN A 203 -2.52 -13.43 104.08
N ASP A 204 -3.60 -12.67 103.89
CA ASP A 204 -4.13 -12.42 102.55
C ASP A 204 -3.37 -11.32 101.79
N GLY A 205 -3.44 -10.08 102.29
CA GLY A 205 -2.91 -8.95 101.55
C GLY A 205 -3.78 -7.71 101.62
N CYS A 206 -5.07 -7.89 101.90
CA CYS A 206 -5.96 -6.79 102.23
C CYS A 206 -5.96 -6.47 103.72
N THR A 207 -5.04 -7.07 104.48
CA THR A 207 -5.04 -6.97 105.93
C THR A 207 -4.33 -5.70 106.36
N SER A 208 -5.10 -4.70 106.83
CA SER A 208 -4.56 -3.51 107.48
C SER A 208 -3.59 -2.76 106.58
N ILE A 209 -3.96 -2.61 105.31
CA ILE A 209 -3.15 -1.84 104.37
C ILE A 209 -3.44 -0.36 104.58
N THR A 210 -2.39 0.42 104.78
CA THR A 210 -2.48 1.83 105.13
C THR A 210 -1.55 2.65 104.23
N ASN A 211 -1.52 3.96 104.48
CA ASN A 211 -0.75 4.87 103.65
C ASN A 211 0.73 4.54 103.65
N GLU A 212 1.24 3.98 104.75
CA GLU A 212 2.67 3.67 104.83
C GLU A 212 3.06 2.61 103.81
N SER A 213 2.19 1.62 103.57
CA SER A 213 2.46 0.62 102.56
C SER A 213 2.57 1.26 101.18
N TYR A 214 1.67 2.19 100.87
CA TYR A 214 1.74 2.88 99.59
C TYR A 214 3.00 3.73 99.49
N LEU A 215 3.39 4.37 100.60
CA LEU A 215 4.63 5.15 100.60
C LEU A 215 5.83 4.27 100.31
N LYS A 216 5.90 3.10 100.94
CA LYS A 216 6.99 2.17 100.68
C LYS A 216 6.96 1.71 99.23
N ALA A 217 5.77 1.44 98.70
CA ALA A 217 5.67 1.03 97.30
C ALA A 217 6.17 2.12 96.38
N LEU A 218 5.82 3.38 96.65
CA LEU A 218 6.30 4.48 95.82
C LEU A 218 7.82 4.60 95.91
N GLU A 219 8.37 4.44 97.12
CA GLU A 219 9.82 4.50 97.27
C GLU A 219 10.50 3.39 96.47
N GLU A 220 9.91 2.20 96.45
CA GLU A 220 10.40 1.15 95.56
C GLU A 220 10.29 1.58 94.10
N PHE A 221 9.18 2.24 93.73
CA PHE A 221 8.95 2.65 92.37
C PHE A 221 9.89 3.78 91.94
N GLU A 222 10.57 4.44 92.89
CA GLU A 222 11.54 5.47 92.53
C GLU A 222 12.65 4.91 91.64
N ARG A 223 12.94 3.62 91.77
CA ARG A 223 14.03 3.00 91.02
C ARG A 223 13.79 3.11 89.52
N TYR A 224 12.55 2.86 89.08
CA TYR A 224 12.25 2.61 87.69
C TYR A 224 11.84 3.91 87.00
N SER A 225 11.56 3.81 85.70
CA SER A 225 11.03 4.90 84.89
C SER A 225 9.69 4.47 84.33
N PHE A 226 8.76 5.43 84.25
CA PHE A 226 7.38 5.14 83.88
C PHE A 226 6.85 6.24 82.97
N ASP A 227 5.76 5.91 82.27
CA ASP A 227 5.00 6.87 81.51
C ASP A 227 3.82 7.44 82.30
N SER A 228 3.31 6.71 83.29
CA SER A 228 2.21 7.21 84.09
C SER A 228 2.11 6.42 85.39
N PHE A 229 1.37 7.01 86.34
CA PHE A 229 1.10 6.40 87.65
C PHE A 229 -0.35 6.69 87.99
N VAL A 230 -1.01 5.75 88.69
CA VAL A 230 -2.45 5.83 88.91
C VAL A 230 -2.86 5.57 90.36
N LEU A 231 -1.96 5.05 91.18
CA LEU A 231 -2.18 4.91 92.63
C LEU A 231 -3.31 3.93 92.94
N ASP A 232 -3.17 2.70 92.47
CA ASP A 232 -3.90 1.53 92.95
C ASP A 232 -5.42 1.67 92.80
N GLY A 233 -5.91 2.63 92.03
CA GLY A 233 -7.35 2.80 91.93
C GLY A 233 -8.00 3.19 93.24
N VAL A 234 -7.25 3.86 94.12
CA VAL A 234 -7.73 4.26 95.44
C VAL A 234 -7.71 5.77 95.51
N ALA A 235 -8.79 6.36 96.01
CA ALA A 235 -9.00 7.80 96.01
C ALA A 235 -8.78 8.43 97.38
N ASP A 236 -8.03 7.77 98.27
CA ASP A 236 -7.75 8.34 99.58
C ASP A 236 -6.96 9.63 99.43
N GLU A 237 -7.41 10.67 100.13
CA GLU A 237 -6.88 12.01 99.90
C GLU A 237 -5.41 12.12 100.27
N ALA A 238 -5.05 11.70 101.48
CA ALA A 238 -3.67 11.88 101.96
C ALA A 238 -2.69 11.17 101.05
N LEU A 239 -3.06 9.99 100.56
CA LEU A 239 -2.25 9.32 99.56
C LEU A 239 -2.12 10.17 98.31
N GLN A 240 -3.18 10.89 97.93
CA GLN A 240 -3.11 11.71 96.72
C GLN A 240 -2.14 12.88 96.91
N GLU A 241 -2.19 13.58 98.06
CA GLU A 241 -1.21 14.64 98.26
C GLU A 241 0.20 14.08 98.34
N THR A 242 0.36 12.93 98.99
CA THR A 242 1.69 12.32 99.08
C THR A 242 2.24 12.00 97.70
N THR A 243 1.41 11.42 96.83
CA THR A 243 1.85 11.10 95.48
C THR A 243 2.09 12.37 94.66
N LYS A 244 1.31 13.42 94.91
CA LYS A 244 1.55 14.69 94.24
C LYS A 244 2.93 15.23 94.57
N ALA A 245 3.27 15.26 95.86
CA ALA A 245 4.59 15.72 96.28
C ALA A 245 5.68 14.80 95.72
N TRP A 246 5.41 13.50 95.70
CA TRP A 246 6.38 12.54 95.20
C TRP A 246 6.67 12.76 93.72
N VAL A 247 5.62 13.01 92.94
CA VAL A 247 5.79 13.25 91.50
C VAL A 247 6.50 14.58 91.27
N ALA A 248 6.19 15.59 92.10
CA ALA A 248 6.90 16.86 91.98
C ALA A 248 8.39 16.67 92.24
N LYS A 249 8.73 15.90 93.28
CA LYS A 249 10.12 15.59 93.57
C LYS A 249 10.77 14.86 92.40
N ASN A 250 10.06 13.88 91.83
CA ASN A 250 10.63 13.13 90.72
C ASN A 250 10.88 14.02 89.51
N LYS A 251 9.95 14.94 89.25
CA LYS A 251 10.14 15.90 88.15
C LYS A 251 11.37 16.76 88.40
N GLU A 252 11.51 17.28 89.62
CA GLU A 252 12.67 18.11 89.92
C GLU A 252 13.96 17.30 89.85
N LEU A 253 13.89 15.99 90.07
CA LEU A 253 15.04 15.11 89.98
C LEU A 253 15.27 14.58 88.56
N GLY A 254 14.56 15.11 87.57
CA GLY A 254 14.75 14.72 86.19
C GLY A 254 13.96 13.51 85.76
N LYS A 255 13.07 12.97 86.60
CA LYS A 255 12.20 11.86 86.24
C LYS A 255 10.81 12.42 85.96
N ASP A 256 10.37 12.33 84.71
CA ASP A 256 9.16 12.99 84.24
C ASP A 256 8.01 11.97 84.28
N ILE A 257 7.42 11.84 85.47
CA ILE A 257 6.35 10.89 85.72
C ILE A 257 5.02 11.64 85.69
N LEU A 258 4.08 11.11 84.93
CA LEU A 258 2.72 11.64 84.86
C LEU A 258 1.85 10.87 85.84
N LEU A 259 0.86 11.56 86.41
CA LEU A 259 -0.02 10.98 87.41
C LEU A 259 -1.48 11.17 87.02
N PHE A 260 -2.24 10.08 87.08
CA PHE A 260 -3.69 10.10 86.92
C PHE A 260 -4.33 9.76 88.26
N LEU A 261 -5.47 10.39 88.52
CA LEU A 261 -6.19 10.20 89.77
C LEU A 261 -7.68 10.18 89.48
N GLY A 262 -8.43 9.57 90.41
CA GLY A 262 -9.86 9.53 90.34
C GLY A 262 -10.49 9.81 91.69
N GLY A 263 -11.53 10.64 91.70
CA GLY A 263 -12.17 10.99 92.94
C GLY A 263 -13.02 9.87 93.49
N LYS A 264 -13.53 10.09 94.70
CA LYS A 264 -14.38 9.10 95.33
C LYS A 264 -15.75 9.05 94.66
N THR A 265 -16.37 7.88 94.72
CA THR A 265 -17.70 7.73 94.15
C THR A 265 -18.72 8.63 94.84
N GLU A 266 -18.49 8.96 96.12
CA GLU A 266 -19.42 9.79 96.85
C GLU A 266 -19.34 11.26 96.44
N ASP A 267 -18.25 11.68 95.82
CA ASP A 267 -18.09 13.08 95.47
C ASP A 267 -19.05 13.47 94.36
N ASN A 268 -19.76 14.57 94.56
CA ASN A 268 -20.55 15.15 93.50
C ASN A 268 -19.64 15.75 92.44
N ILE A 269 -20.23 16.05 91.28
CA ILE A 269 -19.46 16.68 90.20
C ILE A 269 -18.89 18.02 90.66
N LYS A 270 -19.60 18.71 91.54
CA LYS A 270 -19.05 19.93 92.14
C LYS A 270 -17.82 19.61 92.97
N GLN A 271 -17.88 18.56 93.79
CA GLN A 271 -16.73 18.19 94.61
C GLN A 271 -15.57 17.72 93.74
N ILE A 272 -15.88 16.96 92.69
CA ILE A 272 -14.84 16.51 91.77
C ILE A 272 -14.18 17.71 91.11
N ASN A 273 -14.98 18.69 90.70
CA ASN A 273 -14.42 19.89 90.08
C ASN A 273 -13.59 20.68 91.08
N ASP A 274 -14.00 20.71 92.34
CA ASP A 274 -13.21 21.37 93.37
C ASP A 274 -11.85 20.69 93.54
N LYS A 275 -11.85 19.36 93.54
CA LYS A 275 -10.59 18.62 93.65
C LYS A 275 -9.72 18.85 92.42
N SER A 276 -10.32 18.86 91.23
CA SER A 276 -9.57 19.13 90.01
C SER A 276 -9.06 20.56 89.96
N LYS A 277 -9.70 21.47 90.70
CA LYS A 277 -9.16 22.81 90.89
C LYS A 277 -7.98 22.77 91.86
N SER A 278 -8.10 21.98 92.92
CA SER A 278 -7.03 21.89 93.91
C SER A 278 -5.75 21.39 93.27
N PHE A 279 -5.86 20.38 92.42
CA PHE A 279 -4.74 19.97 91.59
C PHE A 279 -4.60 20.94 90.42
N ASN A 280 -3.40 21.50 90.26
CA ASN A 280 -3.11 22.36 89.13
C ASN A 280 -1.76 22.07 88.48
N ASP A 281 -0.98 21.14 89.02
CA ASP A 281 0.21 20.68 88.32
C ASP A 281 -0.20 19.92 87.08
N GLU A 282 0.55 20.14 85.99
CA GLU A 282 0.19 19.57 84.70
C GLU A 282 0.22 18.05 84.72
N ASN A 283 1.06 17.46 85.57
CA ASN A 283 1.19 16.00 85.64
C ASN A 283 0.08 15.34 86.46
N ILE A 284 -0.97 16.06 86.81
CA ILE A 284 -2.09 15.54 87.60
C ILE A 284 -3.33 15.53 86.72
N VAL A 285 -3.99 14.38 86.66
CA VAL A 285 -5.23 14.21 85.92
C VAL A 285 -6.26 13.62 86.88
N ASN A 286 -7.39 14.31 87.04
CA ASN A 286 -8.45 13.89 87.94
C ASN A 286 -9.61 13.34 87.14
N VAL A 287 -10.08 12.15 87.53
CA VAL A 287 -11.14 11.43 86.85
C VAL A 287 -12.38 11.44 87.72
N GLY A 288 -13.51 11.83 87.13
CA GLY A 288 -14.75 11.96 87.87
C GLY A 288 -15.75 10.84 87.60
N SER A 289 -15.86 10.43 86.35
CA SER A 289 -16.92 9.50 85.95
C SER A 289 -16.60 8.08 86.42
N SER A 290 -17.64 7.35 86.78
CA SER A 290 -17.60 5.91 87.00
C SER A 290 -18.10 5.20 85.76
N ALA A 291 -17.89 3.88 85.71
CA ALA A 291 -18.22 3.13 84.52
C ALA A 291 -18.43 1.66 84.84
N TYR A 292 -19.04 0.96 83.89
CA TYR A 292 -19.22 -0.49 83.91
C TYR A 292 -18.63 -1.07 82.64
N TYR A 293 -17.92 -2.20 82.77
CA TYR A 293 -17.38 -2.92 81.63
C TYR A 293 -18.01 -4.29 81.46
N GLU A 294 -17.83 -5.19 82.43
CA GLU A 294 -18.52 -6.48 82.44
C GLU A 294 -19.70 -6.45 83.42
N ASN A 295 -20.59 -5.49 83.23
CA ASN A 295 -21.75 -5.30 84.09
C ASN A 295 -21.34 -5.08 85.56
N ILE A 296 -20.12 -4.58 85.78
CA ILE A 296 -19.56 -4.40 87.11
C ILE A 296 -19.00 -2.99 87.20
N LYS A 297 -19.39 -2.26 88.23
CA LYS A 297 -19.03 -0.86 88.32
C LYS A 297 -17.54 -0.68 88.56
N TYR A 298 -17.04 0.49 88.18
CA TYR A 298 -15.66 0.89 88.44
C TYR A 298 -15.65 2.31 88.97
N THR A 299 -14.99 2.52 90.10
CA THR A 299 -14.91 3.84 90.69
C THR A 299 -14.11 4.76 89.77
N PRO A 300 -14.15 6.08 90.00
CA PRO A 300 -13.40 6.99 89.13
C PRO A 300 -11.91 6.70 89.08
N SER A 301 -11.33 6.19 90.17
CA SER A 301 -9.91 5.83 90.17
C SER A 301 -9.67 4.51 89.45
N GLU A 302 -10.60 3.55 89.58
CA GLU A 302 -10.44 2.29 88.86
C GLU A 302 -10.45 2.50 87.36
N VAL A 303 -11.31 3.41 86.88
CA VAL A 303 -11.28 3.81 85.47
C VAL A 303 -10.13 4.77 85.19
N ALA A 304 -9.61 5.46 86.20
CA ALA A 304 -8.40 6.25 85.99
C ALA A 304 -7.23 5.35 85.65
N VAL A 305 -7.22 4.13 86.18
CA VAL A 305 -6.23 3.15 85.77
C VAL A 305 -6.32 2.92 84.26
N TYR A 306 -7.53 2.67 83.77
CA TYR A 306 -7.72 2.37 82.36
C TYR A 306 -7.37 3.57 81.49
N ILE A 307 -7.77 4.77 81.90
CA ILE A 307 -7.52 5.94 81.05
C ILE A 307 -6.02 6.24 81.01
N ALA A 308 -5.32 6.07 82.13
CA ALA A 308 -3.86 6.23 82.10
C ALA A 308 -3.21 5.19 81.20
N ALA A 309 -3.69 3.95 81.28
CA ALA A 309 -3.14 2.88 80.43
C ALA A 309 -3.36 3.20 78.96
N LEU A 310 -4.56 3.66 78.61
CA LEU A 310 -4.85 4.00 77.23
C LEU A 310 -4.02 5.19 76.77
N SER A 311 -3.80 6.16 77.66
CA SER A 311 -3.00 7.32 77.30
C SER A 311 -1.56 6.92 77.00
N VAL A 312 -0.96 6.11 77.88
CA VAL A 312 0.43 5.72 77.64
C VAL A 312 0.53 4.81 76.43
N SER A 313 -0.48 3.96 76.20
CA SER A 313 -0.48 3.13 75.00
C SER A 313 -0.56 4.00 73.75
N LYS A 314 -1.34 5.09 73.81
CA LYS A 314 -1.40 6.02 72.69
C LYS A 314 -0.03 6.61 72.41
N GLY A 315 0.70 7.00 73.45
CA GLY A 315 1.99 7.61 73.26
C GLY A 315 1.87 8.92 72.51
N ILE A 316 2.89 9.21 71.72
CA ILE A 316 2.86 10.33 70.80
C ILE A 316 2.14 9.85 69.55
N THR A 317 1.77 10.76 68.65
CA THR A 317 1.03 10.44 67.43
C THR A 317 -0.41 10.01 67.74
N GLY A 318 -1.00 10.62 68.76
CA GLY A 318 -2.36 10.29 69.12
C GLY A 318 -2.81 11.11 70.31
N SER A 319 -4.04 10.85 70.73
CA SER A 319 -4.63 11.54 71.86
C SER A 319 -5.73 10.64 72.42
N ILE A 320 -6.55 11.20 73.31
CA ILE A 320 -7.64 10.47 73.94
C ILE A 320 -8.96 11.21 73.87
N CYS A 321 -9.01 12.36 73.19
CA CYS A 321 -10.18 13.24 73.29
C CYS A 321 -11.44 12.61 72.72
N ASN A 322 -11.31 11.57 71.89
CA ASN A 322 -12.48 10.80 71.47
C ASN A 322 -12.20 9.31 71.36
N ALA A 323 -11.18 8.81 72.05
CA ALA A 323 -10.87 7.39 71.98
C ALA A 323 -12.00 6.57 72.59
N LYS A 324 -12.43 5.53 71.87
CA LYS A 324 -13.50 4.69 72.36
C LYS A 324 -13.01 3.86 73.53
N THR A 325 -13.87 3.68 74.53
CA THR A 325 -13.56 2.92 75.73
C THR A 325 -14.25 1.57 75.67
N ILE A 326 -13.76 0.64 76.51
CA ILE A 326 -14.35 -0.68 76.61
C ILE A 326 -15.62 -0.71 77.46
N PHE A 327 -15.94 0.39 78.14
CA PHE A 327 -16.99 0.39 79.15
C PHE A 327 -18.36 0.40 78.50
N GLU A 328 -19.25 -0.44 79.03
CA GLU A 328 -20.60 -0.56 78.50
C GLU A 328 -21.56 0.48 79.08
N GLU A 329 -21.22 1.09 80.21
CA GLU A 329 -22.01 2.16 80.78
C GLU A 329 -21.09 3.16 81.48
N VAL A 330 -21.61 4.37 81.66
CA VAL A 330 -20.90 5.46 82.32
C VAL A 330 -21.89 6.21 83.21
N GLU A 331 -21.42 6.60 84.39
CA GLU A 331 -22.20 7.47 85.26
C GLU A 331 -21.25 8.18 86.20
N PRO A 332 -21.60 9.39 86.69
CA PRO A 332 -22.78 10.20 86.40
C PRO A 332 -22.72 10.82 85.01
N ARG A 333 -23.86 11.13 84.42
CA ARG A 333 -23.97 11.49 83.01
C ARG A 333 -24.34 12.97 82.88
N LEU A 334 -23.69 13.64 81.94
CA LEU A 334 -23.55 15.08 81.95
C LEU A 334 -24.14 15.70 80.69
N SER A 335 -24.89 16.79 80.88
CA SER A 335 -25.24 17.64 79.77
C SER A 335 -24.02 18.47 79.34
N GLN A 336 -24.17 19.17 78.22
CA GLN A 336 -23.07 19.98 77.71
C GLN A 336 -22.63 21.05 78.72
N SER A 337 -23.58 21.57 79.50
CA SER A 337 -23.23 22.50 80.56
C SER A 337 -22.31 21.84 81.59
N GLU A 338 -22.69 20.63 82.04
CA GLU A 338 -21.86 19.93 83.02
C GLU A 338 -20.51 19.56 82.44
N VAL A 339 -20.49 19.14 81.17
CA VAL A 339 -19.22 18.80 80.52
C VAL A 339 -18.31 20.02 80.47
N LYS A 340 -18.87 21.17 80.09
CA LYS A 340 -18.08 22.40 80.03
C LYS A 340 -17.59 22.79 81.42
N GLU A 341 -18.43 22.62 82.44
CA GLU A 341 -18.02 22.90 83.80
C GLU A 341 -16.84 22.02 84.20
N CYS A 342 -16.94 20.73 83.90
CA CYS A 342 -15.87 19.80 84.26
C CYS A 342 -14.57 20.13 83.52
N LEU A 343 -14.67 20.43 82.22
CA LEU A 343 -13.47 20.76 81.46
C LEU A 343 -12.82 22.04 81.96
N LYS A 344 -13.64 23.06 82.26
CA LYS A 344 -13.11 24.29 82.83
C LYS A 344 -12.45 24.03 84.18
N SER A 345 -12.98 23.07 84.94
CA SER A 345 -12.37 22.68 86.20
C SER A 345 -11.12 21.82 86.03
N GLY A 346 -10.80 21.41 84.80
CA GLY A 346 -9.71 20.49 84.56
C GLY A 346 -10.07 19.03 84.72
N THR A 347 -11.29 18.72 85.13
CA THR A 347 -11.70 17.33 85.29
C THR A 347 -11.77 16.63 83.95
N LEU A 348 -11.37 15.36 83.94
CA LEU A 348 -11.60 14.46 82.83
C LEU A 348 -12.75 13.52 83.20
N VAL A 349 -13.75 13.45 82.32
CA VAL A 349 -14.96 12.65 82.57
C VAL A 349 -15.33 11.92 81.29
N LEU A 350 -15.69 10.65 81.42
CA LEU A 350 -16.14 9.91 80.25
C LEU A 350 -17.53 10.37 79.84
N ASP A 351 -17.95 9.95 78.65
CA ASP A 351 -19.18 10.43 78.05
C ASP A 351 -19.80 9.30 77.23
N PHE A 352 -21.09 9.47 76.93
CA PHE A 352 -21.87 8.51 76.14
C PHE A 352 -22.33 9.17 74.85
N ASP A 353 -21.40 9.82 74.15
CA ASP A 353 -21.74 10.55 72.92
C ASP A 353 -22.42 9.65 71.88
N ASP A 354 -22.17 8.35 71.93
CA ASP A 354 -22.83 7.38 71.05
C ASP A 354 -23.21 6.18 71.90
N GLY A 355 -23.57 5.07 71.25
CA GLY A 355 -23.97 3.88 71.97
C GLY A 355 -22.89 3.28 72.84
N ASP A 356 -21.63 3.67 72.64
CA ASP A 356 -20.52 3.27 73.48
C ASP A 356 -20.20 4.38 74.47
N VAL A 357 -19.25 4.10 75.37
CA VAL A 357 -18.70 5.10 76.28
C VAL A 357 -17.45 5.67 75.65
N ILE A 358 -17.40 7.00 75.56
CA ILE A 358 -16.35 7.71 74.83
C ILE A 358 -15.70 8.73 75.76
N ILE A 359 -14.38 8.85 75.65
CA ILE A 359 -13.65 9.86 76.41
C ILE A 359 -13.99 11.23 75.85
N VAL A 360 -14.27 12.19 76.74
CA VAL A 360 -14.76 13.48 76.27
C VAL A 360 -13.63 14.31 75.66
N ASP A 361 -12.48 14.38 76.33
CA ASP A 361 -11.46 15.36 75.97
C ASP A 361 -10.12 14.92 76.52
N ASP A 362 -9.08 15.71 76.23
CA ASP A 362 -7.70 15.42 76.59
C ASP A 362 -7.25 16.20 77.82
N VAL A 363 -8.19 16.77 78.58
CA VAL A 363 -7.85 17.78 79.58
C VAL A 363 -7.15 17.13 80.77
N ASN A 364 -6.45 17.96 81.54
CA ASN A 364 -5.84 17.60 82.81
C ASN A 364 -6.30 18.57 83.88
N THR A 365 -5.90 18.32 85.13
CA THR A 365 -6.31 19.21 86.22
C THR A 365 -5.71 20.60 86.08
N PHE A 366 -4.57 20.73 85.39
CA PHE A 366 -3.94 22.03 85.27
C PHE A 366 -4.82 23.03 84.52
N LYS A 367 -5.65 22.54 83.58
CA LYS A 367 -6.29 23.39 82.57
C LYS A 367 -7.05 24.58 83.15
N LYS A 368 -7.35 24.57 84.46
CA LYS A 368 -7.97 25.72 85.10
C LYS A 368 -7.19 27.00 84.88
N TYR A 369 -5.85 26.93 84.77
CA TYR A 369 -5.04 28.09 84.46
C TYR A 369 -4.59 28.01 83.00
N VAL A 370 -4.21 29.16 82.45
CA VAL A 370 -4.31 29.38 81.02
C VAL A 370 -2.97 29.68 80.34
N ASP A 371 -2.33 30.78 80.70
CA ASP A 371 -1.45 31.48 79.75
C ASP A 371 0.02 31.12 79.88
N ASP A 372 0.61 31.24 81.08
CA ASP A 372 2.04 30.96 81.21
C ASP A 372 2.32 29.50 80.83
N LYS A 373 1.82 28.54 81.59
CA LYS A 373 1.80 27.17 81.11
C LYS A 373 0.63 27.13 80.12
N ASN A 374 0.95 27.04 78.82
CA ASN A 374 -0.01 27.41 77.81
C ASN A 374 -1.21 26.46 77.82
N GLU A 375 -2.22 26.81 77.03
CA GLU A 375 -3.46 26.04 77.02
C GLU A 375 -3.22 24.62 76.50
N ALA A 376 -2.24 24.44 75.62
CA ALA A 376 -1.90 23.10 75.18
C ALA A 376 -1.35 22.27 76.33
N MET A 377 -0.70 22.90 77.31
CA MET A 377 -0.28 22.17 78.50
C MET A 377 -1.48 21.62 79.27
N GLY A 378 -2.64 22.25 79.13
CA GLY A 378 -3.85 21.73 79.72
C GLY A 378 -4.27 20.38 79.15
N TYR A 379 -3.72 20.00 78.00
CA TYR A 379 -4.03 18.73 77.35
C TYR A 379 -2.92 17.72 77.64
N ILE A 380 -3.33 16.48 77.88
CA ILE A 380 -2.40 15.45 78.33
C ILE A 380 -1.40 15.10 77.23
N SER A 381 -1.82 15.15 75.98
CA SER A 381 -0.94 14.75 74.88
C SER A 381 0.29 15.65 74.81
N ASN A 382 0.11 16.95 75.02
CA ASN A 382 1.25 17.86 75.02
C ASN A 382 2.21 17.53 76.16
N ILE A 383 1.67 17.19 77.33
CA ILE A 383 2.53 16.83 78.45
C ILE A 383 3.31 15.56 78.14
N MET A 384 2.65 14.59 77.51
CA MET A 384 3.35 13.38 77.12
C MET A 384 4.46 13.70 76.13
N PHE A 385 4.19 14.61 75.19
CA PHE A 385 5.22 15.02 74.24
C PHE A 385 6.41 15.67 74.95
N ILE A 386 6.13 16.60 75.86
CA ILE A 386 7.20 17.31 76.55
C ILE A 386 8.01 16.34 77.41
N ASN A 387 7.32 15.42 78.09
CA ASN A 387 8.02 14.43 78.90
C ASN A 387 8.88 13.53 78.03
N THR A 388 8.40 13.17 76.85
CA THR A 388 9.19 12.34 75.94
C THR A 388 10.42 13.08 75.47
N ILE A 389 10.28 14.37 75.13
CA ILE A 389 11.44 15.15 74.70
C ILE A 389 12.45 15.26 75.83
N ASN A 390 11.97 15.53 77.04
CA ASN A 390 12.85 15.59 78.19
C ASN A 390 13.54 14.27 78.44
N LYS A 391 12.82 13.16 78.26
CA LYS A 391 13.40 11.84 78.50
C LYS A 391 14.48 11.52 77.47
N ASP A 392 14.20 11.77 76.19
CA ASP A 392 15.21 11.50 75.17
C ASP A 392 16.42 12.40 75.34
N THR A 393 16.19 13.65 75.74
CA THR A 393 17.29 14.57 75.99
C THR A 393 18.13 14.12 77.19
N SER A 394 17.47 13.72 78.27
CA SER A 394 18.15 13.17 79.42
C SER A 394 18.73 11.79 79.13
N LEU A 395 18.36 11.16 78.01
CA LEU A 395 19.11 10.02 77.53
C LEU A 395 20.39 10.47 76.84
N LYS A 396 20.30 11.56 76.07
CA LYS A 396 21.48 12.11 75.42
C LYS A 396 22.51 12.63 76.41
N ARG A 397 22.11 12.85 77.68
CA ARG A 397 23.07 13.38 78.65
C ARG A 397 24.31 12.49 78.70
N LYS A 398 24.10 11.18 78.81
CA LYS A 398 25.19 10.22 78.98
C LYS A 398 26.04 10.13 77.72
N GLU A 399 25.45 10.40 76.56
CA GLU A 399 26.23 10.44 75.34
C GLU A 399 27.15 11.64 75.32
N PHE A 400 26.69 12.79 75.82
CA PHE A 400 27.42 14.05 75.66
C PHE A 400 28.08 14.58 76.92
N VAL A 401 27.55 14.30 78.11
CA VAL A 401 28.15 14.89 79.31
C VAL A 401 29.46 14.17 79.63
N GLY A 402 30.50 14.96 79.86
CA GLY A 402 31.77 14.39 80.26
C GLY A 402 32.48 13.61 79.18
N LYS A 403 32.15 13.86 77.91
CA LYS A 403 32.71 13.08 76.81
C LYS A 403 33.04 13.92 75.58
N ILE A 404 32.89 15.24 75.64
CA ILE A 404 33.21 16.11 74.51
C ILE A 404 33.54 17.49 75.05
N PHE A 405 34.44 18.20 74.37
CA PHE A 405 35.32 19.16 75.00
C PHE A 405 34.76 20.58 75.10
N ASN A 406 33.48 20.83 74.83
CA ASN A 406 32.89 22.17 74.94
C ASN A 406 33.42 23.14 73.88
N ASP A 407 34.29 22.70 72.98
CA ASP A 407 34.78 23.57 71.92
C ASP A 407 33.66 23.77 70.90
N ALA A 408 33.95 24.51 69.83
CA ALA A 408 32.95 24.69 68.78
C ALA A 408 32.58 23.36 68.16
N THR A 409 33.53 22.42 68.06
CA THR A 409 33.25 21.12 67.48
C THR A 409 32.25 20.35 68.35
N GLY A 410 32.45 20.33 69.65
CA GLY A 410 31.53 19.61 70.52
C GLY A 410 30.14 20.21 70.52
N GLN A 411 30.06 21.54 70.58
CA GLN A 411 28.77 22.21 70.51
C GLN A 411 28.07 21.91 69.19
N THR A 412 28.83 21.94 68.09
CA THR A 412 28.25 21.63 66.79
C THR A 412 27.76 20.19 66.73
N THR A 413 28.52 19.26 67.31
CA THR A 413 28.10 17.87 67.31
C THR A 413 26.81 17.68 68.10
N VAL A 414 26.73 18.33 69.27
CA VAL A 414 25.53 18.23 70.10
C VAL A 414 24.33 18.80 69.34
N ILE A 415 24.51 19.98 68.73
CA ILE A 415 23.43 20.62 68.01
C ILE A 415 23.00 19.77 66.82
N CYS A 416 23.97 19.15 66.14
CA CYS A 416 23.66 18.31 64.99
C CYS A 416 22.87 17.08 65.42
N ALA A 417 23.25 16.47 66.54
CA ALA A 417 22.51 15.31 67.03
C ALA A 417 21.08 15.69 67.41
N LEU A 418 20.91 16.81 68.11
CA LEU A 418 19.57 17.25 68.47
C LEU A 418 18.76 17.61 67.23
N LYS A 419 19.41 18.21 66.23
CA LYS A 419 18.74 18.52 64.98
C LYS A 419 18.30 17.25 64.27
N LYS A 420 19.14 16.22 64.29
CA LYS A 420 18.77 14.95 63.68
C LYS A 420 17.58 14.34 64.39
N TYR A 421 17.55 14.42 65.72
CA TYR A 421 16.42 13.91 66.47
C TYR A 421 15.14 14.66 66.12
N PHE A 422 15.21 15.99 66.09
CA PHE A 422 14.02 16.78 65.78
C PHE A 422 13.59 16.59 64.33
N GLU A 423 14.55 16.33 63.43
CA GLU A 423 14.18 16.04 62.05
C GLU A 423 13.53 14.67 61.94
N GLU A 424 13.95 13.72 62.76
CA GLU A 424 13.23 12.45 62.85
C GLU A 424 11.81 12.67 63.31
N LEU A 425 11.61 13.56 64.29
CA LEU A 425 10.27 13.91 64.71
C LEU A 425 9.48 14.56 63.59
N MET A 426 10.13 15.44 62.83
CA MET A 426 9.48 16.08 61.69
C MET A 426 9.04 15.06 60.65
N SER A 427 9.90 14.06 60.40
CA SER A 427 9.57 13.03 59.42
C SER A 427 8.32 12.27 59.82
N GLN A 428 8.13 12.04 61.13
CA GLN A 428 6.91 11.44 61.62
C GLN A 428 5.71 12.37 61.54
N GLY A 429 5.93 13.65 61.25
CA GLY A 429 4.86 14.62 61.14
C GLY A 429 4.36 15.17 62.45
N ILE A 430 4.94 14.74 63.58
CA ILE A 430 4.46 15.18 64.88
C ILE A 430 4.65 16.68 65.05
N ILE A 431 5.73 17.22 64.51
CA ILE A 431 6.07 18.62 64.60
C ILE A 431 5.85 19.25 63.23
N SER A 432 5.17 20.39 63.20
CA SER A 432 4.96 21.13 61.97
C SER A 432 6.12 22.08 61.66
N GLU A 433 6.76 22.62 62.69
CA GLU A 433 7.88 23.54 62.53
C GLU A 433 8.74 23.47 63.77
N PHE A 434 10.05 23.67 63.59
CA PHE A 434 10.95 23.73 64.73
C PHE A 434 12.23 24.45 64.31
N ASN A 435 12.95 24.92 65.32
CA ASN A 435 14.35 25.30 65.17
C ASN A 435 15.03 25.05 66.50
N VAL A 436 16.29 24.62 66.44
CA VAL A 436 17.11 24.36 67.62
C VAL A 436 18.48 24.99 67.41
N ASP A 437 18.92 25.77 68.37
CA ASP A 437 20.14 26.56 68.24
C ASP A 437 20.78 26.75 69.60
N ILE A 438 22.04 27.16 69.58
CA ILE A 438 22.75 27.47 70.82
C ILE A 438 22.11 28.68 71.48
N ASP A 439 22.05 28.66 72.81
CA ASP A 439 21.45 29.75 73.58
C ASP A 439 22.58 30.74 73.87
N THR A 440 22.90 31.53 72.85
CA THR A 440 24.06 32.42 72.93
C THR A 440 23.91 33.44 74.03
N GLU A 441 22.68 33.79 74.39
CA GLU A 441 22.46 34.68 75.53
C GLU A 441 22.98 34.06 76.81
N LEU A 442 22.57 32.83 77.11
CA LEU A 442 23.06 32.14 78.29
C LEU A 442 24.44 31.53 78.07
N GLN A 443 24.79 31.21 76.82
CA GLN A 443 26.13 30.69 76.56
C GLN A 443 27.21 31.73 76.84
N ALA A 444 26.90 33.00 76.64
CA ALA A 444 27.86 34.05 77.00
C ALA A 444 28.12 34.05 78.50
N THR A 445 27.06 33.86 79.30
CA THR A 445 27.19 33.78 80.74
C THR A 445 27.56 32.38 81.23
N ALA A 446 27.58 31.39 80.34
CA ALA A 446 27.84 30.02 80.75
C ALA A 446 29.28 29.87 81.26
N LYS A 447 29.44 29.07 82.29
CA LYS A 447 30.77 28.70 82.73
C LYS A 447 31.40 27.76 81.69
N ALA A 448 32.73 27.69 81.71
CA ALA A 448 33.45 27.01 80.65
C ALA A 448 33.14 25.52 80.58
N ASP A 449 32.70 24.92 81.69
CA ASP A 449 32.44 23.48 81.74
C ASP A 449 30.97 23.15 81.52
N GLU A 450 30.20 24.05 80.90
CA GLU A 450 28.78 23.83 80.69
C GLU A 450 28.34 24.41 79.35
N PHE A 451 27.11 24.04 78.96
CA PHE A 451 26.55 24.38 77.66
C PHE A 451 25.08 24.73 77.82
N TYR A 452 24.63 25.73 77.08
CA TYR A 452 23.24 26.15 77.03
C TYR A 452 22.75 26.12 75.59
N TRP A 453 21.48 25.76 75.41
CA TRP A 453 20.93 25.62 74.06
C TRP A 453 19.44 25.86 74.15
N LYS A 454 18.85 26.26 73.03
CA LYS A 454 17.44 26.62 72.94
C LYS A 454 16.82 25.92 71.75
N TRP A 455 15.51 25.70 71.85
CA TRP A 455 14.77 25.14 70.72
C TRP A 455 13.32 25.57 70.79
N ASP A 456 12.76 25.88 69.62
CA ASP A 456 11.33 26.12 69.46
C ASP A 456 10.75 25.02 68.58
N ALA A 457 9.46 24.76 68.77
CA ALA A 457 8.77 23.73 68.00
C ALA A 457 7.30 24.07 67.93
N VAL A 458 6.59 23.34 67.06
CA VAL A 458 5.15 23.46 66.93
C VAL A 458 4.59 22.06 66.77
N LYS A 459 4.04 21.50 67.84
CA LYS A 459 3.41 20.20 67.76
C LYS A 459 2.22 20.27 66.82
N VAL A 460 2.02 19.19 66.05
CA VAL A 460 0.91 19.15 65.12
C VAL A 460 -0.36 18.87 65.92
N ASP A 461 -1.41 19.62 65.64
CA ASP A 461 -2.64 19.54 66.43
C ASP A 461 -3.49 18.37 65.96
N VAL A 462 -4.71 18.29 66.50
CA VAL A 462 -5.69 17.28 66.12
C VAL A 462 -7.06 17.95 66.18
N MET A 463 -7.98 17.55 65.29
CA MET A 463 -9.35 18.06 65.39
C MET A 463 -9.99 17.60 66.70
N LYS A 464 -10.31 18.57 67.55
CA LYS A 464 -11.26 18.37 68.63
C LYS A 464 -12.64 18.91 68.26
N LYS A 465 -12.68 20.09 67.64
CA LYS A 465 -13.92 20.72 67.20
C LYS A 465 -13.95 20.73 65.68
N ILE A 466 -15.14 20.53 65.09
CA ILE A 466 -15.31 20.71 63.66
C ILE A 466 -16.68 21.34 63.41
N TYR A 467 -16.74 22.23 62.43
CA TYR A 467 -17.96 22.96 62.10
C TYR A 467 -18.19 22.89 60.59
N GLY A 468 -19.45 22.69 60.22
CA GLY A 468 -19.83 22.64 58.82
C GLY A 468 -21.03 23.53 58.57
N THR A 469 -21.06 24.12 57.37
CA THR A 469 -22.13 25.01 56.94
C THR A 469 -22.58 24.55 55.56
N GLY A 470 -23.90 24.49 55.37
CA GLY A 470 -24.49 23.89 54.19
C GLY A 470 -25.25 24.90 53.34
N TYR A 471 -25.16 24.70 52.02
CA TYR A 471 -25.89 25.48 51.04
C TYR A 471 -26.67 24.52 50.15
N LEU A 472 -27.91 24.88 49.83
CA LEU A 472 -28.79 24.09 48.97
C LEU A 472 -29.40 24.96 47.89
N GLU B 13 74.34 -24.34 6.00
CA GLU B 13 74.16 -25.63 5.30
C GLU B 13 74.11 -25.40 3.79
N ILE B 14 74.01 -26.49 3.04
CA ILE B 14 73.87 -26.41 1.59
C ILE B 14 72.48 -25.88 1.28
N PRO B 15 72.27 -25.25 0.13
CA PRO B 15 70.92 -24.81 -0.21
C PRO B 15 69.96 -25.98 -0.40
N GLY B 16 68.72 -25.75 -0.01
CA GLY B 16 67.70 -26.78 -0.03
C GLY B 16 66.57 -26.41 0.90
N PHE B 17 65.61 -27.33 1.02
CA PHE B 17 64.39 -27.09 1.82
C PHE B 17 64.32 -28.28 2.77
N TYR B 18 64.94 -28.18 3.94
CA TYR B 18 65.14 -29.35 4.80
C TYR B 18 64.20 -29.30 6.00
N ASN B 19 63.22 -30.19 6.03
CA ASN B 19 62.24 -30.28 7.09
C ASN B 19 62.85 -30.98 8.30
N ARG B 20 62.38 -30.60 9.49
CA ARG B 20 62.77 -31.25 10.73
C ARG B 20 61.54 -31.26 11.64
N PHE B 21 60.83 -32.38 11.64
CA PHE B 21 59.53 -32.45 12.29
C PHE B 21 59.65 -32.63 13.80
N LYS B 22 58.75 -31.97 14.53
CA LYS B 22 58.87 -31.80 15.98
C LYS B 22 57.52 -32.03 16.65
N THR B 23 56.78 -33.05 16.21
CA THR B 23 55.58 -33.48 16.92
C THR B 23 55.98 -34.40 18.08
N GLN B 24 56.65 -33.76 19.04
CA GLN B 24 57.18 -34.39 20.21
C GLN B 24 56.06 -34.56 21.22
N ALA B 25 55.60 -33.41 21.73
CA ALA B 25 54.63 -33.24 22.81
C ALA B 25 53.55 -32.26 22.38
N GLU B 26 52.94 -32.53 21.22
CA GLU B 26 52.03 -31.58 20.61
C GLU B 26 50.89 -31.19 21.56
N LYS B 27 50.10 -32.17 21.99
CA LYS B 27 49.09 -31.93 23.02
C LYS B 27 49.01 -33.13 23.97
N SER B 28 50.17 -33.67 24.33
CA SER B 28 50.27 -34.79 25.26
C SER B 28 50.64 -34.32 26.67
N THR B 29 50.15 -33.14 27.06
CA THR B 29 50.56 -32.46 28.28
C THR B 29 49.36 -32.22 29.19
N ASN B 30 49.64 -32.22 30.49
CA ASN B 30 48.65 -31.87 31.51
C ASN B 30 49.36 -31.15 32.65
N THR B 31 48.58 -30.39 33.42
CA THR B 31 49.11 -29.49 34.44
C THR B 31 48.61 -29.86 35.83
N GLY B 32 48.43 -31.16 36.09
CA GLY B 32 47.87 -31.61 37.35
C GLY B 32 48.89 -31.95 38.41
N LEU B 33 50.13 -31.50 38.25
CA LEU B 33 51.22 -31.87 39.15
C LEU B 33 52.07 -30.65 39.46
N LYS B 34 52.72 -30.68 40.62
CA LYS B 34 53.57 -29.58 41.08
C LYS B 34 54.41 -30.07 42.25
N GLY B 35 55.46 -29.31 42.54
CA GLY B 35 56.23 -29.50 43.75
C GLY B 35 57.28 -30.59 43.62
N ARG B 36 58.23 -30.57 44.55
CA ARG B 36 59.28 -31.57 44.65
C ARG B 36 59.56 -31.87 46.11
N LEU B 37 59.93 -33.12 46.39
CA LEU B 37 60.06 -33.61 47.75
C LEU B 37 61.35 -34.40 47.91
N ALA B 38 61.89 -34.34 49.13
CA ALA B 38 63.08 -35.09 49.52
C ALA B 38 62.69 -36.35 50.27
N MET B 39 63.51 -37.40 50.11
CA MET B 39 63.18 -38.72 50.65
C MET B 39 64.46 -39.50 50.92
N PRO B 40 64.91 -39.57 52.17
CA PRO B 40 65.80 -40.67 52.56
C PRO B 40 64.99 -41.95 52.71
N ILE B 41 65.48 -43.04 52.10
CA ILE B 41 64.72 -44.28 52.02
C ILE B 41 65.63 -45.47 52.26
N ARG B 42 65.09 -46.49 52.90
CA ARG B 42 65.68 -47.82 52.94
C ARG B 42 65.07 -48.65 51.83
N ALA B 43 65.92 -49.34 51.05
CA ALA B 43 65.46 -50.07 49.89
C ALA B 43 66.26 -51.35 49.72
N ASN B 44 65.58 -52.40 49.26
CA ASN B 44 66.25 -53.64 48.87
C ASN B 44 66.93 -53.51 47.51
N TRP B 45 66.48 -52.59 46.67
CA TRP B 45 66.96 -52.47 45.28
C TRP B 45 67.13 -51.00 44.94
N GLY B 46 68.00 -50.75 43.98
CA GLY B 46 68.19 -49.43 43.41
C GLY B 46 69.56 -48.84 43.73
N ASP B 47 69.78 -47.66 43.15
CA ASP B 47 71.06 -46.99 43.30
C ASP B 47 71.31 -46.62 44.76
N VAL B 48 72.59 -46.48 45.09
CA VAL B 48 73.05 -46.23 46.45
C VAL B 48 73.99 -45.04 46.45
N GLY B 49 73.85 -44.17 47.45
CA GLY B 49 74.77 -43.07 47.62
C GLY B 49 74.56 -41.89 46.71
N LYS B 50 73.41 -41.80 46.04
CA LYS B 50 73.12 -40.69 45.14
C LYS B 50 71.67 -40.24 45.35
N VAL B 51 71.43 -38.97 45.09
CA VAL B 51 70.11 -38.37 45.18
C VAL B 51 69.52 -38.38 43.77
N VAL B 52 68.54 -39.26 43.55
CA VAL B 52 67.96 -39.50 42.23
C VAL B 52 66.55 -38.92 42.20
N THR B 53 66.22 -38.22 41.12
CA THR B 53 64.90 -37.66 40.91
C THR B 53 64.00 -38.70 40.25
N ILE B 54 62.77 -38.80 40.72
CA ILE B 54 61.77 -39.73 40.20
C ILE B 54 60.58 -38.94 39.69
N LYS B 55 60.23 -39.14 38.42
CA LYS B 55 59.01 -38.58 37.89
C LYS B 55 57.81 -39.32 38.47
N ASN B 56 56.64 -38.68 38.41
CA ASN B 56 55.50 -39.13 39.20
C ASN B 56 54.96 -40.49 38.77
N ASP B 57 55.38 -41.04 37.63
CA ASP B 57 54.98 -42.39 37.27
C ASP B 57 55.57 -43.38 38.27
N LEU B 58 54.70 -44.14 38.94
CA LEU B 58 55.18 -45.13 39.90
C LEU B 58 55.96 -46.25 39.23
N ARG B 59 55.76 -46.47 37.93
CA ARG B 59 56.56 -47.44 37.20
C ARG B 59 58.04 -47.11 37.28
N GLN B 60 58.37 -45.82 37.27
CA GLN B 60 59.76 -45.42 37.45
C GLN B 60 60.28 -45.81 38.82
N LEU B 61 59.48 -45.58 39.87
CA LEU B 61 59.86 -46.00 41.21
C LEU B 61 60.02 -47.52 41.27
N LYS B 62 59.07 -48.24 40.68
CA LYS B 62 59.11 -49.70 40.72
C LYS B 62 60.36 -50.22 40.00
N ASN B 63 60.73 -49.59 38.89
CA ASN B 63 61.90 -50.02 38.16
C ASN B 63 63.18 -49.71 38.93
N LEU B 64 63.31 -48.48 39.44
CA LEU B 64 64.57 -48.00 39.96
C LEU B 64 64.80 -48.35 41.43
N PHE B 65 63.78 -48.81 42.15
CA PHE B 65 63.95 -49.18 43.56
C PHE B 65 63.14 -50.41 43.95
N GLY B 66 62.60 -51.17 43.00
CA GLY B 66 61.87 -52.38 43.32
C GLY B 66 60.44 -52.07 43.74
N ASP B 67 59.72 -53.16 44.06
CA ASP B 67 58.30 -53.10 44.39
C ASP B 67 58.00 -53.81 45.70
N ASP B 68 58.95 -53.78 46.64
CA ASP B 68 58.79 -54.45 47.92
C ASP B 68 58.20 -53.47 48.94
N MET B 69 57.01 -53.78 49.44
CA MET B 69 56.35 -52.94 50.42
C MET B 69 56.89 -53.13 51.83
N ASN B 70 57.76 -54.12 52.05
CA ASN B 70 58.40 -54.28 53.34
C ASN B 70 59.38 -53.16 53.67
N TYR B 71 59.74 -52.32 52.70
CA TYR B 71 60.78 -51.32 52.83
C TYR B 71 60.18 -49.94 52.70
N SER B 72 60.81 -48.98 53.38
CA SER B 72 60.31 -47.61 53.36
C SER B 72 60.28 -47.03 51.96
N ALA B 73 61.20 -47.47 51.10
CA ALA B 73 61.36 -46.90 49.76
C ALA B 73 60.08 -46.98 48.95
N PHE B 74 59.64 -48.19 48.63
CA PHE B 74 58.49 -48.33 47.73
C PHE B 74 57.21 -47.80 48.37
N LYS B 75 57.00 -48.10 49.65
CA LYS B 75 55.75 -47.68 50.31
C LYS B 75 55.64 -46.16 50.39
N LEU B 76 56.68 -45.51 50.91
CA LEU B 76 56.65 -44.05 51.02
C LEU B 76 56.70 -43.40 49.64
N GLY B 77 57.37 -44.03 48.68
CA GLY B 77 57.34 -43.50 47.33
C GLY B 77 55.94 -43.54 46.74
N LYS B 78 55.23 -44.65 46.92
CA LYS B 78 53.86 -44.73 46.43
C LYS B 78 52.98 -43.68 47.10
N LEU B 79 53.15 -43.49 48.41
CA LEU B 79 52.37 -42.48 49.10
C LEU B 79 52.67 -41.08 48.55
N ALA B 80 53.95 -40.78 48.33
CA ALA B 80 54.32 -39.47 47.80
C ALA B 80 53.78 -39.26 46.39
N LEU B 81 53.88 -40.30 45.54
CA LEU B 81 53.39 -40.19 44.18
C LEU B 81 51.88 -39.98 44.16
N LEU B 82 51.16 -40.69 45.03
CA LEU B 82 49.73 -40.41 45.19
C LEU B 82 49.49 -39.02 45.76
N GLY B 83 50.48 -38.44 46.44
CA GLY B 83 50.43 -37.03 46.80
C GLY B 83 50.58 -36.09 45.61
N ASN B 84 50.87 -36.62 44.42
CA ASN B 84 50.87 -35.84 43.17
C ASN B 84 52.02 -34.84 43.12
N VAL B 85 53.20 -35.27 43.56
CA VAL B 85 54.40 -34.44 43.44
C VAL B 85 54.90 -34.52 42.02
N LYS B 86 55.35 -33.38 41.49
CA LYS B 86 55.84 -33.35 40.11
C LYS B 86 57.08 -34.22 39.96
N GLU B 87 58.02 -34.13 40.90
CA GLU B 87 59.25 -34.91 40.85
C GLU B 87 59.64 -35.28 42.27
N LEU B 88 59.79 -36.58 42.52
CA LEU B 88 60.11 -37.10 43.84
C LEU B 88 61.59 -37.47 43.87
N LEU B 89 62.34 -36.86 44.78
CA LEU B 89 63.78 -37.06 44.89
C LEU B 89 64.06 -38.02 46.04
N LEU B 90 64.76 -39.12 45.74
CA LEU B 90 65.00 -40.20 46.67
C LEU B 90 66.49 -40.33 46.96
N TYR B 91 66.79 -41.00 48.06
CA TYR B 91 68.17 -41.34 48.41
C TYR B 91 68.16 -42.63 49.20
N ARG B 92 68.88 -43.63 48.71
CA ARG B 92 68.89 -44.95 49.34
C ARG B 92 69.87 -44.95 50.51
N LEU B 93 69.35 -45.28 51.70
CA LEU B 93 70.15 -45.36 52.91
C LEU B 93 70.67 -46.78 53.09
N VAL B 94 71.94 -46.90 53.50
CA VAL B 94 72.57 -48.19 53.68
C VAL B 94 73.60 -48.10 54.80
N ASP B 95 73.89 -49.24 55.39
CA ASP B 95 75.09 -49.41 56.18
C ASP B 95 76.26 -49.76 55.25
N GLY B 96 77.48 -49.44 55.68
CA GLY B 96 78.64 -49.65 54.84
C GLY B 96 78.81 -51.09 54.37
N ASN B 97 78.33 -52.05 55.16
CA ASN B 97 78.42 -53.46 54.77
C ASN B 97 77.47 -53.81 53.63
N GLN B 98 76.55 -52.93 53.26
CA GLN B 98 75.56 -53.25 52.25
C GLN B 98 76.23 -53.52 50.91
N LYS B 99 75.74 -54.53 50.18
CA LYS B 99 76.53 -55.18 49.15
C LYS B 99 75.64 -55.68 48.01
N LYS B 100 76.26 -55.90 46.86
CA LYS B 100 75.63 -56.48 45.69
C LYS B 100 75.67 -58.00 45.73
N GLY B 101 74.62 -58.62 45.21
CA GLY B 101 74.65 -60.05 44.96
C GLY B 101 75.55 -60.39 43.80
N THR B 102 76.08 -61.62 43.82
CA THR B 102 77.07 -62.03 42.84
C THR B 102 76.98 -63.52 42.58
N LEU B 103 77.33 -63.92 41.36
CA LEU B 103 77.43 -65.32 40.96
C LEU B 103 78.57 -65.46 39.97
N THR B 104 79.19 -66.63 39.94
CA THR B 104 80.31 -66.91 39.08
C THR B 104 80.03 -68.14 38.22
N LEU B 105 80.55 -68.10 36.99
CA LEU B 105 80.40 -69.18 36.03
C LEU B 105 81.77 -69.74 35.67
N LYS B 106 81.78 -71.00 35.23
CA LYS B 106 83.01 -71.74 34.96
C LYS B 106 82.84 -72.55 33.68
N ASP B 107 83.97 -72.84 33.05
CA ASP B 107 83.98 -73.64 31.83
C ASP B 107 83.98 -75.13 32.16
N THR B 108 83.74 -75.94 31.12
CA THR B 108 83.71 -77.40 31.24
C THR B 108 84.60 -78.12 30.24
N THR B 109 85.18 -77.42 29.26
CA THR B 109 86.04 -78.08 28.29
C THR B 109 87.27 -78.67 28.95
N GLU B 110 87.87 -77.93 29.89
CA GLU B 110 89.08 -78.37 30.57
C GLU B 110 88.71 -79.13 31.84
N ASN B 111 89.49 -80.16 32.14
CA ASN B 111 89.28 -80.90 33.40
C ASN B 111 89.47 -79.99 34.60
N SER B 112 90.52 -79.18 34.59
CA SER B 112 90.72 -78.14 35.60
C SER B 112 89.93 -76.91 35.17
N ALA B 113 88.64 -76.92 35.52
CA ALA B 113 87.74 -75.87 35.09
C ALA B 113 88.17 -74.53 35.69
N LYS B 114 88.04 -73.48 34.89
CA LYS B 114 88.47 -72.13 35.24
C LYS B 114 87.30 -71.18 35.14
N ASP B 115 87.19 -70.29 36.14
CA ASP B 115 86.15 -69.28 36.11
C ASP B 115 86.37 -68.32 34.96
N VAL B 116 85.30 -68.07 34.19
CA VAL B 116 85.38 -67.28 32.97
C VAL B 116 84.39 -66.14 32.92
N ILE B 117 83.26 -66.21 33.65
CA ILE B 117 82.27 -65.14 33.69
C ILE B 117 81.78 -64.99 35.12
N LYS B 118 81.58 -63.75 35.55
CA LYS B 118 80.96 -63.43 36.82
C LYS B 118 79.74 -62.56 36.58
N LEU B 119 78.66 -62.86 37.30
CA LEU B 119 77.41 -62.11 37.22
C LEU B 119 77.19 -61.40 38.55
N GLU B 120 76.88 -60.11 38.48
CA GLU B 120 76.64 -59.29 39.67
C GLU B 120 75.42 -58.41 39.43
N THR B 121 74.59 -58.27 40.46
CA THR B 121 73.39 -57.46 40.35
C THR B 121 73.75 -56.02 40.03
N LYS B 122 72.96 -55.40 39.14
CA LYS B 122 73.26 -54.04 38.71
C LYS B 122 73.20 -53.05 39.85
N TYR B 123 72.40 -53.33 40.87
CA TYR B 123 72.26 -52.49 42.05
C TYR B 123 72.51 -53.32 43.31
N PRO B 124 72.98 -52.70 44.40
CA PRO B 124 73.12 -53.45 45.64
C PRO B 124 71.78 -53.97 46.14
N THR B 125 71.81 -55.19 46.69
CA THR B 125 70.59 -55.85 47.15
C THR B 125 70.98 -57.10 47.93
N ALA B 126 69.95 -57.83 48.35
CA ALA B 126 70.12 -59.19 48.87
C ALA B 126 69.05 -60.14 48.34
N ARG B 127 68.28 -59.72 47.34
CA ARG B 127 67.19 -60.55 46.84
C ARG B 127 67.74 -61.78 46.11
N ASN B 128 66.86 -62.75 45.90
CA ASN B 128 67.23 -64.03 45.30
C ASN B 128 67.10 -63.96 43.78
N PHE B 129 67.87 -63.06 43.19
CA PHE B 129 67.98 -63.03 41.73
C PHE B 129 68.75 -64.26 41.27
N ASN B 130 68.11 -65.08 40.44
CA ASN B 130 68.63 -66.39 40.07
C ASN B 130 68.90 -66.44 38.57
N VAL B 131 69.76 -67.40 38.19
CA VAL B 131 70.23 -67.56 36.82
C VAL B 131 70.26 -69.04 36.48
N THR B 132 69.97 -69.36 35.22
CA THR B 132 70.00 -70.71 34.70
C THR B 132 70.77 -70.74 33.39
N ILE B 133 71.64 -71.73 33.24
CA ILE B 133 72.37 -71.99 32.00
C ILE B 133 72.19 -73.45 31.65
N LYS B 134 71.82 -73.71 30.40
CA LYS B 134 71.55 -75.08 29.94
C LYS B 134 72.01 -75.21 28.49
N SER B 135 72.20 -76.46 28.07
CA SER B 135 72.62 -76.73 26.71
C SER B 135 71.54 -76.32 25.72
N ASN B 136 71.94 -75.62 24.66
CA ASN B 136 71.00 -75.24 23.62
C ASN B 136 70.58 -76.47 22.83
N LEU B 137 69.27 -76.61 22.60
CA LEU B 137 68.74 -77.79 21.93
C LEU B 137 68.88 -77.71 20.41
N VAL B 138 69.16 -76.53 19.86
CA VAL B 138 69.25 -76.35 18.41
C VAL B 138 70.71 -76.43 18.00
N ASP B 139 71.53 -75.51 18.51
CA ASP B 139 72.95 -75.44 18.18
C ASP B 139 73.76 -76.13 19.27
N SER B 140 74.80 -76.85 18.84
CA SER B 140 75.57 -77.68 19.78
C SER B 140 76.31 -76.83 20.80
N ASP B 141 77.05 -75.83 20.34
CA ASP B 141 77.92 -75.04 21.23
C ASP B 141 77.17 -73.95 21.99
N LYS B 142 75.91 -73.70 21.69
CA LYS B 142 75.18 -72.62 22.33
C LYS B 142 74.69 -73.04 23.71
N LYS B 143 74.67 -72.08 24.62
CA LYS B 143 74.13 -72.24 25.97
C LYS B 143 73.00 -71.25 26.15
N ASP B 144 71.88 -71.72 26.70
CA ASP B 144 70.70 -70.88 26.89
C ASP B 144 70.78 -70.23 28.26
N PHE B 145 71.03 -68.92 28.27
CA PHE B 145 71.16 -68.15 29.51
C PHE B 145 69.80 -67.58 29.89
N ILE B 146 69.29 -67.97 31.05
CA ILE B 146 68.00 -67.53 31.54
C ILE B 146 68.18 -66.97 32.94
N PHE B 147 67.38 -65.95 33.27
CA PHE B 147 67.51 -65.19 34.50
C PHE B 147 66.16 -65.13 35.19
N PHE B 148 66.18 -65.22 36.52
CA PHE B 148 64.95 -65.25 37.33
C PHE B 148 65.15 -64.41 38.58
N GLU B 149 64.05 -64.28 39.32
CA GLU B 149 64.08 -63.84 40.72
C GLU B 149 63.09 -64.73 41.47
N ASN B 150 63.62 -65.64 42.29
CA ASN B 150 62.81 -66.66 42.95
C ASN B 150 62.02 -67.48 41.94
N THR B 151 62.69 -67.85 40.84
CA THR B 151 62.17 -68.63 39.73
C THR B 151 61.23 -67.86 38.82
N LYS B 152 60.93 -66.59 39.12
CA LYS B 152 60.14 -65.75 38.23
C LYS B 152 61.07 -65.21 37.15
N GLN B 153 60.89 -65.69 35.92
CA GLN B 153 61.86 -65.41 34.86
C GLN B 153 61.86 -63.94 34.49
N LEU B 154 63.07 -63.41 34.30
CA LEU B 154 63.29 -62.05 33.82
C LEU B 154 63.56 -62.04 32.32
N PHE B 155 64.56 -62.82 31.87
CA PHE B 155 65.06 -62.73 30.52
C PHE B 155 65.72 -64.05 30.15
N SER B 156 65.67 -64.40 28.87
CA SER B 156 66.31 -65.59 28.33
C SER B 156 67.09 -65.23 27.08
N SER B 157 68.21 -65.93 26.87
CA SER B 157 69.07 -65.68 25.71
C SER B 157 69.90 -66.92 25.43
N SER B 158 70.48 -66.95 24.23
CA SER B 158 71.30 -68.07 23.77
C SER B 158 72.46 -67.53 22.95
N ILE B 159 73.69 -67.92 23.31
CA ILE B 159 74.89 -67.49 22.61
C ILE B 159 75.84 -68.67 22.51
N LYS B 160 76.60 -68.70 21.41
CA LYS B 160 77.62 -69.71 21.19
C LYS B 160 78.65 -69.70 22.33
N GLY B 161 79.46 -70.76 22.38
CA GLY B 161 80.35 -70.99 23.50
C GLY B 161 81.66 -70.23 23.47
N THR B 162 81.60 -68.93 23.19
CA THR B 162 82.74 -68.02 23.35
C THR B 162 82.38 -66.97 24.39
N ILE B 163 83.30 -66.74 25.33
CA ILE B 163 82.95 -65.98 26.53
C ILE B 163 82.69 -64.52 26.19
N ASP B 164 83.44 -63.94 25.25
CA ASP B 164 83.31 -62.53 24.94
C ASP B 164 81.93 -62.20 24.40
N GLU B 165 81.46 -62.97 23.41
CA GLU B 165 80.13 -62.73 22.87
C GLU B 165 79.05 -63.01 23.92
N ILE B 166 79.28 -64.00 24.79
CA ILE B 166 78.30 -64.30 25.84
C ILE B 166 78.13 -63.10 26.76
N VAL B 167 79.24 -62.56 27.28
CA VAL B 167 79.14 -61.45 28.22
C VAL B 167 78.61 -60.21 27.51
N LEU B 168 79.00 -60.00 26.25
CA LEU B 168 78.52 -58.84 25.52
C LEU B 168 77.01 -58.91 25.31
N GLU B 169 76.48 -60.08 24.95
CA GLU B 169 75.04 -60.21 24.82
C GLU B 169 74.33 -60.04 26.15
N ILE B 170 74.88 -60.64 27.21
CA ILE B 170 74.22 -60.57 28.51
C ILE B 170 74.18 -59.13 29.01
N ASN B 171 75.21 -58.34 28.71
CA ASN B 171 75.22 -56.92 29.05
C ASN B 171 74.50 -56.04 28.04
N SER B 172 74.16 -56.57 26.86
CA SER B 172 73.60 -55.75 25.80
C SER B 172 72.13 -55.46 26.03
N ASN B 173 71.32 -56.51 26.11
CA ASN B 173 69.88 -56.32 26.23
C ASN B 173 69.53 -55.74 27.60
N LEU B 174 68.68 -54.72 27.60
CA LEU B 174 68.20 -54.12 28.83
C LEU B 174 67.14 -54.97 29.52
N ASP B 175 66.67 -56.05 28.88
CA ASP B 175 65.89 -57.04 29.60
C ASP B 175 66.69 -57.68 30.73
N ASN B 176 68.02 -57.71 30.57
CA ASN B 176 68.94 -58.19 31.60
C ASN B 176 69.49 -57.06 32.46
N GLU B 177 68.71 -55.99 32.65
CA GLU B 177 69.20 -54.84 33.39
C GLU B 177 69.42 -55.15 34.87
N TYR B 178 68.80 -56.22 35.38
CA TYR B 178 68.97 -56.55 36.80
C TYR B 178 70.40 -56.94 37.15
N VAL B 179 71.18 -57.40 36.17
CA VAL B 179 72.48 -58.03 36.44
C VAL B 179 73.49 -57.54 35.41
N ILE B 180 74.75 -57.49 35.84
CA ILE B 180 75.88 -57.12 34.99
C ILE B 180 76.80 -58.33 34.88
N ALA B 181 77.19 -58.65 33.66
CA ALA B 181 78.12 -59.74 33.38
C ALA B 181 79.50 -59.17 33.08
N THR B 182 80.53 -59.79 33.67
CA THR B 182 81.91 -59.39 33.46
C THR B 182 82.76 -60.63 33.18
N LYS B 183 83.73 -60.46 32.30
CA LYS B 183 84.59 -61.57 31.88
C LYS B 183 85.70 -61.78 32.89
N VAL B 184 85.84 -63.02 33.37
CA VAL B 184 86.91 -63.37 34.31
C VAL B 184 88.16 -63.82 33.57
N ALA B 185 87.98 -64.51 32.43
CA ALA B 185 89.11 -64.98 31.64
C ALA B 185 88.71 -65.00 30.17
N ASP B 186 89.72 -64.96 29.30
CA ASP B 186 89.51 -64.93 27.86
C ASP B 186 89.54 -66.36 27.33
N SER B 187 88.44 -67.08 27.59
CA SER B 187 88.28 -68.47 27.19
C SER B 187 87.31 -68.57 26.03
N ASP B 188 87.50 -69.61 25.22
CA ASP B 188 86.56 -69.99 24.17
C ASP B 188 85.94 -71.37 24.45
N THR B 189 85.81 -71.70 25.73
CA THR B 189 85.40 -73.03 26.17
C THR B 189 83.92 -73.05 26.53
N ILE B 190 83.37 -74.26 26.59
CA ILE B 190 81.95 -74.43 26.88
C ILE B 190 81.70 -74.14 28.35
N LEU B 191 80.67 -73.34 28.62
CA LEU B 191 80.34 -72.97 29.99
C LEU B 191 79.69 -74.14 30.74
N ALA B 192 79.71 -74.04 32.07
CA ALA B 192 79.06 -75.00 32.93
C ALA B 192 77.59 -74.63 33.10
N ASN B 193 76.73 -75.64 33.12
CA ASN B 193 75.30 -75.42 33.27
C ASN B 193 74.96 -75.15 34.72
N VAL B 194 74.12 -74.13 34.95
CA VAL B 194 73.59 -73.79 36.25
C VAL B 194 72.07 -73.75 36.12
N VAL B 195 71.40 -73.92 37.26
CA VAL B 195 69.94 -73.95 37.30
C VAL B 195 69.45 -73.15 38.49
N ASN B 196 68.96 -71.93 38.23
CA ASN B 196 68.33 -71.11 39.26
C ASN B 196 69.30 -70.80 40.40
N GLN B 197 70.56 -70.54 40.06
CA GLN B 197 71.57 -70.24 41.06
C GLN B 197 71.47 -68.76 41.43
N ALA B 198 71.28 -68.49 42.72
CA ALA B 198 71.10 -67.12 43.18
C ALA B 198 72.42 -66.36 43.15
N LEU B 199 72.32 -65.06 42.88
CA LEU B 199 73.48 -64.17 42.94
C LEU B 199 73.70 -63.81 44.40
N GLU B 200 74.50 -64.63 45.07
CA GLU B 200 74.71 -64.51 46.50
C GLU B 200 75.79 -63.48 46.80
N GLY B 201 76.06 -63.28 48.09
CA GLY B 201 77.03 -62.30 48.54
C GLY B 201 76.49 -60.90 48.74
N GLY B 202 75.22 -60.66 48.40
CA GLY B 202 74.64 -59.35 48.57
C GLY B 202 74.08 -59.12 49.96
N ASN B 203 73.85 -57.85 50.27
CA ASN B 203 73.30 -57.43 51.55
C ASN B 203 72.20 -56.40 51.28
N ASP B 204 71.23 -56.36 52.19
CA ASP B 204 69.89 -55.87 51.85
C ASP B 204 69.78 -54.35 51.82
N GLY B 205 69.95 -53.70 52.97
CA GLY B 205 69.70 -52.27 53.08
C GLY B 205 69.01 -51.88 54.37
N CYS B 206 68.29 -52.81 55.00
CA CYS B 206 67.78 -52.64 56.34
C CYS B 206 68.78 -53.07 57.40
N THR B 207 70.03 -53.33 57.02
CA THR B 207 71.03 -53.89 57.90
C THR B 207 71.70 -52.78 58.69
N SER B 208 71.38 -52.68 59.98
CA SER B 208 72.10 -51.81 60.92
C SER B 208 72.07 -50.35 60.48
N ILE B 209 70.91 -49.89 60.02
CA ILE B 209 70.74 -48.49 59.65
C ILE B 209 70.53 -47.66 60.91
N THR B 210 71.34 -46.62 61.07
CA THR B 210 71.37 -45.80 62.28
C THR B 210 71.30 -44.33 61.90
N ASN B 211 71.38 -43.48 62.92
CA ASN B 211 71.24 -42.03 62.71
C ASN B 211 72.34 -41.48 61.80
N GLU B 212 73.52 -42.09 61.82
CA GLU B 212 74.61 -41.59 61.00
C GLU B 212 74.29 -41.70 59.52
N SER B 213 73.61 -42.78 59.11
CA SER B 213 73.20 -42.92 57.72
C SER B 213 72.25 -41.80 57.32
N TYR B 214 71.30 -41.47 58.19
CA TYR B 214 70.38 -40.37 57.91
C TYR B 214 71.11 -39.04 57.86
N LEU B 215 72.10 -38.85 58.74
CA LEU B 215 72.89 -37.62 58.70
C LEU B 215 73.63 -37.48 57.38
N LYS B 216 74.25 -38.58 56.93
CA LYS B 216 74.94 -38.55 55.63
C LYS B 216 73.96 -38.27 54.50
N ALA B 217 72.76 -38.87 54.56
CA ALA B 217 71.76 -38.61 53.55
C ALA B 217 71.35 -37.14 53.52
N LEU B 218 71.17 -36.54 54.70
CA LEU B 218 70.82 -35.13 54.76
C LEU B 218 71.94 -34.26 54.20
N GLU B 219 73.19 -34.61 54.51
CA GLU B 219 74.32 -33.86 53.98
C GLU B 219 74.36 -33.95 52.46
N GLU B 220 74.04 -35.12 51.91
CA GLU B 220 73.88 -35.22 50.46
C GLU B 220 72.73 -34.34 49.98
N PHE B 221 71.64 -34.31 50.72
CA PHE B 221 70.47 -33.52 50.33
C PHE B 221 70.72 -32.02 50.43
N GLU B 222 71.79 -31.59 51.12
CA GLU B 222 72.12 -30.17 51.16
C GLU B 222 72.36 -29.60 49.76
N ARG B 223 72.79 -30.43 48.82
CA ARG B 223 73.09 -29.96 47.47
C ARG B 223 71.86 -29.37 46.80
N TYR B 224 70.72 -30.02 46.96
CA TYR B 224 69.55 -29.75 46.13
C TYR B 224 68.65 -28.73 46.81
N SER B 225 67.55 -28.39 46.13
CA SER B 225 66.50 -27.54 46.66
C SER B 225 65.19 -28.31 46.67
N PHE B 226 64.38 -28.09 47.71
CA PHE B 226 63.17 -28.87 47.93
C PHE B 226 62.04 -27.96 48.41
N ASP B 227 60.83 -28.49 48.28
CA ASP B 227 59.65 -27.87 48.85
C ASP B 227 59.31 -28.43 50.23
N SER B 228 59.71 -29.67 50.53
CA SER B 228 59.44 -30.24 51.84
C SER B 228 60.36 -31.43 52.09
N PHE B 229 60.45 -31.82 53.36
CA PHE B 229 61.22 -32.97 53.81
C PHE B 229 60.41 -33.69 54.87
N VAL B 230 60.53 -35.02 54.93
CA VAL B 230 59.65 -35.83 55.77
C VAL B 230 60.40 -36.88 56.61
N LEU B 231 61.67 -37.13 56.31
CA LEU B 231 62.53 -37.98 57.13
C LEU B 231 62.05 -39.43 57.17
N ASP B 232 61.95 -40.03 55.98
CA ASP B 232 61.89 -41.49 55.81
C ASP B 232 60.70 -42.14 56.52
N GLY B 233 59.70 -41.37 56.94
CA GLY B 233 58.60 -41.96 57.68
C GLY B 233 59.02 -42.61 58.98
N VAL B 234 60.09 -42.10 59.60
CA VAL B 234 60.63 -42.65 60.84
C VAL B 234 60.53 -41.57 61.91
N ALA B 235 60.05 -41.94 63.08
CA ALA B 235 59.76 -41.01 64.16
C ALA B 235 60.81 -41.03 65.27
N ASP B 236 62.02 -41.50 64.97
CA ASP B 236 63.08 -41.50 65.98
C ASP B 236 63.40 -40.08 66.42
N GLU B 237 63.47 -39.88 67.73
CA GLU B 237 63.53 -38.53 68.28
C GLU B 237 64.82 -37.82 67.88
N ALA B 238 65.96 -38.46 68.12
CA ALA B 238 67.25 -37.81 67.89
C ALA B 238 67.39 -37.39 66.43
N LEU B 239 66.92 -38.23 65.51
CA LEU B 239 66.85 -37.84 64.11
C LEU B 239 65.99 -36.61 63.92
N GLN B 240 64.90 -36.49 64.69
CA GLN B 240 64.02 -35.33 64.53
C GLN B 240 64.70 -34.06 64.99
N GLU B 241 65.40 -34.08 66.14
CA GLU B 241 66.13 -32.86 66.53
C GLU B 241 67.25 -32.55 65.55
N THR B 242 67.93 -33.59 65.05
CA THR B 242 69.00 -33.36 64.08
C THR B 242 68.46 -32.68 62.83
N THR B 243 67.32 -33.17 62.32
CA THR B 243 66.73 -32.58 61.14
C THR B 243 66.20 -31.19 61.42
N LYS B 244 65.71 -30.94 62.64
CA LYS B 244 65.27 -29.60 63.01
C LYS B 244 66.44 -28.62 62.93
N ALA B 245 67.57 -28.98 63.54
CA ALA B 245 68.74 -28.12 63.47
C ALA B 245 69.22 -27.96 62.03
N TRP B 246 69.15 -29.03 61.26
CA TRP B 246 69.60 -28.99 59.87
C TRP B 246 68.73 -28.03 59.05
N VAL B 247 67.42 -28.07 59.25
CA VAL B 247 66.53 -27.18 58.53
C VAL B 247 66.73 -25.74 58.98
N ALA B 248 66.97 -25.52 60.27
CA ALA B 248 67.26 -24.18 60.75
C ALA B 248 68.52 -23.64 60.08
N LYS B 249 69.56 -24.47 59.99
CA LYS B 249 70.79 -24.07 59.31
C LYS B 249 70.51 -23.74 57.85
N ASN B 250 69.72 -24.58 57.18
CA ASN B 250 69.41 -24.34 55.77
C ASN B 250 68.64 -23.04 55.59
N LYS B 251 67.72 -22.74 56.49
CA LYS B 251 66.99 -21.48 56.42
C LYS B 251 67.93 -20.30 56.59
N GLU B 252 68.84 -20.38 57.58
CA GLU B 252 69.79 -19.29 57.78
C GLU B 252 70.74 -19.15 56.60
N LEU B 253 70.98 -20.23 55.87
CA LEU B 253 71.82 -20.21 54.67
C LEU B 253 71.05 -19.86 53.41
N GLY B 254 69.78 -19.43 53.54
CA GLY B 254 69.01 -19.02 52.40
C GLY B 254 68.27 -20.12 51.68
N LYS B 255 68.28 -21.34 52.19
CA LYS B 255 67.52 -22.46 51.64
C LYS B 255 66.30 -22.68 52.50
N ASP B 256 65.12 -22.43 51.93
CA ASP B 256 63.86 -22.41 52.67
C ASP B 256 63.19 -23.77 52.53
N ILE B 257 63.61 -24.69 53.38
CA ILE B 257 63.12 -26.07 53.37
C ILE B 257 62.09 -26.23 54.47
N LEU B 258 60.94 -26.79 54.11
CA LEU B 258 59.87 -27.10 55.05
C LEU B 258 60.03 -28.55 55.50
N LEU B 259 59.64 -28.83 56.74
CA LEU B 259 59.79 -30.16 57.32
C LEU B 259 58.46 -30.63 57.90
N PHE B 260 58.08 -31.85 57.53
CA PHE B 260 56.93 -32.54 58.11
C PHE B 260 57.44 -33.72 58.94
N LEU B 261 56.76 -33.99 60.05
CA LEU B 261 57.14 -35.05 60.96
C LEU B 261 55.89 -35.75 61.47
N GLY B 262 56.08 -36.98 61.92
CA GLY B 262 55.00 -37.76 62.52
C GLY B 262 55.47 -38.48 63.76
N GLY B 263 54.66 -38.43 64.81
CA GLY B 263 55.04 -39.06 66.06
C GLY B 263 54.93 -40.57 65.98
N LYS B 264 55.39 -41.21 67.05
CA LYS B 264 55.34 -42.66 67.13
C LYS B 264 53.91 -43.13 67.34
N THR B 265 53.63 -44.34 66.87
CA THR B 265 52.30 -44.93 67.05
C THR B 265 51.97 -45.11 68.53
N GLU B 266 52.98 -45.31 69.37
CA GLU B 266 52.76 -45.52 70.78
C GLU B 266 52.37 -44.24 71.51
N ASP B 267 52.68 -43.08 70.95
CA ASP B 267 52.40 -41.82 71.63
C ASP B 267 50.90 -41.58 71.70
N ASN B 268 50.42 -41.24 72.90
CA ASN B 268 49.05 -40.80 73.06
C ASN B 268 48.89 -39.41 72.44
N ILE B 269 47.64 -39.00 72.26
CA ILE B 269 47.36 -37.67 71.72
C ILE B 269 47.95 -36.60 72.63
N LYS B 270 47.99 -36.85 73.95
CA LYS B 270 48.66 -35.94 74.85
C LYS B 270 50.15 -35.86 74.54
N GLN B 271 50.78 -37.03 74.33
CA GLN B 271 52.21 -37.03 74.01
C GLN B 271 52.48 -36.38 72.66
N ILE B 272 51.61 -36.63 71.68
CA ILE B 272 51.75 -35.99 70.38
C ILE B 272 51.63 -34.48 70.52
N ASN B 273 50.68 -34.02 71.32
CA ASN B 273 50.52 -32.59 71.53
C ASN B 273 51.72 -32.01 72.25
N ASP B 274 52.30 -32.76 73.19
CA ASP B 274 53.52 -32.29 73.85
C ASP B 274 54.66 -32.15 72.87
N LYS B 275 54.80 -33.12 71.95
CA LYS B 275 55.85 -33.01 70.93
C LYS B 275 55.59 -31.83 70.00
N SER B 276 54.32 -31.63 69.60
CA SER B 276 53.97 -30.51 68.75
C SER B 276 54.16 -29.19 69.47
N LYS B 277 54.11 -29.19 70.79
CA LYS B 277 54.50 -28.01 71.57
C LYS B 277 56.01 -27.84 71.55
N SER B 278 56.76 -28.94 71.67
CA SER B 278 58.22 -28.85 71.68
C SER B 278 58.73 -28.25 70.39
N PHE B 279 58.16 -28.66 69.26
CA PHE B 279 58.42 -28.00 68.00
C PHE B 279 57.61 -26.71 67.92
N ASN B 280 58.28 -25.61 67.67
CA ASN B 280 57.60 -24.34 67.48
C ASN B 280 58.13 -23.53 66.30
N ASP B 281 59.17 -24.02 65.61
CA ASP B 281 59.57 -23.40 64.36
C ASP B 281 58.49 -23.63 63.31
N GLU B 282 58.24 -22.60 62.50
CA GLU B 282 57.14 -22.65 61.55
C GLU B 282 57.33 -23.75 60.50
N ASN B 283 58.58 -24.10 60.20
CA ASN B 283 58.88 -25.10 59.19
C ASN B 283 58.74 -26.53 59.70
N ILE B 284 58.15 -26.73 60.89
CA ILE B 284 57.97 -28.05 61.48
C ILE B 284 56.48 -28.33 61.55
N VAL B 285 56.08 -29.49 61.03
CA VAL B 285 54.71 -29.96 61.07
C VAL B 285 54.72 -31.35 61.68
N ASN B 286 53.96 -31.53 62.76
CA ASN B 286 53.88 -32.80 63.48
C ASN B 286 52.55 -33.47 63.17
N VAL B 287 52.62 -34.75 62.81
CA VAL B 287 51.47 -35.55 62.41
C VAL B 287 51.19 -36.59 63.48
N GLY B 288 49.95 -36.65 63.94
CA GLY B 288 49.56 -37.54 65.01
C GLY B 288 48.79 -38.76 64.56
N SER B 289 47.88 -38.59 63.61
CA SER B 289 46.96 -39.65 63.24
C SER B 289 47.65 -40.71 62.38
N SER B 290 47.23 -41.95 62.57
CA SER B 290 47.58 -43.06 61.70
C SER B 290 46.43 -43.32 60.74
N ALA B 291 46.69 -44.14 59.72
CA ALA B 291 45.69 -44.32 58.68
C ALA B 291 45.93 -45.64 57.94
N TYR B 292 44.90 -46.06 57.21
CA TYR B 292 44.95 -47.21 56.32
C TYR B 292 44.54 -46.77 54.92
N TYR B 293 45.25 -47.26 53.91
CA TYR B 293 44.90 -47.00 52.52
C TYR B 293 44.49 -48.25 51.77
N GLU B 294 45.38 -49.23 51.63
CA GLU B 294 45.05 -50.54 51.08
C GLU B 294 44.89 -51.57 52.19
N ASN B 295 44.01 -51.27 53.14
CA ASN B 295 43.79 -52.13 54.30
C ASN B 295 45.07 -52.39 55.10
N ILE B 296 46.04 -51.48 55.00
CA ILE B 296 47.35 -51.63 55.62
C ILE B 296 47.65 -50.34 56.37
N LYS B 297 48.03 -50.47 57.64
CA LYS B 297 48.19 -49.30 58.49
C LYS B 297 49.39 -48.48 58.06
N TYR B 298 49.37 -47.20 58.42
CA TYR B 298 50.48 -46.29 58.20
C TYR B 298 50.70 -45.48 59.46
N THR B 299 51.94 -45.47 59.95
CA THR B 299 52.28 -44.73 61.15
C THR B 299 52.11 -43.24 60.89
N PRO B 300 52.10 -42.41 61.94
CA PRO B 300 51.93 -40.95 61.71
C PRO B 300 52.98 -40.36 60.80
N SER B 301 54.20 -40.88 60.81
CA SER B 301 55.24 -40.38 59.91
C SER B 301 55.05 -40.90 58.48
N GLU B 302 54.58 -42.14 58.34
CA GLU B 302 54.32 -42.66 57.00
C GLU B 302 53.24 -41.86 56.30
N VAL B 303 52.21 -41.45 57.04
CA VAL B 303 51.21 -40.53 56.49
C VAL B 303 51.71 -39.10 56.46
N ALA B 304 52.72 -38.76 57.28
CA ALA B 304 53.35 -37.45 57.14
C ALA B 304 54.03 -37.32 55.78
N VAL B 305 54.55 -38.43 55.25
CA VAL B 305 55.06 -38.43 53.89
C VAL B 305 53.97 -37.99 52.92
N TYR B 306 52.79 -38.60 53.03
CA TYR B 306 51.71 -38.30 52.11
C TYR B 306 51.22 -36.88 52.27
N ILE B 307 51.10 -36.39 53.51
CA ILE B 307 50.56 -35.05 53.70
C ILE B 307 51.56 -34.01 53.19
N ALA B 308 52.85 -34.25 53.39
CA ALA B 308 53.85 -33.34 52.83
C ALA B 308 53.79 -33.35 51.30
N ALA B 309 53.65 -34.54 50.71
CA ALA B 309 53.55 -34.64 49.26
C ALA B 309 52.34 -33.89 48.74
N LEU B 310 51.20 -34.06 49.41
CA LEU B 310 49.98 -33.36 48.98
C LEU B 310 50.14 -31.85 49.16
N SER B 311 50.80 -31.42 50.22
CA SER B 311 51.00 -29.99 50.44
C SER B 311 51.85 -29.39 49.33
N VAL B 312 52.97 -30.02 49.00
CA VAL B 312 53.84 -29.46 47.97
C VAL B 312 53.15 -29.54 46.61
N SER B 313 52.37 -30.59 46.36
CA SER B 313 51.61 -30.67 45.12
C SER B 313 50.59 -29.55 45.04
N LYS B 314 49.98 -29.20 46.17
CA LYS B 314 49.06 -28.08 46.19
C LYS B 314 49.76 -26.79 45.81
N GLY B 315 50.97 -26.58 46.33
CA GLY B 315 51.69 -25.36 46.05
C GLY B 315 50.94 -24.15 46.57
N ILE B 316 51.08 -23.04 45.85
CA ILE B 316 50.30 -21.84 46.11
C ILE B 316 48.96 -22.04 45.39
N THR B 317 47.98 -21.19 45.69
CA THR B 317 46.64 -21.28 45.11
C THR B 317 45.89 -22.49 45.66
N GLY B 318 46.12 -22.81 46.92
CA GLY B 318 45.44 -23.94 47.52
C GLY B 318 45.86 -24.11 48.96
N SER B 319 45.31 -25.14 49.59
CA SER B 319 45.60 -25.45 50.97
C SER B 319 45.31 -26.94 51.19
N ILE B 320 45.29 -27.36 52.45
CA ILE B 320 45.04 -28.75 52.82
C ILE B 320 43.97 -28.88 53.90
N CYS B 321 43.35 -27.79 54.31
CA CYS B 321 42.50 -27.82 55.50
C CYS B 321 41.27 -28.70 55.33
N ASN B 322 40.89 -29.03 54.08
CA ASN B 322 39.84 -30.02 53.87
C ASN B 322 40.13 -30.91 52.66
N ALA B 323 41.39 -31.02 52.24
CA ALA B 323 41.70 -31.85 51.07
C ALA B 323 41.41 -33.31 51.39
N LYS B 324 40.72 -33.97 50.46
CA LYS B 324 40.39 -35.38 50.66
C LYS B 324 41.65 -36.22 50.53
N THR B 325 41.75 -37.24 51.38
CA THR B 325 42.87 -38.16 51.40
C THR B 325 42.50 -39.48 50.75
N ILE B 326 43.53 -40.24 50.37
CA ILE B 326 43.31 -41.57 49.80
C ILE B 326 43.02 -42.63 50.84
N PHE B 327 43.15 -42.30 52.13
CA PHE B 327 43.11 -43.31 53.18
C PHE B 327 41.68 -43.76 53.46
N GLU B 328 41.50 -45.07 53.59
CA GLU B 328 40.19 -45.65 53.82
C GLU B 328 39.81 -45.67 55.30
N GLU B 329 40.78 -45.54 56.20
CA GLU B 329 40.51 -45.43 57.63
C GLU B 329 41.54 -44.52 58.28
N VAL B 330 41.17 -44.00 59.45
CA VAL B 330 42.01 -43.12 60.24
C VAL B 330 41.86 -43.49 61.71
N GLU B 331 42.97 -43.47 62.44
CA GLU B 331 42.94 -43.65 63.89
C GLU B 331 44.20 -43.03 64.47
N PRO B 332 44.16 -42.56 65.74
CA PRO B 332 43.03 -42.47 66.67
C PRO B 332 42.06 -41.39 66.27
N ARG B 333 40.79 -41.52 66.68
CA ARG B 333 39.70 -40.71 66.17
C ARG B 333 39.19 -39.79 67.27
N LEU B 334 38.92 -38.54 66.89
CA LEU B 334 38.88 -37.41 67.82
C LEU B 334 37.51 -36.74 67.80
N SER B 335 37.00 -36.44 68.99
CA SER B 335 35.88 -35.52 69.10
C SER B 335 36.36 -34.09 68.86
N GLN B 336 35.41 -33.17 68.77
CA GLN B 336 35.75 -31.78 68.53
C GLN B 336 36.65 -31.21 69.63
N SER B 337 36.47 -31.68 70.86
CA SER B 337 37.36 -31.27 71.95
C SER B 337 38.79 -31.72 71.66
N GLU B 338 38.97 -32.98 71.26
CA GLU B 338 40.31 -33.48 70.96
C GLU B 338 40.90 -32.76 69.76
N VAL B 339 40.08 -32.50 68.74
CA VAL B 339 40.55 -31.79 67.55
C VAL B 339 41.04 -30.40 67.94
N LYS B 340 40.26 -29.70 68.78
CA LYS B 340 40.65 -28.37 69.21
C LYS B 340 41.92 -28.42 70.05
N GLU B 341 42.05 -29.44 70.89
CA GLU B 341 43.28 -29.60 71.67
C GLU B 341 44.47 -29.79 70.75
N CYS B 342 44.33 -30.64 69.74
CA CYS B 342 45.44 -30.90 68.82
C CYS B 342 45.81 -29.65 68.04
N LEU B 343 44.81 -28.91 67.55
CA LEU B 343 45.08 -27.70 66.79
C LEU B 343 45.75 -26.64 67.65
N LYS B 344 45.28 -26.47 68.89
CA LYS B 344 45.92 -25.55 69.81
C LYS B 344 47.36 -25.97 70.10
N SER B 345 47.62 -27.27 70.11
CA SER B 345 48.97 -27.79 70.28
C SER B 345 49.81 -27.67 69.03
N GLY B 346 49.23 -27.26 67.90
CA GLY B 346 49.93 -27.23 66.64
C GLY B 346 49.95 -28.55 65.90
N THR B 347 49.39 -29.60 66.48
CA THR B 347 49.37 -30.90 65.82
C THR B 347 48.46 -30.87 64.60
N LEU B 348 48.87 -31.56 63.55
CA LEU B 348 48.02 -31.86 62.40
C LEU B 348 47.56 -33.31 62.50
N VAL B 349 46.25 -33.52 62.41
CA VAL B 349 45.65 -34.84 62.57
C VAL B 349 44.57 -35.01 61.51
N LEU B 350 44.54 -36.18 60.88
CA LEU B 350 43.48 -36.45 59.92
C LEU B 350 42.16 -36.69 60.65
N ASP B 351 41.08 -36.69 59.87
CA ASP B 351 39.73 -36.75 60.42
C ASP B 351 38.84 -37.53 59.47
N PHE B 352 37.69 -37.98 60.01
CA PHE B 352 36.71 -38.74 59.26
C PHE B 352 35.40 -37.96 59.19
N ASP B 353 35.49 -36.68 58.80
CA ASP B 353 34.32 -35.80 58.76
C ASP B 353 33.22 -36.35 57.87
N ASP B 354 33.56 -37.18 56.89
CA ASP B 354 32.59 -37.85 56.04
C ASP B 354 33.03 -39.30 55.87
N GLY B 355 32.43 -40.02 54.92
CA GLY B 355 32.78 -41.40 54.69
C GLY B 355 34.22 -41.64 54.28
N ASP B 356 34.93 -40.60 53.86
CA ASP B 356 36.35 -40.66 53.55
C ASP B 356 37.15 -40.10 54.73
N VAL B 357 38.48 -40.19 54.61
CA VAL B 357 39.40 -39.58 55.55
C VAL B 357 39.79 -38.21 55.02
N ILE B 358 39.63 -37.18 55.84
CA ILE B 358 39.77 -35.79 55.43
C ILE B 358 40.77 -35.12 56.36
N ILE B 359 41.63 -34.27 55.78
CA ILE B 359 42.56 -33.48 56.56
C ILE B 359 41.80 -32.42 57.33
N VAL B 360 42.11 -32.27 58.62
CA VAL B 360 41.30 -31.40 59.46
C VAL B 360 41.60 -29.93 59.17
N ASP B 361 42.87 -29.55 59.06
CA ASP B 361 43.24 -28.14 59.07
C ASP B 361 44.62 -27.98 58.44
N ASP B 362 45.06 -26.73 58.35
CA ASP B 362 46.32 -26.36 57.73
C ASP B 362 47.42 -26.08 58.75
N VAL B 363 47.22 -26.49 60.00
CA VAL B 363 48.06 -26.02 61.10
C VAL B 363 49.46 -26.64 61.02
N ASN B 364 50.40 -26.00 61.70
CA ASN B 364 51.76 -26.49 61.89
C ASN B 364 52.07 -26.49 63.39
N THR B 365 53.26 -27.00 63.74
CA THR B 365 53.64 -27.06 65.15
C THR B 365 53.82 -25.67 65.74
N PHE B 366 54.13 -24.67 64.91
CA PHE B 366 54.35 -23.33 65.44
C PHE B 366 53.11 -22.76 66.09
N LYS B 367 51.91 -23.14 65.62
CA LYS B 367 50.66 -22.43 65.91
C LYS B 367 50.40 -22.23 67.41
N LYS B 368 51.11 -22.96 68.28
CA LYS B 368 50.99 -22.75 69.72
C LYS B 368 51.27 -21.30 70.11
N TYR B 369 52.13 -20.60 69.38
CA TYR B 369 52.38 -19.19 69.63
C TYR B 369 51.68 -18.37 68.54
N VAL B 370 51.46 -17.08 68.83
CA VAL B 370 50.35 -16.35 68.22
C VAL B 370 50.79 -15.13 67.41
N ASP B 371 51.40 -14.15 68.07
CA ASP B 371 51.27 -12.76 67.62
C ASP B 371 52.46 -12.29 66.77
N ASP B 372 53.69 -12.41 67.26
CA ASP B 372 54.82 -11.91 66.48
C ASP B 372 54.91 -12.64 65.14
N LYS B 373 55.19 -13.94 65.15
CA LYS B 373 54.97 -14.73 63.96
C LYS B 373 53.47 -14.95 63.89
N ASN B 374 52.80 -14.27 62.96
CA ASN B 374 51.36 -14.08 63.06
C ASN B 374 50.63 -15.42 62.97
N GLU B 375 49.33 -15.36 63.23
CA GLU B 375 48.52 -16.58 63.27
C GLU B 375 48.47 -17.25 61.90
N ALA B 376 48.57 -16.46 60.82
CA ALA B 376 48.65 -17.07 59.50
C ALA B 376 49.92 -17.88 59.33
N MET B 377 51.00 -17.50 60.03
CA MET B 377 52.21 -18.33 60.01
C MET B 377 51.96 -19.69 60.62
N GLY B 378 50.98 -19.80 61.52
CA GLY B 378 50.57 -21.09 62.04
C GLY B 378 50.02 -22.03 60.99
N TYR B 379 49.65 -21.51 59.82
CA TYR B 379 49.12 -22.31 58.74
C TYR B 379 50.20 -22.58 57.70
N ILE B 380 50.21 -23.80 57.18
CA ILE B 380 51.29 -24.24 56.30
C ILE B 380 51.28 -23.48 54.99
N SER B 381 50.09 -23.13 54.48
CA SER B 381 49.99 -22.46 53.19
C SER B 381 50.72 -21.13 53.19
N ASN B 382 50.61 -20.38 54.29
CA ASN B 382 51.31 -19.11 54.38
C ASN B 382 52.82 -19.33 54.37
N ILE B 383 53.29 -20.37 55.05
CA ILE B 383 54.73 -20.65 55.05
C ILE B 383 55.19 -21.03 53.65
N MET B 384 54.39 -21.80 52.93
CA MET B 384 54.74 -22.14 51.55
C MET B 384 54.80 -20.88 50.70
N PHE B 385 53.87 -19.95 50.91
CA PHE B 385 53.88 -18.69 50.18
C PHE B 385 55.14 -17.89 50.48
N ILE B 386 55.48 -17.77 51.76
CA ILE B 386 56.67 -16.98 52.15
C ILE B 386 57.93 -17.63 51.60
N ASN B 387 58.01 -18.96 51.68
CA ASN B 387 59.18 -19.64 51.15
C ASN B 387 59.28 -19.45 49.64
N THR B 388 58.14 -19.47 48.95
CA THR B 388 58.17 -19.24 47.50
C THR B 388 58.63 -17.83 47.17
N ILE B 389 58.16 -16.83 47.91
CA ILE B 389 58.59 -15.46 47.68
C ILE B 389 60.08 -15.34 47.93
N ASN B 390 60.56 -15.93 49.02
CA ASN B 390 61.99 -15.91 49.33
C ASN B 390 62.79 -16.61 48.23
N LYS B 391 62.26 -17.71 47.70
CA LYS B 391 62.97 -18.46 46.68
C LYS B 391 63.06 -17.66 45.39
N ASP B 392 61.95 -17.07 44.95
CA ASP B 392 61.97 -16.28 43.72
C ASP B 392 62.86 -15.06 43.88
N THR B 393 62.85 -14.45 45.06
CA THR B 393 63.70 -13.31 45.33
C THR B 393 65.18 -13.71 45.32
N SER B 394 65.51 -14.81 45.97
CA SER B 394 66.85 -15.35 45.92
C SER B 394 67.20 -15.92 44.55
N LEU B 395 66.23 -16.08 43.67
CA LEU B 395 66.54 -16.29 42.26
C LEU B 395 66.91 -14.98 41.59
N LYS B 396 66.21 -13.91 41.93
CA LYS B 396 66.53 -12.59 41.41
C LYS B 396 67.91 -12.10 41.84
N ARG B 397 68.47 -12.69 42.90
CA ARG B 397 69.78 -12.24 43.37
C ARG B 397 70.78 -12.23 42.23
N LYS B 398 70.84 -13.34 41.48
CA LYS B 398 71.84 -13.52 40.44
C LYS B 398 71.57 -12.59 39.26
N GLU B 399 70.32 -12.20 39.06
CA GLU B 399 70.02 -11.22 38.04
C GLU B 399 70.53 -9.85 38.42
N PHE B 400 70.43 -9.49 39.70
CA PHE B 400 70.70 -8.12 40.13
C PHE B 400 71.99 -7.92 40.91
N VAL B 401 72.48 -8.92 41.64
CA VAL B 401 73.68 -8.71 42.45
C VAL B 401 74.90 -8.66 41.54
N GLY B 402 75.72 -7.62 41.72
CA GLY B 402 76.96 -7.54 40.98
C GLY B 402 76.79 -7.25 39.51
N LYS B 403 75.64 -6.69 39.11
CA LYS B 403 75.35 -6.48 37.69
C LYS B 403 74.64 -5.15 37.43
N ILE B 404 74.44 -4.30 38.43
CA ILE B 404 73.79 -3.01 38.22
C ILE B 404 74.25 -2.08 39.33
N PHE B 405 74.33 -0.79 39.00
CA PHE B 405 75.30 0.10 39.63
C PHE B 405 74.83 0.79 40.90
N ASN B 406 73.71 0.40 41.50
CA ASN B 406 73.23 1.01 42.74
C ASN B 406 72.76 2.45 42.57
N ASP B 407 72.78 2.99 41.36
CA ASP B 407 72.30 4.35 41.13
C ASP B 407 70.78 4.34 41.20
N ALA B 408 70.17 5.50 40.96
CA ALA B 408 68.72 5.55 40.94
C ALA B 408 68.14 4.65 39.86
N THR B 409 68.85 4.54 38.72
CA THR B 409 68.38 3.69 37.63
C THR B 409 68.35 2.22 38.05
N GLY B 410 69.42 1.74 38.70
CA GLY B 410 69.44 0.35 39.12
C GLY B 410 68.40 0.04 40.17
N GLN B 411 68.23 0.93 41.14
CA GLN B 411 67.20 0.76 42.16
C GLN B 411 65.82 0.73 41.52
N THR B 412 65.59 1.64 40.57
CA THR B 412 64.30 1.69 39.88
C THR B 412 64.07 0.40 39.10
N THR B 413 65.10 -0.12 38.44
CA THR B 413 64.95 -1.35 37.68
C THR B 413 64.61 -2.52 38.60
N VAL B 414 65.30 -2.61 39.74
CA VAL B 414 65.03 -3.68 40.69
C VAL B 414 63.60 -3.58 41.20
N ILE B 415 63.19 -2.37 41.57
CA ILE B 415 61.84 -2.16 42.10
C ILE B 415 60.81 -2.49 41.04
N CYS B 416 61.08 -2.12 39.79
CA CYS B 416 60.14 -2.40 38.71
C CYS B 416 60.02 -3.90 38.47
N ALA B 417 61.13 -4.62 38.52
CA ALA B 417 61.06 -6.07 38.34
C ALA B 417 60.28 -6.73 39.48
N LEU B 418 60.53 -6.31 40.72
CA LEU B 418 59.78 -6.88 41.83
C LEU B 418 58.31 -6.51 41.75
N LYS B 419 58.02 -5.29 41.29
CA LYS B 419 56.63 -4.88 41.10
C LYS B 419 55.95 -5.72 40.03
N LYS B 420 56.68 -6.02 38.95
CA LYS B 420 56.12 -6.88 37.91
C LYS B 420 55.83 -8.27 38.44
N TYR B 421 56.74 -8.80 39.27
CA TYR B 421 56.50 -10.12 39.86
C TYR B 421 55.27 -10.10 40.77
N PHE B 422 55.17 -9.09 41.63
CA PHE B 422 54.03 -9.02 42.53
C PHE B 422 52.73 -8.76 41.77
N GLU B 423 52.80 -8.04 40.65
CA GLU B 423 51.62 -7.84 39.83
C GLU B 423 51.22 -9.13 39.12
N GLU B 424 52.19 -9.96 38.76
CA GLU B 424 51.88 -11.29 38.27
C GLU B 424 51.16 -12.10 39.34
N LEU B 425 51.62 -11.98 40.59
CA LEU B 425 50.93 -12.65 41.69
C LEU B 425 49.51 -12.11 41.85
N MET B 426 49.34 -10.79 41.73
CA MET B 426 48.03 -10.16 41.82
C MET B 426 47.11 -10.69 40.72
N SER B 427 47.63 -10.85 39.51
CA SER B 427 46.83 -11.35 38.40
C SER B 427 46.30 -12.75 38.69
N GLN B 428 47.10 -13.58 39.36
CA GLN B 428 46.65 -14.89 39.78
C GLN B 428 45.65 -14.81 40.93
N GLY B 429 45.45 -13.64 41.54
CA GLY B 429 44.52 -13.47 42.62
C GLY B 429 45.02 -13.91 43.97
N ILE B 430 46.27 -14.39 44.06
CA ILE B 430 46.80 -14.91 45.32
C ILE B 430 46.89 -13.80 46.35
N ILE B 431 47.22 -12.59 45.91
CA ILE B 431 47.38 -11.42 46.77
C ILE B 431 46.19 -10.50 46.51
N SER B 432 45.58 -10.02 47.60
CA SER B 432 44.49 -9.06 47.49
C SER B 432 45.00 -7.62 47.43
N GLU B 433 46.12 -7.33 48.10
CA GLU B 433 46.70 -6.00 48.12
C GLU B 433 48.19 -6.12 48.38
N PHE B 434 48.96 -5.21 47.81
CA PHE B 434 50.40 -5.17 48.08
C PHE B 434 50.93 -3.79 47.76
N ASN B 435 52.09 -3.50 48.32
CA ASN B 435 52.93 -2.41 47.86
C ASN B 435 54.39 -2.80 48.12
N VAL B 436 55.27 -2.41 47.21
CA VAL B 436 56.70 -2.68 47.34
C VAL B 436 57.45 -1.39 47.01
N ASP B 437 58.37 -1.01 47.90
CA ASP B 437 59.05 0.26 47.79
C ASP B 437 60.43 0.15 48.42
N ILE B 438 61.27 1.14 48.10
CA ILE B 438 62.61 1.20 48.68
C ILE B 438 62.49 1.45 50.18
N ASP B 439 63.37 0.82 50.95
CA ASP B 439 63.38 0.95 52.40
C ASP B 439 64.28 2.14 52.74
N THR B 440 63.71 3.34 52.54
CA THR B 440 64.49 4.56 52.66
C THR B 440 65.05 4.74 54.06
N GLU B 441 64.39 4.17 55.07
CA GLU B 441 64.93 4.21 56.41
C GLU B 441 66.27 3.48 56.48
N LEU B 442 66.31 2.24 56.00
CA LEU B 442 67.55 1.48 55.97
C LEU B 442 68.44 1.88 54.81
N GLN B 443 67.86 2.39 53.71
CA GLN B 443 68.67 2.84 52.59
C GLN B 443 69.52 4.05 52.96
N ALA B 444 69.03 4.90 53.87
CA ALA B 444 69.85 6.00 54.35
C ALA B 444 71.08 5.48 55.08
N THR B 445 70.91 4.45 55.89
CA THR B 445 72.02 3.82 56.60
C THR B 445 72.77 2.80 55.75
N ALA B 446 72.27 2.49 54.56
CA ALA B 446 72.89 1.46 53.73
C ALA B 446 74.27 1.89 53.27
N LYS B 447 75.18 0.94 53.23
CA LYS B 447 76.48 1.20 52.61
C LYS B 447 76.30 1.31 51.10
N ALA B 448 77.26 1.97 50.45
CA ALA B 448 77.10 2.33 49.05
C ALA B 448 76.99 1.11 48.13
N ASP B 449 77.50 -0.04 48.55
CA ASP B 449 77.51 -1.24 47.73
C ASP B 449 76.35 -2.18 48.05
N GLU B 450 75.28 -1.67 48.66
CA GLU B 450 74.15 -2.51 49.04
C GLU B 450 72.84 -1.74 48.88
N PHE B 451 71.75 -2.48 48.98
CA PHE B 451 70.40 -1.97 48.72
C PHE B 451 69.44 -2.58 49.72
N TYR B 452 68.48 -1.77 50.20
CA TYR B 452 67.42 -2.20 51.09
C TYR B 452 66.09 -1.85 50.47
N TRP B 453 65.09 -2.71 50.70
CA TRP B 453 63.78 -2.53 50.10
C TRP B 453 62.76 -3.19 51.00
N LYS B 454 61.52 -2.72 50.90
CA LYS B 454 60.43 -3.18 51.74
C LYS B 454 59.22 -3.51 50.89
N TRP B 455 58.38 -4.41 51.39
CA TRP B 455 57.13 -4.71 50.70
C TRP B 455 56.10 -5.21 51.71
N ASP B 456 54.86 -4.78 51.51
CA ASP B 456 53.71 -5.31 52.23
C ASP B 456 52.79 -6.03 51.25
N ALA B 457 52.05 -7.00 51.77
CA ALA B 457 51.14 -7.78 50.95
C ALA B 457 49.99 -8.29 51.82
N VAL B 458 48.97 -8.81 51.15
CA VAL B 458 47.84 -9.44 51.82
C VAL B 458 47.48 -10.68 51.02
N LYS B 459 47.90 -11.84 51.51
CA LYS B 459 47.53 -13.10 50.87
C LYS B 459 46.02 -13.28 50.92
N VAL B 460 45.46 -13.83 49.84
CA VAL B 460 44.03 -14.05 49.80
C VAL B 460 43.72 -15.28 50.64
N ASP B 461 42.70 -15.17 51.47
CA ASP B 461 42.38 -16.22 52.44
C ASP B 461 41.58 -17.34 51.76
N VAL B 462 41.10 -18.28 52.57
CA VAL B 462 40.24 -19.37 52.12
C VAL B 462 39.25 -19.64 53.24
N MET B 463 38.02 -20.04 52.89
CA MET B 463 37.07 -20.46 53.92
C MET B 463 37.57 -21.69 54.64
N LYS B 464 37.84 -21.53 55.93
CA LYS B 464 37.94 -22.66 56.85
C LYS B 464 36.65 -22.84 57.63
N LYS B 465 36.06 -21.74 58.11
CA LYS B 465 34.81 -21.76 58.86
C LYS B 465 33.72 -21.11 58.01
N ILE B 466 32.50 -21.63 58.09
CA ILE B 466 31.35 -20.97 57.47
C ILE B 466 30.15 -21.14 58.38
N TYR B 467 29.32 -20.10 58.47
CA TYR B 467 28.15 -20.08 59.33
C TYR B 467 26.94 -19.60 58.55
N GLY B 468 25.82 -20.27 58.77
CA GLY B 468 24.57 -19.88 58.12
C GLY B 468 23.45 -19.78 59.13
N THR B 469 22.54 -18.85 58.87
CA THR B 469 21.39 -18.59 59.71
C THR B 469 20.15 -18.57 58.84
N GLY B 470 19.09 -19.23 59.29
CA GLY B 470 17.91 -19.46 58.48
C GLY B 470 16.67 -18.77 59.03
N TYR B 471 15.84 -18.29 58.11
CA TYR B 471 14.55 -17.70 58.42
C TYR B 471 13.48 -18.41 57.61
N LEU B 472 12.34 -18.69 58.25
CA LEU B 472 11.21 -19.36 57.63
C LEU B 472 9.93 -18.58 57.88
N GLU C 13 59.34 19.62 -47.21
CA GLU C 13 58.85 18.89 -48.41
C GLU C 13 57.74 19.67 -49.09
N ILE C 14 57.26 19.16 -50.22
CA ILE C 14 56.15 19.79 -50.92
C ILE C 14 54.89 19.57 -50.10
N PRO C 15 53.86 20.41 -50.22
CA PRO C 15 52.62 20.15 -49.49
C PRO C 15 51.94 18.88 -49.96
N GLY C 16 51.31 18.20 -49.01
CA GLY C 16 50.68 16.93 -49.26
C GLY C 16 50.49 16.17 -47.96
N PHE C 17 49.99 14.94 -48.08
CA PHE C 17 49.67 14.12 -46.90
C PHE C 17 50.39 12.80 -47.14
N TYR C 18 51.64 12.69 -46.69
CA TYR C 18 52.50 11.58 -47.09
C TYR C 18 52.67 10.59 -45.94
N ASN C 19 52.09 9.42 -46.09
CA ASN C 19 52.15 8.36 -45.10
C ASN C 19 53.50 7.66 -45.17
N ARG C 20 53.95 7.16 -44.02
CA ARG C 20 55.16 6.36 -43.94
C ARG C 20 54.93 5.29 -42.86
N PHE C 21 54.54 4.10 -43.29
CA PHE C 21 54.08 3.06 -42.38
C PHE C 21 55.24 2.35 -41.70
N LYS C 22 55.04 2.02 -40.42
CA LYS C 22 56.12 1.58 -39.54
C LYS C 22 55.66 0.40 -38.69
N THR C 23 54.94 -0.54 -39.30
CA THR C 23 54.63 -1.81 -38.64
C THR C 23 55.80 -2.76 -38.78
N GLN C 24 56.89 -2.34 -38.13
CA GLN C 24 58.16 -3.04 -38.13
C GLN C 24 58.09 -4.20 -37.14
N ALA C 25 57.99 -3.84 -35.86
CA ALA C 25 58.04 -4.71 -34.69
C ALA C 25 56.88 -4.39 -33.76
N GLU C 26 55.66 -4.41 -34.33
CA GLU C 26 54.49 -3.93 -33.61
C GLU C 26 54.30 -4.68 -32.28
N LYS C 27 54.14 -6.01 -32.33
CA LYS C 27 54.12 -6.82 -31.13
C LYS C 27 54.85 -8.14 -31.37
N SER C 28 55.99 -8.07 -32.07
CA SER C 28 56.82 -9.23 -32.35
C SER C 28 58.01 -9.31 -31.39
N THR C 29 57.82 -8.89 -30.14
CA THR C 29 58.89 -8.71 -29.17
C THR C 29 58.64 -9.57 -27.94
N ASN C 30 59.75 -9.99 -27.33
CA ASN C 30 59.73 -10.72 -26.06
C ASN C 30 60.95 -10.30 -25.26
N THR C 31 60.85 -10.51 -23.93
CA THR C 31 61.85 -10.03 -22.98
C THR C 31 62.50 -11.16 -22.21
N GLY C 32 62.69 -12.31 -22.86
CA GLY C 32 63.22 -13.49 -22.20
C GLY C 32 64.72 -13.65 -22.30
N LEU C 33 65.44 -12.58 -22.66
CA LEU C 33 66.88 -12.66 -22.91
C LEU C 33 67.58 -11.46 -22.27
N LYS C 34 68.85 -11.64 -21.93
CA LYS C 34 69.64 -10.59 -21.31
C LYS C 34 71.12 -11.00 -21.37
N GLY C 35 71.98 -10.02 -21.16
CA GLY C 35 73.39 -10.26 -20.97
C GLY C 35 74.16 -10.43 -22.27
N ARG C 36 75.48 -10.31 -22.16
CA ARG C 36 76.39 -10.52 -23.27
C ARG C 36 77.65 -11.22 -22.77
N LEU C 37 78.23 -12.04 -23.63
CA LEU C 37 79.32 -12.94 -23.26
C LEU C 37 80.44 -12.88 -24.29
N ALA C 38 81.67 -13.08 -23.82
CA ALA C 38 82.85 -13.15 -24.64
C ALA C 38 83.23 -14.60 -24.90
N MET C 39 83.82 -14.85 -26.08
CA MET C 39 84.10 -16.21 -26.53
C MET C 39 85.27 -16.21 -27.49
N PRO C 40 86.48 -16.56 -27.04
CA PRO C 40 87.49 -17.05 -27.98
C PRO C 40 87.16 -18.48 -28.39
N ILE C 41 87.18 -18.74 -29.70
CA ILE C 41 86.73 -20.01 -30.25
C ILE C 41 87.66 -20.49 -31.35
N ARG C 42 87.84 -21.80 -31.43
CA ARG C 42 88.43 -22.46 -32.59
C ARG C 42 87.30 -22.90 -33.51
N ALA C 43 87.44 -22.61 -34.80
CA ALA C 43 86.37 -22.88 -35.76
C ALA C 43 86.96 -23.30 -37.09
N ASN C 44 86.26 -24.22 -37.75
CA ASN C 44 86.58 -24.58 -39.13
C ASN C 44 86.11 -23.54 -40.13
N TRP C 45 85.11 -22.74 -39.77
CA TRP C 45 84.47 -21.81 -40.69
C TRP C 45 84.19 -20.49 -39.97
N GLY C 46 84.12 -19.42 -40.75
CA GLY C 46 83.71 -18.12 -40.25
C GLY C 46 84.84 -17.10 -40.30
N ASP C 47 84.47 -15.88 -39.93
CA ASP C 47 85.41 -14.77 -39.97
C ASP C 47 86.57 -15.00 -39.00
N VAL C 48 87.70 -14.37 -39.31
CA VAL C 48 88.95 -14.53 -38.57
C VAL C 48 89.49 -13.16 -38.20
N GLY C 49 89.99 -13.05 -36.97
CA GLY C 49 90.65 -11.84 -36.54
C GLY C 49 89.74 -10.69 -36.15
N LYS C 50 88.45 -10.95 -35.95
CA LYS C 50 87.50 -9.92 -35.56
C LYS C 50 86.57 -10.46 -34.48
N VAL C 51 86.09 -9.55 -33.65
CA VAL C 51 85.15 -9.87 -32.58
C VAL C 51 83.75 -9.58 -33.12
N VAL C 52 83.00 -10.64 -33.40
CA VAL C 52 81.69 -10.55 -34.04
C VAL C 52 80.61 -10.88 -33.01
N THR C 53 79.55 -10.07 -33.00
CA THR C 53 78.41 -10.29 -32.13
C THR C 53 77.41 -11.23 -32.81
N ILE C 54 76.88 -12.17 -32.02
CA ILE C 54 75.92 -13.15 -32.51
C ILE C 54 74.63 -13.00 -31.71
N LYS C 55 73.52 -12.78 -32.41
CA LYS C 55 72.22 -12.79 -31.77
C LYS C 55 71.85 -14.23 -31.39
N ASN C 56 70.92 -14.36 -30.45
CA ASN C 56 70.70 -15.64 -29.79
C ASN C 56 70.16 -16.73 -30.72
N ASP C 57 69.74 -16.41 -31.93
CA ASP C 57 69.33 -17.44 -32.87
C ASP C 57 70.55 -18.28 -33.25
N LEU C 58 70.49 -19.58 -32.99
CA LEU C 58 71.60 -20.46 -33.33
C LEU C 58 71.80 -20.56 -34.85
N ARG C 59 70.77 -20.26 -35.64
CA ARG C 59 70.93 -20.21 -37.08
C ARG C 59 72.00 -19.22 -37.49
N GLN C 60 72.09 -18.10 -36.77
CA GLN C 60 73.16 -17.14 -37.03
C GLN C 60 74.52 -17.74 -36.77
N LEU C 61 74.67 -18.46 -35.64
CA LEU C 61 75.92 -19.15 -35.34
C LEU C 61 76.23 -20.19 -36.41
N LYS C 62 75.23 -20.96 -36.80
CA LYS C 62 75.43 -22.00 -37.80
C LYS C 62 75.87 -21.41 -39.14
N ASN C 63 75.29 -20.27 -39.50
CA ASN C 63 75.66 -19.63 -40.76
C ASN C 63 77.07 -19.06 -40.69
N LEU C 64 77.38 -18.33 -39.62
CA LEU C 64 78.59 -17.53 -39.57
C LEU C 64 79.82 -18.29 -39.09
N PHE C 65 79.65 -19.49 -38.51
CA PHE C 65 80.79 -20.28 -38.05
C PHE C 65 80.62 -21.78 -38.30
N GLY C 66 79.65 -22.19 -39.11
CA GLY C 66 79.48 -23.61 -39.41
C GLY C 66 78.73 -24.33 -38.31
N ASP C 67 78.56 -25.64 -38.54
CA ASP C 67 77.77 -26.50 -37.67
C ASP C 67 78.55 -27.75 -37.26
N ASP C 68 79.87 -27.63 -37.14
CA ASP C 68 80.73 -28.76 -36.80
C ASP C 68 80.91 -28.80 -35.29
N MET C 69 80.46 -29.89 -34.67
CA MET C 69 80.58 -30.06 -33.22
C MET C 69 81.97 -30.53 -32.80
N ASN C 70 82.85 -30.86 -33.75
CA ASN C 70 84.22 -31.20 -33.42
C ASN C 70 85.03 -30.01 -32.93
N TYR C 71 84.51 -28.79 -33.07
CA TYR C 71 85.24 -27.57 -32.79
C TYR C 71 84.57 -26.83 -31.64
N SER C 72 85.40 -26.10 -30.89
CA SER C 72 84.89 -25.36 -29.73
C SER C 72 83.82 -24.35 -30.13
N ALA C 73 83.93 -23.80 -31.34
CA ALA C 73 83.05 -22.72 -31.78
C ALA C 73 81.58 -23.11 -31.72
N PHE C 74 81.17 -24.09 -32.51
CA PHE C 74 79.74 -24.42 -32.59
C PHE C 74 79.23 -25.00 -31.28
N LYS C 75 80.00 -25.88 -30.64
CA LYS C 75 79.54 -26.53 -29.43
C LYS C 75 79.35 -25.53 -28.30
N LEU C 76 80.39 -24.73 -28.02
CA LEU C 76 80.28 -23.75 -26.96
C LEU C 76 79.29 -22.64 -27.31
N GLY C 77 79.16 -22.31 -28.60
CA GLY C 77 78.14 -21.36 -28.99
C GLY C 77 76.75 -21.88 -28.71
N LYS C 78 76.48 -23.14 -29.05
CA LYS C 78 75.17 -23.72 -28.75
C LYS C 78 74.91 -23.72 -27.25
N LEU C 79 75.92 -24.07 -26.45
CA LEU C 79 75.74 -24.05 -25.00
C LEU C 79 75.44 -22.64 -24.50
N ALA C 80 76.15 -21.65 -25.01
CA ALA C 80 75.91 -20.27 -24.59
C ALA C 80 74.52 -19.79 -25.00
N LEU C 81 74.11 -20.12 -26.23
CA LEU C 81 72.79 -19.70 -26.71
C LEU C 81 71.69 -20.35 -25.88
N LEU C 82 71.86 -21.63 -25.54
CA LEU C 82 70.94 -22.26 -24.61
C LEU C 82 71.02 -21.64 -23.23
N GLY C 83 72.14 -20.99 -22.90
CA GLY C 83 72.19 -20.15 -21.72
C GLY C 83 71.38 -18.88 -21.81
N ASN C 84 70.81 -18.58 -22.98
CA ASN C 84 69.85 -17.48 -23.16
C ASN C 84 70.54 -16.11 -23.03
N VAL C 85 71.72 -15.98 -23.61
CA VAL C 85 72.40 -14.69 -23.66
C VAL C 85 71.77 -13.85 -24.77
N LYS C 86 71.60 -12.56 -24.49
CA LYS C 86 70.98 -11.68 -25.48
C LYS C 86 71.84 -11.57 -26.73
N GLU C 87 73.15 -11.41 -26.57
CA GLU C 87 74.08 -11.30 -27.68
C GLU C 87 75.39 -11.98 -27.32
N LEU C 88 75.79 -12.94 -28.13
CA LEU C 88 77.01 -13.72 -27.88
C LEU C 88 78.11 -13.20 -28.80
N LEU C 89 79.21 -12.77 -28.21
CA LEU C 89 80.33 -12.19 -28.94
C LEU C 89 81.43 -13.23 -29.08
N LEU C 90 81.82 -13.51 -30.31
CA LEU C 90 82.76 -14.58 -30.64
C LEU C 90 84.03 -14.00 -31.24
N TYR C 91 85.10 -14.80 -31.21
CA TYR C 91 86.34 -14.46 -31.88
C TYR C 91 87.03 -15.75 -32.31
N ARG C 92 87.30 -15.87 -33.61
CA ARG C 92 87.89 -17.09 -34.15
C ARG C 92 89.39 -17.08 -33.93
N LEU C 93 89.89 -18.11 -33.24
CA LEU C 93 91.31 -18.26 -32.97
C LEU C 93 91.95 -19.10 -34.08
N VAL C 94 93.14 -18.67 -34.51
CA VAL C 94 93.85 -19.35 -35.58
C VAL C 94 95.35 -19.22 -35.35
N ASP C 95 96.10 -20.15 -35.94
CA ASP C 95 97.52 -19.98 -36.15
C ASP C 95 97.73 -19.20 -37.45
N GLY C 96 98.86 -18.51 -37.55
CA GLY C 96 99.11 -17.65 -38.71
C GLY C 96 99.06 -18.41 -40.03
N ASN C 97 99.38 -19.70 -40.03
CA ASN C 97 99.31 -20.50 -41.24
C ASN C 97 97.89 -20.78 -41.70
N GLN C 98 96.87 -20.46 -40.88
CA GLN C 98 95.50 -20.78 -41.22
C GLN C 98 95.07 -20.04 -42.48
N LYS C 99 94.32 -20.72 -43.35
CA LYS C 99 94.23 -20.31 -44.75
C LYS C 99 92.85 -20.66 -45.32
N LYS C 100 92.52 -19.98 -46.41
CA LYS C 100 91.31 -20.23 -47.19
C LYS C 100 91.53 -21.32 -48.21
N GLY C 101 90.48 -22.10 -48.46
CA GLY C 101 90.49 -23.02 -49.59
C GLY C 101 90.35 -22.27 -50.90
N THR C 102 90.87 -22.89 -51.97
CA THR C 102 90.93 -22.22 -53.27
C THR C 102 90.83 -23.24 -54.38
N LEU C 103 90.28 -22.81 -55.51
CA LEU C 103 90.21 -23.60 -56.73
C LEU C 103 90.35 -22.65 -57.91
N THR C 104 90.88 -23.16 -59.02
CA THR C 104 91.11 -22.39 -60.22
C THR C 104 90.42 -23.04 -61.41
N LEU C 105 89.95 -22.21 -62.33
CA LEU C 105 89.28 -22.65 -63.54
C LEU C 105 90.06 -22.17 -64.76
N LYS C 106 89.89 -22.88 -65.87
CA LYS C 106 90.64 -22.64 -67.09
C LYS C 106 89.71 -22.75 -68.29
N ASP C 107 90.11 -22.09 -69.37
CA ASP C 107 89.35 -22.12 -70.61
C ASP C 107 89.73 -23.35 -71.44
N THR C 108 88.93 -23.61 -72.48
CA THR C 108 89.14 -24.72 -73.39
C THR C 108 89.15 -24.34 -74.86
N THR C 109 88.80 -23.10 -75.20
CA THR C 109 88.80 -22.70 -76.61
C THR C 109 90.20 -22.74 -77.19
N GLU C 110 91.20 -22.30 -76.44
CA GLU C 110 92.58 -22.27 -76.90
C GLU C 110 93.29 -23.56 -76.52
N ASN C 111 94.17 -24.03 -77.41
CA ASN C 111 94.96 -25.21 -77.12
C ASN C 111 95.84 -24.98 -75.90
N SER C 112 96.49 -23.83 -75.83
CA SER C 112 97.24 -23.41 -74.64
C SER C 112 96.24 -22.76 -73.69
N ALA C 113 95.57 -23.61 -72.91
CA ALA C 113 94.52 -23.14 -72.01
C ALA C 113 95.11 -22.21 -70.95
N LYS C 114 94.34 -21.17 -70.63
CA LYS C 114 94.76 -20.11 -69.71
C LYS C 114 93.77 -20.00 -68.57
N ASP C 115 94.29 -19.85 -67.35
CA ASP C 115 93.42 -19.68 -66.19
C ASP C 115 92.67 -18.36 -66.30
N VAL C 116 91.36 -18.41 -66.08
CA VAL C 116 90.48 -17.26 -66.26
C VAL C 116 89.61 -16.96 -65.05
N ILE C 117 89.33 -17.92 -64.18
CA ILE C 117 88.55 -17.69 -62.96
C ILE C 117 89.19 -18.48 -61.84
N LYS C 118 89.21 -17.88 -60.65
CA LYS C 118 89.62 -18.54 -59.42
C LYS C 118 88.50 -18.45 -58.39
N LEU C 119 88.26 -19.56 -57.70
CA LEU C 119 87.25 -19.66 -56.66
C LEU C 119 87.95 -19.84 -55.32
N GLU C 120 87.55 -19.04 -54.34
CA GLU C 120 88.12 -19.10 -52.99
C GLU C 120 87.00 -19.02 -51.97
N THR C 121 87.12 -19.81 -50.91
CA THR C 121 86.10 -19.81 -49.86
C THR C 121 85.98 -18.44 -49.23
N LYS C 122 84.74 -18.03 -48.94
CA LYS C 122 84.51 -16.69 -48.40
C LYS C 122 85.17 -16.50 -47.05
N TYR C 123 85.33 -17.59 -46.29
CA TYR C 123 85.97 -17.56 -44.98
C TYR C 123 87.11 -18.57 -44.95
N PRO C 124 88.14 -18.35 -44.13
CA PRO C 124 89.19 -19.36 -44.00
C PRO C 124 88.65 -20.67 -43.45
N THR C 125 89.17 -21.78 -43.98
CA THR C 125 88.69 -23.10 -43.62
C THR C 125 89.64 -24.14 -44.21
N ALA C 126 89.30 -25.41 -43.99
CA ALA C 126 89.91 -26.53 -44.70
C ALA C 126 88.88 -27.55 -45.15
N ARG C 127 87.60 -27.23 -45.09
CA ARG C 127 86.56 -28.19 -45.44
C ARG C 127 86.57 -28.47 -46.95
N ASN C 128 85.91 -29.56 -47.31
CA ASN C 128 85.87 -30.02 -48.70
C ASN C 128 84.72 -29.38 -49.46
N PHE C 129 84.76 -28.06 -49.54
CA PHE C 129 83.81 -27.34 -50.39
C PHE C 129 84.17 -27.62 -51.85
N ASN C 130 83.22 -28.19 -52.59
CA ASN C 130 83.46 -28.69 -53.93
C ASN C 130 82.62 -27.94 -54.95
N VAL C 131 83.07 -28.00 -56.21
CA VAL C 131 82.45 -27.27 -57.31
C VAL C 131 82.39 -28.18 -58.53
N THR C 132 81.34 -28.02 -59.33
CA THR C 132 81.14 -28.75 -60.57
C THR C 132 80.78 -27.79 -61.68
N ILE C 133 81.39 -27.98 -62.84
CA ILE C 133 81.07 -27.22 -64.05
C ILE C 133 80.85 -28.23 -65.18
N LYS C 134 79.74 -28.07 -65.90
CA LYS C 134 79.37 -29.00 -66.96
C LYS C 134 78.70 -28.23 -68.08
N SER C 135 78.67 -28.84 -69.27
CA SER C 135 78.06 -28.21 -70.41
C SER C 135 76.55 -28.07 -70.20
N ASN C 136 76.02 -26.89 -70.51
CA ASN C 136 74.59 -26.66 -70.42
C ASN C 136 73.87 -27.44 -71.51
N LEU C 137 72.80 -28.14 -71.13
CA LEU C 137 72.08 -28.97 -72.07
C LEU C 137 71.12 -28.18 -72.95
N VAL C 138 70.80 -26.94 -72.59
CA VAL C 138 69.84 -26.13 -73.33
C VAL C 138 70.59 -25.22 -74.30
N ASP C 139 71.43 -24.35 -73.75
CA ASP C 139 72.20 -23.40 -74.54
C ASP C 139 73.60 -23.93 -74.77
N SER C 140 74.13 -23.70 -75.97
CA SER C 140 75.40 -24.30 -76.36
C SER C 140 76.55 -23.74 -75.54
N ASP C 141 76.66 -22.41 -75.45
CA ASP C 141 77.80 -21.77 -74.82
C ASP C 141 77.70 -21.72 -73.30
N LYS C 142 76.56 -22.08 -72.72
CA LYS C 142 76.38 -21.97 -71.28
C LYS C 142 77.03 -23.13 -70.56
N LYS C 143 77.57 -22.84 -69.37
CA LYS C 143 78.13 -23.84 -68.47
C LYS C 143 77.35 -23.81 -67.16
N ASP C 144 77.00 -24.99 -66.66
CA ASP C 144 76.20 -25.10 -65.45
C ASP C 144 77.15 -25.18 -64.25
N PHE C 145 77.20 -24.11 -63.46
CA PHE C 145 78.07 -24.02 -62.30
C PHE C 145 77.31 -24.50 -61.07
N ILE C 146 77.80 -25.56 -60.44
CA ILE C 146 77.18 -26.14 -59.26
C ILE C 146 78.23 -26.24 -58.17
N PHE C 147 77.79 -26.08 -56.93
CA PHE C 147 78.66 -26.00 -55.77
C PHE C 147 78.18 -26.98 -54.71
N PHE C 148 79.13 -27.62 -54.02
CA PHE C 148 78.83 -28.64 -53.02
C PHE C 148 79.76 -28.49 -51.83
N GLU C 149 79.49 -29.31 -50.82
CA GLU C 149 80.43 -29.58 -49.73
C GLU C 149 80.35 -31.07 -49.46
N ASN C 150 81.39 -31.81 -49.86
CA ASN C 150 81.38 -33.27 -49.80
C ASN C 150 80.20 -33.84 -50.58
N THR C 151 79.95 -33.27 -51.77
CA THR C 151 78.89 -33.64 -52.69
C THR C 151 77.50 -33.18 -52.24
N LYS C 152 77.38 -32.55 -51.08
CA LYS C 152 76.10 -31.98 -50.64
C LYS C 152 75.95 -30.63 -51.32
N GLN C 153 75.01 -30.53 -52.26
CA GLN C 153 74.94 -29.35 -53.12
C GLN C 153 74.51 -28.12 -52.33
N LEU C 154 75.19 -27.01 -52.62
CA LEU C 154 74.86 -25.70 -52.07
C LEU C 154 74.01 -24.89 -53.05
N PHE C 155 74.48 -24.73 -54.28
CA PHE C 155 73.89 -23.81 -55.23
C PHE C 155 74.25 -24.24 -56.64
N SER C 156 73.34 -23.97 -57.58
CA SER C 156 73.55 -24.25 -58.99
C SER C 156 73.19 -23.01 -59.82
N SER C 157 73.91 -22.84 -60.93
CA SER C 157 73.68 -21.70 -61.81
C SER C 157 74.20 -22.03 -63.20
N SER C 158 73.77 -21.21 -64.17
CA SER C 158 74.16 -21.39 -65.56
C SER C 158 74.35 -20.02 -66.20
N ILE C 159 75.51 -19.79 -66.82
CA ILE C 159 75.83 -18.52 -67.48
C ILE C 159 76.55 -18.83 -68.79
N LYS C 160 76.34 -17.97 -69.78
CA LYS C 160 77.01 -18.06 -71.06
C LYS C 160 78.54 -18.01 -70.87
N GLY C 161 79.25 -18.35 -71.94
CA GLY C 161 80.68 -18.53 -71.87
C GLY C 161 81.51 -17.26 -71.97
N THR C 162 81.15 -16.23 -71.21
CA THR C 162 81.96 -15.04 -71.03
C THR C 162 82.33 -14.93 -69.56
N ILE C 163 83.61 -14.67 -69.29
CA ILE C 163 84.12 -14.82 -67.93
C ILE C 163 83.54 -13.76 -67.00
N ASP C 164 83.36 -12.54 -67.49
CA ASP C 164 82.90 -11.45 -66.63
C ASP C 164 81.51 -11.72 -66.08
N GLU C 165 80.57 -12.09 -66.96
CA GLU C 165 79.23 -12.40 -66.49
C GLU C 165 79.23 -13.63 -65.59
N ILE C 166 80.10 -14.60 -65.87
CA ILE C 166 80.16 -15.80 -65.04
C ILE C 166 80.56 -15.44 -63.61
N VAL C 167 81.66 -14.67 -63.46
CA VAL C 167 82.12 -14.34 -62.12
C VAL C 167 81.12 -13.41 -61.44
N LEU C 168 80.50 -12.50 -62.19
CA LEU C 168 79.53 -11.60 -61.59
C LEU C 168 78.32 -12.36 -61.06
N GLU C 169 77.82 -13.34 -61.83
CA GLU C 169 76.72 -14.15 -61.33
C GLU C 169 77.13 -14.99 -60.13
N ILE C 170 78.32 -15.59 -60.18
CA ILE C 170 78.76 -16.46 -59.09
C ILE C 170 78.92 -15.65 -57.81
N ASN C 171 79.36 -14.40 -57.92
CA ASN C 171 79.46 -13.52 -56.76
C ASN C 171 78.15 -12.83 -56.40
N SER C 172 77.15 -12.87 -57.28
CA SER C 172 75.93 -12.11 -57.06
C SER C 172 75.01 -12.80 -56.06
N ASN C 173 74.59 -14.03 -56.36
CA ASN C 173 73.64 -14.72 -55.50
C ASN C 173 74.29 -15.08 -54.16
N LEU C 174 73.58 -14.79 -53.08
CA LEU C 174 74.04 -15.17 -51.74
C LEU C 174 73.85 -16.64 -51.45
N ASP C 175 73.19 -17.39 -52.33
CA ASP C 175 73.24 -18.84 -52.24
C ASP C 175 74.66 -19.36 -52.41
N ASN C 176 75.50 -18.61 -53.13
CA ASN C 176 76.92 -18.91 -53.30
C ASN C 176 77.79 -18.17 -52.29
N GLU C 177 77.26 -17.90 -51.10
CA GLU C 177 78.00 -17.13 -50.11
C GLU C 177 79.22 -17.88 -49.58
N TYR C 178 79.26 -19.21 -49.74
CA TYR C 178 80.40 -19.98 -49.23
C TYR C 178 81.70 -19.65 -49.96
N VAL C 179 81.62 -19.13 -51.18
CA VAL C 179 82.78 -19.00 -52.06
C VAL C 179 82.73 -17.66 -52.78
N ILE C 180 83.92 -17.13 -53.07
CA ILE C 180 84.09 -15.90 -53.82
C ILE C 180 84.78 -16.23 -55.13
N ALA C 181 84.24 -15.72 -56.23
CA ALA C 181 84.83 -15.89 -57.56
C ALA C 181 85.54 -14.61 -57.96
N THR C 182 86.74 -14.76 -58.53
CA THR C 182 87.53 -13.64 -59.01
C THR C 182 88.05 -13.96 -60.40
N LYS C 183 88.13 -12.93 -61.24
CA LYS C 183 88.55 -13.09 -62.63
C LYS C 183 90.08 -13.08 -62.71
N VAL C 184 90.63 -14.12 -63.34
CA VAL C 184 92.07 -14.21 -63.53
C VAL C 184 92.49 -13.55 -64.84
N ALA C 185 91.65 -13.63 -65.88
CA ALA C 185 91.94 -13.03 -67.17
C ALA C 185 90.64 -12.62 -67.83
N ASP C 186 90.75 -11.67 -68.77
CA ASP C 186 89.59 -11.13 -69.47
C ASP C 186 89.39 -11.92 -70.76
N SER C 187 88.86 -13.14 -70.60
CA SER C 187 88.62 -14.05 -71.69
C SER C 187 87.12 -14.16 -71.97
N ASP C 188 86.80 -14.44 -73.24
CA ASP C 188 85.44 -14.77 -73.66
C ASP C 188 85.36 -16.21 -74.16
N THR C 189 86.18 -17.09 -73.60
CA THR C 189 86.34 -18.45 -74.06
C THR C 189 85.56 -19.42 -73.19
N ILE C 190 85.32 -20.62 -73.73
CA ILE C 190 84.54 -21.63 -73.03
C ILE C 190 85.36 -22.20 -71.89
N LEU C 191 84.74 -22.29 -70.72
CA LEU C 191 85.42 -22.79 -69.53
C LEU C 191 85.61 -24.30 -69.60
N ALA C 192 86.53 -24.80 -68.80
CA ALA C 192 86.77 -26.23 -68.66
C ALA C 192 85.81 -26.82 -67.64
N ASN C 193 85.33 -28.02 -67.92
CA ASN C 193 84.40 -28.69 -67.04
C ASN C 193 85.13 -29.31 -65.86
N VAL C 194 84.59 -29.12 -64.65
CA VAL C 194 85.09 -29.73 -63.43
C VAL C 194 83.92 -30.46 -62.78
N VAL C 195 84.26 -31.44 -61.94
CA VAL C 195 83.25 -32.26 -61.27
C VAL C 195 83.65 -32.46 -59.82
N ASN C 196 83.00 -31.73 -58.91
CA ASN C 196 83.18 -31.91 -57.48
C ASN C 196 84.64 -31.68 -57.06
N GLN C 197 85.26 -30.66 -57.66
CA GLN C 197 86.64 -30.33 -57.34
C GLN C 197 86.68 -29.48 -56.09
N ALA C 198 87.41 -29.95 -55.08
CA ALA C 198 87.46 -29.25 -53.80
C ALA C 198 88.30 -27.99 -53.90
N LEU C 199 87.90 -26.98 -53.13
CA LEU C 199 88.67 -25.74 -53.02
C LEU C 199 89.81 -26.00 -52.04
N GLU C 200 90.93 -26.45 -52.59
CA GLU C 200 92.07 -26.88 -51.79
C GLU C 200 92.93 -25.68 -51.41
N GLY C 201 94.00 -25.96 -50.66
CA GLY C 201 94.90 -24.93 -50.18
C GLY C 201 94.51 -24.29 -48.87
N GLY C 202 93.35 -24.65 -48.31
CA GLY C 202 92.92 -24.09 -47.05
C GLY C 202 93.48 -24.83 -45.85
N ASN C 203 93.39 -24.17 -44.70
CA ASN C 203 93.85 -24.73 -43.43
C ASN C 203 92.78 -24.44 -42.38
N ASP C 204 92.72 -25.33 -41.38
CA ASP C 204 91.48 -25.54 -40.64
C ASP C 204 91.23 -24.49 -39.56
N GLY C 205 92.09 -24.43 -38.55
CA GLY C 205 91.83 -23.59 -37.39
C GLY C 205 92.19 -24.23 -36.07
N CYS C 206 92.23 -25.56 -36.03
CA CYS C 206 92.78 -26.30 -34.90
C CYS C 206 94.28 -26.53 -35.06
N THR C 207 94.92 -25.88 -36.03
CA THR C 207 96.31 -26.14 -36.37
C THR C 207 97.21 -25.31 -35.46
N SER C 208 97.88 -25.99 -34.52
CA SER C 208 98.95 -25.38 -33.72
C SER C 208 98.47 -24.15 -32.96
N ILE C 209 97.28 -24.23 -32.37
CA ILE C 209 96.76 -23.14 -31.56
C ILE C 209 97.40 -23.21 -30.18
N THR C 210 97.98 -22.10 -29.74
CA THR C 210 98.75 -22.01 -28.51
C THR C 210 98.29 -20.82 -27.69
N ASN C 211 98.97 -20.61 -26.56
CA ASN C 211 98.58 -19.55 -25.63
C ASN C 211 98.66 -18.17 -26.26
N GLU C 212 99.56 -17.98 -27.23
CA GLU C 212 99.72 -16.67 -27.86
C GLU C 212 98.47 -16.27 -28.63
N SER C 213 97.82 -17.25 -29.28
CA SER C 213 96.57 -16.96 -29.97
C SER C 213 95.49 -16.48 -29.00
N TYR C 214 95.40 -17.15 -27.85
CA TYR C 214 94.43 -16.71 -26.84
C TYR C 214 94.78 -15.33 -26.29
N LEU C 215 96.07 -15.05 -26.11
CA LEU C 215 96.48 -13.73 -25.66
C LEU C 215 96.07 -12.66 -26.65
N LYS C 216 96.30 -12.91 -27.94
CA LYS C 216 95.88 -11.97 -28.97
C LYS C 216 94.37 -11.79 -28.98
N ALA C 217 93.63 -12.89 -28.80
CA ALA C 217 92.18 -12.80 -28.75
C ALA C 217 91.73 -11.95 -27.57
N LEU C 218 92.36 -12.12 -26.41
CA LEU C 218 91.99 -11.32 -25.25
C LEU C 218 92.31 -9.85 -25.49
N GLU C 219 93.46 -9.57 -26.12
CA GLU C 219 93.80 -8.18 -26.43
C GLU C 219 92.78 -7.56 -27.38
N GLU C 220 92.29 -8.35 -28.34
CA GLU C 220 91.18 -7.87 -29.16
C GLU C 220 89.93 -7.63 -28.31
N PHE C 221 89.68 -8.53 -27.36
CA PHE C 221 88.50 -8.41 -26.51
C PHE C 221 88.58 -7.23 -25.54
N GLU C 222 89.77 -6.65 -25.35
CA GLU C 222 89.89 -5.46 -24.51
C GLU C 222 89.03 -4.32 -25.01
N ARG C 223 88.76 -4.27 -26.32
CA ARG C 223 87.99 -3.19 -26.91
C ARG C 223 86.58 -3.12 -26.32
N TYR C 224 85.95 -4.28 -26.15
CA TYR C 224 84.52 -4.35 -25.90
C TYR C 224 84.24 -4.39 -24.39
N SER C 225 82.96 -4.43 -24.05
CA SER C 225 82.50 -4.61 -22.68
C SER C 225 81.66 -5.88 -22.60
N PHE C 226 81.78 -6.60 -21.49
CA PHE C 226 81.16 -7.91 -21.34
C PHE C 226 80.60 -8.06 -19.95
N ASP C 227 79.70 -9.05 -19.81
CA ASP C 227 79.21 -9.48 -18.52
C ASP C 227 79.99 -10.66 -17.96
N SER C 228 80.61 -11.47 -18.83
CA SER C 228 81.39 -12.61 -18.35
C SER C 228 82.34 -13.08 -19.44
N PHE C 229 83.33 -13.87 -19.02
CA PHE C 229 84.31 -14.49 -19.90
C PHE C 229 84.56 -15.91 -19.41
N VAL C 230 84.82 -16.82 -20.35
CA VAL C 230 84.87 -18.26 -20.03
C VAL C 230 86.10 -18.97 -20.60
N LEU C 231 86.81 -18.33 -21.53
CA LEU C 231 88.08 -18.85 -22.04
C LEU C 231 87.92 -20.17 -22.78
N ASP C 232 87.08 -20.16 -23.83
CA ASP C 232 87.07 -21.16 -24.89
C ASP C 232 86.78 -22.58 -24.38
N GLY C 233 86.31 -22.74 -23.16
CA GLY C 233 86.09 -24.07 -22.64
C GLY C 233 87.37 -24.89 -22.53
N VAL C 234 88.51 -24.22 -22.34
CA VAL C 234 89.81 -24.86 -22.25
C VAL C 234 90.38 -24.59 -20.86
N ALA C 235 90.90 -25.64 -20.22
CA ALA C 235 91.34 -25.59 -18.84
C ALA C 235 92.86 -25.53 -18.71
N ASP C 236 93.56 -25.09 -19.74
CA ASP C 236 95.02 -24.96 -19.67
C ASP C 236 95.39 -23.96 -18.59
N GLU C 237 96.35 -24.34 -17.73
CA GLU C 237 96.62 -23.56 -16.53
C GLU C 237 97.19 -22.19 -16.87
N ALA C 238 98.24 -22.14 -17.69
CA ALA C 238 98.91 -20.87 -17.98
C ALA C 238 97.95 -19.87 -18.58
N LEU C 239 97.07 -20.34 -19.46
CA LEU C 239 96.00 -19.47 -19.97
C LEU C 239 95.13 -18.97 -18.83
N GLN C 240 94.88 -19.79 -17.82
CA GLN C 240 94.03 -19.36 -16.72
C GLN C 240 94.70 -18.27 -15.89
N GLU C 241 96.00 -18.41 -15.58
CA GLU C 241 96.66 -17.32 -14.86
C GLU C 241 96.73 -16.07 -15.72
N THR C 242 96.98 -16.23 -17.02
CA THR C 242 97.03 -15.07 -17.90
C THR C 242 95.70 -14.33 -17.90
N THR C 243 94.60 -15.07 -18.00
CA THR C 243 93.29 -14.44 -18.01
C THR C 243 92.96 -13.84 -16.64
N LYS C 244 93.45 -14.46 -15.56
CA LYS C 244 93.26 -13.89 -14.24
C LYS C 244 93.91 -12.52 -14.15
N ALA C 245 95.18 -12.44 -14.56
CA ALA C 245 95.88 -11.15 -14.55
C ALA C 245 95.20 -10.15 -15.48
N TRP C 246 94.71 -10.63 -16.63
CA TRP C 246 94.06 -9.75 -17.59
C TRP C 246 92.77 -9.17 -17.01
N VAL C 247 91.99 -9.99 -16.32
CA VAL C 247 90.76 -9.51 -15.71
C VAL C 247 91.07 -8.56 -14.56
N ALA C 248 92.12 -8.84 -13.79
CA ALA C 248 92.52 -7.91 -12.74
C ALA C 248 92.89 -6.56 -13.32
N LYS C 249 93.65 -6.56 -14.42
CA LYS C 249 94.00 -5.32 -15.09
C LYS C 249 92.74 -4.59 -15.57
N ASN C 250 91.80 -5.33 -16.16
CA ASN C 250 90.58 -4.71 -16.66
C ASN C 250 89.78 -4.09 -15.53
N LYS C 251 89.71 -4.78 -14.39
CA LYS C 251 89.02 -4.22 -13.22
C LYS C 251 89.69 -2.93 -12.76
N GLU C 252 91.02 -2.94 -12.67
CA GLU C 252 91.73 -1.73 -12.24
C GLU C 252 91.55 -0.61 -13.25
N LEU C 253 91.33 -0.94 -14.52
CA LEU C 253 91.09 0.05 -15.57
C LEU C 253 89.62 0.44 -15.69
N GLY C 254 88.78 0.02 -14.75
CA GLY C 254 87.39 0.40 -14.76
C GLY C 254 86.47 -0.48 -15.58
N LYS C 255 86.97 -1.59 -16.12
CA LYS C 255 86.16 -2.56 -16.86
C LYS C 255 85.92 -3.76 -15.95
N ASP C 256 84.66 -3.95 -15.57
CA ASP C 256 84.29 -4.94 -14.55
C ASP C 256 83.85 -6.21 -15.25
N ILE C 257 84.85 -7.03 -15.59
CA ILE C 257 84.64 -8.28 -16.32
C ILE C 257 84.69 -9.44 -15.33
N LEU C 258 83.68 -10.30 -15.39
CA LEU C 258 83.62 -11.51 -14.58
C LEU C 258 84.18 -12.67 -15.38
N LEU C 259 84.81 -13.61 -14.69
CA LEU C 259 85.46 -14.76 -15.33
C LEU C 259 84.96 -16.05 -14.72
N PHE C 260 84.56 -16.98 -15.58
CA PHE C 260 84.24 -18.35 -15.20
C PHE C 260 85.30 -19.29 -15.76
N LEU C 261 85.61 -20.33 -15.00
CA LEU C 261 86.63 -21.29 -15.39
C LEU C 261 86.18 -22.69 -14.99
N GLY C 262 86.75 -23.67 -15.67
CA GLY C 262 86.49 -25.07 -15.37
C GLY C 262 87.77 -25.88 -15.37
N GLY C 263 87.92 -26.74 -14.37
CA GLY C 263 89.11 -27.54 -14.27
C GLY C 263 89.15 -28.66 -15.28
N LYS C 264 90.29 -29.34 -15.32
CA LYS C 264 90.46 -30.45 -16.25
C LYS C 264 89.64 -31.65 -15.80
N THR C 265 89.23 -32.47 -16.77
CA THR C 265 88.49 -33.68 -16.45
C THR C 265 89.30 -34.64 -15.59
N GLU C 266 90.62 -34.59 -15.70
CA GLU C 266 91.48 -35.49 -14.94
C GLU C 266 91.58 -35.09 -13.48
N ASP C 267 91.27 -33.84 -13.14
CA ASP C 267 91.42 -33.38 -11.77
C ASP C 267 90.39 -34.04 -10.87
N ASN C 268 90.85 -34.58 -9.75
CA ASN C 268 89.94 -35.05 -8.72
C ASN C 268 89.26 -33.86 -8.05
N ILE C 269 88.20 -34.17 -7.30
CA ILE C 269 87.49 -33.11 -6.57
C ILE C 269 88.43 -32.42 -5.59
N LYS C 270 89.39 -33.16 -5.04
CA LYS C 270 90.42 -32.53 -4.20
C LYS C 270 91.25 -31.55 -5.02
N GLN C 271 91.66 -31.94 -6.23
CA GLN C 271 92.45 -31.04 -7.06
C GLN C 271 91.63 -29.84 -7.50
N ILE C 272 90.36 -30.06 -7.83
CA ILE C 272 89.49 -28.96 -8.21
C ILE C 272 89.33 -27.99 -7.05
N ASN C 273 89.17 -28.53 -5.83
CA ASN C 273 89.05 -27.67 -4.66
C ASN C 273 90.35 -26.91 -4.40
N ASP C 274 91.50 -27.55 -4.65
CA ASP C 274 92.77 -26.86 -4.52
C ASP C 274 92.88 -25.71 -5.50
N LYS C 275 92.44 -25.93 -6.74
CA LYS C 275 92.47 -24.85 -7.73
C LYS C 275 91.50 -23.74 -7.34
N SER C 276 90.32 -24.10 -6.85
CA SER C 276 89.35 -23.10 -6.40
C SER C 276 89.84 -22.35 -5.18
N LYS C 277 90.74 -22.96 -4.40
CA LYS C 277 91.43 -22.24 -3.34
C LYS C 277 92.47 -21.29 -3.92
N SER C 278 93.19 -21.74 -4.95
CA SER C 278 94.23 -20.91 -5.55
C SER C 278 93.63 -19.63 -6.11
N PHE C 279 92.48 -19.74 -6.78
CA PHE C 279 91.70 -18.57 -7.17
C PHE C 279 90.95 -18.06 -5.95
N ASN C 280 91.13 -16.77 -5.65
CA ASN C 280 90.39 -16.13 -4.58
C ASN C 280 89.85 -14.75 -4.95
N ASP C 281 90.16 -14.25 -6.15
CA ASP C 281 89.50 -13.05 -6.62
C ASP C 281 88.03 -13.34 -6.88
N GLU C 282 87.18 -12.38 -6.52
CA GLU C 282 85.74 -12.58 -6.59
C GLU C 282 85.27 -12.82 -8.02
N ASN C 283 85.98 -12.26 -9.01
CA ASN C 283 85.58 -12.39 -10.40
C ASN C 283 85.99 -13.72 -11.02
N ILE C 284 86.43 -14.70 -10.22
CA ILE C 284 86.85 -16.01 -10.69
C ILE C 284 85.87 -17.04 -10.17
N VAL C 285 85.35 -17.87 -11.07
CA VAL C 285 84.45 -18.96 -10.73
C VAL C 285 85.03 -20.23 -11.34
N ASN C 286 85.26 -21.23 -10.50
CA ASN C 286 85.84 -22.51 -10.92
C ASN C 286 84.76 -23.57 -10.95
N VAL C 287 84.68 -24.30 -12.07
CA VAL C 287 83.67 -25.32 -12.30
C VAL C 287 84.34 -26.69 -12.27
N GLY C 288 83.77 -27.60 -11.49
CA GLY C 288 84.35 -28.91 -11.30
C GLY C 288 83.61 -30.03 -12.05
N SER C 289 82.29 -29.97 -12.04
CA SER C 289 81.49 -31.06 -12.56
C SER C 289 81.49 -31.08 -14.08
N SER C 290 81.46 -32.29 -14.63
CA SER C 290 81.21 -32.53 -16.04
C SER C 290 79.75 -32.91 -16.24
N ALA C 291 79.31 -32.92 -17.50
CA ALA C 291 77.89 -33.14 -17.76
C ALA C 291 77.69 -33.65 -19.18
N TYR C 292 76.49 -34.19 -19.42
CA TYR C 292 76.03 -34.61 -20.73
C TYR C 292 74.71 -33.89 -21.04
N TYR C 293 74.57 -33.42 -22.27
CA TYR C 293 73.32 -32.81 -22.72
C TYR C 293 72.63 -33.62 -23.81
N GLU C 294 73.28 -33.78 -24.97
CA GLU C 294 72.78 -34.66 -26.02
C GLU C 294 73.56 -35.98 -26.03
N ASN C 295 73.57 -36.65 -24.87
CA ASN C 295 74.31 -37.90 -24.69
C ASN C 295 75.80 -37.75 -25.02
N ILE C 296 76.33 -36.53 -24.89
CA ILE C 296 77.71 -36.20 -25.24
C ILE C 296 78.30 -35.43 -24.08
N LYS C 297 79.47 -35.88 -23.62
CA LYS C 297 80.05 -35.32 -22.41
C LYS C 297 80.52 -33.89 -22.65
N TYR C 298 80.62 -33.14 -21.55
CA TYR C 298 81.16 -31.79 -21.57
C TYR C 298 82.11 -31.63 -20.40
N THR C 299 83.33 -31.17 -20.68
CA THR C 299 84.33 -30.98 -19.65
C THR C 299 83.88 -29.88 -18.70
N PRO C 300 84.51 -29.74 -17.54
CA PRO C 300 84.08 -28.69 -16.60
C PRO C 300 84.12 -27.29 -17.18
N SER C 301 85.05 -27.02 -18.10
CA SER C 301 85.11 -25.71 -18.75
C SER C 301 84.04 -25.56 -19.82
N GLU C 302 83.73 -26.65 -20.54
CA GLU C 302 82.66 -26.58 -21.54
C GLU C 302 81.32 -26.27 -20.89
N VAL C 303 81.07 -26.85 -19.72
CA VAL C 303 79.88 -26.48 -18.95
C VAL C 303 80.06 -25.16 -18.21
N ALA C 304 81.32 -24.73 -17.99
CA ALA C 304 81.52 -23.39 -17.46
C ALA C 304 81.05 -22.34 -18.46
N VAL C 305 81.17 -22.64 -19.75
CA VAL C 305 80.58 -21.77 -20.76
C VAL C 305 79.08 -21.61 -20.51
N TYR C 306 78.40 -22.74 -20.33
CA TYR C 306 76.95 -22.70 -20.15
C TYR C 306 76.56 -22.00 -18.85
N ILE C 307 77.29 -22.26 -17.77
CA ILE C 307 76.90 -21.65 -16.49
C ILE C 307 77.15 -20.15 -16.53
N ALA C 308 78.22 -19.71 -17.17
CA ALA C 308 78.44 -18.28 -17.33
C ALA C 308 77.34 -17.65 -18.17
N ALA C 309 76.95 -18.33 -19.25
CA ALA C 309 75.88 -17.82 -20.11
C ALA C 309 74.57 -17.71 -19.34
N LEU C 310 74.25 -18.73 -18.54
CA LEU C 310 73.02 -18.68 -17.75
C LEU C 310 73.09 -17.60 -16.70
N SER C 311 74.27 -17.39 -16.10
CA SER C 311 74.41 -16.35 -15.10
C SER C 311 74.18 -14.97 -15.70
N VAL C 312 74.81 -14.67 -16.84
CA VAL C 312 74.64 -13.37 -17.45
C VAL C 312 73.21 -13.19 -17.96
N SER C 313 72.59 -14.26 -18.45
CA SER C 313 71.20 -14.18 -18.87
C SER C 313 70.30 -13.88 -17.68
N LYS C 314 70.62 -14.46 -16.52
CA LYS C 314 69.87 -14.15 -15.30
C LYS C 314 69.97 -12.67 -14.97
N GLY C 315 71.16 -12.10 -15.08
CA GLY C 315 71.34 -10.71 -14.74
C GLY C 315 71.05 -10.46 -13.27
N ILE C 316 70.53 -9.28 -13.00
CA ILE C 316 70.04 -8.93 -11.67
C ILE C 316 68.61 -9.48 -11.60
N THR C 317 68.03 -9.52 -10.40
CA THR C 317 66.69 -10.06 -10.18
C THR C 317 66.66 -11.57 -10.35
N GLY C 318 67.74 -12.24 -9.96
CA GLY C 318 67.80 -13.68 -10.07
C GLY C 318 69.12 -14.20 -9.55
N SER C 319 69.28 -15.51 -9.65
CA SER C 319 70.48 -16.18 -9.21
C SER C 319 70.58 -17.50 -9.98
N ILE C 320 71.49 -18.37 -9.53
CA ILE C 320 71.72 -19.67 -10.16
C ILE C 320 71.72 -20.81 -9.16
N CYS C 321 71.46 -20.53 -7.88
CA CYS C 321 71.69 -21.52 -6.83
C CYS C 321 70.78 -22.75 -6.96
N ASN C 322 69.68 -22.64 -7.72
CA ASN C 322 68.90 -23.83 -8.04
C ASN C 322 68.35 -23.80 -9.47
N ALA C 323 68.96 -23.02 -10.37
CA ALA C 323 68.46 -22.94 -11.73
C ALA C 323 68.62 -24.29 -12.42
N LYS C 324 67.56 -24.74 -13.08
CA LYS C 324 67.61 -26.02 -13.78
C LYS C 324 68.49 -25.90 -15.01
N THR C 325 69.26 -26.95 -15.26
CA THR C 325 70.17 -27.01 -16.40
C THR C 325 69.59 -27.89 -17.49
N ILE C 326 70.14 -27.73 -18.70
CA ILE C 326 69.73 -28.55 -19.84
C ILE C 326 70.36 -29.93 -19.83
N PHE C 327 71.31 -30.19 -18.94
CA PHE C 327 72.12 -31.40 -19.01
C PHE C 327 71.35 -32.61 -18.51
N GLU C 328 71.45 -33.71 -19.24
CA GLU C 328 70.75 -34.93 -18.90
C GLU C 328 71.52 -35.80 -17.90
N GLU C 329 72.82 -35.57 -17.74
CA GLU C 329 73.60 -36.26 -16.73
C GLU C 329 74.70 -35.33 -16.21
N VAL C 330 75.20 -35.66 -15.03
CA VAL C 330 76.26 -34.92 -14.36
C VAL C 330 77.21 -35.91 -13.71
N GLU C 331 78.50 -35.62 -13.79
CA GLU C 331 79.51 -36.39 -13.07
C GLU C 331 80.75 -35.53 -12.90
N PRO C 332 81.56 -35.75 -11.85
CA PRO C 332 81.40 -36.71 -10.73
C PRO C 332 80.30 -36.27 -9.77
N ARG C 333 79.71 -37.22 -9.05
CA ARG C 333 78.50 -37.01 -8.28
C ARG C 333 78.81 -37.08 -6.79
N LEU C 334 78.22 -36.16 -6.03
CA LEU C 334 78.73 -35.78 -4.72
C LEU C 334 77.68 -36.01 -3.65
N SER C 335 78.11 -36.59 -2.52
CA SER C 335 77.30 -36.57 -1.31
C SER C 335 77.32 -35.18 -0.70
N GLN C 336 76.49 -34.98 0.32
CA GLN C 336 76.41 -33.68 0.98
C GLN C 336 77.76 -33.28 1.57
N SER C 337 78.54 -34.25 2.03
CA SER C 337 79.89 -33.95 2.51
C SER C 337 80.75 -33.39 1.40
N GLU C 338 80.73 -34.02 0.22
CA GLU C 338 81.53 -33.53 -0.90
C GLU C 338 81.03 -32.18 -1.37
N VAL C 339 79.71 -31.99 -1.40
CA VAL C 339 79.14 -30.70 -1.79
C VAL C 339 79.60 -29.60 -0.85
N LYS C 340 79.56 -29.88 0.46
CA LYS C 340 80.01 -28.89 1.44
C LYS C 340 81.49 -28.61 1.30
N GLU C 341 82.28 -29.64 1.02
CA GLU C 341 83.71 -29.45 0.79
C GLU C 341 83.94 -28.54 -0.41
N CYS C 342 83.22 -28.80 -1.50
CA CYS C 342 83.39 -27.99 -2.70
C CYS C 342 82.97 -26.55 -2.47
N LEU C 343 81.84 -26.33 -1.78
CA LEU C 343 81.38 -24.97 -1.52
C LEU C 343 82.35 -24.23 -0.61
N LYS C 344 82.87 -24.90 0.42
CA LYS C 344 83.86 -24.28 1.28
C LYS C 344 85.13 -23.95 0.49
N SER C 345 85.46 -24.76 -0.51
CA SER C 345 86.59 -24.48 -1.38
C SER C 345 86.30 -23.39 -2.40
N GLY C 346 85.06 -22.91 -2.49
CA GLY C 346 84.66 -21.97 -3.51
C GLY C 346 84.30 -22.59 -4.83
N THR C 347 84.43 -23.91 -4.97
CA THR C 347 84.08 -24.57 -6.22
C THR C 347 82.59 -24.50 -6.47
N LEU C 348 82.22 -24.33 -7.73
CA LEU C 348 80.84 -24.50 -8.19
C LEU C 348 80.74 -25.84 -8.92
N VAL C 349 79.77 -26.65 -8.51
CA VAL C 349 79.59 -27.99 -9.05
C VAL C 349 78.10 -28.24 -9.28
N LEU C 350 77.77 -28.83 -10.41
CA LEU C 350 76.37 -29.17 -10.67
C LEU C 350 75.97 -30.37 -9.80
N ASP C 351 74.66 -30.60 -9.75
CA ASP C 351 74.10 -31.61 -8.86
C ASP C 351 72.88 -32.25 -9.53
N PHE C 352 72.49 -33.40 -9.00
CA PHE C 352 71.35 -34.17 -9.48
C PHE C 352 70.30 -34.27 -8.39
N ASP C 353 69.96 -33.13 -7.78
CA ASP C 353 69.01 -33.11 -6.68
C ASP C 353 67.66 -33.71 -7.05
N ASP C 354 67.31 -33.70 -8.34
CA ASP C 354 66.09 -34.34 -8.82
C ASP C 354 66.45 -35.08 -10.11
N GLY C 355 65.43 -35.49 -10.86
CA GLY C 355 65.66 -36.21 -12.10
C GLY C 355 66.42 -35.42 -13.16
N ASP C 356 66.52 -34.11 -13.00
CA ASP C 356 67.31 -33.26 -13.87
C ASP C 356 68.64 -32.94 -13.21
N VAL C 357 69.50 -32.24 -13.94
CA VAL C 357 70.76 -31.72 -13.41
C VAL C 357 70.51 -30.29 -12.95
N ILE C 358 70.88 -29.99 -11.70
CA ILE C 358 70.55 -28.73 -11.06
C ILE C 358 71.83 -28.10 -10.53
N ILE C 359 71.94 -26.78 -10.68
CA ILE C 359 73.07 -26.05 -10.12
C ILE C 359 72.95 -26.04 -8.61
N VAL C 360 74.06 -26.31 -7.93
CA VAL C 360 73.98 -26.48 -6.47
C VAL C 360 73.83 -25.14 -5.78
N ASP C 361 74.62 -24.14 -6.15
CA ASP C 361 74.74 -22.92 -5.37
C ASP C 361 75.27 -21.79 -6.24
N ASP C 362 75.38 -20.61 -5.64
CA ASP C 362 75.80 -19.39 -6.33
C ASP C 362 77.26 -19.05 -6.06
N VAL C 363 78.04 -20.00 -5.54
CA VAL C 363 79.35 -19.69 -4.97
C VAL C 363 80.34 -19.35 -6.08
N ASN C 364 81.42 -18.68 -5.69
CA ASN C 364 82.57 -18.39 -6.54
C ASN C 364 83.83 -18.87 -5.84
N THR C 365 84.97 -18.77 -6.53
CA THR C 365 86.23 -19.21 -5.94
C THR C 365 86.63 -18.37 -4.74
N PHE C 366 86.18 -17.11 -4.67
CA PHE C 366 86.56 -16.26 -3.56
C PHE C 366 86.07 -16.80 -2.22
N LYS C 367 84.93 -17.51 -2.22
CA LYS C 367 84.18 -17.80 -0.98
C LYS C 367 85.02 -18.45 0.12
N LYS C 368 86.20 -18.98 -0.21
CA LYS C 368 87.10 -19.51 0.81
C LYS C 368 87.41 -18.49 1.89
N TYR C 369 87.45 -17.19 1.57
CA TYR C 369 87.64 -16.14 2.55
C TYR C 369 86.31 -15.45 2.82
N VAL C 370 86.22 -14.78 3.95
CA VAL C 370 84.93 -14.57 4.62
C VAL C 370 84.55 -13.10 4.79
N ASP C 371 85.34 -12.35 5.56
CA ASP C 371 84.79 -11.21 6.30
C ASP C 371 84.98 -9.87 5.61
N ASP C 372 86.22 -9.51 5.23
CA ASP C 372 86.42 -8.20 4.62
C ASP C 372 85.63 -8.10 3.31
N LYS C 373 85.97 -8.89 2.30
CA LYS C 373 85.06 -9.06 1.18
C LYS C 373 83.97 -10.00 1.68
N ASN C 374 82.77 -9.46 1.92
CA ASN C 374 81.81 -10.14 2.78
C ASN C 374 81.37 -11.47 2.14
N GLU C 375 80.62 -12.23 2.94
CA GLU C 375 80.20 -13.56 2.49
C GLU C 375 79.28 -13.47 1.27
N ALA C 376 78.52 -12.39 1.15
CA ALA C 376 77.71 -12.20 -0.05
C ALA C 376 78.59 -12.04 -1.28
N MET C 377 79.80 -11.48 -1.12
CA MET C 377 80.73 -11.42 -2.25
C MET C 377 81.12 -12.82 -2.72
N GLY C 378 81.05 -13.81 -1.83
CA GLY C 378 81.28 -15.18 -2.23
C GLY C 378 80.25 -15.71 -3.21
N TYR C 379 79.12 -15.02 -3.36
CA TYR C 379 78.07 -15.41 -4.27
C TYR C 379 78.14 -14.57 -5.54
N ILE C 380 77.90 -15.22 -6.68
CA ILE C 380 78.10 -14.58 -7.98
C ILE C 380 77.09 -13.46 -8.20
N SER C 381 75.87 -13.63 -7.69
CA SER C 381 74.83 -12.63 -7.93
C SER C 381 75.21 -11.28 -7.34
N ASN C 382 75.81 -11.28 -6.16
CA ASN C 382 76.25 -10.02 -5.57
C ASN C 382 77.33 -9.36 -6.42
N ILE C 383 78.24 -10.16 -6.96
CA ILE C 383 79.29 -9.59 -7.81
C ILE C 383 78.68 -9.01 -9.08
N MET C 384 77.69 -9.69 -9.65
CA MET C 384 77.01 -9.14 -10.81
C MET C 384 76.33 -7.82 -10.46
N PHE C 385 75.72 -7.75 -9.28
CA PHE C 385 75.09 -6.52 -8.84
C PHE C 385 76.11 -5.39 -8.71
N ILE C 386 77.23 -5.67 -8.06
CA ILE C 386 78.24 -4.64 -7.84
C ILE C 386 78.83 -4.19 -9.17
N ASN C 387 79.09 -5.14 -10.08
CA ASN C 387 79.62 -4.78 -11.38
C ASN C 387 78.62 -3.93 -12.16
N THR C 388 77.32 -4.25 -12.03
CA THR C 388 76.31 -3.45 -12.71
C THR C 388 76.25 -2.03 -12.16
N ILE C 389 76.34 -1.89 -10.84
CA ILE C 389 76.33 -0.56 -10.23
C ILE C 389 77.56 0.22 -10.70
N ASN C 390 78.72 -0.43 -10.69
CA ASN C 390 79.94 0.23 -11.16
C ASN C 390 79.82 0.61 -12.62
N LYS C 391 79.20 -0.23 -13.44
CA LYS C 391 79.06 0.05 -14.86
C LYS C 391 78.13 1.23 -15.09
N ASP C 392 76.98 1.27 -14.42
CA ASP C 392 76.06 2.38 -14.59
C ASP C 392 76.67 3.68 -14.07
N THR C 393 77.42 3.59 -12.99
CA THR C 393 78.10 4.75 -12.44
C THR C 393 79.18 5.27 -13.40
N SER C 394 79.98 4.36 -13.94
CA SER C 394 80.95 4.71 -14.95
C SER C 394 80.30 5.09 -16.28
N LEU C 395 79.02 4.83 -16.44
CA LEU C 395 78.28 5.46 -17.53
C LEU C 395 77.94 6.90 -17.19
N LYS C 396 77.57 7.15 -15.93
CA LYS C 396 77.28 8.51 -15.48
C LYS C 396 78.51 9.40 -15.52
N ARG C 397 79.72 8.81 -15.60
CA ARG C 397 80.92 9.65 -15.62
C ARG C 397 80.84 10.69 -16.73
N LYS C 398 80.48 10.24 -17.93
CA LYS C 398 80.46 11.10 -19.10
C LYS C 398 79.36 12.14 -19.02
N GLU C 399 78.29 11.84 -18.29
CA GLU C 399 77.26 12.83 -18.07
C GLU C 399 77.74 13.93 -17.14
N PHE C 400 78.53 13.58 -16.12
CA PHE C 400 78.88 14.53 -15.07
C PHE C 400 80.32 15.02 -15.08
N VAL C 401 81.28 14.25 -15.58
CA VAL C 401 82.67 14.69 -15.53
C VAL C 401 82.90 15.78 -16.57
N GLY C 402 83.49 16.88 -16.14
CA GLY C 402 83.85 17.93 -17.07
C GLY C 402 82.67 18.69 -17.62
N LYS C 403 81.52 18.65 -16.95
CA LYS C 403 80.30 19.26 -17.47
C LYS C 403 79.47 19.96 -16.39
N ILE C 404 79.94 20.03 -15.15
CA ILE C 404 79.21 20.71 -14.08
C ILE C 404 80.21 21.14 -13.03
N PHE C 405 79.90 22.26 -12.37
CA PHE C 405 80.93 23.15 -11.86
C PHE C 405 81.42 22.84 -10.44
N ASN C 406 81.08 21.70 -9.86
CA ASN C 406 81.54 21.34 -8.51
C ASN C 406 80.94 22.21 -7.42
N ASP C 407 80.05 23.15 -7.75
CA ASP C 407 79.42 23.96 -6.73
C ASP C 407 78.38 23.12 -5.99
N ALA C 408 77.65 23.72 -5.06
CA ALA C 408 76.61 22.99 -4.36
C ALA C 408 75.54 22.52 -5.33
N THR C 409 75.26 23.30 -6.37
CA THR C 409 74.26 22.91 -7.37
C THR C 409 74.68 21.65 -8.11
N GLY C 410 75.94 21.59 -8.56
CA GLY C 410 76.40 20.42 -9.29
C GLY C 410 76.42 19.18 -8.42
N GLN C 411 76.90 19.31 -7.19
CA GLN C 411 76.89 18.19 -6.25
C GLN C 411 75.47 17.71 -5.99
N THR C 412 74.55 18.65 -5.81
CA THR C 412 73.15 18.30 -5.58
C THR C 412 72.56 17.58 -6.79
N THR C 413 72.90 18.05 -8.00
CA THR C 413 72.39 17.41 -9.20
C THR C 413 72.92 15.98 -9.33
N VAL C 414 74.21 15.79 -9.05
CA VAL C 414 74.80 14.45 -9.12
C VAL C 414 74.13 13.53 -8.10
N ILE C 415 73.96 14.03 -6.88
CA ILE C 415 73.35 13.23 -5.82
C ILE C 415 71.92 12.91 -6.17
N CYS C 416 71.20 13.86 -6.75
CA CYS C 416 69.81 13.63 -7.13
C CYS C 416 69.71 12.59 -8.23
N ALA C 417 70.61 12.63 -9.21
CA ALA C 417 70.60 11.62 -10.27
C ALA C 417 70.89 10.23 -9.71
N LEU C 418 71.89 10.12 -8.84
CA LEU C 418 72.21 8.83 -8.24
C LEU C 418 71.06 8.35 -7.36
N LYS C 419 70.41 9.26 -6.66
CA LYS C 419 69.25 8.91 -5.84
C LYS C 419 68.12 8.40 -6.72
N LYS C 420 67.90 9.04 -7.87
CA LYS C 420 66.87 8.58 -8.79
C LYS C 420 67.19 7.18 -9.31
N TYR C 421 68.46 6.93 -9.62
CA TYR C 421 68.85 5.59 -10.06
C TYR C 421 68.60 4.55 -8.98
N PHE C 422 69.02 4.85 -7.75
CA PHE C 422 68.84 3.90 -6.66
C PHE C 422 67.36 3.73 -6.32
N GLU C 423 66.56 4.77 -6.50
CA GLU C 423 65.12 4.63 -6.28
C GLU C 423 64.48 3.79 -7.39
N GLU C 424 65.01 3.87 -8.61
CA GLU C 424 64.58 2.95 -9.66
C GLU C 424 64.90 1.53 -9.26
N LEU C 425 66.08 1.30 -8.69
CA LEU C 425 66.43 -0.02 -8.19
C LEU C 425 65.49 -0.46 -7.08
N MET C 426 65.15 0.46 -6.18
CA MET C 426 64.21 0.16 -5.10
C MET C 426 62.85 -0.23 -5.65
N SER C 427 62.40 0.45 -6.69
CA SER C 427 61.10 0.16 -7.30
C SER C 427 61.07 -1.27 -7.85
N GLN C 428 62.19 -1.72 -8.41
CA GLN C 428 62.31 -3.11 -8.84
C GLN C 428 62.39 -4.09 -7.67
N GLY C 429 62.55 -3.61 -6.44
CA GLY C 429 62.63 -4.46 -5.28
C GLY C 429 63.99 -5.10 -5.05
N ILE C 430 64.97 -4.82 -5.91
CA ILE C 430 66.28 -5.45 -5.77
C ILE C 430 66.95 -5.05 -4.47
N ILE C 431 66.75 -3.80 -4.05
CA ILE C 431 67.33 -3.26 -2.84
C ILE C 431 66.23 -3.11 -1.81
N SER C 432 66.49 -3.57 -0.60
CA SER C 432 65.55 -3.40 0.51
C SER C 432 65.72 -2.07 1.22
N GLU C 433 66.94 -1.55 1.27
CA GLU C 433 67.23 -0.28 1.93
C GLU C 433 68.48 0.30 1.32
N PHE C 434 68.54 1.64 1.27
CA PHE C 434 69.73 2.31 0.79
C PHE C 434 69.73 3.74 1.30
N ASN C 435 70.93 4.34 1.28
CA ASN C 435 71.09 5.78 1.37
C ASN C 435 72.34 6.14 0.59
N VAL C 436 72.30 7.30 -0.06
CA VAL C 436 73.43 7.82 -0.83
C VAL C 436 73.60 9.29 -0.48
N ASP C 437 74.83 9.68 -0.15
CA ASP C 437 75.10 11.01 0.36
C ASP C 437 76.52 11.40 0.00
N ILE C 438 76.79 12.70 0.11
CA ILE C 438 78.14 13.21 -0.13
C ILE C 438 79.07 12.67 0.94
N ASP C 439 80.31 12.35 0.55
CA ASP C 439 81.32 11.82 1.46
C ASP C 439 82.05 13.01 2.05
N THR C 440 81.39 13.66 3.01
CA THR C 440 81.89 14.91 3.56
C THR C 440 83.25 14.74 4.22
N GLU C 441 83.55 13.53 4.71
CA GLU C 441 84.88 13.25 5.25
C GLU C 441 85.94 13.42 4.17
N LEU C 442 85.76 12.76 3.03
CA LEU C 442 86.71 12.88 1.94
C LEU C 442 86.48 14.16 1.14
N GLN C 443 85.25 14.69 1.13
CA GLN C 443 85.00 15.93 0.43
C GLN C 443 85.73 17.10 1.07
N ALA C 444 85.92 17.06 2.39
CA ALA C 444 86.72 18.09 3.05
C ALA C 444 88.16 18.06 2.54
N THR C 445 88.72 16.86 2.37
CA THR C 445 90.07 16.70 1.83
C THR C 445 90.10 16.73 0.31
N ALA C 446 88.95 16.75 -0.36
CA ALA C 446 88.92 16.70 -1.80
C ALA C 446 89.53 17.96 -2.40
N LYS C 447 90.25 17.78 -3.50
CA LYS C 447 90.71 18.93 -4.26
C LYS C 447 89.52 19.57 -4.96
N ALA C 448 89.68 20.84 -5.33
CA ALA C 448 88.55 21.63 -5.81
C ALA C 448 87.96 21.09 -7.11
N ASP C 449 88.73 20.35 -7.90
CA ASP C 449 88.29 19.85 -9.19
C ASP C 449 87.79 18.40 -9.11
N GLU C 450 87.40 17.93 -7.93
CA GLU C 450 86.96 16.56 -7.76
C GLU C 450 85.84 16.48 -6.73
N PHE C 451 85.21 15.31 -6.67
CA PHE C 451 84.02 15.07 -5.85
C PHE C 451 84.10 13.68 -5.25
N TYR C 452 83.67 13.55 -4.01
CA TYR C 452 83.59 12.28 -3.30
C TYR C 452 82.17 12.08 -2.79
N TRP C 453 81.72 10.83 -2.79
CA TRP C 453 80.35 10.52 -2.41
C TRP C 453 80.33 9.10 -1.87
N LYS C 454 79.32 8.81 -1.05
CA LYS C 454 79.20 7.53 -0.38
C LYS C 454 77.77 7.02 -0.54
N TRP C 455 77.61 5.70 -0.48
CA TRP C 455 76.29 5.11 -0.51
C TRP C 455 76.31 3.76 0.20
N ASP C 456 75.25 3.49 0.95
CA ASP C 456 74.99 2.19 1.53
C ASP C 456 73.74 1.61 0.90
N ALA C 457 73.67 0.27 0.88
CA ALA C 457 72.53 -0.42 0.29
C ALA C 457 72.39 -1.78 0.96
N VAL C 458 71.25 -2.42 0.70
CA VAL C 458 70.98 -3.77 1.17
C VAL C 458 70.30 -4.52 0.03
N LYS C 459 71.06 -5.35 -0.67
CA LYS C 459 70.48 -6.16 -1.73
C LYS C 459 69.47 -7.13 -1.12
N VAL C 460 68.38 -7.36 -1.86
CA VAL C 460 67.35 -8.26 -1.38
C VAL C 460 67.85 -9.69 -1.59
N ASP C 461 67.70 -10.52 -0.57
CA ASP C 461 68.26 -11.87 -0.61
C ASP C 461 67.34 -12.81 -1.38
N VAL C 462 67.65 -14.10 -1.33
CA VAL C 462 66.85 -15.16 -1.95
C VAL C 462 66.96 -16.37 -1.04
N MET C 463 65.88 -17.17 -0.94
CA MET C 463 65.97 -18.43 -0.20
C MET C 463 66.95 -19.36 -0.88
N LYS C 464 68.03 -19.68 -0.16
CA LYS C 464 68.86 -20.83 -0.45
C LYS C 464 68.52 -22.00 0.47
N LYS C 465 68.31 -21.72 1.75
CA LYS C 465 67.96 -22.73 2.75
C LYS C 465 66.52 -22.47 3.21
N ILE C 466 65.77 -23.54 3.46
CA ILE C 466 64.46 -23.41 4.08
C ILE C 466 64.26 -24.58 5.04
N TYR C 467 63.63 -24.30 6.18
CA TYR C 467 63.40 -25.29 7.22
C TYR C 467 61.95 -25.25 7.66
N GLY C 468 61.36 -26.43 7.85
CA GLY C 468 59.99 -26.54 8.31
C GLY C 468 59.89 -27.50 9.47
N THR C 469 58.97 -27.20 10.38
CA THR C 469 58.70 -28.00 11.56
C THR C 469 57.21 -28.27 11.64
N GLY C 470 56.85 -29.51 11.93
CA GLY C 470 55.47 -29.96 11.86
C GLY C 470 54.91 -30.35 13.21
N TYR C 471 53.63 -30.06 13.40
CA TYR C 471 52.86 -30.46 14.57
C TYR C 471 51.62 -31.21 14.11
N LEU C 472 51.29 -32.29 14.82
CA LEU C 472 50.12 -33.11 14.52
C LEU C 472 49.30 -33.34 15.79
N GLU D 13 6.96 66.52 -40.56
CA GLU D 13 5.85 66.25 -41.51
C GLU D 13 4.50 66.53 -40.85
N ILE D 14 3.43 66.38 -41.62
CA ILE D 14 2.09 66.55 -41.08
C ILE D 14 1.79 65.35 -40.19
N PRO D 15 0.90 65.46 -39.21
CA PRO D 15 0.56 64.30 -38.40
C PRO D 15 -0.12 63.21 -39.22
N GLY D 16 0.17 61.96 -38.86
CA GLY D 16 -0.33 60.82 -39.57
C GLY D 16 0.53 59.61 -39.27
N PHE D 17 0.23 58.49 -39.95
CA PHE D 17 0.89 57.22 -39.69
C PHE D 17 1.39 56.76 -41.06
N TYR D 18 2.59 57.16 -41.46
CA TYR D 18 3.04 56.98 -42.84
C TYR D 18 4.07 55.87 -42.93
N ASN D 19 3.67 54.77 -43.56
CA ASN D 19 4.52 53.61 -43.74
C ASN D 19 5.50 53.84 -44.89
N ARG D 20 6.68 53.23 -44.77
CA ARG D 20 7.68 53.26 -45.83
C ARG D 20 8.37 51.91 -45.83
N PHE D 21 7.93 51.02 -46.72
CA PHE D 21 8.35 49.63 -46.69
C PHE D 21 9.71 49.43 -47.34
N LYS D 22 10.50 48.54 -46.73
CA LYS D 22 11.92 48.41 -47.03
C LYS D 22 12.32 46.94 -47.14
N THR D 23 11.48 46.14 -47.81
CA THR D 23 11.85 44.77 -48.14
C THR D 23 12.69 44.77 -49.43
N GLN D 24 13.87 45.37 -49.27
CA GLN D 24 14.84 45.55 -50.34
C GLN D 24 15.63 44.27 -50.54
N ALA D 25 16.39 43.89 -49.50
CA ALA D 25 17.33 42.78 -49.45
C ALA D 25 17.12 41.98 -48.17
N GLU D 26 15.86 41.56 -47.95
CA GLU D 26 15.49 40.97 -46.68
C GLU D 26 16.36 39.75 -46.35
N LYS D 27 16.35 38.73 -47.21
CA LYS D 27 17.26 37.60 -47.07
C LYS D 27 17.76 37.15 -48.44
N SER D 28 18.05 38.11 -49.32
CA SER D 28 18.58 37.84 -50.66
C SER D 28 20.10 38.01 -50.70
N THR D 29 20.78 37.66 -49.62
CA THR D 29 22.20 37.94 -49.43
C THR D 29 22.98 36.66 -49.21
N ASN D 30 24.24 36.67 -49.66
CA ASN D 30 25.17 35.59 -49.43
C ASN D 30 26.57 36.19 -49.25
N THR D 31 27.44 35.42 -48.59
CA THR D 31 28.77 35.88 -48.17
C THR D 31 29.88 35.08 -48.83
N GLY D 32 29.68 34.64 -50.06
CA GLY D 32 30.64 33.78 -50.73
C GLY D 32 31.66 34.51 -51.58
N LEU D 33 31.80 35.83 -51.39
CA LEU D 33 32.66 36.64 -52.24
C LEU D 33 33.46 37.61 -51.38
N LYS D 34 34.62 38.02 -51.91
CA LYS D 34 35.50 38.93 -51.20
C LYS D 34 36.55 39.45 -52.18
N GLY D 35 37.21 40.54 -51.80
CA GLY D 35 38.37 41.03 -52.50
C GLY D 35 38.02 41.89 -53.70
N ARG D 36 39.02 42.63 -54.17
CA ARG D 36 38.91 43.46 -55.37
C ARG D 36 40.22 43.40 -56.12
N LEU D 37 40.12 43.50 -57.45
CA LEU D 37 41.24 43.27 -58.35
C LEU D 37 41.31 44.36 -59.41
N ALA D 38 42.53 44.67 -59.83
CA ALA D 38 42.80 45.62 -60.90
C ALA D 38 43.04 44.88 -62.21
N MET D 39 42.66 45.52 -63.32
CA MET D 39 42.69 44.89 -64.64
C MET D 39 42.85 45.94 -65.72
N PRO D 40 44.05 46.13 -66.25
CA PRO D 40 44.17 46.73 -67.59
C PRO D 40 43.79 45.70 -68.64
N ILE D 41 42.93 46.09 -69.58
CA ILE D 41 42.35 45.17 -70.55
C ILE D 41 42.29 45.81 -71.94
N ARG D 42 42.50 44.99 -72.95
CA ARG D 42 42.17 45.34 -74.33
C ARG D 42 40.79 44.81 -74.64
N ALA D 43 39.95 45.66 -75.24
CA ALA D 43 38.55 45.31 -75.47
C ALA D 43 38.08 45.91 -76.78
N ASN D 44 37.22 45.14 -77.47
CA ASN D 44 36.53 45.66 -78.65
C ASN D 44 35.38 46.59 -78.29
N TRP D 45 34.83 46.48 -77.08
CA TRP D 45 33.64 47.21 -76.67
C TRP D 45 33.82 47.70 -75.24
N GLY D 46 33.11 48.77 -74.92
CA GLY D 46 33.03 49.28 -73.55
C GLY D 46 33.69 50.64 -73.41
N ASP D 47 33.57 51.16 -72.20
CA ASP D 47 34.08 52.49 -71.89
C ASP D 47 35.60 52.52 -72.03
N VAL D 48 36.12 53.72 -72.28
CA VAL D 48 37.54 53.95 -72.56
C VAL D 48 38.04 55.07 -71.66
N GLY D 49 39.23 54.88 -71.10
CA GLY D 49 39.89 55.92 -70.35
C GLY D 49 39.39 56.10 -68.92
N LYS D 50 38.64 55.14 -68.40
CA LYS D 50 38.13 55.20 -67.03
C LYS D 50 38.29 53.84 -66.37
N VAL D 51 38.43 53.87 -65.05
CA VAL D 51 38.55 52.67 -64.22
C VAL D 51 37.15 52.37 -63.69
N VAL D 52 36.53 51.32 -64.22
CA VAL D 52 35.14 50.96 -63.92
C VAL D 52 35.13 49.70 -63.08
N THR D 53 34.30 49.71 -62.04
CA THR D 53 34.13 48.56 -61.16
C THR D 53 33.05 47.64 -61.73
N ILE D 54 33.31 46.33 -61.69
CA ILE D 54 32.39 45.33 -62.19
C ILE D 54 32.03 44.40 -61.03
N LYS D 55 30.73 44.27 -60.78
CA LYS D 55 30.26 43.28 -59.82
C LYS D 55 30.41 41.88 -60.43
N ASN D 56 30.42 40.88 -59.55
CA ASN D 56 30.87 39.54 -59.95
C ASN D 56 29.95 38.87 -60.97
N ASP D 57 28.76 39.40 -61.24
CA ASP D 57 27.94 38.84 -62.30
C ASP D 57 28.62 39.06 -63.64
N LEU D 58 28.89 37.97 -64.35
CA LEU D 58 29.53 38.08 -65.67
C LEU D 58 28.63 38.77 -66.68
N ARG D 59 27.31 38.78 -66.46
CA ARG D 59 26.42 39.53 -67.32
C ARG D 59 26.79 41.00 -67.36
N GLN D 60 27.23 41.55 -66.24
CA GLN D 60 27.70 42.93 -66.21
C GLN D 60 28.93 43.11 -67.10
N LEU D 61 29.89 42.18 -67.02
CA LEU D 61 31.05 42.21 -67.90
C LEU D 61 30.64 42.10 -69.35
N LYS D 62 29.73 41.18 -69.64
CA LYS D 62 29.29 40.96 -71.02
C LYS D 62 28.61 42.21 -71.57
N ASN D 63 27.82 42.88 -70.74
CA ASN D 63 27.13 44.09 -71.18
C ASN D 63 28.11 45.23 -71.39
N LEU D 64 29.01 45.46 -70.44
CA LEU D 64 29.82 46.67 -70.42
C LEU D 64 31.11 46.56 -71.22
N PHE D 65 31.51 45.35 -71.65
CA PHE D 65 32.72 45.20 -72.45
C PHE D 65 32.59 44.12 -73.53
N GLY D 66 31.39 43.66 -73.83
CA GLY D 66 31.19 42.67 -74.88
C GLY D 66 31.51 41.27 -74.42
N ASP D 67 31.37 40.33 -75.35
CA ASP D 67 31.51 38.91 -75.09
C ASP D 67 32.47 38.25 -76.06
N ASP D 68 33.48 38.99 -76.52
CA ASP D 68 34.44 38.48 -77.49
C ASP D 68 35.64 37.89 -76.75
N MET D 69 35.86 36.59 -76.92
CA MET D 69 36.98 35.92 -76.28
C MET D 69 38.30 36.14 -76.99
N ASN D 70 38.30 36.77 -78.16
CA ASN D 70 39.54 37.12 -78.85
C ASN D 70 40.33 38.20 -78.12
N TYR D 71 39.73 38.86 -77.13
CA TYR D 71 40.32 40.01 -76.47
C TYR D 71 40.57 39.69 -75.01
N SER D 72 41.60 40.33 -74.46
CA SER D 72 41.97 40.09 -73.06
C SER D 72 40.83 40.42 -72.11
N ALA D 73 40.00 41.42 -72.47
CA ALA D 73 38.96 41.91 -71.58
C ALA D 73 38.01 40.81 -71.14
N PHE D 74 37.26 40.23 -72.07
CA PHE D 74 36.24 39.26 -71.68
C PHE D 74 36.84 38.00 -71.10
N LYS D 75 37.92 37.49 -71.70
CA LYS D 75 38.51 36.25 -71.23
C LYS D 75 39.07 36.38 -69.81
N LEU D 76 39.91 37.39 -69.59
CA LEU D 76 40.48 37.59 -68.26
C LEU D 76 39.41 38.01 -67.27
N GLY D 77 38.38 38.74 -67.71
CA GLY D 77 37.29 39.05 -66.82
C GLY D 77 36.55 37.80 -66.37
N LYS D 78 36.27 36.89 -67.30
CA LYS D 78 35.60 35.64 -66.92
C LYS D 78 36.46 34.84 -65.96
N LEU D 79 37.77 34.79 -66.20
CA LEU D 79 38.66 34.08 -65.29
C LEU D 79 38.64 34.71 -63.90
N ALA D 80 38.69 36.04 -63.83
CA ALA D 80 38.67 36.72 -62.54
C ALA D 80 37.35 36.50 -61.82
N LEU D 81 36.23 36.58 -62.54
CA LEU D 81 34.92 36.38 -61.93
C LEU D 81 34.79 34.96 -61.40
N LEU D 82 35.28 33.97 -62.15
CA LEU D 82 35.34 32.62 -61.63
C LEU D 82 36.30 32.51 -60.46
N GLY D 83 37.25 33.44 -60.34
CA GLY D 83 38.03 33.56 -59.12
C GLY D 83 37.25 34.09 -57.93
N ASN D 84 36.00 34.51 -58.13
CA ASN D 84 35.09 34.87 -57.05
C ASN D 84 35.51 36.16 -56.35
N VAL D 85 35.93 37.15 -57.14
CA VAL D 85 36.25 38.46 -56.59
C VAL D 85 34.94 39.22 -56.36
N LYS D 86 34.87 39.94 -55.24
CA LYS D 86 33.65 40.67 -54.92
C LYS D 86 33.38 41.76 -55.95
N GLU D 87 34.41 42.50 -56.35
CA GLU D 87 34.26 43.57 -57.34
C GLU D 87 35.52 43.62 -58.18
N LEU D 88 35.35 43.50 -59.50
CA LEU D 88 36.46 43.47 -60.45
C LEU D 88 36.54 44.83 -61.13
N LEU D 89 37.69 45.49 -61.00
CA LEU D 89 37.91 46.83 -61.52
C LEU D 89 38.71 46.72 -62.82
N LEU D 90 38.15 47.26 -63.89
CA LEU D 90 38.70 47.15 -65.24
C LEU D 90 39.12 48.51 -65.78
N TYR D 91 39.97 48.48 -66.79
CA TYR D 91 40.36 49.69 -67.51
C TYR D 91 40.68 49.31 -68.94
N ARG D 92 39.98 49.94 -69.89
CA ARG D 92 40.15 49.60 -71.30
C ARG D 92 41.36 50.32 -71.86
N LEU D 93 42.30 49.55 -72.40
CA LEU D 93 43.52 50.09 -73.01
C LEU D 93 43.28 50.30 -74.49
N VAL D 94 43.78 51.43 -75.00
CA VAL D 94 43.61 51.79 -76.40
C VAL D 94 44.82 52.58 -76.87
N ASP D 95 45.03 52.57 -78.19
CA ASP D 95 45.86 53.56 -78.84
C ASP D 95 45.02 54.80 -79.14
N GLY D 96 45.68 55.95 -79.24
CA GLY D 96 44.96 57.20 -79.44
C GLY D 96 44.09 57.21 -80.68
N ASN D 97 44.46 56.44 -81.70
CA ASN D 97 43.64 56.35 -82.91
C ASN D 97 42.34 55.59 -82.70
N GLN D 98 42.17 54.92 -81.56
CA GLN D 98 40.99 54.10 -81.35
C GLN D 98 39.73 54.96 -81.34
N LYS D 99 38.66 54.44 -81.97
CA LYS D 99 37.57 55.30 -82.44
C LYS D 99 36.24 54.56 -82.37
N LYS D 100 35.16 55.34 -82.37
CA LYS D 100 33.80 54.85 -82.43
C LYS D 100 33.34 54.63 -83.87
N GLY D 101 32.52 53.60 -84.06
CA GLY D 101 31.83 53.44 -85.32
C GLY D 101 30.73 54.47 -85.49
N THR D 102 30.42 54.77 -86.75
CA THR D 102 29.49 55.84 -87.07
C THR D 102 28.75 55.55 -88.36
N LEU D 103 27.52 56.05 -88.44
CA LEU D 103 26.71 55.98 -89.65
C LEU D 103 25.87 57.25 -89.73
N THR D 104 25.53 57.65 -90.95
CA THR D 104 24.77 58.86 -91.21
C THR D 104 23.54 58.53 -92.02
N LEU D 105 22.47 59.28 -91.77
CA LEU D 105 21.19 59.13 -92.45
C LEU D 105 20.84 60.43 -93.16
N LYS D 106 20.02 60.31 -94.20
CA LYS D 106 19.67 61.42 -95.07
C LYS D 106 18.20 61.36 -95.41
N ASP D 107 17.64 62.52 -95.75
CA ASP D 107 16.25 62.63 -96.14
C ASP D 107 16.06 62.31 -97.62
N THR D 108 14.80 62.14 -98.02
CA THR D 108 14.43 61.84 -99.40
C THR D 108 13.37 62.77 -99.97
N THR D 109 12.76 63.63 -99.16
CA THR D 109 11.73 64.53 -99.68
C THR D 109 12.32 65.50 -100.70
N GLU D 110 13.50 66.04 -100.40
CA GLU D 110 14.17 66.99 -101.28
C GLU D 110 15.06 66.26 -102.28
N ASN D 111 15.10 66.79 -103.51
CA ASN D 111 16.00 66.23 -104.51
C ASN D 111 17.45 66.34 -104.07
N SER D 112 17.84 67.50 -103.54
CA SER D 112 19.15 67.68 -102.92
C SER D 112 19.05 67.20 -101.48
N ALA D 113 19.21 65.89 -101.31
CA ALA D 113 19.04 65.28 -100.00
C ALA D 113 20.10 65.80 -99.03
N LYS D 114 19.67 66.01 -97.78
CA LYS D 114 20.49 66.59 -96.73
C LYS D 114 20.58 65.63 -95.55
N ASP D 115 21.77 65.50 -94.99
CA ASP D 115 21.96 64.66 -93.82
C ASP D 115 21.21 65.25 -92.64
N VAL D 116 20.44 64.41 -91.95
CA VAL D 116 19.57 64.85 -90.87
C VAL D 116 19.76 64.08 -89.57
N ILE D 117 20.29 62.86 -89.60
CA ILE D 117 20.56 62.07 -88.41
C ILE D 117 21.89 61.35 -88.58
N LYS D 118 22.67 61.28 -87.50
CA LYS D 118 23.89 60.49 -87.45
C LYS D 118 23.79 59.51 -86.30
N LEU D 119 24.22 58.28 -86.55
CA LEU D 119 24.25 57.21 -85.56
C LEU D 119 25.69 56.87 -85.24
N GLU D 120 26.02 56.80 -83.95
CA GLU D 120 27.36 56.49 -83.48
C GLU D 120 27.28 55.50 -82.34
N THR D 121 28.18 54.53 -82.33
CA THR D 121 28.19 53.52 -81.28
C THR D 121 28.40 54.18 -79.92
N LYS D 122 27.68 53.68 -78.90
CA LYS D 122 27.75 54.29 -77.58
C LYS D 122 29.15 54.18 -76.98
N TYR D 123 29.91 53.16 -77.36
CA TYR D 123 31.27 52.95 -76.90
C TYR D 123 32.21 52.82 -78.10
N PRO D 124 33.49 53.17 -77.95
CA PRO D 124 34.42 52.95 -79.05
C PRO D 124 34.57 51.47 -79.38
N THR D 125 34.68 51.18 -80.68
CA THR D 125 34.73 49.81 -81.16
C THR D 125 35.10 49.82 -82.64
N ALA D 126 35.14 48.63 -83.22
CA ALA D 126 35.21 48.47 -84.67
C ALA D 126 34.26 47.37 -85.16
N ARG D 127 33.36 46.88 -84.31
CA ARG D 127 32.48 45.79 -84.70
C ARG D 127 31.47 46.24 -85.74
N ASN D 128 30.86 45.26 -86.39
CA ASN D 128 29.91 45.52 -87.48
C ASN D 128 28.50 45.69 -86.94
N PHE D 129 28.32 46.70 -86.09
CA PHE D 129 26.99 47.08 -85.67
C PHE D 129 26.26 47.71 -86.85
N ASN D 130 25.12 47.11 -87.22
CA ASN D 130 24.41 47.46 -88.44
C ASN D 130 23.03 48.00 -88.11
N VAL D 131 22.47 48.74 -89.08
CA VAL D 131 21.19 49.41 -88.92
C VAL D 131 20.39 49.26 -90.21
N THR D 132 19.07 49.16 -90.06
CA THR D 132 18.14 49.06 -91.19
C THR D 132 17.01 50.05 -90.99
N ILE D 133 16.65 50.75 -92.06
CA ILE D 133 15.49 51.64 -92.08
C ILE D 133 14.66 51.28 -93.31
N LYS D 134 13.36 51.12 -93.11
CA LYS D 134 12.46 50.72 -94.18
C LYS D 134 11.12 51.41 -93.98
N SER D 135 10.33 51.46 -95.05
CA SER D 135 9.02 52.08 -94.99
C SER D 135 8.09 51.29 -94.08
N ASN D 136 7.38 51.99 -93.21
CA ASN D 136 6.41 51.34 -92.34
C ASN D 136 5.21 50.87 -93.16
N LEU D 137 4.80 49.63 -92.93
CA LEU D 137 3.71 49.04 -93.71
C LEU D 137 2.33 49.48 -93.23
N VAL D 138 2.23 50.05 -92.03
CA VAL D 138 0.95 50.45 -91.46
C VAL D 138 0.71 51.92 -91.73
N ASP D 139 1.60 52.77 -91.21
CA ASP D 139 1.49 54.21 -91.36
C ASP D 139 2.38 54.68 -92.50
N SER D 140 1.89 55.65 -93.27
CA SER D 140 2.58 56.07 -94.48
C SER D 140 3.91 56.75 -94.16
N ASP D 141 3.91 57.72 -93.25
CA ASP D 141 5.10 58.52 -92.99
C ASP D 141 6.08 57.84 -92.03
N LYS D 142 5.71 56.71 -91.43
CA LYS D 142 6.58 56.07 -90.45
C LYS D 142 7.67 55.27 -91.14
N LYS D 143 8.85 55.24 -90.51
CA LYS D 143 9.98 54.43 -90.95
C LYS D 143 10.34 53.47 -89.83
N ASP D 144 10.55 52.21 -90.17
CA ASP D 144 10.86 51.18 -89.19
C ASP D 144 12.37 51.11 -89.00
N PHE D 145 12.84 51.57 -87.84
CA PHE D 145 14.26 51.59 -87.52
C PHE D 145 14.63 50.31 -86.80
N ILE D 146 15.53 49.52 -87.40
CA ILE D 146 15.97 48.25 -86.84
C ILE D 146 17.49 48.26 -86.77
N PHE D 147 18.03 47.61 -85.74
CA PHE D 147 19.45 47.62 -85.44
C PHE D 147 19.95 46.20 -85.29
N PHE D 148 21.17 45.95 -85.77
CA PHE D 148 21.75 44.62 -85.76
C PHE D 148 23.24 44.70 -85.40
N GLU D 149 23.84 43.52 -85.26
CA GLU D 149 25.30 43.36 -85.26
C GLU D 149 25.59 42.12 -86.09
N ASN D 150 26.12 42.32 -87.31
CA ASN D 150 26.31 41.24 -88.26
C ASN D 150 24.99 40.52 -88.55
N THR D 151 23.92 41.33 -88.71
CA THR D 151 22.56 40.89 -89.01
C THR D 151 21.84 40.28 -87.81
N LYS D 152 22.50 40.15 -86.65
CA LYS D 152 21.84 39.70 -85.44
C LYS D 152 21.12 40.89 -84.82
N GLN D 153 19.79 40.87 -84.87
CA GLN D 153 19.02 42.05 -84.51
C GLN D 153 19.14 42.37 -83.04
N LEU D 154 19.29 43.67 -82.75
CA LEU D 154 19.31 44.20 -81.39
C LEU D 154 17.93 44.75 -81.00
N PHE D 155 17.40 45.66 -81.81
CA PHE D 155 16.21 46.42 -81.44
C PHE D 155 15.53 46.91 -82.71
N SER D 156 14.20 47.03 -82.64
CA SER D 156 13.39 47.56 -83.73
C SER D 156 12.43 48.61 -83.19
N SER D 157 12.15 49.62 -84.03
CA SER D 157 11.26 50.70 -83.64
C SER D 157 10.68 51.35 -84.90
N SER D 158 9.63 52.13 -84.70
CA SER D 158 8.94 52.82 -85.78
C SER D 158 8.48 54.18 -85.30
N ILE D 159 8.85 55.23 -86.03
CA ILE D 159 8.48 56.61 -85.69
C ILE D 159 8.11 57.35 -86.97
N LYS D 160 7.18 58.29 -86.85
CA LYS D 160 6.77 59.14 -87.95
C LYS D 160 7.97 59.91 -88.50
N GLY D 161 7.77 60.52 -89.67
CA GLY D 161 8.85 61.13 -90.42
C GLY D 161 9.24 62.53 -89.99
N THR D 162 9.40 62.75 -88.68
CA THR D 162 9.98 63.97 -88.14
C THR D 162 11.26 63.61 -87.39
N ILE D 163 12.32 64.36 -87.65
CA ILE D 163 13.65 63.93 -87.22
C ILE D 163 13.79 63.99 -85.70
N ASP D 164 13.18 64.99 -85.07
CA ASP D 164 13.34 65.16 -83.62
C ASP D 164 12.77 63.97 -82.86
N GLU D 165 11.54 63.58 -83.18
CA GLU D 165 10.94 62.43 -82.51
C GLU D 165 11.70 61.15 -82.83
N ILE D 166 12.22 61.03 -84.05
CA ILE D 166 12.97 59.85 -84.44
C ILE D 166 14.21 59.70 -83.55
N VAL D 167 15.01 60.77 -83.45
CA VAL D 167 16.24 60.68 -82.68
C VAL D 167 15.92 60.52 -81.19
N LEU D 168 14.86 61.18 -80.71
CA LEU D 168 14.48 61.04 -79.31
C LEU D 168 14.08 59.60 -78.98
N GLU D 169 13.30 58.97 -79.84
CA GLU D 169 12.94 57.57 -79.61
C GLU D 169 14.17 56.67 -79.69
N ILE D 170 15.04 56.90 -80.68
CA ILE D 170 16.19 56.03 -80.85
C ILE D 170 17.12 56.13 -79.65
N ASN D 171 17.23 57.32 -79.05
CA ASN D 171 18.02 57.51 -77.85
C ASN D 171 17.26 57.15 -76.57
N SER D 172 15.95 56.96 -76.64
CA SER D 172 15.15 56.76 -75.44
C SER D 172 15.27 55.34 -74.91
N ASN D 173 14.91 54.36 -75.72
CA ASN D 173 14.90 52.98 -75.28
C ASN D 173 16.33 52.49 -75.07
N LEU D 174 16.55 51.83 -73.92
CA LEU D 174 17.85 51.24 -73.63
C LEU D 174 18.08 49.94 -74.39
N ASP D 175 17.07 49.42 -75.10
CA ASP D 175 17.32 48.36 -76.05
C ASP D 175 18.26 48.82 -77.15
N ASN D 176 18.28 50.13 -77.43
CA ASN D 176 19.19 50.74 -78.40
C ASN D 176 20.44 51.31 -77.72
N GLU D 177 20.87 50.70 -76.60
CA GLU D 177 22.00 51.23 -75.86
C GLU D 177 23.31 51.10 -76.64
N TYR D 178 23.37 50.23 -77.64
CA TYR D 178 24.61 50.07 -78.40
C TYR D 178 24.99 51.31 -79.19
N VAL D 179 24.03 52.18 -79.50
CA VAL D 179 24.23 53.28 -80.44
C VAL D 179 23.55 54.54 -79.91
N ILE D 180 24.13 55.68 -80.26
CA ILE D 180 23.59 57.00 -79.92
C ILE D 180 23.21 57.69 -81.22
N ALA D 181 22.00 58.27 -81.24
CA ALA D 181 21.51 59.02 -82.38
C ALA D 181 21.59 60.51 -82.07
N THR D 182 22.07 61.29 -83.04
CA THR D 182 22.17 62.74 -82.92
C THR D 182 21.60 63.39 -84.17
N LYS D 183 20.96 64.54 -83.97
CA LYS D 183 20.32 65.25 -85.06
C LYS D 183 21.33 66.11 -85.81
N VAL D 184 21.39 65.94 -87.12
CA VAL D 184 22.29 66.74 -87.96
C VAL D 184 21.59 68.01 -88.44
N ALA D 185 20.29 67.94 -88.70
CA ALA D 185 19.54 69.10 -89.15
C ALA D 185 18.10 68.98 -88.66
N ASP D 186 17.43 70.13 -88.59
CA ASP D 186 16.06 70.21 -88.09
C ASP D 186 15.10 70.09 -89.26
N SER D 187 14.97 68.86 -89.76
CA SER D 187 14.13 68.55 -90.91
C SER D 187 12.88 67.78 -90.45
N ASP D 188 11.80 67.95 -91.21
CA ASP D 188 10.58 67.18 -91.05
C ASP D 188 10.32 66.30 -92.28
N THR D 189 11.40 65.87 -92.94
CA THR D 189 11.33 65.17 -94.21
C THR D 189 11.48 63.67 -94.01
N ILE D 190 11.05 62.92 -95.03
CA ILE D 190 11.10 61.46 -94.96
C ILE D 190 12.54 60.99 -95.07
N LEU D 191 12.93 60.08 -94.19
CA LEU D 191 14.29 59.57 -94.17
C LEU D 191 14.52 58.61 -95.33
N ALA D 192 15.80 58.39 -95.63
CA ALA D 192 16.21 57.43 -96.64
C ALA D 192 16.31 56.04 -96.03
N ASN D 193 15.89 55.03 -96.78
CA ASN D 193 15.92 53.66 -96.31
C ASN D 193 17.34 53.10 -96.40
N VAL D 194 17.77 52.43 -95.34
CA VAL D 194 19.04 51.72 -95.29
C VAL D 194 18.74 50.28 -94.87
N VAL D 195 19.67 49.39 -95.23
CA VAL D 195 19.51 47.96 -94.94
C VAL D 195 20.83 47.40 -94.44
N ASN D 196 20.92 47.18 -93.13
CA ASN D 196 22.08 46.52 -92.52
C ASN D 196 23.37 47.29 -92.79
N GLN D 197 23.29 48.62 -92.73
CA GLN D 197 24.45 49.46 -92.96
C GLN D 197 25.27 49.55 -91.68
N ALA D 198 26.55 49.16 -91.75
CA ALA D 198 27.40 49.13 -90.58
C ALA D 198 27.79 50.55 -90.16
N LEU D 199 27.93 50.72 -88.84
CA LEU D 199 28.43 51.99 -88.29
C LEU D 199 29.94 51.98 -88.44
N GLU D 200 30.41 52.49 -89.57
CA GLU D 200 31.81 52.44 -89.93
C GLU D 200 32.57 53.61 -89.30
N GLY D 201 33.87 53.65 -89.55
CA GLY D 201 34.74 54.68 -89.00
C GLY D 201 35.31 54.37 -87.63
N GLY D 202 34.92 53.23 -87.02
CA GLY D 202 35.43 52.86 -85.73
C GLY D 202 36.74 52.11 -85.81
N ASN D 203 37.42 52.03 -84.66
CA ASN D 203 38.68 51.33 -84.53
C ASN D 203 38.63 50.50 -83.26
N ASP D 204 39.38 49.39 -83.26
CA ASP D 204 39.05 48.25 -82.41
C ASP D 204 39.50 48.41 -80.97
N GLY D 205 40.82 48.46 -80.74
CA GLY D 205 41.36 48.44 -79.40
C GLY D 205 42.60 47.59 -79.25
N CYS D 206 42.80 46.62 -80.15
CA CYS D 206 44.05 45.90 -80.27
C CYS D 206 45.03 46.61 -81.21
N THR D 207 44.73 47.83 -81.60
CA THR D 207 45.51 48.54 -82.62
C THR D 207 46.69 49.23 -81.95
N SER D 208 47.89 48.70 -82.17
CA SER D 208 49.15 49.36 -81.80
C SER D 208 49.20 49.66 -80.30
N ILE D 209 48.79 48.71 -79.48
CA ILE D 209 48.87 48.87 -78.04
C ILE D 209 50.30 48.55 -77.61
N THR D 210 50.89 49.47 -76.85
CA THR D 210 52.29 49.42 -76.46
C THR D 210 52.41 49.68 -74.96
N ASN D 211 53.65 49.70 -74.48
CA ASN D 211 53.92 49.85 -73.05
C ASN D 211 53.39 51.17 -72.51
N GLU D 212 53.34 52.21 -73.34
CA GLU D 212 52.87 53.52 -72.87
C GLU D 212 51.41 53.46 -72.47
N SER D 213 50.59 52.70 -73.21
CA SER D 213 49.19 52.54 -72.82
C SER D 213 49.07 51.89 -71.46
N TYR D 214 49.87 50.85 -71.21
CA TYR D 214 49.86 50.20 -69.90
C TYR D 214 50.32 51.16 -68.81
N LEU D 215 51.33 51.97 -69.11
CA LEU D 215 51.81 52.95 -68.13
C LEU D 215 50.70 53.94 -67.78
N LYS D 216 50.00 54.43 -68.79
CA LYS D 216 48.88 55.35 -68.54
C LYS D 216 47.79 54.66 -67.72
N ALA D 217 47.50 53.39 -68.04
CA ALA D 217 46.51 52.66 -67.28
C ALA D 217 46.92 52.52 -65.82
N LEU D 218 48.20 52.22 -65.56
CA LEU D 218 48.67 52.11 -64.19
C LEU D 218 48.56 53.45 -63.47
N GLU D 219 48.90 54.53 -64.16
CA GLU D 219 48.79 55.86 -63.55
C GLU D 219 47.34 56.17 -63.20
N GLU D 220 46.40 55.77 -64.05
CA GLU D 220 44.99 55.87 -63.69
C GLU D 220 44.68 55.00 -62.47
N PHE D 221 45.26 53.80 -62.42
CA PHE D 221 45.01 52.88 -61.32
C PHE D 221 45.62 53.36 -60.00
N GLU D 222 46.53 54.34 -60.04
CA GLU D 222 47.07 54.89 -58.81
C GLU D 222 45.99 55.48 -57.92
N ARG D 223 44.89 55.93 -58.51
CA ARG D 223 43.82 56.55 -57.74
C ARG D 223 43.22 55.59 -56.71
N TYR D 224 43.01 54.35 -57.12
CA TYR D 224 42.18 53.42 -56.37
C TYR D 224 43.04 52.59 -55.42
N SER D 225 42.38 51.72 -54.66
CA SER D 225 43.03 50.74 -53.79
C SER D 225 42.62 49.35 -54.23
N PHE D 226 43.56 48.41 -54.14
CA PHE D 226 43.36 47.06 -54.67
C PHE D 226 43.95 46.04 -53.73
N ASP D 227 43.51 44.79 -53.91
CA ASP D 227 44.12 43.64 -53.24
C ASP D 227 45.18 42.96 -54.09
N SER D 228 45.10 43.08 -55.41
CA SER D 228 46.11 42.49 -56.28
C SER D 228 46.07 43.12 -57.66
N PHE D 229 47.13 42.90 -58.42
CA PHE D 229 47.28 43.37 -59.79
C PHE D 229 47.94 42.26 -60.59
N VAL D 230 47.58 42.14 -61.88
CA VAL D 230 47.99 41.00 -62.69
C VAL D 230 48.53 41.38 -64.06
N LEU D 231 48.31 42.64 -64.49
CA LEU D 231 48.92 43.16 -65.71
C LEU D 231 48.42 42.44 -66.97
N ASP D 232 47.10 42.47 -67.15
CA ASP D 232 46.46 42.19 -68.44
C ASP D 232 46.75 40.80 -68.99
N GLY D 233 47.29 39.89 -68.20
CA GLY D 233 47.64 38.58 -68.72
C GLY D 233 48.71 38.63 -69.79
N VAL D 234 49.58 39.64 -69.75
CA VAL D 234 50.64 39.84 -70.74
C VAL D 234 51.97 39.73 -70.02
N ALA D 235 52.90 38.97 -70.61
CA ALA D 235 54.18 38.65 -70.00
C ALA D 235 55.34 39.45 -70.58
N ASP D 236 55.06 40.60 -71.18
CA ASP D 236 56.13 41.43 -71.73
C ASP D 236 57.04 41.90 -70.61
N GLU D 237 58.35 41.76 -70.81
CA GLU D 237 59.31 41.93 -69.73
C GLU D 237 59.34 43.38 -69.24
N ALA D 238 59.50 44.34 -70.16
CA ALA D 238 59.65 45.74 -69.76
C ALA D 238 58.44 46.22 -68.98
N LEU D 239 57.25 45.79 -69.39
CA LEU D 239 56.05 46.06 -68.60
C LEU D 239 56.16 45.46 -67.20
N GLN D 240 56.78 44.29 -67.08
CA GLN D 240 56.90 43.67 -65.77
C GLN D 240 57.85 44.46 -64.86
N GLU D 241 59.00 44.91 -65.37
CA GLU D 241 59.85 45.74 -64.52
C GLU D 241 59.17 47.07 -64.19
N THR D 242 58.45 47.65 -65.16
CA THR D 242 57.75 48.90 -64.89
C THR D 242 56.73 48.72 -63.78
N THR D 243 55.96 47.64 -63.83
CA THR D 243 54.96 47.39 -62.80
C THR D 243 55.62 47.06 -61.47
N LYS D 244 56.78 46.40 -61.50
CA LYS D 244 57.51 46.13 -60.27
C LYS D 244 57.90 47.44 -59.58
N ALA D 245 58.49 48.35 -60.35
CA ALA D 245 58.86 49.65 -59.79
C ALA D 245 57.63 50.41 -59.32
N TRP D 246 56.53 50.32 -60.07
CA TRP D 246 55.30 51.01 -59.72
C TRP D 246 54.74 50.50 -58.40
N VAL D 247 54.76 49.17 -58.20
CA VAL D 247 54.26 48.59 -56.97
C VAL D 247 55.18 48.95 -55.81
N ALA D 248 56.49 48.98 -56.04
CA ALA D 248 57.41 49.40 -54.99
C ALA D 248 57.13 50.83 -54.58
N LYS D 249 56.90 51.71 -55.55
CA LYS D 249 56.54 53.10 -55.24
C LYS D 249 55.25 53.16 -54.44
N ASN D 250 54.24 52.38 -54.85
CA ASN D 250 52.96 52.39 -54.15
C ASN D 250 53.12 51.91 -52.72
N LYS D 251 53.95 50.89 -52.50
CA LYS D 251 54.21 50.41 -51.15
C LYS D 251 54.87 51.49 -50.31
N GLU D 252 55.88 52.16 -50.87
CA GLU D 252 56.54 53.23 -50.14
C GLU D 252 55.60 54.39 -49.86
N LEU D 253 54.59 54.58 -50.70
CA LEU D 253 53.59 55.62 -50.52
C LEU D 253 52.42 55.17 -49.64
N GLY D 254 52.53 54.01 -49.01
CA GLY D 254 51.49 53.54 -48.11
C GLY D 254 50.36 52.77 -48.76
N LYS D 255 50.45 52.48 -50.06
CA LYS D 255 49.47 51.66 -50.77
C LYS D 255 50.05 50.27 -50.95
N ASP D 256 49.45 49.29 -50.29
CA ASP D 256 50.00 47.93 -50.22
C ASP D 256 49.34 47.08 -51.29
N ILE D 257 49.89 47.17 -52.50
CA ILE D 257 49.37 46.46 -53.67
C ILE D 257 50.21 45.23 -53.91
N LEU D 258 49.55 44.09 -54.07
CA LEU D 258 50.19 42.83 -54.41
C LEU D 258 50.16 42.65 -55.92
N LEU D 259 51.18 41.99 -56.46
CA LEU D 259 51.31 41.79 -57.90
C LEU D 259 51.53 40.32 -58.21
N PHE D 260 50.75 39.82 -59.16
CA PHE D 260 50.92 38.49 -59.72
C PHE D 260 51.38 38.62 -61.17
N LEU D 261 52.25 37.71 -61.59
CA LEU D 261 52.79 37.73 -62.94
C LEU D 261 52.89 36.30 -63.46
N GLY D 262 52.93 36.19 -64.78
CA GLY D 262 53.10 34.91 -65.44
C GLY D 262 54.09 35.01 -66.57
N GLY D 263 54.99 34.03 -66.67
CA GLY D 263 55.99 34.05 -67.71
C GLY D 263 55.42 33.71 -69.06
N LYS D 264 56.26 33.84 -70.07
CA LYS D 264 55.86 33.53 -71.44
C LYS D 264 55.73 32.03 -71.62
N THR D 265 54.84 31.64 -72.55
CA THR D 265 54.67 30.22 -72.84
C THR D 265 55.94 29.59 -73.38
N GLU D 266 56.79 30.39 -74.04
CA GLU D 266 58.03 29.86 -74.61
C GLU D 266 59.08 29.57 -73.55
N ASP D 267 58.96 30.16 -72.36
CA ASP D 267 59.98 29.98 -71.34
C ASP D 267 59.94 28.56 -70.79
N ASN D 268 61.11 27.93 -70.74
CA ASN D 268 61.24 26.65 -70.06
C ASN D 268 61.10 26.85 -68.56
N ILE D 269 60.90 25.74 -67.85
CA ILE D 269 60.80 25.80 -66.39
C ILE D 269 62.08 26.38 -65.79
N LYS D 270 63.22 26.12 -66.43
CA LYS D 270 64.46 26.76 -65.99
C LYS D 270 64.37 28.27 -66.16
N GLN D 271 63.87 28.73 -67.31
CA GLN D 271 63.76 30.17 -67.54
C GLN D 271 62.74 30.79 -66.60
N ILE D 272 61.63 30.10 -66.34
CA ILE D 272 60.63 30.59 -65.40
C ILE D 272 61.24 30.69 -64.01
N ASN D 273 62.02 29.70 -63.60
CA ASN D 273 62.67 29.75 -62.31
C ASN D 273 63.70 30.87 -62.24
N ASP D 274 64.39 31.14 -63.34
CA ASP D 274 65.31 32.26 -63.38
C ASP D 274 64.58 33.57 -63.21
N LYS D 275 63.43 33.73 -63.86
CA LYS D 275 62.64 34.94 -63.69
C LYS D 275 62.11 35.06 -62.27
N SER D 276 61.65 33.95 -61.69
CA SER D 276 61.18 33.96 -60.31
C SER D 276 62.31 34.24 -59.33
N LYS D 277 63.55 33.94 -59.71
CA LYS D 277 64.70 34.37 -58.94
C LYS D 277 64.93 35.87 -59.09
N SER D 278 64.78 36.38 -60.32
CA SER D 278 65.00 37.80 -60.57
C SER D 278 64.04 38.64 -59.75
N PHE D 279 62.78 38.23 -59.66
CA PHE D 279 61.85 38.83 -58.73
C PHE D 279 62.10 38.28 -57.34
N ASN D 280 62.30 39.17 -56.38
CA ASN D 280 62.46 38.76 -54.99
C ASN D 280 61.68 39.64 -54.02
N ASP D 281 61.01 40.67 -54.49
CA ASP D 281 60.09 41.41 -53.64
C ASP D 281 58.89 40.52 -53.31
N GLU D 282 58.44 40.61 -52.06
CA GLU D 282 57.39 39.72 -51.59
C GLU D 282 56.08 39.92 -52.33
N ASN D 283 55.84 41.12 -52.85
CA ASN D 283 54.61 41.43 -53.55
C ASN D 283 54.60 40.95 -54.99
N ILE D 284 55.57 40.14 -55.40
CA ILE D 284 55.68 39.63 -56.76
C ILE D 284 55.45 38.11 -56.71
N VAL D 285 54.54 37.63 -57.56
CA VAL D 285 54.26 36.22 -57.69
C VAL D 285 54.38 35.87 -59.17
N ASN D 286 55.22 34.90 -59.49
CA ASN D 286 55.49 34.48 -60.86
C ASN D 286 54.80 33.14 -61.11
N VAL D 287 54.06 33.06 -62.21
CA VAL D 287 53.28 31.88 -62.57
C VAL D 287 53.92 31.24 -63.79
N GLY D 288 54.16 29.93 -63.72
CA GLY D 288 54.83 29.20 -64.78
C GLY D 288 53.91 28.34 -65.61
N SER D 289 52.96 27.67 -64.96
CA SER D 289 52.15 26.67 -65.64
C SER D 289 51.10 27.32 -66.52
N SER D 290 50.81 26.67 -67.64
CA SER D 290 49.67 26.98 -68.50
C SER D 290 48.54 26.00 -68.19
N ALA D 291 47.36 26.31 -68.71
CA ALA D 291 46.19 25.51 -68.37
C ALA D 291 45.11 25.65 -69.43
N TYR D 292 44.15 24.73 -69.37
CA TYR D 292 42.95 24.74 -70.19
C TYR D 292 41.74 24.68 -69.27
N TYR D 293 40.71 25.48 -69.59
CA TYR D 293 39.46 25.46 -68.85
C TYR D 293 38.29 24.98 -69.71
N GLU D 294 37.95 25.71 -70.78
CA GLU D 294 36.96 25.26 -71.75
C GLU D 294 37.64 24.72 -73.01
N ASN D 295 38.53 23.75 -72.81
CA ASN D 295 39.31 23.16 -73.91
C ASN D 295 40.12 24.21 -74.67
N ILE D 296 40.46 25.32 -74.00
CA ILE D 296 41.15 26.44 -74.61
C ILE D 296 42.32 26.82 -73.71
N LYS D 297 43.50 26.92 -74.28
CA LYS D 297 44.70 27.11 -73.48
C LYS D 297 44.72 28.50 -72.86
N TYR D 298 45.47 28.62 -71.77
CA TYR D 298 45.71 29.90 -71.10
C TYR D 298 47.18 30.01 -70.77
N THR D 299 47.79 31.12 -71.18
CA THR D 299 49.20 31.35 -70.92
C THR D 299 49.42 31.48 -69.42
N PRO D 300 50.68 31.42 -68.95
CA PRO D 300 50.92 31.54 -67.51
C PRO D 300 50.39 32.83 -66.91
N SER D 301 50.38 33.92 -67.67
CA SER D 301 49.84 35.18 -67.16
C SER D 301 48.31 35.17 -67.18
N GLU D 302 47.70 34.54 -68.18
CA GLU D 302 46.25 34.45 -68.22
C GLU D 302 45.72 33.68 -67.02
N VAL D 303 46.41 32.61 -66.64
CA VAL D 303 46.07 31.90 -65.41
C VAL D 303 46.58 32.64 -64.18
N ALA D 304 47.57 33.52 -64.31
CA ALA D 304 47.95 34.37 -63.20
C ALA D 304 46.81 35.30 -62.83
N VAL D 305 46.02 35.72 -63.83
CA VAL D 305 44.81 36.47 -63.53
C VAL D 305 43.90 35.68 -62.60
N TYR D 306 43.66 34.42 -62.95
CA TYR D 306 42.76 33.59 -62.16
C TYR D 306 43.32 33.31 -60.76
N ILE D 307 44.62 33.05 -60.65
CA ILE D 307 45.17 32.72 -59.34
C ILE D 307 45.16 33.96 -58.45
N ALA D 308 45.44 35.14 -59.01
CA ALA D 308 45.32 36.36 -58.22
C ALA D 308 43.88 36.59 -57.77
N ALA D 309 42.92 36.36 -58.67
CA ALA D 309 41.52 36.52 -58.31
C ALA D 309 41.12 35.57 -57.19
N LEU D 310 41.56 34.32 -57.29
CA LEU D 310 41.23 33.34 -56.25
C LEU D 310 41.90 33.70 -54.94
N SER D 311 43.12 34.23 -55.00
CA SER D 311 43.83 34.63 -53.78
C SER D 311 43.09 35.75 -53.07
N VAL D 312 42.71 36.80 -53.81
CA VAL D 312 42.03 37.92 -53.19
C VAL D 312 40.65 37.50 -52.69
N SER D 313 39.98 36.61 -53.43
CA SER D 313 38.69 36.11 -52.98
C SER D 313 38.85 35.32 -51.68
N LYS D 314 39.95 34.57 -51.56
CA LYS D 314 40.23 33.86 -50.31
C LYS D 314 40.38 34.84 -49.16
N GLY D 315 41.09 35.94 -49.38
CA GLY D 315 41.31 36.90 -48.32
C GLY D 315 42.10 36.28 -47.19
N ILE D 316 41.80 36.74 -45.98
CA ILE D 316 42.33 36.14 -44.77
C ILE D 316 41.44 34.95 -44.44
N THR D 317 41.87 34.09 -43.52
CA THR D 317 41.14 32.88 -43.15
C THR D 317 41.15 31.85 -44.27
N GLY D 318 42.26 31.78 -45.00
CA GLY D 318 42.37 30.81 -46.07
C GLY D 318 43.72 30.92 -46.73
N SER D 319 43.90 30.10 -47.76
CA SER D 319 45.13 30.06 -48.52
C SER D 319 44.81 29.50 -49.91
N ILE D 320 45.85 29.16 -50.67
CA ILE D 320 45.71 28.62 -52.01
C ILE D 320 46.54 27.37 -52.22
N CYS D 321 47.22 26.86 -51.18
CA CYS D 321 48.21 25.81 -51.38
C CYS D 321 47.61 24.51 -51.86
N ASN D 322 46.28 24.32 -51.73
CA ASN D 322 45.62 23.19 -52.36
C ASN D 322 44.25 23.53 -52.89
N ALA D 323 43.96 24.81 -53.15
CA ALA D 323 42.65 25.19 -53.64
C ALA D 323 42.42 24.61 -55.03
N LYS D 324 41.26 24.00 -55.22
CA LYS D 324 40.94 23.40 -56.51
C LYS D 324 40.70 24.50 -57.53
N THR D 325 41.18 24.27 -58.76
CA THR D 325 41.03 25.20 -59.86
C THR D 325 39.95 24.73 -60.82
N ILE D 326 39.48 25.67 -61.64
CA ILE D 326 38.48 25.34 -62.66
C ILE D 326 39.08 24.68 -63.89
N PHE D 327 40.41 24.62 -64.00
CA PHE D 327 41.06 24.22 -65.23
C PHE D 327 40.99 22.71 -65.41
N GLU D 328 40.66 22.29 -66.63
CA GLU D 328 40.53 20.88 -66.96
C GLU D 328 41.86 20.22 -67.32
N GLU D 329 42.87 21.01 -67.68
CA GLU D 329 44.20 20.50 -67.94
C GLU D 329 45.24 21.53 -67.52
N VAL D 330 46.46 21.04 -67.30
CA VAL D 330 47.59 21.86 -66.90
C VAL D 330 48.83 21.37 -67.64
N GLU D 331 49.66 22.31 -68.08
CA GLU D 331 50.95 21.98 -68.66
C GLU D 331 51.86 23.19 -68.54
N PRO D 332 53.19 23.00 -68.47
CA PRO D 332 53.95 21.75 -68.42
C PRO D 332 53.81 21.05 -67.06
N ARG D 333 53.99 19.73 -67.04
CA ARG D 333 53.65 18.91 -65.89
C ARG D 333 54.91 18.37 -65.24
N LEU D 334 54.94 18.39 -63.91
CA LEU D 334 56.16 18.37 -63.14
C LEU D 334 56.20 17.17 -62.19
N SER D 335 57.35 16.50 -62.15
CA SER D 335 57.61 15.55 -61.10
C SER D 335 57.91 16.29 -59.79
N GLN D 336 58.01 15.54 -58.70
CA GLN D 336 58.29 16.16 -57.41
C GLN D 336 59.61 16.91 -57.41
N SER D 337 60.59 16.43 -58.17
CA SER D 337 61.85 17.16 -58.31
C SER D 337 61.61 18.52 -58.95
N GLU D 338 60.85 18.56 -60.05
CA GLU D 338 60.57 19.82 -60.72
C GLU D 338 59.75 20.75 -59.83
N VAL D 339 58.79 20.19 -59.11
CA VAL D 339 57.97 20.99 -58.19
C VAL D 339 58.84 21.62 -57.12
N LYS D 340 59.75 20.83 -56.55
CA LYS D 340 60.64 21.35 -55.52
C LYS D 340 61.57 22.42 -56.09
N GLU D 341 62.05 22.21 -57.31
CA GLU D 341 62.87 23.21 -57.97
C GLU D 341 62.11 24.52 -58.14
N CYS D 342 60.85 24.43 -58.60
CA CYS D 342 60.05 25.63 -58.82
C CYS D 342 59.77 26.34 -57.50
N LEU D 343 59.43 25.59 -56.45
CA LEU D 343 59.15 26.21 -55.16
C LEU D 343 60.39 26.87 -54.58
N LYS D 344 61.54 26.21 -54.69
CA LYS D 344 62.79 26.83 -54.24
C LYS D 344 63.10 28.09 -55.03
N SER D 345 62.72 28.11 -56.31
CA SER D 345 62.89 29.29 -57.14
C SER D 345 61.85 30.37 -56.83
N GLY D 346 60.85 30.09 -56.00
CA GLY D 346 59.77 31.01 -55.74
C GLY D 346 58.65 30.95 -56.76
N THR D 347 58.77 30.11 -57.79
CA THR D 347 57.73 30.00 -58.80
C THR D 347 56.49 29.34 -58.21
N LEU D 348 55.32 29.82 -58.63
CA LEU D 348 54.05 29.17 -58.39
C LEU D 348 53.62 28.47 -59.66
N VAL D 349 53.29 27.17 -59.54
CA VAL D 349 52.92 26.35 -60.68
C VAL D 349 51.75 25.47 -60.29
N LEU D 350 50.78 25.35 -61.18
CA LEU D 350 49.65 24.47 -60.93
C LEU D 350 50.09 23.01 -61.07
N ASP D 351 49.22 22.11 -60.61
CA ASP D 351 49.56 20.70 -60.52
C ASP D 351 48.30 19.88 -60.78
N PHE D 352 48.52 18.60 -61.09
CA PHE D 352 47.44 17.65 -61.36
C PHE D 352 47.47 16.54 -60.33
N ASP D 353 47.53 16.92 -59.05
CA ASP D 353 47.64 15.94 -57.96
C ASP D 353 46.49 14.94 -57.97
N ASP D 354 45.34 15.32 -58.53
CA ASP D 354 44.20 14.42 -58.68
C ASP D 354 43.63 14.63 -60.08
N GLY D 355 42.43 14.13 -60.32
CA GLY D 355 41.80 14.26 -61.64
C GLY D 355 41.51 15.69 -62.04
N ASP D 356 41.56 16.63 -61.11
CA ASP D 356 41.42 18.05 -61.38
C ASP D 356 42.80 18.71 -61.39
N VAL D 357 42.83 19.99 -61.73
CA VAL D 357 44.03 20.81 -61.64
C VAL D 357 44.02 21.52 -60.30
N ILE D 358 45.12 21.38 -59.55
CA ILE D 358 45.20 21.84 -58.17
C ILE D 358 46.42 22.75 -58.04
N ILE D 359 46.25 23.83 -57.26
CA ILE D 359 47.36 24.72 -56.97
C ILE D 359 48.34 24.01 -56.04
N VAL D 360 49.63 24.10 -56.35
CA VAL D 360 50.60 23.30 -55.61
C VAL D 360 50.84 23.90 -54.22
N ASP D 361 51.04 25.21 -54.12
CA ASP D 361 51.54 25.81 -52.88
C ASP D 361 51.18 27.28 -52.86
N ASP D 362 51.56 27.94 -51.77
CA ASP D 362 51.25 29.34 -51.51
C ASP D 362 52.43 30.26 -51.80
N VAL D 363 53.45 29.76 -52.51
CA VAL D 363 54.74 30.44 -52.59
C VAL D 363 54.63 31.71 -53.44
N ASN D 364 55.60 32.60 -53.24
CA ASN D 364 55.79 33.79 -54.07
C ASN D 364 57.23 33.82 -54.57
N THR D 365 57.54 34.81 -55.42
CA THR D 365 58.89 34.90 -55.97
C THR D 365 59.91 35.20 -54.89
N PHE D 366 59.51 35.83 -53.79
CA PHE D 366 60.48 36.17 -52.74
C PHE D 366 61.12 34.94 -52.13
N LYS D 367 60.39 33.82 -52.08
CA LYS D 367 60.75 32.66 -51.24
C LYS D 367 62.18 32.16 -51.44
N LYS D 368 62.84 32.56 -52.53
CA LYS D 368 64.24 32.22 -52.73
C LYS D 368 65.13 32.65 -51.56
N TYR D 369 64.78 33.75 -50.88
CA TYR D 369 65.50 34.18 -49.69
C TYR D 369 64.66 33.85 -48.46
N VAL D 370 65.33 33.79 -47.30
CA VAL D 370 64.86 32.96 -46.20
C VAL D 370 64.56 33.74 -44.92
N ASP D 371 65.57 34.37 -44.34
CA ASP D 371 65.58 34.57 -42.88
C ASP D 371 65.09 35.96 -42.45
N ASP D 372 65.66 37.04 -42.99
CA ASP D 372 65.23 38.37 -42.53
C ASP D 372 63.75 38.58 -42.84
N LYS D 373 63.37 38.63 -44.11
CA LYS D 373 61.97 38.51 -44.45
C LYS D 373 61.64 37.03 -44.31
N ASN D 374 60.91 36.67 -43.25
CA ASN D 374 60.90 35.29 -42.79
C ASN D 374 60.28 34.37 -43.84
N GLU D 375 60.38 33.07 -43.58
CA GLU D 375 59.91 32.08 -44.55
C GLU D 375 58.41 32.18 -44.75
N ALA D 376 57.67 32.61 -43.73
CA ALA D 376 56.23 32.83 -43.92
C ALA D 376 55.98 33.96 -44.91
N MET D 377 56.88 34.94 -44.99
CA MET D 377 56.75 35.97 -46.03
C MET D 377 56.85 35.38 -47.42
N GLY D 378 57.53 34.24 -47.55
CA GLY D 378 57.55 33.54 -48.83
C GLY D 378 56.19 33.04 -49.27
N TYR D 379 55.21 32.98 -48.36
CA TYR D 379 53.87 32.54 -48.67
C TYR D 379 52.95 33.74 -48.85
N ILE D 380 52.06 33.65 -49.84
CA ILE D 380 51.23 34.78 -50.23
C ILE D 380 50.24 35.14 -49.12
N SER D 381 49.74 34.14 -48.38
CA SER D 381 48.73 34.40 -47.36
C SER D 381 49.27 35.34 -46.29
N ASN D 382 50.52 35.15 -45.88
CA ASN D 382 51.11 36.03 -44.89
C ASN D 382 51.21 37.45 -45.42
N ILE D 383 51.57 37.60 -46.69
CA ILE D 383 51.66 38.94 -47.27
C ILE D 383 50.28 39.59 -47.31
N MET D 384 49.26 38.82 -47.64
CA MET D 384 47.90 39.36 -47.63
C MET D 384 47.53 39.80 -46.22
N PHE D 385 47.91 39.01 -45.22
CA PHE D 385 47.64 39.37 -43.83
C PHE D 385 48.33 40.67 -43.45
N ILE D 386 49.62 40.79 -43.79
CA ILE D 386 50.38 41.98 -43.44
C ILE D 386 49.82 43.20 -44.15
N ASN D 387 49.47 43.04 -45.42
CA ASN D 387 48.90 44.16 -46.16
C ASN D 387 47.55 44.57 -45.56
N THR D 388 46.76 43.60 -45.12
CA THR D 388 45.48 43.93 -44.50
C THR D 388 45.68 44.68 -43.18
N ILE D 389 46.65 44.25 -42.37
CA ILE D 389 46.93 44.95 -41.12
C ILE D 389 47.39 46.37 -41.42
N ASN D 390 48.29 46.52 -42.39
CA ASN D 390 48.75 47.84 -42.77
C ASN D 390 47.60 48.71 -43.27
N LYS D 391 46.68 48.12 -44.03
CA LYS D 391 45.56 48.87 -44.58
C LYS D 391 44.61 49.33 -43.48
N ASP D 392 44.27 48.43 -42.56
CA ASP D 392 43.38 48.82 -41.47
C ASP D 392 44.04 49.85 -40.56
N THR D 393 45.34 49.72 -40.36
CA THR D 393 46.08 50.70 -39.56
C THR D 393 46.12 52.07 -40.24
N SER D 394 46.40 52.07 -41.55
CA SER D 394 46.35 53.29 -42.33
C SER D 394 44.93 53.79 -42.53
N LEU D 395 43.92 52.98 -42.20
CA LEU D 395 42.58 53.52 -42.06
C LEU D 395 42.42 54.23 -40.72
N LYS D 396 43.01 53.66 -39.66
CA LYS D 396 42.98 54.29 -38.36
C LYS D 396 43.72 55.62 -38.32
N ARG D 397 44.59 55.88 -39.32
CA ARG D 397 45.35 57.13 -39.32
C ARG D 397 44.40 58.32 -39.20
N LYS D 398 43.35 58.33 -40.02
CA LYS D 398 42.43 59.45 -40.09
C LYS D 398 41.61 59.58 -38.83
N GLU D 399 41.39 58.46 -38.13
CA GLU D 399 40.71 58.53 -36.85
C GLU D 399 41.58 59.19 -35.80
N PHE D 400 42.89 58.91 -35.83
CA PHE D 400 43.78 59.33 -34.73
C PHE D 400 44.73 60.47 -35.07
N VAL D 401 45.14 60.63 -36.33
CA VAL D 401 46.13 61.67 -36.62
C VAL D 401 45.44 63.03 -36.58
N GLY D 402 46.05 63.97 -35.86
CA GLY D 402 45.54 65.32 -35.83
C GLY D 402 44.23 65.48 -35.09
N LYS D 403 43.89 64.54 -34.20
CA LYS D 403 42.60 64.56 -33.52
C LYS D 403 42.69 64.15 -32.05
N ILE D 404 43.89 63.90 -31.51
CA ILE D 404 44.04 63.54 -30.11
C ILE D 404 45.44 63.93 -29.67
N PHE D 405 45.57 64.29 -28.39
CA PHE D 405 46.56 65.26 -27.96
C PHE D 405 47.92 64.69 -27.59
N ASN D 406 48.22 63.42 -27.89
CA ASN D 406 49.52 62.82 -27.58
C ASN D 406 49.77 62.66 -26.08
N ASP D 407 48.81 62.99 -25.23
CA ASP D 407 48.98 62.80 -23.80
C ASP D 407 48.86 61.32 -23.50
N ALA D 408 48.93 60.96 -22.20
CA ALA D 408 48.75 59.57 -21.83
C ALA D 408 47.37 59.07 -22.21
N THR D 409 46.36 59.94 -22.15
CA THR D 409 45.01 59.56 -22.52
C THR D 409 44.90 59.20 -23.99
N GLY D 410 45.50 60.02 -24.87
CA GLY D 410 45.44 59.74 -26.29
C GLY D 410 46.19 58.47 -26.65
N GLN D 411 47.38 58.29 -26.07
CA GLN D 411 48.13 57.06 -26.32
C GLN D 411 47.36 55.85 -25.85
N THR D 412 46.73 55.95 -24.67
CA THR D 412 45.94 54.85 -24.15
C THR D 412 44.76 54.54 -25.04
N THR D 413 44.11 55.58 -25.56
CA THR D 413 42.97 55.37 -26.46
C THR D 413 43.41 54.68 -27.74
N VAL D 414 44.53 55.11 -28.31
CA VAL D 414 45.04 54.49 -29.54
C VAL D 414 45.38 53.03 -29.27
N ILE D 415 46.07 52.76 -28.16
CA ILE D 415 46.46 51.40 -27.84
C ILE D 415 45.22 50.54 -27.59
N CYS D 416 44.21 51.10 -26.94
CA CYS D 416 42.99 50.35 -26.67
C CYS D 416 42.26 50.02 -27.97
N ALA D 417 42.21 50.96 -28.91
CA ALA D 417 41.57 50.69 -30.19
C ALA D 417 42.31 49.60 -30.95
N LEU D 418 43.64 49.69 -30.99
CA LEU D 418 44.42 48.66 -31.68
C LEU D 418 44.26 47.30 -30.99
N LYS D 419 44.20 47.31 -29.65
CA LYS D 419 43.98 46.08 -28.91
C LYS D 419 42.62 45.49 -29.23
N LYS D 420 41.60 46.33 -29.35
CA LYS D 420 40.27 45.85 -29.72
C LYS D 420 40.29 45.24 -31.11
N TYR D 421 40.99 45.87 -32.05
CA TYR D 421 41.10 45.31 -33.39
C TYR D 421 41.79 43.95 -33.37
N PHE D 422 42.92 43.86 -32.66
CA PHE D 422 43.65 42.58 -32.61
C PHE D 422 42.86 41.53 -31.85
N GLU D 423 42.05 41.93 -30.87
CA GLU D 423 41.20 40.97 -30.19
C GLU D 423 40.07 40.50 -31.09
N GLU D 424 39.58 41.37 -31.97
CA GLU D 424 38.64 40.93 -32.99
C GLU D 424 39.28 39.90 -33.90
N LEU D 425 40.55 40.13 -34.26
CA LEU D 425 41.28 39.14 -35.05
C LEU D 425 41.44 37.83 -34.28
N MET D 426 41.73 37.92 -32.98
CA MET D 426 41.85 36.73 -32.15
C MET D 426 40.54 35.95 -32.11
N SER D 427 39.42 36.67 -32.01
CA SER D 427 38.11 36.01 -31.98
C SER D 427 37.86 35.22 -33.24
N GLN D 428 38.32 35.72 -34.38
CA GLN D 428 38.23 34.98 -35.63
C GLN D 428 39.21 33.80 -35.68
N GLY D 429 40.14 33.71 -34.73
CA GLY D 429 41.09 32.63 -34.68
C GLY D 429 42.28 32.78 -35.60
N ILE D 430 42.35 33.89 -36.35
CA ILE D 430 43.43 34.07 -37.32
C ILE D 430 44.77 34.16 -36.60
N ILE D 431 44.79 34.76 -35.43
CA ILE D 431 46.00 34.95 -34.63
C ILE D 431 45.92 34.02 -33.43
N SER D 432 47.00 33.29 -33.17
CA SER D 432 47.09 32.43 -32.01
C SER D 432 47.57 33.18 -30.77
N GLU D 433 48.41 34.19 -30.95
CA GLU D 433 48.94 34.96 -29.84
C GLU D 433 49.34 36.33 -30.36
N PHE D 434 49.20 37.34 -29.51
CA PHE D 434 49.64 38.68 -29.87
C PHE D 434 49.86 39.50 -28.61
N ASN D 435 50.63 40.58 -28.75
CA ASN D 435 50.65 41.66 -27.79
C ASN D 435 50.95 42.94 -28.56
N VAL D 436 50.35 44.04 -28.12
CA VAL D 436 50.56 45.35 -28.72
C VAL D 436 50.76 46.36 -27.60
N ASP D 437 51.83 47.14 -27.71
CA ASP D 437 52.24 48.04 -26.64
C ASP D 437 52.96 49.24 -27.23
N ILE D 438 53.09 50.28 -26.41
CA ILE D 438 53.82 51.47 -26.81
C ILE D 438 55.28 51.12 -27.00
N ASP D 439 55.92 51.72 -28.01
CA ASP D 439 57.32 51.48 -28.31
C ASP D 439 58.13 52.48 -27.50
N THR D 440 58.26 52.17 -26.21
CA THR D 440 58.87 53.11 -25.27
C THR D 440 60.32 53.42 -25.64
N GLU D 441 61.00 52.50 -26.32
CA GLU D 441 62.33 52.78 -26.81
C GLU D 441 62.32 53.93 -27.80
N LEU D 442 61.47 53.85 -28.82
CA LEU D 442 61.36 54.93 -29.79
C LEU D 442 60.51 56.08 -29.27
N GLN D 443 59.57 55.80 -28.35
CA GLN D 443 58.77 56.88 -27.78
C GLN D 443 59.61 57.83 -26.95
N ALA D 444 60.68 57.33 -26.32
CA ALA D 444 61.60 58.23 -25.61
C ALA D 444 62.26 59.19 -26.58
N THR D 445 62.66 58.70 -27.75
CA THR D 445 63.26 59.53 -28.79
C THR D 445 62.23 60.24 -29.65
N ALA D 446 60.94 59.93 -29.48
CA ALA D 446 59.92 60.51 -30.33
C ALA D 446 59.80 62.00 -30.09
N LYS D 447 59.57 62.74 -31.17
CA LYS D 447 59.23 64.15 -31.03
C LYS D 447 57.83 64.27 -30.43
N ALA D 448 57.56 65.44 -29.86
CA ALA D 448 56.34 65.61 -29.07
C ALA D 448 55.07 65.47 -29.90
N ASP D 449 55.15 65.70 -31.21
CA ASP D 449 53.99 65.65 -32.09
C ASP D 449 53.84 64.31 -32.79
N GLU D 450 54.44 63.25 -32.27
CA GLU D 450 54.39 61.94 -32.90
C GLU D 450 54.31 60.84 -31.86
N PHE D 451 54.03 59.62 -32.33
CA PHE D 451 53.79 58.46 -31.49
C PHE D 451 54.41 57.23 -32.14
N TYR D 452 55.00 56.37 -31.31
CA TYR D 452 55.56 55.11 -31.74
C TYR D 452 54.93 53.98 -30.94
N TRP D 453 54.75 52.83 -31.59
CA TRP D 453 54.08 51.70 -30.96
C TRP D 453 54.58 50.43 -31.61
N LYS D 454 54.47 49.33 -30.88
CA LYS D 454 54.99 48.04 -31.31
C LYS D 454 53.92 46.98 -31.09
N TRP D 455 53.99 45.92 -31.90
CA TRP D 455 53.10 44.79 -31.70
C TRP D 455 53.74 43.52 -32.24
N ASP D 456 53.54 42.43 -31.51
CA ASP D 456 53.90 41.09 -31.95
C ASP D 456 52.63 40.27 -32.13
N ALA D 457 52.72 39.28 -33.02
CA ALA D 457 51.57 38.42 -33.30
C ALA D 457 52.08 37.07 -33.78
N VAL D 458 51.15 36.11 -33.84
CA VAL D 458 51.44 34.79 -34.38
C VAL D 458 50.24 34.38 -35.22
N LYS D 459 50.37 34.50 -36.54
CA LYS D 459 49.31 34.05 -37.42
C LYS D 459 49.12 32.55 -37.28
N VAL D 460 47.85 32.12 -37.35
CA VAL D 460 47.56 30.70 -37.23
C VAL D 460 47.91 30.04 -38.55
N ASP D 461 48.60 28.91 -38.48
CA ASP D 461 49.11 28.25 -39.67
C ASP D 461 48.02 27.41 -40.33
N VAL D 462 48.41 26.63 -41.33
CA VAL D 462 47.53 25.70 -42.03
C VAL D 462 48.36 24.48 -42.39
N MET D 463 47.75 23.29 -42.39
CA MET D 463 48.46 22.10 -42.87
C MET D 463 48.79 22.25 -44.34
N LYS D 464 50.08 22.29 -44.64
CA LYS D 464 50.59 22.03 -45.97
C LYS D 464 51.11 20.60 -46.09
N LYS D 465 51.84 20.12 -45.08
CA LYS D 465 52.38 18.77 -45.03
C LYS D 465 51.67 17.99 -43.95
N ILE D 466 51.42 16.71 -44.18
CA ILE D 466 50.90 15.82 -43.14
C ILE D 466 51.56 14.45 -43.30
N TYR D 467 51.87 13.82 -42.18
CA TYR D 467 52.54 12.53 -42.15
C TYR D 467 51.82 11.58 -41.21
N GLY D 468 51.66 10.34 -41.64
CA GLY D 468 51.02 9.33 -40.83
C GLY D 468 51.87 8.06 -40.78
N THR D 469 51.80 7.40 -39.63
CA THR D 469 52.54 6.16 -39.39
C THR D 469 51.56 5.14 -38.83
N GLY D 470 51.64 3.91 -39.35
CA GLY D 470 50.66 2.88 -39.07
C GLY D 470 51.24 1.70 -38.31
N TYR D 471 50.44 1.14 -37.41
CA TYR D 471 50.76 -0.06 -36.67
C TYR D 471 49.64 -1.07 -36.86
N LEU D 472 50.01 -2.33 -37.05
CA LEU D 472 49.05 -3.42 -37.24
C LEU D 472 49.40 -4.58 -36.31
N GLU E 13 -30.39 69.48 19.29
CA GLU E 13 -31.82 69.11 19.08
C GLU E 13 -32.34 68.30 20.26
N ILE E 14 -33.62 67.96 20.22
CA ILE E 14 -34.21 67.12 21.25
C ILE E 14 -33.67 65.71 21.09
N PRO E 15 -33.65 64.88 22.13
CA PRO E 15 -33.20 63.51 21.94
C PRO E 15 -34.14 62.71 21.05
N GLY E 16 -33.55 61.81 20.28
CA GLY E 16 -34.28 61.02 19.30
C GLY E 16 -33.32 60.47 18.26
N PHE E 17 -33.91 59.80 17.26
CA PHE E 17 -33.11 59.13 16.22
C PHE E 17 -33.68 59.66 14.90
N TYR E 18 -33.14 60.76 14.40
CA TYR E 18 -33.77 61.48 13.29
C TYR E 18 -32.99 61.27 12.00
N ASN E 19 -33.60 60.53 11.08
CA ASN E 19 -32.99 60.23 9.78
C ASN E 19 -33.12 61.42 8.86
N ARG E 20 -32.14 61.55 7.95
CA ARG E 20 -32.18 62.58 6.91
C ARG E 20 -31.55 61.97 5.67
N PHE E 21 -32.39 61.48 4.76
CA PHE E 21 -31.93 60.69 3.63
C PHE E 21 -31.39 61.55 2.51
N LYS E 22 -30.32 61.07 1.89
CA LYS E 22 -29.50 61.87 0.97
C LYS E 22 -29.15 61.06 -0.27
N THR E 23 -30.12 60.32 -0.81
CA THR E 23 -29.94 59.68 -2.12
C THR E 23 -30.26 60.70 -3.22
N GLN E 24 -29.36 61.69 -3.28
CA GLN E 24 -29.44 62.81 -4.19
C GLN E 24 -28.89 62.42 -5.55
N ALA E 25 -27.59 62.08 -5.56
CA ALA E 25 -26.77 61.75 -6.73
C ALA E 25 -25.95 60.51 -6.45
N GLU E 26 -26.64 59.43 -6.03
CA GLU E 26 -25.95 58.24 -5.55
C GLU E 26 -24.98 57.69 -6.60
N LYS E 27 -25.48 57.32 -7.77
CA LYS E 27 -24.62 56.93 -8.89
C LYS E 27 -25.18 57.47 -10.20
N SER E 28 -25.68 58.70 -10.18
CA SER E 28 -26.21 59.38 -11.36
C SER E 28 -25.19 60.33 -11.97
N THR E 29 -23.91 59.97 -11.91
CA THR E 29 -22.81 60.86 -12.26
C THR E 29 -21.96 60.25 -13.38
N ASN E 30 -21.39 61.14 -14.19
CA ASN E 30 -20.44 60.75 -15.23
C ASN E 30 -19.40 61.85 -15.36
N THR E 31 -18.24 61.47 -15.92
CA THR E 31 -17.06 62.33 -15.96
C THR E 31 -16.63 62.64 -17.40
N GLY E 32 -17.60 62.74 -18.31
CA GLY E 32 -17.29 62.94 -19.72
C GLY E 32 -17.25 64.38 -20.16
N LEU E 33 -17.16 65.32 -19.23
CA LEU E 33 -17.22 66.75 -19.54
C LEU E 33 -16.15 67.51 -18.76
N LYS E 34 -15.75 68.65 -19.32
CA LYS E 34 -14.71 69.48 -18.70
C LYS E 34 -14.72 70.84 -19.38
N GLY E 35 -14.10 71.81 -18.72
CA GLY E 35 -13.82 73.09 -19.33
C GLY E 35 -15.00 74.05 -19.26
N ARG E 36 -14.68 75.33 -19.47
CA ARG E 36 -15.68 76.39 -19.54
C ARG E 36 -15.28 77.38 -20.62
N LEU E 37 -16.29 77.98 -21.26
CA LEU E 37 -16.09 78.81 -22.44
C LEU E 37 -16.91 80.09 -22.32
N ALA E 38 -16.36 81.16 -22.91
CA ALA E 38 -17.02 82.45 -22.99
C ALA E 38 -17.69 82.61 -24.35
N MET E 39 -18.81 83.36 -24.37
CA MET E 39 -19.63 83.48 -25.56
C MET E 39 -20.38 84.80 -25.53
N PRO E 40 -19.93 85.82 -26.27
CA PRO E 40 -20.84 86.90 -26.66
C PRO E 40 -21.74 86.40 -27.79
N ILE E 41 -23.04 86.64 -27.66
CA ILE E 41 -24.03 86.09 -28.58
C ILE E 41 -25.10 87.12 -28.89
N ARG E 42 -25.58 87.08 -30.14
CA ARG E 42 -26.81 87.76 -30.53
C ARG E 42 -27.96 86.76 -30.43
N ALA E 43 -29.06 87.19 -29.81
CA ALA E 43 -30.17 86.30 -29.53
C ALA E 43 -31.48 87.04 -29.67
N ASN E 44 -32.49 86.33 -30.17
CA ASN E 44 -33.86 86.84 -30.17
C ASN E 44 -34.52 86.74 -28.81
N TRP E 45 -34.05 85.84 -27.95
CA TRP E 45 -34.69 85.56 -26.67
C TRP E 45 -33.61 85.38 -25.60
N GLY E 46 -34.00 85.64 -24.35
CA GLY E 46 -33.16 85.37 -23.20
C GLY E 46 -32.73 86.64 -22.49
N ASP E 47 -32.03 86.42 -21.39
CA ASP E 47 -31.59 87.53 -20.55
C ASP E 47 -30.61 88.43 -21.30
N VAL E 48 -30.55 89.68 -20.87
CA VAL E 48 -29.76 90.72 -21.51
C VAL E 48 -28.89 91.40 -20.47
N GLY E 49 -27.64 91.68 -20.83
CA GLY E 49 -26.76 92.44 -19.99
C GLY E 49 -26.14 91.69 -18.84
N LYS E 50 -26.20 90.36 -18.84
CA LYS E 50 -25.61 89.54 -17.79
C LYS E 50 -24.90 88.35 -18.42
N VAL E 51 -23.88 87.87 -17.70
CA VAL E 51 -23.10 86.71 -18.11
C VAL E 51 -23.69 85.51 -17.37
N VAL E 52 -24.38 84.65 -18.11
CA VAL E 52 -25.12 83.52 -17.55
C VAL E 52 -24.40 82.23 -17.92
N THR E 53 -24.26 81.34 -16.94
CA THR E 53 -23.66 80.04 -17.16
C THR E 53 -24.72 79.04 -17.61
N ILE E 54 -24.36 78.22 -18.59
CA ILE E 54 -25.26 77.21 -19.16
C ILE E 54 -24.62 75.85 -18.96
N LYS E 55 -25.35 74.94 -18.31
CA LYS E 55 -24.91 73.56 -18.23
C LYS E 55 -25.08 72.89 -19.59
N ASN E 56 -24.35 71.79 -19.79
CA ASN E 56 -24.18 71.24 -21.12
C ASN E 56 -25.47 70.70 -21.74
N ASP E 57 -26.55 70.57 -20.99
CA ASP E 57 -27.82 70.18 -21.59
C ASP E 57 -28.30 71.30 -22.52
N LEU E 58 -28.48 70.97 -23.79
CA LEU E 58 -28.97 71.95 -24.76
C LEU E 58 -30.38 72.41 -24.45
N ARG E 59 -31.15 71.62 -23.71
CA ARG E 59 -32.47 72.05 -23.28
C ARG E 59 -32.39 73.34 -22.47
N GLN E 60 -31.34 73.48 -21.67
CA GLN E 60 -31.15 74.72 -20.92
C GLN E 60 -30.92 75.89 -21.87
N LEU E 61 -30.08 75.69 -22.89
CA LEU E 61 -29.87 76.73 -23.90
C LEU E 61 -31.17 77.06 -24.61
N LYS E 62 -31.92 76.03 -25.00
CA LYS E 62 -33.17 76.23 -25.72
C LYS E 62 -34.16 77.02 -24.87
N ASN E 63 -34.22 76.72 -23.58
CA ASN E 63 -35.14 77.41 -22.69
C ASN E 63 -34.71 78.86 -22.48
N LEU E 64 -33.43 79.10 -22.19
CA LEU E 64 -32.97 80.39 -21.73
C LEU E 64 -32.61 81.35 -22.86
N PHE E 65 -32.49 80.88 -24.10
CA PHE E 65 -32.18 81.76 -25.22
C PHE E 65 -32.91 81.39 -26.51
N GLY E 66 -33.93 80.53 -26.44
CA GLY E 66 -34.69 80.19 -27.61
C GLY E 66 -34.00 79.13 -28.46
N ASP E 67 -34.65 78.79 -29.57
CA ASP E 67 -34.21 77.72 -30.46
C ASP E 67 -34.15 78.19 -31.91
N ASP E 68 -33.84 79.46 -32.12
CA ASP E 68 -33.78 80.03 -33.46
C ASP E 68 -32.35 79.93 -33.98
N MET E 69 -32.17 79.18 -35.08
CA MET E 69 -30.87 79.00 -35.69
C MET E 69 -30.45 80.19 -36.55
N ASN E 70 -31.34 81.16 -36.78
CA ASN E 70 -30.97 82.36 -37.50
C ASN E 70 -30.02 83.25 -36.72
N TYR E 71 -29.82 82.99 -35.42
CA TYR E 71 -29.07 83.85 -34.52
C TYR E 71 -27.83 83.11 -34.03
N SER E 72 -26.78 83.89 -33.75
CA SER E 72 -25.52 83.31 -33.30
C SER E 72 -25.70 82.52 -32.01
N ALA E 73 -26.64 82.94 -31.16
CA ALA E 73 -26.80 82.36 -29.84
C ALA E 73 -27.06 80.86 -29.90
N PHE E 74 -28.18 80.44 -30.48
CA PHE E 74 -28.54 79.02 -30.44
C PHE E 74 -27.56 78.18 -31.26
N LYS E 75 -27.16 78.66 -32.43
CA LYS E 75 -26.28 77.88 -33.30
C LYS E 75 -24.93 77.65 -32.66
N LEU E 76 -24.28 78.74 -32.22
CA LEU E 76 -22.97 78.60 -31.60
C LEU E 76 -23.07 77.90 -30.25
N GLY E 77 -24.19 78.06 -29.54
CA GLY E 77 -24.37 77.31 -28.32
C GLY E 77 -24.45 75.82 -28.57
N LYS E 78 -25.20 75.42 -29.59
CA LYS E 78 -25.28 74.00 -29.93
C LYS E 78 -23.91 73.46 -30.31
N LEU E 79 -23.15 74.23 -31.10
CA LEU E 79 -21.81 73.79 -31.46
C LEU E 79 -20.92 73.64 -30.24
N ALA E 80 -20.98 74.60 -29.31
CA ALA E 80 -20.16 74.52 -28.11
C ALA E 80 -20.57 73.33 -27.25
N LEU E 81 -21.88 73.11 -27.08
CA LEU E 81 -22.35 72.00 -26.27
C LEU E 81 -21.93 70.67 -26.88
N LEU E 82 -22.01 70.55 -28.20
CA LEU E 82 -21.46 69.37 -28.86
C LEU E 82 -19.95 69.29 -28.71
N GLY E 83 -19.29 70.42 -28.45
CA GLY E 83 -17.89 70.40 -28.03
C GLY E 83 -17.67 69.85 -26.64
N ASN E 84 -18.75 69.56 -25.89
CA ASN E 84 -18.67 68.87 -24.60
C ASN E 84 -18.02 69.73 -23.51
N VAL E 85 -18.37 70.99 -23.48
CA VAL E 85 -17.91 71.88 -22.43
C VAL E 85 -18.75 71.64 -21.18
N LYS E 86 -18.10 71.63 -20.02
CA LYS E 86 -18.81 71.36 -18.77
C LYS E 86 -19.84 72.45 -18.49
N GLU E 87 -19.47 73.71 -18.68
CA GLU E 87 -20.37 74.84 -18.45
C GLU E 87 -20.07 75.92 -19.48
N LEU E 88 -21.10 76.31 -20.23
CA LEU E 88 -20.98 77.30 -21.29
C LEU E 88 -21.53 78.62 -20.78
N LEU E 89 -20.69 79.66 -20.79
CA LEU E 89 -21.05 80.97 -20.28
C LEU E 89 -21.38 81.89 -21.45
N LEU E 90 -22.58 82.45 -21.44
CA LEU E 90 -23.11 83.24 -22.54
C LEU E 90 -23.33 84.68 -22.10
N TYR E 91 -23.44 85.57 -23.09
CA TYR E 91 -23.79 86.96 -22.85
C TYR E 91 -24.54 87.48 -24.07
N ARG E 92 -25.75 87.97 -23.86
CA ARG E 92 -26.59 88.43 -24.96
C ARG E 92 -26.18 89.85 -25.35
N LEU E 93 -25.82 90.03 -26.62
CA LEU E 93 -25.44 91.33 -27.15
C LEU E 93 -26.66 92.01 -27.74
N VAL E 94 -26.78 93.31 -27.50
CA VAL E 94 -27.93 94.09 -27.96
C VAL E 94 -27.47 95.52 -28.24
N ASP E 95 -28.23 96.20 -29.09
CA ASP E 95 -28.20 97.64 -29.17
C ASP E 95 -29.14 98.21 -28.12
N GLY E 96 -28.87 99.45 -27.69
CA GLY E 96 -29.65 100.05 -26.62
C GLY E 96 -31.13 100.13 -26.91
N ASN E 97 -31.50 100.21 -28.18
CA ASN E 97 -32.92 100.25 -28.56
C ASN E 97 -33.61 98.90 -28.36
N GLN E 98 -32.87 97.83 -28.09
CA GLN E 98 -33.47 96.50 -27.99
C GLN E 98 -34.45 96.45 -26.82
N LYS E 99 -35.58 95.78 -27.03
CA LYS E 99 -36.78 96.02 -26.23
C LYS E 99 -37.59 94.74 -26.08
N LYS E 100 -38.45 94.74 -25.06
CA LYS E 100 -39.40 93.66 -24.79
C LYS E 100 -40.69 93.89 -25.56
N GLY E 101 -41.31 92.78 -25.98
CA GLY E 101 -42.66 92.85 -26.50
C GLY E 101 -43.67 93.09 -25.38
N THR E 102 -44.80 93.69 -25.76
CA THR E 102 -45.79 94.10 -24.76
C THR E 102 -47.18 94.06 -25.37
N LEU E 103 -48.17 93.79 -24.50
CA LEU E 103 -49.57 93.83 -24.87
C LEU E 103 -50.36 94.34 -23.67
N THR E 104 -51.50 94.97 -23.93
CA THR E 104 -52.34 95.56 -22.90
C THR E 104 -53.75 95.01 -23.02
N LEU E 105 -54.41 94.86 -21.87
CA LEU E 105 -55.77 94.37 -21.77
C LEU E 105 -56.65 95.43 -21.13
N LYS E 106 -57.95 95.34 -21.43
CA LYS E 106 -58.91 96.36 -21.01
C LYS E 106 -60.20 95.66 -20.57
N ASP E 107 -60.95 96.36 -19.71
CA ASP E 107 -62.21 95.85 -19.21
C ASP E 107 -63.34 96.17 -20.19
N THR E 108 -64.50 95.54 -19.95
CA THR E 108 -65.68 95.73 -20.77
C THR E 108 -66.93 96.09 -19.98
N THR E 109 -66.90 96.02 -18.64
CA THR E 109 -68.08 96.35 -17.86
C THR E 109 -68.47 97.81 -18.03
N GLU E 110 -67.50 98.71 -18.06
CA GLU E 110 -67.74 100.13 -18.20
C GLU E 110 -67.72 100.52 -19.67
N ASN E 111 -68.60 101.46 -20.03
CA ASN E 111 -68.61 101.98 -21.40
C ASN E 111 -67.29 102.64 -21.74
N SER E 112 -66.77 103.46 -20.83
CA SER E 112 -65.42 104.02 -20.95
C SER E 112 -64.44 102.99 -20.42
N ALA E 113 -64.07 102.05 -21.29
CA ALA E 113 -63.20 100.95 -20.88
C ALA E 113 -61.83 101.46 -20.46
N LYS E 114 -61.29 100.85 -19.41
CA LYS E 114 -60.04 101.26 -18.79
C LYS E 114 -59.05 100.10 -18.82
N ASP E 115 -57.80 100.40 -19.15
CA ASP E 115 -56.76 99.38 -19.14
C ASP E 115 -56.53 98.89 -17.71
N VAL E 116 -56.49 97.57 -17.54
CA VAL E 116 -56.41 96.95 -16.23
C VAL E 116 -55.29 95.94 -16.11
N ILE E 117 -54.81 95.33 -17.20
CA ILE E 117 -53.70 94.40 -17.17
C ILE E 117 -52.81 94.66 -18.38
N LYS E 118 -51.50 94.56 -18.18
CA LYS E 118 -50.51 94.63 -19.24
C LYS E 118 -49.67 93.36 -19.21
N LEU E 119 -49.41 92.81 -20.40
CA LEU E 119 -48.59 91.62 -20.57
C LEU E 119 -47.31 92.01 -21.29
N GLU E 120 -46.18 91.57 -20.75
CA GLU E 120 -44.86 91.86 -21.32
C GLU E 120 -44.02 90.59 -21.31
N THR E 121 -43.27 90.38 -22.38
CA THR E 121 -42.42 89.20 -22.47
C THR E 121 -41.39 89.19 -21.35
N LYS E 122 -41.14 88.01 -20.78
CA LYS E 122 -40.23 87.91 -19.65
C LYS E 122 -38.82 88.32 -20.02
N TYR E 123 -38.44 88.16 -21.28
CA TYR E 123 -37.13 88.54 -21.79
C TYR E 123 -37.29 89.46 -22.99
N PRO E 124 -36.32 90.35 -23.25
CA PRO E 124 -36.40 91.16 -24.46
C PRO E 124 -36.37 90.31 -25.72
N THR E 125 -37.16 90.73 -26.71
CA THR E 125 -37.32 89.98 -27.95
C THR E 125 -38.10 90.83 -28.94
N ALA E 126 -38.35 90.24 -30.11
CA ALA E 126 -39.30 90.78 -31.07
C ALA E 126 -40.18 89.70 -31.66
N ARG E 127 -40.19 88.49 -31.10
CA ARG E 127 -40.96 87.39 -31.67
C ARG E 127 -42.45 87.64 -31.48
N ASN E 128 -43.24 86.88 -32.24
CA ASN E 128 -44.70 87.04 -32.25
C ASN E 128 -45.34 86.17 -31.19
N PHE E 129 -44.98 86.44 -29.93
CA PHE E 129 -45.67 85.81 -28.81
C PHE E 129 -47.07 86.39 -28.72
N ASN E 130 -48.07 85.51 -28.82
CA ASN E 130 -49.47 85.91 -28.95
C ASN E 130 -50.27 85.41 -27.76
N VAL E 131 -51.42 86.08 -27.54
CA VAL E 131 -52.29 85.81 -26.40
C VAL E 131 -53.74 85.83 -26.88
N THR E 132 -54.57 84.99 -26.26
CA THR E 132 -55.99 84.90 -26.54
C THR E 132 -56.76 84.92 -25.23
N ILE E 133 -57.84 85.71 -25.19
CA ILE E 133 -58.77 85.75 -24.07
C ILE E 133 -60.17 85.57 -24.63
N LYS E 134 -60.94 84.66 -24.03
CA LYS E 134 -62.28 84.36 -24.49
C LYS E 134 -63.16 84.05 -23.29
N SER E 135 -64.47 84.13 -23.51
CA SER E 135 -65.43 83.86 -22.45
C SER E 135 -65.37 82.38 -22.05
N ASN E 136 -65.34 82.14 -20.74
CA ASN E 136 -65.35 80.77 -20.25
C ASN E 136 -66.72 80.14 -20.49
N LEU E 137 -66.72 78.92 -21.01
CA LEU E 137 -67.97 78.26 -21.36
C LEU E 137 -68.66 77.63 -20.15
N VAL E 138 -67.95 77.46 -19.04
CA VAL E 138 -68.51 76.80 -17.85
C VAL E 138 -69.02 77.87 -16.89
N ASP E 139 -68.11 78.73 -16.42
CA ASP E 139 -68.44 79.78 -15.47
C ASP E 139 -68.66 81.09 -16.21
N SER E 140 -69.66 81.86 -15.76
CA SER E 140 -70.04 83.07 -16.47
C SER E 140 -68.95 84.12 -16.45
N ASP E 141 -68.42 84.42 -15.26
CA ASP E 141 -67.47 85.53 -15.12
C ASP E 141 -66.05 85.15 -15.48
N LYS E 142 -65.76 83.88 -15.74
CA LYS E 142 -64.40 83.45 -16.03
C LYS E 142 -64.02 83.76 -17.47
N LYS E 143 -62.75 84.10 -17.66
CA LYS E 143 -62.17 84.31 -18.98
C LYS E 143 -61.03 83.32 -19.16
N ASP E 144 -60.99 82.67 -20.32
CA ASP E 144 -59.98 81.66 -20.61
C ASP E 144 -58.77 82.34 -21.24
N PHE E 145 -57.68 82.41 -20.49
CA PHE E 145 -56.45 83.06 -20.94
C PHE E 145 -55.54 82.02 -21.59
N ILE E 146 -55.24 82.19 -22.88
CA ILE E 146 -54.40 81.27 -23.63
C ILE E 146 -53.29 82.06 -24.27
N PHE E 147 -52.12 81.43 -24.39
CA PHE E 147 -50.90 82.06 -24.85
C PHE E 147 -50.29 81.23 -25.97
N PHE E 148 -49.74 81.92 -26.97
CA PHE E 148 -49.17 81.26 -28.15
C PHE E 148 -47.89 81.97 -28.56
N GLU E 149 -47.24 81.38 -29.56
CA GLU E 149 -46.20 82.04 -30.35
C GLU E 149 -46.43 81.66 -31.80
N ASN E 150 -46.93 82.61 -32.59
CA ASN E 150 -47.34 82.35 -33.96
C ASN E 150 -48.41 81.25 -34.01
N THR E 151 -49.36 81.33 -33.07
CA THR E 151 -50.48 80.41 -32.91
C THR E 151 -50.08 79.07 -32.31
N LYS E 152 -48.81 78.83 -32.04
CA LYS E 152 -48.38 77.62 -31.36
C LYS E 152 -48.58 77.82 -29.87
N GLN E 153 -49.55 77.11 -29.29
CA GLN E 153 -49.98 77.40 -27.93
C GLN E 153 -48.89 77.05 -26.92
N LEU E 154 -48.72 77.95 -25.95
CA LEU E 154 -47.82 77.75 -24.82
C LEU E 154 -48.58 77.24 -23.59
N PHE E 155 -49.61 77.96 -23.18
CA PHE E 155 -50.28 77.71 -21.92
C PHE E 155 -51.70 78.26 -21.99
N SER E 156 -52.61 77.60 -21.25
CA SER E 156 -53.99 78.02 -21.14
C SER E 156 -54.41 78.04 -19.68
N SER E 157 -55.30 78.97 -19.34
CA SER E 157 -55.77 79.11 -17.97
C SER E 157 -57.12 79.81 -17.98
N SER E 158 -57.82 79.73 -16.85
CA SER E 158 -59.14 80.33 -16.68
C SER E 158 -59.26 80.87 -15.26
N ILE E 159 -59.62 82.14 -15.12
CA ILE E 159 -59.79 82.78 -13.82
C ILE E 159 -61.02 83.68 -13.87
N LYS E 160 -61.69 83.81 -12.74
CA LYS E 160 -62.84 84.69 -12.59
C LYS E 160 -62.46 86.14 -12.92
N GLY E 161 -63.48 86.96 -13.09
CA GLY E 161 -63.30 88.31 -13.59
C GLY E 161 -62.87 89.34 -12.57
N THR E 162 -61.86 89.02 -11.75
CA THR E 162 -61.21 89.99 -10.88
C THR E 162 -59.75 90.07 -11.28
N ILE E 163 -59.25 91.31 -11.41
CA ILE E 163 -57.96 91.52 -12.06
C ILE E 163 -56.81 90.97 -11.23
N ASP E 164 -56.90 91.10 -9.91
CA ASP E 164 -55.80 90.68 -9.04
C ASP E 164 -55.54 89.18 -9.15
N GLU E 165 -56.60 88.37 -9.04
CA GLU E 165 -56.44 86.93 -9.17
C GLU E 165 -56.00 86.55 -10.57
N ILE E 166 -56.46 87.28 -11.58
CA ILE E 166 -56.07 86.99 -12.96
C ILE E 166 -54.57 87.17 -13.13
N VAL E 167 -54.04 88.32 -12.70
CA VAL E 167 -52.61 88.57 -12.89
C VAL E 167 -51.80 87.64 -12.01
N LEU E 168 -52.28 87.34 -10.80
CA LEU E 168 -51.55 86.43 -9.93
C LEU E 168 -51.45 85.04 -10.54
N GLU E 169 -52.54 84.53 -11.11
CA GLU E 169 -52.48 83.23 -11.75
C GLU E 169 -51.58 83.27 -12.99
N ILE E 170 -51.68 84.32 -13.79
CA ILE E 170 -50.88 84.40 -15.01
C ILE E 170 -49.40 84.44 -14.68
N ASN E 171 -49.04 85.11 -13.57
CA ASN E 171 -47.65 85.14 -13.13
C ASN E 171 -47.26 83.92 -12.30
N SER E 172 -48.22 83.11 -11.86
CA SER E 172 -47.92 82.01 -10.95
C SER E 172 -47.32 80.82 -11.68
N ASN E 173 -48.05 80.27 -12.65
CA ASN E 173 -47.59 79.07 -13.33
C ASN E 173 -46.39 79.38 -14.20
N LEU E 174 -45.36 78.54 -14.10
CA LEU E 174 -44.18 78.67 -14.94
C LEU E 174 -44.40 78.18 -16.36
N ASP E 175 -45.55 77.58 -16.65
CA ASP E 175 -45.93 77.37 -18.04
C ASP E 175 -46.09 78.69 -18.78
N ASN E 176 -46.42 79.76 -18.06
CA ASN E 176 -46.49 81.11 -18.60
C ASN E 176 -45.19 81.89 -18.40
N GLU E 177 -44.05 81.20 -18.38
CA GLU E 177 -42.78 81.87 -18.12
C GLU E 177 -42.39 82.81 -19.25
N TYR E 178 -42.95 82.66 -20.44
CA TYR E 178 -42.59 83.54 -21.55
C TYR E 178 -43.01 84.98 -21.32
N VAL E 179 -43.99 85.23 -20.46
CA VAL E 179 -44.63 86.54 -20.34
C VAL E 179 -44.86 86.85 -18.87
N ILE E 180 -44.83 88.14 -18.55
CA ILE E 180 -45.10 88.66 -17.22
C ILE E 180 -46.35 89.53 -17.29
N ALA E 181 -47.28 89.30 -16.37
CA ALA E 181 -48.50 90.08 -16.27
C ALA E 181 -48.38 91.07 -15.12
N THR E 182 -48.81 92.31 -15.35
CA THR E 182 -48.80 93.35 -14.35
C THR E 182 -50.15 94.07 -14.35
N LYS E 183 -50.58 94.47 -13.16
CA LYS E 183 -51.87 95.11 -12.99
C LYS E 183 -51.76 96.60 -13.30
N VAL E 184 -52.62 97.08 -14.20
CA VAL E 184 -52.66 98.50 -14.54
C VAL E 184 -53.61 99.26 -13.63
N ALA E 185 -54.71 98.63 -13.22
CA ALA E 185 -55.69 99.26 -12.35
C ALA E 185 -56.33 98.19 -11.48
N ASP E 186 -56.88 98.63 -10.34
CA ASP E 186 -57.51 97.73 -9.38
C ASP E 186 -59.01 97.64 -9.69
N SER E 187 -59.32 96.90 -10.76
CA SER E 187 -60.68 96.71 -11.23
C SER E 187 -61.16 95.30 -10.91
N ASP E 188 -62.48 95.18 -10.74
CA ASP E 188 -63.15 93.89 -10.62
C ASP E 188 -64.10 93.65 -11.79
N THR E 189 -63.76 94.20 -12.95
CA THR E 189 -64.62 94.22 -14.12
C THR E 189 -64.21 93.12 -15.11
N ILE E 190 -65.14 92.80 -16.01
CA ILE E 190 -64.92 91.74 -16.97
C ILE E 190 -63.93 92.22 -18.03
N LEU E 191 -62.94 91.38 -18.33
CA LEU E 191 -61.90 91.74 -19.28
C LEU E 191 -62.44 91.67 -20.71
N ALA E 192 -61.73 92.33 -21.62
CA ALA E 192 -62.04 92.29 -23.04
C ALA E 192 -61.39 91.07 -23.68
N ASN E 193 -62.12 90.46 -24.61
CA ASN E 193 -61.61 89.27 -25.29
C ASN E 193 -60.62 89.67 -26.38
N VAL E 194 -59.50 88.94 -26.43
CA VAL E 194 -58.50 89.10 -27.46
C VAL E 194 -58.27 87.72 -28.08
N VAL E 195 -57.76 87.72 -29.31
CA VAL E 195 -57.53 86.48 -30.05
C VAL E 195 -56.19 86.56 -30.76
N ASN E 196 -55.18 85.88 -30.20
CA ASN E 196 -53.87 85.76 -30.83
C ASN E 196 -53.23 87.13 -31.05
N GLN E 197 -53.37 88.02 -30.08
CA GLN E 197 -52.80 89.35 -30.17
C GLN E 197 -51.34 89.30 -29.75
N ALA E 198 -50.45 89.73 -30.65
CA ALA E 198 -49.02 89.66 -30.39
C ALA E 198 -48.60 90.70 -29.36
N LEU E 199 -47.60 90.34 -28.57
CA LEU E 199 -46.98 91.27 -27.62
C LEU E 199 -46.01 92.15 -28.39
N GLU E 200 -46.54 93.27 -28.91
CA GLU E 200 -45.79 94.14 -29.79
C GLU E 200 -44.93 95.11 -28.98
N GLY E 201 -44.18 95.96 -29.69
CA GLY E 201 -43.29 96.91 -29.07
C GLY E 201 -41.91 96.39 -28.78
N GLY E 202 -41.64 95.10 -29.02
CA GLY E 202 -40.33 94.54 -28.78
C GLY E 202 -39.38 94.74 -29.94
N ASN E 203 -38.10 94.54 -29.65
CA ASN E 203 -37.04 94.66 -30.63
C ASN E 203 -36.09 93.48 -30.45
N ASP E 204 -35.45 93.08 -31.55
CA ASP E 204 -34.98 91.71 -31.70
C ASP E 204 -33.66 91.44 -30.98
N GLY E 205 -32.58 92.08 -31.42
CA GLY E 205 -31.26 91.76 -30.91
C GLY E 205 -30.18 91.76 -31.98
N CYS E 206 -30.57 91.55 -33.24
CA CYS E 206 -29.69 91.76 -34.38
C CYS E 206 -29.72 93.20 -34.89
N THR E 207 -30.34 94.11 -34.13
CA THR E 207 -30.57 95.47 -34.58
C THR E 207 -29.34 96.32 -34.28
N SER E 208 -28.59 96.67 -35.32
CA SER E 208 -27.51 97.66 -35.23
C SER E 208 -26.45 97.26 -34.20
N ILE E 209 -26.08 95.99 -34.20
CA ILE E 209 -25.02 95.51 -33.31
C ILE E 209 -23.68 95.86 -33.93
N THR E 210 -22.83 96.52 -33.14
CA THR E 210 -21.55 97.06 -33.60
C THR E 210 -20.46 96.66 -32.62
N ASN E 211 -19.24 97.14 -32.91
CA ASN E 211 -18.08 96.77 -32.11
C ASN E 211 -18.21 97.20 -30.65
N GLU E 212 -18.94 98.29 -30.40
CA GLU E 212 -19.08 98.77 -29.04
C GLU E 212 -19.82 97.77 -28.17
N SER E 213 -20.83 97.11 -28.73
CA SER E 213 -21.55 96.08 -27.98
C SER E 213 -20.62 94.94 -27.59
N TYR E 214 -19.76 94.51 -28.53
CA TYR E 214 -18.79 93.46 -28.22
C TYR E 214 -17.80 93.92 -27.17
N LEU E 215 -17.38 95.19 -27.24
CA LEU E 215 -16.46 95.72 -26.23
C LEU E 215 -17.10 95.69 -24.85
N LYS E 216 -18.36 96.12 -24.76
CA LYS E 216 -19.07 96.06 -23.49
C LYS E 216 -19.20 94.63 -22.99
N ALA E 217 -19.49 93.70 -23.90
CA ALA E 217 -19.59 92.30 -23.52
C ALA E 217 -18.27 91.78 -22.97
N LEU E 218 -17.16 92.15 -23.61
CA LEU E 218 -15.84 91.71 -23.12
C LEU E 218 -15.56 92.31 -21.76
N GLU E 219 -15.91 93.59 -21.56
CA GLU E 219 -15.71 94.22 -20.26
C GLU E 219 -16.52 93.50 -19.18
N GLU E 220 -17.74 93.09 -19.51
CA GLU E 220 -18.49 92.24 -18.59
C GLU E 220 -17.77 90.93 -18.34
N PHE E 221 -17.20 90.34 -19.40
CA PHE E 221 -16.52 89.06 -19.28
C PHE E 221 -15.22 89.16 -18.49
N GLU E 222 -14.70 90.38 -18.27
CA GLU E 222 -13.51 90.53 -17.44
C GLU E 222 -13.71 89.98 -16.03
N ARG E 223 -14.95 89.97 -15.55
CA ARG E 223 -15.25 89.52 -14.19
C ARG E 223 -14.85 88.07 -14.00
N TYR E 224 -15.14 87.22 -14.99
CA TYR E 224 -15.11 85.78 -14.81
C TYR E 224 -13.76 85.22 -15.23
N SER E 225 -13.61 83.92 -15.10
CA SER E 225 -12.44 83.18 -15.56
C SER E 225 -12.89 82.14 -16.58
N PHE E 226 -12.06 81.92 -17.60
CA PHE E 226 -12.43 81.07 -18.72
C PHE E 226 -11.24 80.24 -19.16
N ASP E 227 -11.55 79.18 -19.91
CA ASP E 227 -10.54 78.39 -20.59
C ASP E 227 -10.31 78.83 -22.02
N SER E 228 -11.30 79.47 -22.66
CA SER E 228 -11.13 79.94 -24.03
C SER E 228 -12.19 80.98 -24.36
N PHE E 229 -11.93 81.73 -25.43
CA PHE E 229 -12.83 82.74 -25.96
C PHE E 229 -12.81 82.64 -27.48
N VAL E 230 -13.96 82.93 -28.12
CA VAL E 230 -14.12 82.66 -29.55
C VAL E 230 -14.73 83.84 -30.31
N LEU E 231 -15.30 84.81 -29.60
CA LEU E 231 -15.79 86.05 -30.21
C LEU E 231 -16.95 85.81 -31.19
N ASP E 232 -18.01 85.19 -30.68
CA ASP E 232 -19.34 85.22 -31.30
C ASP E 232 -19.37 84.60 -32.70
N GLY E 233 -18.33 83.89 -33.11
CA GLY E 233 -18.32 83.36 -34.46
C GLY E 233 -18.32 84.43 -35.53
N VAL E 234 -17.77 85.61 -35.22
CA VAL E 234 -17.74 86.75 -36.13
C VAL E 234 -16.27 87.07 -36.41
N ALA E 235 -15.96 87.28 -37.69
CA ALA E 235 -14.59 87.47 -38.14
C ALA E 235 -14.25 88.92 -38.46
N ASP E 236 -15.00 89.87 -37.90
CA ASP E 236 -14.70 91.28 -38.13
C ASP E 236 -13.32 91.62 -37.59
N GLU E 237 -12.52 92.31 -38.40
CA GLU E 237 -11.11 92.48 -38.11
C GLU E 237 -10.89 93.33 -36.85
N ALA E 238 -11.53 94.51 -36.79
CA ALA E 238 -11.29 95.42 -35.68
C ALA E 238 -11.65 94.78 -34.36
N LEU E 239 -12.74 94.00 -34.33
CA LEU E 239 -13.06 93.22 -33.15
C LEU E 239 -11.94 92.25 -32.82
N GLN E 240 -11.30 91.68 -33.84
CA GLN E 240 -10.23 90.71 -33.57
C GLN E 240 -9.02 91.40 -32.95
N GLU E 241 -8.61 92.56 -33.45
CA GLU E 241 -7.49 93.27 -32.80
C GLU E 241 -7.87 93.71 -31.40
N THR E 242 -9.12 94.16 -31.21
CA THR E 242 -9.56 94.57 -29.89
C THR E 242 -9.49 93.42 -28.91
N THR E 243 -9.96 92.24 -29.33
CA THR E 243 -9.92 91.08 -28.45
C THR E 243 -8.50 90.61 -28.22
N LYS E 244 -7.62 90.76 -29.22
CA LYS E 244 -6.22 90.43 -29.04
C LYS E 244 -5.60 91.28 -27.94
N ALA E 245 -5.81 92.60 -28.01
CA ALA E 245 -5.29 93.49 -26.98
C ALA E 245 -5.92 93.17 -25.62
N TRP E 246 -7.21 92.84 -25.63
CA TRP E 246 -7.91 92.54 -24.38
C TRP E 246 -7.32 91.28 -23.72
N VAL E 247 -7.04 90.26 -24.52
CA VAL E 247 -6.47 89.03 -23.98
C VAL E 247 -5.05 89.27 -23.51
N ALA E 248 -4.29 90.10 -24.23
CA ALA E 248 -2.95 90.45 -23.77
C ALA E 248 -3.00 91.14 -22.42
N LYS E 249 -3.93 92.08 -22.26
CA LYS E 249 -4.12 92.75 -20.98
C LYS E 249 -4.50 91.76 -19.89
N ASN E 250 -5.41 90.83 -20.20
CA ASN E 250 -5.82 89.85 -19.20
C ASN E 250 -4.65 88.97 -18.79
N LYS E 251 -3.82 88.57 -19.75
CA LYS E 251 -2.63 87.78 -19.43
C LYS E 251 -1.70 88.56 -18.51
N GLU E 252 -1.44 89.82 -18.83
CA GLU E 252 -0.57 90.63 -17.99
C GLU E 252 -1.17 90.84 -16.61
N LEU E 253 -2.50 90.81 -16.49
CA LEU E 253 -3.18 90.94 -15.23
C LEU E 253 -3.35 89.61 -14.50
N GLY E 254 -2.71 88.55 -14.97
CA GLY E 254 -2.77 87.26 -14.32
C GLY E 254 -3.95 86.38 -14.68
N LYS E 255 -4.75 86.79 -15.67
CA LYS E 255 -5.86 85.98 -16.17
C LYS E 255 -5.42 85.37 -17.49
N ASP E 256 -5.30 84.05 -17.51
CA ASP E 256 -4.71 83.33 -18.64
C ASP E 256 -5.84 82.82 -19.54
N ILE E 257 -6.30 83.71 -20.42
CA ILE E 257 -7.41 83.42 -21.32
C ILE E 257 -6.86 83.09 -22.70
N LEU E 258 -7.32 81.99 -23.26
CA LEU E 258 -6.96 81.57 -24.60
C LEU E 258 -8.02 82.07 -25.58
N LEU E 259 -7.60 82.39 -26.80
CA LEU E 259 -8.49 82.94 -27.81
C LEU E 259 -8.40 82.12 -29.09
N PHE E 260 -9.56 81.75 -29.61
CA PHE E 260 -9.70 81.13 -30.92
C PHE E 260 -10.40 82.10 -31.86
N LEU E 261 -9.99 82.09 -33.13
CA LEU E 261 -10.54 82.99 -34.13
C LEU E 261 -10.69 82.24 -35.44
N GLY E 262 -11.57 82.75 -36.29
CA GLY E 262 -11.78 82.20 -37.62
C GLY E 262 -11.88 83.30 -38.65
N GLY E 263 -11.20 83.12 -39.78
CA GLY E 263 -11.21 84.12 -40.82
C GLY E 263 -12.53 84.16 -41.56
N LYS E 264 -12.66 85.15 -42.43
CA LYS E 264 -13.86 85.30 -43.23
C LYS E 264 -13.93 84.23 -44.31
N THR E 265 -15.15 83.87 -44.69
CA THR E 265 -15.34 82.89 -45.74
C THR E 265 -14.75 83.35 -47.07
N GLU E 266 -14.68 84.66 -47.29
CA GLU E 266 -14.16 85.19 -48.54
C GLU E 266 -12.65 85.07 -48.61
N ASP E 267 -11.96 84.93 -47.48
CA ASP E 267 -10.50 84.89 -47.49
C ASP E 267 -10.00 83.62 -48.14
N ASN E 268 -9.06 83.75 -49.07
CA ASN E 268 -8.37 82.61 -49.62
C ASN E 268 -7.44 82.02 -48.57
N ILE E 269 -6.97 80.80 -48.83
CA ILE E 269 -6.03 80.16 -47.91
C ILE E 269 -4.77 81.00 -47.77
N LYS E 270 -4.37 81.70 -48.82
CA LYS E 270 -3.26 82.64 -48.71
C LYS E 270 -3.60 83.76 -47.74
N GLN E 271 -4.80 84.33 -47.85
CA GLN E 271 -5.20 85.40 -46.93
C GLN E 271 -5.32 84.89 -45.50
N ILE E 272 -5.86 83.69 -45.34
CA ILE E 272 -5.96 83.10 -44.01
C ILE E 272 -4.57 82.89 -43.42
N ASN E 273 -3.63 82.42 -44.23
CA ASN E 273 -2.27 82.24 -43.76
C ASN E 273 -1.61 83.57 -43.42
N ASP E 274 -1.91 84.61 -44.19
CA ASP E 274 -1.41 85.94 -43.87
C ASP E 274 -1.95 86.42 -42.52
N LYS E 275 -3.23 86.20 -42.27
CA LYS E 275 -3.80 86.58 -40.99
C LYS E 275 -3.19 85.77 -39.85
N SER E 276 -3.00 84.46 -40.07
CA SER E 276 -2.37 83.61 -39.06
C SER E 276 -0.92 83.99 -38.83
N LYS E 277 -0.28 84.61 -39.82
CA LYS E 277 1.03 85.20 -39.61
C LYS E 277 0.93 86.48 -38.79
N SER E 278 -0.08 87.30 -39.07
CA SER E 278 -0.26 88.55 -38.34
C SER E 278 -0.43 88.29 -36.85
N PHE E 279 -1.23 87.28 -36.52
CA PHE E 279 -1.31 86.81 -35.14
C PHE E 279 -0.10 85.94 -34.84
N ASN E 280 0.62 86.27 -33.79
CA ASN E 280 1.75 85.46 -33.34
C ASN E 280 1.78 85.24 -31.84
N ASP E 281 0.86 85.85 -31.09
CA ASP E 281 0.72 85.51 -29.68
C ASP E 281 0.20 84.09 -29.55
N GLU E 282 0.76 83.36 -28.58
CA GLU E 282 0.44 81.95 -28.43
C GLU E 282 -1.04 81.72 -28.12
N ASN E 283 -1.69 82.68 -27.47
CA ASN E 283 -3.09 82.54 -27.10
C ASN E 283 -4.05 82.82 -28.24
N ILE E 284 -3.56 82.93 -29.48
CA ILE E 284 -4.38 83.21 -30.65
C ILE E 284 -4.35 81.99 -31.55
N VAL E 285 -5.53 81.51 -31.94
CA VAL E 285 -5.69 80.39 -32.86
C VAL E 285 -6.59 80.85 -33.98
N ASN E 286 -6.11 80.74 -35.22
CA ASN E 286 -6.84 81.18 -36.40
C ASN E 286 -7.36 79.96 -37.15
N VAL E 287 -8.65 79.97 -37.48
CA VAL E 287 -9.32 78.86 -38.14
C VAL E 287 -9.67 79.27 -39.56
N GLY E 288 -9.30 78.43 -40.52
CA GLY E 288 -9.50 78.72 -41.93
C GLY E 288 -10.64 77.96 -42.57
N SER E 289 -10.78 76.68 -42.23
CA SER E 289 -11.72 75.82 -42.92
C SER E 289 -13.16 76.10 -42.49
N SER E 290 -14.07 75.99 -43.44
CA SER E 290 -15.51 75.97 -43.20
C SER E 290 -15.99 74.52 -43.17
N ALA E 291 -17.23 74.32 -42.71
CA ALA E 291 -17.73 72.97 -42.52
C ALA E 291 -19.25 72.96 -42.54
N TYR E 292 -19.79 71.76 -42.70
CA TYR E 292 -21.21 71.48 -42.60
C TYR E 292 -21.43 70.39 -41.56
N TYR E 293 -22.46 70.55 -40.73
CA TYR E 293 -22.83 69.53 -39.75
C TYR E 293 -24.21 68.94 -40.02
N GLU E 294 -25.26 69.75 -39.98
CA GLU E 294 -26.61 69.32 -40.39
C GLU E 294 -26.94 69.85 -41.78
N ASN E 295 -26.08 69.54 -42.74
CA ASN E 295 -26.22 70.01 -44.12
C ASN E 295 -26.29 71.52 -44.21
N ILE E 296 -25.71 72.22 -43.23
CA ILE E 296 -25.75 73.67 -43.12
C ILE E 296 -24.34 74.17 -42.89
N LYS E 297 -23.90 75.13 -43.69
CA LYS E 297 -22.52 75.57 -43.65
C LYS E 297 -22.22 76.30 -42.36
N TYR E 298 -20.93 76.32 -42.00
CA TYR E 298 -20.44 77.07 -40.86
C TYR E 298 -19.18 77.80 -41.27
N THR E 299 -19.14 79.11 -41.03
CA THR E 299 -17.99 79.93 -41.38
C THR E 299 -16.79 79.48 -40.52
N PRO E 300 -15.58 79.91 -40.88
CA PRO E 300 -14.41 79.50 -40.09
C PRO E 300 -14.50 79.88 -38.62
N SER E 301 -15.15 81.00 -38.31
CA SER E 301 -15.33 81.39 -36.91
C SER E 301 -16.42 80.58 -36.22
N GLU E 302 -17.48 80.24 -36.95
CA GLU E 302 -18.53 79.41 -36.36
C GLU E 302 -17.98 78.04 -35.97
N VAL E 303 -17.11 77.48 -36.80
CA VAL E 303 -16.42 76.24 -36.42
C VAL E 303 -15.28 76.51 -35.45
N ALA E 304 -14.76 77.75 -35.39
CA ALA E 304 -13.81 78.09 -34.35
C ALA E 304 -14.45 77.98 -32.98
N VAL E 305 -15.75 78.30 -32.90
CA VAL E 305 -16.49 78.06 -31.65
C VAL E 305 -16.38 76.59 -31.25
N TYR E 306 -16.67 75.70 -32.21
CA TYR E 306 -16.67 74.27 -31.90
C TYR E 306 -15.28 73.77 -31.55
N ILE E 307 -14.25 74.22 -32.27
CA ILE E 307 -12.90 73.72 -32.00
C ILE E 307 -12.41 74.22 -30.65
N ALA E 308 -12.74 75.46 -30.28
CA ALA E 308 -12.40 75.94 -28.95
C ALA E 308 -13.12 75.13 -27.88
N ALA E 309 -14.41 74.84 -28.11
CA ALA E 309 -15.17 74.05 -27.16
C ALA E 309 -14.57 72.67 -26.97
N LEU E 310 -14.21 72.03 -28.09
CA LEU E 310 -13.60 70.70 -28.02
C LEU E 310 -12.25 70.75 -27.32
N SER E 311 -11.48 71.82 -27.57
CA SER E 311 -10.18 71.94 -26.93
C SER E 311 -10.32 72.06 -25.41
N VAL E 312 -11.22 72.93 -24.95
CA VAL E 312 -11.37 73.11 -23.51
C VAL E 312 -11.97 71.86 -22.89
N SER E 313 -12.86 71.17 -23.60
CA SER E 313 -13.40 69.91 -23.10
C SER E 313 -12.31 68.86 -22.98
N LYS E 314 -11.36 68.86 -23.92
CA LYS E 314 -10.22 67.96 -23.82
C LYS E 314 -9.41 68.25 -22.57
N GLY E 315 -9.17 69.52 -22.27
CA GLY E 315 -8.39 69.86 -21.12
C GLY E 315 -6.97 69.35 -21.26
N ILE E 316 -6.38 69.00 -20.13
CA ILE E 316 -5.09 68.31 -20.08
C ILE E 316 -5.39 66.84 -20.30
N THR E 317 -4.34 66.04 -20.56
CA THR E 317 -4.47 64.60 -20.84
C THR E 317 -5.14 64.36 -22.18
N GLY E 318 -4.86 65.22 -23.16
CA GLY E 318 -5.42 65.05 -24.48
C GLY E 318 -4.94 66.14 -25.40
N SER E 319 -5.44 66.09 -26.62
CA SER E 319 -5.10 67.06 -27.65
C SER E 319 -6.23 67.08 -28.67
N ILE E 320 -5.99 67.73 -29.81
CA ILE E 320 -6.97 67.85 -30.89
C ILE E 320 -6.41 67.47 -32.24
N CYS E 321 -5.15 67.02 -32.30
CA CYS E 321 -4.47 66.88 -33.59
C CYS E 321 -5.10 65.83 -34.48
N ASN E 322 -5.92 64.92 -33.92
CA ASN E 322 -6.71 64.02 -34.76
C ASN E 322 -8.09 63.77 -34.18
N ALA E 323 -8.61 64.65 -33.33
CA ALA E 323 -9.92 64.44 -32.75
C ALA E 323 -10.99 64.49 -33.83
N LYS E 324 -11.88 63.51 -33.82
CA LYS E 324 -12.95 63.48 -34.82
C LYS E 324 -13.95 64.58 -34.54
N THR E 325 -14.44 65.20 -35.62
CA THR E 325 -15.41 66.28 -35.53
C THR E 325 -16.80 65.78 -35.90
N ILE E 326 -17.81 66.55 -35.51
CA ILE E 326 -19.19 66.23 -35.85
C ILE E 326 -19.56 66.62 -37.28
N PHE E 327 -18.68 67.33 -37.99
CA PHE E 327 -19.05 67.92 -39.27
C PHE E 327 -19.06 66.87 -40.38
N GLU E 328 -20.09 66.93 -41.21
CA GLU E 328 -20.27 65.97 -42.28
C GLU E 328 -19.52 66.38 -43.55
N GLU E 329 -19.13 67.64 -43.68
CA GLU E 329 -18.31 68.10 -44.79
C GLU E 329 -17.39 69.22 -44.32
N VAL E 330 -16.32 69.42 -45.10
CA VAL E 330 -15.32 70.44 -44.83
C VAL E 330 -14.92 71.09 -46.15
N GLU E 331 -14.74 72.40 -46.14
CA GLU E 331 -14.19 73.11 -47.29
C GLU E 331 -13.59 74.42 -46.81
N PRO E 332 -12.57 74.96 -47.50
CA PRO E 332 -11.87 74.44 -48.69
C PRO E 332 -10.96 73.27 -48.33
N ARG E 333 -10.67 72.40 -49.29
CA ARG E 333 -10.02 71.12 -49.05
C ARG E 333 -8.61 71.13 -49.63
N LEU E 334 -7.67 70.58 -48.87
CA LEU E 334 -6.27 70.88 -49.01
C LEU E 334 -5.46 69.63 -49.31
N SER E 335 -4.54 69.74 -50.27
CA SER E 335 -3.52 68.73 -50.44
C SER E 335 -2.48 68.88 -49.33
N GLN E 336 -1.56 67.90 -49.26
CA GLN E 336 -0.53 67.93 -48.23
C GLN E 336 0.32 69.18 -48.32
N SER E 337 0.54 69.70 -49.54
CA SER E 337 1.25 70.95 -49.70
C SER E 337 0.50 72.10 -49.02
N GLU E 338 -0.80 72.18 -49.27
CA GLU E 338 -1.61 73.25 -48.66
C GLU E 338 -1.66 73.08 -47.15
N VAL E 339 -1.78 71.84 -46.68
CA VAL E 339 -1.81 71.59 -45.24
C VAL E 339 -0.50 72.05 -44.60
N LYS E 340 0.62 71.72 -45.23
CA LYS E 340 1.92 72.13 -44.70
C LYS E 340 2.05 73.64 -44.72
N GLU E 341 1.57 74.28 -45.78
CA GLU E 341 1.59 75.73 -45.85
C GLU E 341 0.79 76.34 -44.70
N CYS E 342 -0.41 75.81 -44.45
CA CYS E 342 -1.26 76.33 -43.38
C CYS E 342 -0.62 76.13 -42.01
N LEU E 343 -0.04 74.94 -41.78
CA LEU E 343 0.59 74.69 -40.49
C LEU E 343 1.82 75.57 -40.28
N LYS E 344 2.62 75.76 -41.32
CA LYS E 344 3.75 76.67 -41.22
C LYS E 344 3.29 78.10 -40.95
N SER E 345 2.12 78.47 -41.49
CA SER E 345 1.54 79.77 -41.22
C SER E 345 0.90 79.86 -39.84
N GLY E 346 0.82 78.76 -39.10
CA GLY E 346 0.12 78.74 -37.83
C GLY E 346 -1.36 78.53 -37.94
N THR E 347 -1.92 78.45 -39.15
CA THR E 347 -3.34 78.24 -39.32
C THR E 347 -3.74 76.84 -38.86
N LEU E 348 -4.92 76.76 -38.24
CA LEU E 348 -5.57 75.49 -37.97
C LEU E 348 -6.69 75.30 -38.97
N VAL E 349 -6.71 74.15 -39.63
CA VAL E 349 -7.68 73.85 -40.68
C VAL E 349 -8.15 72.42 -40.52
N LEU E 350 -9.45 72.19 -40.66
CA LEU E 350 -9.97 70.84 -40.60
C LEU E 350 -9.60 70.07 -41.87
N ASP E 351 -9.80 68.76 -41.83
CA ASP E 351 -9.36 67.89 -42.90
C ASP E 351 -10.34 66.73 -43.03
N PHE E 352 -10.28 66.06 -44.17
CA PHE E 352 -11.12 64.91 -44.48
C PHE E 352 -10.27 63.67 -44.67
N ASP E 353 -9.37 63.42 -43.72
CA ASP E 353 -8.44 62.30 -43.81
C ASP E 353 -9.15 60.97 -43.97
N ASP E 354 -10.39 60.86 -43.51
CA ASP E 354 -11.21 59.67 -43.67
C ASP E 354 -12.61 60.13 -44.06
N GLY E 355 -13.59 59.22 -44.00
CA GLY E 355 -14.95 59.55 -44.37
C GLY E 355 -15.59 60.61 -43.49
N ASP E 356 -15.01 60.90 -42.33
CA ASP E 356 -15.45 61.98 -41.46
C ASP E 356 -14.54 63.20 -41.65
N VAL E 357 -14.89 64.29 -40.97
CA VAL E 357 -14.07 65.49 -40.92
C VAL E 357 -13.21 65.42 -39.67
N ILE E 358 -11.90 65.57 -39.84
CA ILE E 358 -10.92 65.35 -38.78
C ILE E 358 -10.06 66.60 -38.65
N ILE E 359 -9.75 66.95 -37.40
CA ILE E 359 -8.86 68.07 -37.13
C ILE E 359 -7.45 67.68 -37.53
N VAL E 360 -6.76 68.57 -38.24
CA VAL E 360 -5.47 68.19 -38.80
C VAL E 360 -4.39 68.14 -37.72
N ASP E 361 -4.31 69.15 -36.86
CA ASP E 361 -3.16 69.32 -35.99
C ASP E 361 -3.56 70.18 -34.79
N ASP E 362 -2.59 70.38 -33.90
CA ASP E 362 -2.78 71.12 -32.65
C ASP E 362 -2.24 72.55 -32.74
N VAL E 363 -1.96 73.04 -33.95
CA VAL E 363 -1.17 74.25 -34.11
C VAL E 363 -1.97 75.48 -33.69
N ASN E 364 -1.24 76.57 -33.41
CA ASN E 364 -1.81 77.88 -33.15
C ASN E 364 -1.15 78.89 -34.08
N THR E 365 -1.62 80.15 -34.02
CA THR E 365 -1.06 81.18 -34.89
C THR E 365 0.39 81.48 -34.55
N PHE E 366 0.81 81.23 -33.30
CA PHE E 366 2.18 81.54 -32.93
C PHE E 366 3.19 80.72 -33.72
N LYS E 367 2.83 79.51 -34.12
CA LYS E 367 3.79 78.50 -34.59
C LYS E 367 4.72 78.99 -35.70
N LYS E 368 4.38 80.11 -36.36
CA LYS E 368 5.28 80.69 -37.35
C LYS E 368 6.67 80.97 -36.79
N TYR E 369 6.78 81.28 -35.50
CA TYR E 369 8.08 81.47 -34.86
C TYR E 369 8.38 80.24 -34.00
N VAL E 370 9.67 80.05 -33.68
CA VAL E 370 10.19 78.72 -33.41
C VAL E 370 10.79 78.57 -32.01
N ASP E 371 11.85 79.31 -31.72
CA ASP E 371 12.84 78.83 -30.75
C ASP E 371 12.66 79.38 -29.34
N ASP E 372 12.57 80.70 -29.17
CA ASP E 372 12.45 81.23 -27.81
C ASP E 372 11.17 80.72 -27.16
N LYS E 373 10.00 81.11 -27.67
CA LYS E 373 8.78 80.42 -27.30
C LYS E 373 8.81 79.11 -28.08
N ASN E 374 9.06 78.00 -27.38
CA ASN E 374 9.52 76.80 -28.06
C ASN E 374 8.44 76.27 -29.01
N GLU E 375 8.83 75.26 -29.79
CA GLU E 375 7.93 74.71 -30.80
C GLU E 375 6.71 74.07 -30.16
N ALA E 376 6.86 73.54 -28.94
CA ALA E 376 5.69 73.01 -28.24
C ALA E 376 4.69 74.12 -27.92
N MET E 377 5.17 75.35 -27.71
CA MET E 377 4.25 76.47 -27.53
C MET E 377 3.41 76.71 -28.78
N GLY E 378 3.92 76.31 -29.94
CA GLY E 378 3.11 76.36 -31.15
C GLY E 378 1.90 75.47 -31.12
N TYR E 379 1.85 74.51 -30.20
CA TYR E 379 0.72 73.60 -30.05
C TYR E 379 -0.18 74.05 -28.92
N ILE E 380 -1.49 73.93 -29.13
CA ILE E 380 -2.47 74.48 -28.20
C ILE E 380 -2.44 73.73 -26.87
N SER E 381 -2.17 72.42 -26.91
CA SER E 381 -2.20 71.62 -25.68
C SER E 381 -1.16 72.12 -24.68
N ASN E 382 0.03 72.48 -25.16
CA ASN E 382 1.05 73.00 -24.26
C ASN E 382 0.60 74.32 -23.63
N ILE E 383 -0.05 75.17 -24.42
CA ILE E 383 -0.54 76.43 -23.87
C ILE E 383 -1.60 76.18 -22.82
N MET E 384 -2.49 75.21 -23.06
CA MET E 384 -3.49 74.88 -22.06
C MET E 384 -2.82 74.38 -20.79
N PHE E 385 -1.77 73.57 -20.94
CA PHE E 385 -1.03 73.08 -19.78
C PHE E 385 -0.41 74.23 -19.00
N ILE E 386 0.26 75.16 -19.70
CA ILE E 386 0.92 76.27 -19.03
C ILE E 386 -0.10 77.17 -18.34
N ASN E 387 -1.22 77.43 -19.02
CA ASN E 387 -2.27 78.24 -18.41
C ASN E 387 -2.84 77.56 -17.18
N THR E 388 -3.00 76.23 -17.22
CA THR E 388 -3.50 75.52 -16.06
C THR E 388 -2.51 75.60 -14.89
N ILE E 389 -1.22 75.45 -15.17
CA ILE E 389 -0.22 75.56 -14.11
C ILE E 389 -0.24 76.96 -13.51
N ASN E 390 -0.31 77.97 -14.38
CA ASN E 390 -0.38 79.35 -13.90
C ASN E 390 -1.65 79.58 -13.07
N LYS E 391 -2.77 78.99 -13.49
CA LYS E 391 -4.02 79.17 -12.77
C LYS E 391 -3.96 78.52 -11.40
N ASP E 392 -3.47 77.28 -11.32
CA ASP E 392 -3.38 76.61 -10.02
C ASP E 392 -2.39 77.32 -9.11
N THR E 393 -1.31 77.83 -9.68
CA THR E 393 -0.34 78.58 -8.90
C THR E 393 -0.93 79.89 -8.38
N SER E 394 -1.63 80.61 -9.24
CA SER E 394 -2.35 81.81 -8.84
C SER E 394 -3.54 81.49 -7.96
N LEU E 395 -3.94 80.23 -7.85
CA LEU E 395 -4.85 79.84 -6.79
C LEU E 395 -4.10 79.68 -5.47
N LYS E 396 -2.89 79.13 -5.53
CA LYS E 396 -2.06 79.00 -4.34
C LYS E 396 -1.65 80.34 -3.76
N ARG E 397 -1.77 81.42 -4.55
CA ARG E 397 -1.36 82.74 -4.04
C ARG E 397 -2.07 83.03 -2.73
N LYS E 398 -3.39 82.84 -2.71
CA LYS E 398 -4.21 83.19 -1.56
C LYS E 398 -3.93 82.29 -0.37
N GLU E 399 -3.48 81.06 -0.64
CA GLU E 399 -3.07 80.19 0.45
C GLU E 399 -1.78 80.68 1.09
N PHE E 400 -0.84 81.19 0.29
CA PHE E 400 0.50 81.49 0.79
C PHE E 400 0.82 82.97 0.94
N VAL E 401 0.22 83.86 0.15
CA VAL E 401 0.59 85.26 0.24
C VAL E 401 0.00 85.87 1.51
N GLY E 402 0.84 86.55 2.27
CA GLY E 402 0.35 87.24 3.45
C GLY E 402 -0.06 86.34 4.58
N LYS E 403 0.41 85.09 4.60
CA LYS E 403 -0.03 84.11 5.58
C LYS E 403 1.10 83.22 6.10
N ILE E 404 2.34 83.46 5.69
CA ILE E 404 3.47 82.66 6.17
C ILE E 404 4.73 83.49 6.05
N PHE E 405 5.67 83.27 6.96
CA PHE E 405 6.58 84.32 7.42
C PHE E 405 7.85 84.47 6.60
N ASN E 406 7.99 83.84 5.43
CA ASN E 406 9.19 83.98 4.61
C ASN E 406 10.43 83.34 5.22
N ASP E 407 10.32 82.70 6.39
CA ASP E 407 11.46 82.03 6.99
C ASP E 407 11.74 80.75 6.21
N ALA E 408 12.72 79.97 6.66
CA ALA E 408 13.01 78.70 6.00
C ALA E 408 11.80 77.77 6.08
N THR E 409 11.04 77.84 7.17
CA THR E 409 9.87 76.99 7.32
C THR E 409 8.81 77.33 6.28
N GLY E 410 8.53 78.61 6.09
CA GLY E 410 7.53 79.00 5.11
C GLY E 410 7.93 78.64 3.69
N GLN E 411 9.20 78.90 3.34
CA GLN E 411 9.70 78.52 2.03
C GLN E 411 9.61 77.02 1.83
N THR E 412 9.98 76.25 2.84
CA THR E 412 9.89 74.80 2.75
C THR E 412 8.46 74.33 2.57
N THR E 413 7.52 74.96 3.30
CA THR E 413 6.12 74.59 3.16
C THR E 413 5.60 74.88 1.76
N VAL E 414 5.96 76.05 1.22
CA VAL E 414 5.54 76.40 -0.14
C VAL E 414 6.10 75.41 -1.15
N ILE E 415 7.39 75.10 -1.01
CA ILE E 415 8.04 74.18 -1.94
C ILE E 415 7.44 72.80 -1.82
N CYS E 416 7.11 72.38 -0.59
CA CYS E 416 6.51 71.07 -0.39
C CYS E 416 5.12 70.99 -1.02
N ALA E 417 4.33 72.06 -0.88
CA ALA E 417 3.01 72.08 -1.51
C ALA E 417 3.11 72.02 -3.03
N LEU E 418 4.02 72.81 -3.61
CA LEU E 418 4.20 72.78 -5.05
C LEU E 418 4.71 71.43 -5.51
N LYS E 419 5.60 70.81 -4.72
CA LYS E 419 6.10 69.49 -5.04
C LYS E 419 4.97 68.47 -5.01
N LYS E 420 4.07 68.57 -4.02
CA LYS E 420 2.93 67.68 -3.95
C LYS E 420 2.04 67.84 -5.17
N TYR E 421 1.82 69.09 -5.60
CA TYR E 421 1.01 69.32 -6.79
C TYR E 421 1.66 68.71 -8.03
N PHE E 422 2.96 68.94 -8.21
CA PHE E 422 3.64 68.39 -9.37
C PHE E 422 3.72 66.87 -9.31
N GLU E 423 3.79 66.30 -8.11
CA GLU E 423 3.76 64.85 -7.98
C GLU E 423 2.39 64.29 -8.29
N GLU E 424 1.33 65.04 -7.97
CA GLU E 424 0.00 64.68 -8.42
C GLU E 424 -0.06 64.67 -9.94
N LEU E 425 0.56 65.67 -10.57
CA LEU E 425 0.63 65.68 -12.04
C LEU E 425 1.41 64.49 -12.56
N MET E 426 2.51 64.15 -11.90
CA MET E 426 3.31 62.99 -12.29
C MET E 426 2.49 61.71 -12.19
N SER E 427 1.68 61.58 -11.14
CA SER E 427 0.86 60.39 -10.97
C SER E 427 -0.12 60.22 -12.11
N GLN E 428 -0.65 61.33 -12.63
CA GLN E 428 -1.50 61.30 -13.81
C GLN E 428 -0.72 60.99 -15.07
N GLY E 429 0.60 61.00 -15.03
CA GLY E 429 1.43 60.71 -16.18
C GLY E 429 1.60 61.87 -17.14
N ILE E 430 1.03 63.03 -16.85
CA ILE E 430 1.10 64.16 -17.76
C ILE E 430 2.54 64.64 -17.92
N ILE E 431 3.31 64.57 -16.84
CA ILE E 431 4.70 65.01 -16.82
C ILE E 431 5.57 63.77 -16.74
N SER E 432 6.60 63.71 -17.58
CA SER E 432 7.57 62.63 -17.55
C SER E 432 8.69 62.88 -16.56
N GLU E 433 9.07 64.14 -16.36
CA GLU E 433 10.13 64.51 -15.45
C GLU E 433 9.90 65.94 -14.99
N PHE E 434 10.29 66.23 -13.74
CA PHE E 434 10.22 67.59 -13.24
C PHE E 434 11.16 67.74 -12.06
N ASN E 435 11.49 69.00 -11.77
CA ASN E 435 12.07 69.38 -10.49
C ASN E 435 11.61 70.79 -10.19
N VAL E 436 11.38 71.08 -8.91
CA VAL E 436 10.97 72.40 -8.45
C VAL E 436 11.78 72.74 -7.22
N ASP E 437 12.38 73.94 -7.24
CA ASP E 437 13.33 74.33 -6.20
C ASP E 437 13.29 75.84 -6.05
N ILE E 438 13.86 76.31 -4.94
CA ILE E 438 13.96 77.74 -4.69
C ILE E 438 14.91 78.35 -5.70
N ASP E 439 14.59 79.56 -6.16
CA ASP E 439 15.40 80.28 -7.14
C ASP E 439 16.44 81.08 -6.37
N THR E 440 17.46 80.37 -5.90
CA THR E 440 18.45 80.96 -5.01
C THR E 440 19.18 82.13 -5.67
N GLU E 441 19.28 82.11 -7.00
CA GLU E 441 19.87 83.25 -7.71
C GLU E 441 19.04 84.51 -7.47
N LEU E 442 17.73 84.43 -7.72
CA LEU E 442 16.87 85.58 -7.48
C LEU E 442 16.50 85.73 -6.01
N GLN E 443 16.52 84.62 -5.24
CA GLN E 443 16.24 84.73 -3.82
C GLN E 443 17.31 85.51 -3.08
N ALA E 444 18.56 85.45 -3.56
CA ALA E 444 19.60 86.27 -2.97
C ALA E 444 19.30 87.75 -3.17
N THR E 445 18.83 88.12 -4.35
CA THR E 445 18.43 89.50 -4.64
C THR E 445 17.02 89.82 -4.17
N ALA E 446 16.26 88.84 -3.70
CA ALA E 446 14.88 89.08 -3.32
C ALA E 446 14.81 89.98 -2.10
N LYS E 447 13.81 90.87 -2.10
CA LYS E 447 13.53 91.64 -0.91
C LYS E 447 12.94 90.72 0.16
N ALA E 448 13.03 91.17 1.41
CA ALA E 448 12.70 90.30 2.53
C ALA E 448 11.23 89.89 2.54
N ASP E 449 10.34 90.66 1.92
CA ASP E 449 8.92 90.38 1.93
C ASP E 449 8.45 89.64 0.68
N GLU E 450 9.36 88.96 -0.04
CA GLU E 450 9.02 88.27 -1.26
C GLU E 450 9.81 86.98 -1.39
N PHE E 451 9.41 86.16 -2.35
CA PHE E 451 9.95 84.82 -2.56
C PHE E 451 10.06 84.55 -4.04
N TYR E 452 11.14 83.88 -4.44
CA TYR E 452 11.37 83.45 -5.81
C TYR E 452 11.60 81.95 -5.83
N TRP E 453 11.14 81.30 -6.90
CA TRP E 453 11.23 79.86 -6.99
C TRP E 453 11.26 79.49 -8.47
N LYS E 454 11.82 78.32 -8.76
CA LYS E 454 12.00 77.85 -10.12
C LYS E 454 11.52 76.41 -10.23
N TRP E 455 11.12 76.03 -11.45
CA TRP E 455 10.74 74.64 -11.70
C TRP E 455 10.96 74.31 -13.17
N ASP E 456 11.44 73.10 -13.40
CA ASP E 456 11.53 72.52 -14.73
C ASP E 456 10.59 71.32 -14.81
N ALA E 457 10.13 71.04 -16.02
CA ALA E 457 9.21 69.93 -16.25
C ALA E 457 9.38 69.43 -17.67
N VAL E 458 8.78 68.28 -17.94
CA VAL E 458 8.75 67.70 -19.27
C VAL E 458 7.35 67.12 -19.49
N LYS E 459 6.51 67.85 -20.22
CA LYS E 459 5.18 67.35 -20.54
C LYS E 459 5.30 66.09 -21.39
N VAL E 460 4.41 65.14 -21.15
CA VAL E 460 4.44 63.90 -21.91
C VAL E 460 3.83 64.19 -23.28
N ASP E 461 4.49 63.71 -24.32
CA ASP E 461 4.09 64.02 -25.69
C ASP E 461 2.95 63.12 -26.13
N VAL E 462 2.60 63.20 -27.42
CA VAL E 462 1.58 62.36 -28.04
C VAL E 462 2.05 62.08 -29.46
N MET E 463 1.75 60.89 -29.99
CA MET E 463 2.04 60.62 -31.40
C MET E 463 1.23 61.55 -32.29
N LYS E 464 1.94 62.40 -33.02
CA LYS E 464 1.39 63.07 -34.20
C LYS E 464 1.82 62.36 -35.48
N LYS E 465 3.09 61.96 -35.55
CA LYS E 465 3.65 61.26 -36.71
C LYS E 465 3.98 59.84 -36.30
N ILE E 466 3.78 58.88 -37.19
CA ILE E 466 4.25 57.51 -36.97
C ILE E 466 4.73 56.94 -38.29
N TYR E 467 5.80 56.16 -38.23
CA TYR E 467 6.43 55.58 -39.41
C TYR E 467 6.67 54.09 -39.18
N GLY E 468 6.40 53.31 -40.21
CA GLY E 468 6.61 51.87 -40.14
C GLY E 468 7.39 51.39 -41.36
N THR E 469 8.22 50.38 -41.14
CA THR E 469 9.03 49.77 -42.19
C THR E 469 8.83 48.26 -42.12
N GLY E 470 8.65 47.64 -43.29
CA GLY E 470 8.26 46.26 -43.38
C GLY E 470 9.33 45.39 -44.02
N TYR E 471 9.44 44.17 -43.52
CA TYR E 471 10.32 43.14 -44.06
C TYR E 471 9.49 41.88 -44.35
N LEU E 472 9.76 41.26 -45.49
CA LEU E 472 9.06 40.04 -45.90
C LEU E 472 10.07 38.98 -46.33
N GLU F 13 -15.39 25.54 72.49
CA GLU F 13 -16.51 24.61 72.76
C GLU F 13 -15.97 23.23 73.12
N ILE F 14 -16.87 22.31 73.46
CA ILE F 14 -16.49 20.94 73.74
C ILE F 14 -16.07 20.28 72.44
N PRO F 15 -15.23 19.24 72.45
CA PRO F 15 -14.91 18.57 71.19
C PRO F 15 -16.11 17.88 70.58
N GLY F 16 -16.13 17.88 69.26
CA GLY F 16 -17.25 17.35 68.51
C GLY F 16 -17.24 17.91 67.10
N PHE F 17 -18.29 17.55 66.34
CA PHE F 17 -18.38 17.94 64.92
C PHE F 17 -19.75 18.60 64.80
N TYR F 18 -19.84 19.91 65.01
CA TYR F 18 -21.14 20.57 65.16
C TYR F 18 -21.46 21.39 63.93
N ASN F 19 -22.46 20.94 63.17
CA ASN F 19 -22.90 21.60 61.96
C ASN F 19 -23.76 22.80 62.30
N ARG F 20 -23.71 23.81 61.43
CA ARG F 20 -24.58 24.99 61.56
C ARG F 20 -24.93 25.44 60.14
N PHE F 21 -26.11 25.02 59.69
CA PHE F 21 -26.48 25.18 58.28
C PHE F 21 -26.98 26.60 57.99
N LYS F 22 -26.61 27.09 56.82
CA LYS F 22 -26.76 28.50 56.47
C LYS F 22 -27.29 28.65 55.05
N THR F 23 -28.28 27.83 54.68
CA THR F 23 -29.00 28.02 53.42
C THR F 23 -30.09 29.08 53.63
N GLN F 24 -29.60 30.29 53.86
CA GLN F 24 -30.40 31.46 54.15
C GLN F 24 -30.92 32.05 52.83
N ALA F 25 -29.98 32.52 52.02
CA ALA F 25 -30.18 33.23 50.75
C ALA F 25 -29.27 32.65 49.68
N GLU F 26 -29.36 31.33 49.51
CA GLU F 26 -28.41 30.62 48.65
C GLU F 26 -28.38 31.20 47.24
N LYS F 27 -29.53 31.17 46.55
CA LYS F 27 -29.65 31.84 45.25
C LYS F 27 -31.03 32.50 45.13
N SER F 28 -31.50 33.12 46.21
CA SER F 28 -32.77 33.83 46.24
C SER F 28 -32.57 35.33 46.08
N THR F 29 -31.57 35.73 45.29
CA THR F 29 -31.14 37.12 45.19
C THR F 29 -31.26 37.61 43.75
N ASN F 30 -31.52 38.92 43.62
CA ASN F 30 -31.53 39.60 42.34
C ASN F 30 -30.99 41.01 42.53
N THR F 31 -30.52 41.60 41.43
CA THR F 31 -29.81 42.88 41.45
C THR F 31 -30.54 43.95 40.65
N GLY F 32 -31.87 43.91 40.64
CA GLY F 32 -32.65 44.82 39.84
C GLY F 32 -33.09 46.10 40.55
N LEU F 33 -32.47 46.42 41.68
CA LEU F 33 -32.88 47.55 42.51
C LEU F 33 -31.66 48.32 42.97
N LYS F 34 -31.88 49.61 43.25
CA LYS F 34 -30.81 50.50 43.69
C LYS F 34 -31.43 51.77 44.24
N GLY F 35 -30.63 52.53 44.98
CA GLY F 35 -30.99 53.86 45.39
C GLY F 35 -31.87 53.90 46.63
N ARG F 36 -31.94 55.08 47.24
CA ARG F 36 -32.80 55.34 48.37
C ARG F 36 -33.37 56.75 48.26
N LEU F 37 -34.59 56.90 48.76
CA LEU F 37 -35.37 58.13 48.57
C LEU F 37 -35.99 58.57 49.89
N ALA F 38 -36.14 59.89 50.03
CA ALA F 38 -36.80 60.51 51.17
C ALA F 38 -38.24 60.86 50.81
N MET F 39 -39.12 60.81 51.82
CA MET F 39 -40.55 60.98 51.61
C MET F 39 -41.20 61.51 52.88
N PRO F 40 -41.49 62.81 52.94
CA PRO F 40 -42.53 63.28 53.87
C PRO F 40 -43.90 62.93 53.31
N ILE F 41 -44.76 62.35 54.15
CA ILE F 41 -46.04 61.82 53.70
C ILE F 41 -47.12 62.13 54.71
N ARG F 42 -48.33 62.38 54.20
CA ARG F 42 -49.54 62.39 55.00
C ARG F 42 -50.18 61.00 54.91
N ALA F 43 -50.57 60.46 56.06
CA ALA F 43 -51.08 59.09 56.11
C ALA F 43 -52.18 58.98 57.15
N ASN F 44 -53.17 58.15 56.84
CA ASN F 44 -54.19 57.79 57.82
C ASN F 44 -53.70 56.77 58.83
N TRP F 45 -52.67 55.99 58.49
CA TRP F 45 -52.20 54.89 59.31
C TRP F 45 -50.68 54.87 59.31
N GLY F 46 -50.10 54.32 60.36
CA GLY F 46 -48.68 54.06 60.45
C GLY F 46 -48.01 54.90 61.53
N ASP F 47 -46.72 54.65 61.68
CA ASP F 47 -45.94 55.31 62.72
C ASP F 47 -45.86 56.81 62.45
N VAL F 48 -45.65 57.56 63.53
CA VAL F 48 -45.65 59.03 63.50
C VAL F 48 -44.38 59.52 64.17
N GLY F 49 -43.77 60.55 63.57
CA GLY F 49 -42.64 61.22 64.18
C GLY F 49 -41.32 60.49 64.02
N LYS F 50 -41.23 59.51 63.14
CA LYS F 50 -39.99 58.77 62.91
C LYS F 50 -39.79 58.56 61.41
N VAL F 51 -38.53 58.45 61.03
CA VAL F 51 -38.13 58.20 59.64
C VAL F 51 -37.91 56.70 59.51
N VAL F 52 -38.83 56.03 58.83
CA VAL F 52 -38.84 54.57 58.71
C VAL F 52 -38.45 54.19 57.29
N THR F 53 -37.58 53.19 57.17
CA THR F 53 -37.16 52.66 55.88
C THR F 53 -38.13 51.57 55.44
N ILE F 54 -38.48 51.60 54.15
CA ILE F 54 -39.40 50.64 53.56
C ILE F 54 -38.67 49.90 52.44
N LYS F 55 -38.64 48.58 52.52
CA LYS F 55 -38.12 47.78 51.43
C LYS F 55 -39.12 47.80 50.27
N ASN F 56 -38.63 47.47 49.08
CA ASN F 56 -39.39 47.75 47.87
C ASN F 56 -40.67 46.95 47.73
N ASP F 57 -40.90 45.94 48.57
CA ASP F 57 -42.18 45.24 48.54
C ASP F 57 -43.29 46.19 49.00
N LEU F 58 -44.27 46.41 48.13
CA LEU F 58 -45.39 47.29 48.48
C LEU F 58 -46.23 46.73 49.62
N ARG F 59 -46.17 45.42 49.86
CA ARG F 59 -46.85 44.83 51.00
C ARG F 59 -46.36 45.45 52.30
N GLN F 60 -45.07 45.77 52.38
CA GLN F 60 -44.54 46.44 53.55
C GLN F 60 -45.16 47.83 53.71
N LEU F 61 -45.27 48.58 52.61
CA LEU F 61 -45.93 49.88 52.65
C LEU F 61 -47.38 49.74 53.07
N LYS F 62 -48.07 48.76 52.48
CA LYS F 62 -49.49 48.54 52.79
C LYS F 62 -49.68 48.22 54.26
N ASN F 63 -48.78 47.40 54.82
CA ASN F 63 -48.89 47.02 56.22
C ASN F 63 -48.59 48.21 57.13
N LEU F 64 -47.51 48.94 56.86
CA LEU F 64 -46.99 49.92 57.80
C LEU F 64 -47.63 51.30 57.66
N PHE F 65 -48.36 51.57 56.56
CA PHE F 65 -49.01 52.85 56.40
C PHE F 65 -50.39 52.75 55.75
N GLY F 66 -50.97 51.56 55.67
CA GLY F 66 -52.30 51.42 55.11
C GLY F 66 -52.29 51.39 53.59
N ASP F 67 -53.49 51.28 53.03
CA ASP F 67 -53.68 51.12 51.59
C ASP F 67 -54.70 52.13 51.05
N ASP F 68 -54.76 53.31 51.66
CA ASP F 68 -55.72 54.33 51.26
C ASP F 68 -55.06 55.26 50.23
N MET F 69 -55.62 55.29 49.02
CA MET F 69 -55.10 56.12 47.95
C MET F 69 -55.53 57.57 48.08
N ASN F 70 -56.42 57.90 49.02
CA ASN F 70 -56.79 59.29 49.27
C ASN F 70 -55.66 60.10 49.88
N TYR F 71 -54.59 59.45 50.35
CA TYR F 71 -53.52 60.08 51.10
C TYR F 71 -52.23 60.01 50.31
N SER F 72 -51.37 61.01 50.51
CA SER F 72 -50.10 61.06 49.80
C SER F 72 -49.24 59.84 50.07
N ALA F 73 -49.35 59.26 51.28
CA ALA F 73 -48.50 58.18 51.71
C ALA F 73 -48.55 56.98 50.77
N PHE F 74 -49.72 56.33 50.66
CA PHE F 74 -49.80 55.11 49.88
C PHE F 74 -49.59 55.37 48.39
N LYS F 75 -50.17 56.45 47.88
CA LYS F 75 -50.07 56.72 46.44
C LYS F 75 -48.64 57.01 46.03
N LEU F 76 -47.98 57.95 46.72
CA LEU F 76 -46.61 58.28 46.38
C LEU F 76 -45.67 57.15 46.71
N GLY F 77 -45.98 56.35 47.74
CA GLY F 77 -45.17 55.18 48.01
C GLY F 77 -45.25 54.17 46.88
N LYS F 78 -46.46 53.91 46.38
CA LYS F 78 -46.60 53.00 45.25
C LYS F 78 -45.84 53.50 44.04
N LEU F 79 -45.94 54.81 43.77
CA LEU F 79 -45.19 55.37 42.64
C LEU F 79 -43.69 55.20 42.82
N ALA F 80 -43.18 55.46 44.03
CA ALA F 80 -41.75 55.31 44.29
C ALA F 80 -41.32 53.86 44.16
N LEU F 81 -42.11 52.93 44.69
CA LEU F 81 -41.76 51.52 44.62
C LEU F 81 -41.75 51.05 43.17
N LEU F 82 -42.72 51.50 42.37
CA LEU F 82 -42.67 51.23 40.93
C LEU F 82 -41.48 51.92 40.27
N GLY F 83 -40.94 52.97 40.89
CA GLY F 83 -39.67 53.52 40.48
C GLY F 83 -38.47 52.63 40.79
N ASN F 84 -38.68 51.53 41.52
CA ASN F 84 -37.67 50.50 41.74
C ASN F 84 -36.53 51.00 42.63
N VAL F 85 -36.90 51.72 43.69
CA VAL F 85 -35.91 52.14 44.68
C VAL F 85 -35.62 50.97 45.61
N LYS F 86 -34.35 50.81 45.96
CA LYS F 86 -33.95 49.70 46.82
C LYS F 86 -34.60 49.80 48.19
N GLU F 87 -34.61 51.00 48.77
CA GLU F 87 -35.20 51.23 50.08
C GLU F 87 -35.82 52.62 50.11
N LEU F 88 -37.10 52.68 50.42
CA LEU F 88 -37.87 53.92 50.43
C LEU F 88 -38.04 54.36 51.88
N LEU F 89 -37.56 55.57 52.20
CA LEU F 89 -37.60 56.09 53.55
C LEU F 89 -38.75 57.10 53.66
N LEU F 90 -39.65 56.85 54.60
CA LEU F 90 -40.88 57.62 54.76
C LEU F 90 -40.88 58.35 56.09
N TYR F 91 -41.74 59.37 56.19
CA TYR F 91 -41.96 60.09 57.44
C TYR F 91 -43.40 60.59 57.44
N ARG F 92 -44.16 60.20 58.45
CA ARG F 92 -45.58 60.57 58.52
C ARG F 92 -45.71 61.97 59.08
N LEU F 93 -46.35 62.85 58.32
CA LEU F 93 -46.59 64.23 58.73
C LEU F 93 -47.94 64.33 59.43
N VAL F 94 -47.99 65.09 60.51
CA VAL F 94 -49.20 65.25 61.30
C VAL F 94 -49.23 66.64 61.91
N ASP F 95 -50.43 67.10 62.23
CA ASP F 95 -50.61 68.20 63.16
C ASP F 95 -50.60 67.64 64.58
N GLY F 96 -50.24 68.50 65.54
CA GLY F 96 -50.11 68.06 66.92
C GLY F 96 -51.38 67.44 67.49
N ASN F 97 -52.54 67.86 67.00
CA ASN F 97 -53.80 67.29 67.45
C ASN F 97 -54.02 65.85 66.97
N GLN F 98 -53.19 65.36 66.05
CA GLN F 98 -53.41 64.04 65.47
C GLN F 98 -53.27 62.96 66.56
N LYS F 99 -54.15 61.96 66.50
CA LYS F 99 -54.47 61.14 67.66
C LYS F 99 -54.81 59.72 67.25
N LYS F 100 -54.70 58.81 68.23
CA LYS F 100 -55.07 57.41 68.08
C LYS F 100 -56.55 57.21 68.40
N GLY F 101 -57.17 56.27 67.68
CA GLY F 101 -58.49 55.81 68.05
C GLY F 101 -58.45 54.96 69.30
N THR F 102 -59.57 54.95 70.02
CA THR F 102 -59.63 54.29 71.32
C THR F 102 -61.04 53.76 71.59
N LEU F 103 -61.10 52.68 72.35
CA LEU F 103 -62.36 52.11 72.82
C LEU F 103 -62.12 51.53 74.21
N THR F 104 -63.18 51.50 75.01
CA THR F 104 -63.12 51.02 76.38
C THR F 104 -64.14 49.92 76.59
N LEU F 105 -63.79 48.96 77.44
CA LEU F 105 -64.63 47.83 77.79
C LEU F 105 -64.93 47.85 79.28
N LYS F 106 -66.04 47.22 79.65
CA LYS F 106 -66.53 47.25 81.02
C LYS F 106 -67.06 45.86 81.40
N ASP F 107 -67.07 45.60 82.70
CA ASP F 107 -67.56 44.33 83.22
C ASP F 107 -69.09 44.38 83.41
N THR F 108 -69.67 43.20 83.63
CA THR F 108 -71.10 43.07 83.85
C THR F 108 -71.47 42.31 85.11
N THR F 109 -70.51 41.70 85.81
CA THR F 109 -70.83 40.95 87.02
C THR F 109 -71.39 41.87 88.10
N GLU F 110 -70.80 43.06 88.25
CA GLU F 110 -71.23 44.03 89.25
C GLU F 110 -72.28 44.96 88.69
N ASN F 111 -73.26 45.32 89.52
CA ASN F 111 -74.27 46.28 89.09
C ASN F 111 -73.63 47.62 88.75
N SER F 112 -72.71 48.09 89.58
CA SER F 112 -71.91 49.28 89.28
C SER F 112 -70.73 48.83 88.42
N ALA F 113 -70.98 48.72 87.12
CA ALA F 113 -69.98 48.22 86.20
C ALA F 113 -68.76 49.13 86.17
N LYS F 114 -67.57 48.53 86.09
CA LYS F 114 -66.30 49.23 86.15
C LYS F 114 -65.50 48.93 84.89
N ASP F 115 -64.87 49.96 84.34
CA ASP F 115 -64.03 49.77 83.16
C ASP F 115 -62.81 48.92 83.53
N VAL F 116 -62.54 47.91 82.72
CA VAL F 116 -61.49 46.94 83.00
C VAL F 116 -60.51 46.75 81.86
N ILE F 117 -60.87 47.05 80.61
CA ILE F 117 -59.97 46.96 79.47
C ILE F 117 -60.20 48.15 78.57
N LYS F 118 -59.12 48.68 78.01
CA LYS F 118 -59.17 49.73 76.99
C LYS F 118 -58.42 49.26 75.75
N LEU F 119 -59.01 49.51 74.59
CA LEU F 119 -58.43 49.16 73.31
C LEU F 119 -58.06 50.45 72.57
N GLU F 120 -56.83 50.50 72.06
CA GLU F 120 -56.33 51.66 71.33
C GLU F 120 -55.60 51.19 70.09
N THR F 121 -55.79 51.91 68.99
CA THR F 121 -55.13 51.55 67.73
C THR F 121 -53.61 51.61 67.90
N LYS F 122 -52.92 50.64 67.30
CA LYS F 122 -51.47 50.56 67.46
C LYS F 122 -50.77 51.78 66.88
N TYR F 123 -51.37 52.41 65.87
CA TYR F 123 -50.83 53.61 65.24
C TYR F 123 -51.88 54.72 65.26
N PRO F 124 -51.46 55.99 65.27
CA PRO F 124 -52.45 57.07 65.18
C PRO F 124 -53.23 57.01 63.87
N THR F 125 -54.52 57.32 63.96
CA THR F 125 -55.42 57.23 62.82
C THR F 125 -56.75 57.86 63.18
N ALA F 126 -57.68 57.81 62.23
CA ALA F 126 -59.08 58.12 62.49
C ALA F 126 -60.01 57.11 61.82
N ARG F 127 -59.50 55.99 61.33
CA ARG F 127 -60.32 55.03 60.60
C ARG F 127 -61.27 54.33 61.56
N ASN F 128 -62.29 53.69 60.98
CA ASN F 128 -63.34 53.03 61.74
C ASN F 128 -62.96 51.58 62.06
N PHE F 129 -61.86 51.43 62.79
CA PHE F 129 -61.50 50.12 63.31
C PHE F 129 -62.49 49.75 64.40
N ASN F 130 -63.17 48.61 64.21
CA ASN F 130 -64.30 48.22 65.04
C ASN F 130 -63.98 46.91 65.75
N VAL F 131 -64.71 46.67 66.85
CA VAL F 131 -64.51 45.52 67.71
C VAL F 131 -65.87 44.96 68.13
N THR F 132 -65.93 43.64 68.28
CA THR F 132 -67.12 42.94 68.72
C THR F 132 -66.76 41.98 69.83
N ILE F 133 -67.58 41.95 70.88
CA ILE F 133 -67.46 40.99 71.97
C ILE F 133 -68.82 40.35 72.18
N LYS F 134 -68.86 39.02 72.26
CA LYS F 134 -70.09 38.28 72.40
C LYS F 134 -69.85 37.06 73.29
N SER F 135 -70.94 36.52 73.81
CA SER F 135 -70.85 35.34 74.67
C SER F 135 -70.38 34.14 73.86
N ASN F 136 -69.42 33.40 74.41
CA ASN F 136 -68.94 32.20 73.77
C ASN F 136 -70.00 31.11 73.84
N LEU F 137 -70.25 30.45 72.71
CA LEU F 137 -71.30 29.45 72.64
C LEU F 137 -70.88 28.10 73.20
N VAL F 138 -69.58 27.88 73.40
CA VAL F 138 -69.08 26.59 73.88
C VAL F 138 -68.88 26.67 75.38
N ASP F 139 -68.00 27.57 75.83
CA ASP F 139 -67.68 27.74 77.24
C ASP F 139 -68.50 28.89 77.81
N SER F 140 -68.96 28.72 79.05
CA SER F 140 -69.87 29.70 79.65
C SER F 140 -69.19 31.04 79.88
N ASP F 141 -68.02 31.02 80.52
CA ASP F 141 -67.35 32.26 80.92
C ASP F 141 -66.56 32.91 79.80
N LYS F 142 -66.40 32.26 78.65
CA LYS F 142 -65.59 32.80 77.57
C LYS F 142 -66.37 33.85 76.79
N LYS F 143 -65.63 34.87 76.32
CA LYS F 143 -66.16 35.91 75.44
C LYS F 143 -65.38 35.88 74.14
N ASP F 144 -66.10 35.95 73.03
CA ASP F 144 -65.48 35.87 71.70
C ASP F 144 -65.13 37.29 71.26
N PHE F 145 -63.84 37.60 71.23
CA PHE F 145 -63.36 38.93 70.85
C PHE F 145 -63.05 38.93 69.37
N ILE F 146 -63.75 39.78 68.61
CA ILE F 146 -63.60 39.89 67.18
C ILE F 146 -63.34 41.35 66.83
N PHE F 147 -62.52 41.56 65.80
CA PHE F 147 -62.05 42.88 65.41
C PHE F 147 -62.31 43.10 63.93
N PHE F 148 -62.69 44.33 63.56
CA PHE F 148 -63.05 44.66 62.20
C PHE F 148 -62.50 46.05 61.85
N GLU F 149 -62.68 46.40 60.58
CA GLU F 149 -62.55 47.78 60.11
C GLU F 149 -63.69 48.01 59.14
N ASN F 150 -64.70 48.78 59.56
CA ASN F 150 -65.92 48.96 58.79
C ASN F 150 -66.59 47.62 58.51
N THR F 151 -66.61 46.76 59.53
CA THR F 151 -67.20 45.42 59.51
C THR F 151 -66.36 44.40 58.75
N LYS F 152 -65.24 44.79 58.15
CA LYS F 152 -64.33 43.85 57.51
C LYS F 152 -63.46 43.24 58.60
N GLN F 153 -63.68 41.95 58.89
CA GLN F 153 -63.05 41.34 60.05
C GLN F 153 -61.55 41.23 59.89
N LEU F 154 -60.84 41.55 60.97
CA LEU F 154 -59.39 41.40 61.06
C LEU F 154 -59.02 40.09 61.76
N PHE F 155 -59.55 39.88 62.97
CA PHE F 155 -59.10 38.79 63.82
C PHE F 155 -60.22 38.45 64.80
N SER F 156 -60.28 37.17 65.19
CA SER F 156 -61.23 36.68 66.17
C SER F 156 -60.50 35.84 67.21
N SER F 157 -60.99 35.88 68.44
CA SER F 157 -60.39 35.14 69.54
C SER F 157 -61.42 34.92 70.63
N SER F 158 -61.12 33.99 71.54
CA SER F 158 -62.00 33.65 72.65
C SER F 158 -61.15 33.35 73.88
N ILE F 159 -61.44 34.02 75.00
CA ILE F 159 -60.73 33.83 76.25
C ILE F 159 -61.73 33.85 77.40
N LYS F 160 -61.42 33.08 78.44
CA LYS F 160 -62.22 33.04 79.65
C LYS F 160 -62.33 34.43 80.27
N GLY F 161 -63.27 34.56 81.21
CA GLY F 161 -63.62 35.85 81.77
C GLY F 161 -62.71 36.38 82.86
N THR F 162 -61.40 36.32 82.64
CA THR F 162 -60.42 37.00 83.49
C THR F 162 -59.69 38.03 82.64
N ILE F 163 -59.55 39.24 83.19
CA ILE F 163 -59.11 40.37 82.37
C ILE F 163 -57.66 40.22 81.94
N ASP F 164 -56.81 39.68 82.83
CA ASP F 164 -55.38 39.59 82.52
C ASP F 164 -55.13 38.70 81.32
N GLU F 165 -55.71 37.50 81.32
CA GLU F 165 -55.53 36.60 80.18
C GLU F 165 -56.16 37.17 78.92
N ILE F 166 -57.27 37.89 79.06
CA ILE F 166 -57.93 38.49 77.90
C ILE F 166 -57.00 39.50 77.24
N VAL F 167 -56.44 40.43 78.03
CA VAL F 167 -55.59 41.46 77.44
C VAL F 167 -54.30 40.85 76.92
N LEU F 168 -53.77 39.84 77.63
CA LEU F 168 -52.54 39.19 77.16
C LEU F 168 -52.76 38.50 75.83
N GLU F 169 -53.88 37.79 75.66
CA GLU F 169 -54.15 37.17 74.37
C GLU F 169 -54.37 38.21 73.29
N ILE F 170 -55.12 39.28 73.60
CA ILE F 170 -55.41 40.29 72.59
C ILE F 170 -54.14 40.98 72.13
N ASN F 171 -53.17 41.17 73.03
CA ASN F 171 -51.88 41.74 72.68
C ASN F 171 -50.90 40.70 72.14
N SER F 172 -51.19 39.41 72.27
CA SER F 172 -50.22 38.38 71.90
C SER F 172 -50.19 38.17 70.39
N ASN F 173 -51.33 37.79 69.81
CA ASN F 173 -51.34 37.47 68.38
C ASN F 173 -51.13 38.72 67.55
N LEU F 174 -50.25 38.62 66.56
CA LEU F 174 -50.01 39.71 65.63
C LEU F 174 -51.11 39.85 64.60
N ASP F 175 -52.07 38.93 64.56
CA ASP F 175 -53.28 39.18 63.79
C ASP F 175 -54.05 40.38 64.35
N ASN F 176 -53.89 40.66 65.64
CA ASN F 176 -54.47 41.83 66.28
C ASN F 176 -53.48 43.01 66.34
N GLU F 177 -52.59 43.11 65.35
CA GLU F 177 -51.58 44.16 65.37
C GLU F 177 -52.19 45.55 65.19
N TYR F 178 -53.40 45.65 64.67
CA TYR F 178 -54.01 46.96 64.47
C TYR F 178 -54.30 47.68 65.77
N VAL F 179 -54.42 46.96 66.89
CA VAL F 179 -54.92 47.51 68.14
C VAL F 179 -54.10 46.98 69.30
N ILE F 180 -53.99 47.79 70.34
CA ILE F 180 -53.30 47.44 71.59
C ILE F 180 -54.33 47.42 72.71
N ALA F 181 -54.32 46.36 73.50
CA ALA F 181 -55.20 46.23 74.66
C ALA F 181 -54.41 46.50 75.93
N THR F 182 -55.01 47.27 76.83
CA THR F 182 -54.41 47.59 78.12
C THR F 182 -55.44 47.39 79.22
N LYS F 183 -54.96 46.93 80.37
CA LYS F 183 -55.83 46.63 81.50
C LYS F 183 -56.11 47.90 82.29
N VAL F 184 -57.40 48.18 82.50
CA VAL F 184 -57.81 49.33 83.30
C VAL F 184 -57.93 48.97 84.77
N ALA F 185 -58.36 47.75 85.08
CA ALA F 185 -58.51 47.30 86.45
C ALA F 185 -58.26 45.80 86.50
N ASP F 186 -57.90 45.33 87.70
CA ASP F 186 -57.58 43.92 87.93
C ASP F 186 -58.84 43.20 88.38
N SER F 187 -59.73 42.96 87.41
CA SER F 187 -61.01 42.30 87.64
C SER F 187 -60.97 40.89 87.08
N ASP F 188 -61.77 40.02 87.69
CA ASP F 188 -62.03 38.67 87.20
C ASP F 188 -63.50 38.50 86.80
N THR F 189 -64.12 39.58 86.36
CA THR F 189 -65.55 39.65 86.09
C THR F 189 -65.83 39.50 84.61
N ILE F 190 -67.08 39.16 84.30
CA ILE F 190 -67.50 38.93 82.92
C ILE F 190 -67.57 40.27 82.20
N LEU F 191 -66.99 40.33 81.00
CA LEU F 191 -66.97 41.56 80.23
C LEU F 191 -68.34 41.84 79.62
N ALA F 192 -68.54 43.10 79.23
CA ALA F 192 -69.74 43.51 78.53
C ALA F 192 -69.61 43.26 77.05
N ASN F 193 -70.71 42.83 76.43
CA ASN F 193 -70.70 42.54 75.00
C ASN F 193 -70.80 43.83 74.19
N VAL F 194 -69.96 43.93 73.16
CA VAL F 194 -69.99 45.02 72.21
C VAL F 194 -70.11 44.42 70.82
N VAL F 195 -70.61 45.23 69.89
CA VAL F 195 -70.83 44.78 68.51
C VAL F 195 -70.39 45.87 67.55
N ASN F 196 -69.22 45.68 66.94
CA ASN F 196 -68.71 46.56 65.89
C ASN F 196 -68.55 48.00 66.41
N GLN F 197 -68.07 48.14 67.63
CA GLN F 197 -67.86 49.44 68.23
C GLN F 197 -66.53 50.01 67.76
N ALA F 198 -66.58 51.19 67.14
CA ALA F 198 -65.38 51.79 66.58
C ALA F 198 -64.47 52.33 67.68
N LEU F 199 -63.17 52.26 67.43
CA LEU F 199 -62.17 52.84 68.33
C LEU F 199 -62.12 54.34 68.03
N GLU F 200 -62.96 55.09 68.75
CA GLU F 200 -63.14 56.50 68.49
C GLU F 200 -62.07 57.31 69.22
N GLY F 201 -62.13 58.63 69.06
CA GLY F 201 -61.16 59.53 69.65
C GLY F 201 -59.92 59.77 68.83
N GLY F 202 -59.77 59.10 67.68
CA GLY F 202 -58.61 59.28 66.84
C GLY F 202 -58.77 60.44 65.88
N ASN F 203 -57.64 60.86 65.32
CA ASN F 203 -57.58 61.94 64.35
C ASN F 203 -56.66 61.51 63.21
N ASP F 204 -56.93 62.05 62.02
CA ASP F 204 -56.56 61.37 60.78
C ASP F 204 -55.10 61.58 60.40
N GLY F 205 -54.71 62.81 60.10
CA GLY F 205 -53.38 63.07 59.55
C GLY F 205 -53.36 64.11 58.45
N CYS F 206 -54.50 64.30 57.78
CA CYS F 206 -54.69 65.41 56.87
C CYS F 206 -55.21 66.65 57.58
N THR F 207 -55.22 66.66 58.91
CA THR F 207 -55.85 67.72 59.69
C THR F 207 -54.85 68.85 59.89
N SER F 208 -55.08 69.96 59.18
CA SER F 208 -54.36 71.22 59.41
C SER F 208 -52.85 71.05 59.24
N ILE F 209 -52.45 70.32 58.20
CA ILE F 209 -51.03 70.15 57.90
C ILE F 209 -50.54 71.40 57.16
N THR F 210 -49.46 72.00 57.67
CA THR F 210 -48.94 73.26 57.20
C THR F 210 -47.44 73.13 56.97
N ASN F 211 -46.82 74.26 56.57
CA ASN F 211 -45.40 74.27 56.24
C ASN F 211 -44.53 73.88 57.42
N GLU F 212 -44.98 74.16 58.64
CA GLU F 212 -44.17 73.84 59.81
C GLU F 212 -43.99 72.34 59.97
N SER F 213 -45.03 71.56 59.67
CA SER F 213 -44.90 70.11 59.72
C SER F 213 -43.86 69.62 58.73
N TYR F 214 -43.86 70.17 57.52
CA TYR F 214 -42.85 69.80 56.53
C TYR F 214 -41.46 70.21 56.98
N LEU F 215 -41.34 71.38 57.61
CA LEU F 215 -40.05 71.82 58.13
C LEU F 215 -39.53 70.86 59.19
N LYS F 216 -40.40 70.44 60.11
CA LYS F 216 -40.01 69.47 61.13
C LYS F 216 -39.61 68.15 60.48
N ALA F 217 -40.35 67.72 59.46
CA ALA F 217 -40.01 66.48 58.77
C ALA F 217 -38.64 66.59 58.12
N LEU F 218 -38.34 67.72 57.49
CA LEU F 218 -37.02 67.90 56.88
C LEU F 218 -35.92 67.90 57.93
N GLU F 219 -36.17 68.54 59.08
CA GLU F 219 -35.19 68.53 60.15
C GLU F 219 -34.94 67.12 60.65
N GLU F 220 -35.98 66.30 60.74
CA GLU F 220 -35.79 64.88 61.03
C GLU F 220 -34.96 64.21 59.94
N PHE F 221 -35.24 64.55 58.68
CA PHE F 221 -34.54 63.94 57.56
C PHE F 221 -33.07 64.37 57.48
N GLU F 222 -32.68 65.43 58.19
CA GLU F 222 -31.27 65.82 58.23
C GLU F 222 -30.38 64.70 58.75
N ARG F 223 -30.92 63.81 59.59
CA ARG F 223 -30.14 62.74 60.18
C ARG F 223 -29.57 61.82 59.12
N TYR F 224 -30.37 61.47 58.12
CA TYR F 224 -30.08 60.37 57.22
C TYR F 224 -29.35 60.88 55.97
N SER F 225 -29.01 59.96 55.08
CA SER F 225 -28.44 60.25 53.78
C SER F 225 -29.35 59.70 52.70
N PHE F 226 -29.46 60.43 51.60
CA PHE F 226 -30.42 60.12 50.54
C PHE F 226 -29.79 60.34 49.18
N ASP F 227 -30.43 59.74 48.17
CA ASP F 227 -30.10 60.00 46.78
C ASP F 227 -30.99 61.07 46.16
N SER F 228 -32.20 61.27 46.69
CA SER F 228 -33.08 62.30 46.16
C SER F 228 -34.17 62.63 47.17
N PHE F 229 -34.82 63.78 46.95
CA PHE F 229 -35.93 64.25 47.76
C PHE F 229 -36.96 64.86 46.82
N VAL F 230 -38.25 64.73 47.17
CA VAL F 230 -39.34 65.07 46.25
C VAL F 230 -40.43 65.93 46.90
N LEU F 231 -40.44 66.02 48.24
CA LEU F 231 -41.34 66.92 48.96
C LEU F 231 -42.81 66.55 48.77
N ASP F 232 -43.15 65.31 49.13
CA ASP F 232 -44.52 64.88 49.40
C ASP F 232 -45.46 65.04 48.20
N GLY F 233 -44.93 65.25 46.99
CA GLY F 233 -45.81 65.47 45.86
C GLY F 233 -46.67 66.71 45.99
N VAL F 234 -46.19 67.71 46.72
CA VAL F 234 -46.92 68.96 46.97
C VAL F 234 -46.12 70.10 46.36
N ALA F 235 -46.80 70.97 45.63
CA ALA F 235 -46.17 72.04 44.86
C ALA F 235 -46.31 73.41 45.52
N ASP F 236 -46.54 73.45 46.83
CA ASP F 236 -46.64 74.73 47.53
C ASP F 236 -45.32 75.48 47.43
N GLU F 237 -45.40 76.76 47.07
CA GLU F 237 -44.20 77.52 46.71
C GLU F 237 -43.27 77.70 47.91
N ALA F 238 -43.79 78.18 49.03
CA ALA F 238 -42.95 78.49 50.18
C ALA F 238 -42.21 77.25 50.66
N LEU F 239 -42.89 76.10 50.65
CA LEU F 239 -42.21 74.85 50.93
C LEU F 239 -41.08 74.59 49.94
N GLN F 240 -41.27 74.97 48.67
CA GLN F 240 -40.23 74.74 47.68
C GLN F 240 -39.00 75.61 47.95
N GLU F 241 -39.18 76.90 48.26
CA GLU F 241 -38.01 77.70 48.60
C GLU F 241 -37.36 77.22 49.88
N THR F 242 -38.16 76.79 50.86
CA THR F 242 -37.60 76.28 52.10
C THR F 242 -36.73 75.05 51.84
N THR F 243 -37.24 74.14 51.01
CA THR F 243 -36.47 72.93 50.70
C THR F 243 -35.26 73.26 49.84
N LYS F 244 -35.35 74.27 48.99
CA LYS F 244 -34.19 74.70 48.21
C LYS F 244 -33.08 75.18 49.14
N ALA F 245 -33.42 76.05 50.09
CA ALA F 245 -32.43 76.52 51.05
C ALA F 245 -31.89 75.36 51.89
N TRP F 246 -32.77 74.43 52.26
CA TRP F 246 -32.36 73.30 53.07
C TRP F 246 -31.37 72.42 52.34
N VAL F 247 -31.61 72.17 51.04
CA VAL F 247 -30.70 71.35 50.25
C VAL F 247 -29.38 72.09 50.03
N ALA F 248 -29.44 73.41 49.84
CA ALA F 248 -28.19 74.17 49.72
C ALA F 248 -27.37 74.06 50.99
N LYS F 249 -28.02 74.17 52.15
CA LYS F 249 -27.33 74.00 53.43
C LYS F 249 -26.73 72.61 53.53
N ASN F 250 -27.49 71.59 53.15
CA ASN F 250 -26.98 70.22 53.23
C ASN F 250 -25.78 70.02 52.33
N LYS F 251 -25.82 70.60 51.13
CA LYS F 251 -24.67 70.52 50.23
C LYS F 251 -23.45 71.19 50.85
N GLU F 252 -23.63 72.38 51.41
CA GLU F 252 -22.50 73.06 52.04
C GLU F 252 -21.98 72.30 53.25
N LEU F 253 -22.84 71.51 53.89
CA LEU F 253 -22.45 70.68 55.03
C LEU F 253 -21.92 69.31 54.60
N GLY F 254 -21.70 69.10 53.32
CA GLY F 254 -21.14 67.85 52.84
C GLY F 254 -22.14 66.76 52.57
N LYS F 255 -23.44 67.03 52.66
CA LYS F 255 -24.49 66.08 52.33
C LYS F 255 -25.05 66.44 50.96
N ASP F 256 -24.83 65.57 49.98
CA ASP F 256 -25.13 65.85 48.58
C ASP F 256 -26.50 65.27 48.25
N ILE F 257 -27.54 66.05 48.56
CA ILE F 257 -28.92 65.63 48.37
C ILE F 257 -29.45 66.30 47.11
N LEU F 258 -30.06 65.50 46.24
CA LEU F 258 -30.70 65.96 45.03
C LEU F 258 -32.18 66.18 45.31
N LEU F 259 -32.77 67.17 44.63
CA LEU F 259 -34.16 67.53 44.85
C LEU F 259 -34.92 67.55 43.53
N PHE F 260 -36.06 66.89 43.50
CA PHE F 260 -37.01 66.94 42.40
C PHE F 260 -38.26 67.67 42.85
N LEU F 261 -38.84 68.44 41.93
CA LEU F 261 -40.03 69.22 42.23
C LEU F 261 -40.97 69.17 41.03
N GLY F 262 -42.24 69.43 41.31
CA GLY F 262 -43.26 69.51 40.28
C GLY F 262 -44.17 70.70 40.49
N GLY F 263 -44.46 71.42 39.41
CA GLY F 263 -45.30 72.60 39.51
C GLY F 263 -46.75 72.24 39.71
N LYS F 264 -47.55 73.27 39.95
CA LYS F 264 -48.98 73.08 40.15
C LYS F 264 -49.66 72.73 38.84
N THR F 265 -50.76 71.99 38.95
CA THR F 265 -51.53 71.63 37.76
C THR F 265 -52.08 72.86 37.05
N GLU F 266 -52.33 73.94 37.80
CA GLU F 266 -52.88 75.15 37.21
C GLU F 266 -51.85 75.92 36.39
N ASP F 267 -50.57 75.69 36.62
CA ASP F 267 -49.54 76.44 35.92
C ASP F 267 -49.49 76.07 34.44
N ASN F 268 -49.51 77.08 33.59
CA ASN F 268 -49.27 76.86 32.17
C ASN F 268 -47.81 76.47 31.94
N ILE F 269 -47.53 75.96 30.74
CA ILE F 269 -46.16 75.60 30.40
C ILE F 269 -45.25 76.81 30.47
N LYS F 270 -45.79 78.00 30.17
CA LYS F 270 -45.02 79.23 30.36
C LYS F 270 -44.69 79.43 31.84
N GLN F 271 -45.68 79.24 32.72
CA GLN F 271 -45.44 79.41 34.14
C GLN F 271 -44.48 78.35 34.67
N ILE F 272 -44.61 77.12 34.19
CA ILE F 272 -43.69 76.06 34.58
C ILE F 272 -42.28 76.40 34.14
N ASN F 273 -42.13 76.91 32.93
CA ASN F 273 -40.80 77.31 32.44
C ASN F 273 -40.25 78.47 33.25
N ASP F 274 -41.12 79.41 33.66
CA ASP F 274 -40.67 80.49 34.52
C ASP F 274 -40.15 79.97 35.85
N LYS F 275 -40.87 79.01 36.43
CA LYS F 275 -40.41 78.42 37.69
C LYS F 275 -39.11 77.66 37.50
N SER F 276 -38.99 76.92 36.40
CA SER F 276 -37.75 76.21 36.11
C SER F 276 -36.61 77.16 35.83
N LYS F 277 -36.91 78.38 35.39
CA LYS F 277 -35.89 79.42 35.31
C LYS F 277 -35.52 79.92 36.70
N SER F 278 -36.53 80.10 37.56
CA SER F 278 -36.26 80.60 38.91
C SER F 278 -35.33 79.65 39.66
N PHE F 279 -35.56 78.36 39.53
CA PHE F 279 -34.60 77.37 40.02
C PHE F 279 -33.45 77.26 39.04
N ASN F 280 -32.23 77.43 39.53
CA ASN F 280 -31.04 77.26 38.72
C ASN F 280 -29.95 76.47 39.42
N ASP F 281 -30.13 76.08 40.68
CA ASP F 281 -29.21 75.15 41.31
C ASP F 281 -29.34 73.78 40.65
N GLU F 282 -28.19 73.12 40.46
CA GLU F 282 -28.17 71.87 39.71
C GLU F 282 -28.98 70.78 40.41
N ASN F 283 -29.09 70.84 41.73
CA ASN F 283 -29.80 69.83 42.50
C ASN F 283 -31.31 70.02 42.48
N ILE F 284 -31.84 70.91 41.63
CA ILE F 284 -33.26 71.17 41.54
C ILE F 284 -33.74 70.70 40.18
N VAL F 285 -34.80 69.88 40.17
CA VAL F 285 -35.43 69.40 38.95
C VAL F 285 -36.91 69.73 39.04
N ASN F 286 -37.42 70.45 38.04
CA ASN F 286 -38.81 70.88 38.00
C ASN F 286 -39.57 70.05 36.98
N VAL F 287 -40.71 69.51 37.40
CA VAL F 287 -41.54 68.64 36.58
C VAL F 287 -42.81 69.37 36.20
N GLY F 288 -43.14 69.37 34.91
CA GLY F 288 -44.29 70.09 34.40
C GLY F 288 -45.47 69.21 34.04
N SER F 289 -45.19 68.06 33.42
CA SER F 289 -46.26 67.24 32.89
C SER F 289 -47.00 66.48 33.98
N SER F 290 -48.30 66.32 33.77
CA SER F 290 -49.14 65.43 34.55
C SER F 290 -49.32 64.11 33.81
N ALA F 291 -49.85 63.12 34.51
CA ALA F 291 -49.93 61.78 33.92
C ALA F 291 -51.02 60.96 34.61
N TYR F 292 -51.39 59.87 33.94
CA TYR F 292 -52.30 58.87 34.46
C TYR F 292 -51.61 57.51 34.40
N TYR F 293 -51.78 56.71 35.47
CA TYR F 293 -51.26 55.35 35.50
C TYR F 293 -52.35 54.31 35.57
N GLU F 294 -53.16 54.31 36.62
CA GLU F 294 -54.34 53.45 36.72
C GLU F 294 -55.62 54.26 36.45
N ASN F 295 -55.64 54.91 35.28
CA ASN F 295 -56.76 55.78 34.89
C ASN F 295 -57.03 56.88 35.90
N ILE F 296 -56.00 57.27 36.68
CA ILE F 296 -56.12 58.25 37.75
C ILE F 296 -54.99 59.26 37.57
N LYS F 297 -55.35 60.54 37.57
CA LYS F 297 -54.39 61.58 37.25
C LYS F 297 -53.35 61.72 38.35
N TYR F 298 -52.19 62.26 37.97
CA TYR F 298 -51.13 62.57 38.92
C TYR F 298 -50.59 63.96 38.59
N THR F 299 -50.54 64.81 39.62
CA THR F 299 -50.04 66.17 39.44
C THR F 299 -48.56 66.12 39.08
N PRO F 300 -47.99 67.24 38.60
CA PRO F 300 -46.57 67.22 38.23
C PRO F 300 -45.64 66.81 39.37
N SER F 301 -46.01 67.13 40.62
CA SER F 301 -45.20 66.72 41.76
C SER F 301 -45.40 65.24 42.10
N GLU F 302 -46.63 64.74 41.93
CA GLU F 302 -46.87 63.32 42.18
C GLU F 302 -46.07 62.46 41.22
N VAL F 303 -45.97 62.87 39.96
CA VAL F 303 -45.09 62.19 39.02
C VAL F 303 -43.64 62.58 39.23
N ALA F 304 -43.36 63.72 39.87
CA ALA F 304 -41.98 64.02 40.25
C ALA F 304 -41.48 63.01 41.27
N VAL F 305 -42.37 62.50 42.11
CA VAL F 305 -42.00 61.39 43.00
C VAL F 305 -41.50 60.21 42.18
N TYR F 306 -42.26 59.83 41.16
CA TYR F 306 -41.90 58.67 40.35
C TYR F 306 -40.62 58.89 39.58
N ILE F 307 -40.44 60.09 39.00
CA ILE F 307 -39.25 60.32 38.19
C ILE F 307 -38.01 60.35 39.08
N ALA F 308 -38.12 60.92 40.28
CA ALA F 308 -36.99 60.87 41.21
C ALA F 308 -36.68 59.44 41.60
N ALA F 309 -37.72 58.65 41.87
CA ALA F 309 -37.51 57.25 42.22
C ALA F 309 -36.81 56.48 41.10
N LEU F 310 -37.27 56.70 39.87
CA LEU F 310 -36.65 56.03 38.73
C LEU F 310 -35.22 56.50 38.53
N SER F 311 -34.94 57.78 38.76
CA SER F 311 -33.59 58.30 38.62
C SER F 311 -32.65 57.65 39.62
N VAL F 312 -33.05 57.60 40.89
CA VAL F 312 -32.18 57.01 41.90
C VAL F 312 -32.04 55.51 41.67
N SER F 313 -33.10 54.85 41.21
CA SER F 313 -32.99 53.43 40.88
C SER F 313 -32.02 53.21 39.74
N LYS F 314 -32.01 54.12 38.76
CA LYS F 314 -31.04 54.04 37.68
C LYS F 314 -29.62 54.13 38.22
N GLY F 315 -29.38 55.05 39.15
CA GLY F 315 -28.04 55.22 39.67
C GLY F 315 -27.09 55.67 38.60
N ILE F 316 -25.85 55.23 38.73
CA ILE F 316 -24.84 55.42 37.69
C ILE F 316 -25.04 54.29 36.69
N THR F 317 -24.40 54.38 35.52
CA THR F 317 -24.53 53.40 34.46
C THR F 317 -25.92 53.44 33.82
N GLY F 318 -26.48 54.64 33.73
CA GLY F 318 -27.80 54.79 33.12
C GLY F 318 -28.22 56.24 33.12
N SER F 319 -29.42 56.47 32.62
CA SER F 319 -29.99 57.80 32.54
C SER F 319 -31.51 57.65 32.49
N ILE F 320 -32.20 58.74 32.18
CA ILE F 320 -33.66 58.77 32.10
C ILE F 320 -34.16 59.40 30.81
N CYS F 321 -33.27 59.77 29.88
CA CYS F 321 -33.66 60.60 28.75
C CYS F 321 -34.63 59.88 27.82
N ASN F 322 -34.72 58.55 27.89
CA ASN F 322 -35.77 57.83 27.16
C ASN F 322 -36.32 56.65 27.95
N ALA F 323 -36.18 56.65 29.27
CA ALA F 323 -36.69 55.53 30.07
C ALA F 323 -38.21 55.48 29.98
N LYS F 324 -38.73 54.29 29.72
CA LYS F 324 -40.18 54.12 29.62
C LYS F 324 -40.81 54.27 31.00
N THR F 325 -41.97 54.92 31.04
CA THR F 325 -42.71 55.14 32.26
C THR F 325 -43.90 54.20 32.34
N ILE F 326 -44.43 54.05 33.56
CA ILE F 326 -45.61 53.23 33.79
C ILE F 326 -46.90 53.93 33.40
N PHE F 327 -46.85 55.21 33.09
CA PHE F 327 -48.06 56.00 32.93
C PHE F 327 -48.74 55.72 31.59
N GLU F 328 -50.06 55.57 31.63
CA GLU F 328 -50.84 55.26 30.45
C GLU F 328 -51.23 56.50 29.66
N GLU F 329 -51.19 57.68 30.28
CA GLU F 329 -51.42 58.94 29.57
C GLU F 329 -50.56 60.03 30.17
N VAL F 330 -50.37 61.09 29.39
CA VAL F 330 -49.58 62.25 29.79
C VAL F 330 -50.28 63.50 29.28
N GLU F 331 -50.28 64.55 30.10
CA GLU F 331 -50.77 65.85 29.68
C GLU F 331 -50.14 66.91 30.58
N PRO F 332 -49.97 68.15 30.08
CA PRO F 332 -50.24 68.67 28.73
C PRO F 332 -49.23 68.16 27.72
N ARG F 333 -49.60 68.10 26.44
CA ARG F 333 -48.83 67.42 25.41
C ARG F 333 -48.25 68.43 24.44
N LEU F 334 -46.99 68.20 24.06
CA LEU F 334 -46.12 69.24 23.55
C LEU F 334 -45.64 68.90 22.14
N SER F 335 -45.67 69.88 21.25
CA SER F 335 -44.95 69.79 20.00
C SER F 335 -43.45 69.96 20.25
N GLN F 336 -42.66 69.71 19.20
CA GLN F 336 -41.21 69.84 19.34
C GLN F 336 -40.80 71.25 19.74
N SER F 337 -41.55 72.26 19.31
CA SER F 337 -41.28 73.63 19.75
C SER F 337 -41.47 73.75 21.26
N GLU F 338 -42.58 73.22 21.78
CA GLU F 338 -42.83 73.30 23.21
C GLU F 338 -41.80 72.49 23.99
N VAL F 339 -41.42 71.32 23.47
CA VAL F 339 -40.41 70.50 24.12
C VAL F 339 -39.09 71.25 24.20
N LYS F 340 -38.70 71.89 23.09
CA LYS F 340 -37.45 72.65 23.09
C LYS F 340 -37.52 73.83 24.05
N GLU F 341 -38.68 74.48 24.10
CA GLU F 341 -38.86 75.59 25.05
C GLU F 341 -38.69 75.09 26.48
N CYS F 342 -39.31 73.95 26.81
CA CYS F 342 -39.22 73.42 28.16
C CYS F 342 -37.78 73.02 28.51
N LEU F 343 -37.09 72.37 27.56
CA LEU F 343 -35.72 71.95 27.83
C LEU F 343 -34.80 73.16 28.00
N LYS F 344 -34.97 74.18 27.16
CA LYS F 344 -34.19 75.40 27.32
C LYS F 344 -34.49 76.07 28.66
N SER F 345 -35.73 75.95 29.14
CA SER F 345 -36.10 76.46 30.45
C SER F 345 -35.59 75.59 31.60
N GLY F 346 -35.01 74.43 31.30
CA GLY F 346 -34.62 73.48 32.32
C GLY F 346 -35.73 72.58 32.81
N THR F 347 -36.96 72.75 32.32
CA THR F 347 -38.06 71.91 32.74
C THR F 347 -37.87 70.49 32.23
N LEU F 348 -38.26 69.52 33.05
CA LEU F 348 -38.40 68.14 32.65
C LEU F 348 -39.88 67.83 32.46
N VAL F 349 -40.23 67.28 31.31
CA VAL F 349 -41.63 67.00 30.95
C VAL F 349 -41.69 65.64 30.28
N LEU F 350 -42.69 64.84 30.65
CA LEU F 350 -42.88 63.56 30.00
C LEU F 350 -43.42 63.77 28.59
N ASP F 351 -43.39 62.69 27.80
CA ASP F 351 -43.74 62.75 26.40
C ASP F 351 -44.40 61.45 25.99
N PHE F 352 -45.08 61.50 24.84
CA PHE F 352 -45.79 60.35 24.27
C PHE F 352 -45.17 60.00 22.92
N ASP F 353 -43.85 59.88 22.89
CA ASP F 353 -43.14 59.61 21.64
C ASP F 353 -43.61 58.33 20.96
N ASP F 354 -44.16 57.39 21.73
CA ASP F 354 -44.74 56.16 21.19
C ASP F 354 -46.04 55.91 21.93
N GLY F 355 -46.59 54.71 21.79
CA GLY F 355 -47.86 54.37 22.44
C GLY F 355 -47.80 54.41 23.95
N ASP F 356 -46.61 54.44 24.55
CA ASP F 356 -46.42 54.61 25.98
C ASP F 356 -46.05 56.04 26.28
N VAL F 357 -45.94 56.35 27.57
CA VAL F 357 -45.45 57.64 28.04
C VAL F 357 -43.95 57.50 28.31
N ILE F 358 -43.16 58.39 27.71
CA ILE F 358 -41.71 58.29 27.72
C ILE F 358 -41.13 59.59 28.26
N ILE F 359 -40.08 59.47 29.07
CA ILE F 359 -39.37 60.65 29.57
C ILE F 359 -38.61 61.28 28.42
N VAL F 360 -38.71 62.61 28.31
CA VAL F 360 -38.15 63.27 27.14
C VAL F 360 -36.63 63.35 27.22
N ASP F 361 -36.08 63.74 28.38
CA ASP F 361 -34.67 64.10 28.45
C ASP F 361 -34.20 64.00 29.90
N ASP F 362 -32.92 64.26 30.11
CA ASP F 362 -32.26 64.17 31.40
C ASP F 362 -32.09 65.51 32.08
N VAL F 363 -32.79 66.55 31.59
CA VAL F 363 -32.47 67.92 31.97
C VAL F 363 -32.88 68.19 33.42
N ASN F 364 -32.28 69.25 33.98
CA ASN F 364 -32.62 69.79 35.30
C ASN F 364 -32.92 71.28 35.16
N THR F 365 -33.34 71.90 36.25
CA THR F 365 -33.66 73.33 36.20
C THR F 365 -32.43 74.18 35.94
N PHE F 366 -31.24 73.68 36.28
CA PHE F 366 -30.03 74.48 36.08
C PHE F 366 -29.77 74.77 34.61
N LYS F 367 -30.20 73.87 33.71
CA LYS F 367 -29.73 73.86 32.32
C LYS F 367 -29.90 75.19 31.60
N LYS F 368 -30.71 76.11 32.14
CA LYS F 368 -30.84 77.44 31.57
C LYS F 368 -29.49 78.14 31.44
N TYR F 369 -28.54 77.88 32.33
CA TYR F 369 -27.19 78.42 32.22
C TYR F 369 -26.25 77.32 31.74
N VAL F 370 -25.10 77.74 31.19
CA VAL F 370 -24.39 76.92 30.21
C VAL F 370 -22.99 76.54 30.62
N ASP F 371 -22.10 77.52 30.81
CA ASP F 371 -20.67 77.28 30.57
C ASP F 371 -19.88 76.96 31.83
N ASP F 372 -19.95 77.80 32.88
CA ASP F 372 -19.15 77.52 34.07
C ASP F 372 -19.56 76.18 34.67
N LYS F 373 -20.77 76.07 35.18
CA LYS F 373 -21.31 74.75 35.48
C LYS F 373 -21.69 74.16 34.13
N ASN F 374 -20.92 73.19 33.66
CA ASN F 374 -20.94 72.86 32.24
C ASN F 374 -22.31 72.30 31.83
N GLU F 375 -22.48 72.13 30.52
CA GLU F 375 -23.76 71.69 29.98
C GLU F 375 -24.11 70.29 30.47
N ALA F 376 -23.10 69.46 30.74
CA ALA F 376 -23.38 68.14 31.31
C ALA F 376 -23.98 68.27 32.70
N MET F 377 -23.62 69.33 33.44
CA MET F 377 -24.26 69.57 34.73
C MET F 377 -25.75 69.83 34.58
N GLY F 378 -26.17 70.31 33.41
CA GLY F 378 -27.58 70.46 33.13
C GLY F 378 -28.33 69.14 33.09
N TYR F 379 -27.63 68.02 32.99
CA TYR F 379 -28.23 66.70 32.96
C TYR F 379 -28.11 66.05 34.33
N ILE F 380 -29.18 65.35 34.73
CA ILE F 380 -29.28 64.82 36.09
C ILE F 380 -28.25 63.71 36.31
N SER F 381 -27.95 62.92 35.27
CA SER F 381 -27.04 61.80 35.44
C SER F 381 -25.65 62.27 35.87
N ASN F 382 -25.19 63.38 35.30
CA ASN F 382 -23.89 63.91 35.70
C ASN F 382 -23.91 64.35 37.15
N ILE F 383 -25.01 64.96 37.59
CA ILE F 383 -25.10 65.38 38.99
C ILE F 383 -25.10 64.17 39.91
N MET F 384 -25.79 63.10 39.51
CA MET F 384 -25.77 61.89 40.30
C MET F 384 -24.35 61.33 40.38
N PHE F 385 -23.63 61.37 39.26
CA PHE F 385 -22.24 60.92 39.25
C PHE F 385 -21.38 61.74 40.20
N ILE F 386 -21.49 63.06 40.13
CA ILE F 386 -20.67 63.94 40.96
C ILE F 386 -21.01 63.74 42.43
N ASN F 387 -22.30 63.61 42.74
CA ASN F 387 -22.70 63.38 44.13
C ASN F 387 -22.19 62.04 44.62
N THR F 388 -22.18 61.03 43.76
CA THR F 388 -21.65 59.72 44.16
C THR F 388 -20.15 59.80 44.43
N ILE F 389 -19.41 60.51 43.58
CA ILE F 389 -17.97 60.67 43.80
C ILE F 389 -17.72 61.41 45.11
N ASN F 390 -18.48 62.49 45.34
CA ASN F 390 -18.34 63.23 46.58
C ASN F 390 -18.67 62.36 47.78
N LYS F 391 -19.69 61.51 47.66
CA LYS F 391 -20.10 60.66 48.77
C LYS F 391 -19.04 59.61 49.08
N ASP F 392 -18.51 58.95 48.04
CA ASP F 392 -17.47 57.95 48.29
C ASP F 392 -16.20 58.59 48.84
N THR F 393 -15.89 59.79 48.37
CA THR F 393 -14.73 60.52 48.87
C THR F 393 -14.92 60.91 50.33
N SER F 394 -16.10 61.44 50.66
CA SER F 394 -16.44 61.75 52.04
C SER F 394 -16.64 60.50 52.87
N LEU F 395 -16.72 59.32 52.25
CA LEU F 395 -16.59 58.08 53.00
C LEU F 395 -15.12 57.80 53.30
N LYS F 396 -14.25 58.08 52.33
CA LYS F 396 -12.81 57.91 52.54
C LYS F 396 -12.26 58.85 53.61
N ARG F 397 -13.00 59.91 53.95
CA ARG F 397 -12.50 60.86 54.94
C ARG F 397 -12.11 60.12 56.22
N LYS F 398 -13.02 59.26 56.70
CA LYS F 398 -12.84 58.58 57.97
C LYS F 398 -11.72 57.56 57.90
N GLU F 399 -11.44 57.03 56.71
CA GLU F 399 -10.31 56.14 56.54
C GLU F 399 -9.00 56.90 56.66
N PHE F 400 -8.95 58.13 56.11
CA PHE F 400 -7.68 58.85 55.98
C PHE F 400 -7.51 60.02 56.93
N VAL F 401 -8.57 60.69 57.36
CA VAL F 401 -8.40 61.87 58.20
C VAL F 401 -7.99 61.43 59.60
N GLY F 402 -6.93 62.04 60.13
CA GLY F 402 -6.53 61.76 61.49
C GLY F 402 -5.94 60.40 61.71
N LYS F 403 -5.46 59.75 60.64
CA LYS F 403 -4.98 58.37 60.75
C LYS F 403 -3.74 58.11 59.91
N ILE F 404 -3.15 59.13 59.26
CA ILE F 404 -1.94 58.94 58.47
C ILE F 404 -1.22 60.28 58.40
N PHE F 405 0.11 60.22 58.33
CA PHE F 405 0.95 61.27 58.89
C PHE F 405 1.28 62.42 57.94
N ASN F 406 0.62 62.54 56.78
CA ASN F 406 0.88 63.65 55.86
C ASN F 406 2.26 63.57 55.20
N ASP F 407 3.06 62.55 55.48
CA ASP F 407 4.35 62.41 54.84
C ASP F 407 4.14 61.98 53.39
N ALA F 408 5.23 61.75 52.67
CA ALA F 408 5.11 61.28 51.30
C ALA F 408 4.41 59.92 51.26
N THR F 409 4.63 59.08 52.27
CA THR F 409 3.99 57.77 52.32
C THR F 409 2.48 57.90 52.44
N GLY F 410 2.01 58.77 53.34
CA GLY F 410 0.57 58.93 53.51
C GLY F 410 -0.09 59.51 52.28
N GLN F 411 0.54 60.52 51.67
CA GLN F 411 0.01 61.10 50.44
C GLN F 411 -0.04 60.05 49.33
N THR F 412 1.01 59.24 49.22
CA THR F 412 1.05 58.19 48.22
C THR F 412 -0.05 57.17 48.46
N THR F 413 -0.28 56.81 49.72
CA THR F 413 -1.33 55.84 50.04
C THR F 413 -2.70 56.38 49.68
N VAL F 414 -2.95 57.65 50.00
CA VAL F 414 -4.23 58.27 49.67
C VAL F 414 -4.42 58.30 48.16
N ILE F 415 -3.38 58.71 47.43
CA ILE F 415 -3.47 58.79 45.99
C ILE F 415 -3.68 57.42 45.38
N CYS F 416 -3.01 56.40 45.94
CA CYS F 416 -3.16 55.05 45.43
C CYS F 416 -4.57 54.53 45.66
N ALA F 417 -5.15 54.82 46.84
CA ALA F 417 -6.52 54.39 47.10
C ALA F 417 -7.50 55.08 46.14
N LEU F 418 -7.34 56.38 45.94
CA LEU F 418 -8.23 57.09 45.02
C LEU F 418 -8.04 56.57 43.59
N LYS F 419 -6.80 56.26 43.22
CA LYS F 419 -6.53 55.70 41.90
C LYS F 419 -7.19 54.36 41.74
N LYS F 420 -7.15 53.53 42.79
CA LYS F 420 -7.83 52.23 42.74
C LYS F 420 -9.33 52.40 42.57
N TYR F 421 -9.91 53.37 43.28
CA TYR F 421 -11.34 53.64 43.13
C TYR F 421 -11.67 54.06 41.71
N PHE F 422 -10.90 55.01 41.17
CA PHE F 422 -11.18 55.48 39.82
C PHE F 422 -10.91 54.41 38.79
N GLU F 423 -9.97 53.50 39.04
CA GLU F 423 -9.74 52.39 38.14
C GLU F 423 -10.88 51.38 38.22
N GLU F 424 -11.48 51.22 39.40
CA GLU F 424 -12.71 50.43 39.50
C GLU F 424 -13.82 51.06 38.66
N LEU F 425 -13.91 52.39 38.69
CA LEU F 425 -14.89 53.08 37.85
C LEU F 425 -14.58 52.86 36.37
N MET F 426 -13.29 52.91 36.01
CA MET F 426 -12.88 52.67 34.63
C MET F 426 -13.26 51.26 34.18
N SER F 427 -13.08 50.28 35.06
CA SER F 427 -13.43 48.90 34.73
C SER F 427 -14.90 48.76 34.42
N GLN F 428 -15.75 49.50 35.13
CA GLN F 428 -17.17 49.53 34.81
C GLN F 428 -17.48 50.28 33.53
N GLY F 429 -16.50 50.98 32.95
CA GLY F 429 -16.70 51.72 31.73
C GLY F 429 -17.36 53.06 31.88
N ILE F 430 -17.68 53.46 33.12
CA ILE F 430 -18.40 54.72 33.33
C ILE F 430 -17.54 55.90 32.91
N ILE F 431 -16.22 55.80 33.12
CA ILE F 431 -15.27 56.85 32.79
C ILE F 431 -14.46 56.38 31.59
N SER F 432 -14.33 57.26 30.61
CA SER F 432 -13.51 56.98 29.44
C SER F 432 -12.04 57.34 29.66
N GLU F 433 -11.77 58.36 30.46
CA GLU F 433 -10.41 58.81 30.75
C GLU F 433 -10.41 59.52 32.08
N PHE F 434 -9.29 59.40 32.80
CA PHE F 434 -9.13 60.11 34.05
C PHE F 434 -7.66 60.22 34.39
N ASN F 435 -7.35 61.17 35.27
CA ASN F 435 -6.09 61.20 35.99
C ASN F 435 -6.35 61.85 37.34
N VAL F 436 -5.66 61.37 38.36
CA VAL F 436 -5.77 61.91 39.72
C VAL F 436 -4.36 62.07 40.28
N ASP F 437 -4.07 63.25 40.80
CA ASP F 437 -2.73 63.59 41.24
C ASP F 437 -2.80 64.60 42.36
N ILE F 438 -1.67 64.76 43.06
CA ILE F 438 -1.57 65.74 44.13
C ILE F 438 -1.68 67.14 43.53
N ASP F 439 -2.34 68.03 44.25
CA ASP F 439 -2.53 69.41 43.81
C ASP F 439 -1.35 70.21 44.32
N THR F 440 -0.22 70.04 43.63
CA THR F 440 1.04 70.61 44.09
C THR F 440 0.97 72.14 44.16
N GLU F 441 0.12 72.76 43.36
CA GLU F 441 -0.08 74.20 43.46
C GLU F 441 -0.63 74.57 44.84
N LEU F 442 -1.71 73.93 45.24
CA LEU F 442 -2.29 74.18 46.56
C LEU F 442 -1.53 73.46 47.67
N GLN F 443 -0.88 72.34 47.34
CA GLN F 443 -0.09 71.63 48.35
C GLN F 443 1.10 72.45 48.81
N ALA F 444 1.66 73.28 47.92
CA ALA F 444 2.72 74.18 48.34
C ALA F 444 2.22 75.18 49.38
N THR F 445 1.02 75.70 49.17
CA THR F 445 0.39 76.61 50.12
C THR F 445 -0.31 75.90 51.27
N ALA F 446 -0.42 74.57 51.21
CA ALA F 446 -1.16 73.83 52.23
C ALA F 446 -0.45 73.92 53.57
N LYS F 447 -1.24 74.02 54.63
CA LYS F 447 -0.70 73.91 55.96
C LYS F 447 -0.28 72.47 56.22
N ALA F 448 0.61 72.29 57.19
CA ALA F 448 1.26 71.00 57.39
C ALA F 448 0.27 69.91 57.78
N ASP F 449 -0.88 70.26 58.36
CA ASP F 449 -1.86 69.30 58.83
C ASP F 449 -2.98 69.05 57.83
N GLU F 450 -2.76 69.37 56.55
CA GLU F 450 -3.79 69.21 55.53
C GLU F 450 -3.17 68.76 54.21
N PHE F 451 -4.06 68.37 53.30
CA PHE F 451 -3.67 67.77 52.02
C PHE F 451 -4.61 68.29 50.93
N TYR F 452 -4.04 68.56 49.75
CA TYR F 452 -4.79 68.97 48.57
C TYR F 452 -4.48 68.01 47.43
N TRP F 453 -5.49 67.77 46.60
CA TRP F 453 -5.34 66.80 45.52
C TRP F 453 -6.31 67.20 44.41
N LYS F 454 -6.00 66.78 43.20
CA LYS F 454 -6.76 67.13 42.00
C LYS F 454 -7.03 65.88 41.19
N TRP F 455 -8.13 65.92 40.42
CA TRP F 455 -8.43 64.83 39.52
C TRP F 455 -9.26 65.34 38.35
N ASP F 456 -8.96 64.82 37.16
CA ASP F 456 -9.76 65.03 35.97
C ASP F 456 -10.36 63.70 35.54
N ALA F 457 -11.50 63.78 34.87
CA ALA F 457 -12.19 62.58 34.40
C ALA F 457 -13.02 62.93 33.18
N VAL F 458 -13.51 61.89 32.51
CA VAL F 458 -14.40 62.03 31.37
C VAL F 458 -15.48 60.97 31.50
N LYS F 459 -16.66 61.36 31.98
CA LYS F 459 -17.77 60.42 32.05
C LYS F 459 -18.15 59.96 30.66
N VAL F 460 -18.52 58.68 30.55
CA VAL F 460 -18.90 58.13 29.26
C VAL F 460 -20.31 58.60 28.95
N ASP F 461 -20.53 59.07 27.73
CA ASP F 461 -21.79 59.68 27.36
C ASP F 461 -22.81 58.61 27.01
N VAL F 462 -23.97 59.03 26.50
CA VAL F 462 -25.03 58.15 26.04
C VAL F 462 -25.67 58.82 24.82
N MET F 463 -26.13 58.02 23.85
CA MET F 463 -26.87 58.61 22.74
C MET F 463 -28.17 59.23 23.24
N LYS F 464 -28.27 60.54 23.08
CA LYS F 464 -29.54 61.24 23.11
C LYS F 464 -30.06 61.51 21.69
N LYS F 465 -29.17 61.95 20.80
CA LYS F 465 -29.50 62.24 19.41
C LYS F 465 -28.82 61.21 18.52
N ILE F 466 -29.50 60.80 17.45
CA ILE F 466 -28.88 59.96 16.43
C ILE F 466 -29.39 60.39 15.07
N TYR F 467 -28.51 60.37 14.08
CA TYR F 467 -28.82 60.80 12.73
C TYR F 467 -28.34 59.76 11.73
N GLY F 468 -29.17 59.48 10.73
CA GLY F 468 -28.82 58.54 9.69
C GLY F 468 -29.08 59.13 8.31
N THR F 469 -28.23 58.74 7.37
CA THR F 469 -28.32 59.20 5.99
C THR F 469 -28.26 57.98 5.09
N GLY F 470 -29.13 57.94 4.09
CA GLY F 470 -29.32 56.76 3.26
C GLY F 470 -28.93 56.99 1.81
N TYR F 471 -28.37 55.95 1.20
CA TYR F 471 -28.02 55.91 -0.20
C TYR F 471 -28.68 54.69 -0.83
N LEU F 472 -29.22 54.87 -2.04
CA LEU F 472 -29.87 53.80 -2.79
C LEU F 472 -29.34 53.76 -4.22
N GLU G 13 -7.93 -25.53 65.34
CA GLU G 13 -8.70 -26.78 65.57
C GLU G 13 -7.88 -27.98 65.13
N ILE G 14 -8.43 -29.17 65.35
CA ILE G 14 -7.79 -30.40 64.91
C ILE G 14 -7.88 -30.47 63.40
N PRO G 15 -6.98 -31.17 62.71
CA PRO G 15 -7.11 -31.30 61.26
C PRO G 15 -8.37 -32.06 60.85
N GLY G 16 -8.94 -31.63 59.73
CA GLY G 16 -10.18 -32.19 59.25
C GLY G 16 -10.83 -31.23 58.28
N PHE G 17 -12.05 -31.59 57.84
CA PHE G 17 -12.77 -30.83 56.82
C PHE G 17 -14.15 -30.58 57.44
N TYR G 18 -14.31 -29.48 58.19
CA TYR G 18 -15.50 -29.30 59.01
C TYR G 18 -16.41 -28.24 58.40
N ASN G 19 -17.56 -28.69 57.90
CA ASN G 19 -18.55 -27.82 57.29
C ASN G 19 -19.35 -27.09 58.36
N ARG G 20 -19.79 -25.87 58.02
CA ARG G 20 -20.67 -25.10 58.89
C ARG G 20 -21.64 -24.34 57.98
N PHE G 21 -22.83 -24.90 57.81
CA PHE G 21 -23.77 -24.41 56.81
C PHE G 21 -24.52 -23.18 57.30
N LYS G 22 -24.74 -22.24 56.37
CA LYS G 22 -25.21 -20.89 56.69
C LYS G 22 -26.30 -20.46 55.73
N THR G 23 -27.23 -21.36 55.41
CA THR G 23 -28.43 -20.99 54.66
C THR G 23 -29.47 -20.39 55.62
N GLN G 24 -29.09 -19.25 56.17
CA GLN G 24 -29.92 -18.54 57.12
C GLN G 24 -30.97 -17.70 56.39
N ALA G 25 -30.49 -16.74 55.62
CA ALA G 25 -31.29 -15.74 54.89
C ALA G 25 -30.84 -15.68 53.44
N GLU G 26 -30.81 -16.84 52.79
CA GLU G 26 -30.22 -16.94 51.45
C GLU G 26 -30.86 -15.96 50.48
N LYS G 27 -32.18 -16.08 50.27
CA LYS G 27 -32.91 -15.09 49.47
C LYS G 27 -34.29 -14.84 50.09
N SER G 28 -34.34 -14.76 51.42
CA SER G 28 -35.57 -14.48 52.15
C SER G 28 -35.66 -13.01 52.56
N THR G 29 -35.14 -12.12 51.72
CA THR G 29 -34.97 -10.71 52.05
C THR G 29 -35.74 -9.83 51.07
N ASN G 30 -36.20 -8.68 51.57
CA ASN G 30 -36.83 -7.66 50.74
C ASN G 30 -36.45 -6.29 51.31
N THR G 31 -36.56 -5.28 50.46
CA THR G 31 -36.08 -3.93 50.75
C THR G 31 -37.21 -2.90 50.74
N GLY G 32 -38.40 -3.31 51.17
CA GLY G 32 -39.57 -2.45 51.11
C GLY G 32 -39.83 -1.65 52.38
N LEU G 33 -38.84 -1.54 53.26
CA LEU G 33 -39.01 -0.90 54.55
C LEU G 33 -37.83 -0.01 54.86
N LYS G 34 -38.08 1.01 55.69
CA LYS G 34 -37.04 1.98 56.07
C LYS G 34 -37.54 2.78 57.26
N GLY G 35 -36.61 3.44 57.93
CA GLY G 35 -36.93 4.42 58.94
C GLY G 35 -37.23 3.81 60.29
N ARG G 36 -37.18 4.67 61.31
CA ARG G 36 -37.52 4.30 62.68
C ARG G 36 -38.26 5.45 63.34
N LEU G 37 -39.18 5.10 64.24
CA LEU G 37 -40.12 6.05 64.84
C LEU G 37 -40.19 5.85 66.34
N ALA G 38 -40.43 6.95 67.04
CA ALA G 38 -40.64 6.97 68.49
C ALA G 38 -42.12 7.00 68.80
N MET G 39 -42.49 6.39 69.93
CA MET G 39 -43.89 6.20 70.31
C MET G 39 -44.02 6.10 71.82
N PRO G 40 -44.41 7.18 72.50
CA PRO G 40 -45.03 7.01 73.82
C PRO G 40 -46.45 6.49 73.66
N ILE G 41 -46.80 5.46 74.42
CA ILE G 41 -48.07 4.76 74.26
C ILE G 41 -48.67 4.41 75.61
N ARG G 42 -49.99 4.47 75.68
CA ARG G 42 -50.75 3.88 76.77
C ARG G 42 -51.18 2.48 76.35
N ALA G 43 -50.99 1.51 77.23
CA ALA G 43 -51.24 0.11 76.89
C ALA G 43 -51.79 -0.63 78.10
N ASN G 44 -52.70 -1.56 77.84
CA ASN G 44 -53.17 -2.48 78.86
C ASN G 44 -52.17 -3.58 79.15
N TRP G 45 -51.28 -3.90 78.21
CA TRP G 45 -50.37 -5.02 78.30
C TRP G 45 -49.01 -4.61 77.78
N GLY G 46 -47.97 -5.30 78.26
CA GLY G 46 -46.62 -5.16 77.75
C GLY G 46 -45.68 -4.56 78.79
N ASP G 47 -44.42 -4.48 78.39
CA ASP G 47 -43.38 -3.98 79.27
C ASP G 47 -43.62 -2.52 79.62
N VAL G 48 -43.08 -2.12 80.77
CA VAL G 48 -43.28 -0.80 81.35
C VAL G 48 -41.92 -0.20 81.69
N GLY G 49 -41.76 1.09 81.40
CA GLY G 49 -40.56 1.81 81.80
C GLY G 49 -39.35 1.57 80.94
N LYS G 50 -39.51 1.00 79.75
CA LYS G 50 -38.40 0.74 78.84
C LYS G 50 -38.81 1.10 77.43
N VAL G 51 -37.83 1.48 76.62
CA VAL G 51 -38.01 1.80 75.22
C VAL G 51 -37.67 0.55 74.43
N VAL G 52 -38.70 -0.10 73.88
CA VAL G 52 -38.56 -1.39 73.19
C VAL G 52 -38.76 -1.17 71.70
N THR G 53 -37.89 -1.80 70.90
CA THR G 53 -37.98 -1.74 69.45
C THR G 53 -38.89 -2.86 68.95
N ILE G 54 -39.74 -2.53 67.99
CA ILE G 54 -40.70 -3.46 67.40
C ILE G 54 -40.41 -3.56 65.91
N LYS G 55 -40.16 -4.77 65.43
CA LYS G 55 -40.05 -5.01 64.00
C LYS G 55 -41.43 -4.90 63.36
N ASN G 56 -41.44 -4.67 62.05
CA ASN G 56 -42.67 -4.24 61.38
C ASN G 56 -43.77 -5.29 61.37
N ASP G 57 -43.50 -6.53 61.76
CA ASP G 57 -44.57 -7.51 61.89
C ASP G 57 -45.49 -7.11 63.03
N LEU G 58 -46.78 -6.91 62.71
CA LEU G 58 -47.75 -6.54 63.73
C LEU G 58 -47.95 -7.65 64.76
N ARG G 59 -47.64 -8.89 64.40
CA ARG G 59 -47.71 -9.98 65.37
C ARG G 59 -46.80 -9.70 66.57
N GLN G 60 -45.64 -9.07 66.32
CA GLN G 60 -44.77 -8.69 67.43
C GLN G 60 -45.45 -7.66 68.33
N LEU G 61 -46.09 -6.66 67.73
CA LEU G 61 -46.84 -5.68 68.50
C LEU G 61 -47.96 -6.34 69.29
N LYS G 62 -48.70 -7.24 68.63
CA LYS G 62 -49.81 -7.93 69.28
C LYS G 62 -49.33 -8.75 70.46
N ASN G 63 -48.18 -9.42 70.31
CA ASN G 63 -47.65 -10.23 71.38
C ASN G 63 -47.16 -9.37 72.54
N LEU G 64 -46.38 -8.32 72.23
CA LEU G 64 -45.66 -7.59 73.26
C LEU G 64 -46.47 -6.46 73.91
N PHE G 65 -47.63 -6.08 73.34
CA PHE G 65 -48.45 -5.04 73.92
C PHE G 65 -49.95 -5.32 73.79
N GLY G 66 -50.36 -6.53 73.44
CA GLY G 66 -51.76 -6.86 73.35
C GLY G 66 -52.38 -6.39 72.04
N ASP G 67 -53.67 -6.65 71.92
CA ASP G 67 -54.43 -6.38 70.70
C ASP G 67 -55.69 -5.58 71.00
N ASP G 68 -55.66 -4.73 72.01
CA ASP G 68 -56.81 -3.93 72.40
C ASP G 68 -56.77 -2.60 71.68
N MET G 69 -57.78 -2.34 70.85
CA MET G 69 -57.87 -1.09 70.11
C MET G 69 -58.40 0.07 70.95
N ASN G 70 -58.85 -0.19 72.17
CA ASN G 70 -59.25 0.89 73.06
C ASN G 70 -58.09 1.74 73.55
N TYR G 71 -56.85 1.30 73.31
CA TYR G 71 -55.66 1.94 73.85
C TYR G 71 -54.82 2.48 72.71
N SER G 72 -54.08 3.56 73.00
CA SER G 72 -53.24 4.19 71.99
C SER G 72 -52.20 3.23 71.45
N ALA G 73 -51.73 2.30 72.28
CA ALA G 73 -50.63 1.42 71.92
C ALA G 73 -50.92 0.62 70.65
N PHE G 74 -51.92 -0.26 70.69
CA PHE G 74 -52.16 -1.14 69.56
C PHE G 74 -52.62 -0.37 68.33
N LYS G 75 -53.51 0.61 68.52
CA LYS G 75 -54.05 1.35 67.38
C LYS G 75 -52.97 2.14 66.66
N LEU G 76 -52.22 2.95 67.41
CA LEU G 76 -51.17 3.75 66.80
C LEU G 76 -50.03 2.88 66.30
N GLY G 77 -49.77 1.74 66.96
CA GLY G 77 -48.79 0.81 66.44
C GLY G 77 -49.19 0.23 65.11
N LYS G 78 -50.46 -0.16 64.97
CA LYS G 78 -50.93 -0.68 63.70
C LYS G 78 -50.82 0.39 62.61
N LEU G 79 -51.18 1.63 62.94
CA LEU G 79 -51.06 2.70 61.95
C LEU G 79 -49.61 2.91 61.54
N ALA G 80 -48.69 2.90 62.51
CA ALA G 80 -47.28 3.09 62.18
C ALA G 80 -46.75 1.94 61.34
N LEU G 81 -47.12 0.70 61.69
CA LEU G 81 -46.65 -0.46 60.94
C LEU G 81 -47.18 -0.42 59.51
N LEU G 82 -48.44 -0.02 59.33
CA LEU G 82 -48.96 0.21 57.99
C LEU G 82 -48.25 1.38 57.31
N GLY G 83 -47.65 2.27 58.08
CA GLY G 83 -46.75 3.26 57.52
C GLY G 83 -45.43 2.69 57.03
N ASN G 84 -45.18 1.40 57.27
CA ASN G 84 -44.03 0.69 56.70
C ASN G 84 -42.70 1.17 57.29
N VAL G 85 -42.68 1.38 58.60
CA VAL G 85 -41.44 1.72 59.30
C VAL G 85 -40.63 0.45 59.50
N LYS G 86 -39.32 0.54 59.31
CA LYS G 86 -38.47 -0.63 59.46
C LYS G 86 -38.50 -1.15 60.88
N GLU G 87 -38.41 -0.26 61.87
CA GLU G 87 -38.43 -0.63 63.28
C GLU G 87 -39.16 0.43 64.07
N LEU G 88 -40.20 0.03 64.79
CA LEU G 88 -41.03 0.94 65.56
C LEU G 88 -40.66 0.83 67.02
N LEU G 89 -40.25 1.95 67.61
CA LEU G 89 -39.79 1.99 69.00
C LEU G 89 -40.90 2.54 69.87
N LEU G 90 -41.30 1.76 70.89
CA LEU G 90 -42.43 2.06 71.75
C LEU G 90 -41.97 2.30 73.17
N TYR G 91 -42.84 2.95 73.95
CA TYR G 91 -42.61 3.13 75.38
C TYR G 91 -43.97 3.19 76.06
N ARG G 92 -44.19 2.30 77.03
CA ARG G 92 -45.48 2.22 77.71
C ARG G 92 -45.56 3.28 78.80
N LEU G 93 -46.56 4.14 78.72
CA LEU G 93 -46.79 5.18 79.70
C LEU G 93 -47.73 4.67 80.79
N VAL G 94 -47.42 5.00 82.04
CA VAL G 94 -48.21 4.55 83.18
C VAL G 94 -48.16 5.61 84.27
N ASP G 95 -49.16 5.58 85.13
CA ASP G 95 -49.09 6.23 86.43
C ASP G 95 -48.41 5.28 87.41
N GLY G 96 -47.80 5.85 88.45
CA GLY G 96 -47.05 5.04 89.40
C GLY G 96 -47.87 3.95 90.06
N ASN G 97 -49.18 4.16 90.20
CA ASN G 97 -50.04 3.14 90.78
C ASN G 97 -50.26 1.94 89.86
N GLN G 98 -49.84 2.02 88.60
CA GLN G 98 -50.09 0.94 87.65
C GLN G 98 -49.38 -0.34 88.09
N LYS G 99 -50.07 -1.47 87.93
CA LYS G 99 -49.76 -2.67 88.70
C LYS G 99 -50.05 -3.93 87.88
N LYS G 100 -49.42 -5.03 88.30
CA LYS G 100 -49.65 -6.35 87.74
C LYS G 100 -50.81 -7.05 88.42
N GLY G 101 -51.54 -7.85 87.64
CA GLY G 101 -52.52 -8.75 88.21
C GLY G 101 -51.85 -9.91 88.93
N THR G 102 -52.56 -10.46 89.92
CA THR G 102 -51.98 -11.49 90.77
C THR G 102 -53.07 -12.44 91.26
N LEU G 103 -52.67 -13.69 91.48
CA LEU G 103 -53.53 -14.71 92.08
C LEU G 103 -52.66 -15.61 92.94
N THR G 104 -53.28 -16.19 93.98
CA THR G 104 -52.60 -17.04 94.92
C THR G 104 -53.28 -18.40 95.00
N LEU G 105 -52.49 -19.44 95.22
CA LEU G 105 -52.95 -20.81 95.33
C LEU G 105 -52.60 -21.35 96.71
N LYS G 106 -53.37 -22.34 97.15
CA LYS G 106 -53.25 -22.90 98.49
C LYS G 106 -53.39 -24.41 98.43
N ASP G 107 -52.81 -25.07 99.43
CA ASP G 107 -52.88 -26.53 99.53
C ASP G 107 -54.17 -26.97 100.21
N THR G 108 -54.45 -28.27 100.14
CA THR G 108 -55.64 -28.87 100.73
C THR G 108 -55.34 -30.07 101.63
N THR G 109 -54.11 -30.57 101.65
CA THR G 109 -53.79 -31.72 102.49
C THR G 109 -53.97 -31.38 103.97
N GLU G 110 -53.54 -30.19 104.37
CA GLU G 110 -53.62 -29.76 105.76
C GLU G 110 -54.94 -29.03 106.01
N ASN G 111 -55.51 -29.24 107.20
CA ASN G 111 -56.72 -28.52 107.56
C ASN G 111 -56.47 -27.02 107.59
N SER G 112 -55.36 -26.60 108.19
CA SER G 112 -54.91 -25.20 108.14
C SER G 112 -54.14 -25.01 106.84
N ALA G 113 -54.90 -24.75 105.77
CA ALA G 113 -54.31 -24.64 104.44
C ALA G 113 -53.34 -23.46 104.39
N LYS G 114 -52.25 -23.65 103.66
CA LYS G 114 -51.17 -22.69 103.57
C LYS G 114 -50.93 -22.33 102.11
N ASP G 115 -50.72 -21.04 101.85
CA ASP G 115 -50.43 -20.60 100.49
C ASP G 115 -49.07 -21.15 100.06
N VAL G 116 -49.03 -21.72 98.86
CA VAL G 116 -47.83 -22.41 98.36
C VAL G 116 -47.40 -21.93 96.98
N ILE G 117 -48.30 -21.36 96.16
CA ILE G 117 -47.95 -20.84 94.85
C ILE G 117 -48.69 -19.52 94.64
N LYS G 118 -48.01 -18.56 94.02
CA LYS G 118 -48.62 -17.31 93.60
C LYS G 118 -48.40 -17.13 92.11
N LEU G 119 -49.45 -16.69 91.42
CA LEU G 119 -49.41 -16.43 89.98
C LEU G 119 -49.56 -14.94 89.76
N GLU G 120 -48.67 -14.37 88.92
CA GLU G 120 -48.67 -12.95 88.61
C GLU G 120 -48.46 -12.77 87.12
N THR G 121 -49.19 -11.82 86.53
CA THR G 121 -49.07 -11.56 85.11
C THR G 121 -47.64 -11.14 84.76
N LYS G 122 -47.15 -11.63 83.62
CA LYS G 122 -45.76 -11.35 83.24
C LYS G 122 -45.53 -9.86 83.01
N TYR G 123 -46.57 -9.14 82.61
CA TYR G 123 -46.51 -7.70 82.37
C TYR G 123 -47.59 -7.00 83.19
N PRO G 124 -47.38 -5.74 83.57
CA PRO G 124 -48.45 -5.01 84.27
C PRO G 124 -49.68 -4.85 83.38
N THR G 125 -50.85 -4.96 84.02
CA THR G 125 -52.12 -4.93 83.30
C THR G 125 -53.25 -4.84 84.32
N ALA G 126 -54.47 -4.85 83.80
CA ALA G 126 -55.67 -5.04 84.62
C ALA G 126 -56.65 -6.00 83.95
N ARG G 127 -56.24 -6.71 82.90
CA ARG G 127 -57.17 -7.58 82.18
C ARG G 127 -57.54 -8.80 83.03
N ASN G 128 -58.60 -9.46 82.60
CA ASN G 128 -59.15 -10.61 83.35
C ASN G 128 -58.48 -11.90 82.90
N PHE G 129 -57.17 -11.97 83.09
CA PHE G 129 -56.45 -13.23 82.89
C PHE G 129 -56.84 -14.19 84.00
N ASN G 130 -57.39 -15.35 83.60
CA ASN G 130 -58.01 -16.28 84.53
C ASN G 130 -57.25 -17.61 84.50
N VAL G 131 -57.43 -18.37 85.58
CA VAL G 131 -56.72 -19.64 85.78
C VAL G 131 -57.71 -20.65 86.37
N THR G 132 -57.52 -21.91 85.99
CA THR G 132 -58.33 -23.03 86.48
C THR G 132 -57.41 -24.16 86.90
N ILE G 133 -57.71 -24.75 88.06
CA ILE G 133 -57.03 -25.93 88.56
C ILE G 133 -58.08 -26.95 88.94
N LYS G 134 -57.91 -28.19 88.48
CA LYS G 134 -58.86 -29.25 88.72
C LYS G 134 -58.13 -30.57 88.89
N SER G 135 -58.81 -31.54 89.49
CA SER G 135 -58.22 -32.85 89.71
C SER G 135 -57.96 -33.54 88.38
N ASN G 136 -56.78 -34.12 88.24
CA ASN G 136 -56.45 -34.88 87.04
C ASN G 136 -57.24 -36.18 87.01
N LEU G 137 -57.85 -36.48 85.87
CA LEU G 137 -58.70 -37.66 85.75
C LEU G 137 -57.91 -38.94 85.55
N VAL G 138 -56.62 -38.85 85.19
CA VAL G 138 -55.81 -40.02 84.91
C VAL G 138 -55.01 -40.39 86.15
N ASP G 139 -54.15 -39.46 86.61
CA ASP G 139 -53.30 -39.67 87.77
C ASP G 139 -53.95 -39.03 88.99
N SER G 140 -53.83 -39.72 90.13
CA SER G 140 -54.52 -39.28 91.34
C SER G 140 -53.98 -37.95 91.85
N ASP G 141 -52.66 -37.84 91.99
CA ASP G 141 -52.07 -36.66 92.62
C ASP G 141 -51.90 -35.49 91.66
N LYS G 142 -52.16 -35.67 90.36
CA LYS G 142 -51.95 -34.61 89.40
C LYS G 142 -53.10 -33.62 89.41
N LYS G 143 -52.77 -32.36 89.18
CA LYS G 143 -53.74 -31.28 89.04
C LYS G 143 -53.58 -30.67 87.65
N ASP G 144 -54.70 -30.45 86.97
CA ASP G 144 -54.68 -29.92 85.60
C ASP G 144 -54.74 -28.40 85.68
N PHE G 145 -53.63 -27.75 85.35
CA PHE G 145 -53.53 -26.29 85.41
C PHE G 145 -53.88 -25.72 84.04
N ILE G 146 -54.93 -24.91 83.98
CA ILE G 146 -55.40 -24.31 82.74
C ILE G 146 -55.50 -22.80 82.95
N PHE G 147 -55.23 -22.06 81.89
CA PHE G 147 -55.13 -20.60 81.93
C PHE G 147 -56.01 -20.00 80.84
N PHE G 148 -56.66 -18.89 81.16
CA PHE G 148 -57.59 -18.24 80.25
C PHE G 148 -57.43 -16.73 80.32
N GLU G 149 -58.16 -16.05 79.45
CA GLU G 149 -58.43 -14.61 79.57
C GLU G 149 -59.89 -14.41 79.21
N ASN G 150 -60.71 -14.13 80.22
CA ASN G 150 -62.16 -14.05 80.05
C ASN G 150 -62.70 -15.38 79.50
N THR G 151 -62.20 -16.49 80.02
CA THR G 151 -62.56 -17.86 79.67
C THR G 151 -61.98 -18.30 78.33
N LYS G 152 -61.28 -17.44 77.60
CA LYS G 152 -60.60 -17.84 76.36
C LYS G 152 -59.28 -18.50 76.75
N GLN G 153 -59.19 -19.81 76.55
CA GLN G 153 -58.07 -20.56 77.08
C GLN G 153 -56.76 -20.19 76.40
N LEU G 154 -55.72 -20.05 77.21
CA LEU G 154 -54.35 -19.82 76.74
C LEU G 154 -53.56 -21.12 76.68
N PHE G 155 -53.50 -21.84 77.80
CA PHE G 155 -52.61 -22.97 77.94
C PHE G 155 -53.15 -23.90 79.01
N SER G 156 -52.88 -25.20 78.85
CA SER G 156 -53.27 -26.23 79.80
C SER G 156 -52.07 -27.13 80.10
N SER G 157 -52.00 -27.61 81.34
CA SER G 157 -50.90 -28.47 81.77
C SER G 157 -51.36 -29.31 82.95
N SER G 158 -50.59 -30.35 83.25
CA SER G 158 -50.86 -31.26 84.35
C SER G 158 -49.55 -31.69 84.99
N ILE G 159 -49.44 -31.52 86.31
CA ILE G 159 -48.24 -31.89 87.06
C ILE G 159 -48.67 -32.52 88.38
N LYS G 160 -47.87 -33.47 88.85
CA LYS G 160 -48.08 -34.12 90.13
C LYS G 160 -48.10 -33.08 91.26
N GLY G 161 -48.56 -33.54 92.43
CA GLY G 161 -48.83 -32.64 93.54
C GLY G 161 -47.63 -32.26 94.38
N THR G 162 -46.53 -31.87 93.73
CA THR G 162 -45.38 -31.26 94.40
C THR G 162 -45.20 -29.85 93.85
N ILE G 163 -45.01 -28.89 94.75
CA ILE G 163 -45.11 -27.49 94.38
C ILE G 163 -43.96 -27.08 93.47
N ASP G 164 -42.76 -27.60 93.72
CA ASP G 164 -41.58 -27.18 92.94
C ASP G 164 -41.74 -27.55 91.47
N GLU G 165 -42.11 -28.80 91.18
CA GLU G 165 -42.29 -29.20 89.79
C GLU G 165 -43.46 -28.44 89.15
N ILE G 166 -44.50 -28.15 89.94
CA ILE G 166 -45.65 -27.43 89.41
C ILE G 166 -45.23 -26.03 88.95
N VAL G 167 -44.52 -25.29 89.80
CA VAL G 167 -44.13 -23.93 89.44
C VAL G 167 -43.10 -23.96 88.31
N LEU G 168 -42.20 -24.95 88.33
CA LEU G 168 -41.20 -25.05 87.27
C LEU G 168 -41.86 -25.30 85.92
N GLU G 169 -42.85 -26.20 85.86
CA GLU G 169 -43.55 -26.44 84.61
C GLU G 169 -44.34 -25.20 84.18
N ILE G 170 -45.01 -24.54 85.12
CA ILE G 170 -45.84 -23.39 84.78
C ILE G 170 -44.97 -22.27 84.24
N ASN G 171 -43.75 -22.12 84.76
CA ASN G 171 -42.81 -21.13 84.25
C ASN G 171 -42.01 -21.61 83.05
N SER G 172 -42.06 -22.90 82.73
CA SER G 172 -41.20 -23.45 81.69
C SER G 172 -41.76 -23.16 80.30
N ASN G 173 -42.98 -23.62 80.03
CA ASN G 173 -43.56 -23.47 78.70
C ASN G 173 -43.87 -22.00 78.43
N LEU G 174 -43.48 -21.53 77.24
CA LEU G 174 -43.78 -20.18 76.81
C LEU G 174 -45.23 -20.02 76.36
N ASP G 175 -45.99 -21.11 76.28
CA ASP G 175 -47.44 -20.99 76.12
C ASP G 175 -48.05 -20.29 77.33
N ASN G 176 -47.40 -20.40 78.50
CA ASN G 176 -47.80 -19.71 79.71
C ASN G 176 -47.05 -18.40 79.90
N GLU G 177 -46.68 -17.74 78.81
CA GLU G 177 -45.89 -16.51 78.91
C GLU G 177 -46.69 -15.36 79.53
N TYR G 178 -48.02 -15.44 79.53
CA TYR G 178 -48.83 -14.36 80.09
C TYR G 178 -48.63 -14.20 81.60
N VAL G 179 -48.18 -15.24 82.29
CA VAL G 179 -48.19 -15.29 83.74
C VAL G 179 -46.89 -15.92 84.24
N ILE G 180 -46.47 -15.48 85.43
CA ILE G 180 -45.29 -16.01 86.11
C ILE G 180 -45.74 -16.67 87.40
N ALA G 181 -45.27 -17.88 87.64
CA ALA G 181 -45.56 -18.62 88.87
C ALA G 181 -44.36 -18.56 89.79
N THR G 182 -44.62 -18.31 91.08
CA THR G 182 -43.59 -18.27 92.10
C THR G 182 -44.03 -19.09 93.30
N LYS G 183 -43.05 -19.74 93.93
CA LYS G 183 -43.33 -20.62 95.06
C LYS G 183 -43.43 -19.80 96.34
N VAL G 184 -44.53 -19.98 97.07
CA VAL G 184 -44.72 -19.30 98.35
C VAL G 184 -44.17 -20.13 99.50
N ALA G 185 -44.27 -21.46 99.40
CA ALA G 185 -43.77 -22.34 100.44
C ALA G 185 -43.32 -23.65 99.80
N ASP G 186 -42.45 -24.36 100.51
CA ASP G 186 -41.88 -25.62 100.03
C ASP G 186 -42.73 -26.76 100.54
N SER G 187 -43.89 -26.93 99.92
CA SER G 187 -44.87 -27.95 100.27
C SER G 187 -44.89 -29.05 99.21
N ASP G 188 -45.24 -30.26 99.65
CA ASP G 188 -45.50 -31.38 98.77
C ASP G 188 -46.96 -31.82 98.86
N THR G 189 -47.85 -30.87 99.12
CA THR G 189 -49.25 -31.14 99.40
C THR G 189 -50.11 -30.87 98.17
N ILE G 190 -51.32 -31.43 98.19
CA ILE G 190 -52.23 -31.30 97.07
C ILE G 190 -52.78 -29.88 97.02
N LEU G 191 -52.76 -29.28 95.83
CA LEU G 191 -53.22 -27.92 95.66
C LEU G 191 -54.75 -27.86 95.71
N ALA G 192 -55.25 -26.64 95.95
CA ALA G 192 -56.69 -26.37 95.94
C ALA G 192 -57.14 -26.09 94.52
N ASN G 193 -58.33 -26.60 94.19
CA ASN G 193 -58.88 -26.41 92.86
C ASN G 193 -59.48 -25.01 92.72
N VAL G 194 -59.17 -24.35 91.60
CA VAL G 194 -59.73 -23.05 91.25
C VAL G 194 -60.34 -23.19 89.86
N VAL G 195 -61.29 -22.30 89.55
CA VAL G 195 -62.00 -22.33 88.28
C VAL G 195 -62.14 -20.91 87.75
N ASN G 196 -61.31 -20.56 86.77
CA ASN G 196 -61.40 -19.29 86.07
C ASN G 196 -61.24 -18.11 87.03
N GLN G 197 -60.32 -18.25 87.97
CA GLN G 197 -60.05 -17.19 88.94
C GLN G 197 -59.12 -16.15 88.32
N ALA G 198 -59.57 -14.90 88.28
CA ALA G 198 -58.80 -13.84 87.64
C ALA G 198 -57.60 -13.45 88.49
N LEU G 199 -56.52 -13.07 87.82
CA LEU G 199 -55.33 -12.56 88.48
C LEU G 199 -55.60 -11.10 88.82
N GLU G 200 -56.16 -10.88 90.01
CA GLU G 200 -56.61 -9.56 90.43
C GLU G 200 -55.44 -8.76 91.02
N GLY G 201 -55.74 -7.53 91.43
CA GLY G 201 -54.75 -6.64 91.98
C GLY G 201 -54.00 -5.81 90.95
N GLY G 202 -54.25 -6.02 89.65
CA GLY G 202 -53.59 -5.25 88.63
C GLY G 202 -54.28 -3.94 88.33
N ASN G 203 -53.54 -3.06 87.65
CA ASN G 203 -54.05 -1.76 87.24
C ASN G 203 -53.63 -1.53 85.80
N ASP G 204 -54.44 -0.74 85.08
CA ASP G 204 -54.54 -0.85 83.63
C ASP G 204 -53.39 -0.14 82.90
N GLY G 205 -53.33 1.19 83.01
CA GLY G 205 -52.40 1.97 82.22
C GLY G 205 -52.99 3.26 81.69
N CYS G 206 -54.31 3.33 81.57
CA CYS G 206 -55.01 4.59 81.31
C CYS G 206 -55.35 5.33 82.58
N THR G 207 -54.80 4.91 83.73
CA THR G 207 -55.17 5.44 85.03
C THR G 207 -54.34 6.68 85.31
N SER G 208 -54.99 7.85 85.24
CA SER G 208 -54.41 9.12 85.71
C SER G 208 -53.10 9.44 84.99
N ILE G 209 -53.08 9.23 83.68
CA ILE G 209 -51.91 9.57 82.87
C ILE G 209 -51.93 11.07 82.59
N THR G 210 -50.83 11.74 82.90
CA THR G 210 -50.72 13.19 82.84
C THR G 210 -49.45 13.57 82.09
N ASN G 211 -49.21 14.88 82.00
CA ASN G 211 -48.07 15.40 81.25
C ASN G 211 -46.75 14.91 81.80
N GLU G 212 -46.67 14.65 83.10
CA GLU G 212 -45.41 14.21 83.71
C GLU G 212 -44.99 12.85 83.17
N SER G 213 -45.95 11.95 82.94
CA SER G 213 -45.63 10.66 82.36
C SER G 213 -45.03 10.83 80.96
N TYR G 214 -45.61 11.71 80.15
CA TYR G 214 -45.07 11.98 78.83
C TYR G 214 -43.67 12.59 78.92
N LEU G 215 -43.47 13.48 79.89
CA LEU G 215 -42.14 14.08 80.07
C LEU G 215 -41.11 13.01 80.42
N LYS G 216 -41.46 12.10 81.32
CA LYS G 216 -40.56 11.00 81.66
C LYS G 216 -40.29 10.12 80.45
N ALA G 217 -41.32 9.84 79.66
CA ALA G 217 -41.14 9.05 78.45
C ALA G 217 -40.18 9.73 77.48
N LEU G 218 -40.33 11.04 77.30
CA LEU G 218 -39.43 11.78 76.41
C LEU G 218 -38.00 11.74 76.94
N GLU G 219 -37.83 11.88 78.25
CA GLU G 219 -36.50 11.81 78.84
C GLU G 219 -35.87 10.43 78.60
N GLU G 220 -36.68 9.37 78.70
CA GLU G 220 -36.19 8.06 78.32
C GLU G 220 -35.82 8.03 76.83
N PHE G 221 -36.63 8.66 75.99
CA PHE G 221 -36.39 8.67 74.55
C PHE G 221 -35.17 9.48 74.17
N GLU G 222 -34.65 10.32 75.08
CA GLU G 222 -33.42 11.06 74.80
C GLU G 222 -32.25 10.13 74.48
N ARG G 223 -32.28 8.91 75.03
CA ARG G 223 -31.18 7.97 74.83
C ARG G 223 -30.99 7.63 73.36
N TYR G 224 -32.09 7.41 72.64
CA TYR G 224 -32.06 6.79 71.34
C TYR G 224 -31.98 7.85 70.24
N SER G 225 -31.92 7.39 68.99
CA SER G 225 -31.98 8.23 67.81
C SER G 225 -33.19 7.83 66.97
N PHE G 226 -33.85 8.81 66.37
CA PHE G 226 -35.09 8.60 65.66
C PHE G 226 -35.13 9.41 64.38
N ASP G 227 -36.05 9.01 63.49
CA ASP G 227 -36.37 9.78 62.31
C ASP G 227 -37.56 10.70 62.51
N SER G 228 -38.46 10.38 63.44
CA SER G 228 -39.60 11.24 63.70
C SER G 228 -40.21 10.91 65.06
N PHE G 229 -41.03 11.83 65.55
CA PHE G 229 -41.76 11.69 66.81
C PHE G 229 -43.16 12.26 66.59
N VAL G 230 -44.15 11.66 67.27
CA VAL G 230 -45.56 11.97 67.00
C VAL G 230 -46.38 12.23 68.26
N LEU G 231 -45.85 11.87 69.43
CA LEU G 231 -46.48 12.21 70.72
C LEU G 231 -47.83 11.53 70.90
N ASP G 232 -47.83 10.20 70.82
CA ASP G 232 -48.89 9.34 71.34
C ASP G 232 -50.25 9.60 70.68
N GLY G 233 -50.30 10.32 69.58
CA GLY G 233 -51.60 10.64 68.99
C GLY G 233 -52.48 11.48 69.89
N VAL G 234 -51.88 12.30 70.76
CA VAL G 234 -52.60 13.13 71.71
C VAL G 234 -52.27 14.58 71.39
N ALA G 235 -53.31 15.42 71.35
CA ALA G 235 -53.20 16.81 70.91
C ALA G 235 -53.23 17.80 72.08
N ASP G 236 -52.90 17.36 73.29
CA ASP G 236 -52.86 18.26 74.43
C ASP G 236 -51.82 19.34 74.21
N GLU G 237 -52.20 20.59 74.45
CA GLU G 237 -51.38 21.73 74.05
C GLU G 237 -50.06 21.76 74.82
N ALA G 238 -50.13 21.69 76.15
CA ALA G 238 -48.94 21.85 76.97
C ALA G 238 -47.90 20.78 76.63
N LEU G 239 -48.37 19.55 76.38
CA LEU G 239 -47.48 18.51 75.89
C LEU G 239 -46.84 18.92 74.57
N GLN G 240 -47.59 19.61 73.71
CA GLN G 240 -47.03 20.00 72.41
C GLN G 240 -45.93 21.05 72.58
N GLU G 241 -46.14 22.06 73.44
CA GLU G 241 -45.05 23.01 73.66
C GLU G 241 -43.86 22.34 74.33
N THR G 242 -44.12 21.43 75.27
CA THR G 242 -43.02 20.73 75.92
C THR G 242 -42.20 19.94 74.91
N THR G 243 -42.87 19.23 74.00
CA THR G 243 -42.17 18.45 73.00
C THR G 243 -41.46 19.36 72.00
N LYS G 244 -42.05 20.53 71.70
CA LYS G 244 -41.37 21.49 70.84
C LYS G 244 -40.05 21.93 71.44
N ALA G 245 -40.07 22.32 72.72
CA ALA G 245 -38.84 22.72 73.39
C ALA G 245 -37.86 21.55 73.47
N TRP G 246 -38.37 20.35 73.69
CA TRP G 246 -37.52 19.17 73.79
C TRP G 246 -36.81 18.90 72.47
N VAL G 247 -37.54 19.02 71.37
CA VAL G 247 -36.95 18.79 70.05
C VAL G 247 -35.95 19.89 69.72
N ALA G 248 -36.24 21.12 70.10
CA ALA G 248 -35.29 22.20 69.90
C ALA G 248 -33.99 21.92 70.65
N LYS G 249 -34.11 21.48 71.91
CA LYS G 249 -32.93 21.11 72.69
C LYS G 249 -32.17 19.97 72.02
N ASN G 250 -32.88 18.96 71.53
CA ASN G 250 -32.22 17.83 70.89
C ASN G 250 -31.48 18.28 69.62
N LYS G 251 -32.08 19.19 68.86
CA LYS G 251 -31.42 19.72 67.67
C LYS G 251 -30.15 20.46 68.06
N GLU G 252 -30.23 21.31 69.09
CA GLU G 252 -29.05 22.05 69.52
C GLU G 252 -27.97 21.12 70.07
N LEU G 253 -28.38 19.95 70.58
CA LEU G 253 -27.45 18.95 71.09
C LEU G 253 -26.97 18.00 70.00
N GLY G 254 -27.27 18.27 68.73
CA GLY G 254 -26.80 17.45 67.63
C GLY G 254 -27.67 16.27 67.30
N LYS G 255 -28.85 16.13 67.92
CA LYS G 255 -29.80 15.07 67.60
C LYS G 255 -30.92 15.69 66.77
N ASP G 256 -31.01 15.27 65.52
CA ASP G 256 -31.90 15.90 64.54
C ASP G 256 -33.20 15.09 64.48
N ILE G 257 -34.11 15.40 65.41
CA ILE G 257 -35.38 14.71 65.54
C ILE G 257 -36.46 15.56 64.90
N LEU G 258 -37.27 14.94 64.05
CA LEU G 258 -38.41 15.58 63.42
C LEU G 258 -39.66 15.27 64.25
N LEU G 259 -40.60 16.22 64.27
CA LEU G 259 -41.81 16.09 65.07
C LEU G 259 -43.03 16.32 64.20
N PHE G 260 -44.00 15.40 64.29
CA PHE G 260 -45.31 15.53 63.68
C PHE G 260 -46.34 15.71 64.79
N LEU G 261 -47.36 16.53 64.52
CA LEU G 261 -48.40 16.81 65.48
C LEU G 261 -49.74 16.89 64.76
N GLY G 262 -50.80 16.68 65.53
CA GLY G 262 -52.15 16.80 65.02
C GLY G 262 -53.05 17.55 65.98
N GLY G 263 -53.84 18.47 65.45
CA GLY G 263 -54.72 19.26 66.29
C GLY G 263 -55.89 18.46 66.80
N LYS G 264 -56.64 19.10 67.70
CA LYS G 264 -57.82 18.47 68.27
C LYS G 264 -58.94 18.39 67.24
N THR G 265 -59.79 17.37 67.39
CA THR G 265 -60.92 17.21 66.50
C THR G 265 -61.87 18.40 66.58
N GLU G 266 -61.93 19.07 67.73
CA GLU G 266 -62.83 20.20 67.91
C GLU G 266 -62.34 21.45 67.17
N ASP G 267 -61.06 21.52 66.84
CA ASP G 267 -60.52 22.72 66.20
C ASP G 267 -61.05 22.86 64.79
N ASN G 268 -61.55 24.05 64.46
CA ASN G 268 -61.89 24.36 63.09
C ASN G 268 -60.62 24.49 62.26
N ILE G 269 -60.81 24.49 60.94
CA ILE G 269 -59.67 24.67 60.04
C ILE G 269 -58.99 25.99 60.30
N LYS G 270 -59.74 27.01 60.68
CA LYS G 270 -59.13 28.27 61.09
C LYS G 270 -58.26 28.08 62.32
N GLN G 271 -58.76 27.35 63.32
CA GLN G 271 -57.96 27.12 64.52
C GLN G 271 -56.73 26.26 64.22
N ILE G 272 -56.90 25.26 63.36
CA ILE G 272 -55.77 24.42 62.96
C ILE G 272 -54.72 25.27 62.25
N ASN G 273 -55.16 26.17 61.37
CA ASN G 273 -54.23 27.05 60.68
C ASN G 273 -53.55 28.00 61.65
N ASP G 274 -54.27 28.47 62.67
CA ASP G 274 -53.65 29.31 63.69
C ASP G 274 -52.57 28.55 64.44
N LYS G 275 -52.84 27.29 64.79
CA LYS G 275 -51.84 26.49 65.46
C LYS G 275 -50.64 26.22 64.56
N SER G 276 -50.89 25.94 63.28
CA SER G 276 -49.82 25.73 62.33
C SER G 276 -49.02 27.00 62.09
N LYS G 277 -49.63 28.16 62.32
CA LYS G 277 -48.89 29.42 62.33
C LYS G 277 -48.05 29.54 63.59
N SER G 278 -48.61 29.13 64.73
CA SER G 278 -47.88 29.22 65.99
C SER G 278 -46.60 28.40 65.94
N PHE G 279 -46.68 27.20 65.37
CA PHE G 279 -45.50 26.41 65.08
C PHE G 279 -44.86 26.96 63.81
N ASN G 280 -43.58 27.29 63.90
CA ASN G 280 -42.82 27.73 62.73
C ASN G 280 -41.44 27.09 62.64
N ASP G 281 -41.03 26.28 63.62
CA ASP G 281 -39.82 25.50 63.47
C ASP G 281 -40.03 24.44 62.40
N GLU G 282 -39.00 24.22 61.59
CA GLU G 282 -39.11 23.33 60.45
C GLU G 282 -39.41 21.90 60.86
N ASN G 283 -38.97 21.49 62.05
CA ASN G 283 -39.15 20.14 62.53
C ASN G 283 -40.55 19.89 63.11
N ILE G 284 -41.49 20.81 62.90
CA ILE G 284 -42.85 20.69 63.41
C ILE G 284 -43.79 20.56 62.22
N VAL G 285 -44.64 19.55 62.25
CA VAL G 285 -45.65 19.31 61.22
C VAL G 285 -46.99 19.16 61.93
N ASN G 286 -47.95 19.99 61.54
CA ASN G 286 -49.28 20.01 62.15
C ASN G 286 -50.28 19.37 61.20
N VAL G 287 -51.07 18.43 61.72
CA VAL G 287 -52.03 17.67 60.94
C VAL G 287 -53.43 18.10 61.34
N GLY G 288 -54.26 18.43 60.35
CA GLY G 288 -55.60 18.92 60.59
C GLY G 288 -56.69 17.91 60.32
N SER G 289 -56.55 17.14 59.25
CA SER G 289 -57.63 16.27 58.80
C SER G 289 -57.74 15.03 59.68
N SER G 290 -58.98 14.58 59.87
CA SER G 290 -59.30 13.29 60.47
C SER G 290 -59.60 12.29 59.36
N ALA G 291 -59.66 11.01 59.72
CA ALA G 291 -59.80 9.97 58.71
C ALA G 291 -60.38 8.71 59.33
N TYR G 292 -60.85 7.83 58.45
CA TYR G 292 -61.32 6.49 58.79
C TYR G 292 -60.54 5.48 57.96
N TYR G 293 -60.15 4.38 58.59
CA TYR G 293 -59.49 3.28 57.90
C TYR G 293 -60.32 2.00 57.90
N GLU G 294 -60.60 1.43 59.07
CA GLU G 294 -61.52 0.30 59.21
C GLU G 294 -62.88 0.77 59.73
N ASN G 295 -63.46 1.73 59.02
CA ASN G 295 -64.75 2.32 59.39
C ASN G 295 -64.71 2.92 60.80
N ILE G 296 -63.52 3.31 61.26
CA ILE G 296 -63.31 3.82 62.62
C ILE G 296 -62.51 5.11 62.50
N LYS G 297 -63.00 6.17 63.13
CA LYS G 297 -62.40 7.49 62.96
C LYS G 297 -61.02 7.53 63.60
N TYR G 298 -60.20 8.48 63.12
CA TYR G 298 -58.90 8.76 63.68
C TYR G 298 -58.73 10.26 63.79
N THR G 299 -58.37 10.73 64.99
CA THR G 299 -58.17 12.15 65.22
C THR G 299 -56.99 12.64 64.40
N PRO G 300 -56.81 13.96 64.25
CA PRO G 300 -55.68 14.46 63.45
C PRO G 300 -54.33 13.98 63.96
N SER G 301 -54.17 13.77 65.26
CA SER G 301 -52.92 13.26 65.79
C SER G 301 -52.77 11.76 65.56
N GLU G 302 -53.88 11.01 65.62
CA GLU G 302 -53.80 9.58 65.35
C GLU G 302 -53.37 9.32 63.91
N VAL G 303 -53.86 10.13 62.98
CA VAL G 303 -53.37 10.07 61.60
C VAL G 303 -52.01 10.76 61.45
N ALA G 304 -51.66 11.66 62.36
CA ALA G 304 -50.29 12.19 62.35
C ALA G 304 -49.29 11.09 62.63
N VAL G 305 -49.67 10.11 63.44
CA VAL G 305 -48.82 8.93 63.64
C VAL G 305 -48.57 8.26 62.28
N TYR G 306 -49.63 8.03 61.52
CA TYR G 306 -49.49 7.33 60.24
C TYR G 306 -48.69 8.15 59.25
N ILE G 307 -48.92 9.46 59.19
CA ILE G 307 -48.21 10.26 58.19
C ILE G 307 -46.74 10.36 58.54
N ALA G 308 -46.41 10.45 59.84
CA ALA G 308 -45.00 10.43 60.22
C ALA G 308 -44.36 9.10 59.87
N ALA G 309 -45.08 7.99 60.12
CA ALA G 309 -44.56 6.67 59.79
C ALA G 309 -44.31 6.54 58.29
N LEU G 310 -45.25 7.02 57.48
CA LEU G 310 -45.10 6.94 56.04
C LEU G 310 -43.95 7.83 55.57
N SER G 311 -43.78 8.99 56.21
CA SER G 311 -42.68 9.88 55.83
C SER G 311 -41.33 9.24 56.11
N VAL G 312 -41.16 8.67 57.30
CA VAL G 312 -39.87 8.06 57.64
C VAL G 312 -39.64 6.81 56.79
N SER G 313 -40.70 6.06 56.48
CA SER G 313 -40.56 4.92 55.60
C SER G 313 -40.14 5.35 54.20
N LYS G 314 -40.64 6.49 53.74
CA LYS G 314 -40.22 7.04 52.46
C LYS G 314 -38.73 7.35 52.47
N GLY G 315 -38.25 7.94 53.56
CA GLY G 315 -36.85 8.30 53.64
C GLY G 315 -36.50 9.33 52.57
N ILE G 316 -35.26 9.24 52.09
CA ILE G 316 -34.81 10.01 50.95
C ILE G 316 -35.26 9.25 49.71
N THR G 317 -35.18 9.89 48.54
CA THR G 317 -35.62 9.30 47.27
C THR G 317 -37.14 9.16 47.22
N GLY G 318 -37.83 10.12 47.81
CA GLY G 318 -39.29 10.09 47.80
C GLY G 318 -39.85 11.28 48.53
N SER G 319 -41.18 11.31 48.59
CA SER G 319 -41.90 12.37 49.26
C SER G 319 -43.27 11.84 49.66
N ILE G 320 -44.16 12.74 50.07
CA ILE G 320 -45.50 12.38 50.49
C ILE G 320 -46.58 13.21 49.82
N CYS G 321 -46.20 14.10 48.89
CA CYS G 321 -47.15 15.10 48.39
C CYS G 321 -48.31 14.48 47.63
N ASN G 322 -48.19 13.22 47.18
CA ASN G 322 -49.34 12.52 46.63
C ASN G 322 -49.36 11.03 47.01
N ALA G 323 -48.68 10.66 48.08
CA ALA G 323 -48.65 9.25 48.48
C ALA G 323 -50.05 8.80 48.89
N LYS G 324 -50.48 7.66 48.36
CA LYS G 324 -51.80 7.14 48.69
C LYS G 324 -51.82 6.65 50.13
N THR G 325 -52.92 6.90 50.82
CA THR G 325 -53.12 6.51 52.20
C THR G 325 -54.03 5.29 52.29
N ILE G 326 -53.97 4.63 53.44
CA ILE G 326 -54.84 3.47 53.69
C ILE G 326 -56.26 3.87 54.08
N PHE G 327 -56.51 5.16 54.32
CA PHE G 327 -57.77 5.58 54.90
C PHE G 327 -58.89 5.56 53.88
N GLU G 328 -60.05 5.04 54.30
CA GLU G 328 -61.20 4.92 53.42
C GLU G 328 -62.04 6.20 53.39
N GLU G 329 -61.90 7.08 54.37
CA GLU G 329 -62.57 8.37 54.36
C GLU G 329 -61.68 9.41 55.03
N VAL G 330 -61.97 10.68 54.72
CA VAL G 330 -61.26 11.82 55.26
C VAL G 330 -62.25 12.91 55.57
N GLU G 331 -62.05 13.60 56.69
CA GLU G 331 -62.85 14.78 57.03
C GLU G 331 -62.05 15.62 58.01
N PRO G 332 -62.26 16.96 58.03
CA PRO G 332 -63.13 17.78 57.18
C PRO G 332 -62.57 17.93 55.78
N ARG G 333 -63.43 18.18 54.79
CA ARG G 333 -63.08 18.10 53.38
C ARG G 333 -63.09 19.49 52.77
N LEU G 334 -62.09 19.76 51.93
CA LEU G 334 -61.65 21.11 51.62
C LEU G 334 -61.75 21.37 50.12
N SER G 335 -62.28 22.55 49.78
CA SER G 335 -62.15 23.06 48.43
C SER G 335 -60.71 23.56 48.21
N GLN G 336 -60.41 23.90 46.96
CA GLN G 336 -59.06 24.37 46.64
C GLN G 336 -58.71 25.63 47.42
N SER G 337 -59.70 26.48 47.71
CA SER G 337 -59.46 27.65 48.55
C SER G 337 -59.01 27.23 49.94
N GLU G 338 -59.72 26.28 50.54
CA GLU G 338 -59.36 25.81 51.88
C GLU G 338 -58.00 25.12 51.87
N VAL G 339 -57.73 24.34 50.83
CA VAL G 339 -56.44 23.66 50.72
C VAL G 339 -55.32 24.69 50.64
N LYS G 340 -55.50 25.72 49.82
CA LYS G 340 -54.48 26.76 49.71
C LYS G 340 -54.31 27.51 51.02
N GLU G 341 -55.41 27.76 51.73
CA GLU G 341 -55.33 28.40 53.04
C GLU G 341 -54.51 27.54 54.00
N CYS G 342 -54.78 26.23 54.03
CA CYS G 342 -54.07 25.35 54.93
C CYS G 342 -52.58 25.27 54.58
N LEU G 343 -52.26 25.18 53.29
CA LEU G 343 -50.86 25.10 52.88
C LEU G 343 -50.12 26.39 53.20
N LYS G 344 -50.76 27.54 52.97
CA LYS G 344 -50.16 28.82 53.34
C LYS G 344 -49.95 28.90 54.84
N SER G 345 -50.84 28.29 55.62
CA SER G 345 -50.70 28.24 57.07
C SER G 345 -49.66 27.22 57.52
N GLY G 346 -49.10 26.42 56.60
CA GLY G 346 -48.21 25.35 56.96
C GLY G 346 -48.89 24.07 57.38
N THR G 347 -50.21 24.04 57.44
CA THR G 347 -50.92 22.84 57.83
C THR G 347 -50.78 21.77 56.75
N LEU G 348 -50.67 20.52 57.20
CA LEU G 348 -50.78 19.35 56.34
C LEU G 348 -52.14 18.72 56.56
N VAL G 349 -52.87 18.50 55.47
CA VAL G 349 -54.24 17.97 55.51
C VAL G 349 -54.39 16.93 54.41
N LEU G 350 -55.03 15.81 54.74
CA LEU G 350 -55.31 14.81 53.73
C LEU G 350 -56.41 15.30 52.80
N ASP G 351 -56.57 14.57 51.69
CA ASP G 351 -57.47 14.99 50.62
C ASP G 351 -58.07 13.76 49.97
N PHE G 352 -59.16 13.97 49.24
CA PHE G 352 -59.89 12.92 48.54
C PHE G 352 -59.86 13.20 47.04
N ASP G 353 -58.66 13.48 46.51
CA ASP G 353 -58.50 13.84 45.11
C ASP G 353 -59.04 12.76 44.17
N ASP G 354 -59.10 11.51 44.63
CA ASP G 354 -59.68 10.41 43.87
C ASP G 354 -60.51 9.57 44.83
N GLY G 355 -60.91 8.38 44.41
CA GLY G 355 -61.72 7.52 45.25
C GLY G 355 -61.06 7.08 46.54
N ASP G 356 -59.74 7.25 46.65
CA ASP G 356 -59.00 6.99 47.88
C ASP G 356 -58.72 8.31 48.60
N VAL G 357 -58.13 8.21 49.78
CA VAL G 357 -57.65 9.36 50.54
C VAL G 357 -56.18 9.56 50.20
N ILE G 358 -55.83 10.78 49.80
CA ILE G 358 -54.51 11.09 49.27
C ILE G 358 -53.94 12.26 50.06
N ILE G 359 -52.64 12.19 50.35
CA ILE G 359 -51.96 13.29 51.01
C ILE G 359 -51.83 14.45 50.04
N VAL G 360 -52.14 15.66 50.52
CA VAL G 360 -52.21 16.78 49.60
C VAL G 360 -50.81 17.25 49.20
N ASP G 361 -49.89 17.39 50.15
CA ASP G 361 -48.63 18.09 49.89
C ASP G 361 -47.60 17.66 50.92
N ASP G 362 -46.38 18.20 50.78
CA ASP G 362 -45.25 17.87 51.62
C ASP G 362 -44.98 18.93 52.68
N VAL G 363 -45.95 19.82 52.92
CA VAL G 363 -45.69 21.03 53.69
C VAL G 363 -45.49 20.70 55.17
N ASN G 364 -44.86 21.65 55.88
CA ASN G 364 -44.70 21.61 57.33
C ASN G 364 -45.21 22.92 57.90
N THR G 365 -45.22 23.02 59.23
CA THR G 365 -45.71 24.24 59.88
C THR G 365 -44.82 25.43 59.58
N PHE G 366 -43.54 25.21 59.28
CA PHE G 366 -42.64 26.33 59.03
C PHE G 366 -43.06 27.14 57.81
N LYS G 367 -43.70 26.49 56.82
CA LYS G 367 -43.86 27.06 55.48
C LYS G 367 -44.48 28.45 55.46
N LYS G 368 -45.11 28.88 56.56
CA LYS G 368 -45.63 30.24 56.66
C LYS G 368 -44.58 31.29 56.37
N TYR G 369 -43.31 31.02 56.71
CA TYR G 369 -42.21 31.94 56.38
C TYR G 369 -41.41 31.35 55.21
N VAL G 370 -40.66 32.23 54.53
CA VAL G 370 -40.34 32.01 53.13
C VAL G 370 -38.84 31.91 52.85
N ASP G 371 -38.10 32.99 53.12
CA ASP G 371 -36.88 33.25 52.34
C ASP G 371 -35.60 32.77 53.01
N ASP G 372 -35.34 33.18 54.27
CA ASP G 372 -34.09 32.78 54.90
C ASP G 372 -34.03 31.25 55.02
N LYS G 373 -34.89 30.65 55.81
CA LYS G 373 -35.08 29.21 55.71
C LYS G 373 -35.91 29.00 54.45
N ASN G 374 -35.29 28.49 53.39
CA ASN G 374 -35.85 28.63 52.05
C ASN G 374 -37.17 27.89 51.94
N GLU G 375 -37.84 28.09 50.81
CA GLU G 375 -39.16 27.51 50.61
C GLU G 375 -39.10 26.00 50.58
N ALA G 376 -37.97 25.43 50.13
CA ALA G 376 -37.82 23.99 50.18
C ALA G 376 -37.78 23.49 51.62
N MET G 377 -37.31 24.31 52.55
CA MET G 377 -37.37 23.93 53.97
C MET G 377 -38.81 23.79 54.43
N GLY G 378 -39.74 24.50 53.78
CA GLY G 378 -41.15 24.32 54.07
C GLY G 378 -41.67 22.93 53.76
N TYR G 379 -40.93 22.15 52.98
CA TYR G 379 -41.30 20.79 52.62
C TYR G 379 -40.54 19.79 53.48
N ILE G 380 -41.25 18.75 53.90
CA ILE G 380 -40.70 17.79 54.87
C ILE G 380 -39.54 17.01 54.27
N SER G 381 -39.60 16.71 52.98
CA SER G 381 -38.56 15.90 52.35
C SER G 381 -37.20 16.57 52.45
N ASN G 382 -37.16 17.89 52.25
CA ASN G 382 -35.89 18.61 52.38
C ASN G 382 -35.36 18.54 53.79
N ILE G 383 -36.25 18.64 54.78
CA ILE G 383 -35.80 18.55 56.17
C ILE G 383 -35.26 17.16 56.47
N MET G 384 -35.91 16.12 55.93
CA MET G 384 -35.40 14.77 56.10
C MET G 384 -34.02 14.64 55.47
N PHE G 385 -33.84 15.23 54.29
CA PHE G 385 -32.54 15.22 53.63
C PHE G 385 -31.48 15.90 54.48
N ILE G 386 -31.78 17.09 55.00
CA ILE G 386 -30.81 17.84 55.78
C ILE G 386 -30.48 17.09 57.07
N ASN G 387 -31.50 16.52 57.72
CA ASN G 387 -31.26 15.76 58.93
C ASN G 387 -30.41 14.54 58.64
N THR G 388 -30.62 13.88 57.50
CA THR G 388 -29.81 12.73 57.14
C THR G 388 -28.36 13.14 56.89
N ILE G 389 -28.14 14.26 56.21
CA ILE G 389 -26.78 14.73 55.98
C ILE G 389 -26.10 15.06 57.31
N ASN G 390 -26.82 15.74 58.19
CA ASN G 390 -26.28 16.05 59.50
C ASN G 390 -25.97 14.79 60.29
N LYS G 391 -26.84 13.77 60.18
CA LYS G 391 -26.62 12.54 60.91
C LYS G 391 -25.41 11.79 60.40
N ASP G 392 -25.27 11.67 59.07
CA ASP G 392 -24.10 10.98 58.53
C ASP G 392 -22.82 11.74 58.84
N THR G 393 -22.89 13.06 58.81
CA THR G 393 -21.73 13.88 59.15
C THR G 393 -21.35 13.72 60.62
N SER G 394 -22.34 13.75 61.50
CA SER G 394 -22.12 13.50 62.92
C SER G 394 -21.79 12.04 63.20
N LEU G 395 -21.96 11.16 62.21
CA LEU G 395 -21.37 9.83 62.30
C LEU G 395 -19.88 9.89 61.95
N LYS G 396 -19.54 10.70 60.95
CA LYS G 396 -18.14 10.88 60.58
C LYS G 396 -17.32 11.54 61.68
N ARG G 397 -17.99 12.19 62.65
CA ARG G 397 -17.24 12.87 63.71
C ARG G 397 -16.27 11.90 64.37
N LYS G 398 -16.77 10.71 64.73
CA LYS G 398 -15.99 9.74 65.48
C LYS G 398 -14.87 9.16 64.63
N GLU G 399 -15.06 9.13 63.31
CA GLU G 399 -13.99 8.69 62.43
C GLU G 399 -12.86 9.71 62.39
N PHE G 400 -13.21 11.01 62.41
CA PHE G 400 -12.21 12.05 62.17
C PHE G 400 -11.82 12.87 63.39
N VAL G 401 -12.68 13.04 64.38
CA VAL G 401 -12.32 13.89 65.52
C VAL G 401 -11.32 13.15 66.39
N GLY G 402 -10.23 13.84 66.74
CA GLY G 402 -9.26 13.26 67.65
C GLY G 402 -8.47 12.12 67.08
N LYS G 403 -8.39 12.00 65.76
CA LYS G 403 -7.74 10.86 65.13
C LYS G 403 -6.92 11.24 63.89
N ILE G 404 -6.80 12.53 63.55
CA ILE G 404 -6.02 12.96 62.41
C ILE G 404 -5.57 14.39 62.64
N PHE G 405 -4.40 14.73 62.12
CA PHE G 405 -3.54 15.73 62.73
C PHE G 405 -3.80 17.17 62.29
N ASN G 406 -4.88 17.47 61.57
CA ASN G 406 -5.18 18.84 61.14
C ASN G 406 -4.21 19.37 60.10
N ASP G 407 -3.25 18.57 59.64
CA ASP G 407 -2.32 19.02 58.61
C ASP G 407 -3.06 19.02 57.28
N ALA G 408 -2.34 19.35 56.20
CA ALA G 408 -2.97 19.32 54.88
C ALA G 408 -3.44 17.92 54.53
N THR G 409 -2.70 16.90 54.98
CA THR G 409 -3.09 15.52 54.70
C THR G 409 -4.42 15.17 55.37
N GLY G 410 -4.57 15.54 56.64
CA GLY G 410 -5.82 15.23 57.34
C GLY G 410 -7.01 15.97 56.75
N GLN G 411 -6.83 17.26 56.43
CA GLN G 411 -7.88 18.02 55.78
C GLN G 411 -8.25 17.41 54.44
N THR G 412 -7.25 17.01 53.67
CA THR G 412 -7.50 16.39 52.37
C THR G 412 -8.24 15.08 52.53
N THR G 413 -7.88 14.28 53.54
CA THR G 413 -8.56 13.02 53.77
C THR G 413 -10.02 13.24 54.14
N VAL G 414 -10.28 14.22 55.01
CA VAL G 414 -11.65 14.52 55.41
C VAL G 414 -12.46 14.97 54.19
N ILE G 415 -11.88 15.87 53.40
CA ILE G 415 -12.57 16.39 52.23
C ILE G 415 -12.83 15.28 51.23
N CYS G 416 -11.87 14.37 51.06
CA CYS G 416 -12.03 13.26 50.13
C CYS G 416 -13.14 12.32 50.60
N ALA G 417 -13.21 12.04 51.90
CA ALA G 417 -14.28 11.19 52.41
C ALA G 417 -15.65 11.84 52.21
N LEU G 418 -15.76 13.14 52.51
CA LEU G 418 -17.03 13.82 52.31
C LEU G 418 -17.39 13.87 50.82
N LYS G 419 -16.39 14.05 49.97
CA LYS G 419 -16.62 14.04 48.53
C LYS G 419 -17.11 12.68 48.07
N LYS G 420 -16.53 11.61 48.61
CA LYS G 420 -16.98 10.27 48.27
C LYS G 420 -18.42 10.05 48.70
N TYR G 421 -18.78 10.54 49.89
CA TYR G 421 -20.16 10.43 50.35
C TYR G 421 -21.11 11.18 49.43
N PHE G 422 -20.77 12.42 49.09
CA PHE G 422 -21.64 13.21 48.22
C PHE G 422 -21.69 12.63 46.82
N GLU G 423 -20.61 12.01 46.35
CA GLU G 423 -20.65 11.34 45.06
C GLU G 423 -21.50 10.10 45.10
N GLU G 424 -21.53 9.40 46.24
CA GLU G 424 -22.49 8.32 46.41
C GLU G 424 -23.91 8.84 46.32
N LEU G 425 -24.16 10.00 46.93
CA LEU G 425 -25.48 10.63 46.81
C LEU G 425 -25.79 10.99 45.36
N MET G 426 -24.79 11.52 44.65
CA MET G 426 -24.96 11.85 43.23
C MET G 426 -25.31 10.61 42.42
N SER G 427 -24.65 9.49 42.72
CA SER G 427 -24.91 8.26 41.98
C SER G 427 -26.36 7.81 42.15
N GLN G 428 -26.92 8.01 43.34
CA GLN G 428 -28.34 7.74 43.57
C GLN G 428 -29.24 8.75 42.87
N GLY G 429 -28.69 9.84 42.34
CA GLY G 429 -29.48 10.85 41.66
C GLY G 429 -30.19 11.82 42.56
N ILE G 430 -30.02 11.71 43.88
CA ILE G 430 -30.74 12.58 44.81
C ILE G 430 -30.29 14.02 44.64
N ILE G 431 -29.01 14.22 44.33
CA ILE G 431 -28.42 15.55 44.16
C ILE G 431 -28.13 15.74 42.68
N SER G 432 -28.54 16.89 42.15
CA SER G 432 -28.25 17.24 40.76
C SER G 432 -26.89 17.90 40.61
N GLU G 433 -26.44 18.65 41.62
CA GLU G 433 -25.16 19.33 41.58
C GLU G 433 -24.69 19.55 43.00
N PHE G 434 -23.37 19.52 43.20
CA PHE G 434 -22.80 19.82 44.50
C PHE G 434 -21.35 20.21 44.34
N ASN G 435 -20.83 20.88 45.36
CA ASN G 435 -19.40 21.03 45.58
C ASN G 435 -19.16 21.12 47.08
N VAL G 436 -18.04 20.54 47.52
CA VAL G 436 -17.65 20.57 48.92
C VAL G 436 -16.18 20.92 48.99
N ASP G 437 -15.85 21.91 49.82
CA ASP G 437 -14.50 22.46 49.87
C ASP G 437 -14.23 22.99 51.27
N ILE G 438 -12.94 23.22 51.54
CA ILE G 438 -12.55 23.80 52.82
C ILE G 438 -13.07 25.22 52.91
N ASP G 439 -13.49 25.62 54.11
CA ASP G 439 -14.02 26.96 54.35
C ASP G 439 -12.84 27.85 54.71
N THR G 440 -12.10 28.23 53.68
CA THR G 440 -10.85 28.96 53.88
C THR G 440 -11.07 30.29 54.58
N GLU G 441 -12.25 30.88 54.43
CA GLU G 441 -12.59 32.09 55.18
C GLU G 441 -12.56 31.83 56.68
N LEU G 442 -13.28 30.81 57.13
CA LEU G 442 -13.28 30.46 58.54
C LEU G 442 -12.04 29.66 58.93
N GLN G 443 -11.44 28.93 57.98
CA GLN G 443 -10.22 28.20 58.30
C GLN G 443 -9.07 29.13 58.62
N ALA G 444 -9.03 30.32 58.01
CA ALA G 444 -8.02 31.30 58.38
C ALA G 444 -8.18 31.72 59.83
N THR G 445 -9.42 31.93 60.27
CA THR G 445 -9.70 32.28 61.66
C THR G 445 -9.77 31.06 62.58
N ALA G 446 -9.72 29.85 62.03
CA ALA G 446 -9.86 28.65 62.85
C ALA G 446 -8.68 28.50 63.79
N LYS G 447 -8.97 28.03 64.99
CA LYS G 447 -7.90 27.66 65.91
C LYS G 447 -7.23 26.39 65.40
N ALA G 448 -6.00 26.16 65.86
CA ALA G 448 -5.17 25.11 65.28
C ALA G 448 -5.76 23.72 65.51
N ASP G 449 -6.59 23.54 66.53
CA ASP G 449 -7.15 22.24 66.87
C ASP G 449 -8.54 22.03 66.30
N GLU G 450 -8.91 22.77 65.26
CA GLU G 450 -10.25 22.68 64.67
C GLU G 450 -10.18 22.86 63.16
N PHE G 451 -11.31 22.55 62.50
CA PHE G 451 -11.42 22.53 61.06
C PHE G 451 -12.78 23.09 60.65
N TYR G 452 -12.80 23.86 59.57
CA TYR G 452 -14.01 24.40 58.99
C TYR G 452 -14.08 23.99 57.53
N TRP G 453 -15.31 23.75 57.05
CA TRP G 453 -15.50 23.27 55.69
C TRP G 453 -16.88 23.71 55.24
N LYS G 454 -17.05 23.81 53.92
CA LYS G 454 -18.28 24.29 53.31
C LYS G 454 -18.70 23.35 52.20
N TRP G 455 -20.01 23.32 51.93
CA TRP G 455 -20.52 22.54 50.82
C TRP G 455 -21.81 23.15 50.32
N ASP G 456 -21.97 23.14 48.99
CA ASP G 456 -23.21 23.48 48.32
C ASP G 456 -23.75 22.24 47.63
N ALA G 457 -25.08 22.21 47.46
CA ALA G 457 -25.73 21.08 46.82
C ALA G 457 -27.03 21.56 46.19
N VAL G 458 -27.61 20.70 45.37
CA VAL G 458 -28.91 20.94 44.75
C VAL G 458 -29.69 19.63 44.80
N LYS G 459 -30.60 19.52 45.75
CA LYS G 459 -31.45 18.32 45.81
C LYS G 459 -32.31 18.24 44.56
N VAL G 460 -32.51 17.02 44.08
CA VAL G 460 -33.32 16.82 42.89
C VAL G 460 -34.79 16.96 43.29
N ASP G 461 -35.54 17.70 42.51
CA ASP G 461 -36.92 18.03 42.86
C ASP G 461 -37.84 16.88 42.47
N VAL G 462 -39.16 17.12 42.60
CA VAL G 462 -40.19 16.17 42.20
C VAL G 462 -41.36 16.98 41.66
N MET G 463 -42.06 16.44 40.66
CA MET G 463 -43.28 17.11 40.20
C MET G 463 -44.32 17.16 41.31
N LYS G 464 -44.65 18.37 41.73
CA LYS G 464 -45.87 18.63 42.47
C LYS G 464 -46.95 19.20 41.55
N LYS G 465 -46.59 20.12 40.67
CA LYS G 465 -47.51 20.73 39.72
C LYS G 465 -47.13 20.28 38.31
N ILE G 466 -48.13 20.06 37.45
CA ILE G 466 -47.88 19.80 36.05
C ILE G 466 -48.97 20.48 35.23
N TYR G 467 -48.58 21.03 34.08
CA TYR G 467 -49.49 21.76 33.20
C TYR G 467 -49.33 21.27 31.78
N GLY G 468 -50.46 21.11 31.10
CA GLY G 468 -50.45 20.69 29.71
C GLY G 468 -51.33 21.59 28.87
N THR G 469 -50.91 21.78 27.62
CA THR G 469 -51.62 22.61 26.66
C THR G 469 -51.78 21.82 25.37
N GLY G 470 -52.98 21.86 24.80
CA GLY G 470 -53.35 21.00 23.68
C GLY G 470 -53.62 21.77 22.42
N TYR G 471 -53.23 21.18 21.29
CA TYR G 471 -53.50 21.70 19.96
C TYR G 471 -54.19 20.62 19.14
N LEU G 472 -55.21 21.01 18.38
CA LEU G 472 -55.96 20.10 17.52
C LEU G 472 -56.07 20.67 16.12
N GLU H 13 42.56 -51.17 23.22
CA GLU H 13 42.30 -52.59 22.85
C GLU H 13 42.71 -52.84 21.41
N ILE H 14 42.59 -54.08 20.97
CA ILE H 14 42.87 -54.44 19.58
C ILE H 14 41.75 -53.87 18.71
N PRO H 15 41.99 -53.60 17.43
CA PRO H 15 40.89 -53.12 16.59
C PRO H 15 39.81 -54.16 16.42
N GLY H 16 38.58 -53.68 16.32
CA GLY H 16 37.41 -54.54 16.25
C GLY H 16 36.17 -53.77 16.65
N PHE H 17 35.04 -54.49 16.70
CA PHE H 17 33.74 -53.87 16.99
C PHE H 17 33.17 -54.69 18.14
N TYR H 18 33.46 -54.32 19.38
CA TYR H 18 33.17 -55.18 20.52
C TYR H 18 31.99 -54.65 21.31
N ASN H 19 30.88 -55.37 21.25
CA ASN H 19 29.66 -55.01 21.95
C ASN H 19 29.77 -55.37 23.42
N ARG H 20 29.08 -54.59 24.26
CA ARG H 20 28.99 -54.87 25.69
C ARG H 20 27.59 -54.45 26.13
N PHE H 21 26.69 -55.42 26.20
CA PHE H 21 25.27 -55.13 26.40
C PHE H 21 24.96 -54.86 27.87
N LYS H 22 24.06 -53.90 28.08
CA LYS H 22 23.81 -53.31 29.40
C LYS H 22 22.31 -53.16 29.65
N THR H 23 21.52 -54.17 29.28
CA THR H 23 20.11 -54.21 29.66
C THR H 23 19.99 -54.77 31.08
N GLN H 24 20.48 -53.95 32.00
CA GLN H 24 20.56 -54.26 33.41
C GLN H 24 19.22 -53.93 34.09
N ALA H 25 18.87 -52.67 34.05
CA ALA H 25 17.70 -52.06 34.69
C ALA H 25 17.01 -51.14 33.70
N GLU H 26 16.68 -51.67 32.53
CA GLU H 26 16.18 -50.85 31.43
C GLU H 26 14.95 -50.06 31.84
N LYS H 27 13.87 -50.76 32.23
CA LYS H 27 12.70 -50.10 32.80
C LYS H 27 12.13 -50.92 33.94
N SER H 28 13.01 -51.47 34.78
CA SER H 28 12.63 -52.24 35.96
C SER H 28 12.69 -51.41 37.23
N THR H 29 12.37 -50.12 37.13
CA THR H 29 12.58 -49.16 38.20
C THR H 29 11.26 -48.51 38.60
N ASN H 30 11.17 -48.14 39.87
CA ASN H 30 10.04 -47.38 40.40
C ASN H 30 10.56 -46.44 41.47
N THR H 31 9.78 -45.39 41.75
CA THR H 31 10.19 -44.29 42.61
C THR H 31 9.27 -44.15 43.83
N GLY H 32 8.77 -45.28 44.34
CA GLY H 32 7.81 -45.25 45.43
C GLY H 32 8.42 -45.37 46.81
N LEU H 33 9.73 -45.15 46.93
CA LEU H 33 10.44 -45.35 48.19
C LEU H 33 11.40 -44.20 48.43
N LYS H 34 11.71 -43.96 49.71
CA LYS H 34 12.60 -42.87 50.11
C LYS H 34 12.99 -43.08 51.56
N GLY H 35 14.05 -42.40 51.97
CA GLY H 35 14.43 -42.30 53.36
C GLY H 35 15.23 -43.50 53.85
N ARG H 36 15.87 -43.31 55.00
CA ARG H 36 16.63 -44.35 55.67
C ARG H 36 16.45 -44.21 57.18
N LEU H 37 16.46 -45.34 57.87
CA LEU H 37 16.11 -45.41 59.28
C LEU H 37 17.13 -46.26 60.04
N ALA H 38 17.33 -45.90 61.30
CA ALA H 38 18.19 -46.62 62.22
C ALA H 38 17.36 -47.54 63.11
N MET H 39 17.95 -48.67 63.49
CA MET H 39 17.23 -49.72 64.22
C MET H 39 18.21 -50.52 65.06
N PRO H 40 18.29 -50.26 66.38
CA PRO H 40 18.79 -51.29 67.30
C PRO H 40 17.72 -52.35 67.50
N ILE H 41 18.12 -53.62 67.38
CA ILE H 41 17.17 -54.73 67.39
C ILE H 41 17.73 -55.89 68.20
N ARG H 42 16.83 -56.60 68.88
CA ARG H 42 17.12 -57.91 69.45
C ARG H 42 16.66 -58.96 68.45
N ALA H 43 17.52 -59.95 68.19
CA ALA H 43 17.25 -60.94 67.16
C ALA H 43 17.78 -62.30 67.60
N ASN H 44 17.05 -63.34 67.22
CA ASN H 44 17.52 -64.71 67.39
C ASN H 44 18.55 -65.10 66.34
N TRP H 45 18.54 -64.42 65.18
CA TRP H 45 19.38 -64.80 64.05
C TRP H 45 19.94 -63.55 63.40
N GLY H 46 21.07 -63.70 62.74
CA GLY H 46 21.67 -62.65 61.93
C GLY H 46 23.00 -62.16 62.50
N ASP H 47 23.60 -61.25 61.74
CA ASP H 47 24.90 -60.72 62.10
C ASP H 47 24.83 -59.95 63.42
N VAL H 48 25.97 -59.88 64.09
CA VAL H 48 26.09 -59.28 65.42
C VAL H 48 27.23 -58.27 65.40
N GLY H 49 27.01 -57.12 66.04
CA GLY H 49 28.05 -56.15 66.21
C GLY H 49 28.35 -55.29 65.01
N LYS H 50 27.46 -55.27 64.01
CA LYS H 50 27.65 -54.46 62.81
C LYS H 50 26.33 -53.81 62.44
N VAL H 51 26.44 -52.65 61.79
CA VAL H 51 25.28 -51.90 61.30
C VAL H 51 25.10 -52.27 59.84
N VAL H 52 24.07 -53.05 59.55
CA VAL H 52 23.80 -53.61 58.23
C VAL H 52 22.61 -52.91 57.61
N THR H 53 22.73 -52.54 56.33
CA THR H 53 21.65 -51.91 55.60
C THR H 53 20.77 -52.99 54.96
N ILE H 54 19.46 -52.78 55.03
CA ILE H 54 18.47 -53.71 54.49
C ILE H 54 17.65 -52.97 53.45
N LYS H 55 17.62 -53.52 52.24
CA LYS H 55 16.72 -53.00 51.21
C LYS H 55 15.28 -53.38 51.56
N ASN H 56 14.34 -52.66 50.97
CA ASN H 56 12.96 -52.70 51.45
C ASN H 56 12.28 -54.05 51.24
N ASP H 57 12.88 -54.97 50.48
CA ASP H 57 12.30 -56.30 50.37
C ASP H 57 12.39 -57.00 51.72
N LEU H 58 11.24 -57.41 52.26
CA LEU H 58 11.23 -58.11 53.54
C LEU H 58 11.91 -59.46 53.46
N ARG H 59 12.03 -60.05 52.26
CA ARG H 59 12.77 -61.28 52.09
C ARG H 59 14.21 -61.12 52.55
N GLN H 60 14.79 -59.95 52.31
CA GLN H 60 16.14 -59.68 52.80
C GLN H 60 16.19 -59.70 54.32
N LEU H 61 15.21 -59.06 54.97
CA LEU H 61 15.12 -59.09 56.42
C LEU H 61 14.93 -60.52 56.92
N LYS H 62 14.05 -61.27 56.28
CA LYS H 62 13.78 -62.64 56.68
C LYS H 62 15.03 -63.51 56.57
N ASN H 63 15.80 -63.30 55.50
CA ASN H 63 17.03 -64.07 55.32
C ASN H 63 18.09 -63.69 56.33
N LEU H 64 18.32 -62.39 56.53
CA LEU H 64 19.46 -61.93 57.28
C LEU H 64 19.23 -61.84 58.78
N PHE H 65 17.98 -61.92 59.24
CA PHE H 65 17.70 -61.87 60.68
C PHE H 65 16.56 -62.81 61.10
N GLY H 66 16.16 -63.76 60.25
CA GLY H 66 15.13 -64.71 60.62
C GLY H 66 13.74 -64.12 60.48
N ASP H 67 12.76 -64.95 60.82
CA ASP H 67 11.34 -64.63 60.66
C ASP H 67 10.56 -64.86 61.95
N ASP H 68 11.21 -64.67 63.10
CA ASP H 68 10.58 -64.88 64.40
C ASP H 68 9.97 -63.57 64.89
N MET H 69 8.65 -63.57 65.05
CA MET H 69 7.94 -62.39 65.53
C MET H 69 8.03 -62.20 67.04
N ASN H 70 8.59 -63.18 67.76
CA ASN H 70 8.82 -63.00 69.19
C ASN H 70 9.89 -61.97 69.50
N TYR H 71 10.65 -61.52 68.51
CA TYR H 71 11.80 -60.67 68.70
C TYR H 71 11.55 -59.32 68.04
N SER H 72 12.16 -58.28 68.61
CA SER H 72 11.98 -56.93 68.08
C SER H 72 12.44 -56.82 66.64
N ALA H 73 13.46 -57.60 66.26
CA ALA H 73 14.07 -57.50 64.94
C ALA H 73 13.06 -57.67 63.82
N PHE H 74 12.47 -58.86 63.69
CA PHE H 74 11.61 -59.13 62.56
C PHE H 74 10.34 -58.28 62.60
N LYS H 75 9.74 -58.13 63.78
CA LYS H 75 8.48 -57.39 63.89
C LYS H 75 8.67 -55.93 63.53
N LEU H 76 9.63 -55.27 64.16
CA LEU H 76 9.88 -53.86 63.88
C LEU H 76 10.43 -53.67 62.48
N GLY H 77 11.19 -54.64 61.96
CA GLY H 77 11.63 -54.55 60.59
C GLY H 77 10.46 -54.60 59.62
N LYS H 78 9.52 -55.51 59.83
CA LYS H 78 8.34 -55.57 58.99
C LYS H 78 7.55 -54.27 59.05
N LEU H 79 7.40 -53.72 60.24
CA LEU H 79 6.69 -52.44 60.37
C LEU H 79 7.40 -51.33 59.61
N ALA H 80 8.73 -51.27 59.74
CA ALA H 80 9.49 -50.23 59.03
C ALA H 80 9.39 -50.41 57.52
N LEU H 81 9.51 -51.65 57.05
CA LEU H 81 9.42 -51.91 55.61
C LEU H 81 8.05 -51.54 55.06
N LEU H 82 6.99 -51.85 55.81
CA LEU H 82 5.67 -51.37 55.45
C LEU H 82 5.58 -49.86 55.54
N GLY H 83 6.45 -49.22 56.32
CA GLY H 83 6.60 -47.78 56.26
C GLY H 83 7.24 -47.28 54.98
N ASN H 84 7.73 -48.17 54.12
CA ASN H 84 8.21 -47.82 52.79
C ASN H 84 9.52 -47.02 52.85
N VAL H 85 10.43 -47.44 53.72
CA VAL H 85 11.75 -46.83 53.78
C VAL H 85 12.60 -47.41 52.66
N LYS H 86 13.39 -46.55 52.02
CA LYS H 86 14.23 -47.00 50.90
C LYS H 86 15.26 -48.02 51.37
N GLU H 87 15.90 -47.76 52.51
CA GLU H 87 16.90 -48.66 53.05
C GLU H 87 16.83 -48.62 54.57
N LEU H 88 16.64 -49.79 55.18
CA LEU H 88 16.49 -49.91 56.61
C LEU H 88 17.79 -50.44 57.20
N LEU H 89 18.38 -49.66 58.11
CA LEU H 89 19.67 -49.99 58.72
C LEU H 89 19.43 -50.57 60.11
N LEU H 90 19.94 -51.79 60.32
CA LEU H 90 19.70 -52.56 61.53
C LEU H 90 21.00 -52.76 62.31
N TYR H 91 20.85 -53.10 63.58
CA TYR H 91 21.99 -53.47 64.41
C TYR H 91 21.50 -54.46 65.46
N ARG H 92 22.11 -55.64 65.50
CA ARG H 92 21.68 -56.69 66.43
C ARG H 92 22.28 -56.44 67.79
N LEU H 93 21.42 -56.32 68.80
CA LEU H 93 21.84 -56.13 70.18
C LEU H 93 21.98 -57.47 70.88
N VAL H 94 23.03 -57.61 71.68
CA VAL H 94 23.32 -58.86 72.37
C VAL H 94 24.00 -58.55 73.70
N ASP H 95 23.89 -59.49 74.62
CA ASP H 95 24.78 -59.55 75.77
C ASP H 95 26.04 -60.30 75.37
N GLY H 96 27.15 -60.01 76.07
CA GLY H 96 28.43 -60.61 75.71
C GLY H 96 28.42 -62.13 75.71
N ASN H 97 27.57 -62.74 76.54
CA ASN H 97 27.45 -64.20 76.56
C ASN H 97 26.79 -64.77 75.32
N GLN H 98 26.21 -63.93 74.46
CA GLN H 98 25.47 -64.44 73.31
C GLN H 98 26.41 -65.17 72.36
N LYS H 99 25.93 -66.29 71.80
CA LYS H 99 26.81 -67.33 71.28
C LYS H 99 26.17 -68.02 70.09
N LYS H 100 27.02 -68.67 69.29
CA LYS H 100 26.62 -69.50 68.17
C LYS H 100 26.33 -70.93 68.61
N GLY H 101 25.35 -71.56 67.95
CA GLY H 101 25.15 -72.98 68.11
C GLY H 101 26.25 -73.77 67.41
N THR H 102 26.49 -74.99 67.92
CA THR H 102 27.60 -75.79 67.43
C THR H 102 27.26 -77.27 67.56
N LEU H 103 27.83 -78.06 66.65
CA LEU H 103 27.74 -79.51 66.69
C LEU H 103 29.06 -80.08 66.17
N THR H 104 29.40 -81.28 66.64
CA THR H 104 30.64 -81.94 66.28
C THR H 104 30.34 -83.33 65.71
N LEU H 105 31.17 -83.74 64.76
CA LEU H 105 31.06 -85.03 64.10
C LEU H 105 32.32 -85.84 64.35
N LYS H 106 32.19 -87.16 64.26
CA LYS H 106 33.27 -88.08 64.59
C LYS H 106 33.29 -89.22 63.59
N ASP H 107 34.46 -89.83 63.44
CA ASP H 107 34.63 -90.96 62.53
C ASP H 107 34.24 -92.26 63.21
N THR H 108 34.12 -93.32 62.40
CA THR H 108 33.76 -94.66 62.87
C THR H 108 34.71 -95.75 62.43
N THR H 109 35.66 -95.46 61.53
CA THR H 109 36.60 -96.49 61.09
C THR H 109 37.46 -96.99 62.23
N GLU H 110 37.93 -96.08 63.08
CA GLU H 110 38.79 -96.42 64.20
C GLU H 110 37.95 -96.70 65.43
N ASN H 111 38.40 -97.69 66.23
CA ASN H 111 37.71 -97.97 67.49
C ASN H 111 37.75 -96.77 68.42
N SER H 112 38.92 -96.12 68.53
CA SER H 112 39.06 -94.86 69.25
C SER H 112 38.67 -93.74 68.29
N ALA H 113 37.36 -93.50 68.21
CA ALA H 113 36.84 -92.51 67.27
C ALA H 113 37.36 -91.12 67.61
N LYS H 114 37.67 -90.35 66.56
CA LYS H 114 38.27 -89.03 66.67
C LYS H 114 37.39 -88.01 65.97
N ASP H 115 37.21 -86.86 66.61
CA ASP H 115 36.43 -85.78 66.01
C ASP H 115 37.15 -85.27 64.77
N VAL H 116 36.40 -85.13 63.67
CA VAL H 116 36.96 -84.77 62.38
C VAL H 116 36.26 -83.59 61.72
N ILE H 117 35.00 -83.29 62.06
CA ILE H 117 34.28 -82.16 61.51
C ILE H 117 33.47 -81.52 62.64
N LYS H 118 33.41 -80.19 62.63
CA LYS H 118 32.56 -79.42 63.52
C LYS H 118 31.66 -78.53 62.69
N LEU H 119 30.39 -78.46 63.08
CA LEU H 119 29.38 -77.63 62.43
C LEU H 119 28.97 -76.53 63.39
N GLU H 120 28.96 -75.29 62.91
CA GLU H 120 28.59 -74.12 63.70
C GLU H 120 27.68 -73.23 62.87
N THR H 121 26.66 -72.68 63.53
CA THR H 121 25.72 -71.80 62.84
C THR H 121 26.45 -70.58 62.27
N LYS H 122 26.06 -70.17 61.07
CA LYS H 122 26.74 -69.06 60.41
C LYS H 122 26.59 -67.76 61.20
N TYR H 123 25.50 -67.62 61.94
CA TYR H 123 25.23 -66.45 62.76
C TYR H 123 24.96 -66.87 64.20
N PRO H 124 25.24 -66.01 65.18
CA PRO H 124 24.90 -66.37 66.56
C PRO H 124 23.39 -66.53 66.73
N THR H 125 23.02 -67.51 67.54
CA THR H 125 21.62 -67.85 67.74
C THR H 125 21.51 -68.84 68.91
N ALA H 126 20.28 -69.28 69.17
CA ALA H 126 20.02 -70.41 70.04
C ALA H 126 18.97 -71.35 69.46
N ARG H 127 18.59 -71.18 68.19
CA ARG H 127 17.53 -71.98 67.61
C ARG H 127 17.98 -73.43 67.43
N ASN H 128 17.00 -74.30 67.22
CA ASN H 128 17.25 -75.74 67.12
C ASN H 128 17.54 -76.13 65.66
N PHE H 129 18.62 -75.56 65.13
CA PHE H 129 19.11 -75.99 63.83
C PHE H 129 19.70 -77.38 63.97
N ASN H 130 19.17 -78.33 63.21
CA ASN H 130 19.47 -79.75 63.37
C ASN H 130 20.12 -80.30 62.11
N VAL H 131 20.84 -81.41 62.28
CA VAL H 131 21.59 -82.03 61.20
C VAL H 131 21.42 -83.55 61.30
N THR H 132 21.41 -84.19 60.12
CA THR H 132 21.30 -85.64 60.01
C THR H 132 22.38 -86.15 59.06
N ILE H 133 23.03 -87.24 59.46
CA ILE H 133 23.98 -87.95 58.61
C ILE H 133 23.61 -89.42 58.61
N LYS H 134 23.53 -90.02 57.43
CA LYS H 134 23.14 -91.41 57.28
C LYS H 134 23.91 -92.03 56.13
N SER H 135 23.95 -93.36 56.12
CA SER H 135 24.66 -94.08 55.07
C SER H 135 23.98 -93.87 53.74
N ASN H 136 24.78 -93.58 52.71
CA ASN H 136 24.25 -93.43 51.37
C ASN H 136 23.81 -94.79 50.83
N LEU H 137 22.61 -94.83 50.25
CA LEU H 137 22.05 -96.08 49.77
C LEU H 137 22.60 -96.49 48.41
N VAL H 138 23.25 -95.58 47.68
CA VAL H 138 23.77 -95.88 46.34
C VAL H 138 25.24 -96.25 46.44
N ASP H 139 26.05 -95.33 46.93
CA ASP H 139 27.49 -95.53 47.06
C ASP H 139 27.83 -95.95 48.48
N SER H 140 28.77 -96.88 48.61
CA SER H 140 29.08 -97.46 49.91
C SER H 140 29.68 -96.44 50.87
N ASP H 141 30.70 -95.71 50.42
CA ASP H 141 31.44 -94.81 51.31
C ASP H 141 30.77 -93.46 51.49
N LYS H 142 29.70 -93.17 50.75
CA LYS H 142 29.07 -91.86 50.82
C LYS H 142 28.15 -91.77 52.04
N LYS H 143 28.10 -90.58 52.63
CA LYS H 143 27.19 -90.26 53.72
C LYS H 143 26.29 -89.13 53.28
N ASP H 144 24.99 -89.27 53.56
CA ASP H 144 24.00 -88.28 53.14
C ASP H 144 23.85 -87.25 54.25
N PHE H 145 24.35 -86.04 54.00
CA PHE H 145 24.30 -84.96 54.98
C PHE H 145 23.05 -84.13 54.75
N ILE H 146 22.16 -84.09 55.75
CA ILE H 146 20.90 -83.35 55.67
C ILE H 146 20.82 -82.42 56.87
N PHE H 147 20.20 -81.27 56.65
CA PHE H 147 20.15 -80.19 57.63
C PHE H 147 18.71 -79.75 57.82
N PHE H 148 18.35 -79.43 59.06
CA PHE H 148 16.98 -79.06 59.42
C PHE H 148 17.00 -77.93 60.42
N GLU H 149 15.80 -77.43 60.73
CA GLU H 149 15.54 -76.60 61.89
C GLU H 149 14.24 -77.08 62.50
N ASN H 150 14.32 -77.75 63.65
CA ASN H 150 13.17 -78.41 64.25
C ASN H 150 12.54 -79.41 63.29
N THR H 151 13.38 -80.17 62.59
CA THR H 151 13.02 -81.19 61.62
C THR H 151 12.53 -80.62 60.30
N LYS H 152 12.44 -79.30 60.14
CA LYS H 152 12.10 -78.69 58.86
C LYS H 152 13.38 -78.62 58.03
N GLN H 153 13.43 -79.43 56.97
CA GLN H 153 14.68 -79.60 56.25
C GLN H 153 15.09 -78.34 55.51
N LEU H 154 16.39 -78.03 55.59
CA LEU H 154 17.00 -76.93 54.87
C LEU H 154 17.66 -77.41 53.58
N PHE H 155 18.55 -78.40 53.70
CA PHE H 155 19.40 -78.80 52.59
C PHE H 155 19.86 -80.23 52.80
N SER H 156 20.07 -80.94 51.70
CA SER H 156 20.57 -82.32 51.71
C SER H 156 21.72 -82.45 50.73
N SER H 157 22.68 -83.31 51.06
CA SER H 157 23.85 -83.53 50.21
C SER H 157 24.44 -84.89 50.53
N SER H 158 25.31 -85.36 49.62
CA SER H 158 25.97 -86.65 49.76
C SER H 158 27.39 -86.54 49.23
N ILE H 159 28.37 -86.94 50.04
CA ILE H 159 29.78 -86.89 49.66
C ILE H 159 30.47 -88.15 50.18
N LYS H 160 31.46 -88.61 49.42
CA LYS H 160 32.27 -89.76 49.80
C LYS H 160 32.93 -89.52 51.17
N GLY H 161 33.47 -90.60 51.73
CA GLY H 161 33.97 -90.58 53.10
C GLY H 161 35.36 -90.03 53.28
N THR H 162 35.65 -88.87 52.68
CA THR H 162 36.87 -88.11 52.95
C THR H 162 36.47 -86.76 53.52
N ILE H 163 37.13 -86.36 54.60
CA ILE H 163 36.65 -85.23 55.39
C ILE H 163 36.79 -83.91 54.63
N ASP H 164 37.87 -83.77 53.85
CA ASP H 164 38.12 -82.50 53.16
C ASP H 164 37.02 -82.19 52.16
N GLU H 165 36.69 -83.16 51.31
CA GLU H 165 35.62 -82.96 50.33
C GLU H 165 34.28 -82.76 51.02
N ILE H 166 34.06 -83.45 52.14
CA ILE H 166 32.80 -83.30 52.87
C ILE H 166 32.63 -81.86 53.36
N VAL H 167 33.65 -81.33 54.03
CA VAL H 167 33.53 -79.98 54.57
C VAL H 167 33.48 -78.96 53.44
N LEU H 168 34.24 -79.20 52.37
CA LEU H 168 34.21 -78.27 51.24
C LEU H 168 32.83 -78.21 50.59
N GLU H 169 32.19 -79.37 50.41
CA GLU H 169 30.84 -79.36 49.86
C GLU H 169 29.85 -78.71 50.81
N ILE H 170 29.97 -79.01 52.12
CA ILE H 170 29.01 -78.47 53.08
C ILE H 170 29.14 -76.94 53.15
N ASN H 171 30.35 -76.41 52.99
CA ASN H 171 30.55 -74.97 52.95
C ASN H 171 30.33 -74.37 51.57
N SER H 172 30.22 -75.19 50.52
CA SER H 172 30.15 -74.67 49.16
C SER H 172 28.75 -74.15 48.84
N ASN H 173 27.75 -75.02 48.92
CA ASN H 173 26.40 -74.63 48.54
C ASN H 173 25.84 -73.63 49.53
N LEU H 174 25.24 -72.56 49.00
CA LEU H 174 24.58 -71.55 49.82
C LEU H 174 23.22 -72.02 50.33
N ASP H 175 22.74 -73.18 49.88
CA ASP H 175 21.60 -73.80 50.54
C ASP H 175 21.93 -74.15 51.99
N ASN H 176 23.21 -74.39 52.27
CA ASN H 176 23.71 -74.65 53.63
C ASN H 176 24.23 -73.38 54.29
N GLU H 177 23.68 -72.22 53.95
CA GLU H 177 24.17 -70.96 54.49
C GLU H 177 23.92 -70.82 55.98
N TYR H 178 22.98 -71.60 56.54
CA TYR H 178 22.69 -71.50 57.96
C TYR H 178 23.86 -71.93 58.84
N VAL H 179 24.77 -72.75 58.31
CA VAL H 179 25.78 -73.43 59.11
C VAL H 179 27.11 -73.40 58.37
N ILE H 180 28.19 -73.37 59.15
CA ILE H 180 29.56 -73.42 58.63
C ILE H 180 30.21 -74.71 59.13
N ALA H 181 30.84 -75.44 58.21
CA ALA H 181 31.56 -76.66 58.53
C ALA H 181 33.06 -76.38 58.56
N THR H 182 33.74 -76.90 59.58
CA THR H 182 35.18 -76.76 59.71
C THR H 182 35.80 -78.12 60.03
N LYS H 183 36.99 -78.35 59.50
CA LYS H 183 37.68 -79.62 59.66
C LYS H 183 38.42 -79.64 60.99
N VAL H 184 38.16 -80.68 61.80
CA VAL H 184 38.84 -80.86 63.07
C VAL H 184 40.12 -81.66 62.91
N ALA H 185 40.12 -82.64 61.99
CA ALA H 185 41.30 -83.45 61.74
C ALA H 185 41.30 -83.88 60.28
N ASP H 186 42.50 -84.22 59.79
CA ASP H 186 42.69 -84.62 58.39
C ASP H 186 42.56 -86.14 58.30
N SER H 187 41.31 -86.60 58.37
CA SER H 187 40.98 -88.01 58.31
C SER H 187 40.34 -88.35 56.97
N ASP H 188 40.52 -89.60 56.55
CA ASP H 188 39.84 -90.17 55.40
C ASP H 188 38.91 -91.31 55.82
N THR H 189 38.37 -91.22 57.03
CA THR H 189 37.60 -92.28 57.64
C THR H 189 36.10 -92.01 57.52
N ILE H 190 35.32 -93.08 57.71
CA ILE H 190 33.87 -92.98 57.58
C ILE H 190 33.31 -92.23 58.76
N LEU H 191 32.42 -91.27 58.49
CA LEU H 191 31.83 -90.45 59.54
C LEU H 191 30.79 -91.25 60.32
N ALA H 192 30.47 -90.75 61.51
CA ALA H 192 29.42 -91.32 62.34
C ALA H 192 28.07 -90.73 61.94
N ASN H 193 27.05 -91.59 61.95
CA ASN H 193 25.71 -91.16 61.58
C ASN H 193 25.05 -90.41 62.74
N VAL H 194 24.42 -89.29 62.41
CA VAL H 194 23.64 -88.50 63.35
C VAL H 194 22.25 -88.31 62.75
N VAL H 195 21.28 -88.05 63.62
CA VAL H 195 19.89 -87.89 63.20
C VAL H 195 19.27 -86.71 63.93
N ASN H 196 19.14 -85.59 63.23
CA ASN H 196 18.44 -84.41 63.75
C ASN H 196 19.11 -83.89 65.02
N GLN H 197 20.44 -83.90 65.04
CA GLN H 197 21.19 -83.42 66.19
C GLN H 197 21.31 -81.91 66.13
N ALA H 198 20.83 -81.23 67.17
CA ALA H 198 20.82 -79.78 67.18
C ALA H 198 22.23 -79.22 67.37
N LEU H 199 22.48 -78.07 66.76
CA LEU H 199 23.74 -77.35 66.94
C LEU H 199 23.63 -76.58 68.26
N GLU H 200 24.05 -77.25 69.34
CA GLU H 200 23.88 -76.72 70.68
C GLU H 200 25.04 -75.79 71.03
N GLY H 201 24.98 -75.24 72.24
CA GLY H 201 25.97 -74.29 72.71
C GLY H 201 25.71 -72.85 72.35
N GLY H 202 24.65 -72.57 71.59
CA GLY H 202 24.33 -71.21 71.22
C GLY H 202 23.49 -70.50 72.27
N ASN H 203 23.44 -69.18 72.15
CA ASN H 203 22.67 -68.32 73.04
C ASN H 203 21.92 -67.30 72.18
N ASP H 204 20.78 -66.86 72.70
CA ASP H 204 19.70 -66.35 71.83
C ASP H 204 19.93 -64.91 71.38
N GLY H 205 19.91 -63.96 72.32
CA GLY H 205 19.94 -62.55 71.98
C GLY H 205 19.02 -61.70 72.84
N CYS H 206 18.00 -62.31 73.42
CA CYS H 206 17.18 -61.66 74.45
C CYS H 206 17.77 -61.87 75.85
N THR H 207 18.99 -62.38 75.95
CA THR H 207 19.58 -62.76 77.22
C THR H 207 20.23 -61.55 77.86
N SER H 208 19.61 -61.02 78.92
CA SER H 208 20.21 -60.00 79.77
C SER H 208 20.60 -58.74 78.99
N ILE H 209 19.73 -58.31 78.09
CA ILE H 209 19.96 -57.09 77.33
C ILE H 209 19.59 -55.90 78.21
N THR H 210 20.52 -54.96 78.34
CA THR H 210 20.40 -53.82 79.24
C THR H 210 20.75 -52.53 78.50
N ASN H 211 20.71 -51.42 79.23
CA ASN H 211 20.94 -50.12 78.63
C ASN H 211 22.32 -50.00 78.01
N GLU H 212 23.30 -50.71 78.53
CA GLU H 212 24.66 -50.63 78.01
C GLU H 212 24.73 -51.14 76.58
N SER H 213 23.98 -52.20 76.28
CA SER H 213 23.93 -52.71 74.91
C SER H 213 23.37 -51.66 73.96
N TYR H 214 22.31 -50.98 74.37
CA TYR H 214 21.74 -49.91 73.54
C TYR H 214 22.73 -48.77 73.37
N LEU H 215 23.46 -48.44 74.44
CA LEU H 215 24.47 -47.38 74.34
C LEU H 215 25.54 -47.74 73.34
N LYS H 216 26.02 -48.98 73.40
CA LYS H 216 27.01 -49.45 72.43
C LYS H 216 26.46 -49.40 71.01
N ALA H 217 25.19 -49.81 70.85
CA ALA H 217 24.56 -49.76 69.53
C ALA H 217 24.49 -48.33 69.01
N LEU H 218 24.13 -47.38 69.87
CA LEU H 218 24.08 -45.99 69.45
C LEU H 218 25.46 -45.47 69.06
N GLU H 219 26.48 -45.86 69.84
CA GLU H 219 27.84 -45.45 69.51
C GLU H 219 28.26 -46.00 68.15
N GLU H 220 27.87 -47.24 67.86
CA GLU H 220 28.08 -47.76 66.51
C GLU H 220 27.32 -46.94 65.48
N PHE H 221 26.09 -46.55 65.81
CA PHE H 221 25.26 -45.78 64.88
C PHE H 221 25.77 -44.36 64.66
N GLU H 222 26.68 -43.88 65.52
CA GLU H 222 27.28 -42.56 65.30
C GLU H 222 27.99 -42.47 63.95
N ARG H 223 28.47 -43.61 63.43
CA ARG H 223 29.21 -43.62 62.18
C ARG H 223 28.37 -43.12 61.02
N TYR H 224 27.10 -43.55 60.97
CA TYR H 224 26.28 -43.40 59.78
C TYR H 224 25.46 -42.12 59.86
N SER H 225 24.68 -41.88 58.81
CA SER H 225 23.72 -40.78 58.74
C SER H 225 22.33 -41.36 58.54
N PHE H 226 21.34 -40.73 59.17
CA PHE H 226 19.98 -41.24 59.20
C PHE H 226 18.98 -40.12 59.05
N ASP H 227 17.75 -40.50 58.68
CA ASP H 227 16.62 -39.60 58.68
C ASP H 227 15.82 -39.66 59.98
N SER H 228 15.86 -40.79 60.70
CA SER H 228 15.15 -40.90 61.95
C SER H 228 15.69 -42.06 62.77
N PHE H 229 15.36 -42.04 64.06
CA PHE H 229 15.73 -43.08 65.01
C PHE H 229 14.53 -43.34 65.92
N VAL H 230 14.36 -44.60 66.35
CA VAL H 230 13.14 -45.00 67.05
C VAL H 230 13.41 -45.82 68.32
N LEU H 231 14.64 -46.29 68.50
CA LEU H 231 15.06 -46.95 69.75
C LEU H 231 14.29 -48.25 70.00
N ASP H 232 14.38 -49.17 69.04
CA ASP H 232 14.08 -50.59 69.24
C ASP H 232 12.64 -50.85 69.68
N GLY H 233 11.75 -49.87 69.56
CA GLY H 233 10.39 -50.07 70.04
C GLY H 233 10.30 -50.33 71.53
N VAL H 234 11.25 -49.81 72.30
CA VAL H 234 11.32 -50.00 73.75
C VAL H 234 11.17 -48.64 74.41
N ALA H 235 10.33 -48.57 75.44
CA ALA H 235 9.95 -47.33 76.09
C ALA H 235 10.64 -47.14 77.44
N ASP H 236 11.77 -47.80 77.67
CA ASP H 236 12.49 -47.63 78.92
C ASP H 236 12.97 -46.20 79.05
N GLU H 237 12.73 -45.60 80.22
CA GLU H 237 12.92 -44.16 80.39
C GLU H 237 14.39 -43.77 80.25
N ALA H 238 15.28 -44.44 81.00
CA ALA H 238 16.68 -44.06 81.02
C ALA H 238 17.29 -44.13 79.62
N LEU H 239 16.91 -45.14 78.85
CA LEU H 239 17.30 -45.20 77.46
C LEU H 239 16.79 -43.98 76.69
N GLN H 240 15.59 -43.52 77.02
CA GLN H 240 15.04 -42.36 76.30
C GLN H 240 15.83 -41.10 76.61
N GLU H 241 16.17 -40.85 77.88
CA GLU H 241 17.00 -39.68 78.17
C GLU H 241 18.38 -39.81 77.53
N THR H 242 18.95 -41.02 77.55
CA THR H 242 20.25 -41.23 76.95
C THR H 242 20.21 -40.92 75.46
N THR H 243 19.18 -41.40 74.77
CA THR H 243 19.06 -41.13 73.34
C THR H 243 18.76 -39.66 73.08
N LYS H 244 18.04 -39.00 73.97
CA LYS H 244 17.79 -37.57 73.84
C LYS H 244 19.12 -36.80 73.87
N ALA H 245 19.95 -37.10 74.87
CA ALA H 245 21.25 -36.44 74.95
C ALA H 245 22.12 -36.79 73.75
N TRP H 246 22.04 -38.03 73.30
CA TRP H 246 22.84 -38.47 72.16
C TRP H 246 22.44 -37.72 70.89
N VAL H 247 21.14 -37.54 70.67
CA VAL H 247 20.67 -36.81 69.50
C VAL H 247 21.04 -35.34 69.61
N ALA H 248 20.97 -34.77 70.81
CA ALA H 248 21.39 -33.38 70.99
C ALA H 248 22.87 -33.22 70.64
N LYS H 249 23.70 -34.16 71.10
CA LYS H 249 25.11 -34.13 70.75
C LYS H 249 25.31 -34.24 69.25
N ASN H 250 24.57 -35.14 68.60
CA ASN H 250 24.71 -35.31 67.16
C ASN H 250 24.30 -34.05 66.42
N LYS H 251 23.24 -33.39 66.88
CA LYS H 251 22.83 -32.12 66.27
C LYS H 251 23.93 -31.08 66.41
N GLU H 252 24.49 -30.96 67.61
CA GLU H 252 25.57 -29.98 67.82
C GLU H 252 26.80 -30.32 67.00
N LEU H 253 27.00 -31.60 66.68
CA LEU H 253 28.11 -32.05 65.85
C LEU H 253 27.80 -32.00 64.36
N GLY H 254 26.67 -31.41 63.98
CA GLY H 254 26.31 -31.28 62.58
C GLY H 254 25.58 -32.45 61.97
N LYS H 255 25.21 -33.44 62.77
CA LYS H 255 24.42 -34.58 62.31
C LYS H 255 22.99 -34.38 62.76
N ASP H 256 22.08 -34.18 61.80
CA ASP H 256 20.70 -33.78 62.09
C ASP H 256 19.83 -35.02 62.10
N ILE H 257 19.81 -35.69 63.25
CA ILE H 257 19.07 -36.93 63.43
C ILE H 257 17.76 -36.62 64.15
N LEU H 258 16.66 -37.13 63.61
CA LEU H 258 15.34 -37.01 64.22
C LEU H 258 15.07 -38.26 65.04
N LEU H 259 14.32 -38.09 66.13
CA LEU H 259 14.03 -39.18 67.05
C LEU H 259 12.52 -39.29 67.28
N PHE H 260 12.01 -40.51 67.14
CA PHE H 260 10.64 -40.85 67.50
C PHE H 260 10.66 -41.76 68.71
N LEU H 261 9.67 -41.59 69.58
CA LEU H 261 9.56 -42.36 70.80
C LEU H 261 8.11 -42.72 71.06
N GLY H 262 7.91 -43.77 71.85
CA GLY H 262 6.58 -44.18 72.26
C GLY H 262 6.55 -44.54 73.73
N GLY H 263 5.51 -44.07 74.42
CA GLY H 263 5.40 -44.34 75.83
C GLY H 263 5.01 -45.77 76.12
N LYS H 264 5.03 -46.10 77.41
CA LYS H 264 4.66 -47.44 77.84
C LYS H 264 3.15 -47.65 77.70
N THR H 265 2.77 -48.91 77.49
CA THR H 265 1.35 -49.24 77.39
C THR H 265 0.62 -48.93 78.68
N GLU H 266 1.31 -48.98 79.82
CA GLU H 266 0.67 -48.72 81.10
C GLU H 266 0.37 -47.24 81.31
N ASP H 267 1.05 -46.34 80.59
CA ASP H 267 0.86 -44.91 80.81
C ASP H 267 -0.52 -44.49 80.34
N ASN H 268 -1.22 -43.75 81.20
CA ASN H 268 -2.45 -43.11 80.79
C ASN H 268 -2.15 -41.97 79.84
N ILE H 269 -3.20 -41.49 79.16
CA ILE H 269 -3.03 -40.36 78.25
C ILE H 269 -2.51 -39.15 78.98
N LYS H 270 -2.88 -38.99 80.26
CA LYS H 270 -2.29 -37.92 81.07
C LYS H 270 -0.79 -38.13 81.23
N GLN H 271 -0.37 -39.36 81.53
CA GLN H 271 1.05 -39.64 81.69
C GLN H 271 1.79 -39.46 80.37
N ILE H 272 1.19 -39.90 79.27
CA ILE H 272 1.79 -39.72 77.96
C ILE H 272 1.95 -38.24 77.66
N ASN H 273 0.93 -37.44 77.98
CA ASN H 273 1.03 -36.00 77.75
C ASN H 273 2.08 -35.37 78.64
N ASP H 274 2.23 -35.87 79.87
CA ASP H 274 3.29 -35.37 80.75
C ASP H 274 4.66 -35.68 80.15
N LYS H 275 4.84 -36.89 79.62
CA LYS H 275 6.11 -37.22 78.99
C LYS H 275 6.36 -36.38 77.75
N SER H 276 5.32 -36.15 76.94
CA SER H 276 5.44 -35.31 75.76
C SER H 276 5.71 -33.86 76.14
N LYS H 277 5.31 -33.45 77.34
CA LYS H 277 5.72 -32.15 77.86
C LYS H 277 7.18 -32.16 78.28
N SER H 278 7.62 -33.26 78.90
CA SER H 278 9.00 -33.35 79.35
C SER H 278 9.95 -33.24 78.17
N PHE H 279 9.63 -33.91 77.07
CA PHE H 279 10.35 -33.70 75.83
C PHE H 279 9.87 -32.42 75.18
N ASN H 280 10.80 -31.53 74.86
CA ASN H 280 10.47 -30.29 74.15
C ASN H 280 11.46 -29.97 73.03
N ASP H 281 12.51 -30.77 72.86
CA ASP H 281 13.34 -30.62 71.68
C ASP H 281 12.56 -31.03 70.44
N GLU H 282 12.75 -30.27 69.36
CA GLU H 282 11.95 -30.49 68.16
C GLU H 282 12.20 -31.85 67.55
N ASN H 283 13.38 -32.43 67.74
CA ASN H 283 13.72 -33.73 67.17
C ASN H 283 13.15 -34.89 67.96
N ILE H 284 12.26 -34.65 68.92
CA ILE H 284 11.65 -35.70 69.74
C ILE H 284 10.18 -35.76 69.41
N VAL H 285 9.70 -36.97 69.12
CA VAL H 285 8.29 -37.23 68.83
C VAL H 285 7.85 -38.36 69.75
N ASN H 286 6.81 -38.10 70.54
CA ASN H 286 6.28 -39.07 71.50
C ASN H 286 4.98 -39.65 70.98
N VAL H 287 4.88 -40.98 70.99
CA VAL H 287 3.73 -41.71 70.48
C VAL H 287 2.98 -42.32 71.65
N GLY H 288 1.66 -42.10 71.68
CA GLY H 288 0.83 -42.57 72.77
C GLY H 288 -0.03 -43.77 72.42
N SER H 289 -0.59 -43.78 71.23
CA SER H 289 -1.58 -44.79 70.87
C SER H 289 -0.92 -46.13 70.57
N SER H 290 -1.61 -47.19 70.95
CA SER H 290 -1.29 -48.56 70.54
C SER H 290 -2.17 -48.95 69.36
N ALA H 291 -1.83 -50.07 68.73
CA ALA H 291 -2.53 -50.45 67.50
C ALA H 291 -2.37 -51.94 67.25
N TYR H 292 -3.23 -52.45 66.37
CA TYR H 292 -3.19 -53.81 65.86
C TYR H 292 -3.11 -53.77 64.35
N TYR H 293 -2.28 -54.63 63.77
CA TYR H 293 -2.17 -54.76 62.32
C TYR H 293 -2.63 -56.13 61.83
N GLU H 294 -1.95 -57.21 62.23
CA GLU H 294 -2.40 -58.57 61.96
C GLU H 294 -3.05 -59.19 63.19
N ASN H 295 -4.06 -58.50 63.71
CA ASN H 295 -4.77 -58.93 64.91
C ASN H 295 -3.82 -59.09 66.11
N ILE H 296 -2.70 -58.37 66.10
CA ILE H 296 -1.65 -58.48 67.12
C ILE H 296 -1.31 -57.07 67.56
N LYS H 297 -1.31 -56.85 68.88
CA LYS H 297 -1.15 -55.50 69.40
C LYS H 297 0.27 -55.01 69.16
N TYR H 298 0.42 -53.68 69.17
CA TYR H 298 1.71 -53.02 69.08
C TYR H 298 1.75 -51.90 70.10
N THR H 299 2.79 -51.89 70.93
CA THR H 299 2.94 -50.86 71.95
C THR H 299 3.16 -49.51 71.27
N PRO H 300 3.04 -48.40 72.01
CA PRO H 300 3.24 -47.09 71.37
C PRO H 300 4.59 -46.92 70.71
N SER H 301 5.63 -47.57 71.25
CA SER H 301 6.95 -47.49 70.62
C SER H 301 7.05 -48.39 69.39
N GLU H 302 6.39 -49.55 69.42
CA GLU H 302 6.39 -50.43 68.26
C GLU H 302 5.72 -49.74 67.07
N VAL H 303 4.64 -49.02 67.31
CA VAL H 303 4.04 -48.21 66.27
C VAL H 303 4.82 -46.91 66.02
N ALA H 304 5.62 -46.47 67.00
CA ALA H 304 6.52 -45.36 66.74
C ALA H 304 7.54 -45.73 65.68
N VAL H 305 7.94 -47.00 65.64
CA VAL H 305 8.79 -47.47 64.56
C VAL H 305 8.11 -47.23 63.22
N TYR H 306 6.84 -47.63 63.11
CA TYR H 306 6.12 -47.51 61.85
C TYR H 306 5.91 -46.05 61.47
N ILE H 307 5.57 -45.19 62.44
CA ILE H 307 5.29 -43.80 62.10
C ILE H 307 6.58 -43.10 61.69
N ALA H 308 7.70 -43.41 62.34
CA ALA H 308 8.98 -42.85 61.89
C ALA H 308 9.32 -43.33 60.49
N ALA H 309 9.10 -44.61 60.21
CA ALA H 309 9.37 -45.14 58.88
C ALA H 309 8.52 -44.44 57.83
N LEU H 310 7.24 -44.26 58.12
CA LEU H 310 6.35 -43.59 57.18
C LEU H 310 6.75 -42.14 56.99
N SER H 311 7.19 -41.48 58.07
CA SER H 311 7.62 -40.08 57.96
C SER H 311 8.83 -39.95 57.06
N VAL H 312 9.85 -40.79 57.28
CA VAL H 312 11.05 -40.68 56.46
C VAL H 312 10.75 -41.09 55.01
N SER H 313 9.87 -42.07 54.82
CA SER H 313 9.47 -42.44 53.47
C SER H 313 8.76 -41.28 52.78
N LYS H 314 7.95 -40.53 53.53
CA LYS H 314 7.31 -39.34 52.97
C LYS H 314 8.34 -38.32 52.52
N GLY H 315 9.38 -38.11 53.32
CA GLY H 315 10.38 -37.13 52.97
C GLY H 315 9.79 -35.75 52.91
N ILE H 316 10.34 -34.94 52.01
CA ILE H 316 9.79 -33.63 51.68
C ILE H 316 8.68 -33.88 50.67
N THR H 317 7.85 -32.86 50.40
CA THR H 317 6.72 -32.98 49.48
C THR H 317 5.62 -33.86 50.05
N GLY H 318 5.43 -33.81 51.36
CA GLY H 318 4.40 -34.61 51.99
C GLY H 318 4.38 -34.36 53.48
N SER H 319 3.48 -35.08 54.14
CA SER H 319 3.32 -34.99 55.59
C SER H 319 2.70 -36.29 56.07
N ILE H 320 2.24 -36.29 57.33
CA ILE H 320 1.63 -37.46 57.94
C ILE H 320 0.31 -37.13 58.62
N CYS H 321 -0.17 -35.89 58.52
CA CYS H 321 -1.28 -35.46 59.35
C CYS H 321 -2.58 -36.20 59.03
N ASN H 322 -2.67 -36.84 57.86
CA ASN H 322 -3.80 -37.72 57.59
C ASN H 322 -3.40 -38.96 56.81
N ALA H 323 -2.13 -39.35 56.84
CA ALA H 323 -1.69 -40.52 56.10
C ALA H 323 -2.34 -41.78 56.67
N LYS H 324 -2.90 -42.60 55.78
CA LYS H 324 -3.55 -43.83 56.21
C LYS H 324 -2.50 -44.82 56.71
N THR H 325 -2.84 -45.53 57.78
CA THR H 325 -1.97 -46.52 58.38
C THR H 325 -2.43 -47.93 58.02
N ILE H 326 -1.52 -48.89 58.19
CA ILE H 326 -1.83 -50.29 57.94
C ILE H 326 -2.61 -50.93 59.08
N PHE H 327 -2.76 -50.24 60.21
CA PHE H 327 -3.29 -50.88 61.41
C PHE H 327 -4.80 -51.03 61.33
N GLU H 328 -5.27 -52.22 61.74
CA GLU H 328 -6.69 -52.53 61.68
C GLU H 328 -7.45 -52.05 62.92
N GLU H 329 -6.75 -51.77 64.03
CA GLU H 329 -7.36 -51.19 65.21
C GLU H 329 -6.37 -50.26 65.90
N VAL H 330 -6.93 -49.37 66.72
CA VAL H 330 -6.15 -48.39 67.48
C VAL H 330 -6.77 -48.27 68.86
N GLU H 331 -5.91 -48.15 69.88
CA GLU H 331 -6.36 -47.88 71.23
C GLU H 331 -5.20 -47.27 72.00
N PRO H 332 -5.47 -46.44 73.03
CA PRO H 332 -6.77 -45.93 73.50
C PRO H 332 -7.36 -44.91 72.55
N ARG H 333 -8.68 -44.76 72.56
CA ARG H 333 -9.42 -44.01 71.55
C ARG H 333 -9.99 -42.74 72.15
N LEU H 334 -9.89 -41.65 71.40
CA LEU H 334 -9.95 -40.30 71.94
C LEU H 334 -11.09 -39.51 71.33
N SER H 335 -11.82 -38.80 72.18
CA SER H 335 -12.72 -37.76 71.70
C SER H 335 -11.91 -36.54 71.25
N GLN H 336 -12.60 -35.59 70.64
CA GLN H 336 -11.92 -34.38 70.17
C GLN H 336 -11.25 -33.62 71.31
N SER H 337 -11.84 -33.66 72.50
CA SER H 337 -11.20 -33.06 73.66
C SER H 337 -9.87 -33.74 73.97
N GLU H 338 -9.86 -35.07 73.98
CA GLU H 338 -8.63 -35.80 74.26
C GLU H 338 -7.59 -35.56 73.16
N VAL H 339 -8.05 -35.52 71.91
CA VAL H 339 -7.14 -35.27 70.79
C VAL H 339 -6.51 -33.90 70.94
N LYS H 340 -7.31 -32.89 71.27
CA LYS H 340 -6.78 -31.55 71.44
C LYS H 340 -5.81 -31.49 72.62
N GLU H 341 -6.13 -32.21 73.70
CA GLU H 341 -5.23 -32.27 74.84
C GLU H 341 -3.89 -32.87 74.43
N CYS H 342 -3.92 -33.97 73.67
CA CYS H 342 -2.69 -34.63 73.25
C CYS H 342 -1.88 -33.73 72.32
N LEU H 343 -2.54 -33.07 71.38
CA LEU H 343 -1.83 -32.19 70.45
C LEU H 343 -1.21 -31.01 71.18
N LYS H 344 -1.95 -30.41 72.12
CA LYS H 344 -1.39 -29.33 72.93
C LYS H 344 -0.20 -29.81 73.75
N SER H 345 -0.24 -31.07 74.19
CA SER H 345 0.89 -31.66 74.89
C SER H 345 2.04 -32.04 73.98
N GLY H 346 1.87 -31.92 72.66
CA GLY H 346 2.88 -32.37 71.72
C GLY H 346 2.81 -33.85 71.39
N THR H 347 1.92 -34.61 72.02
CA THR H 347 1.81 -36.02 71.74
C THR H 347 1.28 -36.25 70.33
N LEU H 348 1.80 -37.28 69.68
CA LEU H 348 1.24 -37.81 68.45
C LEU H 348 0.49 -39.09 68.75
N VAL H 349 -0.76 -39.17 68.32
CA VAL H 349 -1.64 -40.29 68.61
C VAL H 349 -2.41 -40.65 67.35
N LEU H 350 -2.52 -41.94 67.07
CA LEU H 350 -3.32 -42.37 65.93
C LEU H 350 -4.80 -42.21 66.23
N ASP H 351 -5.62 -42.32 65.19
CA ASP H 351 -7.04 -42.05 65.28
C ASP H 351 -7.79 -42.97 64.33
N PHE H 352 -9.10 -43.08 64.58
CA PHE H 352 -10.00 -43.92 63.79
C PHE H 352 -11.04 -43.04 63.11
N ASP H 353 -10.59 -41.96 62.46
CA ASP H 353 -11.49 -41.01 61.83
C ASP H 353 -12.42 -41.67 60.80
N ASP H 354 -12.01 -42.81 60.23
CA ASP H 354 -12.84 -43.57 59.32
C ASP H 354 -12.67 -45.05 59.68
N GLY H 355 -13.12 -45.94 58.81
CA GLY H 355 -13.02 -47.37 59.06
C GLY H 355 -11.60 -47.89 59.19
N ASP H 356 -10.61 -47.12 58.77
CA ASP H 356 -9.21 -47.44 58.95
C ASP H 356 -8.65 -46.65 60.12
N VAL H 357 -7.39 -46.93 60.46
CA VAL H 357 -6.64 -46.17 61.46
C VAL H 357 -5.86 -45.09 60.73
N ILE H 358 -6.02 -43.85 61.18
CA ILE H 358 -5.47 -42.68 60.50
C ILE H 358 -4.64 -41.87 61.48
N ILE H 359 -3.51 -41.36 60.99
CA ILE H 359 -2.67 -40.48 61.80
C ILE H 359 -3.39 -39.16 62.00
N VAL H 360 -3.40 -38.66 63.23
CA VAL H 360 -4.21 -37.48 63.52
C VAL H 360 -3.54 -36.22 62.97
N ASP H 361 -2.24 -36.05 63.17
CA ASP H 361 -1.60 -34.75 62.93
C ASP H 361 -0.10 -34.96 62.76
N ASP H 362 0.59 -33.85 62.49
CA ASP H 362 2.03 -33.85 62.21
C ASP H 362 2.85 -33.41 63.43
N VAL H 363 2.24 -33.39 64.62
CA VAL H 363 2.83 -32.71 65.76
C VAL H 363 4.04 -33.49 66.28
N ASN H 364 4.88 -32.78 67.04
CA ASN H 364 6.01 -33.35 67.76
C ASN H 364 5.91 -32.93 69.23
N THR H 365 6.82 -33.45 70.06
CA THR H 365 6.80 -33.12 71.47
C THR H 365 7.10 -31.64 71.71
N PHE H 366 7.82 -30.98 70.80
CA PHE H 366 8.16 -29.59 71.02
C PHE H 366 6.93 -28.70 71.07
N LYS H 367 5.86 -29.07 70.36
CA LYS H 367 4.75 -28.16 70.06
C LYS H 367 4.14 -27.48 71.29
N LYS H 368 4.42 -27.99 72.49
CA LYS H 368 3.99 -27.33 73.71
C LYS H 368 4.43 -25.87 73.79
N TYR H 369 5.59 -25.54 73.22
CA TYR H 369 6.04 -24.16 73.15
C TYR H 369 5.85 -23.64 71.73
N VAL H 370 5.82 -22.30 71.59
CA VAL H 370 5.10 -21.67 70.50
C VAL H 370 5.98 -20.82 69.59
N ASP H 371 6.57 -19.76 70.13
CA ASP H 371 6.86 -18.58 69.31
C ASP H 371 8.29 -18.53 68.79
N ASP H 372 9.31 -18.64 69.66
CA ASP H 372 10.68 -18.55 69.17
C ASP H 372 10.96 -19.66 68.16
N LYS H 373 10.96 -20.91 68.59
CA LYS H 373 10.92 -22.00 67.63
C LYS H 373 9.47 -22.06 67.16
N ASN H 374 9.22 -21.62 65.93
CA ASN H 374 7.88 -21.24 65.52
C ASN H 374 6.94 -22.44 65.56
N GLU H 375 5.65 -22.15 65.37
CA GLU H 375 4.63 -23.19 65.45
C GLU H 375 4.82 -24.24 64.37
N ALA H 376 5.36 -23.83 63.22
CA ALA H 376 5.66 -24.82 62.18
C ALA H 376 6.73 -25.80 62.64
N MET H 377 7.64 -25.35 63.51
CA MET H 377 8.62 -26.27 64.09
C MET H 377 7.94 -27.35 64.92
N GLY H 378 6.75 -27.06 65.45
CA GLY H 378 5.97 -28.07 66.14
C GLY H 378 5.53 -29.21 65.25
N TYR H 379 5.60 -29.04 63.93
CA TYR H 379 5.22 -30.06 62.98
C TYR H 379 6.47 -30.76 62.44
N ILE H 380 6.36 -32.08 62.27
CA ILE H 380 7.53 -32.89 61.93
C ILE H 380 8.01 -32.57 60.52
N SER H 381 7.10 -32.25 59.61
CA SER H 381 7.49 -32.00 58.22
C SER H 381 8.45 -30.83 58.11
N ASN H 382 8.21 -29.77 58.89
CA ASN H 382 9.11 -28.63 58.87
C ASN H 382 10.48 -29.03 59.38
N ILE H 383 10.54 -29.86 60.42
CA ILE H 383 11.83 -30.30 60.94
C ILE H 383 12.56 -31.13 59.90
N MET H 384 11.83 -31.99 59.19
CA MET H 384 12.45 -32.77 58.13
C MET H 384 13.01 -31.85 57.05
N PHE H 385 12.26 -30.81 56.71
CA PHE H 385 12.72 -29.84 55.72
C PHE H 385 14.00 -29.15 56.19
N ILE H 386 14.01 -28.67 57.44
CA ILE H 386 15.17 -27.95 57.96
C ILE H 386 16.38 -28.88 58.02
N ASN H 387 16.17 -30.12 58.45
CA ASN H 387 17.27 -31.08 58.52
C ASN H 387 17.79 -31.37 57.12
N THR H 388 16.91 -31.46 56.13
CA THR H 388 17.35 -31.69 54.77
C THR H 388 18.18 -30.52 54.24
N ILE H 389 17.73 -29.29 54.53
CA ILE H 389 18.50 -28.12 54.08
C ILE H 389 19.86 -28.11 54.75
N ASN H 390 19.89 -28.39 56.05
CA ASN H 390 21.17 -28.44 56.76
C ASN H 390 22.06 -29.53 56.20
N LYS H 391 21.48 -30.67 55.84
CA LYS H 391 22.27 -31.79 55.32
C LYS H 391 22.85 -31.45 53.95
N ASP H 392 22.04 -30.88 53.06
CA ASP H 392 22.56 -30.51 51.74
C ASP H 392 23.61 -29.41 51.85
N THR H 393 23.40 -28.48 52.77
CA THR H 393 24.37 -27.42 52.99
C THR H 393 25.68 -27.97 53.54
N SER H 394 25.59 -28.87 54.52
CA SER H 394 26.76 -29.55 55.04
C SER H 394 27.34 -30.55 54.05
N LEU H 395 26.62 -30.85 52.97
CA LEU H 395 27.25 -31.52 51.84
C LEU H 395 28.05 -30.53 51.01
N LYS H 396 27.51 -29.33 50.83
CA LYS H 396 28.23 -28.29 50.10
C LYS H 396 29.50 -27.85 50.81
N ARG H 397 29.64 -28.17 52.11
CA ARG H 397 30.84 -27.74 52.83
C ARG H 397 32.09 -28.21 52.09
N LYS H 398 32.11 -29.49 51.72
CA LYS H 398 33.29 -30.10 51.12
C LYS H 398 33.54 -29.55 49.73
N GLU H 399 32.50 -29.09 49.05
CA GLU H 399 32.69 -28.45 47.76
C GLU H 399 33.35 -27.09 47.93
N PHE H 400 32.99 -26.35 48.97
CA PHE H 400 33.42 -24.95 49.10
C PHE H 400 34.46 -24.68 50.17
N VAL H 401 34.53 -25.47 51.24
CA VAL H 401 35.48 -25.15 52.30
C VAL H 401 36.88 -25.53 51.83
N GLY H 402 37.82 -24.61 52.00
CA GLY H 402 39.20 -24.90 51.68
C GLY H 402 39.49 -25.06 50.22
N LYS H 403 38.63 -24.51 49.35
CA LYS H 403 38.77 -24.72 47.91
C LYS H 403 38.45 -23.47 47.09
N ILE H 404 38.16 -22.32 47.73
CA ILE H 404 37.88 -21.10 47.01
C ILE H 404 38.21 -19.92 47.93
N PHE H 405 38.64 -18.82 47.32
CA PHE H 405 39.57 -17.91 47.96
C PHE H 405 38.93 -16.81 48.81
N ASN H 406 37.63 -16.86 49.11
CA ASN H 406 36.98 -15.84 49.93
C ASN H 406 36.88 -14.48 49.26
N ASP H 407 37.34 -14.34 48.01
CA ASP H 407 37.22 -13.07 47.31
C ASP H 407 35.77 -12.88 46.90
N ALA H 408 35.50 -11.79 46.19
CA ALA H 408 34.14 -11.56 45.70
C ALA H 408 33.71 -12.68 44.76
N THR H 409 34.65 -13.22 43.98
CA THR H 409 34.32 -14.30 43.05
C THR H 409 33.89 -15.55 43.80
N GLY H 410 34.61 -15.93 44.85
CA GLY H 410 34.25 -17.13 45.60
C GLY H 410 32.92 -16.96 46.31
N GLN H 411 32.69 -15.80 46.93
CA GLN H 411 31.41 -15.54 47.57
C GLN H 411 30.28 -15.59 46.56
N THR H 412 30.49 -14.99 45.38
CA THR H 412 29.47 -15.01 44.35
C THR H 412 29.19 -16.43 43.88
N THR H 413 30.24 -17.25 43.74
CA THR H 413 30.04 -18.63 43.31
C THR H 413 29.24 -19.41 44.35
N VAL H 414 29.57 -19.23 45.62
CA VAL H 414 28.84 -19.92 46.70
C VAL H 414 27.37 -19.49 46.68
N ILE H 415 27.14 -18.19 46.58
CA ILE H 415 25.78 -17.67 46.59
C ILE H 415 25.01 -18.18 45.37
N CYS H 416 25.68 -18.24 44.22
CA CYS H 416 25.03 -18.72 43.01
C CYS H 416 24.67 -20.20 43.13
N ALA H 417 25.55 -21.00 43.72
CA ALA H 417 25.24 -22.42 43.92
C ALA H 417 24.05 -22.60 44.86
N LEU H 418 24.05 -21.85 45.98
CA LEU H 418 22.94 -21.95 46.91
C LEU H 418 21.65 -21.46 46.28
N LYS H 419 21.74 -20.41 45.45
CA LYS H 419 20.58 -19.91 44.74
C LYS H 419 20.04 -20.96 43.77
N LYS H 420 20.94 -21.65 43.07
CA LYS H 420 20.52 -22.72 42.17
C LYS H 420 19.83 -23.83 42.93
N TYR H 421 20.35 -24.20 44.10
CA TYR H 421 19.71 -25.22 44.91
C TYR H 421 18.31 -24.78 45.34
N PHE H 422 18.19 -23.55 45.84
CA PHE H 422 16.88 -23.07 46.29
C PHE H 422 15.93 -22.90 45.12
N GLU H 423 16.43 -22.57 43.93
CA GLU H 423 15.57 -22.50 42.76
C GLU H 423 15.13 -23.88 42.33
N GLU H 424 15.96 -24.90 42.51
CA GLU H 424 15.53 -26.27 42.31
C GLU H 424 14.39 -26.61 43.26
N LEU H 425 14.53 -26.18 44.52
CA LEU H 425 13.44 -26.37 45.48
C LEU H 425 12.17 -25.64 45.04
N MET H 426 12.33 -24.42 44.54
CA MET H 426 11.19 -23.65 44.05
C MET H 426 10.50 -24.37 42.90
N SER H 427 11.29 -24.96 42.00
CA SER H 427 10.73 -25.67 40.85
C SER H 427 9.87 -26.85 41.31
N GLN H 428 10.28 -27.52 42.39
CA GLN H 428 9.45 -28.56 42.98
C GLN H 428 8.22 -28.02 43.69
N GLY H 429 8.13 -26.70 43.88
CA GLY H 429 6.99 -26.10 44.53
C GLY H 429 7.02 -26.17 46.04
N ILE H 430 8.06 -26.74 46.63
CA ILE H 430 8.12 -26.90 48.09
C ILE H 430 8.16 -25.55 48.77
N ILE H 431 8.84 -24.58 48.16
CA ILE H 431 9.00 -23.24 48.70
C ILE H 431 8.16 -22.30 47.85
N SER H 432 7.37 -21.45 48.53
CA SER H 432 6.58 -20.44 47.84
C SER H 432 7.37 -19.16 47.58
N GLU H 433 8.31 -18.83 48.46
CA GLU H 433 9.12 -17.64 48.32
C GLU H 433 10.42 -17.84 49.06
N PHE H 434 11.50 -17.25 48.54
CA PHE H 434 12.78 -17.30 49.24
C PHE H 434 13.67 -16.16 48.74
N ASN H 435 14.67 -15.85 49.55
CA ASN H 435 15.81 -15.06 49.11
C ASN H 435 17.01 -15.53 49.91
N VAL H 436 18.18 -15.54 49.27
CA VAL H 436 19.43 -15.93 49.89
C VAL H 436 20.49 -14.91 49.50
N ASP H 437 21.20 -14.38 50.50
CA ASP H 437 22.14 -13.30 50.29
C ASP H 437 23.25 -13.37 51.31
N ILE H 438 24.33 -12.63 51.04
CA ILE H 438 25.44 -12.57 51.98
C ILE H 438 24.98 -11.86 53.24
N ASP H 439 25.48 -12.32 54.38
CA ASP H 439 25.14 -11.75 55.68
C ASP H 439 26.13 -10.63 55.96
N THR H 440 25.89 -9.50 55.30
CA THR H 440 26.85 -8.39 55.33
C THR H 440 27.04 -7.86 56.75
N GLU H 441 26.04 -8.01 57.61
CA GLU H 441 26.19 -7.63 59.01
C GLU H 441 27.29 -8.46 59.67
N LEU H 442 27.20 -9.79 59.56
CA LEU H 442 28.22 -10.65 60.12
C LEU H 442 29.45 -10.74 59.23
N GLN H 443 29.29 -10.53 57.92
CA GLN H 443 30.44 -10.54 57.04
C GLN H 443 31.40 -9.40 57.33
N ALA H 444 30.87 -8.26 57.78
CA ALA H 444 31.75 -7.16 58.19
C ALA H 444 32.61 -7.57 59.38
N THR H 445 32.01 -8.28 60.34
CA THR H 445 32.74 -8.79 61.50
C THR H 445 33.46 -10.11 61.21
N ALA H 446 33.24 -10.71 60.05
CA ALA H 446 33.83 -12.00 59.76
C ALA H 446 35.34 -11.90 59.65
N LYS H 447 36.03 -12.92 60.15
CA LYS H 447 37.46 -13.02 59.92
C LYS H 447 37.71 -13.35 58.45
N ALA H 448 38.93 -13.05 58.00
CA ALA H 448 39.22 -13.13 56.57
C ALA H 448 39.11 -14.54 56.02
N ASP H 449 39.25 -15.57 56.84
CA ASP H 449 39.23 -16.95 56.41
C ASP H 449 37.86 -17.61 56.58
N GLU H 450 36.79 -16.81 56.68
CA GLU H 450 35.45 -17.33 56.88
C GLU H 450 34.42 -16.50 56.12
N PHE H 451 33.21 -17.04 56.06
CA PHE H 451 32.11 -16.48 55.27
C PHE H 451 30.81 -16.64 56.05
N TYR H 452 29.96 -15.61 55.97
CA TYR H 452 28.64 -15.62 56.56
C TYR H 452 27.61 -15.32 55.49
N TRP H 453 26.44 -15.93 55.61
CA TRP H 453 25.40 -15.79 54.61
C TRP H 453 24.05 -16.01 55.27
N LYS H 454 23.02 -15.46 54.67
CA LYS H 454 21.67 -15.51 55.22
C LYS H 454 20.69 -15.92 54.14
N TRP H 455 19.58 -16.52 54.56
CA TRP H 455 18.52 -16.87 53.63
C TRP H 455 17.19 -16.91 54.35
N ASP H 456 16.16 -16.41 53.66
CA ASP H 456 14.77 -16.55 54.09
C ASP H 456 14.03 -17.42 53.10
N ALA H 457 12.99 -18.08 53.59
CA ALA H 457 12.18 -18.97 52.75
C ALA H 457 10.77 -19.04 53.32
N VAL H 458 9.88 -19.63 52.53
CA VAL H 458 8.50 -19.87 52.94
C VAL H 458 8.12 -21.25 52.42
N LYS H 459 8.15 -22.25 53.30
CA LYS H 459 7.72 -23.58 52.91
C LYS H 459 6.24 -23.55 52.53
N VAL H 460 5.89 -24.34 51.52
CA VAL H 460 4.50 -24.39 51.09
C VAL H 460 3.73 -25.26 52.07
N ASP H 461 2.57 -24.78 52.49
CA ASP H 461 1.81 -25.44 53.54
C ASP H 461 1.00 -26.60 52.96
N VAL H 462 0.13 -27.18 53.79
CA VAL H 462 -0.77 -28.25 53.39
C VAL H 462 -2.07 -28.04 54.17
N MET H 463 -3.21 -28.38 53.56
CA MET H 463 -4.46 -28.33 54.31
C MET H 463 -4.44 -29.35 55.45
N LYS H 464 -4.49 -28.83 56.67
CA LYS H 464 -4.88 -29.62 57.83
C LYS H 464 -6.34 -29.40 58.19
N LYS H 465 -6.79 -28.15 58.16
CA LYS H 465 -8.17 -27.78 58.46
C LYS H 465 -8.84 -27.29 57.18
N ILE H 466 -10.12 -27.62 56.99
CA ILE H 466 -10.89 -27.04 55.90
C ILE H 466 -12.31 -26.79 56.40
N TYR H 467 -12.89 -25.67 55.95
CA TYR H 467 -14.22 -25.26 56.37
C TYR H 467 -15.06 -24.90 55.16
N GLY H 468 -16.31 -25.32 55.16
CA GLY H 468 -17.23 -25.01 54.08
C GLY H 468 -18.54 -24.47 54.64
N THR H 469 -19.13 -23.56 53.86
CA THR H 469 -20.39 -22.91 54.21
C THR H 469 -21.31 -23.02 53.01
N GLY H 470 -22.58 -23.38 53.26
CA GLY H 470 -23.52 -23.70 52.22
C GLY H 470 -24.68 -22.73 52.15
N TYR H 471 -25.13 -22.47 50.93
CA TYR H 471 -26.31 -21.65 50.65
C TYR H 471 -27.25 -22.45 49.76
N LEU H 472 -28.54 -22.37 50.06
CA LEU H 472 -29.58 -23.06 49.30
C LEU H 472 -30.70 -22.09 48.94
N GLU I 13 51.69 -24.26 -41.35
CA GLU I 13 51.40 -25.26 -42.41
C GLU I 13 50.70 -24.60 -43.58
N ILE I 14 50.45 -25.37 -44.63
CA ILE I 14 49.71 -24.86 -45.78
C ILE I 14 48.26 -24.67 -45.38
N PRO I 15 47.50 -23.79 -46.02
CA PRO I 15 46.09 -23.66 -45.67
C PRO I 15 45.30 -24.93 -46.00
N GLY I 16 44.32 -25.20 -45.15
CA GLY I 16 43.53 -26.40 -45.24
C GLY I 16 42.85 -26.68 -43.92
N PHE I 17 42.16 -27.84 -43.86
CA PHE I 17 41.37 -28.21 -42.69
C PHE I 17 41.86 -29.62 -42.33
N TYR I 18 42.89 -29.73 -41.51
CA TYR I 18 43.57 -31.01 -41.32
C TYR I 18 43.23 -31.60 -39.96
N ASN I 19 42.47 -32.69 -39.98
CA ASN I 19 42.05 -33.39 -38.78
C ASN I 19 43.20 -34.24 -38.23
N ARG I 20 43.22 -34.41 -36.91
CA ARG I 20 44.17 -35.29 -36.25
C ARG I 20 43.45 -35.92 -35.07
N PHE I 21 42.95 -37.15 -35.28
CA PHE I 21 42.06 -37.79 -34.32
C PHE I 21 42.82 -38.39 -33.15
N LYS I 22 42.24 -38.28 -31.97
CA LYS I 22 42.92 -38.56 -30.70
C LYS I 22 42.02 -39.36 -29.77
N THR I 23 41.31 -40.34 -30.31
CA THR I 23 40.58 -41.30 -29.48
C THR I 23 41.54 -42.39 -29.00
N GLN I 24 42.43 -41.94 -28.12
CA GLN I 24 43.52 -42.71 -27.58
C GLN I 24 43.05 -43.50 -26.35
N ALA I 25 42.60 -42.77 -25.36
CA ALA I 25 42.15 -43.24 -24.05
C ALA I 25 40.87 -42.52 -23.65
N GLU I 26 39.88 -42.56 -24.55
CA GLU I 26 38.67 -41.75 -24.38
C GLU I 26 38.01 -42.03 -23.04
N LYS I 27 37.59 -43.28 -22.80
CA LYS I 27 37.08 -43.68 -21.49
C LYS I 27 37.56 -45.08 -21.14
N SER I 28 38.83 -45.38 -21.44
CA SER I 28 39.46 -46.65 -21.13
C SER I 28 40.30 -46.57 -19.87
N THR I 29 39.87 -45.76 -18.90
CA THR I 29 40.66 -45.43 -17.72
C THR I 29 39.94 -45.84 -16.45
N ASN I 30 40.73 -46.18 -15.43
CA ASN I 30 40.22 -46.47 -14.10
C ASN I 30 41.24 -45.98 -13.08
N THR I 31 40.76 -45.76 -11.85
CA THR I 31 41.54 -45.13 -10.79
C THR I 31 41.72 -46.04 -9.59
N GLY I 32 41.83 -47.35 -9.84
CA GLY I 32 41.92 -48.32 -8.76
C GLY I 32 43.33 -48.68 -8.34
N LEU I 33 44.32 -47.88 -8.71
CA LEU I 33 45.72 -48.19 -8.46
C LEU I 33 46.46 -46.95 -7.98
N LYS I 34 47.53 -47.17 -7.23
CA LYS I 34 48.33 -46.09 -6.68
C LYS I 34 49.64 -46.66 -6.17
N GLY I 35 50.61 -45.77 -5.95
CA GLY I 35 51.84 -46.12 -5.27
C GLY I 35 52.87 -46.76 -6.18
N ARG I 36 54.11 -46.78 -5.69
CA ARG I 36 55.22 -47.42 -6.37
C ARG I 36 56.13 -48.07 -5.33
N LEU I 37 56.73 -49.19 -5.72
CA LEU I 37 57.48 -50.05 -4.81
C LEU I 37 58.82 -50.44 -5.43
N ALA I 38 59.80 -50.62 -4.55
CA ALA I 38 61.14 -51.09 -4.92
C ALA I 38 61.25 -52.59 -4.66
N MET I 39 62.06 -53.26 -5.49
CA MET I 39 62.17 -54.72 -5.47
C MET I 39 63.54 -55.15 -5.97
N PRO I 40 64.47 -55.49 -5.09
CA PRO I 40 65.58 -56.36 -5.51
C PRO I 40 65.08 -57.79 -5.62
N ILE I 41 65.41 -58.44 -6.74
CA ILE I 41 64.86 -59.76 -7.06
C ILE I 41 65.94 -60.65 -7.66
N ARG I 42 65.85 -61.94 -7.34
CA ARG I 42 66.58 -62.98 -8.04
C ARG I 42 65.67 -63.55 -9.12
N ALA I 43 66.20 -63.69 -10.33
CA ALA I 43 65.40 -64.11 -11.47
C ALA I 43 66.22 -64.99 -12.40
N ASN I 44 65.55 -65.97 -12.99
CA ASN I 44 66.15 -66.78 -14.04
C ASN I 44 66.17 -66.05 -15.38
N TRP I 45 65.30 -65.05 -15.57
CA TRP I 45 65.14 -64.38 -16.86
C TRP I 45 64.96 -62.89 -16.61
N GLY I 46 65.32 -62.11 -17.62
CA GLY I 46 65.05 -60.68 -17.64
C GLY I 46 66.34 -59.86 -17.58
N ASP I 47 66.15 -58.55 -17.67
CA ASP I 47 67.28 -57.63 -17.71
C ASP I 47 68.06 -57.68 -16.40
N VAL I 48 69.34 -57.31 -16.49
CA VAL I 48 70.28 -57.40 -15.38
C VAL I 48 70.98 -56.05 -15.22
N GLY I 49 71.14 -55.63 -13.97
CA GLY I 49 71.90 -54.43 -13.68
C GLY I 49 71.18 -53.12 -13.91
N LYS I 50 69.85 -53.15 -14.06
CA LYS I 50 69.07 -51.94 -14.27
C LYS I 50 67.81 -52.02 -13.43
N VAL I 51 67.31 -50.84 -13.06
CA VAL I 51 66.07 -50.70 -12.30
C VAL I 51 64.95 -50.43 -13.30
N VAL I 52 64.10 -51.42 -13.52
CA VAL I 52 63.05 -51.38 -14.54
C VAL I 52 61.70 -51.24 -13.86
N THR I 53 60.87 -50.35 -14.39
CA THR I 53 59.51 -50.16 -13.89
C THR I 53 58.56 -51.13 -14.58
N ILE I 54 57.66 -51.71 -13.80
CA ILE I 54 56.69 -52.68 -14.29
C ILE I 54 55.30 -52.13 -13.99
N LYS I 55 54.49 -52.01 -15.04
CA LYS I 55 53.08 -51.68 -14.86
C LYS I 55 52.34 -52.87 -14.27
N ASN I 56 51.18 -52.59 -13.66
CA ASN I 56 50.54 -53.57 -12.80
C ASN I 56 50.05 -54.82 -13.53
N ASP I 57 50.04 -54.84 -14.85
CA ASP I 57 49.70 -56.05 -15.57
C ASP I 57 50.78 -57.10 -15.33
N LEU I 58 50.38 -58.25 -14.77
CA LEU I 58 51.33 -59.33 -14.51
C LEU I 58 51.91 -59.90 -15.80
N ARG I 59 51.21 -59.73 -16.93
CA ARG I 59 51.75 -60.16 -18.21
C ARG I 59 53.08 -59.46 -18.50
N GLN I 60 53.20 -58.20 -18.10
CA GLN I 60 54.47 -57.50 -18.26
C GLN I 60 55.57 -58.16 -17.43
N LEU I 61 55.24 -58.51 -16.18
CA LEU I 61 56.21 -59.21 -15.33
C LEU I 61 56.58 -60.55 -15.94
N LYS I 62 55.57 -61.29 -16.42
CA LYS I 62 55.81 -62.61 -17.00
C LYS I 62 56.70 -62.50 -18.23
N ASN I 63 56.49 -61.48 -19.04
CA ASN I 63 57.30 -61.30 -20.25
C ASN I 63 58.73 -60.90 -19.89
N LEU I 64 58.89 -59.92 -19.00
CA LEU I 64 60.18 -59.29 -18.77
C LEU I 64 61.05 -60.02 -17.75
N PHE I 65 60.50 -60.95 -16.97
CA PHE I 65 61.28 -61.69 -16.00
C PHE I 65 60.88 -63.17 -15.89
N GLY I 66 60.10 -63.69 -16.82
CA GLY I 66 59.73 -65.09 -16.79
C GLY I 66 58.58 -65.35 -15.84
N ASP I 67 58.21 -66.63 -15.75
CA ASP I 67 57.06 -67.09 -14.98
C ASP I 67 57.43 -68.23 -14.05
N ASP I 68 58.67 -68.25 -13.56
CA ASP I 68 59.15 -69.31 -12.68
C ASP I 68 58.92 -68.91 -11.24
N MET I 69 58.09 -69.68 -10.52
CA MET I 69 57.80 -69.42 -9.13
C MET I 69 58.90 -69.90 -8.19
N ASN I 70 59.91 -70.61 -8.69
CA ASN I 70 61.04 -71.00 -7.87
C ASN I 70 61.92 -69.81 -7.48
N TYR I 71 61.71 -68.64 -8.07
CA TYR I 71 62.58 -67.49 -7.91
C TYR I 71 61.80 -66.36 -7.25
N SER I 72 62.52 -65.53 -6.50
CA SER I 72 61.89 -64.43 -5.79
C SER I 72 61.19 -63.47 -6.75
N ALA I 73 61.73 -63.33 -7.96
CA ALA I 73 61.24 -62.35 -8.92
C ALA I 73 59.76 -62.52 -9.22
N PHE I 74 59.38 -63.63 -9.83
CA PHE I 74 58.00 -63.80 -10.26
C PHE I 74 57.04 -63.89 -9.08
N LYS I 75 57.43 -64.61 -8.03
CA LYS I 75 56.53 -64.81 -6.90
C LYS I 75 56.26 -63.48 -6.18
N LEU I 76 57.32 -62.76 -5.81
CA LEU I 76 57.15 -61.50 -5.11
C LEU I 76 56.54 -60.45 -6.04
N GLY I 77 56.82 -60.52 -7.34
CA GLY I 77 56.16 -59.62 -8.26
C GLY I 77 54.66 -59.85 -8.31
N LYS I 78 54.24 -61.12 -8.37
CA LYS I 78 52.81 -61.42 -8.36
C LYS I 78 52.17 -60.93 -7.07
N LEU I 79 52.84 -61.14 -5.94
CA LEU I 79 52.29 -60.65 -4.67
C LEU I 79 52.15 -59.13 -4.68
N ALA I 80 53.17 -58.43 -5.17
CA ALA I 80 53.11 -56.97 -5.21
C ALA I 80 52.01 -56.49 -6.15
N LEU I 81 51.88 -57.12 -7.32
CA LEU I 81 50.86 -56.72 -8.28
C LEU I 81 49.47 -56.94 -7.70
N LEU I 82 49.27 -58.06 -7.01
CA LEU I 82 48.02 -58.27 -6.28
C LEU I 82 47.86 -57.26 -5.15
N GLY I 83 48.95 -56.69 -4.67
CA GLY I 83 48.87 -55.54 -3.79
C GLY I 83 48.39 -54.27 -4.46
N ASN I 84 48.23 -54.27 -5.78
CA ASN I 84 47.61 -53.17 -6.53
C ASN I 84 48.49 -51.93 -6.55
N VAL I 85 49.79 -52.12 -6.74
CA VAL I 85 50.70 -51.00 -6.90
C VAL I 85 50.58 -50.47 -8.33
N LYS I 86 50.61 -49.15 -8.47
CA LYS I 86 50.46 -48.55 -9.79
C LYS I 86 51.62 -48.93 -10.69
N GLU I 87 52.85 -48.89 -10.17
CA GLU I 87 54.04 -49.24 -10.93
C GLU I 87 55.04 -49.92 -10.00
N LEU I 88 55.45 -51.13 -10.37
CA LEU I 88 56.36 -51.94 -9.57
C LEU I 88 57.74 -51.86 -10.19
N LEU I 89 58.72 -51.38 -9.42
CA LEU I 89 60.08 -51.20 -9.89
C LEU I 89 60.95 -52.36 -9.39
N LEU I 90 61.59 -53.06 -10.33
CA LEU I 90 62.34 -54.27 -10.06
C LEU I 90 63.81 -54.06 -10.36
N TYR I 91 64.65 -54.94 -9.80
CA TYR I 91 66.07 -54.96 -10.10
C TYR I 91 66.56 -56.39 -9.95
N ARG I 92 67.14 -56.94 -11.02
CA ARG I 92 67.58 -58.33 -11.02
C ARG I 92 68.94 -58.43 -10.34
N LEU I 93 69.02 -59.26 -9.29
CA LEU I 93 70.26 -59.48 -8.57
C LEU I 93 70.98 -60.69 -9.15
N VAL I 94 72.30 -60.57 -9.29
CA VAL I 94 73.12 -61.62 -9.87
C VAL I 94 74.50 -61.60 -9.22
N ASP I 95 75.17 -62.75 -9.29
CA ASP I 95 76.60 -62.82 -9.09
C ASP I 95 77.29 -62.51 -10.40
N GLY I 96 78.53 -62.02 -10.33
CA GLY I 96 79.26 -61.61 -11.52
C GLY I 96 79.40 -62.71 -12.55
N ASN I 97 79.44 -63.97 -12.11
CA ASN I 97 79.53 -65.10 -13.03
C ASN I 97 78.25 -65.32 -13.83
N GLN I 98 77.15 -64.65 -13.48
CA GLN I 98 75.88 -64.90 -14.14
C GLN I 98 75.96 -64.52 -15.62
N LYS I 99 75.35 -65.34 -16.48
CA LYS I 99 75.71 -65.38 -17.88
C LYS I 99 74.50 -65.72 -18.74
N LYS I 100 74.61 -65.37 -20.03
CA LYS I 100 73.63 -65.70 -21.05
C LYS I 100 73.88 -67.08 -21.65
N GLY I 101 72.79 -67.77 -21.99
CA GLY I 101 72.92 -68.97 -22.79
C GLY I 101 73.29 -68.66 -24.22
N THR I 102 73.94 -69.61 -24.88
CA THR I 102 74.47 -69.40 -26.21
C THR I 102 74.47 -70.70 -27.00
N LEU I 103 74.33 -70.57 -28.32
CA LEU I 103 74.45 -71.68 -29.25
C LEU I 103 75.08 -71.16 -30.54
N THR I 104 75.76 -72.05 -31.25
CA THR I 104 76.46 -71.70 -32.48
C THR I 104 75.99 -72.62 -33.60
N LEU I 105 75.96 -72.06 -34.81
CA LEU I 105 75.57 -72.76 -36.02
C LEU I 105 76.72 -72.77 -37.01
N LYS I 106 76.70 -73.76 -37.89
CA LYS I 106 77.79 -73.99 -38.83
C LYS I 106 77.22 -74.36 -40.19
N ASP I 107 78.01 -74.12 -41.23
CA ASP I 107 77.62 -74.44 -42.59
C ASP I 107 77.94 -75.89 -42.92
N THR I 108 77.41 -76.36 -44.05
CA THR I 108 77.62 -77.72 -44.53
C THR I 108 78.10 -77.81 -45.97
N THR I 109 78.12 -76.70 -46.71
CA THR I 109 78.56 -76.75 -48.10
C THR I 109 80.04 -77.14 -48.19
N GLU I 110 80.87 -76.60 -47.30
CA GLU I 110 82.29 -76.88 -47.29
C GLU I 110 82.59 -78.08 -46.39
N ASN I 111 83.56 -78.89 -46.81
CA ASN I 111 83.99 -80.02 -45.98
C ASN I 111 84.54 -79.54 -44.65
N SER I 112 85.38 -78.50 -44.68
CA SER I 112 85.84 -77.83 -43.47
C SER I 112 84.79 -76.81 -43.07
N ALA I 113 83.78 -77.29 -42.36
CA ALA I 113 82.66 -76.44 -41.97
C ALA I 113 83.11 -75.31 -41.07
N LYS I 114 82.52 -74.14 -41.28
CA LYS I 114 82.88 -72.91 -40.59
C LYS I 114 81.67 -72.34 -39.88
N ASP I 115 81.87 -71.88 -38.65
CA ASP I 115 80.78 -71.26 -37.90
C ASP I 115 80.36 -69.96 -38.58
N VAL I 116 79.06 -69.79 -38.77
CA VAL I 116 78.52 -68.65 -39.51
C VAL I 116 77.44 -67.89 -38.76
N ILE I 117 76.75 -68.50 -37.80
CA ILE I 117 75.74 -67.82 -37.00
C ILE I 117 75.88 -68.28 -35.56
N LYS I 118 75.71 -67.36 -34.62
CA LYS I 118 75.64 -67.65 -33.20
C LYS I 118 74.33 -67.12 -32.63
N LEU I 119 73.69 -67.93 -31.79
CA LEU I 119 72.44 -67.57 -31.13
C LEU I 119 72.70 -67.43 -29.64
N GLU I 120 72.23 -66.32 -29.07
CA GLU I 120 72.40 -66.03 -27.66
C GLU I 120 71.09 -65.51 -27.09
N THR I 121 70.76 -65.94 -25.87
CA THR I 121 69.52 -65.51 -25.23
C THR I 121 69.51 -64.00 -25.05
N LYS I 122 68.36 -63.38 -25.28
CA LYS I 122 68.27 -61.93 -25.21
C LYS I 122 68.57 -61.41 -23.81
N TYR I 123 68.30 -62.21 -22.78
CA TYR I 123 68.57 -61.87 -21.39
C TYR I 123 69.42 -62.95 -20.75
N PRO I 124 70.22 -62.61 -19.73
CA PRO I 124 70.96 -63.65 -19.03
C PRO I 124 70.03 -64.66 -18.36
N THR I 125 70.44 -65.92 -18.39
CA THR I 125 69.62 -67.01 -17.87
C THR I 125 70.47 -68.28 -17.84
N ALA I 126 69.82 -69.38 -17.43
CA ALA I 126 70.36 -70.71 -17.59
C ALA I 126 69.30 -71.70 -18.07
N ARG I 127 68.13 -71.23 -18.50
CA ARG I 127 67.06 -72.12 -18.90
C ARG I 127 67.40 -72.84 -20.19
N ASN I 128 66.66 -73.91 -20.46
CA ASN I 128 66.90 -74.76 -21.62
C ASN I 128 66.15 -74.25 -22.85
N PHE I 129 66.47 -73.03 -23.24
CA PHE I 129 65.96 -72.51 -24.51
C PHE I 129 66.62 -73.26 -25.65
N ASN I 130 65.81 -73.90 -26.48
CA ASN I 130 66.29 -74.83 -27.50
C ASN I 130 65.93 -74.33 -28.90
N VAL I 131 66.66 -74.82 -29.88
CA VAL I 131 66.52 -74.39 -31.28
C VAL I 131 66.61 -75.62 -32.17
N THR I 132 65.86 -75.58 -33.28
CA THR I 132 65.86 -76.64 -34.28
C THR I 132 66.00 -76.02 -35.66
N ILE I 133 66.86 -76.63 -36.48
CA ILE I 133 67.02 -76.25 -37.88
C ILE I 133 66.91 -77.52 -38.72
N LYS I 134 66.09 -77.47 -39.76
CA LYS I 134 65.84 -78.62 -40.61
C LYS I 134 65.66 -78.15 -42.05
N SER I 135 65.82 -79.09 -42.98
CA SER I 135 65.67 -78.78 -44.39
C SER I 135 64.23 -78.40 -44.70
N ASN I 136 64.06 -77.32 -45.46
CA ASN I 136 62.73 -76.90 -45.87
C ASN I 136 62.18 -77.88 -46.90
N LEU I 137 60.93 -78.30 -46.71
CA LEU I 137 60.32 -79.29 -47.59
C LEU I 137 59.82 -78.70 -48.89
N VAL I 138 59.67 -77.38 -48.98
CA VAL I 138 59.14 -76.73 -50.16
C VAL I 138 60.28 -76.25 -51.04
N ASP I 139 61.11 -75.36 -50.51
CA ASP I 139 62.24 -74.79 -51.23
C ASP I 139 63.51 -75.55 -50.86
N SER I 140 64.38 -75.76 -51.86
CA SER I 140 65.56 -76.59 -51.66
C SER I 140 66.53 -75.94 -50.69
N ASP I 141 66.88 -74.67 -50.92
CA ASP I 141 67.92 -74.02 -50.14
C ASP I 141 67.44 -73.48 -48.81
N LYS I 142 66.13 -73.52 -48.54
CA LYS I 142 65.60 -72.95 -47.31
C LYS I 142 65.79 -73.91 -46.14
N LYS I 143 66.04 -73.33 -44.97
CA LYS I 143 66.13 -74.06 -43.72
C LYS I 143 65.06 -73.54 -42.78
N ASP I 144 64.34 -74.46 -42.12
CA ASP I 144 63.25 -74.09 -41.22
C ASP I 144 63.81 -73.91 -39.82
N PHE I 145 63.86 -72.66 -39.35
CA PHE I 145 64.39 -72.33 -38.04
C PHE I 145 63.26 -72.31 -37.03
N ILE I 146 63.34 -73.19 -36.03
CA ILE I 146 62.31 -73.31 -35.01
C ILE I 146 62.99 -73.19 -33.65
N PHE I 147 62.28 -72.60 -32.69
CA PHE I 147 62.80 -72.27 -31.38
C PHE I 147 61.87 -72.82 -30.31
N PHE I 148 62.45 -73.32 -29.22
CA PHE I 148 61.70 -73.94 -28.14
C PHE I 148 62.29 -73.54 -26.80
N GLU I 149 61.60 -73.97 -25.74
CA GLU I 149 62.13 -74.01 -24.38
C GLU I 149 61.69 -75.33 -23.78
N ASN I 150 62.63 -76.27 -23.63
CA ASN I 150 62.30 -77.63 -23.20
C ASN I 150 61.27 -78.27 -24.14
N THR I 151 61.47 -78.06 -25.45
CA THR I 151 60.64 -78.57 -26.53
C THR I 151 59.31 -77.84 -26.67
N LYS I 152 59.00 -76.86 -25.81
CA LYS I 152 57.81 -76.04 -25.96
C LYS I 152 58.12 -74.96 -26.97
N GLN I 153 57.52 -75.04 -28.15
CA GLN I 153 57.91 -74.18 -29.26
C GLN I 153 57.56 -72.73 -28.99
N LEU I 154 58.50 -71.85 -29.33
CA LEU I 154 58.32 -70.40 -29.28
C LEU I 154 57.93 -69.84 -30.64
N PHE I 155 58.75 -70.11 -31.66
CA PHE I 155 58.61 -69.47 -32.94
C PHE I 155 59.24 -70.35 -34.01
N SER I 156 58.70 -70.27 -35.23
CA SER I 156 59.21 -71.00 -36.38
C SER I 156 59.35 -70.06 -37.57
N SER I 157 60.36 -70.30 -38.40
CA SER I 157 60.61 -69.46 -39.56
C SER I 157 61.39 -70.27 -40.59
N SER I 158 61.42 -69.75 -41.82
CA SER I 158 62.12 -70.38 -42.93
C SER I 158 62.74 -69.30 -43.81
N ILE I 159 64.05 -69.42 -44.06
CA ILE I 159 64.79 -68.47 -44.89
C ILE I 159 65.75 -69.24 -45.78
N LYS I 160 65.99 -68.71 -46.98
CA LYS I 160 66.95 -69.27 -47.91
C LYS I 160 68.34 -69.33 -47.29
N GLY I 161 69.23 -70.07 -47.95
CA GLY I 161 70.52 -70.39 -47.38
C GLY I 161 71.59 -69.33 -47.55
N THR I 162 71.26 -68.08 -47.22
CA THR I 162 72.23 -66.99 -47.12
C THR I 162 72.19 -66.47 -45.68
N ILE I 163 73.38 -66.30 -45.10
CA ILE I 163 73.47 -66.09 -43.65
C ILE I 163 72.91 -64.74 -43.25
N ASP I 164 73.12 -63.71 -44.08
CA ASP I 164 72.68 -62.37 -43.73
C ASP I 164 71.16 -62.30 -43.58
N GLU I 165 70.44 -62.80 -44.58
CA GLU I 165 68.98 -62.79 -44.50
C GLU I 165 68.49 -63.67 -43.36
N ILE I 166 69.18 -64.78 -43.10
CA ILE I 166 68.78 -65.66 -42.00
C ILE I 166 68.86 -64.93 -40.67
N VAL I 167 69.99 -64.29 -40.39
CA VAL I 167 70.15 -63.62 -39.10
C VAL I 167 69.21 -62.41 -39.02
N LEU I 168 69.02 -61.71 -40.14
CA LEU I 168 68.13 -60.56 -40.14
C LEU I 168 66.69 -60.98 -39.83
N GLU I 169 66.22 -62.08 -40.43
CA GLU I 169 64.88 -62.55 -40.12
C GLU I 169 64.79 -63.02 -38.68
N ILE I 170 65.80 -63.75 -38.20
CA ILE I 170 65.74 -64.29 -36.84
C ILE I 170 65.72 -63.15 -35.82
N ASN I 171 66.42 -62.06 -36.11
CA ASN I 171 66.39 -60.89 -35.24
C ASN I 171 65.19 -59.96 -35.51
N SER I 172 64.48 -60.16 -36.61
CA SER I 172 63.43 -59.23 -36.99
C SER I 172 62.15 -59.47 -36.19
N ASN I 173 61.60 -60.66 -36.27
CA ASN I 173 60.33 -60.94 -35.61
C ASN I 173 60.51 -60.95 -34.09
N LEU I 174 59.61 -60.25 -33.39
CA LEU I 174 59.61 -60.25 -31.94
C LEU I 174 59.05 -61.54 -31.35
N ASP I 175 58.51 -62.44 -32.16
CA ASP I 175 58.23 -63.79 -31.70
C ASP I 175 59.51 -64.50 -31.27
N ASN I 176 60.65 -64.10 -31.86
CA ASN I 176 61.96 -64.62 -31.49
C ASN I 176 62.67 -63.71 -30.48
N GLU I 177 61.91 -63.02 -29.63
CA GLU I 177 62.51 -62.08 -28.70
C GLU I 177 63.36 -62.77 -27.63
N TYR I 178 63.17 -64.08 -27.42
CA TYR I 178 63.95 -64.78 -26.40
C TYR I 178 65.43 -64.86 -26.75
N VAL I 179 65.79 -64.72 -28.02
CA VAL I 179 67.14 -65.02 -28.49
C VAL I 179 67.56 -63.97 -29.51
N ILE I 180 68.87 -63.70 -29.55
CA ILE I 180 69.48 -62.78 -30.49
C ILE I 180 70.41 -63.59 -31.39
N ALA I 181 70.31 -63.36 -32.69
CA ALA I 181 71.17 -64.01 -33.67
C ALA I 181 72.21 -63.01 -34.16
N THR I 182 73.46 -63.47 -34.25
CA THR I 182 74.56 -62.66 -34.74
C THR I 182 75.36 -63.44 -35.77
N LYS I 183 75.87 -62.74 -36.77
CA LYS I 183 76.60 -63.36 -37.87
C LYS I 183 78.05 -63.57 -37.46
N VAL I 184 78.53 -64.80 -37.60
CA VAL I 184 79.92 -65.12 -37.30
C VAL I 184 80.81 -64.94 -38.54
N ALA I 185 80.27 -65.24 -39.72
CA ALA I 185 81.01 -65.10 -40.97
C ALA I 185 80.04 -64.77 -42.09
N ASP I 186 80.58 -64.16 -43.15
CA ASP I 186 79.78 -63.73 -44.30
C ASP I 186 79.79 -64.85 -45.34
N SER I 187 79.00 -65.89 -45.04
CA SER I 187 78.88 -67.06 -45.89
C SER I 187 77.52 -67.06 -46.58
N ASP I 188 77.48 -67.69 -47.76
CA ASP I 188 76.25 -67.97 -48.49
C ASP I 188 76.01 -69.46 -48.61
N THR I 189 76.46 -70.22 -47.61
CA THR I 189 76.45 -71.67 -47.64
C THR I 189 75.28 -72.22 -46.83
N ILE I 190 74.96 -73.49 -47.10
CA ILE I 190 73.83 -74.14 -46.44
C ILE I 190 74.19 -74.42 -44.99
N LEU I 191 73.26 -74.07 -44.09
CA LEU I 191 73.50 -74.26 -42.67
C LEU I 191 73.37 -75.74 -42.29
N ALA I 192 73.93 -76.07 -41.12
CA ALA I 192 73.82 -77.40 -40.56
C ALA I 192 72.53 -77.54 -39.77
N ASN I 193 71.90 -78.70 -39.88
CA ASN I 193 70.65 -78.95 -39.19
C ASN I 193 70.90 -79.27 -37.72
N VAL I 194 70.11 -78.65 -36.84
CA VAL I 194 70.14 -78.91 -35.41
C VAL I 194 68.71 -79.26 -34.99
N VAL I 195 68.60 -79.97 -33.88
CA VAL I 195 67.31 -80.42 -33.36
C VAL I 195 67.26 -80.21 -31.86
N ASN I 196 66.55 -79.16 -31.42
CA ASN I 196 66.31 -78.92 -30.00
C ASN I 196 67.62 -78.74 -29.23
N GLN I 197 68.57 -78.05 -29.85
CA GLN I 197 69.86 -77.79 -29.20
C GLN I 197 69.74 -76.61 -28.26
N ALA I 198 70.05 -76.84 -26.99
CA ALA I 198 69.90 -75.79 -25.97
C ALA I 198 70.98 -74.72 -26.14
N LEU I 199 70.61 -73.49 -25.82
CA LEU I 199 71.55 -72.37 -25.78
C LEU I 199 72.33 -72.45 -24.48
N GLU I 200 73.43 -73.19 -24.50
CA GLU I 200 74.19 -73.48 -23.30
C GLU I 200 75.16 -72.34 -23.00
N GLY I 201 75.91 -72.50 -21.91
CA GLY I 201 76.84 -71.50 -21.45
C GLY I 201 76.26 -70.44 -20.54
N GLY I 202 74.94 -70.46 -20.30
CA GLY I 202 74.32 -69.50 -19.43
C GLY I 202 74.38 -69.90 -17.97
N ASN I 203 74.12 -68.91 -17.11
CA ASN I 203 74.10 -69.10 -15.67
C ASN I 203 72.87 -68.39 -15.11
N ASP I 204 72.38 -68.91 -13.99
CA ASP I 204 70.96 -68.73 -13.64
C ASP I 204 70.65 -67.37 -13.01
N GLY I 205 71.20 -67.11 -11.83
CA GLY I 205 70.83 -65.93 -11.07
C GLY I 205 70.68 -66.18 -9.58
N CYS I 206 70.43 -67.42 -9.19
CA CYS I 206 70.51 -67.85 -7.80
C CYS I 206 71.91 -68.30 -7.41
N THR I 207 72.90 -68.05 -8.27
CA THR I 207 74.25 -68.56 -8.07
C THR I 207 75.04 -67.61 -7.18
N SER I 208 75.27 -68.04 -5.93
CA SER I 208 76.19 -67.35 -5.02
C SER I 208 75.79 -65.89 -4.80
N ILE I 209 74.49 -65.66 -4.60
CA ILE I 209 74.02 -64.31 -4.31
C ILE I 209 74.23 -64.04 -2.83
N THR I 210 74.90 -62.91 -2.53
CA THR I 210 75.32 -62.55 -1.18
C THR I 210 74.91 -61.12 -0.90
N ASN I 211 75.28 -60.65 0.30
CA ASN I 211 74.89 -59.32 0.76
C ASN I 211 75.42 -58.22 -0.16
N GLU I 212 76.57 -58.45 -0.80
CA GLU I 212 77.15 -57.41 -1.66
C GLU I 212 76.26 -57.13 -2.86
N SER I 213 75.62 -58.17 -3.41
CA SER I 213 74.69 -57.96 -4.51
C SER I 213 73.52 -57.08 -4.08
N TYR I 214 72.98 -57.34 -2.88
CA TYR I 214 71.89 -56.52 -2.37
C TYR I 214 72.35 -55.09 -2.13
N LEU I 215 73.58 -54.92 -1.64
CA LEU I 215 74.11 -53.58 -1.42
C LEU I 215 74.22 -52.83 -2.74
N LYS I 216 74.72 -53.49 -3.78
CA LYS I 216 74.80 -52.87 -5.10
C LYS I 216 73.41 -52.52 -5.62
N ALA I 217 72.45 -53.42 -5.40
CA ALA I 217 71.07 -53.14 -5.83
C ALA I 217 70.51 -51.91 -5.12
N LEU I 218 70.76 -51.80 -3.81
CA LEU I 218 70.28 -50.64 -3.08
C LEU I 218 70.94 -49.37 -3.57
N GLU I 219 72.24 -49.43 -3.86
CA GLU I 219 72.93 -48.26 -4.40
C GLU I 219 72.35 -47.85 -5.73
N GLU I 220 71.99 -48.81 -6.57
CA GLU I 220 71.25 -48.49 -7.79
C GLU I 220 69.90 -47.86 -7.46
N PHE I 221 69.22 -48.38 -6.45
CA PHE I 221 67.91 -47.86 -6.07
C PHE I 221 67.99 -46.47 -5.46
N GLU I 222 69.17 -46.00 -5.07
CA GLU I 222 69.30 -44.64 -4.56
C GLU I 222 68.86 -43.60 -5.59
N ARG I 223 68.96 -43.93 -6.88
CA ARG I 223 68.61 -43.00 -7.94
C ARG I 223 67.14 -42.59 -7.87
N TYR I 224 66.26 -43.55 -7.60
CA TYR I 224 64.83 -43.37 -7.81
C TYR I 224 64.17 -42.91 -6.51
N SER I 225 62.86 -42.69 -6.58
CA SER I 225 62.03 -42.39 -5.43
C SER I 225 60.95 -43.46 -5.30
N PHE I 226 60.62 -43.81 -4.06
CA PHE I 226 59.73 -44.93 -3.78
C PHE I 226 58.80 -44.58 -2.64
N ASP I 227 57.72 -45.36 -2.55
CA ASP I 227 56.82 -45.32 -1.41
C ASP I 227 57.16 -46.37 -0.35
N SER I 228 57.81 -47.46 -0.73
CA SER I 228 58.19 -48.48 0.24
C SER I 228 59.27 -49.37 -0.34
N PHE I 229 59.94 -50.10 0.55
CA PHE I 229 60.97 -51.08 0.22
C PHE I 229 60.78 -52.30 1.11
N VAL I 230 61.09 -53.49 0.57
CA VAL I 230 60.76 -54.75 1.24
C VAL I 230 61.91 -55.74 1.29
N LEU I 231 62.96 -55.51 0.50
CA LEU I 231 64.19 -56.30 0.57
C LEU I 231 63.97 -57.77 0.18
N ASP I 232 63.45 -57.96 -1.04
CA ASP I 232 63.52 -59.23 -1.76
C ASP I 232 62.83 -60.39 -1.03
N GLY I 233 62.02 -60.11 -0.01
CA GLY I 233 61.41 -61.19 0.73
C GLY I 233 62.41 -62.07 1.44
N VAL I 234 63.56 -61.52 1.81
CA VAL I 234 64.64 -62.25 2.47
C VAL I 234 64.87 -61.64 3.84
N ALA I 235 64.97 -62.50 4.86
CA ALA I 235 65.04 -62.07 6.25
C ALA I 235 66.45 -62.16 6.83
N ASP I 236 67.47 -62.14 5.99
CA ASP I 236 68.84 -62.18 6.48
C ASP I 236 69.12 -60.94 7.33
N GLU I 237 69.71 -61.16 8.50
CA GLU I 237 69.81 -60.09 9.50
C GLU I 237 70.72 -58.96 9.02
N ALA I 238 71.93 -59.29 8.58
CA ALA I 238 72.90 -58.27 8.20
C ALA I 238 72.36 -57.38 7.09
N LEU I 239 71.66 -57.99 6.12
CA LEU I 239 70.98 -57.20 5.11
C LEU I 239 69.96 -56.27 5.74
N GLN I 240 69.27 -56.72 6.81
CA GLN I 240 68.27 -55.86 7.43
C GLN I 240 68.92 -54.66 8.11
N GLU I 241 70.02 -54.86 8.86
CA GLU I 241 70.68 -53.68 9.43
C GLU I 241 71.23 -52.77 8.35
N THR I 242 71.77 -53.35 7.27
CA THR I 242 72.30 -52.53 6.19
C THR I 242 71.20 -51.68 5.58
N THR I 243 70.03 -52.27 5.33
CA THR I 243 68.93 -51.52 4.75
C THR I 243 68.39 -50.50 5.74
N LYS I 244 68.42 -50.81 7.04
CA LYS I 244 68.01 -49.84 8.04
C LYS I 244 68.89 -48.60 7.98
N ALA I 245 70.21 -48.80 7.98
CA ALA I 245 71.13 -47.67 7.88
C ALA I 245 70.94 -46.93 6.56
N TRP I 246 70.69 -47.67 5.48
CA TRP I 246 70.50 -47.07 4.17
C TRP I 246 69.26 -46.17 4.15
N VAL I 247 68.17 -46.64 4.75
CA VAL I 247 66.95 -45.86 4.79
C VAL I 247 67.13 -44.65 5.69
N ALA I 248 67.86 -44.80 6.80
CA ALA I 248 68.14 -43.65 7.65
C ALA I 248 68.92 -42.60 6.89
N LYS I 249 69.93 -43.03 6.12
CA LYS I 249 70.69 -42.11 5.29
C LYS I 249 69.79 -41.41 4.28
N ASN I 250 68.91 -42.17 3.63
CA ASN I 250 68.02 -41.60 2.63
C ASN I 250 67.09 -40.57 3.26
N LYS I 251 66.58 -40.86 4.46
CA LYS I 251 65.74 -39.90 5.17
C LYS I 251 66.50 -38.62 5.47
N GLU I 252 67.73 -38.75 5.97
CA GLU I 252 68.53 -37.57 6.26
C GLU I 252 68.87 -36.80 4.99
N LEU I 253 68.93 -37.48 3.86
CA LEU I 253 69.19 -36.84 2.57
C LEU I 253 67.91 -36.33 1.89
N GLY I 254 66.78 -36.33 2.60
CA GLY I 254 65.55 -35.81 2.06
C GLY I 254 64.73 -36.79 1.25
N LYS I 255 65.12 -38.06 1.19
CA LYS I 255 64.35 -39.10 0.51
C LYS I 255 63.64 -39.92 1.57
N ASP I 256 62.31 -39.84 1.58
CA ASP I 256 61.48 -40.42 2.64
C ASP I 256 61.00 -41.79 2.19
N ILE I 257 61.85 -42.78 2.40
CA ILE I 257 61.58 -44.16 2.00
C ILE I 257 61.14 -44.94 3.22
N LEU I 258 60.04 -45.66 3.07
CA LEU I 258 59.50 -46.55 4.10
C LEU I 258 60.02 -47.96 3.84
N LEU I 259 60.23 -48.71 4.91
CA LEU I 259 60.78 -50.06 4.82
C LEU I 259 59.88 -51.04 5.57
N PHE I 260 59.55 -52.14 4.90
CA PHE I 260 58.86 -53.28 5.48
C PHE I 260 59.81 -54.46 5.55
N LEU I 261 59.70 -55.25 6.61
CA LEU I 261 60.55 -56.40 6.82
C LEU I 261 59.73 -57.54 7.39
N GLY I 262 60.26 -58.75 7.21
CA GLY I 262 59.64 -59.95 7.76
C GLY I 262 60.67 -60.86 8.37
N GLY I 263 60.38 -61.38 9.56
CA GLY I 263 61.31 -62.25 10.23
C GLY I 263 61.39 -63.62 9.59
N LYS I 264 62.33 -64.42 10.10
CA LYS I 264 62.51 -65.76 9.59
C LYS I 264 61.37 -66.66 10.06
N THR I 265 61.08 -67.68 9.25
CA THR I 265 60.04 -68.64 9.62
C THR I 265 60.39 -69.37 10.90
N GLU I 266 61.68 -69.53 11.20
CA GLU I 266 62.09 -70.25 12.40
C GLU I 266 61.88 -69.44 13.67
N ASP I 267 61.76 -68.12 13.55
CA ASP I 267 61.62 -67.28 14.74
C ASP I 267 60.28 -67.50 15.41
N ASN I 268 60.31 -67.71 16.71
CA ASN I 268 59.08 -67.74 17.50
C ASN I 268 58.50 -66.33 17.59
N ILE I 269 57.24 -66.25 18.02
CA ILE I 269 56.60 -64.96 18.19
C ILE I 269 57.37 -64.12 19.20
N LYS I 270 57.97 -64.76 20.20
CA LYS I 270 58.84 -64.03 21.11
C LYS I 270 60.04 -63.45 20.38
N GLN I 271 60.68 -64.25 19.52
CA GLN I 271 61.83 -63.75 18.76
C GLN I 271 61.42 -62.65 17.79
N ILE I 272 60.26 -62.81 17.16
CA ILE I 272 59.76 -61.78 16.25
C ILE I 272 59.51 -60.49 17.02
N ASN I 273 58.93 -60.59 18.21
CA ASN I 273 58.68 -59.42 19.03
C ASN I 273 59.99 -58.78 19.48
N ASP I 274 61.00 -59.60 19.77
CA ASP I 274 62.32 -59.05 20.11
C ASP I 274 62.91 -58.28 18.96
N LYS I 275 62.78 -58.82 17.74
CA LYS I 275 63.28 -58.11 16.57
C LYS I 275 62.50 -56.82 16.33
N SER I 276 61.18 -56.87 16.50
CA SER I 276 60.36 -55.68 16.35
C SER I 276 60.65 -54.65 17.44
N LYS I 277 61.17 -55.10 18.58
CA LYS I 277 61.68 -54.16 19.57
C LYS I 277 63.02 -53.57 19.13
N SER I 278 63.88 -54.41 18.54
CA SER I 278 65.18 -53.92 18.09
C SER I 278 65.02 -52.81 17.07
N PHE I 279 64.10 -52.99 16.13
CA PHE I 279 63.71 -51.92 15.23
C PHE I 279 62.79 -50.96 15.97
N ASN I 280 63.14 -49.68 15.97
CA ASN I 280 62.28 -48.65 16.56
C ASN I 280 62.17 -47.41 15.70
N ASP I 281 62.87 -47.34 14.56
CA ASP I 281 62.63 -46.26 13.61
C ASP I 281 61.25 -46.45 12.99
N GLU I 282 60.55 -45.33 12.81
CA GLU I 282 59.17 -45.37 12.35
C GLU I 282 59.05 -45.96 10.95
N ASN I 283 60.10 -45.84 10.13
CA ASN I 283 60.08 -46.34 8.76
C ASN I 283 60.35 -47.84 8.67
N ILE I 284 60.36 -48.56 9.79
CA ILE I 284 60.60 -49.99 9.82
C ILE I 284 59.33 -50.70 10.26
N VAL I 285 58.91 -51.69 9.48
CA VAL I 285 57.75 -52.50 9.80
C VAL I 285 58.19 -53.96 9.74
N ASN I 286 57.97 -54.68 10.85
CA ASN I 286 58.38 -56.08 10.97
C ASN I 286 57.15 -56.97 10.87
N VAL I 287 57.22 -57.99 10.02
CA VAL I 287 56.12 -58.90 9.76
C VAL I 287 56.47 -60.26 10.34
N GLY I 288 55.54 -60.82 11.12
CA GLY I 288 55.76 -62.08 11.80
C GLY I 288 55.03 -63.26 11.17
N SER I 289 53.79 -63.04 10.75
CA SER I 289 52.96 -64.14 10.31
C SER I 289 53.36 -64.63 8.91
N SER I 290 53.23 -65.93 8.72
CA SER I 290 53.32 -66.57 7.41
C SER I 290 51.91 -66.81 6.88
N ALA I 291 51.83 -67.15 5.59
CA ALA I 291 50.53 -67.27 4.95
C ALA I 291 50.61 -68.17 3.73
N TYR I 292 49.43 -68.59 3.27
CA TYR I 292 49.26 -69.34 2.03
C TYR I 292 48.25 -68.60 1.16
N TYR I 293 48.52 -68.52 -0.14
CA TYR I 293 47.60 -67.92 -1.10
C TYR I 293 47.08 -68.94 -2.10
N GLU I 294 47.96 -69.54 -2.92
CA GLU I 294 47.59 -70.64 -3.81
C GLU I 294 48.05 -71.97 -3.23
N ASN I 295 47.62 -72.25 -2.00
CA ASN I 295 48.01 -73.47 -1.28
C ASN I 295 49.53 -73.59 -1.15
N ILE I 296 50.24 -72.46 -1.18
CA ILE I 296 51.70 -72.43 -1.16
C ILE I 296 52.12 -71.42 -0.09
N LYS I 297 53.00 -71.84 0.81
CA LYS I 297 53.34 -71.01 1.94
C LYS I 297 54.14 -69.78 1.50
N TYR I 298 54.10 -68.76 2.35
CA TYR I 298 54.89 -67.55 2.16
C TYR I 298 55.51 -67.16 3.48
N THR I 299 56.83 -66.95 3.48
CA THR I 299 57.54 -66.58 4.69
C THR I 299 57.08 -65.19 5.13
N PRO I 300 57.39 -64.78 6.36
CA PRO I 300 56.96 -63.44 6.81
C PRO I 300 57.45 -62.32 5.93
N SER I 301 58.61 -62.44 5.31
CA SER I 301 59.11 -61.42 4.40
C SER I 301 58.42 -61.48 3.05
N GLU I 302 58.09 -62.68 2.57
CA GLU I 302 57.37 -62.80 1.31
C GLU I 302 56.00 -62.15 1.41
N VAL I 303 55.32 -62.31 2.54
CA VAL I 303 54.08 -61.59 2.78
C VAL I 303 54.34 -60.14 3.17
N ALA I 304 55.53 -59.81 3.66
CA ALA I 304 55.87 -58.41 3.86
C ALA I 304 55.90 -57.67 2.54
N VAL I 305 56.29 -58.36 1.47
CA VAL I 305 56.19 -57.77 0.14
C VAL I 305 54.75 -57.38 -0.15
N TYR I 306 53.81 -58.29 0.09
CA TYR I 306 52.41 -58.03 -0.21
C TYR I 306 51.84 -56.92 0.67
N ILE I 307 52.18 -56.92 1.97
CA ILE I 307 51.61 -55.92 2.85
C ILE I 307 52.16 -54.53 2.51
N ALA I 308 53.44 -54.45 2.14
CA ALA I 308 53.98 -53.17 1.70
C ALA I 308 53.29 -52.70 0.42
N ALA I 309 53.08 -53.63 -0.52
CA ALA I 309 52.40 -53.29 -1.76
C ALA I 309 50.99 -52.78 -1.49
N LEU I 310 50.26 -53.46 -0.61
CA LEU I 310 48.90 -53.04 -0.28
C LEU I 310 48.90 -51.69 0.42
N SER I 311 49.90 -51.45 1.28
CA SER I 311 49.98 -50.18 1.98
C SER I 311 50.21 -49.03 1.00
N VAL I 312 51.16 -49.19 0.09
CA VAL I 312 51.43 -48.11 -0.86
C VAL I 312 50.26 -47.93 -1.81
N SER I 313 49.60 -49.03 -2.19
CA SER I 313 48.40 -48.91 -3.02
C SER I 313 47.30 -48.16 -2.30
N LYS I 314 47.18 -48.37 -0.99
CA LYS I 314 46.21 -47.62 -0.20
C LYS I 314 46.51 -46.14 -0.25
N GLY I 315 47.79 -45.78 -0.11
CA GLY I 315 48.16 -44.39 -0.11
C GLY I 315 47.55 -43.67 1.08
N ILE I 316 47.22 -42.39 0.86
CA ILE I 316 46.47 -41.60 1.83
C ILE I 316 45.00 -41.93 1.59
N THR I 317 44.13 -41.53 2.52
CA THR I 317 42.68 -41.81 2.44
C THR I 317 42.40 -43.29 2.66
N GLY I 318 43.18 -43.92 3.52
CA GLY I 318 42.97 -45.33 3.81
C GLY I 318 43.97 -45.82 4.83
N SER I 319 43.87 -47.11 5.13
CA SER I 319 44.75 -47.76 6.08
C SER I 319 44.78 -49.25 5.76
N ILE I 320 45.34 -50.04 6.67
CA ILE I 320 45.45 -51.48 6.51
C ILE I 320 44.95 -52.25 7.72
N CYS I 321 44.42 -51.56 8.73
CA CYS I 321 44.16 -52.22 10.01
C CYS I 321 43.10 -53.30 9.92
N ASN I 322 42.28 -53.31 8.86
CA ASN I 322 41.38 -54.43 8.61
C ASN I 322 41.25 -54.76 7.13
N ALA I 323 42.22 -54.38 6.31
CA ALA I 323 42.14 -54.67 4.89
C ALA I 323 42.18 -56.17 4.65
N LYS I 324 41.27 -56.67 3.83
CA LYS I 324 41.24 -58.10 3.54
C LYS I 324 42.43 -58.47 2.66
N THR I 325 43.01 -59.63 2.94
CA THR I 325 44.15 -60.14 2.20
C THR I 325 43.71 -61.25 1.26
N ILE I 326 44.58 -61.53 0.27
CA ILE I 326 44.32 -62.60 -0.69
C ILE I 326 44.63 -63.98 -0.12
N PHE I 327 45.25 -64.06 1.06
CA PHE I 327 45.77 -65.32 1.55
C PHE I 327 44.67 -66.21 2.09
N GLU I 328 44.75 -67.49 1.73
CA GLU I 328 43.73 -68.46 2.13
C GLU I 328 44.01 -69.05 3.51
N GLU I 329 45.24 -68.96 4.00
CA GLU I 329 45.57 -69.38 5.36
C GLU I 329 46.65 -68.48 5.93
N VAL I 330 46.74 -68.50 7.26
CA VAL I 330 47.71 -67.71 8.01
C VAL I 330 48.23 -68.56 9.16
N GLU I 331 49.54 -68.46 9.42
CA GLU I 331 50.13 -69.10 10.59
C GLU I 331 51.43 -68.38 10.91
N PRO I 332 51.86 -68.36 12.19
CA PRO I 332 51.23 -68.91 13.39
C PRO I 332 50.03 -68.07 13.82
N ARG I 333 49.08 -68.67 14.54
CA ARG I 333 47.78 -68.08 14.81
C ARG I 333 47.66 -67.74 16.28
N LEU I 334 47.10 -66.56 16.56
CA LEU I 334 47.30 -65.86 17.82
C LEU I 334 45.98 -65.63 18.53
N SER I 335 45.98 -65.88 19.83
CA SER I 335 44.89 -65.40 20.69
C SER I 335 45.04 -63.90 20.89
N GLN I 336 44.02 -63.30 21.51
CA GLN I 336 44.04 -61.86 21.76
C GLN I 336 45.24 -61.46 22.62
N SER I 337 45.66 -62.33 23.53
CA SER I 337 46.85 -62.05 24.33
C SER I 337 48.08 -61.96 23.42
N GLU I 338 48.24 -62.93 22.51
CA GLU I 338 49.38 -62.91 21.61
C GLU I 338 49.32 -61.71 20.68
N VAL I 339 48.12 -61.38 20.18
CA VAL I 339 47.97 -60.22 19.31
C VAL I 339 48.37 -58.95 20.04
N LYS I 340 47.93 -58.80 21.30
CA LYS I 340 48.28 -57.62 22.07
C LYS I 340 49.78 -57.57 22.34
N GLU I 341 50.39 -58.73 22.59
CA GLU I 341 51.83 -58.80 22.79
C GLU I 341 52.56 -58.33 21.53
N CYS I 342 52.12 -58.81 20.37
CA CYS I 342 52.76 -58.44 19.11
C CYS I 342 52.60 -56.96 18.82
N LEU I 343 51.40 -56.42 19.05
CA LEU I 343 51.17 -55.00 18.80
C LEU I 343 52.00 -54.13 19.74
N LYS I 344 52.06 -54.51 21.02
CA LYS I 344 52.91 -53.79 21.95
C LYS I 344 54.38 -53.86 21.55
N SER I 345 54.79 -54.97 20.95
CA SER I 345 56.14 -55.11 20.43
C SER I 345 56.36 -54.36 19.13
N GLY I 346 55.31 -53.79 18.53
CA GLY I 346 55.41 -53.17 17.24
C GLY I 346 55.29 -54.11 16.06
N THR I 347 55.18 -55.41 16.32
CA THR I 347 55.04 -56.38 15.24
C THR I 347 53.71 -56.21 14.53
N LEU I 348 53.74 -56.39 13.21
CA LEU I 348 52.54 -56.53 12.40
C LEU I 348 52.35 -58.00 12.05
N VAL I 349 51.17 -58.53 12.33
CA VAL I 349 50.87 -59.95 12.12
C VAL I 349 49.48 -60.06 11.51
N LEU I 350 49.34 -60.93 10.52
CA LEU I 350 48.03 -61.17 9.95
C LEU I 350 47.16 -61.98 10.91
N ASP I 351 45.87 -62.04 10.61
CA ASP I 351 44.90 -62.65 11.50
C ASP I 351 43.81 -63.31 10.68
N PHE I 352 43.06 -64.19 11.34
CA PHE I 352 41.95 -64.93 10.73
C PHE I 352 40.65 -64.56 11.43
N ASP I 353 40.41 -63.26 11.58
CA ASP I 353 39.22 -62.78 12.30
C ASP I 353 37.93 -63.30 11.69
N ASP I 354 37.94 -63.65 10.40
CA ASP I 354 36.79 -64.24 9.73
C ASP I 354 37.31 -65.38 8.85
N GLY I 355 36.47 -65.89 7.95
CA GLY I 355 36.87 -66.98 7.09
C GLY I 355 38.02 -66.65 6.15
N ASP I 356 38.35 -65.37 5.98
CA ASP I 356 39.51 -64.93 5.22
C ASP I 356 40.65 -64.58 6.17
N VAL I 357 41.80 -64.25 5.59
CA VAL I 357 42.94 -63.74 6.33
C VAL I 357 42.88 -62.22 6.31
N ILE I 358 42.95 -61.60 7.48
CA ILE I 358 42.73 -60.17 7.64
C ILE I 358 43.92 -59.58 8.36
N ILE I 359 44.34 -58.39 7.93
CA ILE I 359 45.41 -57.66 8.61
C ILE I 359 44.89 -57.17 9.94
N VAL I 360 45.69 -57.35 10.99
CA VAL I 360 45.21 -57.06 12.33
C VAL I 360 45.15 -55.55 12.58
N ASP I 361 46.21 -54.82 12.22
CA ASP I 361 46.36 -53.44 12.67
C ASP I 361 47.32 -52.71 11.74
N ASP I 362 47.51 -51.42 12.02
CA ASP I 362 48.33 -50.53 11.22
C ASP I 362 49.72 -50.30 11.83
N VAL I 363 50.11 -51.13 12.80
CA VAL I 363 51.27 -50.83 13.64
C VAL I 363 52.56 -50.96 12.85
N ASN I 364 53.62 -50.33 13.38
CA ASN I 364 54.98 -50.46 12.89
C ASN I 364 55.89 -50.85 14.05
N THR I 365 57.16 -51.09 13.74
CA THR I 365 58.09 -51.49 14.79
C THR I 365 58.33 -50.37 15.80
N PHE I 366 58.14 -49.11 15.39
CA PHE I 366 58.38 -48.02 16.32
C PHE I 366 57.45 -48.06 17.53
N LYS I 367 56.23 -48.58 17.35
CA LYS I 367 55.14 -48.39 18.32
C LYS I 367 55.51 -48.76 19.76
N LYS I 368 56.59 -49.50 19.96
CA LYS I 368 57.06 -49.81 21.31
C LYS I 368 57.28 -48.55 22.14
N TYR I 369 57.67 -47.43 21.52
CA TYR I 369 57.80 -46.15 22.21
C TYR I 369 56.62 -45.26 21.85
N VAL I 370 56.37 -44.26 22.70
CA VAL I 370 55.02 -43.71 22.84
C VAL I 370 54.92 -42.23 22.51
N ASP I 371 55.61 -41.37 23.27
CA ASP I 371 55.13 -40.01 23.48
C ASP I 371 55.77 -38.98 22.56
N ASP I 372 57.11 -38.90 22.51
CA ASP I 372 57.73 -37.88 21.67
C ASP I 372 57.35 -38.09 20.21
N LYS I 373 57.78 -39.18 19.59
CA LYS I 373 57.18 -39.58 18.33
C LYS I 373 55.83 -40.19 18.69
N ASN I 374 54.75 -39.46 18.39
CA ASN I 374 53.48 -39.73 19.04
C ASN I 374 52.96 -41.12 18.67
N GLU I 375 51.89 -41.50 19.35
CA GLU I 375 51.33 -42.84 19.16
C GLU I 375 50.82 -43.03 17.74
N ALA I 376 50.35 -41.95 17.11
CA ALA I 376 49.95 -42.05 15.71
C ALA I 376 51.13 -42.37 14.81
N MET I 377 52.34 -41.94 15.19
CA MET I 377 53.53 -42.35 14.44
C MET I 377 53.73 -43.85 14.49
N GLY I 378 53.23 -44.50 15.54
CA GLY I 378 53.27 -45.96 15.60
C GLY I 378 52.45 -46.63 14.51
N TYR I 379 51.56 -45.89 13.86
CA TYR I 379 50.74 -46.41 12.77
C TYR I 379 51.32 -46.01 11.42
N ILE I 380 51.27 -46.95 10.48
CA ILE I 380 51.94 -46.77 9.19
C ILE I 380 51.27 -45.66 8.38
N SER I 381 49.95 -45.52 8.51
CA SER I 381 49.23 -44.53 7.71
C SER I 381 49.72 -43.11 8.01
N ASN I 382 49.96 -42.82 9.29
CA ASN I 382 50.49 -41.50 9.64
C ASN I 382 51.86 -41.27 9.03
N ILE I 383 52.70 -42.30 9.03
CA ILE I 383 54.03 -42.16 8.44
C ILE I 383 53.92 -41.91 6.94
N MET I 384 52.99 -42.61 6.28
CA MET I 384 52.77 -42.37 4.86
C MET I 384 52.32 -40.94 4.62
N PHE I 385 51.44 -40.45 5.49
CA PHE I 385 50.98 -39.06 5.38
C PHE I 385 52.14 -38.08 5.53
N ILE I 386 52.96 -38.28 6.56
CA ILE I 386 54.08 -37.36 6.80
C ILE I 386 55.07 -37.41 5.66
N ASN I 387 55.36 -38.61 5.15
CA ASN I 387 56.28 -38.74 4.04
C ASN I 387 55.72 -38.06 2.80
N THR I 388 54.40 -38.17 2.58
CA THR I 388 53.78 -37.49 1.44
C THR I 388 53.88 -35.98 1.57
N ILE I 389 53.64 -35.46 2.77
CA ILE I 389 53.75 -34.01 2.96
C ILE I 389 55.18 -33.56 2.74
N ASN I 390 56.14 -34.32 3.27
CA ASN I 390 57.54 -33.99 3.06
C ASN I 390 57.90 -34.05 1.57
N LYS I 391 57.36 -35.03 0.86
CA LYS I 391 57.67 -35.17 -0.56
C LYS I 391 57.09 -34.01 -1.37
N ASP I 392 55.84 -33.65 -1.12
CA ASP I 392 55.25 -32.54 -1.85
C ASP I 392 55.95 -31.23 -1.52
N THR I 393 56.35 -31.07 -0.27
CA THR I 393 57.08 -29.88 0.14
C THR I 393 58.45 -29.81 -0.53
N SER I 394 59.17 -30.93 -0.54
CA SER I 394 60.43 -31.03 -1.25
C SER I 394 60.25 -31.00 -2.76
N LEU I 395 59.02 -31.14 -3.25
CA LEU I 395 58.74 -30.80 -4.64
C LEU I 395 58.63 -29.29 -4.80
N LYS I 396 58.00 -28.62 -3.83
CA LYS I 396 57.89 -27.17 -3.86
C LYS I 396 59.25 -26.48 -3.75
N ARG I 397 60.28 -27.21 -3.29
CA ARG I 397 61.59 -26.57 -3.14
C ARG I 397 62.01 -25.92 -4.44
N LYS I 398 61.90 -26.67 -5.55
CA LYS I 398 62.38 -26.21 -6.84
C LYS I 398 61.54 -25.07 -7.37
N GLU I 399 60.27 -25.01 -6.97
CA GLU I 399 59.44 -23.88 -7.34
C GLU I 399 59.88 -22.61 -6.63
N PHE I 400 60.28 -22.72 -5.36
CA PHE I 400 60.53 -21.55 -4.53
C PHE I 400 61.98 -21.26 -4.22
N VAL I 401 62.86 -22.25 -4.17
CA VAL I 401 64.25 -21.99 -3.80
C VAL I 401 64.95 -21.31 -4.96
N GLY I 402 65.64 -20.21 -4.66
CA GLY I 402 66.43 -19.54 -5.68
C GLY I 402 65.62 -18.86 -6.75
N LYS I 403 64.35 -18.54 -6.48
CA LYS I 403 63.47 -17.98 -7.49
C LYS I 403 62.55 -16.90 -6.95
N ILE I 404 62.67 -16.50 -5.69
CA ILE I 404 61.84 -15.45 -5.12
C ILE I 404 62.58 -14.83 -3.96
N PHE I 405 62.35 -13.53 -3.73
CA PHE I 405 63.37 -12.65 -3.17
C PHE I 405 63.39 -12.58 -1.64
N ASN I 406 62.68 -13.45 -0.92
CA ASN I 406 62.68 -13.42 0.54
C ASN I 406 62.01 -12.19 1.14
N ASP I 407 61.44 -11.31 0.32
CA ASP I 407 60.75 -10.15 0.84
C ASP I 407 59.41 -10.60 1.40
N ALA I 408 58.60 -9.65 1.87
CA ALA I 408 57.27 -10.00 2.37
C ALA I 408 56.43 -10.62 1.27
N THR I 409 56.61 -10.17 0.03
CA THR I 409 55.84 -10.73 -1.09
C THR I 409 56.19 -12.19 -1.32
N GLY I 410 57.48 -12.53 -1.31
CA GLY I 410 57.86 -13.91 -1.53
C GLY I 410 57.39 -14.83 -0.42
N GLN I 411 57.54 -14.37 0.83
CA GLN I 411 57.06 -15.15 1.96
C GLN I 411 55.56 -15.36 1.88
N THR I 412 54.83 -14.30 1.51
CA THR I 412 53.38 -14.40 1.38
C THR I 412 53.01 -15.37 0.27
N THR I 413 53.73 -15.34 -0.85
CA THR I 413 53.44 -16.26 -1.94
C THR I 413 53.68 -17.70 -1.52
N VAL I 414 54.79 -17.96 -0.82
CA VAL I 414 55.07 -19.31 -0.36
C VAL I 414 53.99 -19.78 0.60
N ILE I 415 53.61 -18.92 1.55
CA ILE I 415 52.60 -19.28 2.53
C ILE I 415 51.26 -19.52 1.84
N CYS I 416 50.94 -18.71 0.83
CA CYS I 416 49.68 -18.88 0.12
C CYS I 416 49.67 -20.19 -0.66
N ALA I 417 50.79 -20.56 -1.28
CA ALA I 417 50.85 -21.84 -1.99
C ALA I 417 50.69 -23.00 -1.03
N LEU I 418 51.39 -22.96 0.11
CA LEU I 418 51.25 -24.04 1.09
C LEU I 418 49.84 -24.09 1.65
N LYS I 419 49.23 -22.93 1.86
CA LYS I 419 47.85 -22.88 2.32
C LYS I 419 46.91 -23.49 1.30
N LYS I 420 47.14 -23.22 0.02
CA LYS I 420 46.32 -23.81 -1.03
C LYS I 420 46.47 -25.32 -1.03
N TYR I 421 47.69 -25.81 -0.86
CA TYR I 421 47.91 -27.26 -0.80
C TYR I 421 47.18 -27.87 0.38
N PHE I 422 47.32 -27.27 1.56
CA PHE I 422 46.65 -27.82 2.73
C PHE I 422 45.14 -27.69 2.64
N GLU I 423 44.64 -26.67 1.95
CA GLU I 423 43.20 -26.56 1.72
C GLU I 423 42.72 -27.61 0.73
N GLU I 424 43.55 -27.96 -0.24
CA GLU I 424 43.24 -29.11 -1.09
C GLU I 424 43.14 -30.39 -0.26
N LEU I 425 44.06 -30.55 0.69
CA LEU I 425 43.99 -31.69 1.59
C LEU I 425 42.71 -31.65 2.43
N MET I 426 42.34 -30.47 2.91
CA MET I 426 41.10 -30.31 3.68
C MET I 426 39.89 -30.69 2.84
N SER I 427 39.88 -30.30 1.57
CA SER I 427 38.76 -30.62 0.69
C SER I 427 38.59 -32.12 0.55
N GLN I 428 39.70 -32.86 0.51
CA GLN I 428 39.63 -34.32 0.50
C GLN I 428 39.20 -34.90 1.84
N GLY I 429 39.14 -34.09 2.89
CA GLY I 429 38.72 -34.54 4.19
C GLY I 429 39.80 -35.23 5.00
N ILE I 430 41.02 -35.34 4.45
CA ILE I 430 42.08 -36.07 5.15
C ILE I 430 42.45 -35.36 6.45
N ILE I 431 42.40 -34.04 6.44
CA ILE I 431 42.75 -33.22 7.60
C ILE I 431 41.46 -32.63 8.15
N SER I 432 41.30 -32.72 9.47
CA SER I 432 40.15 -32.12 10.14
C SER I 432 40.39 -30.66 10.49
N GLU I 433 41.64 -30.30 10.80
CA GLU I 433 41.99 -28.94 11.17
C GLU I 433 43.46 -28.71 10.85
N PHE I 434 43.79 -27.48 10.47
CA PHE I 434 45.19 -27.13 10.24
C PHE I 434 45.35 -25.62 10.33
N ASN I 435 46.60 -25.21 10.54
CA ASN I 435 47.03 -23.84 10.31
C ASN I 435 48.49 -23.88 9.89
N VAL I 436 48.86 -22.99 8.98
CA VAL I 436 50.23 -22.87 8.51
C VAL I 436 50.60 -21.39 8.49
N ASP I 437 51.75 -21.07 9.09
CA ASP I 437 52.14 -19.69 9.29
C ASP I 437 53.66 -19.59 9.31
N ILE I 438 54.16 -18.38 9.16
CA ILE I 438 55.59 -18.13 9.24
C ILE I 438 56.08 -18.42 10.65
N ASP I 439 57.27 -18.99 10.75
CA ASP I 439 57.88 -19.33 12.04
C ASP I 439 58.65 -18.11 12.50
N THR I 440 57.91 -17.13 13.00
CA THR I 440 58.50 -15.83 13.34
C THR I 440 59.56 -15.96 14.43
N GLU I 441 59.46 -16.98 15.28
CA GLU I 441 60.51 -17.23 16.26
C GLU I 441 61.84 -17.53 15.56
N LEU I 442 61.83 -18.49 14.63
CA LEU I 442 63.04 -18.82 13.90
C LEU I 442 63.30 -17.83 12.77
N GLN I 443 62.25 -17.20 12.24
CA GLN I 443 62.46 -16.20 11.20
C GLN I 443 63.22 -14.99 11.71
N ALA I 444 63.04 -14.65 12.99
CA ALA I 444 63.83 -13.57 13.58
C ALA I 444 65.31 -13.92 13.57
N THR I 445 65.63 -15.18 13.90
CA THR I 445 67.01 -15.65 13.87
C THR I 445 67.46 -16.10 12.48
N ALA I 446 66.56 -16.14 11.51
CA ALA I 446 66.91 -16.63 10.19
C ALA I 446 67.90 -15.70 9.51
N LYS I 447 68.83 -16.29 8.78
CA LYS I 447 69.70 -15.50 7.93
C LYS I 447 68.88 -14.96 6.75
N ALA I 448 69.40 -13.89 6.14
CA ALA I 448 68.62 -13.16 5.15
C ALA I 448 68.30 -13.99 3.91
N ASP I 449 69.09 -15.03 3.62
CA ASP I 449 68.92 -15.85 2.43
C ASP I 449 68.13 -17.13 2.71
N GLU I 450 67.35 -17.16 3.80
CA GLU I 450 66.60 -18.35 4.17
C GLU I 450 65.26 -17.97 4.78
N PHE I 451 64.40 -18.99 4.93
CA PHE I 451 63.03 -18.83 5.36
C PHE I 451 62.66 -19.97 6.30
N TYR I 452 61.90 -19.65 7.35
CA TYR I 452 61.37 -20.63 8.28
C TYR I 452 59.86 -20.50 8.35
N TRP I 453 59.18 -21.62 8.54
CA TRP I 453 57.72 -21.63 8.53
C TRP I 453 57.26 -22.81 9.38
N LYS I 454 56.06 -22.70 9.90
CA LYS I 454 55.48 -23.69 10.80
C LYS I 454 54.08 -24.04 10.34
N TRP I 455 53.65 -25.25 10.68
CA TRP I 455 52.28 -25.67 10.40
C TRP I 455 51.85 -26.73 11.39
N ASP I 456 50.58 -26.63 11.81
CA ASP I 456 49.92 -27.65 12.60
C ASP I 456 48.78 -28.25 11.77
N ALA I 457 48.46 -29.50 12.08
CA ALA I 457 47.40 -30.20 11.37
C ALA I 457 46.80 -31.26 12.28
N VAL I 458 45.66 -31.81 11.85
CA VAL I 458 45.01 -32.91 12.54
C VAL I 458 44.52 -33.88 11.48
N LYS I 459 45.25 -34.97 11.29
CA LYS I 459 44.82 -36.00 10.36
C LYS I 459 43.51 -36.60 10.83
N VAL I 460 42.63 -36.91 9.88
CA VAL I 460 41.35 -37.50 10.23
C VAL I 460 41.58 -38.97 10.55
N ASP I 461 41.00 -39.43 11.65
CA ASP I 461 41.26 -40.78 12.15
C ASP I 461 40.40 -41.79 11.40
N VAL I 462 40.43 -43.03 11.86
CA VAL I 462 39.60 -44.12 11.32
C VAL I 462 39.22 -45.01 12.50
N MET I 463 38.02 -45.60 12.45
CA MET I 463 37.65 -46.57 13.47
C MET I 463 38.56 -47.78 13.41
N LYS I 464 39.32 -47.98 14.48
CA LYS I 464 39.94 -49.26 14.78
C LYS I 464 39.13 -50.04 15.81
N LYS I 465 38.65 -49.36 16.85
CA LYS I 465 37.85 -49.97 17.91
C LYS I 465 36.43 -49.41 17.82
N ILE I 466 35.44 -50.25 18.08
CA ILE I 466 34.06 -49.78 18.21
C ILE I 466 33.38 -50.57 19.31
N TYR I 467 32.54 -49.89 20.09
CA TYR I 467 31.84 -50.47 21.22
C TYR I 467 30.36 -50.13 21.16
N GLY I 468 29.53 -51.11 21.45
CA GLY I 468 28.10 -50.91 21.47
C GLY I 468 27.49 -51.45 22.75
N THR I 469 26.44 -50.78 23.21
CA THR I 469 25.72 -51.14 24.42
C THR I 469 24.23 -51.19 24.09
N GLY I 470 23.56 -52.23 24.56
CA GLY I 470 22.19 -52.51 24.18
C GLY I 470 21.22 -52.41 25.34
N TYR I 471 20.02 -51.92 25.03
CA TYR I 471 18.91 -51.84 25.97
C TYR I 471 17.70 -52.53 25.35
N LEU I 472 16.99 -53.30 26.17
CA LEU I 472 15.79 -54.03 25.74
C LEU I 472 14.64 -53.77 26.71
N GLU J 13 10.37 28.28 -63.84
CA GLU J 13 9.53 27.86 -64.99
C GLU J 13 8.14 28.48 -64.89
N ILE J 14 7.31 28.25 -65.89
CA ILE J 14 5.93 28.72 -65.87
C ILE J 14 5.16 27.90 -64.83
N PRO J 15 4.08 28.42 -64.25
CA PRO J 15 3.31 27.60 -63.32
C PRO J 15 2.66 26.41 -64.00
N GLY J 16 2.58 25.31 -63.26
CA GLY J 16 2.07 24.06 -63.78
C GLY J 16 2.55 22.91 -62.91
N PHE J 17 2.22 21.69 -63.36
CA PHE J 17 2.52 20.48 -62.58
C PHE J 17 3.25 19.57 -63.56
N TYR J 18 4.58 19.68 -63.64
CA TYR J 18 5.32 19.03 -64.72
C TYR J 18 6.10 17.83 -64.19
N ASN J 19 5.66 16.65 -64.61
CA ASN J 19 6.26 15.39 -64.21
C ASN J 19 7.55 15.15 -65.00
N ARG J 20 8.50 14.46 -64.38
CA ARG J 20 9.73 14.06 -65.04
C ARG J 20 10.11 12.68 -64.47
N PHE J 21 9.74 11.63 -65.20
CA PHE J 21 9.84 10.27 -64.69
C PHE J 21 11.26 9.73 -64.79
N LYS J 22 11.66 8.98 -63.76
CA LYS J 22 13.05 8.60 -63.56
C LYS J 22 13.14 7.13 -63.16
N THR J 23 12.37 6.27 -63.82
CA THR J 23 12.54 4.82 -63.66
C THR J 23 13.67 4.34 -64.57
N GLN J 24 14.86 4.79 -64.20
CA GLN J 24 16.08 4.52 -64.93
C GLN J 24 16.67 3.17 -64.52
N ALA J 25 16.99 3.05 -63.25
CA ALA J 25 17.63 1.89 -62.62
C ALA J 25 16.92 1.56 -61.32
N GLU J 26 15.60 1.38 -61.40
CA GLU J 26 14.78 1.25 -60.20
C GLU J 26 15.26 0.10 -59.32
N LYS J 27 15.27 -1.13 -59.85
CA LYS J 27 15.87 -2.26 -59.14
C LYS J 27 16.60 -3.17 -60.13
N SER J 28 17.31 -2.57 -61.08
CA SER J 28 18.11 -3.29 -62.06
C SER J 28 19.58 -3.33 -61.68
N THR J 29 19.87 -3.40 -60.38
CA THR J 29 21.21 -3.26 -59.84
C THR J 29 21.64 -4.49 -59.07
N ASN J 30 22.93 -4.77 -59.08
CA ASN J 30 23.53 -5.83 -58.29
C ASN J 30 24.92 -5.38 -57.84
N THR J 31 25.41 -6.01 -56.77
CA THR J 31 26.63 -5.60 -56.09
C THR J 31 27.70 -6.69 -56.13
N GLY J 32 27.74 -7.46 -57.20
CA GLY J 32 28.65 -8.59 -57.29
C GLY J 32 29.98 -8.28 -57.95
N LEU J 33 30.35 -7.00 -58.06
CA LEU J 33 31.54 -6.58 -58.77
C LEU J 33 32.27 -5.51 -57.99
N LYS J 34 33.58 -5.42 -58.21
CA LYS J 34 34.42 -4.45 -57.51
C LYS J 34 35.76 -4.39 -58.21
N GLY J 35 36.51 -3.33 -57.93
CA GLY J 35 37.89 -3.21 -58.34
C GLY J 35 38.05 -2.73 -59.77
N ARG J 36 39.28 -2.29 -60.07
CA ARG J 36 39.66 -1.86 -61.41
C ARG J 36 41.09 -2.30 -61.68
N LEU J 37 41.37 -2.61 -62.94
CA LEU J 37 42.62 -3.23 -63.36
C LEU J 37 43.19 -2.53 -64.58
N ALA J 38 44.52 -2.51 -64.66
CA ALA J 38 45.25 -1.97 -65.80
C ALA J 38 45.67 -3.10 -66.73
N MET J 39 45.74 -2.78 -68.03
CA MET J 39 45.99 -3.79 -69.07
C MET J 39 46.64 -3.14 -70.27
N PRO J 40 47.95 -3.28 -70.43
CA PRO J 40 48.55 -3.14 -71.77
C PRO J 40 48.26 -4.39 -72.59
N ILE J 41 47.78 -4.19 -73.81
CA ILE J 41 47.31 -5.29 -74.64
C ILE J 41 47.75 -5.10 -76.08
N ARG J 42 48.05 -6.22 -76.75
CA ARG J 42 48.19 -6.27 -78.19
C ARG J 42 46.85 -6.70 -78.79
N ALA J 43 46.40 -5.98 -79.81
CA ALA J 43 45.07 -6.22 -80.37
C ALA J 43 45.10 -6.01 -81.87
N ASN J 44 44.32 -6.82 -82.58
CA ASN J 44 44.08 -6.62 -84.01
C ASN J 44 43.10 -5.49 -84.27
N TRP J 45 42.24 -5.16 -83.32
CA TRP J 45 41.16 -4.21 -83.50
C TRP J 45 41.04 -3.33 -82.27
N GLY J 46 40.52 -2.12 -82.47
CA GLY J 46 40.17 -1.22 -81.38
C GLY J 46 41.04 0.03 -81.39
N ASP J 47 40.71 0.91 -80.45
CA ASP J 47 41.39 2.19 -80.34
C ASP J 47 42.86 2.00 -80.00
N VAL J 48 43.67 2.99 -80.38
CA VAL J 48 45.11 2.95 -80.25
C VAL J 48 45.57 4.22 -79.55
N GLY J 49 46.52 4.08 -78.63
CA GLY J 49 47.14 5.22 -77.98
C GLY J 49 46.33 5.88 -76.89
N LYS J 50 45.29 5.22 -76.40
CA LYS J 50 44.46 5.75 -75.33
C LYS J 50 44.14 4.66 -74.32
N VAL J 51 43.93 5.08 -73.07
CA VAL J 51 43.57 4.18 -71.98
C VAL J 51 42.05 4.22 -71.87
N VAL J 52 41.40 3.14 -72.28
CA VAL J 52 39.94 3.06 -72.34
C VAL J 52 39.45 2.13 -71.25
N THR J 53 38.39 2.56 -70.56
CA THR J 53 37.76 1.76 -69.52
C THR J 53 36.70 0.85 -70.14
N ILE J 54 36.67 -0.40 -69.69
CA ILE J 54 35.73 -1.41 -70.18
C ILE J 54 34.89 -1.88 -69.00
N LYS J 55 33.57 -1.77 -69.14
CA LYS J 55 32.67 -2.36 -68.17
C LYS J 55 32.69 -3.88 -68.31
N ASN J 56 32.25 -4.57 -67.25
CA ASN J 56 32.50 -5.99 -67.13
C ASN J 56 31.77 -6.84 -68.17
N ASP J 57 30.84 -6.27 -68.93
CA ASP J 57 30.23 -7.02 -70.02
C ASP J 57 31.28 -7.31 -71.09
N LEU J 58 31.50 -8.59 -71.37
CA LEU J 58 32.47 -8.97 -72.40
C LEU J 58 32.04 -8.52 -73.79
N ARG J 59 30.74 -8.28 -74.00
CA ARG J 59 30.27 -7.74 -75.26
C ARG J 59 30.95 -6.40 -75.56
N GLN J 60 31.18 -5.60 -74.53
CA GLN J 60 31.90 -4.34 -74.72
C GLN J 60 33.32 -4.59 -75.19
N LEU J 61 34.00 -5.56 -74.57
CA LEU J 61 35.35 -5.92 -75.02
C LEU J 61 35.32 -6.42 -76.45
N LYS J 62 34.36 -7.29 -76.77
CA LYS J 62 34.26 -7.86 -78.10
C LYS J 62 34.03 -6.76 -79.14
N ASN J 63 33.19 -5.78 -78.81
CA ASN J 63 32.92 -4.69 -79.74
C ASN J 63 34.14 -3.80 -79.91
N LEU J 64 34.77 -3.40 -78.81
CA LEU J 64 35.78 -2.35 -78.85
C LEU J 64 37.18 -2.84 -79.16
N PHE J 65 37.43 -4.17 -79.11
CA PHE J 65 38.75 -4.71 -79.41
C PHE J 65 38.69 -6.03 -80.17
N GLY J 66 37.54 -6.42 -80.70
CA GLY J 66 37.45 -7.64 -81.47
C GLY J 66 37.33 -8.86 -80.59
N ASP J 67 37.25 -10.03 -81.25
CA ASP J 67 37.02 -11.31 -80.59
C ASP J 67 38.06 -12.34 -81.02
N ASP J 68 39.27 -11.90 -81.31
CA ASP J 68 40.34 -12.80 -81.77
C ASP J 68 41.14 -13.26 -80.55
N MET J 69 41.13 -14.58 -80.31
CA MET J 69 41.87 -15.15 -79.21
C MET J 69 43.35 -15.32 -79.49
N ASN J 70 43.79 -15.08 -80.73
CA ASN J 70 45.21 -15.11 -81.04
C ASN J 70 45.98 -13.95 -80.42
N TYR J 71 45.30 -12.95 -79.87
CA TYR J 71 45.91 -11.73 -79.38
C TYR J 71 45.69 -11.63 -77.88
N SER J 72 46.65 -10.97 -77.21
CA SER J 72 46.57 -10.82 -75.76
C SER J 72 45.32 -10.08 -75.34
N ALA J 73 44.84 -9.15 -76.17
CA ALA J 73 43.71 -8.29 -75.82
C ALA J 73 42.48 -9.08 -75.43
N PHE J 74 41.89 -9.82 -76.37
CA PHE J 74 40.63 -10.49 -76.09
C PHE J 74 40.79 -11.59 -75.04
N LYS J 75 41.87 -12.36 -75.12
CA LYS J 75 42.05 -13.48 -74.20
C LYS J 75 42.21 -12.98 -72.76
N LEU J 76 43.15 -12.06 -72.55
CA LEU J 76 43.37 -11.54 -71.20
C LEU J 76 42.20 -10.70 -70.73
N GLY J 77 41.49 -10.04 -71.64
CA GLY J 77 40.29 -9.33 -71.25
C GLY J 77 39.22 -10.28 -70.76
N LYS J 78 39.01 -11.39 -71.47
CA LYS J 78 38.04 -12.38 -71.02
C LYS J 78 38.41 -12.94 -69.65
N LEU J 79 39.70 -13.22 -69.46
CA LEU J 79 40.14 -13.72 -68.15
C LEU J 79 39.89 -12.70 -67.05
N ALA J 80 40.19 -11.42 -67.32
CA ALA J 80 39.97 -10.39 -66.32
C ALA J 80 38.48 -10.22 -66.01
N LEU J 81 37.65 -10.23 -67.05
CA LEU J 81 36.21 -10.07 -66.86
C LEU J 81 35.65 -11.24 -66.05
N LEU J 82 36.11 -12.45 -66.33
CA LEU J 82 35.75 -13.59 -65.49
C LEU J 82 36.31 -13.45 -64.08
N GLY J 83 37.37 -12.64 -63.91
CA GLY J 83 37.81 -12.25 -62.58
C GLY J 83 36.87 -11.29 -61.88
N ASN J 84 35.83 -10.81 -62.56
CA ASN J 84 34.75 -10.03 -61.95
C ASN J 84 35.23 -8.64 -61.51
N VAL J 85 36.04 -8.00 -62.35
CA VAL J 85 36.46 -6.63 -62.10
C VAL J 85 35.33 -5.69 -62.49
N LYS J 86 35.10 -4.66 -61.66
CA LYS J 86 34.03 -3.72 -61.95
C LYS J 86 34.26 -2.98 -63.25
N GLU J 87 35.49 -2.53 -63.49
CA GLU J 87 35.84 -1.80 -64.71
C GLU J 87 37.26 -2.16 -65.10
N LEU J 88 37.42 -2.66 -66.32
CA LEU J 88 38.71 -3.10 -66.83
C LEU J 88 39.25 -2.03 -67.77
N LEU J 89 40.44 -1.51 -67.45
CA LEU J 89 41.05 -0.44 -68.22
C LEU J 89 42.14 -1.03 -69.13
N LEU J 90 42.01 -0.78 -70.43
CA LEU J 90 42.86 -1.38 -71.44
C LEU J 90 43.67 -0.30 -72.15
N TYR J 91 44.74 -0.74 -72.81
CA TYR J 91 45.55 0.14 -73.65
C TYR J 91 46.15 -0.69 -74.77
N ARG J 92 45.88 -0.31 -76.01
CA ARG J 92 46.34 -1.08 -77.17
C ARG J 92 47.79 -0.72 -77.48
N LEU J 93 48.66 -1.72 -77.47
CA LEU J 93 50.06 -1.54 -77.79
C LEU J 93 50.29 -1.77 -79.27
N VAL J 94 51.12 -0.92 -79.87
CA VAL J 94 51.41 -0.99 -81.30
C VAL J 94 52.84 -0.52 -81.56
N ASP J 95 53.39 -0.96 -82.67
CA ASP J 95 54.55 -0.33 -83.26
C ASP J 95 54.08 0.84 -84.11
N GLY J 96 54.97 1.83 -84.30
CA GLY J 96 54.60 3.03 -85.03
C GLY J 96 54.12 2.77 -86.44
N ASN J 97 54.57 1.69 -87.06
CA ASN J 97 54.12 1.33 -88.40
C ASN J 97 52.68 0.83 -88.42
N GLN J 98 52.07 0.56 -87.27
CA GLN J 98 50.74 -0.01 -87.23
C GLN J 98 49.72 0.97 -87.84
N LYS J 99 48.78 0.41 -88.62
CA LYS J 99 48.05 1.20 -89.61
C LYS J 99 46.63 0.68 -89.77
N LYS J 100 45.78 1.55 -90.32
CA LYS J 100 44.40 1.23 -90.67
C LYS J 100 44.31 0.64 -92.08
N GLY J 101 43.37 -0.30 -92.24
CA GLY J 101 43.03 -0.76 -93.57
C GLY J 101 42.25 0.30 -94.34
N THR J 102 42.36 0.24 -95.67
CA THR J 102 41.79 1.27 -96.52
C THR J 102 41.37 0.68 -97.86
N LEU J 103 40.34 1.28 -98.46
CA LEU J 103 39.89 0.94 -99.79
C LEU J 103 39.39 2.22 -100.46
N THR J 104 39.48 2.25 -101.78
CA THR J 104 39.08 3.42 -102.57
C THR J 104 38.06 3.00 -103.62
N LEU J 105 37.13 3.91 -103.91
CA LEU J 105 36.09 3.72 -104.89
C LEU J 105 36.21 4.76 -105.99
N LYS J 106 35.69 4.43 -107.16
CA LYS J 106 35.83 5.25 -108.36
C LYS J 106 34.52 5.27 -109.12
N ASP J 107 34.33 6.33 -109.90
CA ASP J 107 33.13 6.49 -110.71
C ASP J 107 33.30 5.75 -112.05
N THR J 108 32.17 5.62 -112.77
CA THR J 108 32.14 4.96 -114.07
C THR J 108 31.48 5.79 -115.16
N THR J 109 30.86 6.93 -114.83
CA THR J 109 30.22 7.74 -115.86
C THR J 109 31.24 8.27 -116.86
N GLU J 110 32.39 8.71 -116.36
CA GLU J 110 33.45 9.28 -117.20
C GLU J 110 34.40 8.19 -117.65
N ASN J 111 34.88 8.30 -118.89
CA ASN J 111 35.88 7.36 -119.38
C ASN J 111 37.15 7.42 -118.54
N SER J 112 37.61 8.63 -118.23
CA SER J 112 38.72 8.84 -117.30
C SER J 112 38.13 8.83 -115.89
N ALA J 113 37.97 7.63 -115.36
CA ALA J 113 37.35 7.46 -114.05
C ALA J 113 38.18 8.13 -112.96
N LYS J 114 37.49 8.76 -112.01
CA LYS J 114 38.11 9.53 -110.95
C LYS J 114 37.68 8.99 -109.60
N ASP J 115 38.63 8.88 -108.67
CA ASP J 115 38.31 8.42 -107.32
C ASP J 115 37.42 9.44 -106.63
N VAL J 116 36.34 8.95 -106.03
CA VAL J 116 35.32 9.80 -105.43
C VAL J 116 35.00 9.44 -103.99
N ILE J 117 35.25 8.21 -103.53
CA ILE J 117 35.01 7.81 -102.15
C ILE J 117 36.17 6.91 -101.72
N LYS J 118 36.60 7.09 -100.47
CA LYS J 118 37.57 6.21 -99.83
C LYS J 118 36.98 5.65 -98.55
N LEU J 119 37.20 4.36 -98.34
CA LEU J 119 36.74 3.65 -97.15
C LEU J 119 37.94 3.24 -96.31
N GLU J 120 37.88 3.54 -95.01
CA GLU J 120 38.96 3.22 -94.09
C GLU J 120 38.38 2.65 -92.81
N THR J 121 39.03 1.62 -92.26
CA THR J 121 38.55 1.00 -91.04
C THR J 121 38.52 2.01 -89.90
N LYS J 122 37.47 1.94 -89.08
CA LYS J 122 37.31 2.91 -88.01
C LYS J 122 38.44 2.83 -86.99
N TYR J 123 39.05 1.65 -86.84
CA TYR J 123 40.17 1.43 -85.94
C TYR J 123 41.34 0.83 -86.69
N PRO J 124 42.57 1.05 -86.25
CA PRO J 124 43.71 0.39 -86.91
C PRO J 124 43.63 -1.12 -86.79
N THR J 125 44.03 -1.80 -87.85
CA THR J 125 43.92 -3.25 -87.93
C THR J 125 44.66 -3.74 -89.16
N ALA J 126 44.60 -5.05 -89.39
CA ALA J 126 45.02 -5.66 -90.65
C ALA J 126 44.03 -6.73 -91.10
N ARG J 127 42.86 -6.81 -90.49
CA ARG J 127 41.92 -7.87 -90.83
C ARG J 127 41.33 -7.64 -92.23
N ASN J 128 40.72 -8.69 -92.76
CA ASN J 128 40.18 -8.67 -94.12
C ASN J 128 38.73 -8.17 -94.12
N PHE J 129 38.55 -6.93 -93.66
CA PHE J 129 37.27 -6.28 -93.79
C PHE J 129 37.01 -5.97 -95.26
N ASN J 130 35.93 -6.50 -95.80
CA ASN J 130 35.65 -6.48 -97.23
C ASN J 130 34.37 -5.69 -97.50
N VAL J 131 34.25 -5.22 -98.75
CA VAL J 131 33.15 -4.39 -99.18
C VAL J 131 32.71 -4.82 -100.57
N THR J 132 31.40 -4.72 -100.83
CA THR J 132 30.82 -5.04 -102.12
C THR J 132 29.90 -3.91 -102.55
N ILE J 133 29.99 -3.54 -103.82
CA ILE J 133 29.09 -2.57 -104.44
C ILE J 133 28.56 -3.18 -105.72
N LYS J 134 27.24 -3.12 -105.92
CA LYS J 134 26.59 -3.71 -107.07
C LYS J 134 25.42 -2.84 -107.48
N SER J 135 24.98 -3.04 -108.73
CA SER J 135 23.86 -2.27 -109.24
C SER J 135 22.58 -2.63 -108.51
N ASN J 136 21.83 -1.61 -108.11
CA ASN J 136 20.54 -1.85 -107.46
C ASN J 136 19.53 -2.39 -108.46
N LEU J 137 18.83 -3.45 -108.06
CA LEU J 137 17.89 -4.11 -108.96
C LEU J 137 16.56 -3.39 -109.07
N VAL J 138 16.26 -2.47 -108.15
CA VAL J 138 14.98 -1.77 -108.13
C VAL J 138 15.13 -0.42 -108.83
N ASP J 139 16.00 0.44 -108.30
CA ASP J 139 16.24 1.76 -108.84
C ASP J 139 17.48 1.74 -109.73
N SER J 140 17.42 2.49 -110.83
CA SER J 140 18.49 2.43 -111.83
C SER J 140 19.79 3.00 -111.29
N ASP J 141 19.74 4.21 -110.71
CA ASP J 141 20.96 4.89 -110.29
C ASP J 141 21.48 4.43 -108.94
N LYS J 142 20.75 3.60 -108.21
CA LYS J 142 21.17 3.18 -106.88
C LYS J 142 22.22 2.08 -106.96
N LYS J 143 23.15 2.11 -106.01
CA LYS J 143 24.16 1.08 -105.84
C LYS J 143 24.00 0.48 -104.46
N ASP J 144 24.05 -0.85 -104.39
CA ASP J 144 23.85 -1.57 -103.14
C ASP J 144 25.21 -1.75 -102.47
N PHE J 145 25.44 -1.02 -101.38
CA PHE J 145 26.71 -1.08 -100.65
C PHE J 145 26.60 -2.11 -99.54
N ILE J 146 27.44 -3.14 -99.60
CA ILE J 146 27.44 -4.22 -98.63
C ILE J 146 28.87 -4.37 -98.09
N PHE J 147 28.96 -4.74 -96.82
CA PHE J 147 30.22 -4.79 -96.09
C PHE J 147 30.36 -6.16 -95.42
N PHE J 148 31.57 -6.69 -95.41
CA PHE J 148 31.86 -8.02 -94.88
C PHE J 148 33.17 -8.00 -94.12
N GLU J 149 33.46 -9.14 -93.49
CA GLU J 149 34.79 -9.47 -93.00
C GLU J 149 35.04 -10.93 -93.34
N ASN J 150 35.90 -11.17 -94.33
CA ASN J 150 36.11 -12.52 -94.87
C ASN J 150 34.79 -13.11 -95.38
N THR J 151 34.01 -12.29 -96.06
CA THR J 151 32.71 -12.62 -96.65
C THR J 151 31.59 -12.74 -95.62
N LYS J 152 31.88 -12.58 -94.32
CA LYS J 152 30.83 -12.57 -93.30
C LYS J 152 30.24 -11.17 -93.27
N GLN J 153 29.00 -11.04 -93.73
CA GLN J 153 28.41 -9.73 -93.95
C GLN J 153 28.20 -8.98 -92.64
N LEU J 154 28.54 -7.70 -92.67
CA LEU J 154 28.30 -6.77 -91.56
C LEU J 154 27.02 -5.97 -91.78
N PHE J 155 26.92 -5.29 -92.91
CA PHE J 155 25.86 -4.33 -93.15
C PHE J 155 25.64 -4.17 -94.65
N SER J 156 24.40 -3.87 -95.03
CA SER J 156 24.04 -3.61 -96.41
C SER J 156 23.21 -2.34 -96.50
N SER J 157 23.37 -1.62 -97.61
CA SER J 157 22.66 -0.36 -97.81
C SER J 157 22.58 -0.07 -99.30
N SER J 158 21.69 0.85 -99.66
CA SER J 158 21.48 1.26 -101.05
C SER J 158 21.20 2.76 -101.09
N ILE J 159 21.96 3.48 -101.91
CA ILE J 159 21.80 4.92 -102.08
C ILE J 159 21.95 5.27 -103.55
N LYS J 160 21.23 6.31 -103.97
CA LYS J 160 21.31 6.83 -105.33
C LYS J 160 22.75 7.25 -105.65
N GLY J 161 22.99 7.48 -106.94
CA GLY J 161 24.34 7.70 -107.43
C GLY J 161 24.88 9.11 -107.28
N THR J 162 24.73 9.70 -106.08
CA THR J 162 25.38 10.95 -105.73
C THR J 162 26.30 10.68 -104.55
N ILE J 163 27.53 11.18 -104.64
CA ILE J 163 28.59 10.75 -103.72
C ILE J 163 28.31 11.25 -102.31
N ASP J 164 27.78 12.47 -102.17
CA ASP J 164 27.59 13.05 -100.85
C ASP J 164 26.59 12.23 -100.02
N GLU J 165 25.43 11.91 -100.61
CA GLU J 165 24.46 11.11 -99.89
C GLU J 165 24.99 9.71 -99.61
N ILE J 166 25.79 9.16 -100.54
CA ILE J 166 26.36 7.83 -100.34
C ILE J 166 27.27 7.81 -99.11
N VAL J 167 28.20 8.76 -99.04
CA VAL J 167 29.13 8.77 -97.92
C VAL J 167 28.41 9.09 -96.63
N LEU J 168 27.42 9.99 -96.69
CA LEU J 168 26.66 10.34 -95.49
C LEU J 168 25.90 9.13 -94.95
N GLU J 169 25.26 8.36 -95.82
CA GLU J 169 24.58 7.15 -95.36
C GLU J 169 25.57 6.13 -94.81
N ILE J 170 26.69 5.95 -95.50
CA ILE J 170 27.66 4.93 -95.07
C ILE J 170 28.23 5.29 -93.71
N ASN J 171 28.41 6.58 -93.45
CA ASN J 171 28.87 7.04 -92.13
C ASN J 171 27.74 7.18 -91.12
N SER J 172 26.49 7.13 -91.54
CA SER J 172 25.37 7.41 -90.64
C SER J 172 25.06 6.21 -89.76
N ASN J 173 24.72 5.08 -90.37
CA ASN J 173 24.32 3.91 -89.61
C ASN J 173 25.50 3.34 -88.84
N LEU J 174 25.28 3.05 -87.55
CA LEU J 174 26.30 2.42 -86.72
C LEU J 174 26.45 0.93 -87.01
N ASP J 175 25.58 0.35 -87.85
CA ASP J 175 25.86 -0.98 -88.38
C ASP J 175 27.14 -0.99 -89.20
N ASN J 176 27.50 0.15 -89.78
CA ASN J 176 28.73 0.33 -90.53
C ASN J 176 29.85 0.93 -89.66
N GLU J 177 29.83 0.64 -88.36
CA GLU J 177 30.81 1.23 -87.46
C GLU J 177 32.22 0.71 -87.72
N TYR J 178 32.38 -0.42 -88.40
CA TYR J 178 33.70 -0.96 -88.66
C TYR J 178 34.53 -0.06 -89.59
N VAL J 179 33.88 0.78 -90.39
CA VAL J 179 34.54 1.50 -91.47
C VAL J 179 34.03 2.93 -91.52
N ILE J 180 34.89 3.84 -91.95
CA ILE J 180 34.58 5.25 -92.14
C ILE J 180 34.70 5.56 -93.63
N ALA J 181 33.69 6.22 -94.18
CA ALA J 181 33.68 6.66 -95.57
C ALA J 181 33.99 8.15 -95.63
N THR J 182 34.85 8.53 -96.57
CA THR J 182 35.21 9.92 -96.80
C THR J 182 35.14 10.22 -98.29
N LYS J 183 34.72 11.45 -98.60
CA LYS J 183 34.56 11.87 -99.99
C LYS J 183 35.89 12.32 -100.56
N VAL J 184 36.25 11.75 -101.71
CA VAL J 184 37.49 12.14 -102.40
C VAL J 184 37.23 13.27 -103.38
N ALA J 185 36.05 13.29 -104.01
CA ALA J 185 35.70 14.34 -104.97
C ALA J 185 34.19 14.54 -104.92
N ASP J 186 33.78 15.74 -105.36
CA ASP J 186 32.37 16.13 -105.36
C ASP J 186 31.76 15.76 -106.71
N SER J 187 31.52 14.46 -106.89
CA SER J 187 30.96 13.92 -108.12
C SER J 187 29.52 13.50 -107.90
N ASP J 188 28.74 13.55 -108.98
CA ASP J 188 27.38 13.01 -109.02
C ASP J 188 27.29 11.84 -110.00
N THR J 189 28.37 11.10 -110.15
CA THR J 189 28.51 10.06 -111.16
C THR J 189 28.28 8.68 -110.55
N ILE J 190 28.02 7.71 -111.41
CA ILE J 190 27.73 6.36 -110.97
C ILE J 190 29.03 5.71 -110.49
N LEU J 191 28.96 5.07 -109.33
CA LEU J 191 30.14 4.43 -108.76
C LEU J 191 30.48 3.14 -109.49
N ALA J 192 31.71 2.68 -109.31
CA ALA J 192 32.17 1.42 -109.86
C ALA J 192 31.81 0.28 -108.91
N ASN J 193 31.42 -0.85 -109.47
CA ASN J 193 31.04 -2.00 -108.68
C ASN J 193 32.28 -2.74 -108.18
N VAL J 194 32.26 -3.09 -106.90
CA VAL J 194 33.29 -3.89 -106.27
C VAL J 194 32.62 -5.10 -105.62
N VAL J 195 33.40 -6.16 -105.42
CA VAL J 195 32.87 -7.39 -104.84
C VAL J 195 33.87 -7.93 -103.82
N ASN J 196 33.57 -7.75 -102.54
CA ASN J 196 34.35 -8.32 -101.45
C ASN J 196 35.79 -7.83 -101.49
N GLN J 197 35.98 -6.55 -101.80
CA GLN J 197 37.31 -5.96 -101.85
C GLN J 197 37.76 -5.58 -100.44
N ALA J 198 38.89 -6.13 -100.02
CA ALA J 198 39.38 -5.89 -98.68
C ALA J 198 39.92 -4.48 -98.53
N LEU J 199 39.75 -3.92 -97.32
CA LEU J 199 40.33 -2.62 -96.98
C LEU J 199 41.80 -2.85 -96.64
N GLU J 200 42.63 -2.77 -97.67
CA GLU J 200 44.05 -3.10 -97.53
C GLU J 200 44.83 -1.89 -97.02
N GLY J 201 46.14 -2.08 -96.85
CA GLY J 201 47.01 -1.05 -96.33
C GLY J 201 47.11 -1.00 -94.82
N GLY J 202 46.36 -1.83 -94.11
CA GLY J 202 46.41 -1.85 -92.66
C GLY J 202 47.52 -2.74 -92.13
N ASN J 203 47.83 -2.54 -90.85
CA ASN J 203 48.84 -3.32 -90.16
C ASN J 203 48.29 -3.71 -88.79
N ASP J 204 48.76 -4.84 -88.28
CA ASP J 204 47.99 -5.63 -87.32
C ASP J 204 48.07 -5.09 -85.89
N GLY J 205 49.25 -5.12 -85.29
CA GLY J 205 49.40 -4.79 -83.88
C GLY J 205 50.36 -5.71 -83.14
N CYS J 206 50.58 -6.91 -83.65
CA CYS J 206 51.65 -7.78 -83.18
C CYS J 206 52.96 -7.53 -83.91
N THR J 207 53.04 -6.44 -84.69
CA THR J 207 54.19 -6.18 -85.54
C THR J 207 55.27 -5.47 -84.74
N SER J 208 56.35 -6.19 -84.43
CA SER J 208 57.56 -5.60 -83.86
C SER J 208 57.29 -4.86 -82.56
N ILE J 209 56.48 -5.46 -81.69
CA ILE J 209 56.20 -4.88 -80.39
C ILE J 209 57.36 -5.21 -79.45
N THR J 210 57.92 -4.18 -78.82
CA THR J 210 59.12 -4.28 -78.00
C THR J 210 58.88 -3.59 -76.67
N ASN J 211 59.94 -3.57 -75.84
CA ASN J 211 59.83 -3.02 -74.49
C ASN J 211 59.45 -1.54 -74.50
N GLU J 212 59.84 -0.81 -75.55
CA GLU J 212 59.55 0.62 -75.60
C GLU J 212 58.05 0.87 -75.67
N SER J 213 57.32 0.02 -76.41
CA SER J 213 55.86 0.15 -76.46
C SER J 213 55.25 -0.03 -75.08
N TYR J 214 55.73 -1.03 -74.33
CA TYR J 214 55.22 -1.24 -72.98
C TYR J 214 55.58 -0.07 -72.08
N LEU J 215 56.77 0.50 -72.24
CA LEU J 215 57.16 1.67 -71.45
C LEU J 215 56.23 2.84 -71.73
N LYS J 216 55.94 3.08 -73.00
CA LYS J 216 55.01 4.14 -73.36
C LYS J 216 53.62 3.88 -72.79
N ALA J 217 53.18 2.62 -72.84
CA ALA J 217 51.88 2.28 -72.27
C ALA J 217 51.85 2.55 -70.76
N LEU J 218 52.93 2.19 -70.06
CA LEU J 218 52.98 2.44 -68.62
C LEU J 218 52.97 3.94 -68.33
N GLU J 219 53.70 4.72 -69.14
CA GLU J 219 53.70 6.16 -68.96
C GLU J 219 52.30 6.74 -69.17
N GLU J 220 51.56 6.22 -70.14
CA GLU J 220 50.16 6.59 -70.28
C GLU J 220 49.36 6.18 -69.05
N PHE J 221 49.65 4.99 -68.51
CA PHE J 221 48.93 4.49 -67.35
C PHE J 221 49.25 5.27 -66.07
N GLU J 222 50.32 6.08 -66.07
CA GLU J 222 50.62 6.91 -64.92
C GLU J 222 49.48 7.87 -64.59
N ARG J 223 48.69 8.24 -65.60
CA ARG J 223 47.61 9.20 -65.40
C ARG J 223 46.58 8.68 -64.40
N TYR J 224 46.23 7.40 -64.51
CA TYR J 224 45.07 6.85 -63.85
C TYR J 224 45.44 6.25 -62.50
N SER J 225 44.44 5.74 -61.79
CA SER J 225 44.61 5.02 -60.55
C SER J 225 44.06 3.61 -60.71
N PHE J 226 44.73 2.63 -60.10
CA PHE J 226 44.41 1.23 -60.30
C PHE J 226 44.51 0.48 -58.98
N ASP J 227 43.88 -0.70 -58.97
CA ASP J 227 44.04 -1.65 -57.88
C ASP J 227 45.12 -2.69 -58.15
N SER J 228 45.43 -2.96 -59.42
CA SER J 228 46.48 -3.92 -59.73
C SER J 228 46.94 -3.73 -61.17
N PHE J 229 48.12 -4.30 -61.47
CA PHE J 229 48.71 -4.30 -62.80
C PHE J 229 49.32 -5.67 -63.04
N VAL J 230 49.30 -6.13 -64.30
CA VAL J 230 49.66 -7.51 -64.62
C VAL J 230 50.62 -7.62 -65.80
N LEU J 231 50.78 -6.55 -66.57
CA LEU J 231 51.79 -6.49 -67.64
C LEU J 231 51.51 -7.50 -68.76
N ASP J 232 50.32 -7.38 -69.36
CA ASP J 232 50.00 -7.95 -70.66
C ASP J 232 50.14 -9.48 -70.72
N GLY J 233 50.24 -10.15 -69.57
CA GLY J 233 50.44 -11.58 -69.61
C GLY J 233 51.74 -11.99 -70.28
N VAL J 234 52.76 -11.14 -70.22
CA VAL J 234 54.06 -11.38 -70.84
C VAL J 234 55.10 -11.42 -69.74
N ALA J 235 55.98 -12.43 -69.80
CA ALA J 235 56.95 -12.70 -68.74
C ALA J 235 58.36 -12.26 -69.12
N ASP J 236 58.50 -11.33 -70.06
CA ASP J 236 59.82 -10.84 -70.43
C ASP J 236 60.48 -10.16 -69.23
N GLU J 237 61.75 -10.51 -68.97
CA GLU J 237 62.39 -10.12 -67.73
C GLU J 237 62.58 -8.61 -67.64
N ALA J 238 63.17 -8.01 -68.69
CA ALA J 238 63.49 -6.58 -68.63
C ALA J 238 62.24 -5.75 -68.41
N LEU J 239 61.14 -6.14 -69.06
CA LEU J 239 59.86 -5.49 -68.78
C LEU J 239 59.48 -5.65 -67.31
N GLN J 240 59.79 -6.79 -66.71
CA GLN J 240 59.42 -6.99 -65.31
C GLN J 240 60.23 -6.07 -64.39
N GLU J 241 61.55 -5.96 -64.61
CA GLU J 241 62.29 -5.01 -63.78
C GLU J 241 61.84 -3.57 -64.02
N THR J 242 61.54 -3.23 -65.28
CA THR J 242 61.07 -1.88 -65.58
C THR J 242 59.77 -1.60 -64.84
N THR J 243 58.83 -2.54 -64.85
CA THR J 243 57.57 -2.33 -64.16
C THR J 243 57.77 -2.32 -62.66
N LYS J 244 58.72 -3.09 -62.15
CA LYS J 244 59.04 -3.05 -60.72
C LYS J 244 59.49 -1.66 -60.31
N ALA J 245 60.43 -1.10 -61.06
CA ALA J 245 60.90 0.26 -60.75
C ALA J 245 59.77 1.26 -60.92
N TRP J 246 58.92 1.07 -61.93
CA TRP J 246 57.82 1.99 -62.17
C TRP J 246 56.83 1.98 -61.01
N VAL J 247 56.52 0.78 -60.48
CA VAL J 247 55.60 0.68 -59.36
C VAL J 247 56.23 1.25 -58.10
N ALA J 248 57.54 1.05 -57.92
CA ALA J 248 58.21 1.65 -56.77
C ALA J 248 58.12 3.18 -56.84
N LYS J 249 58.35 3.73 -58.03
CA LYS J 249 58.21 5.18 -58.22
C LYS J 249 56.79 5.64 -57.92
N ASN J 250 55.79 4.89 -58.40
CA ASN J 250 54.41 5.27 -58.16
C ASN J 250 54.08 5.24 -56.68
N LYS J 251 54.59 4.23 -55.97
CA LYS J 251 54.37 4.16 -54.53
C LYS J 251 55.00 5.37 -53.83
N GLU J 252 56.24 5.71 -54.19
CA GLU J 252 56.88 6.87 -53.58
C GLU J 252 56.16 8.16 -53.93
N LEU J 253 55.47 8.20 -55.07
CA LEU J 253 54.69 9.36 -55.49
C LEU J 253 53.27 9.34 -54.93
N GLY J 254 52.95 8.43 -54.02
CA GLY J 254 51.65 8.38 -53.40
C GLY J 254 50.60 7.59 -54.16
N LYS J 255 50.97 6.90 -55.24
CA LYS J 255 50.06 6.04 -55.99
C LYS J 255 50.38 4.60 -55.62
N ASP J 256 49.44 3.93 -54.95
CA ASP J 256 49.65 2.62 -54.36
C ASP J 256 49.14 1.56 -55.33
N ILE J 257 50.00 1.21 -56.29
CA ILE J 257 49.67 0.25 -57.33
C ILE J 257 50.29 -1.09 -56.98
N LEU J 258 49.47 -2.14 -57.05
CA LEU J 258 49.91 -3.51 -56.82
C LEU J 258 50.24 -4.14 -58.17
N LEU J 259 51.21 -5.04 -58.18
CA LEU J 259 51.68 -5.69 -59.39
C LEU J 259 51.66 -7.19 -59.23
N PHE J 260 51.07 -7.87 -60.21
CA PHE J 260 51.11 -9.32 -60.34
C PHE J 260 51.96 -9.68 -61.55
N LEU J 261 52.71 -10.79 -61.43
CA LEU J 261 53.58 -11.25 -62.49
C LEU J 261 53.51 -12.76 -62.57
N GLY J 262 53.88 -13.28 -63.74
CA GLY J 262 53.95 -14.70 -63.96
C GLY J 262 55.21 -15.08 -64.71
N GLY J 263 55.88 -16.14 -64.27
CA GLY J 263 57.11 -16.56 -64.90
C GLY J 263 56.86 -17.23 -66.23
N LYS J 264 57.96 -17.52 -66.92
CA LYS J 264 57.87 -18.17 -68.22
C LYS J 264 57.49 -19.64 -68.04
N THR J 265 56.82 -20.17 -69.07
CA THR J 265 56.44 -21.59 -69.04
C THR J 265 57.66 -22.50 -68.97
N GLU J 266 58.80 -22.05 -69.50
CA GLU J 266 60.00 -22.86 -69.49
C GLU J 266 60.64 -22.96 -68.12
N ASP J 267 60.35 -22.01 -67.23
CA ASP J 267 60.99 -21.99 -65.93
C ASP J 267 60.53 -23.17 -65.08
N ASN J 268 61.48 -23.88 -64.49
CA ASN J 268 61.15 -24.89 -63.50
C ASN J 268 60.67 -24.23 -62.23
N ILE J 269 60.06 -25.04 -61.36
CA ILE J 269 59.59 -24.52 -60.07
C ILE J 269 60.75 -23.95 -59.27
N LYS J 270 61.95 -24.52 -59.42
CA LYS J 270 63.12 -23.93 -58.81
C LYS J 270 63.41 -22.55 -59.37
N GLN J 271 63.33 -22.40 -60.69
CA GLN J 271 63.57 -21.10 -61.31
C GLN J 271 62.49 -20.10 -60.93
N ILE J 272 61.24 -20.55 -60.87
CA ILE J 272 60.15 -19.69 -60.45
C ILE J 272 60.37 -19.23 -59.01
N ASN J 273 60.80 -20.14 -58.14
CA ASN J 273 61.07 -19.78 -56.76
C ASN J 273 62.25 -18.81 -56.67
N ASP J 274 63.26 -18.98 -57.52
CA ASP J 274 64.37 -18.05 -57.56
C ASP J 274 63.89 -16.65 -57.96
N LYS J 275 63.02 -16.58 -58.96
CA LYS J 275 62.48 -15.28 -59.37
C LYS J 275 61.63 -14.67 -58.26
N SER J 276 60.81 -15.48 -57.60
CA SER J 276 60.00 -15.00 -56.49
C SER J 276 60.86 -14.57 -55.31
N LYS J 277 62.07 -15.12 -55.20
CA LYS J 277 63.03 -14.61 -54.23
C LYS J 277 63.60 -13.28 -54.69
N SER J 278 63.88 -13.15 -55.98
CA SER J 278 64.45 -11.91 -56.51
C SER J 278 63.51 -10.75 -56.27
N PHE J 279 62.22 -10.96 -56.49
CA PHE J 279 61.21 -10.00 -56.09
C PHE J 279 60.97 -10.13 -54.60
N ASN J 280 61.08 -9.02 -53.88
CA ASN J 280 60.78 -8.99 -52.45
C ASN J 280 59.97 -7.78 -52.04
N ASP J 281 59.67 -6.85 -52.95
CA ASP J 281 58.72 -5.79 -52.65
C ASP J 281 57.33 -6.39 -52.49
N GLU J 282 56.59 -5.87 -51.51
CA GLU J 282 55.29 -6.45 -51.18
C GLU J 282 54.29 -6.33 -52.33
N ASN J 283 54.45 -5.31 -53.18
CA ASN J 283 53.53 -5.09 -54.29
C ASN J 283 53.82 -5.99 -55.49
N ILE J 284 54.68 -6.99 -55.34
CA ILE J 284 55.04 -7.91 -56.42
C ILE J 284 54.50 -9.29 -56.07
N VAL J 285 53.77 -9.90 -57.00
CA VAL J 285 53.24 -11.25 -56.86
C VAL J 285 53.69 -12.03 -58.08
N ASN J 286 54.37 -13.15 -57.85
CA ASN J 286 54.89 -14.00 -58.92
C ASN J 286 54.05 -15.26 -59.02
N VAL J 287 53.61 -15.58 -60.23
CA VAL J 287 52.74 -16.71 -60.51
C VAL J 287 53.53 -17.77 -61.26
N GLY J 288 53.47 -19.01 -60.77
CA GLY J 288 54.23 -20.10 -61.35
C GLY J 288 53.41 -21.07 -62.18
N SER J 289 52.21 -21.39 -61.71
CA SER J 289 51.42 -22.44 -62.33
C SER J 289 50.79 -21.96 -63.63
N SER J 290 50.70 -22.89 -64.58
CA SER J 290 49.91 -22.73 -65.80
C SER J 290 48.56 -23.42 -65.63
N ALA J 291 47.65 -23.15 -66.55
CA ALA J 291 46.30 -23.66 -66.40
C ALA J 291 45.59 -23.72 -67.75
N TYR J 292 44.49 -24.47 -67.76
CA TYR J 292 43.57 -24.56 -68.89
C TYR J 292 42.17 -24.19 -68.42
N TYR J 293 41.46 -23.41 -69.23
CA TYR J 293 40.07 -23.05 -68.95
C TYR J 293 39.11 -23.63 -69.98
N GLU J 294 39.22 -23.23 -71.25
CA GLU J 294 38.46 -23.83 -72.34
C GLU J 294 39.33 -24.80 -73.13
N ASN J 295 39.91 -25.77 -72.43
CA ASN J 295 40.82 -26.75 -73.03
C ASN J 295 41.99 -26.08 -73.74
N ILE J 296 42.36 -24.88 -73.32
CA ILE J 296 43.42 -24.09 -73.94
C ILE J 296 44.34 -23.60 -72.84
N LYS J 297 45.64 -23.81 -73.02
CA LYS J 297 46.59 -23.53 -71.96
C LYS J 297 46.72 -22.03 -71.74
N TYR J 298 47.18 -21.67 -70.53
CA TYR J 298 47.47 -20.30 -70.18
C TYR J 298 48.79 -20.26 -69.44
N THR J 299 49.71 -19.41 -69.91
CA THR J 299 51.02 -19.28 -69.28
C THR J 299 50.85 -18.72 -67.87
N PRO J 300 51.89 -18.79 -67.04
CA PRO J 300 51.76 -18.27 -65.67
C PRO J 300 51.37 -16.80 -65.62
N SER J 301 51.79 -16.00 -66.60
CA SER J 301 51.40 -14.59 -66.64
C SER J 301 49.97 -14.41 -67.13
N GLU J 302 49.53 -15.25 -68.07
CA GLU J 302 48.15 -15.17 -68.54
C GLU J 302 47.17 -15.48 -67.42
N VAL J 303 47.50 -16.46 -66.58
CA VAL J 303 46.71 -16.70 -65.37
C VAL J 303 47.00 -15.69 -64.28
N ALA J 304 48.16 -15.02 -64.33
CA ALA J 304 48.40 -13.91 -63.40
C ALA J 304 47.42 -12.78 -63.67
N VAL J 305 47.03 -12.61 -64.93
CA VAL J 305 45.96 -11.66 -65.24
C VAL J 305 44.70 -12.01 -64.46
N TYR J 306 44.30 -13.28 -64.53
CA TYR J 306 43.07 -13.72 -63.88
C TYR J 306 43.16 -13.61 -62.36
N ILE J 307 44.31 -13.99 -61.78
CA ILE J 307 44.42 -13.96 -60.33
C ILE J 307 44.43 -12.52 -59.83
N ALA J 308 45.07 -11.61 -60.57
CA ALA J 308 45.00 -10.20 -60.19
C ALA J 308 43.58 -9.68 -60.29
N ALA J 309 42.87 -10.05 -61.34
CA ALA J 309 41.48 -9.63 -61.51
C ALA J 309 40.61 -10.13 -60.36
N LEU J 310 40.79 -11.40 -59.99
CA LEU J 310 40.01 -11.97 -58.90
C LEU J 310 40.36 -11.29 -57.58
N SER J 311 41.64 -10.97 -57.39
CA SER J 311 42.06 -10.31 -56.15
C SER J 311 41.41 -8.94 -56.03
N VAL J 312 41.47 -8.14 -57.09
CA VAL J 312 40.88 -6.79 -57.01
C VAL J 312 39.37 -6.87 -56.91
N SER J 313 38.75 -7.86 -57.56
CA SER J 313 37.31 -8.05 -57.41
C SER J 313 36.96 -8.41 -55.97
N LYS J 314 37.81 -9.21 -55.33
CA LYS J 314 37.59 -9.53 -53.92
C LYS J 314 37.63 -8.27 -53.06
N GLY J 315 38.58 -7.39 -53.33
CA GLY J 315 38.70 -6.19 -52.54
C GLY J 315 39.01 -6.52 -51.10
N ILE J 316 38.51 -5.68 -50.20
CA ILE J 316 38.56 -5.94 -48.77
C ILE J 316 37.38 -6.85 -48.45
N THR J 317 37.37 -7.43 -47.25
CA THR J 317 36.32 -8.38 -46.83
C THR J 317 36.43 -9.70 -47.59
N GLY J 318 37.65 -10.12 -47.88
CA GLY J 318 37.85 -11.36 -48.59
C GLY J 318 39.32 -11.64 -48.80
N SER J 319 39.59 -12.74 -49.47
CA SER J 319 40.95 -13.16 -49.77
C SER J 319 40.89 -14.07 -50.99
N ILE J 320 42.01 -14.74 -51.27
CA ILE J 320 42.13 -15.65 -52.40
C ILE J 320 42.70 -17.00 -52.01
N CYS J 321 42.95 -17.24 -50.72
CA CYS J 321 43.73 -18.41 -50.32
C CYS J 321 43.02 -19.73 -50.62
N ASN J 322 41.70 -19.70 -50.86
CA ASN J 322 41.02 -20.89 -51.35
C ASN J 322 39.93 -20.55 -52.36
N ALA J 323 40.00 -19.39 -53.01
CA ALA J 323 38.98 -19.02 -53.97
C ALA J 323 39.00 -19.98 -55.17
N LYS J 324 37.84 -20.48 -55.56
CA LYS J 324 37.76 -21.40 -56.68
C LYS J 324 38.04 -20.64 -57.98
N THR J 325 38.76 -21.29 -58.87
CA THR J 325 39.10 -20.73 -60.17
C THR J 325 38.25 -21.35 -61.27
N ILE J 326 38.22 -20.65 -62.41
CA ILE J 326 37.48 -21.14 -63.57
C ILE J 326 38.23 -22.22 -64.34
N PHE J 327 39.50 -22.46 -64.00
CA PHE J 327 40.36 -23.30 -64.82
C PHE J 327 40.03 -24.78 -64.62
N GLU J 328 39.97 -25.51 -65.73
CA GLU J 328 39.63 -26.93 -65.71
C GLU J 328 40.85 -27.81 -65.45
N GLU J 329 42.07 -27.29 -65.68
CA GLU J 329 43.29 -28.03 -65.35
C GLU J 329 44.36 -27.04 -64.90
N VAL J 330 45.34 -27.58 -64.20
CA VAL J 330 46.47 -26.83 -63.67
C VAL J 330 47.74 -27.65 -63.84
N GLU J 331 48.84 -27.00 -64.23
CA GLU J 331 50.13 -27.65 -64.26
C GLU J 331 51.20 -26.58 -64.18
N PRO J 332 52.40 -26.89 -63.64
CA PRO J 332 52.84 -28.15 -63.04
C PRO J 332 52.20 -28.38 -61.68
N ARG J 333 52.10 -29.63 -61.25
CA ARG J 333 51.30 -30.03 -60.10
C ARG J 333 52.21 -30.48 -58.97
N LEU J 334 51.88 -30.06 -57.76
CA LEU J 334 52.83 -29.99 -56.66
C LEU J 334 52.36 -30.85 -55.48
N SER J 335 53.30 -31.60 -54.91
CA SER J 335 53.07 -32.20 -53.60
C SER J 335 53.16 -31.14 -52.52
N GLN J 336 52.81 -31.52 -51.29
CA GLN J 336 52.84 -30.58 -50.18
C GLN J 336 54.24 -30.02 -49.96
N SER J 337 55.27 -30.83 -50.23
CA SER J 337 56.64 -30.34 -50.15
C SER J 337 56.88 -29.21 -51.16
N GLU J 338 56.45 -29.43 -52.40
CA GLU J 338 56.63 -28.41 -53.43
C GLU J 338 55.82 -27.17 -53.11
N VAL J 339 54.59 -27.35 -52.61
CA VAL J 339 53.75 -26.22 -52.24
C VAL J 339 54.41 -25.40 -51.14
N LYS J 340 54.96 -26.08 -50.13
CA LYS J 340 55.62 -25.38 -49.05
C LYS J 340 56.87 -24.66 -49.55
N GLU J 341 57.61 -25.29 -50.47
CA GLU J 341 58.76 -24.64 -51.07
C GLU J 341 58.36 -23.37 -51.80
N CYS J 342 57.28 -23.44 -52.59
CA CYS J 342 56.84 -22.28 -53.34
C CYS J 342 56.36 -21.16 -52.41
N LEU J 343 55.60 -21.52 -51.37
CA LEU J 343 55.12 -20.50 -50.44
C LEU J 343 56.27 -19.84 -49.68
N LYS J 344 57.25 -20.65 -49.25
CA LYS J 344 58.42 -20.07 -48.61
C LYS J 344 59.19 -19.17 -49.55
N SER J 345 59.18 -19.49 -50.85
CA SER J 345 59.79 -18.64 -51.85
C SER J 345 58.96 -17.40 -52.18
N GLY J 346 57.75 -17.30 -51.65
CA GLY J 346 56.85 -16.22 -52.00
C GLY J 346 56.05 -16.45 -53.27
N THR J 347 56.27 -17.58 -53.95
CA THR J 347 55.54 -17.86 -55.18
C THR J 347 54.07 -18.16 -54.86
N LEU J 348 53.19 -17.70 -55.74
CA LEU J 348 51.80 -18.09 -55.74
C LEU J 348 51.58 -19.09 -56.86
N VAL J 349 50.98 -20.23 -56.52
CA VAL J 349 50.77 -21.33 -57.47
C VAL J 349 49.37 -21.89 -57.26
N LEU J 350 48.67 -22.16 -58.36
CA LEU J 350 47.37 -22.77 -58.25
C LEU J 350 47.52 -24.25 -57.85
N ASP J 351 46.39 -24.86 -57.48
CA ASP J 351 46.39 -26.20 -56.94
C ASP J 351 45.10 -26.90 -57.35
N PHE J 352 45.13 -28.23 -57.25
CA PHE J 352 44.00 -29.08 -57.59
C PHE J 352 43.51 -29.83 -56.35
N ASP J 353 43.31 -29.09 -55.26
CA ASP J 353 42.92 -29.68 -53.98
C ASP J 353 41.63 -30.49 -54.09
N ASP J 354 40.78 -30.17 -55.06
CA ASP J 354 39.56 -30.93 -55.34
C ASP J 354 39.44 -31.08 -56.85
N GLY J 355 38.27 -31.50 -57.31
CA GLY J 355 38.06 -31.69 -58.75
C GLY J 355 38.19 -30.43 -59.58
N ASP J 356 38.17 -29.26 -58.94
CA ASP J 356 38.42 -27.99 -59.61
C ASP J 356 39.85 -27.55 -59.34
N VAL J 357 40.23 -26.44 -59.98
CA VAL J 357 41.51 -25.78 -59.74
C VAL J 357 41.29 -24.69 -58.69
N ILE J 358 42.08 -24.74 -57.62
CA ILE J 358 41.90 -23.88 -56.45
C ILE J 358 43.18 -23.13 -56.17
N ILE J 359 43.05 -21.86 -55.80
CA ILE J 359 44.20 -21.06 -55.41
C ILE J 359 44.72 -21.56 -54.08
N VAL J 360 46.04 -21.73 -53.98
CA VAL J 360 46.59 -22.36 -52.79
C VAL J 360 46.57 -21.41 -51.60
N ASP J 361 47.00 -20.16 -51.78
CA ASP J 361 47.27 -19.28 -50.65
C ASP J 361 47.23 -17.83 -51.12
N ASP J 362 47.43 -16.92 -50.17
CA ASP J 362 47.35 -15.48 -50.39
C ASP J 362 48.74 -14.85 -50.52
N VAL J 363 49.78 -15.66 -50.71
CA VAL J 363 51.15 -15.19 -50.55
C VAL J 363 51.54 -14.24 -51.69
N ASN J 364 52.58 -13.46 -51.44
CA ASN J 364 53.22 -12.60 -52.43
C ASN J 364 54.72 -12.91 -52.46
N THR J 365 55.43 -12.27 -53.38
CA THR J 365 56.88 -12.51 -53.48
C THR J 365 57.63 -12.02 -52.25
N PHE J 366 57.08 -11.03 -51.53
CA PHE J 366 57.78 -10.51 -50.37
C PHE J 366 57.97 -11.57 -49.27
N LYS J 367 57.04 -12.53 -49.18
CA LYS J 367 56.91 -13.40 -48.01
C LYS J 367 58.21 -14.10 -47.60
N LYS J 368 59.21 -14.14 -48.49
CA LYS J 368 60.51 -14.69 -48.15
C LYS J 368 61.11 -14.02 -46.91
N TYR J 369 60.83 -12.75 -46.68
CA TYR J 369 61.28 -12.07 -45.47
C TYR J 369 60.10 -11.89 -44.53
N VAL J 370 60.41 -11.68 -43.25
CA VAL J 370 59.49 -12.06 -42.18
C VAL J 370 59.03 -10.90 -41.30
N ASP J 371 59.96 -10.25 -40.61
CA ASP J 371 59.62 -9.62 -39.33
C ASP J 371 59.33 -8.12 -39.45
N ASP J 372 60.24 -7.32 -40.03
CA ASP J 372 59.99 -5.88 -40.09
C ASP J 372 58.72 -5.61 -40.89
N LYS J 373 58.71 -5.89 -42.19
CA LYS J 373 57.45 -5.95 -42.90
C LYS J 373 56.80 -7.26 -42.49
N ASN J 374 55.76 -7.19 -41.68
CA ASN J 374 55.34 -8.34 -40.90
C ASN J 374 54.85 -9.46 -41.83
N GLU J 375 54.60 -10.63 -41.22
CA GLU J 375 54.22 -11.80 -41.99
C GLU J 375 52.87 -11.60 -42.68
N ALA J 376 51.99 -10.78 -42.10
CA ALA J 376 50.75 -10.46 -42.77
C ALA J 376 51.00 -9.67 -44.05
N MET J 377 52.07 -8.87 -44.10
CA MET J 377 52.43 -8.20 -45.33
C MET J 377 52.77 -9.20 -46.43
N GLY J 378 53.22 -10.40 -46.06
CA GLY J 378 53.43 -11.45 -47.03
C GLY J 378 52.16 -11.90 -47.73
N TYR J 379 51.00 -11.56 -47.20
CA TYR J 379 49.72 -11.90 -47.79
C TYR J 379 49.16 -10.72 -48.54
N ILE J 380 48.56 -11.01 -49.70
CA ILE J 380 48.11 -9.95 -50.61
C ILE J 380 46.96 -9.16 -50.01
N SER J 381 46.09 -9.81 -49.24
CA SER J 381 44.92 -9.13 -48.69
C SER J 381 45.33 -7.99 -47.77
N ASN J 382 46.36 -8.19 -46.95
CA ASN J 382 46.84 -7.13 -46.09
C ASN J 382 47.36 -5.96 -46.91
N ILE J 383 48.07 -6.24 -48.00
CA ILE J 383 48.58 -5.16 -48.85
C ILE J 383 47.43 -4.40 -49.48
N MET J 384 46.39 -5.11 -49.91
CA MET J 384 45.22 -4.44 -50.46
C MET J 384 44.58 -3.54 -49.40
N PHE J 385 44.51 -4.03 -48.17
CA PHE J 385 43.96 -3.23 -47.07
C PHE J 385 44.78 -1.97 -46.85
N ILE J 386 46.12 -2.12 -46.77
CA ILE J 386 46.98 -0.97 -46.51
C ILE J 386 46.89 0.03 -47.66
N ASN J 387 46.87 -0.46 -48.89
CA ASN J 387 46.75 0.43 -50.04
C ASN J 387 45.42 1.15 -50.03
N THR J 388 44.35 0.47 -49.61
CA THR J 388 43.05 1.13 -49.53
C THR J 388 43.04 2.21 -48.46
N ILE J 389 43.65 1.94 -47.31
CA ILE J 389 43.73 2.95 -46.26
C ILE J 389 44.53 4.15 -46.74
N ASN J 390 45.66 3.89 -47.39
CA ASN J 390 46.48 4.97 -47.93
C ASN J 390 45.70 5.76 -48.98
N LYS J 391 44.92 5.07 -49.80
CA LYS J 391 44.17 5.76 -50.85
C LYS J 391 43.07 6.64 -50.25
N ASP J 392 42.31 6.12 -49.29
CA ASP J 392 41.26 6.93 -48.67
C ASP J 392 41.86 8.10 -47.91
N THR J 393 43.00 7.89 -47.27
CA THR J 393 43.68 8.96 -46.56
C THR J 393 44.18 10.03 -47.52
N SER J 394 44.80 9.61 -48.62
CA SER J 394 45.22 10.53 -49.67
C SER J 394 44.03 11.11 -50.43
N LEU J 395 42.84 10.57 -50.24
CA LEU J 395 41.64 11.28 -50.67
C LEU J 395 41.28 12.38 -49.68
N LYS J 396 41.44 12.10 -48.39
CA LYS J 396 41.19 13.10 -47.36
C LYS J 396 42.16 14.28 -47.44
N ARG J 397 43.29 14.11 -48.14
CA ARG J 397 44.26 15.20 -48.23
C ARG J 397 43.58 16.47 -48.72
N LYS J 398 42.81 16.35 -49.81
CA LYS J 398 42.20 17.50 -50.45
C LYS J 398 41.11 18.10 -49.58
N GLU J 399 40.48 17.30 -48.73
CA GLU J 399 39.51 17.83 -47.79
C GLU J 399 40.20 18.68 -46.72
N PHE J 400 41.38 18.24 -46.26
CA PHE J 400 42.00 18.86 -45.09
C PHE J 400 43.23 19.72 -45.39
N VAL J 401 43.98 19.45 -46.45
CA VAL J 401 45.20 20.22 -46.67
C VAL J 401 44.82 21.60 -47.20
N GLY J 402 45.40 22.63 -46.59
CA GLY J 402 45.18 23.98 -47.07
C GLY J 402 43.80 24.52 -46.84
N LYS J 403 43.05 23.94 -45.90
CA LYS J 403 41.65 24.32 -45.69
C LYS J 403 41.26 24.37 -44.22
N ILE J 404 42.20 24.16 -43.28
CA ILE J 404 41.89 24.23 -41.86
C ILE J 404 43.17 24.57 -41.12
N PHE J 405 43.02 25.28 -40.00
CA PHE J 405 44.04 26.21 -39.54
C PHE J 405 45.11 25.62 -38.63
N ASN J 406 45.20 24.29 -38.48
CA ASN J 406 46.22 23.67 -37.64
C ASN J 406 46.03 23.94 -36.15
N ASP J 407 44.97 24.63 -35.76
CA ASP J 407 44.71 24.87 -34.35
C ASP J 407 44.20 23.57 -33.73
N ALA J 408 43.86 23.63 -32.44
CA ALA J 408 43.30 22.44 -31.79
C ALA J 408 41.99 22.02 -32.45
N THR J 409 41.20 22.99 -32.93
CA THR J 409 39.95 22.67 -33.60
C THR J 409 40.18 21.89 -34.89
N GLY J 410 41.14 22.34 -35.71
CA GLY J 410 41.40 21.64 -36.95
C GLY J 410 41.95 20.24 -36.73
N GLN J 411 42.88 20.11 -35.78
CA GLN J 411 43.40 18.78 -35.45
C GLN J 411 42.29 17.87 -34.95
N THR J 412 41.41 18.40 -34.09
CA THR J 412 40.30 17.62 -33.58
C THR J 412 39.37 17.19 -34.70
N THR J 413 39.10 18.10 -35.65
CA THR J 413 38.23 17.76 -36.77
C THR J 413 38.84 16.66 -37.62
N VAL J 414 40.14 16.75 -37.90
CA VAL J 414 40.81 15.73 -38.70
C VAL J 414 40.76 14.39 -37.98
N ILE J 415 41.05 14.40 -36.68
CA ILE J 415 41.06 13.16 -35.92
C ILE J 415 39.66 12.58 -35.85
N CYS J 416 38.64 13.43 -35.72
CA CYS J 416 37.27 12.95 -35.67
C CYS J 416 36.86 12.33 -36.99
N ALA J 417 37.25 12.94 -38.12
CA ALA J 417 36.94 12.36 -39.42
C ALA J 417 37.61 11.01 -39.60
N LEU J 418 38.90 10.91 -39.24
CA LEU J 418 39.60 9.64 -39.37
C LEU J 418 39.00 8.60 -38.44
N LYS J 419 38.58 9.02 -37.24
CA LYS J 419 37.93 8.11 -36.31
C LYS J 419 36.61 7.61 -36.88
N LYS J 420 35.85 8.50 -37.52
CA LYS J 420 34.60 8.09 -38.16
C LYS J 420 34.85 7.08 -39.26
N TYR J 421 35.91 7.30 -40.06
CA TYR J 421 36.25 6.35 -41.11
C TYR J 421 36.61 4.99 -40.53
N PHE J 422 37.47 4.99 -39.50
CA PHE J 422 37.87 3.73 -38.90
C PHE J 422 36.72 3.05 -38.19
N GLU J 423 35.77 3.82 -37.65
CA GLU J 423 34.58 3.22 -37.05
C GLU J 423 33.67 2.64 -38.10
N GLU J 424 33.62 3.25 -39.29
CA GLU J 424 32.93 2.63 -40.41
C GLU J 424 33.57 1.30 -40.76
N LEU J 425 34.90 1.26 -40.75
CA LEU J 425 35.60 0.00 -40.99
C LEU J 425 35.26 -1.03 -39.91
N MET J 426 35.22 -0.58 -38.65
CA MET J 426 34.86 -1.46 -37.55
C MET J 426 33.46 -2.02 -37.71
N SER J 427 32.52 -1.19 -38.17
CA SER J 427 31.15 -1.64 -38.38
C SER J 427 31.08 -2.75 -39.41
N GLN J 428 31.92 -2.67 -40.45
CA GLN J 428 32.02 -3.75 -41.42
C GLN J 428 32.71 -4.98 -40.85
N GLY J 429 33.30 -4.90 -39.66
CA GLY J 429 33.97 -6.02 -39.05
C GLY J 429 35.37 -6.29 -39.56
N ILE J 430 35.86 -5.49 -40.50
CA ILE J 430 37.18 -5.74 -41.09
C ILE J 430 38.27 -5.60 -40.04
N ILE J 431 38.10 -4.67 -39.11
CA ILE J 431 39.07 -4.39 -38.06
C ILE J 431 38.48 -4.90 -36.74
N SER J 432 39.28 -5.64 -35.98
CA SER J 432 38.88 -6.10 -34.66
C SER J 432 39.14 -5.08 -33.57
N GLU J 433 40.20 -4.28 -33.72
CA GLU J 433 40.56 -3.27 -32.74
C GLU J 433 41.35 -2.18 -33.45
N PHE J 434 41.21 -0.95 -32.98
CA PHE J 434 42.00 0.15 -33.51
C PHE J 434 42.02 1.29 -32.49
N ASN J 435 43.01 2.17 -32.67
CA ASN J 435 43.00 3.48 -32.05
C ASN J 435 43.76 4.42 -32.99
N VAL J 436 43.29 5.66 -33.06
CA VAL J 436 43.92 6.69 -33.88
C VAL J 436 44.01 7.96 -33.05
N ASP J 437 45.21 8.55 -33.02
CA ASP J 437 45.49 9.67 -32.14
C ASP J 437 46.57 10.54 -32.76
N ILE J 438 46.70 11.76 -32.23
CA ILE J 438 47.74 12.66 -32.68
C ILE J 438 49.09 12.09 -32.29
N ASP J 439 50.08 12.28 -33.17
CA ASP J 439 51.44 11.79 -32.95
C ASP J 439 52.18 12.89 -32.21
N THR J 440 51.90 12.99 -30.91
CA THR J 440 52.42 14.08 -30.10
C THR J 440 53.94 14.09 -30.06
N GLU J 441 54.58 12.93 -30.23
CA GLU J 441 56.02 12.88 -30.32
C GLU J 441 56.52 13.67 -31.53
N LEU J 442 55.96 13.39 -32.72
CA LEU J 442 56.34 14.13 -33.91
C LEU J 442 55.63 15.47 -34.00
N GLN J 443 54.46 15.59 -33.38
CA GLN J 443 53.77 16.89 -33.38
C GLN J 443 54.54 17.94 -32.61
N ALA J 444 55.27 17.53 -31.57
CA ALA J 444 56.13 18.48 -30.86
C ALA J 444 57.21 19.02 -31.79
N THR J 445 57.81 18.15 -32.60
CA THR J 445 58.82 18.55 -33.57
C THR J 445 58.21 19.08 -34.87
N ALA J 446 56.90 18.99 -35.04
CA ALA J 446 56.27 19.40 -36.29
C ALA J 446 56.40 20.90 -36.49
N LYS J 447 56.62 21.30 -37.74
CA LYS J 447 56.56 22.70 -38.08
C LYS J 447 55.11 23.18 -38.00
N ALA J 448 54.94 24.49 -37.85
CA ALA J 448 53.62 25.03 -37.56
C ALA J 448 52.62 24.80 -38.69
N ASP J 449 53.08 24.60 -39.93
CA ASP J 449 52.21 24.43 -41.08
C ASP J 449 51.99 22.96 -41.43
N GLU J 450 52.19 22.05 -40.49
CA GLU J 450 52.04 20.62 -40.74
C GLU J 450 51.48 19.91 -39.52
N PHE J 451 51.08 18.65 -39.75
CA PHE J 451 50.39 17.85 -38.76
C PHE J 451 50.90 16.41 -38.84
N TYR J 452 51.05 15.78 -37.67
CA TYR J 452 51.44 14.37 -37.57
C TYR J 452 50.40 13.64 -36.75
N TRP J 453 50.16 12.37 -37.10
CA TRP J 453 49.13 11.59 -36.44
C TRP J 453 49.52 10.12 -36.56
N LYS J 454 49.01 9.33 -35.64
CA LYS J 454 49.33 7.91 -35.55
C LYS J 454 48.05 7.10 -35.41
N TRP J 455 48.11 5.85 -35.84
CA TRP J 455 46.99 4.95 -35.66
C TRP J 455 47.48 3.51 -35.62
N ASP J 456 46.87 2.72 -34.73
CA ASP J 456 47.04 1.28 -34.68
C ASP J 456 45.74 0.60 -35.04
N ALA J 457 45.84 -0.61 -35.57
CA ALA J 457 44.67 -1.37 -35.97
C ALA J 457 45.00 -2.86 -35.90
N VAL J 458 43.95 -3.67 -36.01
CA VAL J 458 44.08 -5.12 -36.06
C VAL J 458 43.09 -5.62 -37.11
N LYS J 459 43.60 -5.93 -38.30
CA LYS J 459 42.74 -6.50 -39.33
C LYS J 459 42.21 -7.85 -38.87
N VAL J 460 40.95 -8.13 -39.23
CA VAL J 460 40.35 -9.39 -38.84
C VAL J 460 40.90 -10.47 -39.77
N ASP J 461 41.30 -11.59 -39.20
CA ASP J 461 41.96 -12.64 -39.95
C ASP J 461 40.94 -13.50 -40.69
N VAL J 462 41.41 -14.60 -41.28
CA VAL J 462 40.56 -15.58 -41.96
C VAL J 462 41.20 -16.94 -41.72
N MET J 463 40.37 -17.99 -41.60
CA MET J 463 40.93 -19.34 -41.51
C MET J 463 41.67 -19.69 -42.79
N LYS J 464 42.97 -19.90 -42.66
CA LYS J 464 43.75 -20.62 -43.65
C LYS J 464 43.97 -22.07 -43.24
N LYS J 465 44.29 -22.29 -41.96
CA LYS J 465 44.53 -23.62 -41.40
C LYS J 465 43.40 -23.93 -40.43
N ILE J 466 42.96 -25.20 -40.39
CA ILE J 466 42.02 -25.64 -39.37
C ILE J 466 42.39 -27.07 -38.97
N TYR J 467 42.26 -27.37 -37.68
CA TYR J 467 42.62 -28.66 -37.12
C TYR J 467 41.49 -29.17 -36.25
N GLY J 468 41.21 -30.46 -36.36
CA GLY J 468 40.18 -31.10 -35.56
C GLY J 468 40.70 -32.37 -34.93
N THR J 469 40.21 -32.65 -33.72
CA THR J 469 40.57 -33.83 -32.96
C THR J 469 39.29 -34.51 -32.50
N GLY J 470 39.25 -35.83 -32.63
CA GLY J 470 38.05 -36.60 -32.42
C GLY J 470 38.15 -37.55 -31.24
N TYR J 471 37.04 -37.70 -30.53
CA TYR J 471 36.89 -38.65 -29.44
C TYR J 471 35.68 -39.53 -29.71
N LEU J 472 35.82 -40.82 -29.45
CA LEU J 472 34.75 -41.80 -29.63
C LEU J 472 34.59 -42.65 -28.39
N GLU K 13 -40.11 53.95 -21.79
CA GLU K 13 -41.47 53.71 -22.34
C GLU K 13 -42.44 53.37 -21.21
N ILE K 14 -43.71 53.19 -21.56
CA ILE K 14 -44.72 52.79 -20.60
C ILE K 14 -44.46 51.33 -20.22
N PRO K 15 -44.88 50.87 -19.04
CA PRO K 15 -44.69 49.45 -18.72
C PRO K 15 -45.50 48.55 -19.63
N GLY K 16 -44.93 47.39 -19.91
CA GLY K 16 -45.52 46.44 -20.84
C GLY K 16 -44.46 45.49 -21.34
N PHE K 17 -44.88 44.62 -22.27
CA PHE K 17 -44.00 43.56 -22.80
C PHE K 17 -44.07 43.74 -24.32
N TYR K 18 -43.20 44.56 -24.89
CA TYR K 18 -43.35 44.97 -26.28
C TYR K 18 -42.30 44.28 -27.16
N ASN K 19 -42.78 43.37 -28.00
CA ASN K 19 -41.94 42.61 -28.92
C ASN K 19 -41.56 43.48 -30.12
N ARG K 20 -40.38 43.21 -30.67
CA ARG K 20 -39.92 43.87 -31.90
C ARG K 20 -39.12 42.83 -32.67
N PHE K 21 -39.77 42.19 -33.64
CA PHE K 21 -39.21 41.04 -34.32
C PHE K 21 -38.22 41.45 -35.41
N LYS K 22 -37.14 40.67 -35.51
CA LYS K 22 -35.96 41.04 -36.30
C LYS K 22 -35.47 39.86 -37.12
N THR K 23 -36.39 39.11 -37.73
CA THR K 23 -36.02 38.08 -38.70
C THR K 23 -35.80 38.74 -40.07
N GLN K 24 -34.77 39.58 -40.10
CA GLN K 24 -34.39 40.31 -41.31
C GLN K 24 -33.55 39.42 -42.21
N ALA K 25 -32.38 39.01 -41.72
CA ALA K 25 -31.37 38.24 -42.45
C ALA K 25 -30.92 37.05 -41.61
N GLU K 26 -31.90 36.25 -41.17
CA GLU K 26 -31.64 35.19 -40.21
C GLU K 26 -30.56 34.24 -40.71
N LYS K 27 -30.79 33.58 -41.86
CA LYS K 27 -29.77 32.77 -42.50
C LYS K 27 -29.83 32.94 -44.02
N SER K 28 -30.05 34.18 -44.47
CA SER K 28 -30.09 34.51 -45.89
C SER K 28 -28.78 35.10 -46.37
N THR K 29 -27.66 34.63 -45.82
CA THR K 29 -26.35 35.23 -46.02
C THR K 29 -25.39 34.21 -46.62
N ASN K 30 -24.44 34.72 -47.41
CA ASN K 30 -23.36 33.92 -47.96
C ASN K 30 -22.11 34.79 -48.03
N THR K 31 -20.95 34.14 -48.09
CA THR K 31 -19.65 34.79 -47.97
C THR K 31 -18.79 34.58 -49.22
N GLY K 32 -19.44 34.53 -50.40
CA GLY K 32 -18.75 34.24 -51.63
C GLY K 32 -18.29 35.46 -52.40
N LEU K 33 -18.24 36.62 -51.76
CA LEU K 33 -17.92 37.88 -52.42
C LEU K 33 -16.98 38.71 -51.57
N LYS K 34 -16.21 39.56 -52.24
CA LYS K 34 -15.23 40.41 -51.56
C LYS K 34 -14.77 41.49 -52.53
N GLY K 35 -14.16 42.53 -51.99
CA GLY K 35 -13.47 43.53 -52.77
C GLY K 35 -14.40 44.59 -53.34
N ARG K 36 -13.79 45.70 -53.76
CA ARG K 36 -14.49 46.79 -54.41
C ARG K 36 -13.62 47.36 -55.52
N LEU K 37 -14.27 47.84 -56.57
CA LEU K 37 -13.60 48.24 -57.80
C LEU K 37 -14.13 49.59 -58.29
N ALA K 38 -13.24 50.35 -58.92
CA ALA K 38 -13.57 51.63 -59.55
C ALA K 38 -13.80 51.45 -61.04
N MET K 39 -14.69 52.27 -61.59
CA MET K 39 -15.14 52.13 -62.98
C MET K 39 -15.58 53.47 -63.52
N PRO K 40 -14.73 54.15 -64.31
CA PRO K 40 -15.27 55.15 -65.24
C PRO K 40 -15.91 54.46 -66.43
N ILE K 41 -17.12 54.88 -66.78
CA ILE K 41 -17.93 54.19 -67.78
C ILE K 41 -18.64 55.20 -68.67
N ARG K 42 -18.77 54.84 -69.95
CA ARG K 42 -19.68 55.52 -70.87
C ARG K 42 -20.99 54.74 -70.89
N ALA K 43 -22.10 55.47 -70.77
CA ALA K 43 -23.41 54.83 -70.64
C ALA K 43 -24.46 55.67 -71.37
N ASN K 44 -25.42 54.96 -71.97
CA ASN K 44 -26.59 55.61 -72.54
C ASN K 44 -27.60 56.02 -71.46
N TRP K 45 -27.58 55.38 -70.30
CA TRP K 45 -28.58 55.57 -69.26
C TRP K 45 -27.89 55.60 -67.90
N GLY K 46 -28.53 56.27 -66.95
CA GLY K 46 -28.11 56.26 -65.56
C GLY K 46 -27.63 57.63 -65.11
N ASP K 47 -27.29 57.68 -63.81
CA ASP K 47 -26.88 58.93 -63.19
C ASP K 47 -25.58 59.43 -63.81
N VAL K 48 -25.37 60.74 -63.72
CA VAL K 48 -24.24 61.43 -64.32
C VAL K 48 -23.56 62.29 -63.26
N GLY K 49 -22.23 62.28 -63.28
CA GLY K 49 -21.47 63.17 -62.42
C GLY K 49 -21.35 62.73 -60.98
N LYS K 50 -21.67 61.46 -60.67
CA LYS K 50 -21.58 60.95 -59.31
C LYS K 50 -20.98 59.55 -59.34
N VAL K 51 -20.31 59.20 -58.25
CA VAL K 51 -19.71 57.88 -58.09
C VAL K 51 -20.70 57.04 -57.29
N VAL K 52 -21.35 56.09 -57.96
CA VAL K 52 -22.42 55.28 -57.39
C VAL K 52 -21.91 53.86 -57.17
N THR K 53 -22.23 53.31 -56.01
CA THR K 53 -21.87 51.93 -55.68
C THR K 53 -22.96 50.98 -56.17
N ILE K 54 -22.53 49.86 -56.75
CA ILE K 54 -23.43 48.85 -57.28
C ILE K 54 -23.16 47.55 -56.55
N LYS K 55 -24.20 46.98 -55.96
CA LYS K 55 -24.11 45.65 -55.39
C LYS K 55 -24.04 44.62 -56.52
N ASN K 56 -23.53 43.43 -56.18
CA ASN K 56 -23.13 42.48 -57.21
C ASN K 56 -24.28 41.94 -58.05
N ASP K 57 -25.54 42.18 -57.67
CA ASP K 57 -26.64 41.78 -58.52
C ASP K 57 -26.62 42.60 -59.80
N LEU K 58 -26.52 41.92 -60.94
CA LEU K 58 -26.52 42.61 -62.22
C LEU K 58 -27.83 43.32 -62.51
N ARG K 59 -28.93 42.89 -61.87
CA ARG K 59 -30.20 43.59 -62.00
C ARG K 59 -30.06 45.04 -61.56
N GLN K 60 -29.26 45.30 -60.53
CA GLN K 60 -29.02 46.67 -60.11
C GLN K 60 -28.31 47.46 -61.21
N LEU K 61 -27.29 46.85 -61.83
CA LEU K 61 -26.61 47.50 -62.95
C LEU K 61 -27.57 47.75 -64.09
N LYS K 62 -28.40 46.75 -64.42
CA LYS K 62 -29.33 46.88 -65.53
C LYS K 62 -30.33 47.99 -65.26
N ASN K 63 -30.80 48.12 -64.02
CA ASN K 63 -31.75 49.16 -63.68
C ASN K 63 -31.10 50.54 -63.73
N LEU K 64 -29.93 50.68 -63.12
CA LEU K 64 -29.35 52.00 -62.89
C LEU K 64 -28.51 52.51 -64.04
N PHE K 65 -28.16 51.67 -65.02
CA PHE K 65 -27.38 52.13 -66.17
C PHE K 65 -27.81 51.47 -67.48
N GLY K 66 -28.97 50.80 -67.53
CA GLY K 66 -29.44 50.20 -68.75
C GLY K 66 -28.79 48.87 -69.03
N ASP K 67 -29.17 48.29 -70.16
CA ASP K 67 -28.75 46.95 -70.57
C ASP K 67 -28.21 46.94 -71.99
N ASP K 68 -27.59 48.04 -72.41
CA ASP K 68 -27.05 48.15 -73.76
C ASP K 68 -25.60 47.72 -73.77
N MET K 69 -25.30 46.66 -74.52
CA MET K 69 -23.93 46.15 -74.62
C MET K 69 -23.07 46.96 -75.58
N ASN K 70 -23.64 47.91 -76.32
CA ASN K 70 -22.86 48.78 -77.17
C ASN K 70 -21.99 49.75 -76.38
N TYR K 71 -22.20 49.87 -75.06
CA TYR K 71 -21.55 50.86 -74.23
C TYR K 71 -20.66 50.17 -73.21
N SER K 72 -19.59 50.87 -72.81
CA SER K 72 -18.65 50.29 -71.85
C SER K 72 -19.32 49.97 -70.54
N ALA K 73 -20.34 50.75 -70.15
CA ALA K 73 -20.98 50.63 -68.85
C ALA K 73 -21.51 49.22 -68.60
N PHE K 74 -22.50 48.78 -69.38
CA PHE K 74 -23.13 47.50 -69.09
C PHE K 74 -22.17 46.34 -69.32
N LYS K 75 -21.39 46.38 -70.39
CA LYS K 75 -20.50 45.26 -70.71
C LYS K 75 -19.43 45.08 -69.63
N LEU K 76 -18.72 46.16 -69.31
CA LEU K 76 -17.68 46.07 -68.30
C LEU K 76 -18.27 45.83 -66.91
N GLY K 77 -19.48 46.34 -66.66
CA GLY K 77 -20.13 46.03 -65.40
C GLY K 77 -20.45 44.56 -65.28
N LYS K 78 -20.97 43.95 -66.34
CA LYS K 78 -21.25 42.52 -66.32
C LYS K 78 -19.96 41.73 -66.09
N LEU K 79 -18.89 42.12 -66.77
CA LEU K 79 -17.61 41.43 -66.57
C LEU K 79 -17.14 41.55 -65.13
N ALA K 80 -17.24 42.75 -64.55
CA ALA K 80 -16.81 42.94 -63.17
C ALA K 80 -17.66 42.14 -62.20
N LEU K 81 -18.98 42.14 -62.41
CA LEU K 81 -19.88 41.39 -61.54
C LEU K 81 -19.60 39.90 -61.61
N LEU K 82 -19.34 39.39 -62.82
CA LEU K 82 -18.89 38.01 -62.95
C LEU K 82 -17.52 37.80 -62.32
N GLY K 83 -16.74 38.87 -62.15
CA GLY K 83 -15.55 38.81 -61.33
C GLY K 83 -15.82 38.68 -59.84
N ASN K 84 -17.09 38.78 -59.43
CA ASN K 84 -17.51 38.50 -58.05
C ASN K 84 -17.00 39.56 -57.08
N VAL K 85 -17.09 40.83 -57.48
CA VAL K 85 -16.75 41.93 -56.60
C VAL K 85 -17.92 42.18 -55.65
N LYS K 86 -17.61 42.44 -54.39
CA LYS K 86 -18.68 42.66 -53.40
C LYS K 86 -19.49 43.90 -53.75
N GLU K 87 -18.83 44.99 -54.13
CA GLU K 87 -19.51 46.23 -54.49
C GLU K 87 -18.73 46.90 -55.62
N LEU K 88 -19.42 47.17 -56.73
CA LEU K 88 -18.82 47.76 -57.91
C LEU K 88 -19.20 49.23 -57.96
N LEU K 89 -18.19 50.11 -57.97
CA LEU K 89 -18.39 51.55 -57.95
C LEU K 89 -18.20 52.09 -59.36
N LEU K 90 -19.22 52.77 -59.87
CA LEU K 90 -19.26 53.24 -61.25
C LEU K 90 -19.28 54.77 -61.29
N TYR K 91 -18.95 55.31 -62.45
CA TYR K 91 -19.05 56.74 -62.70
C TYR K 91 -19.31 56.95 -64.17
N ARG K 92 -20.42 57.63 -64.50
CA ARG K 92 -20.81 57.82 -65.89
C ARG K 92 -20.03 58.99 -66.48
N LEU K 93 -19.31 58.73 -67.56
CA LEU K 93 -18.55 59.75 -68.27
C LEU K 93 -19.40 60.36 -69.37
N VAL K 94 -19.31 61.68 -69.51
CA VAL K 94 -20.10 62.42 -70.49
C VAL K 94 -19.31 63.62 -70.97
N ASP K 95 -19.66 64.09 -72.17
CA ASP K 95 -19.31 65.42 -72.60
C ASP K 95 -20.36 66.41 -72.08
N GLY K 96 -19.95 67.67 -71.91
CA GLY K 96 -20.84 68.66 -71.34
C GLY K 96 -22.15 68.82 -72.09
N ASN K 97 -22.14 68.56 -73.41
CA ASN K 97 -23.36 68.64 -74.19
C ASN K 97 -24.35 67.52 -73.89
N GLN K 98 -23.95 66.50 -73.13
CA GLN K 98 -24.81 65.35 -72.89
C GLN K 98 -26.05 65.78 -72.12
N LYS K 99 -27.21 65.22 -72.50
CA LYS K 99 -28.50 65.84 -72.20
C LYS K 99 -29.57 64.77 -71.99
N LYS K 100 -30.65 65.18 -71.32
CA LYS K 100 -31.84 64.37 -71.11
C LYS K 100 -32.81 64.50 -72.27
N GLY K 101 -33.50 63.40 -72.56
CA GLY K 101 -34.62 63.47 -73.49
C GLY K 101 -35.81 64.16 -72.84
N THR K 102 -36.66 64.75 -73.70
CA THR K 102 -37.76 65.56 -73.21
C THR K 102 -38.93 65.49 -74.19
N LEU K 103 -40.14 65.64 -73.64
CA LEU K 103 -41.36 65.73 -74.42
C LEU K 103 -42.31 66.67 -73.70
N THR K 104 -43.18 67.33 -74.47
CA THR K 104 -44.12 68.29 -73.94
C THR K 104 -45.54 67.91 -74.35
N LEU K 105 -46.49 68.21 -73.47
CA LEU K 105 -47.90 67.93 -73.68
C LEU K 105 -48.68 69.24 -73.65
N LYS K 106 -49.84 69.23 -74.31
CA LYS K 106 -50.65 70.42 -74.48
C LYS K 106 -52.12 70.07 -74.31
N ASP K 107 -52.91 71.07 -73.94
CA ASP K 107 -54.34 70.91 -73.75
C ASP K 107 -55.08 71.04 -75.09
N THR K 108 -56.36 70.66 -75.06
CA THR K 108 -57.23 70.73 -76.24
C THR K 108 -58.54 71.46 -76.00
N THR K 109 -58.87 71.80 -74.76
CA THR K 109 -60.13 72.50 -74.49
C THR K 109 -60.14 73.87 -75.16
N GLU K 110 -59.03 74.59 -75.10
CA GLU K 110 -58.93 75.92 -75.67
C GLU K 110 -58.44 75.84 -77.11
N ASN K 111 -58.98 76.73 -77.95
CA ASN K 111 -58.52 76.79 -79.34
C ASN K 111 -57.04 77.15 -79.40
N SER K 112 -56.62 78.14 -78.62
CA SER K 112 -55.20 78.47 -78.45
C SER K 112 -54.64 77.54 -77.38
N ALA K 113 -54.26 76.34 -77.82
CA ALA K 113 -53.77 75.32 -76.90
C ALA K 113 -52.49 75.78 -76.22
N LYS K 114 -52.39 75.44 -74.92
CA LYS K 114 -51.28 75.87 -74.08
C LYS K 114 -50.59 74.65 -73.49
N ASP K 115 -49.27 74.68 -73.46
CA ASP K 115 -48.50 73.59 -72.87
C ASP K 115 -48.76 73.54 -71.37
N VAL K 116 -49.05 72.34 -70.87
CA VAL K 116 -49.45 72.15 -69.48
C VAL K 116 -48.63 71.10 -68.76
N ILE K 117 -48.02 70.14 -69.46
CA ILE K 117 -47.18 69.12 -68.84
C ILE K 117 -45.96 68.90 -69.73
N LYS K 118 -44.80 68.71 -69.10
CA LYS K 118 -43.58 68.32 -69.78
C LYS K 118 -43.05 67.03 -69.16
N LEU K 119 -42.61 66.12 -70.03
CA LEU K 119 -42.04 64.85 -69.62
C LEU K 119 -40.56 64.84 -69.97
N GLU K 120 -39.72 64.44 -69.02
CA GLU K 120 -38.28 64.39 -69.20
C GLU K 120 -37.75 63.10 -68.59
N THR K 121 -36.80 62.48 -69.28
CA THR K 121 -36.22 61.23 -68.79
C THR K 121 -35.55 61.45 -67.44
N LYS K 122 -35.72 60.47 -66.54
CA LYS K 122 -35.19 60.61 -65.20
C LYS K 122 -33.66 60.72 -65.20
N TYR K 123 -33.01 60.13 -66.19
CA TYR K 123 -31.56 60.17 -66.33
C TYR K 123 -31.20 60.70 -67.71
N PRO K 124 -30.03 61.33 -67.87
CA PRO K 124 -29.61 61.74 -69.22
C PRO K 124 -29.44 60.55 -70.14
N THR K 125 -29.83 60.74 -71.40
CA THR K 125 -29.80 59.67 -72.38
C THR K 125 -30.09 60.26 -73.77
N ALA K 126 -30.14 59.38 -74.76
CA ALA K 126 -30.66 59.71 -76.08
C ALA K 126 -31.56 58.61 -76.62
N ARG K 127 -31.97 57.65 -75.80
CA ARG K 127 -32.77 56.53 -76.28
C ARG K 127 -34.17 57.00 -76.64
N ASN K 128 -34.87 56.14 -77.39
CA ASN K 128 -36.20 56.47 -77.90
C ASN K 128 -37.28 56.04 -76.90
N PHE K 129 -37.22 56.65 -75.71
CA PHE K 129 -38.29 56.48 -74.74
C PHE K 129 -39.52 57.21 -75.24
N ASN K 130 -40.62 56.48 -75.43
CA ASN K 130 -41.81 56.98 -76.09
C ASN K 130 -42.99 56.99 -75.13
N VAL K 131 -43.99 57.80 -75.46
CA VAL K 131 -45.17 58.01 -74.63
C VAL K 131 -46.40 58.06 -75.52
N THR K 132 -47.51 57.56 -74.99
CA THR K 132 -48.80 57.57 -75.68
C THR K 132 -49.87 58.07 -74.73
N ILE K 133 -50.73 58.96 -75.24
CA ILE K 133 -51.90 59.45 -74.51
C ILE K 133 -53.11 59.29 -75.42
N LYS K 134 -54.17 58.71 -74.88
CA LYS K 134 -55.39 58.44 -75.66
C LYS K 134 -56.59 58.63 -74.75
N SER K 135 -57.75 58.80 -75.39
CA SER K 135 -58.99 58.97 -74.65
C SER K 135 -59.34 57.70 -73.89
N ASN K 136 -59.72 57.86 -72.62
CA ASN K 136 -60.14 56.72 -71.83
C ASN K 136 -61.50 56.22 -72.31
N LEU K 137 -61.62 54.91 -72.49
CA LEU K 137 -62.84 54.33 -73.02
C LEU K 137 -63.94 54.18 -71.97
N VAL K 138 -63.60 54.28 -70.68
CA VAL K 138 -64.57 54.10 -69.61
C VAL K 138 -65.09 55.46 -69.16
N ASP K 139 -64.19 56.31 -68.67
CA ASP K 139 -64.53 57.63 -68.18
C ASP K 139 -64.28 58.67 -69.26
N SER K 140 -65.16 59.65 -69.35
CA SER K 140 -65.10 60.61 -70.45
C SER K 140 -63.85 61.49 -70.34
N ASP K 141 -63.61 62.08 -69.18
CA ASP K 141 -62.53 63.04 -69.03
C ASP K 141 -61.15 62.41 -68.81
N LYS K 142 -61.09 61.09 -68.63
CA LYS K 142 -59.83 60.43 -68.35
C LYS K 142 -59.02 60.24 -69.63
N LYS K 143 -57.69 60.34 -69.50
CA LYS K 143 -56.75 60.07 -70.57
C LYS K 143 -55.84 58.93 -70.12
N ASP K 144 -55.62 57.98 -71.01
CA ASP K 144 -54.81 56.80 -70.69
C ASP K 144 -53.35 57.10 -71.06
N PHE K 145 -52.52 57.27 -70.04
CA PHE K 145 -51.10 57.59 -70.25
C PHE K 145 -50.30 56.31 -70.27
N ILE K 146 -49.64 56.04 -71.41
CA ILE K 146 -48.84 54.83 -71.59
C ILE K 146 -47.45 55.25 -72.03
N PHE K 147 -46.45 54.48 -71.60
CA PHE K 147 -45.05 54.79 -71.81
C PHE K 147 -44.35 53.59 -72.43
N PHE K 148 -43.42 53.86 -73.35
CA PHE K 148 -42.71 52.81 -74.08
C PHE K 148 -41.25 53.19 -74.23
N GLU K 149 -40.49 52.25 -74.79
CA GLU K 149 -39.16 52.51 -75.35
C GLU K 149 -39.08 51.74 -76.65
N ASN K 150 -39.13 52.46 -77.77
CA ASN K 150 -39.21 51.83 -79.09
C ASN K 150 -40.43 50.92 -79.18
N THR K 151 -41.56 51.39 -78.65
CA THR K 151 -42.86 50.71 -78.61
C THR K 151 -42.91 49.57 -77.60
N LYS K 152 -41.83 49.27 -76.89
CA LYS K 152 -41.86 48.29 -75.82
C LYS K 152 -42.41 48.97 -74.57
N GLN K 153 -43.63 48.59 -74.18
CA GLN K 153 -44.33 49.32 -73.13
C GLN K 153 -43.64 49.18 -71.78
N LEU K 154 -43.55 50.30 -71.07
CA LEU K 154 -43.05 50.35 -69.70
C LEU K 154 -44.19 50.33 -68.69
N PHE K 155 -45.13 51.27 -68.83
CA PHE K 155 -46.15 51.51 -67.82
C PHE K 155 -47.35 52.17 -68.47
N SER K 156 -48.54 51.89 -67.91
CA SER K 156 -49.79 52.48 -68.37
C SER K 156 -50.56 53.00 -67.16
N SER K 157 -51.30 54.09 -67.37
CA SER K 157 -52.08 54.70 -66.30
C SER K 157 -53.20 55.53 -66.91
N SER K 158 -54.18 55.87 -66.07
CA SER K 158 -55.34 56.65 -66.49
C SER K 158 -55.73 57.61 -65.37
N ILE K 159 -55.83 58.90 -65.68
CA ILE K 159 -56.20 59.92 -64.72
C ILE K 159 -57.16 60.90 -65.39
N LYS K 160 -58.08 61.45 -64.58
CA LYS K 160 -59.01 62.47 -65.04
C LYS K 160 -58.26 63.68 -65.60
N GLY K 161 -59.01 64.54 -66.28
CA GLY K 161 -58.42 65.64 -67.03
C GLY K 161 -58.08 66.88 -66.22
N THR K 162 -57.42 66.70 -65.08
CA THR K 162 -56.83 67.79 -64.32
C THR K 162 -55.33 67.58 -64.26
N ILE K 163 -54.57 68.64 -64.53
CA ILE K 163 -53.14 68.49 -64.77
C ILE K 163 -52.40 68.09 -63.50
N ASP K 164 -52.81 68.62 -62.35
CA ASP K 164 -52.09 68.36 -61.11
C ASP K 164 -52.13 66.88 -60.75
N GLU K 165 -53.32 66.28 -60.77
CA GLU K 165 -53.43 64.86 -60.47
C GLU K 165 -52.72 64.02 -61.52
N ILE K 166 -52.74 64.45 -62.77
CA ILE K 166 -52.06 63.71 -63.83
C ILE K 166 -50.56 63.65 -63.55
N VAL K 167 -49.95 64.80 -63.30
CA VAL K 167 -48.50 64.81 -63.08
C VAL K 167 -48.15 64.10 -61.79
N LEU K 168 -49.00 64.24 -60.76
CA LEU K 168 -48.73 63.56 -59.50
C LEU K 168 -48.76 62.05 -59.66
N GLU K 169 -49.75 61.53 -60.40
CA GLU K 169 -49.79 60.09 -60.64
C GLU K 169 -48.60 59.64 -61.49
N ILE K 170 -48.25 60.41 -62.52
CA ILE K 170 -47.18 60.01 -63.41
C ILE K 170 -45.85 59.97 -62.66
N ASN K 171 -45.67 60.89 -61.70
CA ASN K 171 -44.48 60.89 -60.86
C ASN K 171 -44.59 59.94 -59.67
N SER K 172 -45.78 59.43 -59.36
CA SER K 172 -45.96 58.63 -58.15
C SER K 172 -45.45 57.22 -58.33
N ASN K 173 -45.99 56.48 -59.30
CA ASN K 173 -45.62 55.08 -59.47
C ASN K 173 -44.19 54.98 -59.97
N LEU K 174 -43.42 54.08 -59.34
CA LEU K 174 -42.06 53.81 -59.76
C LEU K 174 -41.99 52.94 -61.01
N ASP K 175 -43.13 52.43 -61.48
CA ASP K 175 -43.16 51.84 -62.82
C ASP K 175 -42.84 52.87 -63.88
N ASN K 176 -43.11 54.15 -63.60
CA ASN K 176 -42.76 55.28 -64.46
C ASN K 176 -41.43 55.92 -64.07
N GLU K 177 -40.51 55.13 -63.52
CA GLU K 177 -39.24 55.68 -63.06
C GLU K 177 -38.37 56.18 -64.19
N TYR K 178 -38.62 55.74 -65.44
CA TYR K 178 -37.80 56.18 -66.55
C TYR K 178 -37.95 57.67 -66.85
N VAL K 179 -39.06 58.28 -66.44
CA VAL K 179 -39.42 59.63 -66.86
C VAL K 179 -39.97 60.41 -65.68
N ILE K 180 -39.75 61.72 -65.70
CA ILE K 180 -40.25 62.65 -64.70
C ILE K 180 -41.23 63.59 -65.38
N ALA K 181 -42.40 63.77 -64.78
CA ALA K 181 -43.42 64.70 -65.27
C ALA K 181 -43.41 65.96 -64.43
N THR K 182 -43.49 67.11 -65.10
CA THR K 182 -43.53 68.40 -64.44
C THR K 182 -44.65 69.24 -65.05
N LYS K 183 -45.30 70.04 -64.21
CA LYS K 183 -46.42 70.86 -64.62
C LYS K 183 -45.93 72.16 -65.25
N VAL K 184 -46.40 72.44 -66.46
CA VAL K 184 -46.05 73.68 -67.15
C VAL K 184 -47.03 74.79 -66.81
N ALA K 185 -48.31 74.45 -66.63
CA ALA K 185 -49.33 75.43 -66.29
C ALA K 185 -50.39 74.76 -65.44
N ASP K 186 -51.11 75.60 -64.69
CA ASP K 186 -52.16 75.12 -63.77
C ASP K 186 -53.50 75.12 -64.50
N SER K 187 -53.65 74.14 -65.38
CA SER K 187 -54.85 73.98 -66.20
C SER K 187 -55.68 72.80 -65.70
N ASP K 188 -56.99 72.89 -65.93
CA ASP K 188 -57.93 71.80 -65.70
C ASP K 188 -58.55 71.33 -67.00
N THR K 189 -57.80 71.45 -68.10
CA THR K 189 -58.30 71.21 -69.44
C THR K 189 -57.89 69.82 -69.93
N ILE K 190 -58.59 69.35 -70.96
CA ILE K 190 -58.33 68.03 -71.51
C ILE K 190 -57.02 68.04 -72.28
N LEU K 191 -56.18 67.04 -72.02
CA LEU K 191 -54.88 66.95 -72.67
C LEU K 191 -55.03 66.52 -74.13
N ALA K 192 -53.98 66.79 -74.90
CA ALA K 192 -53.90 66.35 -76.29
C ALA K 192 -53.38 64.92 -76.36
N ASN K 193 -53.94 64.14 -77.27
CA ASN K 193 -53.53 62.76 -77.44
C ASN K 193 -52.23 62.67 -78.22
N VAL K 194 -51.31 61.84 -77.72
CA VAL K 194 -50.05 61.54 -78.39
C VAL K 194 -49.95 60.03 -78.53
N VAL K 195 -49.15 59.58 -79.50
CA VAL K 195 -48.99 58.17 -79.78
C VAL K 195 -47.52 57.86 -80.03
N ASN K 196 -46.86 57.27 -79.03
CA ASN K 196 -45.48 56.80 -79.15
C ASN K 196 -44.54 57.95 -79.51
N GLN K 197 -44.75 59.10 -78.89
CA GLN K 197 -43.91 60.27 -79.13
C GLN K 197 -42.65 60.17 -78.27
N ALA K 198 -41.50 60.20 -78.93
CA ALA K 198 -40.23 60.03 -78.23
C ALA K 198 -39.89 61.28 -77.42
N LEU K 199 -39.23 61.06 -76.28
CA LEU K 199 -38.72 62.16 -75.47
C LEU K 199 -37.42 62.63 -76.10
N GLU K 200 -37.55 63.59 -77.01
CA GLU K 200 -36.42 64.06 -77.81
C GLU K 200 -35.62 65.12 -77.05
N GLY K 201 -34.56 65.61 -77.68
CA GLY K 201 -33.69 66.59 -77.08
C GLY K 201 -32.57 66.02 -76.24
N GLY K 202 -32.52 64.70 -76.05
CA GLY K 202 -31.47 64.09 -75.27
C GLY K 202 -30.23 63.80 -76.09
N ASN K 203 -29.13 63.56 -75.36
CA ASN K 203 -27.84 63.23 -75.96
C ASN K 203 -27.25 62.05 -75.19
N ASP K 204 -26.44 61.27 -75.89
CA ASP K 204 -26.24 59.87 -75.53
C ASP K 204 -25.25 59.68 -74.38
N GLY K 205 -23.97 60.01 -74.61
CA GLY K 205 -22.93 59.71 -73.65
C GLY K 205 -21.63 59.25 -74.29
N CYS K 206 -21.71 58.72 -75.51
CA CYS K 206 -20.53 58.46 -76.32
C CYS K 206 -20.13 59.66 -77.16
N THR K 207 -20.73 60.83 -76.91
CA THR K 207 -20.54 62.01 -77.74
C THR K 207 -19.29 62.75 -77.29
N SER K 208 -18.23 62.67 -78.10
CA SER K 208 -17.03 63.50 -77.93
C SER K 208 -16.40 63.32 -76.55
N ILE K 209 -16.31 62.07 -76.10
CA ILE K 209 -15.65 61.75 -74.84
C ILE K 209 -14.15 61.74 -75.06
N THR K 210 -13.42 62.51 -74.25
CA THR K 210 -11.98 62.71 -74.40
C THR K 210 -11.30 62.50 -73.07
N ASN K 211 -9.98 62.72 -73.07
CA ASN K 211 -9.17 62.47 -71.87
C ASN K 211 -9.60 63.34 -70.70
N GLU K 212 -10.12 64.54 -70.97
CA GLU K 212 -10.52 65.43 -69.89
C GLU K 212 -11.66 64.84 -69.07
N SER K 213 -12.60 64.17 -69.74
CA SER K 213 -13.68 63.51 -69.02
C SER K 213 -13.14 62.44 -68.08
N TYR K 214 -12.17 61.65 -68.55
CA TYR K 214 -11.57 60.63 -67.69
C TYR K 214 -10.82 61.27 -66.54
N LEU K 215 -10.14 62.39 -66.80
CA LEU K 215 -9.44 63.10 -65.73
C LEU K 215 -10.40 63.57 -64.66
N LYS K 216 -11.53 64.15 -65.07
CA LYS K 216 -12.55 64.57 -64.13
C LYS K 216 -13.10 63.39 -63.35
N ALA K 217 -13.32 62.26 -64.03
CA ALA K 217 -13.81 61.07 -63.35
C ALA K 217 -12.81 60.60 -62.30
N LEU K 218 -11.52 60.60 -62.64
CA LEU K 218 -10.51 60.19 -61.66
C LEU K 218 -10.48 61.14 -60.48
N GLU K 219 -10.60 62.44 -60.74
CA GLU K 219 -10.63 63.41 -59.64
C GLU K 219 -11.82 63.17 -58.73
N GLU K 220 -12.97 62.81 -59.31
CA GLU K 220 -14.10 62.40 -58.49
C GLU K 220 -13.76 61.14 -57.70
N PHE K 221 -13.06 60.19 -58.34
CA PHE K 221 -12.71 58.94 -57.68
C PHE K 221 -11.68 59.12 -56.58
N GLU K 222 -11.00 60.27 -56.52
CA GLU K 222 -10.07 60.54 -55.42
C GLU K 222 -10.75 60.47 -54.06
N ARG K 223 -12.05 60.76 -54.01
CA ARG K 223 -12.78 60.78 -52.76
C ARG K 223 -12.76 59.41 -52.08
N TYR K 224 -12.94 58.36 -52.85
CA TYR K 224 -13.27 57.04 -52.32
C TYR K 224 -11.99 56.23 -52.13
N SER K 225 -12.16 55.02 -51.62
CA SER K 225 -11.09 54.03 -51.49
C SER K 225 -11.45 52.79 -52.29
N PHE K 226 -10.45 52.18 -52.91
CA PHE K 226 -10.67 51.08 -53.84
C PHE K 226 -9.61 50.01 -53.65
N ASP K 227 -9.91 48.82 -54.16
CA ASP K 227 -8.95 47.73 -54.26
C ASP K 227 -8.26 47.70 -55.62
N SER K 228 -8.89 48.22 -56.67
CA SER K 228 -8.27 48.22 -57.98
C SER K 228 -8.97 49.23 -58.88
N PHE K 229 -8.28 49.58 -59.98
CA PHE K 229 -8.78 50.49 -61.01
C PHE K 229 -8.37 49.92 -62.35
N VAL K 230 -9.23 50.13 -63.37
CA VAL K 230 -9.04 49.47 -64.67
C VAL K 230 -9.18 50.41 -65.87
N LEU K 231 -9.71 51.62 -65.65
CA LEU K 231 -9.74 52.66 -66.68
C LEU K 231 -10.62 52.27 -67.87
N ASP K 232 -11.88 51.98 -67.58
CA ASP K 232 -12.97 51.98 -68.57
C ASP K 232 -12.75 50.97 -69.70
N GLY K 233 -11.81 50.03 -69.56
CA GLY K 233 -11.54 49.13 -70.66
C GLY K 233 -11.04 49.81 -71.91
N VAL K 234 -10.37 50.95 -71.76
CA VAL K 234 -9.86 51.74 -72.88
C VAL K 234 -8.33 51.79 -72.75
N ALA K 235 -7.65 51.56 -73.88
CA ALA K 235 -6.20 51.42 -73.91
C ALA K 235 -5.50 52.65 -74.46
N ASP K 236 -6.16 53.82 -74.42
CA ASP K 236 -5.53 55.04 -74.90
C ASP K 236 -4.30 55.36 -74.06
N GLU K 237 -3.19 55.67 -74.73
CA GLU K 237 -1.90 55.76 -74.06
C GLU K 237 -1.86 56.91 -73.07
N ALA K 238 -2.23 58.11 -73.51
CA ALA K 238 -2.11 59.29 -72.66
C ALA K 238 -2.94 59.13 -71.39
N LEU K 239 -4.12 58.55 -71.51
CA LEU K 239 -4.90 58.20 -70.34
C LEU K 239 -4.14 57.25 -69.43
N GLN K 240 -3.38 56.31 -70.02
CA GLN K 240 -2.64 55.37 -69.19
C GLN K 240 -1.53 56.06 -68.41
N GLU K 241 -0.77 56.94 -69.04
CA GLU K 241 0.25 57.67 -68.27
C GLU K 241 -0.39 58.57 -67.22
N THR K 242 -1.52 59.20 -67.56
CA THR K 242 -2.20 60.05 -66.60
C THR K 242 -2.63 59.25 -65.38
N THR K 243 -3.21 58.07 -65.62
CA THR K 243 -3.65 57.23 -64.50
C THR K 243 -2.46 56.69 -63.72
N LYS K 244 -1.34 56.42 -64.40
CA LYS K 244 -0.13 56.00 -63.70
C LYS K 244 0.32 57.06 -62.72
N ALA K 245 0.42 58.31 -63.19
CA ALA K 245 0.82 59.40 -62.32
C ALA K 245 -0.19 59.60 -61.20
N TRP K 246 -1.48 59.44 -61.52
CA TRP K 246 -2.53 59.62 -60.52
C TRP K 246 -2.41 58.57 -59.42
N VAL K 247 -2.15 57.32 -59.80
CA VAL K 247 -2.01 56.26 -58.81
C VAL K 247 -0.75 56.46 -57.99
N ALA K 248 0.32 56.93 -58.62
CA ALA K 248 1.53 57.23 -57.86
C ALA K 248 1.27 58.31 -56.82
N LYS K 249 0.55 59.36 -57.22
CA LYS K 249 0.17 60.41 -56.28
C LYS K 249 -0.68 59.85 -55.15
N ASN K 250 -1.64 58.99 -55.47
CA ASN K 250 -2.51 58.42 -54.44
C ASN K 250 -1.70 57.57 -53.47
N LYS K 251 -0.74 56.80 -53.98
CA LYS K 251 0.12 56.01 -53.11
C LYS K 251 0.92 56.90 -52.18
N GLU K 252 1.51 57.97 -52.73
CA GLU K 252 2.28 58.89 -51.89
C GLU K 252 1.38 59.59 -50.87
N LEU K 253 0.10 59.74 -51.17
CA LEU K 253 -0.86 60.36 -50.25
C LEU K 253 -1.48 59.34 -49.30
N GLY K 254 -0.97 58.11 -49.27
CA GLY K 254 -1.47 57.10 -48.35
C GLY K 254 -2.66 56.30 -48.84
N LYS K 255 -3.07 56.48 -50.09
CA LYS K 255 -4.15 55.69 -50.69
C LYS K 255 -3.52 54.66 -51.61
N ASP K 256 -3.66 53.39 -51.25
CA ASP K 256 -2.95 52.29 -51.92
C ASP K 256 -3.88 51.68 -52.95
N ILE K 257 -3.90 52.30 -54.13
CA ILE K 257 -4.77 51.90 -55.24
C ILE K 257 -3.94 51.09 -56.23
N LEU K 258 -4.46 49.93 -56.61
CA LEU K 258 -3.85 49.08 -57.61
C LEU K 258 -4.49 49.38 -58.97
N LEU K 259 -3.70 49.26 -60.03
CA LEU K 259 -4.16 49.58 -61.38
C LEU K 259 -3.91 48.41 -62.32
N PHE K 260 -4.93 48.04 -63.06
CA PHE K 260 -4.84 47.06 -64.14
C PHE K 260 -5.05 47.78 -65.47
N LEU K 261 -4.32 47.33 -66.49
CA LEU K 261 -4.40 47.93 -67.81
C LEU K 261 -4.33 46.84 -68.86
N GLY K 262 -4.83 47.17 -70.05
CA GLY K 262 -4.79 46.27 -71.19
C GLY K 262 -4.38 47.01 -72.44
N GLY K 263 -3.48 46.41 -73.21
CA GLY K 263 -3.01 47.04 -74.43
C GLY K 263 -4.05 47.01 -75.53
N LYS K 264 -3.72 47.68 -76.62
CA LYS K 264 -4.61 47.73 -77.77
C LYS K 264 -4.61 46.39 -78.49
N THR K 265 -5.74 46.09 -79.14
CA THR K 265 -5.85 44.85 -79.91
C THR K 265 -4.83 44.82 -81.05
N GLU K 266 -4.44 45.98 -81.57
CA GLU K 266 -3.51 46.03 -82.68
C GLU K 266 -2.08 45.72 -82.24
N ASP K 267 -1.76 45.85 -80.97
CA ASP K 267 -0.41 45.63 -80.50
C ASP K 267 -0.02 44.17 -80.61
N ASN K 268 1.14 43.91 -81.20
CA ASN K 268 1.69 42.57 -81.19
C ASN K 268 2.17 42.22 -79.78
N ILE K 269 2.44 40.93 -79.56
CA ILE K 269 2.94 40.49 -78.26
C ILE K 269 4.26 41.18 -77.95
N LYS K 270 5.06 41.47 -78.97
CA LYS K 270 6.27 42.26 -78.76
C LYS K 270 5.93 43.66 -78.26
N GLN K 271 4.94 44.31 -78.89
CA GLN K 271 4.55 45.64 -78.45
C GLN K 271 3.95 45.62 -77.06
N ILE K 272 3.15 44.59 -76.76
CA ILE K 272 2.57 44.46 -75.43
C ILE K 272 3.69 44.28 -74.40
N ASN K 273 4.70 43.47 -74.72
CA ASN K 273 5.81 43.27 -73.81
C ASN K 273 6.61 44.55 -73.64
N ASP K 274 6.74 45.34 -74.71
CA ASP K 274 7.41 46.63 -74.58
C ASP K 274 6.65 47.56 -73.66
N LYS K 275 5.32 47.58 -73.77
CA LYS K 275 4.53 48.41 -72.87
C LYS K 275 4.62 47.92 -71.44
N SER K 276 4.59 46.60 -71.24
CA SER K 276 4.74 46.03 -69.90
C SER K 276 6.12 46.28 -69.34
N LYS K 277 7.12 46.48 -70.20
CA LYS K 277 8.42 46.94 -69.75
C LYS K 277 8.37 48.41 -69.36
N SER K 278 7.66 49.23 -70.14
CA SER K 278 7.57 50.65 -69.84
C SER K 278 6.94 50.89 -68.48
N PHE K 279 5.90 50.14 -68.16
CA PHE K 279 5.36 50.11 -66.81
C PHE K 279 6.24 49.24 -65.94
N ASN K 280 6.71 49.79 -64.83
CA ASN K 280 7.48 49.02 -63.86
C ASN K 280 7.06 49.28 -62.42
N ASP K 281 6.12 50.19 -62.17
CA ASP K 281 5.55 50.31 -60.84
C ASP K 281 4.73 49.07 -60.53
N GLU K 282 4.83 48.62 -59.27
CA GLU K 282 4.21 47.37 -58.88
C GLU K 282 2.68 47.43 -59.00
N ASN K 283 2.11 48.61 -58.86
CA ASN K 283 0.65 48.76 -58.92
C ASN K 283 0.11 48.80 -60.35
N ILE K 284 0.92 48.47 -61.35
CA ILE K 284 0.52 48.46 -62.75
C ILE K 284 0.54 47.03 -63.25
N VAL K 285 -0.56 46.61 -63.86
CA VAL K 285 -0.70 45.29 -64.46
C VAL K 285 -1.16 45.48 -65.89
N ASN K 286 -0.39 44.95 -66.84
CA ASN K 286 -0.68 45.07 -68.26
C ASN K 286 -1.22 43.76 -68.79
N VAL K 287 -2.34 43.83 -69.51
CA VAL K 287 -3.04 42.66 -70.04
C VAL K 287 -2.89 42.65 -71.55
N GLY K 288 -2.46 41.52 -72.09
CA GLY K 288 -2.21 41.39 -73.51
C GLY K 288 -3.27 40.62 -74.27
N SER K 289 -3.76 39.53 -73.67
CA SER K 289 -4.65 38.63 -74.38
C SER K 289 -6.05 39.19 -74.52
N SER K 290 -6.68 38.90 -75.65
CA SER K 290 -8.10 39.12 -75.87
C SER K 290 -8.87 37.82 -75.62
N ALA K 291 -10.19 37.94 -75.55
CA ALA K 291 -10.99 36.77 -75.18
C ALA K 291 -12.42 36.94 -75.66
N TYR K 292 -13.15 35.82 -75.68
CA TYR K 292 -14.57 35.76 -75.97
C TYR K 292 -15.28 35.08 -74.80
N TYR K 293 -16.43 35.61 -74.41
CA TYR K 293 -17.25 35.00 -73.37
C TYR K 293 -18.59 34.52 -73.91
N GLU K 294 -19.44 35.42 -74.41
CA GLU K 294 -20.68 35.05 -75.09
C GLU K 294 -20.51 35.17 -76.60
N ASN K 295 -19.51 34.48 -77.13
CA ASN K 295 -19.18 34.51 -78.56
C ASN K 295 -18.90 35.93 -79.05
N ILE K 296 -18.48 36.82 -78.15
CA ILE K 296 -18.25 38.23 -78.44
C ILE K 296 -16.88 38.59 -77.91
N LYS K 297 -16.05 39.20 -78.75
CA LYS K 297 -14.67 39.46 -78.40
C LYS K 297 -14.58 40.51 -77.29
N TYR K 298 -13.46 40.49 -76.58
CA TYR K 298 -13.14 41.49 -75.57
C TYR K 298 -11.69 41.90 -75.73
N THR K 299 -11.45 43.20 -75.83
CA THR K 299 -10.11 43.72 -76.00
C THR K 299 -9.30 43.42 -74.74
N PRO K 300 -7.97 43.57 -74.79
CA PRO K 300 -7.16 43.28 -73.58
C PRO K 300 -7.56 44.10 -72.37
N SER K 301 -8.03 45.34 -72.57
CA SER K 301 -8.48 46.16 -71.46
C SER K 301 -9.86 45.74 -70.96
N GLU K 302 -10.74 45.31 -71.87
CA GLU K 302 -12.06 44.84 -71.45
C GLU K 302 -11.93 43.60 -70.57
N VAL K 303 -11.01 42.70 -70.92
CA VAL K 303 -10.71 41.57 -70.04
C VAL K 303 -9.84 41.99 -68.85
N ALA K 304 -9.11 43.11 -68.95
CA ALA K 304 -8.42 43.63 -67.78
C ALA K 304 -9.42 44.03 -66.71
N VAL K 305 -10.60 44.51 -67.13
CA VAL K 305 -11.67 44.76 -66.17
C VAL K 305 -11.99 43.48 -65.39
N TYR K 306 -12.18 42.38 -66.12
CA TYR K 306 -12.56 41.13 -65.48
C TYR K 306 -11.45 40.60 -64.59
N ILE K 307 -10.19 40.68 -65.04
CA ILE K 307 -9.11 40.12 -64.24
C ILE K 307 -8.90 40.94 -62.97
N ALA K 308 -9.05 42.27 -63.07
CA ALA K 308 -8.98 43.09 -61.85
C ALA K 308 -10.11 42.75 -60.90
N ALA K 309 -11.33 42.56 -61.44
CA ALA K 309 -12.46 42.20 -60.60
C ALA K 309 -12.22 40.87 -59.91
N LEU K 310 -11.72 39.89 -60.64
CA LEU K 310 -11.45 38.58 -60.05
C LEU K 310 -10.35 38.67 -59.00
N SER K 311 -9.34 39.51 -59.25
CA SER K 311 -8.26 39.67 -58.29
C SER K 311 -8.76 40.26 -56.98
N VAL K 312 -9.55 41.33 -57.07
CA VAL K 312 -10.04 41.96 -55.84
C VAL K 312 -11.04 41.04 -55.14
N SER K 313 -11.84 40.28 -55.90
CA SER K 313 -12.74 39.31 -55.28
C SER K 313 -11.95 38.23 -54.56
N LYS K 314 -10.81 37.82 -55.12
CA LYS K 314 -9.95 36.86 -54.45
C LYS K 314 -9.46 37.42 -53.12
N GLY K 315 -9.06 38.68 -53.09
CA GLY K 315 -8.55 39.27 -51.88
C GLY K 315 -7.28 38.57 -51.43
N ILE K 316 -7.11 38.51 -50.12
CA ILE K 316 -6.04 37.73 -49.50
C ILE K 316 -6.56 36.30 -49.42
N THR K 317 -5.68 35.34 -49.12
CA THR K 317 -6.03 33.92 -49.05
C THR K 317 -6.35 33.36 -50.42
N GLY K 318 -5.64 33.83 -51.44
CA GLY K 318 -5.86 33.34 -52.78
C GLY K 318 -4.94 34.03 -53.75
N SER K 319 -5.09 33.67 -55.02
CA SER K 319 -4.29 34.23 -56.10
C SER K 319 -5.09 34.07 -57.40
N ILE K 320 -4.42 34.30 -58.53
CA ILE K 320 -5.03 34.20 -59.85
C ILE K 320 -4.21 33.36 -60.81
N CYS K 321 -3.11 32.77 -60.35
CA CYS K 321 -2.15 32.15 -61.28
C CYS K 321 -2.73 30.97 -62.03
N ASN K 322 -3.84 30.38 -61.54
CA ASN K 322 -4.54 29.36 -62.32
C ASN K 322 -6.06 29.47 -62.16
N ALA K 323 -6.58 30.62 -61.77
CA ALA K 323 -8.02 30.77 -61.60
C ALA K 323 -8.72 30.62 -62.94
N LYS K 324 -9.77 29.81 -62.97
CA LYS K 324 -10.51 29.59 -64.20
C LYS K 324 -11.30 30.85 -64.55
N THR K 325 -11.35 31.16 -65.84
CA THR K 325 -12.06 32.32 -66.35
C THR K 325 -13.37 31.89 -67.00
N ILE K 326 -14.26 32.87 -67.16
CA ILE K 326 -15.55 32.64 -67.82
C ILE K 326 -15.43 32.60 -69.34
N PHE K 327 -14.27 32.95 -69.89
CA PHE K 327 -14.15 33.16 -71.33
C PHE K 327 -14.08 31.83 -72.07
N GLU K 328 -14.83 31.76 -73.17
CA GLU K 328 -14.90 30.54 -73.97
C GLU K 328 -13.77 30.45 -74.99
N GLU K 329 -13.11 31.56 -75.31
CA GLU K 329 -11.94 31.55 -76.19
C GLU K 329 -10.97 32.64 -75.76
N VAL K 330 -9.73 32.47 -76.18
CA VAL K 330 -8.64 33.40 -75.88
C VAL K 330 -7.77 33.54 -77.12
N GLU K 331 -7.33 34.76 -77.40
CA GLU K 331 -6.37 35.01 -78.45
C GLU K 331 -5.66 36.32 -78.16
N PRO K 332 -4.40 36.50 -78.62
CA PRO K 332 -3.54 35.56 -79.34
C PRO K 332 -3.01 34.46 -78.43
N ARG K 333 -2.67 33.31 -78.99
CA ARG K 333 -2.39 32.10 -78.24
C ARG K 333 -0.91 31.76 -78.34
N LEU K 334 -0.34 31.35 -77.20
CA LEU K 334 1.09 31.42 -76.95
C LEU K 334 1.66 30.05 -76.67
N SER K 335 2.81 29.75 -77.28
CA SER K 335 3.62 28.63 -76.86
C SER K 335 4.32 28.97 -75.54
N GLN K 336 4.96 27.96 -74.95
CA GLN K 336 5.67 28.18 -73.68
C GLN K 336 6.76 29.24 -73.82
N SER K 337 7.39 29.32 -75.00
CA SER K 337 8.37 30.37 -75.24
C SER K 337 7.72 31.75 -75.16
N GLU K 338 6.57 31.92 -75.81
CA GLU K 338 5.88 33.20 -75.79
C GLU K 338 5.38 33.52 -74.39
N VAL K 339 4.88 32.51 -73.67
CA VAL K 339 4.43 32.71 -72.30
C VAL K 339 5.58 33.18 -71.42
N LYS K 340 6.74 32.54 -71.55
CA LYS K 340 7.89 32.93 -70.77
C LYS K 340 8.35 34.33 -71.12
N GLU K 341 8.30 34.68 -72.41
CA GLU K 341 8.64 36.03 -72.84
C GLU K 341 7.71 37.05 -72.20
N CYS K 342 6.41 36.77 -72.21
CA CYS K 342 5.44 37.69 -71.64
C CYS K 342 5.64 37.84 -70.14
N LEU K 343 5.87 36.73 -69.43
CA LEU K 343 6.07 36.80 -67.99
C LEU K 343 7.34 37.55 -67.64
N LYS K 344 8.41 37.31 -68.38
CA LYS K 344 9.64 38.07 -68.17
C LYS K 344 9.43 39.55 -68.44
N SER K 345 8.56 39.88 -69.39
CA SER K 345 8.20 41.26 -69.67
C SER K 345 7.26 41.85 -68.63
N GLY K 346 6.75 41.05 -67.69
CA GLY K 346 5.75 41.49 -66.75
C GLY K 346 4.34 41.45 -67.26
N THR K 347 4.12 41.07 -68.52
CA THR K 347 2.78 40.99 -69.08
C THR K 347 2.00 39.86 -68.42
N LEU K 348 0.72 40.11 -68.20
CA LEU K 348 -0.24 39.08 -67.83
C LEU K 348 -1.08 38.73 -69.06
N VAL K 349 -1.15 37.44 -69.37
CA VAL K 349 -1.85 36.95 -70.56
C VAL K 349 -2.63 35.70 -70.18
N LEU K 350 -3.86 35.61 -70.67
CA LEU K 350 -4.64 34.41 -70.43
C LEU K 350 -4.12 33.26 -71.28
N ASP K 351 -4.59 32.05 -70.97
CA ASP K 351 -4.07 30.85 -71.58
C ASP K 351 -5.20 29.83 -71.71
N PHE K 352 -4.98 28.84 -72.57
CA PHE K 352 -5.92 27.76 -72.84
C PHE K 352 -5.33 26.43 -72.42
N ASP K 353 -4.78 26.38 -71.19
CA ASP K 353 -4.11 25.18 -70.69
C ASP K 353 -5.02 23.95 -70.72
N ASP K 354 -6.34 24.15 -70.66
CA ASP K 354 -7.31 23.08 -70.77
C ASP K 354 -8.43 23.56 -71.68
N GLY K 355 -9.55 22.84 -71.70
CA GLY K 355 -10.67 23.21 -72.55
C GLY K 355 -11.29 24.55 -72.22
N ASP K 356 -10.99 25.12 -71.06
CA ASP K 356 -11.40 26.45 -70.68
C ASP K 356 -10.25 27.43 -70.88
N VAL K 357 -10.54 28.71 -70.65
CA VAL K 357 -9.53 29.76 -70.65
C VAL K 357 -9.07 29.96 -69.21
N ILE K 358 -7.75 29.91 -69.00
CA ILE K 358 -7.17 29.90 -67.67
C ILE K 358 -6.14 31.02 -67.59
N ILE K 359 -6.10 31.70 -66.44
CA ILE K 359 -5.10 32.73 -66.21
C ILE K 359 -3.74 32.05 -66.03
N VAL K 360 -2.72 32.61 -66.68
CA VAL K 360 -1.44 31.91 -66.69
C VAL K 360 -0.71 32.07 -65.35
N ASP K 361 -0.67 33.28 -64.80
CA ASP K 361 0.22 33.57 -63.68
C ASP K 361 -0.28 34.80 -62.94
N ASP K 362 0.41 35.14 -61.86
CA ASP K 362 0.07 36.24 -60.98
C ASP K 362 0.89 37.50 -61.25
N VAL K 363 1.57 37.56 -62.39
CA VAL K 363 2.62 38.56 -62.61
C VAL K 363 2.00 39.95 -62.78
N ASN K 364 2.84 40.97 -62.59
CA ASN K 364 2.51 42.36 -62.86
C ASN K 364 3.58 42.95 -63.77
N THR K 365 3.38 44.20 -64.18
CA THR K 365 4.37 44.84 -65.06
C THR K 365 5.70 45.06 -64.36
N PHE K 366 5.71 45.16 -63.03
CA PHE K 366 6.97 45.40 -62.34
C PHE K 366 7.96 44.26 -62.53
N LYS K 367 7.47 43.03 -62.70
CA LYS K 367 8.29 41.82 -62.57
C LYS K 367 9.56 41.83 -63.42
N LYS K 368 9.65 42.73 -64.41
CA LYS K 368 10.88 42.87 -65.19
C LYS K 368 12.10 43.14 -64.31
N TYR K 369 11.93 43.81 -63.17
CA TYR K 369 13.01 44.02 -62.23
C TYR K 369 12.82 43.10 -61.03
N VAL K 370 13.90 42.86 -60.29
CA VAL K 370 14.04 41.62 -59.53
C VAL K 370 14.20 41.83 -58.02
N ASP K 371 15.28 42.50 -57.61
CA ASP K 371 15.87 42.22 -56.30
C ASP K 371 15.42 43.19 -55.20
N ASP K 372 15.57 44.50 -55.41
CA ASP K 372 15.20 45.43 -54.35
C ASP K 372 13.72 45.31 -54.03
N LYS K 373 12.84 45.66 -54.96
CA LYS K 373 11.45 45.27 -54.83
C LYS K 373 11.41 43.79 -55.20
N ASN K 374 11.23 42.92 -54.20
CA ASN K 374 11.59 41.52 -54.36
C ASN K 374 10.72 40.86 -55.42
N GLU K 375 11.09 39.62 -55.76
CA GLU K 375 10.40 38.90 -56.83
C GLU K 375 8.94 38.65 -56.47
N ALA K 376 8.65 38.50 -55.17
CA ALA K 376 7.26 38.36 -54.76
C ALA K 376 6.46 39.62 -55.06
N MET K 377 7.11 40.79 -55.04
CA MET K 377 6.43 42.02 -55.44
C MET K 377 6.02 41.96 -56.91
N GLY K 378 6.71 41.16 -57.72
CA GLY K 378 6.30 40.94 -59.09
C GLY K 378 4.96 40.24 -59.22
N TYR K 379 4.46 39.64 -58.14
CA TYR K 379 3.18 38.96 -58.14
C TYR K 379 2.13 39.84 -57.50
N ILE K 380 0.93 39.83 -58.07
CA ILE K 380 -0.14 40.74 -57.66
C ILE K 380 -0.61 40.43 -56.25
N SER K 381 -0.62 39.16 -55.87
CA SER K 381 -1.14 38.79 -54.56
C SER K 381 -0.33 39.43 -53.44
N ASN K 382 0.99 39.48 -53.59
CA ASN K 382 1.82 40.13 -52.59
C ASN K 382 1.50 41.61 -52.49
N ILE K 383 1.28 42.26 -53.63
CA ILE K 383 0.93 43.68 -53.61
C ILE K 383 -0.40 43.90 -52.92
N MET K 384 -1.36 43.01 -53.18
CA MET K 384 -2.65 43.12 -52.48
C MET K 384 -2.46 42.96 -50.99
N PHE K 385 -1.60 42.02 -50.58
CA PHE K 385 -1.31 41.83 -49.17
C PHE K 385 -0.70 43.08 -48.55
N ILE K 386 0.31 43.66 -49.21
CA ILE K 386 0.99 44.84 -48.69
C ILE K 386 0.02 46.01 -48.61
N ASN K 387 -0.80 46.18 -49.64
CA ASN K 387 -1.78 47.27 -49.63
C ASN K 387 -2.79 47.07 -48.51
N THR K 388 -3.19 45.83 -48.26
CA THR K 388 -4.12 45.56 -47.16
C THR K 388 -3.49 45.88 -45.81
N ILE K 389 -2.23 45.51 -45.62
CA ILE K 389 -1.55 45.81 -44.37
C ILE K 389 -1.44 47.32 -44.20
N ASN K 390 -1.06 48.02 -45.26
CA ASN K 390 -0.97 49.47 -45.20
C ASN K 390 -2.33 50.09 -44.90
N LYS K 391 -3.39 49.54 -45.47
CA LYS K 391 -4.72 50.09 -45.26
C LYS K 391 -5.19 49.88 -43.83
N ASP K 392 -4.99 48.68 -43.28
CA ASP K 392 -5.40 48.43 -41.90
C ASP K 392 -4.56 49.26 -40.94
N THR K 393 -3.29 49.44 -41.24
CA THR K 393 -2.41 50.26 -40.41
C THR K 393 -2.84 51.74 -40.46
N SER K 394 -3.13 52.24 -41.66
CA SER K 394 -3.65 53.58 -41.82
C SER K 394 -5.08 53.70 -41.31
N LEU K 395 -5.76 52.59 -41.02
CA LEU K 395 -6.98 52.64 -40.23
C LEU K 395 -6.65 52.81 -38.75
N LYS K 396 -5.61 52.13 -38.28
CA LYS K 396 -5.17 52.27 -36.89
C LYS K 396 -4.66 53.67 -36.58
N ARG K 397 -4.34 54.47 -37.62
CA ARG K 397 -3.82 55.81 -37.36
C ARG K 397 -4.78 56.57 -36.46
N LYS K 398 -6.07 56.56 -36.81
CA LYS K 398 -7.06 57.34 -36.11
C LYS K 398 -7.30 56.82 -34.70
N GLU K 399 -7.06 55.53 -34.48
CA GLU K 399 -7.16 54.99 -33.14
C GLU K 399 -6.01 55.49 -32.27
N PHE K 400 -4.81 55.61 -32.85
CA PHE K 400 -3.62 55.88 -32.04
C PHE K 400 -3.04 57.28 -32.18
N VAL K 401 -3.21 57.96 -33.32
CA VAL K 401 -2.60 59.26 -33.48
C VAL K 401 -3.37 60.29 -32.66
N GLY K 402 -2.64 61.09 -31.88
CA GLY K 402 -3.27 62.15 -31.13
C GLY K 402 -4.15 61.69 -30.00
N LYS K 403 -3.97 60.46 -29.51
CA LYS K 403 -4.85 59.90 -28.50
C LYS K 403 -4.10 59.07 -27.45
N ILE K 404 -2.77 59.02 -27.48
CA ILE K 404 -2.01 58.28 -26.49
C ILE K 404 -0.61 58.88 -26.41
N PHE K 405 -0.02 58.83 -25.22
CA PHE K 405 0.92 59.86 -24.80
C PHE K 405 2.38 59.59 -25.18
N ASN K 406 2.69 58.63 -26.04
CA ASN K 406 4.07 58.35 -26.46
C ASN K 406 4.94 57.79 -25.34
N ASP K 407 4.39 57.56 -24.14
CA ASP K 407 5.16 56.97 -23.07
C ASP K 407 5.37 55.49 -23.37
N ALA K 408 6.01 54.77 -22.44
CA ALA K 408 6.19 53.34 -22.62
C ALA K 408 4.85 52.63 -22.69
N THR K 409 3.86 53.12 -21.95
CA THR K 409 2.54 52.50 -21.97
C THR K 409 1.89 52.63 -23.34
N GLY K 410 1.94 53.82 -23.94
CA GLY K 410 1.34 54.00 -25.24
C GLY K 410 2.02 53.19 -26.32
N GLN K 411 3.36 53.17 -26.30
CA GLN K 411 4.10 52.36 -27.25
C GLN K 411 3.76 50.88 -27.09
N THR K 412 3.67 50.42 -25.83
CA THR K 412 3.32 49.03 -25.57
C THR K 412 1.92 48.72 -26.07
N THR K 413 0.98 49.64 -25.87
CA THR K 413 -0.38 49.41 -26.33
C THR K 413 -0.43 49.33 -27.85
N VAL K 414 0.29 50.21 -28.54
CA VAL K 414 0.31 50.19 -30.00
C VAL K 414 0.92 48.87 -30.49
N ILE K 415 2.03 48.47 -29.88
CA ILE K 415 2.70 47.24 -30.28
C ILE K 415 1.81 46.04 -30.02
N CYS K 416 1.09 46.05 -28.89
CA CYS K 416 0.20 44.95 -28.56
C CYS K 416 -0.95 44.86 -29.56
N ALA K 417 -1.51 46.01 -29.95
CA ALA K 417 -2.58 45.99 -30.94
C ALA K 417 -2.09 45.46 -32.29
N LEU K 418 -0.92 45.92 -32.72
CA LEU K 418 -0.37 45.43 -33.99
C LEU K 418 -0.04 43.94 -33.89
N LYS K 419 0.45 43.50 -32.73
CA LYS K 419 0.73 42.09 -32.53
C LYS K 419 -0.56 41.26 -32.59
N LYS K 420 -1.63 41.79 -32.01
CA LYS K 420 -2.92 41.10 -32.08
C LYS K 420 -3.40 40.99 -33.51
N TYR K 421 -3.24 42.06 -34.29
CA TYR K 421 -3.63 42.02 -35.69
C TYR K 421 -2.82 40.97 -36.46
N PHE K 422 -1.50 40.98 -36.27
CA PHE K 422 -0.66 40.03 -36.98
C PHE K 422 -0.91 38.60 -36.50
N GLU K 423 -1.29 38.43 -35.24
CA GLU K 423 -1.64 37.09 -34.75
C GLU K 423 -2.97 36.64 -35.35
N GLU K 424 -3.90 37.57 -35.57
CA GLU K 424 -5.10 37.25 -36.32
C GLU K 424 -4.76 36.78 -37.71
N LEU K 425 -3.80 37.46 -38.35
CA LEU K 425 -3.35 37.02 -39.67
C LEU K 425 -2.72 35.63 -39.60
N MET K 426 -1.92 35.38 -38.56
CA MET K 426 -1.32 34.06 -38.37
C MET K 426 -2.37 32.99 -38.21
N SER K 427 -3.44 33.29 -37.47
CA SER K 427 -4.51 32.32 -37.27
C SER K 427 -5.17 31.93 -38.58
N GLN K 428 -5.30 32.89 -39.50
CA GLN K 428 -5.79 32.59 -40.84
C GLN K 428 -4.78 31.82 -41.67
N GLY K 429 -3.54 31.68 -41.21
CA GLY K 429 -2.52 30.96 -41.93
C GLY K 429 -1.86 31.73 -43.05
N ILE K 430 -2.24 32.99 -43.26
CA ILE K 430 -1.70 33.77 -44.37
C ILE K 430 -0.20 34.00 -44.17
N ILE K 431 0.23 34.17 -42.93
CA ILE K 431 1.62 34.42 -42.59
C ILE K 431 2.17 33.17 -41.91
N SER K 432 3.35 32.73 -42.36
CA SER K 432 4.02 31.60 -41.74
C SER K 432 4.87 32.01 -40.54
N GLU K 433 5.43 33.22 -40.57
CA GLU K 433 6.26 33.71 -39.50
C GLU K 433 6.23 35.23 -39.51
N PHE K 434 6.32 35.84 -38.33
CA PHE K 434 6.40 37.28 -38.24
C PHE K 434 7.00 37.68 -36.90
N ASN K 435 7.49 38.91 -36.85
CA ASN K 435 7.77 39.60 -35.60
C ASN K 435 7.56 41.09 -35.83
N VAL K 436 7.05 41.76 -34.81
CA VAL K 436 6.82 43.21 -34.85
C VAL K 436 7.34 43.81 -33.57
N ASP K 437 8.15 44.85 -33.69
CA ASP K 437 8.84 45.44 -32.55
C ASP K 437 9.09 46.91 -32.81
N ILE K 438 9.41 47.62 -31.73
CA ILE K 438 9.74 49.04 -31.84
C ILE K 438 11.04 49.19 -32.64
N ASP K 439 11.10 50.24 -33.46
CA ASP K 439 12.27 50.51 -34.29
C ASP K 439 13.21 51.38 -33.46
N THR K 440 13.91 50.72 -32.53
CA THR K 440 14.73 51.45 -31.56
C THR K 440 15.83 52.24 -32.22
N GLU K 441 16.27 51.81 -33.40
CA GLU K 441 17.24 52.60 -34.16
C GLU K 441 16.67 53.96 -34.52
N LEU K 442 15.49 53.98 -35.14
CA LEU K 442 14.85 55.24 -35.49
C LEU K 442 14.14 55.86 -34.29
N GLN K 443 13.72 55.06 -33.31
CA GLN K 443 13.10 55.62 -32.12
C GLN K 443 14.08 56.46 -31.32
N ALA K 444 15.37 56.11 -31.34
CA ALA K 444 16.36 56.94 -30.68
C ALA K 444 16.43 58.31 -31.33
N THR K 445 16.38 58.35 -32.67
CA THR K 445 16.38 59.61 -33.40
C THR K 445 14.99 60.23 -33.51
N ALA K 446 13.94 59.55 -33.06
CA ALA K 446 12.59 60.05 -33.20
C ALA K 446 12.38 61.29 -32.36
N LYS K 447 11.63 62.24 -32.89
CA LYS K 447 11.21 63.37 -32.09
C LYS K 447 10.18 62.90 -31.07
N ALA K 448 10.02 63.70 -30.01
CA ALA K 448 9.23 63.26 -28.87
C ALA K 448 7.76 63.05 -29.21
N ASP K 449 7.25 63.69 -30.26
CA ASP K 449 5.85 63.61 -30.63
C ASP K 449 5.59 62.58 -31.73
N GLU K 450 6.49 61.62 -31.91
CA GLU K 450 6.36 60.63 -32.97
C GLU K 450 6.87 59.27 -32.50
N PHE K 451 6.57 58.25 -33.30
CA PHE K 451 6.86 56.85 -32.97
C PHE K 451 7.31 56.13 -34.24
N TYR K 452 8.29 55.25 -34.08
CA TYR K 452 8.78 54.40 -35.15
C TYR K 452 8.70 52.94 -34.71
N TRP K 453 8.41 52.07 -35.67
CA TRP K 453 8.22 50.66 -35.36
C TRP K 453 8.57 49.86 -36.60
N LYS K 454 8.93 48.60 -36.39
CA LYS K 454 9.37 47.71 -37.45
C LYS K 454 8.64 46.38 -37.34
N TRP K 455 8.51 45.70 -38.47
CA TRP K 455 7.94 44.37 -38.48
C TRP K 455 8.47 43.56 -39.66
N ASP K 456 8.73 42.29 -39.41
CA ASP K 456 9.04 41.32 -40.45
C ASP K 456 7.93 40.29 -40.51
N ALA K 457 7.77 39.70 -41.69
CA ALA K 457 6.73 38.69 -41.91
C ALA K 457 7.17 37.77 -43.03
N VAL K 458 6.43 36.67 -43.17
CA VAL K 458 6.64 35.71 -44.25
C VAL K 458 5.26 35.28 -44.73
N LYS K 459 4.82 35.84 -45.85
CA LYS K 459 3.55 35.43 -46.44
C LYS K 459 3.63 33.97 -46.86
N VAL K 460 2.53 33.25 -46.67
CA VAL K 460 2.49 31.85 -47.04
C VAL K 460 2.35 31.77 -48.55
N ASP K 461 3.15 30.91 -49.18
CA ASP K 461 3.21 30.85 -50.63
C ASP K 461 2.07 29.99 -51.16
N VAL K 462 2.10 29.71 -52.47
CA VAL K 462 1.12 28.86 -53.14
C VAL K 462 1.89 28.10 -54.22
N MET K 463 1.49 26.85 -54.50
CA MET K 463 2.09 26.14 -55.63
C MET K 463 1.76 26.83 -56.93
N LYS K 464 2.80 27.33 -57.60
CA LYS K 464 2.73 27.66 -59.01
C LYS K 464 3.33 26.55 -59.87
N LYS K 465 4.47 25.99 -59.44
CA LYS K 465 5.15 24.92 -60.13
C LYS K 465 5.07 23.65 -59.28
N ILE K 466 4.91 22.50 -59.93
CA ILE K 466 5.01 21.22 -59.22
C ILE K 466 5.70 20.22 -60.13
N TYR K 467 6.53 19.37 -59.54
CA TYR K 467 7.32 18.38 -60.26
C TYR K 467 7.18 17.03 -59.61
N GLY K 468 7.03 16.00 -60.42
CA GLY K 468 6.92 14.63 -59.93
C GLY K 468 7.87 13.72 -60.68
N THR K 469 8.38 12.73 -59.96
CA THR K 469 9.29 11.74 -60.50
C THR K 469 8.78 10.36 -60.11
N GLY K 470 8.80 9.44 -61.08
CA GLY K 470 8.17 8.14 -60.92
C GLY K 470 9.16 6.99 -60.96
N TYR K 471 8.88 5.97 -60.15
CA TYR K 471 9.64 4.74 -60.11
C TYR K 471 8.67 3.57 -60.31
N LEU K 472 9.10 2.60 -61.11
CA LEU K 472 8.31 1.40 -61.40
C LEU K 472 9.15 0.15 -61.18
N GLU L 13 -49.29 27.07 42.82
CA GLU L 13 -50.61 26.41 42.96
C GLU L 13 -50.48 25.15 43.82
N ILE L 14 -51.61 24.50 44.07
CA ILE L 14 -51.61 23.23 44.81
C ILE L 14 -51.01 22.17 43.91
N PRO L 15 -50.44 21.10 44.45
CA PRO L 15 -49.93 20.03 43.60
C PRO L 15 -51.04 19.33 42.82
N GLY L 16 -50.72 18.94 41.61
CA GLY L 16 -51.68 18.33 40.71
C GLY L 16 -51.18 18.43 39.28
N PHE L 17 -52.03 17.99 38.35
CA PHE L 17 -51.67 17.93 36.93
C PHE L 17 -52.79 18.68 36.21
N TYR L 18 -52.65 19.99 36.04
CA TYR L 18 -53.78 20.81 35.60
C TYR L 18 -53.58 21.25 34.15
N ASN L 19 -54.42 20.71 33.27
CA ASN L 19 -54.38 21.01 31.85
C ASN L 19 -55.03 22.36 31.58
N ARG L 20 -54.54 23.04 30.55
CA ARG L 20 -55.14 24.29 30.09
C ARG L 20 -55.01 24.32 28.57
N PHE L 21 -56.08 23.93 27.88
CA PHE L 21 -56.03 23.70 26.45
C PHE L 21 -56.13 25.00 25.66
N LYS L 22 -55.36 25.07 24.58
CA LYS L 22 -55.11 26.31 23.85
C LYS L 22 -55.21 26.07 22.34
N THR L 23 -56.21 25.30 21.91
CA THR L 23 -56.51 25.19 20.48
C THR L 23 -57.38 26.38 20.06
N GLN L 24 -56.77 27.56 20.14
CA GLN L 24 -57.43 28.79 19.77
C GLN L 24 -57.36 28.98 18.25
N ALA L 25 -56.14 29.12 17.73
CA ALA L 25 -55.84 29.42 16.33
C ALA L 25 -54.82 28.44 15.79
N GLU L 26 -55.12 27.15 15.94
CA GLU L 26 -54.15 26.10 15.64
C GLU L 26 -53.63 26.21 14.21
N LYS L 27 -54.53 26.10 13.22
CA LYS L 27 -54.16 26.36 11.83
C LYS L 27 -55.29 27.10 11.11
N SER L 28 -55.89 28.08 11.80
CA SER L 28 -56.95 28.91 11.24
C SER L 28 -56.41 30.26 10.76
N THR L 29 -55.17 30.28 10.25
CA THR L 29 -54.45 31.50 9.94
C THR L 29 -54.08 31.54 8.47
N ASN L 30 -54.01 32.76 7.93
CA ASN L 30 -53.54 33.01 6.58
C ASN L 30 -52.80 34.33 6.56
N THR L 31 -51.94 34.50 5.55
CA THR L 31 -51.01 35.62 5.47
C THR L 31 -51.26 36.47 4.22
N GLY L 32 -52.53 36.59 3.82
CA GLY L 32 -52.86 37.31 2.59
C GLY L 32 -53.19 38.77 2.78
N LEU L 33 -52.84 39.35 3.92
CA LEU L 33 -53.22 40.72 4.26
C LEU L 33 -52.03 41.46 4.87
N LYS L 34 -52.04 42.78 4.72
CA LYS L 34 -50.96 43.62 5.23
C LYS L 34 -51.42 45.07 5.21
N GLY L 35 -50.72 45.91 5.95
CA GLY L 35 -50.89 47.34 5.87
C GLY L 35 -52.04 47.86 6.71
N ARG L 36 -52.03 49.17 6.93
CA ARG L 36 -53.09 49.88 7.64
C ARG L 36 -53.30 51.24 6.99
N LEU L 37 -54.55 51.69 7.03
CA LEU L 37 -54.97 52.88 6.29
C LEU L 37 -55.82 53.78 7.18
N ALA L 38 -55.72 55.08 6.93
CA ALA L 38 -56.51 56.10 7.60
C ALA L 38 -57.70 56.50 6.74
N MET L 39 -58.81 56.86 7.39
CA MET L 39 -60.07 57.13 6.70
C MET L 39 -60.91 58.10 7.52
N PRO L 40 -60.93 59.38 7.15
CA PRO L 40 -62.05 60.24 7.55
C PRO L 40 -63.27 59.90 6.69
N ILE L 41 -64.42 59.71 7.34
CA ILE L 41 -65.62 59.22 6.66
C ILE L 41 -66.85 59.96 7.17
N ARG L 42 -67.79 60.18 6.26
CA ARG L 42 -69.15 60.60 6.61
C ARG L 42 -70.01 59.34 6.68
N ALA L 43 -70.80 59.21 7.75
CA ALA L 43 -71.56 58.01 7.98
C ALA L 43 -72.91 58.36 8.61
N ASN L 44 -73.93 57.60 8.23
CA ASN L 44 -75.23 57.68 8.89
C ASN L 44 -75.24 56.97 10.25
N TRP L 45 -74.34 56.01 10.45
CA TRP L 45 -74.35 55.17 11.64
C TRP L 45 -72.92 54.96 12.12
N GLY L 46 -72.78 54.68 13.41
CA GLY L 46 -71.51 54.31 14.01
C GLY L 46 -70.99 55.35 14.98
N ASP L 47 -69.87 55.00 15.60
CA ASP L 47 -69.27 55.85 16.61
C ASP L 47 -68.82 57.17 16.01
N VAL L 48 -68.75 58.19 16.86
CA VAL L 48 -68.44 59.56 16.46
C VAL L 48 -67.32 60.09 17.34
N GLY L 49 -66.37 60.80 16.73
CA GLY L 49 -65.33 61.47 17.47
C GLY L 49 -64.19 60.59 17.93
N LYS L 50 -64.08 59.37 17.39
CA LYS L 50 -63.01 58.45 17.77
C LYS L 50 -62.47 57.78 16.52
N VAL L 51 -61.19 57.40 16.59
CA VAL L 51 -60.51 56.69 15.52
C VAL L 51 -60.58 55.21 15.85
N VAL L 52 -61.40 54.47 15.11
CA VAL L 52 -61.68 53.06 15.37
C VAL L 52 -61.02 52.21 14.30
N THR L 53 -60.37 51.14 14.72
CA THR L 53 -59.74 50.19 13.81
C THR L 53 -60.77 49.14 13.38
N ILE L 54 -60.75 48.81 12.09
CA ILE L 54 -61.65 47.83 11.51
C ILE L 54 -60.82 46.71 10.91
N LYS L 55 -61.08 45.49 11.34
CA LYS L 55 -60.48 44.32 10.70
C LYS L 55 -61.10 44.11 9.32
N ASN L 56 -60.39 43.38 8.47
CA ASN L 56 -60.72 43.35 7.05
C ASN L 56 -62.06 42.71 6.73
N ASP L 57 -62.71 42.04 7.69
CA ASP L 57 -64.06 41.53 7.44
C ASP L 57 -65.01 42.70 7.26
N LEU L 58 -65.68 42.77 6.10
CA LEU L 58 -66.63 43.83 5.84
C LEU L 58 -67.84 43.76 6.78
N ARG L 59 -68.12 42.58 7.34
CA ARG L 59 -69.19 42.46 8.32
C ARG L 59 -68.95 43.40 9.50
N GLN L 60 -67.68 43.56 9.90
CA GLN L 60 -67.36 44.49 10.97
C GLN L 60 -67.70 45.92 10.56
N LEU L 61 -67.35 46.31 9.33
CA LEU L 61 -67.71 47.63 8.82
C LEU L 61 -69.22 47.80 8.78
N LYS L 62 -69.93 46.77 8.28
CA LYS L 62 -71.37 46.84 8.17
C LYS L 62 -72.02 47.01 9.54
N ASN L 63 -71.49 46.30 10.54
CA ASN L 63 -72.04 46.40 11.89
C ASN L 63 -71.76 47.76 12.51
N LEU L 64 -70.51 48.22 12.41
CA LEU L 64 -70.07 49.38 13.18
C LEU L 64 -70.35 50.71 12.49
N PHE L 65 -70.69 50.71 11.20
CA PHE L 65 -70.99 51.96 10.49
C PHE L 65 -72.14 51.83 9.51
N GLY L 66 -72.92 50.76 9.55
CA GLY L 66 -74.05 50.61 8.66
C GLY L 66 -73.63 50.11 7.28
N ASP L 67 -74.64 49.98 6.42
CA ASP L 67 -74.48 49.41 5.08
C ASP L 67 -75.08 50.32 4.02
N ASP L 68 -75.06 51.63 4.25
CA ASP L 68 -75.63 52.59 3.32
C ASP L 68 -74.55 53.06 2.35
N MET L 69 -74.75 52.78 1.06
CA MET L 69 -73.80 53.19 0.03
C MET L 69 -73.95 54.65 -0.36
N ASN L 70 -74.96 55.36 0.13
CA ASN L 70 -75.09 56.78 -0.12
C ASN L 70 -74.02 57.60 0.60
N TYR L 71 -73.27 56.99 1.52
CA TYR L 71 -72.33 57.70 2.37
C TYR L 71 -70.92 57.22 2.09
N SER L 72 -69.96 58.12 2.29
CA SER L 72 -68.57 57.80 2.02
C SER L 72 -68.08 56.63 2.86
N ALA L 73 -68.63 56.47 4.07
CA ALA L 73 -68.16 55.48 5.01
C ALA L 73 -68.21 54.06 4.44
N PHE L 74 -69.41 53.56 4.15
CA PHE L 74 -69.53 52.17 3.73
C PHE L 74 -68.88 51.94 2.37
N LYS L 75 -69.07 52.87 1.42
CA LYS L 75 -68.55 52.68 0.08
C LYS L 75 -67.02 52.64 0.07
N LEU L 76 -66.40 53.67 0.67
CA LEU L 76 -64.95 53.71 0.71
C LEU L 76 -64.38 52.62 1.60
N GLY L 77 -65.11 52.23 2.65
CA GLY L 77 -64.67 51.10 3.45
C GLY L 77 -64.65 49.81 2.66
N LYS L 78 -65.71 49.57 1.88
CA LYS L 78 -65.73 48.37 1.04
C LYS L 78 -64.60 48.39 0.04
N LEU L 79 -64.33 49.54 -0.57
CA LEU L 79 -63.22 49.63 -1.51
C LEU L 79 -61.89 49.35 -0.82
N ALA L 80 -61.68 49.91 0.37
CA ALA L 80 -60.43 49.67 1.09
C ALA L 80 -60.29 48.21 1.48
N LEU L 81 -61.37 47.60 1.96
CA LEU L 81 -61.31 46.20 2.37
C LEU L 81 -61.02 45.30 1.18
N LEU L 82 -61.62 45.61 0.02
CA LEU L 82 -61.25 44.90 -1.20
C LEU L 82 -59.82 45.20 -1.61
N GLY L 83 -59.25 46.32 -1.15
CA GLY L 83 -57.82 46.56 -1.26
C GLY L 83 -56.98 45.67 -0.39
N ASN L 84 -57.59 44.88 0.50
CA ASN L 84 -56.90 43.85 1.28
C ASN L 84 -55.97 44.47 2.34
N VAL L 85 -56.44 45.51 3.01
CA VAL L 85 -55.70 46.10 4.11
C VAL L 85 -55.91 45.24 5.35
N LYS L 86 -54.83 45.05 6.11
CA LYS L 86 -54.93 44.21 7.30
C LYS L 86 -55.88 44.81 8.33
N GLU L 87 -55.79 46.12 8.55
CA GLU L 87 -56.65 46.81 9.51
C GLU L 87 -56.95 48.21 8.97
N LEU L 88 -58.24 48.51 8.84
CA LEU L 88 -58.70 49.78 8.29
C LEU L 88 -59.16 50.66 9.44
N LEU L 89 -58.54 51.84 9.57
CA LEU L 89 -58.83 52.76 10.66
C LEU L 89 -59.73 53.87 10.14
N LEU L 90 -60.88 54.05 10.78
CA LEU L 90 -61.91 54.97 10.34
C LEU L 90 -62.11 56.07 11.37
N TYR L 91 -62.74 57.16 10.93
CA TYR L 91 -63.14 58.25 11.82
C TYR L 91 -64.38 58.90 11.24
N ARG L 92 -65.45 58.94 12.01
CA ARG L 92 -66.72 59.47 11.53
C ARG L 92 -66.71 61.00 11.65
N LEU L 93 -66.93 61.67 10.52
CA LEU L 93 -66.98 63.13 10.47
C LEU L 93 -68.41 63.59 10.65
N VAL L 94 -68.58 64.65 11.43
CA VAL L 94 -69.90 65.20 11.73
C VAL L 94 -69.81 66.70 11.92
N ASP L 95 -70.94 67.37 11.72
CA ASP L 95 -71.12 68.72 12.23
C ASP L 95 -71.61 68.63 13.67
N GLY L 96 -71.34 69.69 14.44
CA GLY L 96 -71.68 69.68 15.86
C GLY L 96 -73.15 69.42 16.14
N ASN L 97 -74.03 69.81 15.21
CA ASN L 97 -75.45 69.56 15.38
C ASN L 97 -75.82 68.09 15.24
N GLN L 98 -74.90 67.24 14.79
CA GLN L 98 -75.23 65.84 14.54
C GLN L 98 -75.62 65.14 15.83
N LYS L 99 -76.64 64.28 15.76
CA LYS L 99 -77.41 63.91 16.94
C LYS L 99 -77.92 62.47 16.83
N LYS L 100 -78.25 61.90 17.98
CA LYS L 100 -78.86 60.59 18.10
C LYS L 100 -80.38 60.67 17.97
N GLY L 101 -80.96 59.64 17.36
CA GLY L 101 -82.40 59.48 17.40
C GLY L 101 -82.88 59.06 18.78
N THR L 102 -84.13 59.41 19.09
CA THR L 102 -84.67 59.18 20.43
C THR L 102 -86.16 58.95 20.36
N LEU L 103 -86.66 58.16 21.32
CA LEU L 103 -88.08 57.93 21.50
C LEU L 103 -88.35 57.78 22.99
N THR L 104 -89.56 58.12 23.41
CA THR L 104 -89.98 58.08 24.79
C THR L 104 -91.22 57.23 24.94
N LEU L 105 -91.31 56.55 26.08
CA LEU L 105 -92.44 55.68 26.42
C LEU L 105 -93.10 56.20 27.69
N LYS L 106 -94.38 55.86 27.84
CA LYS L 106 -95.21 56.36 28.93
C LYS L 106 -96.09 55.24 29.46
N ASP L 107 -96.49 55.38 30.71
CA ASP L 107 -97.36 54.42 31.36
C ASP L 107 -98.83 54.71 31.04
N THR L 108 -99.69 53.74 31.37
CA THR L 108 -101.12 53.84 31.15
C THR L 108 -101.97 53.55 32.39
N THR L 109 -101.37 53.07 33.48
CA THR L 109 -102.15 52.79 34.68
C THR L 109 -102.77 54.06 35.24
N GLU L 110 -102.01 55.16 35.26
CA GLU L 110 -102.48 56.42 35.80
C GLU L 110 -103.13 57.25 34.70
N ASN L 111 -104.19 57.98 35.07
CA ASN L 111 -104.84 58.87 34.11
C ASN L 111 -103.87 59.96 33.65
N SER L 112 -103.12 60.55 34.58
CA SER L 112 -102.04 61.48 34.26
C SER L 112 -100.79 60.64 33.97
N ALA L 113 -100.70 60.17 32.72
CA ALA L 113 -99.62 59.29 32.33
C ALA L 113 -98.27 60.01 32.44
N LYS L 114 -97.27 59.26 32.90
CA LYS L 114 -95.93 59.78 33.17
C LYS L 114 -94.91 59.01 32.36
N ASP L 115 -93.96 59.74 31.78
CA ASP L 115 -92.89 59.09 31.02
C ASP L 115 -92.02 58.27 31.96
N VAL L 116 -91.75 57.03 31.56
CA VAL L 116 -91.04 56.07 32.40
C VAL L 116 -89.85 55.43 31.71
N ILE L 117 -89.80 55.37 30.38
CA ILE L 117 -88.67 54.82 29.65
C ILE L 117 -88.40 55.70 28.44
N LYS L 118 -87.12 55.90 28.14
CA LYS L 118 -86.69 56.57 26.93
C LYS L 118 -85.75 55.66 26.15
N LEU L 119 -85.94 55.61 24.84
CA LEU L 119 -85.12 54.81 23.93
C LEU L 119 -84.32 55.75 23.05
N GLU L 120 -83.01 55.51 22.94
CA GLU L 120 -82.11 56.32 22.15
C GLU L 120 -81.18 55.40 21.36
N THR L 121 -80.92 55.77 20.11
CA THR L 121 -80.03 54.96 19.27
C THR L 121 -78.64 54.88 19.88
N LYS L 122 -78.04 53.70 19.80
CA LYS L 122 -76.73 53.50 20.42
C LYS L 122 -75.67 54.38 19.80
N TYR L 123 -75.83 54.75 18.53
CA TYR L 123 -74.90 55.62 17.81
C TYR L 123 -75.67 56.79 17.22
N PRO L 124 -75.02 57.94 17.03
CA PRO L 124 -75.70 59.05 16.36
C PRO L 124 -76.09 58.69 14.93
N THR L 125 -77.27 59.16 14.53
CA THR L 125 -77.82 58.84 13.22
C THR L 125 -79.04 59.71 12.98
N ALA L 126 -79.69 59.48 11.82
CA ALA L 126 -81.00 60.02 11.55
C ALA L 126 -81.92 58.97 10.90
N ARG L 127 -81.52 57.70 10.90
CA ARG L 127 -82.31 56.68 10.23
C ARG L 127 -83.61 56.42 10.98
N ASN L 128 -84.53 55.76 10.29
CA ASN L 128 -85.88 55.51 10.83
C ASN L 128 -85.90 54.19 11.62
N PHE L 129 -85.09 54.13 12.66
CA PHE L 129 -85.16 53.02 13.60
C PHE L 129 -86.46 53.12 14.37
N ASN L 130 -87.28 52.07 14.27
CA ASN L 130 -88.65 52.09 14.78
C ASN L 130 -88.81 51.03 15.87
N VAL L 131 -89.84 51.25 16.70
CA VAL L 131 -90.12 50.38 17.86
C VAL L 131 -91.61 50.17 17.94
N THR L 132 -91.99 48.97 18.41
CA THR L 132 -93.38 48.59 18.61
C THR L 132 -93.53 47.97 19.99
N ILE L 133 -94.59 48.36 20.70
CA ILE L 133 -94.96 47.79 21.98
C ILE L 133 -96.44 47.41 21.91
N LYS L 134 -96.76 46.19 22.31
CA LYS L 134 -98.12 45.68 22.24
C LYS L 134 -98.38 44.77 23.44
N SER L 135 -99.66 44.56 23.72
CA SER L 135 -100.05 43.70 24.83
C SER L 135 -99.63 42.25 24.56
N ASN L 136 -99.03 41.61 25.55
CA ASN L 136 -98.66 40.22 25.43
C ASN L 136 -99.90 39.35 25.43
N LEU L 137 -99.97 38.41 24.49
CA LEU L 137 -101.15 37.56 24.35
C LEU L 137 -101.18 36.42 25.34
N VAL L 138 -100.06 36.11 26.00
CA VAL L 138 -99.98 34.98 26.92
C VAL L 138 -100.18 35.49 28.34
N ASP L 139 -99.29 36.37 28.79
CA ASP L 139 -99.33 36.92 30.14
C ASP L 139 -100.00 38.29 30.10
N SER L 140 -100.81 38.57 31.13
CA SER L 140 -101.62 39.78 31.14
C SER L 140 -100.75 41.04 31.23
N ASP L 141 -99.83 41.08 32.18
CA ASP L 141 -99.05 42.29 32.43
C ASP L 141 -97.87 42.46 31.49
N LYS L 142 -97.56 41.48 30.66
CA LYS L 142 -96.40 41.56 29.79
C LYS L 142 -96.69 42.40 28.56
N LYS L 143 -95.68 43.12 28.11
CA LYS L 143 -95.73 43.90 26.87
C LYS L 143 -94.65 43.37 25.94
N ASP L 144 -95.01 43.18 24.67
CA ASP L 144 -94.09 42.63 23.68
C ASP L 144 -93.35 43.79 23.01
N PHE L 145 -92.06 43.93 23.32
CA PHE L 145 -91.24 45.00 22.79
C PHE L 145 -90.54 44.51 21.52
N ILE L 146 -90.84 45.16 20.39
CA ILE L 146 -90.28 44.80 19.09
C ILE L 146 -89.64 46.04 18.49
N PHE L 147 -88.55 45.82 17.74
CA PHE L 147 -87.73 46.90 17.20
C PHE L 147 -87.54 46.67 15.71
N PHE L 148 -87.55 47.76 14.95
CA PHE L 148 -87.45 47.71 13.49
C PHE L 148 -86.55 48.83 13.00
N GLU L 149 -86.31 48.80 11.69
CA GLU L 149 -85.78 49.95 10.94
C GLU L 149 -86.55 50.01 9.63
N ASN L 150 -87.44 50.99 9.51
CA ASN L 150 -88.36 51.06 8.36
C ASN L 150 -89.19 49.80 8.25
N THR L 151 -89.67 49.30 9.39
CA THR L 151 -90.49 48.09 9.54
C THR L 151 -89.71 46.80 9.37
N LYS L 152 -88.42 46.86 9.07
CA LYS L 152 -87.58 45.66 9.02
C LYS L 152 -87.18 45.31 10.44
N GLN L 153 -87.72 44.21 10.97
CA GLN L 153 -87.58 43.91 12.39
C GLN L 153 -86.14 43.58 12.74
N LEU L 154 -85.69 44.13 13.87
CA LEU L 154 -84.39 43.83 14.45
C LEU L 154 -84.49 42.78 15.54
N PHE L 155 -85.35 43.01 16.53
CA PHE L 155 -85.38 42.19 17.73
C PHE L 155 -86.76 42.31 18.37
N SER L 156 -87.18 41.23 19.02
CA SER L 156 -88.45 41.18 19.75
C SER L 156 -88.22 40.62 21.15
N SER L 157 -89.00 41.10 22.11
CA SER L 157 -88.88 40.66 23.49
C SER L 157 -90.18 40.93 24.22
N SER L 158 -90.33 40.28 25.38
CA SER L 158 -91.52 40.41 26.22
C SER L 158 -91.11 40.40 27.67
N ILE L 159 -91.55 41.42 28.43
CA ILE L 159 -91.24 41.54 29.86
C ILE L 159 -92.49 42.03 30.58
N LYS L 160 -92.64 41.57 31.83
CA LYS L 160 -93.73 42.01 32.68
C LYS L 160 -93.71 43.53 32.86
N GLY L 161 -94.81 44.05 33.40
CA GLY L 161 -95.02 45.49 33.46
C GLY L 161 -94.35 46.21 34.61
N THR L 162 -93.07 45.94 34.83
CA THR L 162 -92.23 46.72 35.75
C THR L 162 -91.10 47.34 34.94
N ILE L 163 -90.86 48.63 35.17
CA ILE L 163 -90.00 49.39 34.27
C ILE L 163 -88.56 48.94 34.37
N ASP L 164 -88.10 48.61 35.58
CA ASP L 164 -86.69 48.26 35.78
C ASP L 164 -86.32 47.01 34.98
N GLU L 165 -87.11 45.95 35.12
CA GLU L 165 -86.83 44.73 34.37
C GLU L 165 -86.96 44.95 32.87
N ILE L 166 -87.91 45.81 32.46
CA ILE L 166 -88.08 46.10 31.05
C ILE L 166 -86.82 46.73 30.47
N VAL L 167 -86.33 47.79 31.12
CA VAL L 167 -85.15 48.48 30.59
C VAL L 167 -83.92 47.58 30.68
N LEU L 168 -83.82 46.79 31.76
CA LEU L 168 -82.68 45.88 31.88
C LEU L 168 -82.66 44.85 30.77
N GLU L 169 -83.82 44.26 30.45
CA GLU L 169 -83.87 43.31 29.34
C GLU L 169 -83.57 43.99 28.01
N ILE L 170 -84.13 45.17 27.79
CA ILE L 170 -83.94 45.86 26.52
C ILE L 170 -82.46 46.21 26.32
N ASN L 171 -81.76 46.55 27.40
CA ASN L 171 -80.34 46.82 27.33
C ASN L 171 -79.48 45.56 27.42
N SER L 172 -80.06 44.42 27.78
CA SER L 172 -79.27 43.21 28.02
C SER L 172 -78.88 42.54 26.71
N ASN L 173 -79.86 42.16 25.91
CA ASN L 173 -79.58 41.41 24.68
C ASN L 173 -78.89 42.31 23.67
N LEU L 174 -77.82 41.80 23.07
CA LEU L 174 -77.11 42.53 22.01
C LEU L 174 -77.84 42.47 20.68
N ASP L 175 -78.93 41.70 20.58
CA ASP L 175 -79.83 41.85 19.43
C ASP L 175 -80.44 43.24 19.39
N ASN L 176 -80.57 43.89 20.55
CA ASN L 176 -81.04 45.26 20.66
C ASN L 176 -79.89 46.26 20.71
N GLU L 177 -78.77 45.95 20.07
CA GLU L 177 -77.61 46.83 20.13
C GLU L 177 -77.84 48.16 19.42
N TYR L 178 -78.82 48.24 18.53
CA TYR L 178 -79.07 49.49 17.82
C TYR L 178 -79.54 50.61 18.74
N VAL L 179 -80.09 50.28 19.90
CA VAL L 179 -80.80 51.25 20.74
C VAL L 179 -80.44 50.99 22.20
N ILE L 180 -80.44 52.07 22.98
CA ILE L 180 -80.20 52.04 24.42
C ILE L 180 -81.47 52.50 25.12
N ALA L 181 -81.89 51.74 26.12
CA ALA L 181 -83.05 52.07 26.94
C ALA L 181 -82.59 52.62 28.28
N THR L 182 -83.23 53.71 28.72
CA THR L 182 -82.95 54.33 30.00
C THR L 182 -84.25 54.60 30.73
N LYS L 183 -84.19 54.46 32.06
CA LYS L 183 -85.38 54.64 32.90
C LYS L 183 -85.60 56.12 33.19
N VAL L 184 -86.80 56.60 32.92
CA VAL L 184 -87.16 57.98 33.21
C VAL L 184 -87.74 58.11 34.62
N ALA L 185 -88.49 57.09 35.07
CA ALA L 185 -89.08 57.11 36.40
C ALA L 185 -89.17 55.69 36.92
N ASP L 186 -89.24 55.57 38.25
CA ASP L 186 -89.29 54.26 38.91
C ASP L 186 -90.75 53.87 39.11
N SER L 187 -91.38 53.46 38.01
CA SER L 187 -92.78 53.06 37.99
C SER L 187 -92.89 51.55 37.85
N ASP L 188 -94.00 51.01 38.39
CA ASP L 188 -94.39 49.63 38.20
C ASP L 188 -95.69 49.52 37.42
N THR L 189 -95.94 50.48 36.53
CA THR L 189 -97.20 50.63 35.83
C THR L 189 -97.10 50.06 34.42
N ILE L 190 -98.27 49.80 33.83
CA ILE L 190 -98.34 49.22 32.50
C ILE L 190 -97.93 50.27 31.47
N LEU L 191 -97.07 49.88 30.54
CA LEU L 191 -96.58 50.80 29.53
C LEU L 191 -97.65 51.05 28.46
N ALA L 192 -97.47 52.13 27.73
CA ALA L 192 -98.34 52.47 26.61
C ALA L 192 -97.87 51.75 25.35
N ASN L 193 -98.82 51.29 24.55
CA ASN L 193 -98.50 50.58 23.33
C ASN L 193 -98.11 51.55 22.22
N VAL L 194 -97.03 51.23 21.52
CA VAL L 194 -96.58 51.98 20.36
C VAL L 194 -96.44 50.99 19.21
N VAL L 195 -96.50 51.53 17.98
CA VAL L 195 -96.44 50.71 16.78
C VAL L 195 -95.53 51.39 15.77
N ASN L 196 -94.30 50.88 15.63
CA ASN L 196 -93.38 51.33 14.60
C ASN L 196 -93.06 52.81 14.74
N GLN L 197 -92.91 53.27 15.99
CA GLN L 197 -92.59 54.66 16.26
C GLN L 197 -91.10 54.89 16.10
N ALA L 198 -90.74 55.82 15.22
CA ALA L 198 -89.33 56.07 14.92
C ALA L 198 -88.66 56.80 16.08
N LEU L 199 -87.38 56.50 16.28
CA LEU L 199 -86.56 57.21 17.26
C LEU L 199 -86.13 58.52 16.63
N GLU L 200 -86.94 59.55 16.82
CA GLU L 200 -86.75 60.84 16.17
C GLU L 200 -85.77 61.69 16.96
N GLY L 201 -85.51 62.89 16.45
CA GLY L 201 -84.57 63.81 17.07
C GLY L 201 -83.13 63.63 16.64
N GLY L 202 -82.83 62.62 15.83
CA GLY L 202 -81.48 62.40 15.37
C GLY L 202 -81.13 63.21 14.14
N ASN L 203 -79.83 63.30 13.88
CA ASN L 203 -79.29 64.01 12.73
C ASN L 203 -78.21 63.15 12.09
N ASP L 204 -78.04 63.32 10.78
CA ASP L 204 -77.50 62.26 9.94
C ASP L 204 -75.97 62.15 10.00
N GLY L 205 -75.28 63.18 9.53
CA GLY L 205 -73.83 63.10 9.38
C GLY L 205 -73.31 63.73 8.12
N CYS L 206 -74.16 63.85 7.10
CA CYS L 206 -73.86 64.64 5.91
C CYS L 206 -74.29 66.10 6.07
N THR L 207 -74.65 66.51 7.29
CA THR L 207 -75.23 67.82 7.54
C THR L 207 -74.10 68.83 7.73
N SER L 208 -73.90 69.70 6.73
CA SER L 208 -73.02 70.87 6.85
C SER L 208 -71.59 70.47 7.21
N ILE L 209 -71.09 69.42 6.57
CA ILE L 209 -69.71 68.99 6.77
C ILE L 209 -68.80 69.89 5.95
N THR L 210 -67.79 70.47 6.60
CA THR L 210 -66.91 71.46 6.00
C THR L 210 -65.46 71.09 6.30
N ASN L 211 -64.55 71.94 5.84
CA ASN L 211 -63.12 71.69 5.98
C ASN L 211 -62.69 71.57 7.44
N GLU L 212 -63.38 72.27 8.34
CA GLU L 212 -63.00 72.24 9.75
C GLU L 212 -63.18 70.84 10.34
N SER L 213 -64.24 70.14 9.92
CA SER L 213 -64.44 68.77 10.39
C SER L 213 -63.29 67.88 9.94
N TYR L 214 -62.85 68.03 8.69
CA TYR L 214 -61.71 67.24 8.20
C TYR L 214 -60.44 67.61 8.95
N LEU L 215 -60.25 68.89 9.26
CA LEU L 215 -59.08 69.30 10.02
C LEU L 215 -59.07 68.67 11.40
N LYS L 216 -60.23 68.66 12.07
CA LYS L 216 -60.33 68.01 13.37
C LYS L 216 -60.07 66.52 13.26
N ALA L 217 -60.58 65.89 12.21
CA ALA L 217 -60.32 64.47 12.00
C ALA L 217 -58.84 64.20 11.82
N LEU L 218 -58.15 65.03 11.03
CA LEU L 218 -56.71 64.85 10.85
C LEU L 218 -55.96 65.04 12.15
N GLU L 219 -56.37 66.03 12.95
CA GLU L 219 -55.73 66.24 14.25
C GLU L 219 -55.92 65.03 15.15
N GLU L 220 -57.10 64.41 15.10
CA GLU L 220 -57.28 63.14 15.80
C GLU L 220 -56.36 62.07 15.24
N PHE L 221 -56.20 62.04 13.91
CA PHE L 221 -55.38 61.03 13.26
C PHE L 221 -53.89 61.24 13.54
N GLU L 222 -53.49 62.40 14.05
CA GLU L 222 -52.09 62.61 14.42
C GLU L 222 -51.62 61.61 15.46
N ARG L 223 -52.54 61.10 16.29
CA ARG L 223 -52.17 60.18 17.35
C ARG L 223 -51.55 58.91 16.80
N TYR L 224 -52.12 58.37 15.72
CA TYR L 224 -51.83 57.02 15.28
C TYR L 224 -50.71 57.04 14.24
N SER L 225 -50.34 55.84 13.77
CA SER L 225 -49.39 55.66 12.69
C SER L 225 -50.09 54.91 11.56
N PHE L 226 -49.74 55.27 10.32
CA PHE L 226 -50.43 54.76 9.14
C PHE L 226 -49.43 54.48 8.03
N ASP L 227 -49.88 53.68 7.07
CA ASP L 227 -49.15 53.46 5.83
C ASP L 227 -49.60 54.38 4.72
N SER L 228 -50.84 54.88 4.76
CA SER L 228 -51.31 55.80 3.73
C SER L 228 -52.54 56.56 4.23
N PHE L 229 -52.85 57.65 3.53
CA PHE L 229 -54.02 58.47 3.79
C PHE L 229 -54.61 58.88 2.45
N VAL L 230 -55.94 59.02 2.41
CA VAL L 230 -56.65 59.20 1.13
C VAL L 230 -57.68 60.34 1.16
N LEU L 231 -58.03 60.83 2.35
CA LEU L 231 -58.88 62.01 2.50
C LEU L 231 -60.29 61.78 1.95
N ASP L 232 -60.96 60.78 2.50
CA ASP L 232 -62.41 60.62 2.43
C ASP L 232 -62.94 60.50 1.00
N GLY L 233 -62.08 60.28 0.01
CA GLY L 233 -62.56 60.23 -1.36
C GLY L 233 -63.15 61.55 -1.83
N VAL L 234 -62.69 62.66 -1.27
CA VAL L 234 -63.17 64.00 -1.60
C VAL L 234 -62.02 64.79 -2.19
N ALA L 235 -62.30 65.48 -3.31
CA ALA L 235 -61.28 66.18 -4.08
C ALA L 235 -61.30 67.68 -3.87
N ASP L 236 -61.85 68.16 -2.76
CA ASP L 236 -61.87 69.60 -2.48
C ASP L 236 -60.44 70.11 -2.35
N GLU L 237 -60.16 71.22 -3.03
CA GLU L 237 -58.78 71.68 -3.18
C GLU L 237 -58.18 72.10 -1.84
N ALA L 238 -58.88 72.96 -1.11
CA ALA L 238 -58.32 73.51 0.13
C ALA L 238 -58.01 72.40 1.12
N LEU L 239 -58.87 71.38 1.19
CA LEU L 239 -58.57 70.20 1.99
C LEU L 239 -57.30 69.53 1.50
N GLN L 240 -57.07 69.52 0.18
CA GLN L 240 -55.87 68.87 -0.33
C GLN L 240 -54.61 69.62 0.07
N GLU L 241 -54.60 70.96 -0.03
CA GLU L 241 -53.41 71.68 0.44
C GLU L 241 -53.24 71.53 1.94
N THR L 242 -54.34 71.53 2.69
CA THR L 242 -54.24 71.36 4.14
C THR L 242 -53.62 70.01 4.48
N THR L 243 -54.06 68.96 3.81
CA THR L 243 -53.51 67.64 4.07
C THR L 243 -52.07 67.54 3.59
N LYS L 244 -51.73 68.24 2.52
CA LYS L 244 -50.34 68.27 2.06
C LYS L 244 -49.43 68.86 3.14
N ALA L 245 -49.83 70.02 3.68
CA ALA L 245 -49.05 70.64 4.74
C ALA L 245 -49.01 69.74 5.98
N TRP L 246 -50.13 69.09 6.28
CA TRP L 246 -50.20 68.21 7.44
C TRP L 246 -49.24 67.03 7.31
N VAL L 247 -49.19 66.44 6.12
CA VAL L 247 -48.29 65.31 5.89
C VAL L 247 -46.83 65.78 5.91
N ALA L 248 -46.56 66.97 5.38
CA ALA L 248 -45.21 67.51 5.47
C ALA L 248 -44.79 67.69 6.92
N LYS L 249 -45.69 68.23 7.75
CA LYS L 249 -45.40 68.37 9.16
C LYS L 249 -45.16 67.02 9.82
N ASN L 250 -45.98 66.03 9.48
CA ASN L 250 -45.82 64.71 10.07
C ASN L 250 -44.48 64.09 9.68
N LYS L 251 -44.07 64.28 8.42
CA LYS L 251 -42.78 63.79 7.98
C LYS L 251 -41.65 64.46 8.76
N GLU L 252 -41.72 65.78 8.91
CA GLU L 252 -40.69 66.49 9.66
C GLU L 252 -40.68 66.07 11.13
N LEU L 253 -41.83 65.63 11.66
CA LEU L 253 -41.93 65.16 13.02
C LEU L 253 -41.61 63.67 13.16
N GLY L 254 -41.09 63.04 12.11
CA GLY L 254 -40.70 61.64 12.16
C GLY L 254 -41.80 60.64 11.88
N LYS L 255 -42.99 61.10 11.49
CA LYS L 255 -44.09 60.22 11.10
C LYS L 255 -44.17 60.21 9.59
N ASP L 256 -43.89 59.06 8.98
CA ASP L 256 -43.74 58.93 7.53
C ASP L 256 -45.06 58.45 6.95
N ILE L 257 -45.96 59.40 6.71
CA ILE L 257 -47.29 59.12 6.21
C ILE L 257 -47.32 59.42 4.72
N LEU L 258 -47.83 58.47 3.94
CA LEU L 258 -48.01 58.63 2.50
C LEU L 258 -49.43 59.10 2.24
N LEU L 259 -49.61 59.89 1.19
CA LEU L 259 -50.90 60.46 0.85
C LEU L 259 -51.25 60.16 -0.60
N PHE L 260 -52.47 59.67 -0.81
CA PHE L 260 -53.05 59.48 -2.13
C PHE L 260 -54.19 60.48 -2.30
N LEU L 261 -54.34 60.98 -3.52
CA LEU L 261 -55.38 61.96 -3.83
C LEU L 261 -55.96 61.66 -5.20
N GLY L 262 -57.18 62.15 -5.42
CA GLY L 262 -57.83 62.03 -6.70
C GLY L 262 -58.51 63.32 -7.10
N GLY L 263 -58.34 63.71 -8.36
CA GLY L 263 -58.92 64.94 -8.84
C GLY L 263 -60.42 64.85 -9.01
N LYS L 264 -61.01 65.99 -9.32
CA LYS L 264 -62.45 66.05 -9.52
C LYS L 264 -62.82 65.40 -10.85
N THR L 265 -64.03 64.86 -10.92
CA THR L 265 -64.52 64.25 -12.15
C THR L 265 -64.60 65.26 -13.28
N GLU L 266 -64.79 66.53 -12.96
CA GLU L 266 -64.91 67.56 -13.98
C GLU L 266 -63.56 67.90 -14.61
N ASP L 267 -62.46 67.61 -13.94
CA ASP L 267 -61.14 67.98 -14.44
C ASP L 267 -60.80 67.17 -15.69
N ASN L 268 -60.36 67.85 -16.73
CA ASN L 268 -59.81 67.18 -17.89
C ASN L 268 -58.47 66.57 -17.54
N ILE L 269 -57.99 65.69 -18.42
CA ILE L 269 -56.68 65.08 -18.21
C ILE L 269 -55.60 66.14 -18.17
N LYS L 270 -55.77 67.23 -18.92
CA LYS L 270 -54.85 68.34 -18.81
C LYS L 270 -54.89 68.96 -17.42
N GLN L 271 -56.09 69.18 -16.87
CA GLN L 271 -56.21 69.75 -15.54
C GLN L 271 -55.66 68.79 -14.49
N ILE L 272 -55.92 67.49 -14.65
CA ILE L 272 -55.38 66.51 -13.72
C ILE L 272 -53.85 66.52 -13.76
N ASN L 273 -53.29 66.61 -14.97
CA ASN L 273 -51.84 66.67 -15.09
C ASN L 273 -51.28 67.95 -14.48
N ASP L 274 -52.01 69.06 -14.62
CA ASP L 274 -51.58 70.30 -13.98
C ASP L 274 -51.57 70.15 -12.46
N LYS L 275 -52.60 69.52 -11.90
CA LYS L 275 -52.63 69.30 -10.46
C LYS L 275 -51.50 68.36 -10.03
N SER L 276 -51.25 67.31 -10.81
CA SER L 276 -50.16 66.39 -10.51
C SER L 276 -48.80 67.06 -10.64
N LYS L 277 -48.72 68.12 -11.45
CA LYS L 277 -47.53 68.95 -11.48
C LYS L 277 -47.44 69.81 -10.22
N SER L 278 -48.58 70.36 -9.78
CA SER L 278 -48.59 71.21 -8.61
C SER L 278 -48.10 70.45 -7.38
N PHE L 279 -48.55 69.21 -7.24
CA PHE L 279 -47.99 68.32 -6.24
C PHE L 279 -46.67 67.77 -6.74
N ASN L 280 -45.61 67.94 -5.95
CA ASN L 280 -44.31 67.37 -6.27
C ASN L 280 -43.64 66.71 -5.09
N ASP L 281 -44.23 66.75 -3.90
CA ASP L 281 -43.72 65.96 -2.80
C ASP L 281 -43.95 64.48 -3.09
N GLU L 282 -42.95 63.67 -2.73
CA GLU L 282 -43.00 62.25 -3.07
C GLU L 282 -44.17 61.53 -2.41
N ASN L 283 -44.61 62.02 -1.25
CA ASN L 283 -45.69 61.38 -0.52
C ASN L 283 -47.08 61.74 -1.06
N ILE L 284 -47.15 62.37 -2.22
CA ILE L 284 -48.42 62.77 -2.83
C ILE L 284 -48.60 61.95 -4.11
N VAL L 285 -49.77 61.32 -4.23
CA VAL L 285 -50.14 60.56 -5.42
C VAL L 285 -51.49 61.08 -5.89
N ASN L 286 -51.55 61.52 -7.15
CA ASN L 286 -52.76 62.08 -7.73
C ASN L 286 -53.37 61.06 -8.69
N VAL L 287 -54.68 60.83 -8.54
CA VAL L 287 -55.42 59.85 -9.31
C VAL L 287 -56.37 60.59 -10.25
N GLY L 288 -56.32 60.22 -11.53
CA GLY L 288 -57.12 60.89 -12.54
C GLY L 288 -58.31 60.09 -13.01
N SER L 289 -58.14 58.78 -13.19
CA SER L 289 -59.17 57.96 -13.82
C SER L 289 -60.31 57.68 -12.85
N SER L 290 -61.52 57.62 -13.42
CA SER L 290 -62.70 57.12 -12.73
C SER L 290 -62.94 55.67 -13.13
N ALA L 291 -63.84 55.00 -12.40
CA ALA L 291 -64.04 53.58 -12.62
C ALA L 291 -65.41 53.15 -12.12
N TYR L 292 -65.81 51.96 -12.58
CA TYR L 292 -67.01 51.28 -12.12
C TYR L 292 -66.63 49.90 -11.61
N TYR L 293 -67.23 49.49 -10.49
CA TYR L 293 -67.03 48.16 -9.93
C TYR L 293 -68.30 47.32 -9.96
N GLU L 294 -69.34 47.75 -9.24
CA GLU L 294 -70.66 47.11 -9.30
C GLU L 294 -71.62 47.95 -10.17
N ASN L 295 -71.19 48.22 -11.40
CA ASN L 295 -71.96 49.03 -12.34
C ASN L 295 -72.25 50.42 -11.78
N ILE L 296 -71.42 50.90 -10.86
CA ILE L 296 -71.61 52.17 -10.16
C ILE L 296 -70.29 52.94 -10.23
N LYS L 297 -70.36 54.18 -10.67
CA LYS L 297 -69.16 54.96 -10.93
C LYS L 297 -68.44 55.30 -9.63
N TYR L 298 -67.14 55.56 -9.75
CA TYR L 298 -66.32 56.01 -8.64
C TYR L 298 -65.45 57.15 -9.12
N THR L 299 -65.49 58.26 -8.39
CA THR L 299 -64.69 59.43 -8.75
C THR L 299 -63.22 59.10 -8.59
N PRO L 300 -62.32 59.93 -9.14
CA PRO L 300 -60.89 59.63 -9.02
C PRO L 300 -60.40 59.49 -7.58
N SER L 301 -61.01 60.21 -6.64
CA SER L 301 -60.63 60.08 -5.24
C SER L 301 -61.22 58.82 -4.61
N GLU L 302 -62.44 58.44 -5.02
CA GLU L 302 -63.03 57.21 -4.50
C GLU L 302 -62.20 56.00 -4.90
N VAL L 303 -61.68 55.99 -6.14
CA VAL L 303 -60.74 54.95 -6.54
C VAL L 303 -59.34 55.20 -5.99
N ALA L 304 -59.02 56.44 -5.61
CA ALA L 304 -57.77 56.68 -4.90
C ALA L 304 -57.78 55.97 -3.56
N VAL L 305 -58.95 55.86 -2.94
CA VAL L 305 -59.07 55.05 -1.73
C VAL L 305 -58.61 53.62 -2.02
N TYR L 306 -59.14 53.03 -3.09
CA TYR L 306 -58.84 51.65 -3.42
C TYR L 306 -57.38 51.47 -3.78
N ILE L 307 -56.80 52.40 -4.55
CA ILE L 307 -55.42 52.23 -4.97
C ILE L 307 -54.47 52.38 -3.78
N ALA L 308 -54.79 53.29 -2.86
CA ALA L 308 -53.98 53.40 -1.65
C ALA L 308 -54.08 52.13 -0.83
N ALA L 309 -55.29 51.58 -0.70
CA ALA L 309 -55.49 50.35 0.05
C ALA L 309 -54.69 49.20 -0.57
N LEU L 310 -54.74 49.09 -1.89
CA LEU L 310 -54.00 48.03 -2.57
C LEU L 310 -52.49 48.23 -2.42
N SER L 311 -52.04 49.48 -2.45
CA SER L 311 -50.62 49.76 -2.29
C SER L 311 -50.13 49.34 -0.91
N VAL L 312 -50.87 49.73 0.13
CA VAL L 312 -50.43 49.38 1.49
C VAL L 312 -50.55 47.88 1.71
N SER L 313 -51.57 47.24 1.12
CA SER L 313 -51.67 45.79 1.23
C SER L 313 -50.49 45.11 0.54
N LYS L 314 -50.04 45.67 -0.58
CA LYS L 314 -48.85 45.14 -1.24
C LYS L 314 -47.64 45.23 -0.33
N GLY L 315 -47.48 46.35 0.36
CA GLY L 315 -46.32 46.51 1.22
C GLY L 315 -45.04 46.48 0.41
N ILE L 316 -43.99 45.96 1.05
CA ILE L 316 -42.73 45.69 0.37
C ILE L 316 -42.89 44.34 -0.32
N THR L 317 -41.96 44.00 -1.21
CA THR L 317 -42.00 42.75 -1.98
C THR L 317 -43.13 42.78 -3.00
N GLY L 318 -43.39 43.95 -3.58
CA GLY L 318 -44.43 44.05 -4.58
C GLY L 318 -44.53 45.48 -5.08
N SER L 319 -45.48 45.68 -5.98
CA SER L 319 -45.72 46.98 -6.58
C SER L 319 -47.17 47.01 -7.06
N ILE L 320 -47.51 48.03 -7.85
CA ILE L 320 -48.84 48.21 -8.38
C ILE L 320 -48.85 48.46 -9.88
N CYS L 321 -47.69 48.42 -10.54
CA CYS L 321 -47.59 48.90 -11.92
C CYS L 321 -48.40 48.05 -12.89
N ASN L 322 -48.79 46.83 -12.51
CA ASN L 322 -49.72 46.06 -13.32
C ASN L 322 -50.69 45.26 -12.47
N ALA L 323 -50.92 45.65 -11.21
CA ALA L 323 -51.83 44.90 -10.37
C ALA L 323 -53.25 45.00 -10.91
N LYS L 324 -53.93 43.86 -10.99
CA LYS L 324 -55.29 43.85 -11.50
C LYS L 324 -56.23 44.49 -10.48
N THR L 325 -57.19 45.25 -10.98
CA THR L 325 -58.17 45.93 -10.15
C THR L 325 -59.51 45.21 -10.21
N ILE L 326 -60.36 45.51 -9.22
CA ILE L 326 -61.70 44.94 -9.17
C ILE L 326 -62.67 45.64 -10.12
N PHE L 327 -62.27 46.75 -10.72
CA PHE L 327 -63.20 47.59 -11.46
C PHE L 327 -63.54 47.00 -12.81
N GLU L 328 -64.84 47.03 -13.15
CA GLU L 328 -65.32 46.46 -14.40
C GLU L 328 -65.21 47.44 -15.57
N GLU L 329 -65.09 48.74 -15.29
CA GLU L 329 -64.86 49.74 -16.33
C GLU L 329 -63.99 50.86 -15.78
N VAL L 330 -63.38 51.58 -16.71
CA VAL L 330 -62.50 52.71 -16.40
C VAL L 330 -62.76 53.81 -17.41
N GLU L 331 -62.77 55.05 -16.93
CA GLU L 331 -62.85 56.21 -17.81
C GLU L 331 -62.28 57.41 -17.07
N PRO L 332 -61.73 58.41 -17.78
CA PRO L 332 -61.52 58.51 -19.23
C PRO L 332 -60.39 57.60 -19.70
N ARG L 333 -60.42 57.21 -20.97
CA ARG L 333 -59.57 56.15 -21.50
C ARG L 333 -58.55 56.73 -22.46
N LEU L 334 -57.31 56.25 -22.35
CA LEU L 334 -56.13 56.96 -22.82
C LEU L 334 -55.38 56.14 -23.85
N SER L 335 -54.97 56.81 -24.93
CA SER L 335 -53.98 56.24 -25.83
C SER L 335 -52.60 56.30 -25.18
N GLN L 336 -51.63 55.66 -25.82
CA GLN L 336 -50.27 55.64 -25.27
C GLN L 336 -49.70 57.05 -25.13
N SER L 337 -50.08 57.96 -26.03
CA SER L 337 -49.66 59.35 -25.89
C SER L 337 -50.21 59.95 -24.61
N GLU L 338 -51.51 59.75 -24.34
CA GLU L 338 -52.11 60.29 -23.13
C GLU L 338 -51.52 59.65 -21.89
N VAL L 339 -51.26 58.34 -21.94
CA VAL L 339 -50.65 57.65 -20.81
C VAL L 339 -49.27 58.22 -20.52
N LYS L 340 -48.48 58.43 -21.57
CA LYS L 340 -47.15 58.99 -21.38
C LYS L 340 -47.22 60.41 -20.84
N GLU L 341 -48.20 61.19 -21.32
CA GLU L 341 -48.40 62.53 -20.79
C GLU L 341 -48.71 62.50 -19.30
N CYS L 342 -49.61 61.59 -18.90
CA CYS L 342 -50.00 61.50 -17.50
C CYS L 342 -48.83 61.05 -16.64
N LEU L 343 -48.06 60.06 -17.10
CA LEU L 343 -46.92 59.58 -16.33
C LEU L 343 -45.86 60.67 -16.20
N LYS L 344 -45.58 61.38 -17.28
CA LYS L 344 -44.64 62.50 -17.19
C LYS L 344 -45.13 63.57 -16.24
N SER L 345 -46.45 63.76 -16.16
CA SER L 345 -47.03 64.70 -15.21
C SER L 345 -47.05 64.16 -13.78
N GLY L 346 -46.66 62.89 -13.57
CA GLY L 346 -46.76 62.27 -12.27
C GLY L 346 -48.13 61.71 -11.95
N THR L 347 -49.11 61.87 -12.82
CA THR L 347 -50.44 61.33 -12.57
C THR L 347 -50.42 59.82 -12.61
N LEU L 348 -51.21 59.21 -11.74
CA LEU L 348 -51.52 57.79 -11.79
C LEU L 348 -52.93 57.62 -12.35
N VAL L 349 -53.07 56.79 -13.37
CA VAL L 349 -54.34 56.59 -14.06
C VAL L 349 -54.50 55.11 -14.35
N LEU L 350 -55.71 54.59 -14.11
CA LEU L 350 -55.97 53.20 -14.43
C LEU L 350 -56.07 53.02 -15.95
N ASP L 351 -56.07 51.76 -16.38
CA ASP L 351 -56.00 51.43 -17.80
C ASP L 351 -56.78 50.15 -18.04
N PHE L 352 -57.11 49.93 -19.31
CA PHE L 352 -57.86 48.76 -19.76
C PHE L 352 -57.00 47.93 -20.71
N ASP L 353 -55.76 47.65 -20.30
CA ASP L 353 -54.81 46.93 -21.15
C ASP L 353 -55.35 45.56 -21.57
N ASP L 354 -56.27 44.98 -20.81
CA ASP L 354 -56.92 43.72 -21.16
C ASP L 354 -58.40 43.88 -20.84
N GLY L 355 -59.13 42.76 -20.83
CA GLY L 355 -60.56 42.79 -20.54
C GLY L 355 -60.90 43.30 -19.15
N ASP L 356 -59.93 43.36 -18.24
CA ASP L 356 -60.11 43.93 -16.92
C ASP L 356 -59.53 45.35 -16.90
N VAL L 357 -59.71 46.02 -15.76
CA VAL L 357 -59.10 47.31 -15.51
C VAL L 357 -57.79 47.08 -14.76
N ILE L 358 -56.71 47.66 -15.28
CA ILE L 358 -55.36 47.38 -14.79
C ILE L 358 -54.69 48.71 -14.45
N ILE L 359 -53.95 48.72 -13.36
CA ILE L 359 -53.17 49.89 -12.97
C ILE L 359 -52.01 50.05 -13.96
N VAL L 360 -51.81 51.28 -14.43
CA VAL L 360 -50.83 51.47 -15.48
C VAL L 360 -49.41 51.39 -14.95
N ASP L 361 -49.12 52.04 -13.82
CA ASP L 361 -47.73 52.24 -13.41
C ASP L 361 -47.70 52.53 -11.91
N ASP L 362 -46.48 52.70 -11.38
CA ASP L 362 -46.23 52.91 -9.97
C ASP L 362 -45.97 54.38 -9.64
N VAL L 363 -46.29 55.29 -10.57
CA VAL L 363 -45.80 56.66 -10.48
C VAL L 363 -46.50 57.41 -9.35
N ASN L 364 -45.88 58.51 -8.93
CA ASN L 364 -46.45 59.46 -7.98
C ASN L 364 -46.37 60.86 -8.58
N THR L 365 -46.94 61.84 -7.88
CA THR L 365 -46.92 63.21 -8.38
C THR L 365 -45.52 63.78 -8.46
N PHE L 366 -44.60 63.27 -7.63
CA PHE L 366 -43.24 63.82 -7.65
C PHE L 366 -42.55 63.61 -8.98
N LYS L 367 -42.89 62.53 -9.71
CA LYS L 367 -42.08 62.04 -10.83
C LYS L 367 -41.78 63.10 -11.89
N LYS L 368 -42.50 64.22 -11.89
CA LYS L 368 -42.19 65.33 -12.78
C LYS L 368 -40.73 65.79 -12.66
N TYR L 369 -40.13 65.69 -11.48
CA TYR L 369 -38.72 66.00 -11.29
C TYR L 369 -37.93 64.71 -11.16
N VAL L 370 -36.63 64.79 -11.40
CA VAL L 370 -35.86 63.64 -11.88
C VAL L 370 -34.72 63.23 -10.94
N ASP L 371 -33.74 64.10 -10.75
CA ASP L 371 -32.38 63.64 -10.46
C ASP L 371 -32.04 63.63 -8.97
N ASP L 372 -32.21 64.75 -8.27
CA ASP L 372 -31.82 64.76 -6.85
C ASP L 372 -32.65 63.73 -6.07
N LYS L 373 -33.96 63.92 -5.97
CA LYS L 373 -34.81 62.84 -5.52
C LYS L 373 -34.94 61.91 -6.72
N ASN L 374 -34.29 60.75 -6.66
CA ASN L 374 -34.00 60.00 -7.88
C ASN L 374 -35.29 59.52 -8.54
N GLU L 375 -35.13 58.97 -9.75
CA GLU L 375 -36.29 58.55 -10.52
C GLU L 375 -37.04 57.43 -9.83
N ALA L 376 -36.33 56.60 -9.05
CA ALA L 376 -37.02 55.57 -8.29
C ALA L 376 -37.93 56.19 -7.23
N MET L 377 -37.57 57.37 -6.71
CA MET L 377 -38.47 58.07 -5.80
C MET L 377 -39.77 58.45 -6.47
N GLY L 378 -39.76 58.60 -7.80
CA GLY L 378 -40.99 58.82 -8.54
C GLY L 378 -41.96 57.65 -8.47
N TYR L 379 -41.49 56.48 -8.06
CA TYR L 379 -42.32 55.30 -7.93
C TYR L 379 -42.71 55.09 -6.47
N ILE L 380 -43.97 54.68 -6.27
CA ILE L 380 -44.54 54.60 -4.93
C ILE L 380 -43.86 53.51 -4.11
N SER L 381 -43.47 52.42 -4.76
CA SER L 381 -42.88 51.29 -4.03
C SER L 381 -41.60 51.70 -3.32
N ASN L 382 -40.76 52.51 -3.98
CA ASN L 382 -39.54 52.99 -3.35
C ASN L 382 -39.86 53.85 -2.14
N ILE L 383 -40.88 54.70 -2.23
CA ILE L 383 -41.26 55.53 -1.10
C ILE L 383 -41.76 54.67 0.06
N MET L 384 -42.51 53.62 -0.25
CA MET L 384 -42.96 52.72 0.80
C MET L 384 -41.76 52.04 1.45
N PHE L 385 -40.78 51.66 0.65
CA PHE L 385 -39.56 51.05 1.19
C PHE L 385 -38.83 52.02 2.12
N ILE L 386 -38.64 53.26 1.68
CA ILE L 386 -37.91 54.24 2.47
C ILE L 386 -38.66 54.54 3.76
N ASN L 387 -39.98 54.68 3.67
CA ASN L 387 -40.78 54.93 4.86
C ASN L 387 -40.70 53.76 5.83
N THR L 388 -40.68 52.53 5.31
CA THR L 388 -40.56 51.37 6.17
C THR L 388 -39.20 51.34 6.87
N ILE L 389 -38.13 51.67 6.14
CA ILE L 389 -36.81 51.70 6.76
C ILE L 389 -36.77 52.77 7.83
N ASN L 390 -37.30 53.95 7.54
CA ASN L 390 -37.36 55.01 8.52
C ASN L 390 -38.17 54.61 9.73
N LYS L 391 -39.28 53.89 9.52
CA LYS L 391 -40.13 53.48 10.62
C LYS L 391 -39.43 52.46 11.51
N ASP L 392 -38.79 51.46 10.91
CA ASP L 392 -38.08 50.46 11.71
C ASP L 392 -36.91 51.08 12.44
N THR L 393 -36.23 52.03 11.81
CA THR L 393 -35.14 52.73 12.44
C THR L 393 -35.62 53.57 13.62
N SER L 394 -36.71 54.31 13.41
CA SER L 394 -37.33 55.07 14.48
C SER L 394 -38.01 54.17 15.50
N LEU L 395 -38.15 52.89 15.21
CA LEU L 395 -38.48 51.92 16.26
C LEU L 395 -37.24 51.58 17.07
N LYS L 396 -36.11 51.44 16.39
CA LYS L 396 -34.84 51.17 17.08
C LYS L 396 -34.41 52.31 17.98
N ARG L 397 -34.98 53.52 17.79
CA ARG L 397 -34.57 54.65 18.61
C ARG L 397 -34.71 54.30 20.08
N LYS L 398 -35.86 53.75 20.47
CA LYS L 398 -36.17 53.47 21.86
C LYS L 398 -35.30 52.35 22.40
N GLU L 399 -34.85 51.45 21.54
CA GLU L 399 -33.92 50.42 21.98
C GLU L 399 -32.56 51.01 22.29
N PHE L 400 -32.11 52.00 21.50
CA PHE L 400 -30.74 52.49 21.60
C PHE L 400 -30.57 53.87 22.21
N VAL L 401 -31.55 54.76 22.10
CA VAL L 401 -31.36 56.10 22.61
C VAL L 401 -31.45 56.08 24.13
N GLY L 402 -30.47 56.69 24.79
CA GLY L 402 -30.50 56.80 26.23
C GLY L 402 -30.30 55.50 26.97
N LYS L 403 -29.70 54.50 26.31
CA LYS L 403 -29.56 53.18 26.91
C LYS L 403 -28.21 52.52 26.61
N ILE L 404 -27.29 53.21 25.95
CA ILE L 404 -25.97 52.65 25.65
C ILE L 404 -24.99 53.80 25.47
N PHE L 405 -23.73 53.56 25.84
CA PHE L 405 -22.87 54.62 26.34
C PHE L 405 -22.08 55.38 25.29
N ASN L 406 -22.36 55.22 23.99
CA ASN L 406 -21.64 55.94 22.94
C ASN L 406 -20.18 55.51 22.79
N ASP L 407 -19.73 54.53 23.56
CA ASP L 407 -18.36 54.05 23.42
C ASP L 407 -18.27 53.21 22.14
N ALA L 408 -17.10 52.64 21.89
CA ALA L 408 -16.94 51.78 20.72
C ALA L 408 -17.88 50.58 20.81
N THR L 409 -18.11 50.08 22.02
CA THR L 409 -19.00 48.94 22.19
C THR L 409 -20.42 49.28 21.80
N GLY L 410 -20.93 50.43 22.25
CA GLY L 410 -22.29 50.81 21.91
C GLY L 410 -22.46 51.05 20.42
N GLN L 411 -21.50 51.75 19.81
CA GLN L 411 -21.55 51.98 18.37
C GLN L 411 -21.53 50.65 17.61
N THR L 412 -20.66 49.73 18.05
CA THR L 412 -20.59 48.42 17.41
C THR L 412 -21.90 47.66 17.56
N THR L 413 -22.52 47.73 18.73
CA THR L 413 -23.79 47.05 18.94
C THR L 413 -24.88 47.62 18.04
N VAL L 414 -24.94 48.95 17.93
CA VAL L 414 -25.92 49.58 17.06
C VAL L 414 -25.71 49.17 15.61
N ILE L 415 -24.44 49.20 15.17
CA ILE L 415 -24.12 48.85 13.79
C ILE L 415 -24.45 47.39 13.54
N CYS L 416 -24.17 46.52 14.51
CA CYS L 416 -24.45 45.11 14.36
C CYS L 416 -25.96 44.86 14.26
N ALA L 417 -26.76 45.57 15.06
CA ALA L 417 -28.20 45.41 14.98
C ALA L 417 -28.74 45.87 13.64
N LEU L 418 -28.26 47.03 13.16
CA LEU L 418 -28.70 47.51 11.86
C LEU L 418 -28.24 46.58 10.75
N LYS L 419 -27.05 46.02 10.88
CA LYS L 419 -26.56 45.05 9.90
C LYS L 419 -27.43 43.80 9.90
N LYS L 420 -27.83 43.34 11.08
CA LYS L 420 -28.72 42.18 11.15
C LYS L 420 -30.05 42.48 10.49
N TYR L 421 -30.59 43.67 10.70
CA TYR L 421 -31.84 44.05 10.05
C TYR L 421 -31.69 44.06 8.53
N PHE L 422 -30.62 44.70 8.04
CA PHE L 422 -30.42 44.77 6.60
C PHE L 422 -30.12 43.39 6.01
N GLU L 423 -29.49 42.51 6.78
CA GLU L 423 -29.27 41.15 6.31
C GLU L 423 -30.57 40.36 6.27
N GLU L 424 -31.48 40.65 7.20
CA GLU L 424 -32.82 40.08 7.12
C GLU L 424 -33.51 40.55 5.84
N LEU L 425 -33.34 41.82 5.50
CA LEU L 425 -33.89 42.33 4.24
C LEU L 425 -33.25 41.63 3.05
N MET L 426 -31.93 41.42 3.11
CA MET L 426 -31.24 40.72 2.04
C MET L 426 -31.76 39.30 1.88
N SER L 427 -32.03 38.62 2.99
CA SER L 427 -32.54 37.26 2.94
C SER L 427 -33.89 37.20 2.22
N GLN L 428 -34.72 38.23 2.42
CA GLN L 428 -35.97 38.34 1.67
C GLN L 428 -35.77 38.68 0.20
N GLY L 429 -34.54 39.05 -0.19
CA GLY L 429 -34.25 39.38 -1.57
C GLY L 429 -34.64 40.79 -1.97
N ILE L 430 -35.18 41.58 -1.06
CA ILE L 430 -35.65 42.92 -1.40
C ILE L 430 -34.48 43.80 -1.83
N ILE L 431 -33.33 43.61 -1.19
CA ILE L 431 -32.13 44.38 -1.47
C ILE L 431 -31.14 43.48 -2.19
N SER L 432 -30.57 44.00 -3.28
CA SER L 432 -29.54 43.26 -4.01
C SER L 432 -28.14 43.50 -3.44
N GLU L 433 -27.90 44.67 -2.88
CA GLU L 433 -26.60 45.00 -2.32
C GLU L 433 -26.80 46.10 -1.27
N PHE L 434 -25.97 46.07 -0.23
CA PHE L 434 -26.00 47.11 0.78
C PHE L 434 -24.69 47.14 1.53
N ASN L 435 -24.43 48.26 2.18
CA ASN L 435 -23.44 48.37 3.22
C ASN L 435 -23.90 49.43 4.20
N VAL L 436 -23.62 49.20 5.49
CA VAL L 436 -23.97 50.14 6.55
C VAL L 436 -22.77 50.29 7.46
N ASP L 437 -22.39 51.54 7.73
CA ASP L 437 -21.16 51.83 8.46
C ASP L 437 -21.32 53.14 9.21
N ILE L 438 -20.41 53.36 10.16
CA ILE L 438 -20.40 54.61 10.91
C ILE L 438 -20.05 55.75 9.97
N ASP L 439 -20.69 56.90 10.19
CA ASP L 439 -20.46 58.09 9.37
C ASP L 439 -19.31 58.86 10.00
N THR L 440 -18.10 58.34 9.77
CA THR L 440 -16.92 58.88 10.44
C THR L 440 -16.69 60.34 10.10
N GLU L 441 -17.14 60.79 8.93
CA GLU L 441 -17.06 62.21 8.59
C GLU L 441 -17.87 63.04 9.58
N LEU L 442 -19.14 62.69 9.78
CA LEU L 442 -19.97 63.41 10.74
C LEU L 442 -19.70 62.96 12.17
N GLN L 443 -19.24 61.73 12.37
CA GLN L 443 -18.90 61.28 13.72
C GLN L 443 -17.73 62.06 14.30
N ALA L 444 -16.80 62.50 13.45
CA ALA L 444 -15.72 63.35 13.93
C ALA L 444 -16.26 64.67 14.47
N THR L 445 -17.23 65.25 13.77
CA THR L 445 -17.88 66.48 14.21
C THR L 445 -19.01 66.23 15.21
N ALA L 446 -19.37 64.98 15.47
CA ALA L 446 -20.48 64.69 16.36
C ALA L 446 -20.15 65.10 17.78
N LYS L 447 -21.16 65.62 18.47
CA LYS L 447 -21.04 65.86 19.89
C LYS L 447 -21.00 64.52 20.63
N ALA L 448 -20.45 64.54 21.84
CA ALA L 448 -20.17 63.31 22.56
C ALA L 448 -21.43 62.52 22.88
N ASP L 449 -22.59 63.17 22.97
CA ASP L 449 -23.85 62.52 23.34
C ASP L 449 -24.68 62.12 22.13
N GLU L 450 -24.07 61.99 20.96
CA GLU L 450 -24.80 61.66 19.74
C GLU L 450 -23.96 60.75 18.84
N PHE L 451 -24.63 60.21 17.83
CA PHE L 451 -24.05 59.20 16.93
C PHE L 451 -24.53 59.47 15.52
N TYR L 452 -23.64 59.30 14.55
CA TYR L 452 -23.94 59.42 13.13
C TYR L 452 -23.55 58.13 12.42
N TRP L 453 -24.33 57.75 11.41
CA TRP L 453 -24.10 56.49 10.71
C TRP L 453 -24.63 56.65 9.30
N LYS L 454 -24.10 55.83 8.39
CA LYS L 454 -24.43 55.90 6.98
C LYS L 454 -24.73 54.49 6.47
N TRP L 455 -25.54 54.43 5.42
CA TRP L 455 -25.82 53.16 4.77
C TRP L 455 -26.18 53.38 3.31
N ASP L 456 -25.69 52.49 2.46
CA ASP L 456 -26.09 52.41 1.06
C ASP L 456 -26.81 51.10 0.82
N ALA L 457 -27.70 51.10 -0.17
CA ALA L 457 -28.47 49.92 -0.50
C ALA L 457 -28.85 49.97 -1.97
N VAL L 458 -29.34 48.84 -2.46
CA VAL L 458 -29.86 48.74 -3.83
C VAL L 458 -31.13 47.90 -3.77
N LYS L 459 -32.28 48.56 -3.82
CA LYS L 459 -33.55 47.84 -3.85
C LYS L 459 -33.62 47.00 -5.13
N VAL L 460 -34.20 45.81 -5.00
CA VAL L 460 -34.34 44.94 -6.16
C VAL L 460 -35.48 45.47 -7.01
N ASP L 461 -35.27 45.55 -8.32
CA ASP L 461 -36.23 46.17 -9.21
C ASP L 461 -37.33 45.17 -9.58
N VAL L 462 -38.18 45.56 -10.52
CA VAL L 462 -39.25 44.71 -11.05
C VAL L 462 -39.38 45.05 -12.53
N MET L 463 -39.73 44.06 -13.36
CA MET L 463 -40.01 44.35 -14.75
C MET L 463 -41.23 45.24 -14.87
N LYS L 464 -41.01 46.45 -15.39
CA LYS L 464 -42.08 47.28 -15.94
C LYS L 464 -42.13 47.17 -17.46
N LYS L 465 -40.96 47.19 -18.11
CA LYS L 465 -40.85 47.08 -19.56
C LYS L 465 -40.19 45.76 -19.90
N ILE L 466 -40.62 45.12 -20.98
CA ILE L 466 -39.93 43.93 -21.50
C ILE L 466 -39.97 43.98 -23.02
N TYR L 467 -38.88 43.55 -23.64
CA TYR L 467 -38.74 43.58 -25.09
C TYR L 467 -38.23 42.23 -25.57
N GLY L 468 -38.80 41.76 -26.68
CA GLY L 468 -38.38 40.51 -27.28
C GLY L 468 -38.14 40.68 -28.76
N THR L 469 -37.17 39.91 -29.26
CA THR L 469 -36.79 39.92 -30.67
C THR L 469 -36.75 38.49 -31.15
N GLY L 470 -37.31 38.26 -32.34
CA GLY L 470 -37.51 36.92 -32.85
C GLY L 470 -36.71 36.63 -34.11
N TYR L 471 -36.24 35.40 -34.22
CA TYR L 471 -35.55 34.89 -35.39
C TYR L 471 -36.25 33.62 -35.86
N LEU L 472 -36.41 33.49 -37.17
CA LEU L 472 -37.04 32.33 -37.79
C LEU L 472 -36.17 31.77 -38.91
N GLU M 13 12.56 -15.83 -74.06
CA GLU M 13 12.00 -16.49 -75.27
C GLU M 13 10.80 -15.71 -75.79
N ILE M 14 10.24 -16.15 -76.90
CA ILE M 14 9.04 -15.54 -77.46
C ILE M 14 7.87 -15.89 -76.56
N PRO M 15 6.80 -15.11 -76.51
CA PRO M 15 5.65 -15.49 -75.70
C PRO M 15 4.99 -16.76 -76.22
N GLY M 16 4.48 -17.55 -75.28
CA GLY M 16 3.89 -18.83 -75.59
C GLY M 16 3.85 -19.69 -74.35
N PHE M 17 3.41 -20.95 -74.53
CA PHE M 17 3.23 -21.88 -73.42
C PHE M 17 4.01 -23.13 -73.83
N TYR M 18 5.29 -23.20 -73.51
CA TYR M 18 6.16 -24.24 -74.07
C TYR M 18 6.49 -25.29 -73.03
N ASN M 19 5.94 -26.49 -73.24
CA ASN M 19 6.15 -27.62 -72.35
C ASN M 19 7.52 -28.24 -72.60
N ARG M 20 8.09 -28.80 -71.53
CA ARG M 20 9.36 -29.54 -71.62
C ARG M 20 9.27 -30.69 -70.63
N PHE M 21 8.91 -31.87 -71.14
CA PHE M 21 8.58 -33.00 -70.28
C PHE M 21 9.83 -33.70 -69.77
N LYS M 22 9.77 -34.14 -68.51
CA LYS M 22 10.93 -34.60 -67.77
C LYS M 22 10.61 -35.87 -66.98
N THR M 23 9.89 -36.80 -67.61
CA THR M 23 9.70 -38.13 -67.04
C THR M 23 10.91 -39.00 -67.37
N GLN M 24 12.11 -38.64 -66.90
CA GLN M 24 13.22 -39.57 -67.19
C GLN M 24 13.39 -40.58 -66.03
N ALA M 25 13.40 -40.19 -64.75
CA ALA M 25 13.59 -41.15 -63.67
C ALA M 25 12.50 -40.98 -62.62
N GLU M 26 11.24 -41.02 -63.08
CA GLU M 26 10.12 -40.68 -62.22
C GLU M 26 10.09 -41.54 -60.97
N LYS M 27 9.99 -42.86 -61.12
CA LYS M 27 10.12 -43.78 -59.99
C LYS M 27 10.89 -45.02 -60.41
N SER M 28 11.95 -44.84 -61.20
CA SER M 28 12.82 -45.92 -61.64
C SER M 28 14.09 -46.01 -60.80
N THR M 29 13.98 -45.70 -59.51
CA THR M 29 15.13 -45.53 -58.62
C THR M 29 15.05 -46.52 -57.46
N ASN M 30 16.22 -46.93 -56.98
CA ASN M 30 16.34 -47.76 -55.78
C ASN M 30 17.61 -47.34 -55.04
N THR M 31 17.65 -47.66 -53.74
CA THR M 31 18.69 -47.20 -52.84
C THR M 31 19.48 -48.36 -52.24
N GLY M 32 19.66 -49.43 -53.00
CA GLY M 32 20.30 -50.64 -52.49
C GLY M 32 21.81 -50.70 -52.74
N LEU M 33 22.43 -49.57 -53.06
CA LEU M 33 23.84 -49.53 -53.42
C LEU M 33 24.53 -48.36 -52.76
N LYS M 34 25.83 -48.49 -52.55
CA LYS M 34 26.64 -47.46 -51.90
C LYS M 34 28.10 -47.77 -52.11
N GLY M 35 28.94 -46.77 -51.90
CA GLY M 35 30.38 -46.95 -51.85
C GLY M 35 31.03 -46.96 -53.22
N ARG M 36 32.35 -46.78 -53.22
CA ARG M 36 33.16 -46.84 -54.41
C ARG M 36 34.50 -47.50 -54.08
N LEU M 37 35.04 -48.22 -55.05
CA LEU M 37 36.20 -49.08 -54.86
C LEU M 37 37.21 -48.86 -55.98
N ALA M 38 38.49 -49.02 -55.62
CA ALA M 38 39.60 -48.96 -56.56
C ALA M 38 40.02 -50.37 -56.97
N MET M 39 40.51 -50.49 -58.21
CA MET M 39 40.82 -51.79 -58.80
C MET M 39 41.90 -51.63 -59.86
N PRO M 40 43.15 -51.96 -59.54
CA PRO M 40 44.11 -52.31 -60.60
C PRO M 40 43.80 -53.71 -61.11
N ILE M 41 43.74 -53.86 -62.43
CA ILE M 41 43.29 -55.10 -63.05
C ILE M 41 44.15 -55.42 -64.27
N ARG M 42 44.38 -56.72 -64.47
CA ARG M 42 44.90 -57.24 -65.73
C ARG M 42 43.72 -57.67 -66.59
N ALA M 43 43.72 -57.26 -67.86
CA ALA M 43 42.59 -57.50 -68.74
C ALA M 43 43.07 -57.78 -70.15
N ASN M 44 42.36 -58.69 -70.83
CA ASN M 44 42.57 -58.91 -72.26
C ASN M 44 41.97 -57.82 -73.12
N TRP M 45 40.97 -57.11 -72.61
CA TRP M 45 40.20 -56.14 -73.39
C TRP M 45 39.93 -54.91 -72.53
N GLY M 46 39.73 -53.79 -73.19
CA GLY M 46 39.30 -52.56 -72.56
C GLY M 46 40.37 -51.47 -72.61
N ASP M 47 39.98 -50.31 -72.09
CA ASP M 47 40.85 -49.15 -72.12
C ASP M 47 42.10 -49.39 -71.27
N VAL M 48 43.17 -48.67 -71.63
CA VAL M 48 44.48 -48.82 -71.02
C VAL M 48 44.98 -47.46 -70.57
N GLY M 49 45.59 -47.42 -69.38
CA GLY M 49 46.23 -46.22 -68.90
C GLY M 49 45.30 -45.16 -68.34
N LYS M 50 44.05 -45.51 -68.05
CA LYS M 50 43.09 -44.57 -67.50
C LYS M 50 42.28 -45.25 -66.39
N VAL M 51 41.83 -44.44 -65.44
CA VAL M 51 41.01 -44.90 -64.33
C VAL M 51 39.55 -44.65 -64.73
N VAL M 52 38.83 -45.73 -65.03
CA VAL M 52 37.47 -45.66 -65.55
C VAL M 52 36.50 -46.13 -64.47
N THR M 53 35.41 -45.39 -64.30
CA THR M 53 34.36 -45.76 -63.35
C THR M 53 33.36 -46.68 -64.02
N ILE M 54 32.95 -47.72 -63.30
CA ILE M 54 31.99 -48.71 -63.77
C ILE M 54 30.78 -48.69 -62.86
N LYS M 55 29.61 -48.48 -63.43
CA LYS M 55 28.37 -48.62 -62.69
C LYS M 55 28.11 -50.11 -62.42
N ASN M 56 27.27 -50.36 -61.41
CA ASN M 56 27.18 -51.71 -60.85
C ASN M 56 26.61 -52.75 -61.82
N ASP M 57 26.05 -52.34 -62.96
CA ASP M 57 25.63 -53.32 -63.95
C ASP M 57 26.85 -54.05 -64.51
N LEU M 58 26.87 -55.37 -64.35
CA LEU M 58 27.99 -56.16 -64.87
C LEU M 58 28.07 -56.12 -66.39
N ARG M 59 26.96 -55.81 -67.07
CA ARG M 59 26.98 -55.64 -68.52
C ARG M 59 27.96 -54.55 -68.92
N GLN M 60 28.06 -53.49 -68.11
CA GLN M 60 29.05 -52.45 -68.38
C GLN M 60 30.46 -53.00 -68.28
N LEU M 61 30.74 -53.80 -67.24
CA LEU M 61 32.04 -54.44 -67.11
C LEU M 61 32.31 -55.36 -68.30
N LYS M 62 31.32 -56.16 -68.67
CA LYS M 62 31.47 -57.10 -69.77
C LYS M 62 31.77 -56.37 -71.07
N ASN M 63 31.10 -55.24 -71.30
CA ASN M 63 31.32 -54.47 -72.51
C ASN M 63 32.70 -53.82 -72.52
N LEU M 64 33.07 -53.17 -71.41
CA LEU M 64 34.25 -52.32 -71.39
C LEU M 64 35.54 -53.05 -71.08
N PHE M 65 35.48 -54.30 -70.61
CA PHE M 65 36.70 -55.05 -70.33
C PHE M 65 36.58 -56.54 -70.68
N GLY M 66 35.57 -56.94 -71.44
CA GLY M 66 35.44 -58.32 -71.85
C GLY M 66 34.83 -59.18 -70.76
N ASP M 67 34.71 -60.47 -71.08
CA ASP M 67 34.05 -61.45 -70.23
C ASP M 67 34.92 -62.68 -70.01
N ASP M 68 36.23 -62.50 -69.98
CA ASP M 68 37.17 -63.60 -69.82
C ASP M 68 37.50 -63.76 -68.34
N MET M 69 37.15 -64.92 -67.78
CA MET M 69 37.42 -65.20 -66.37
C MET M 69 38.86 -65.62 -66.11
N ASN M 70 39.66 -65.82 -67.16
CA ASN M 70 41.08 -66.12 -66.97
C ASN M 70 41.86 -64.92 -66.45
N TYR M 71 41.27 -63.73 -66.44
CA TYR M 71 41.96 -62.49 -66.12
C TYR M 71 41.37 -61.89 -64.85
N SER M 72 42.22 -61.18 -64.11
CA SER M 72 41.78 -60.57 -62.86
C SER M 72 40.63 -59.60 -63.07
N ALA M 73 40.60 -58.93 -64.23
CA ALA M 73 39.63 -57.88 -64.49
C ALA M 73 38.20 -58.36 -64.34
N PHE M 74 37.75 -59.29 -65.19
CA PHE M 74 36.35 -59.68 -65.17
C PHE M 74 35.99 -60.40 -63.88
N LYS M 75 36.86 -61.29 -63.40
CA LYS M 75 36.54 -62.07 -62.21
C LYS M 75 36.41 -61.17 -60.98
N LEU M 76 37.42 -60.34 -60.72
CA LEU M 76 37.36 -59.46 -59.57
C LEU M 76 36.30 -58.39 -59.75
N GLY M 77 36.03 -57.96 -60.97
CA GLY M 77 34.93 -57.05 -61.20
C GLY M 77 33.60 -57.66 -60.85
N LYS M 78 33.36 -58.91 -61.27
CA LYS M 78 32.12 -59.58 -60.91
C LYS M 78 31.99 -59.72 -59.40
N LEU M 79 33.09 -60.08 -58.72
CA LEU M 79 33.03 -60.19 -57.27
C LEU M 79 32.71 -58.85 -56.63
N ALA M 80 33.32 -57.77 -57.11
CA ALA M 80 33.05 -56.45 -56.54
C ALA M 80 31.61 -56.03 -56.79
N LEU M 81 31.11 -56.26 -58.00
CA LEU M 81 29.74 -55.89 -58.33
C LEU M 81 28.74 -56.67 -57.48
N LEU M 82 29.00 -57.96 -57.26
CA LEU M 82 28.20 -58.73 -56.31
C LEU M 82 28.38 -58.22 -54.89
N GLY M 83 29.48 -57.52 -54.61
CA GLY M 83 29.61 -56.79 -53.37
C GLY M 83 28.72 -55.55 -53.27
N ASN M 84 28.04 -55.20 -54.37
CA ASN M 84 27.02 -54.15 -54.36
C ASN M 84 27.64 -52.76 -54.17
N VAL M 85 28.76 -52.50 -54.84
CA VAL M 85 29.36 -51.18 -54.83
C VAL M 85 28.61 -50.29 -55.80
N LYS M 86 28.38 -49.04 -55.40
CA LYS M 86 27.64 -48.12 -56.25
C LYS M 86 28.38 -47.85 -57.55
N GLU M 87 29.68 -47.64 -57.49
CA GLU M 87 30.50 -47.38 -58.66
C GLU M 87 31.87 -48.01 -58.47
N LEU M 88 32.25 -48.88 -59.39
CA LEU M 88 33.51 -49.60 -59.33
C LEU M 88 34.51 -48.96 -60.28
N LEU M 89 35.64 -48.49 -59.75
CA LEU M 89 36.65 -47.79 -60.53
C LEU M 89 37.79 -48.76 -60.84
N LEU M 90 38.08 -48.92 -62.13
CA LEU M 90 39.04 -49.89 -62.61
C LEU M 90 40.22 -49.19 -63.28
N TYR M 91 41.32 -49.93 -63.41
CA TYR M 91 42.49 -49.46 -64.14
C TYR M 91 43.19 -50.67 -64.75
N ARG M 92 43.36 -50.67 -66.07
CA ARG M 92 43.95 -51.80 -66.76
C ARG M 92 45.47 -51.72 -66.66
N LEU M 93 46.08 -52.78 -66.12
CA LEU M 93 47.52 -52.86 -65.99
C LEU M 93 48.10 -53.57 -67.21
N VAL M 94 49.22 -53.05 -67.71
CA VAL M 94 49.87 -53.59 -68.90
C VAL M 94 51.37 -53.40 -68.77
N ASP M 95 52.11 -54.23 -69.50
CA ASP M 95 53.50 -53.95 -69.82
C ASP M 95 53.54 -53.06 -71.06
N GLY M 96 54.63 -52.29 -71.19
CA GLY M 96 54.74 -51.35 -72.30
C GLY M 96 54.61 -51.98 -73.67
N ASN M 97 54.99 -53.24 -73.80
CA ASN M 97 54.85 -53.95 -75.07
C ASN M 97 53.41 -54.26 -75.43
N GLN M 98 52.46 -54.08 -74.51
CA GLN M 98 51.08 -54.45 -74.75
C GLN M 98 50.50 -53.62 -75.89
N LYS M 99 49.72 -54.26 -76.76
CA LYS M 99 49.47 -53.76 -78.11
C LYS M 99 48.07 -54.13 -78.59
N LYS M 100 47.61 -53.39 -79.59
CA LYS M 100 46.34 -53.64 -80.27
C LYS M 100 46.53 -54.63 -81.41
N GLY M 101 45.50 -55.44 -81.63
CA GLY M 101 45.45 -56.26 -82.82
C GLY M 101 45.16 -55.42 -84.06
N THR M 102 45.61 -55.90 -85.21
CA THR M 102 45.52 -55.13 -86.44
C THR M 102 45.38 -56.06 -87.64
N LEU M 103 44.70 -55.56 -88.67
CA LEU M 103 44.56 -56.25 -89.95
C LEU M 103 44.55 -55.19 -91.05
N THR M 104 45.00 -55.59 -92.24
CA THR M 104 45.09 -54.69 -93.38
C THR M 104 44.33 -55.30 -94.56
N LEU M 105 43.74 -54.42 -95.36
CA LEU M 105 42.98 -54.79 -96.55
C LEU M 105 43.62 -54.17 -97.77
N LYS M 106 43.39 -54.78 -98.93
CA LYS M 106 44.02 -54.40 -100.18
C LYS M 106 43.00 -54.47 -101.30
N ASP M 107 43.26 -53.69 -102.35
CA ASP M 107 42.40 -53.67 -103.52
C ASP M 107 42.77 -54.80 -104.49
N THR M 108 41.88 -55.01 -105.47
CA THR M 108 42.07 -56.04 -106.49
C THR M 108 41.93 -55.53 -107.92
N THR M 109 41.48 -54.29 -108.12
CA THR M 109 41.33 -53.77 -109.48
C THR M 109 42.68 -53.69 -110.18
N GLU M 110 43.72 -53.24 -109.48
CA GLU M 110 45.05 -53.10 -110.04
C GLU M 110 45.85 -54.38 -109.85
N ASN M 111 46.67 -54.72 -110.85
CA ASN M 111 47.55 -55.88 -110.73
C ASN M 111 48.52 -55.70 -109.57
N SER M 112 49.11 -54.52 -109.46
CA SER M 112 49.94 -54.16 -108.30
C SER M 112 49.01 -53.65 -107.21
N ALA M 113 48.45 -54.60 -106.45
CA ALA M 113 47.47 -54.27 -105.44
C ALA M 113 48.09 -53.40 -104.35
N LYS M 114 47.31 -52.42 -103.87
CA LYS M 114 47.76 -51.43 -102.91
C LYS M 114 46.87 -51.49 -101.68
N ASP M 115 47.48 -51.40 -100.51
CA ASP M 115 46.71 -51.37 -99.26
C ASP M 115 45.89 -50.10 -99.19
N VAL M 116 44.62 -50.25 -98.86
CA VAL M 116 43.67 -49.14 -98.87
C VAL M 116 42.90 -48.98 -97.57
N ILE M 117 42.75 -50.03 -96.77
CA ILE M 117 42.07 -49.96 -95.47
C ILE M 117 42.84 -50.79 -94.47
N LYS M 118 42.94 -50.29 -93.24
CA LYS M 118 43.50 -51.03 -92.12
C LYS M 118 42.46 -51.08 -91.00
N LEU M 119 42.35 -52.26 -90.39
CA LEU M 119 41.43 -52.50 -89.28
C LEU M 119 42.25 -52.76 -88.02
N GLU M 120 41.90 -52.07 -86.94
CA GLU M 120 42.60 -52.20 -85.66
C GLU M 120 41.57 -52.28 -84.55
N THR M 121 41.83 -53.14 -83.57
CA THR M 121 40.91 -53.30 -82.44
C THR M 121 40.77 -51.98 -81.69
N LYS M 122 39.55 -51.68 -81.26
CA LYS M 122 39.29 -50.41 -80.59
C LYS M 122 40.07 -50.29 -79.28
N TYR M 123 40.35 -51.42 -78.64
CA TYR M 123 41.10 -51.47 -77.40
C TYR M 123 42.28 -52.42 -77.55
N PRO M 124 43.36 -52.21 -76.80
CA PRO M 124 44.48 -53.16 -76.86
C PRO M 124 44.06 -54.55 -76.37
N THR M 125 44.58 -55.57 -77.04
CA THR M 125 44.20 -56.95 -76.76
C THR M 125 45.15 -57.87 -77.52
N ALA M 126 44.89 -59.17 -77.39
CA ALA M 126 45.49 -60.19 -78.24
C ALA M 126 44.48 -61.23 -78.69
N ARG M 127 43.19 -60.99 -78.50
CA ARG M 127 42.18 -61.97 -78.85
C ARG M 127 42.07 -62.12 -80.35
N ASN M 128 41.42 -63.21 -80.77
CA ASN M 128 41.30 -63.56 -82.18
C ASN M 128 40.04 -62.93 -82.78
N PHE M 129 40.00 -61.60 -82.74
CA PHE M 129 38.95 -60.88 -83.45
C PHE M 129 39.19 -61.01 -84.95
N ASN M 130 38.21 -61.56 -85.65
CA ASN M 130 38.35 -61.94 -87.05
C ASN M 130 37.39 -61.15 -87.93
N VAL M 131 37.73 -61.08 -89.21
CA VAL M 131 36.98 -60.30 -90.19
C VAL M 131 36.86 -61.10 -91.47
N THR M 132 35.73 -60.94 -92.16
CA THR M 132 35.46 -61.58 -93.44
C THR M 132 34.95 -60.54 -94.43
N ILE M 133 35.46 -60.60 -95.66
CA ILE M 133 35.00 -59.77 -96.76
C ILE M 133 34.73 -60.69 -97.94
N LYS M 134 33.56 -60.53 -98.55
CA LYS M 134 33.14 -61.39 -99.66
C LYS M 134 32.34 -60.56 -100.65
N SER M 135 32.23 -61.08 -101.87
CA SER M 135 31.48 -60.40 -102.91
C SER M 135 30.00 -60.36 -102.55
N ASN M 136 29.39 -59.18 -102.71
CA ASN M 136 27.96 -59.05 -102.47
C ASN M 136 27.18 -59.77 -103.57
N LEU M 137 26.19 -60.56 -103.16
CA LEU M 137 25.42 -61.35 -104.12
C LEU M 137 24.35 -60.55 -104.83
N VAL M 138 24.01 -59.36 -104.33
CA VAL M 138 22.94 -58.55 -104.92
C VAL M 138 23.55 -57.52 -105.86
N ASP M 139 24.40 -56.65 -105.31
CA ASP M 139 25.04 -55.58 -106.07
C ASP M 139 26.44 -56.03 -106.47
N SER M 140 26.85 -55.67 -107.70
CA SER M 140 28.11 -56.15 -108.23
C SER M 140 29.31 -55.60 -107.47
N ASP M 141 29.35 -54.28 -107.28
CA ASP M 141 30.52 -53.64 -106.68
C ASP M 141 30.54 -53.71 -105.16
N LYS M 142 29.48 -54.19 -104.52
CA LYS M 142 29.42 -54.20 -103.07
C LYS M 142 30.20 -55.39 -102.51
N LYS M 143 30.82 -55.17 -101.35
CA LYS M 143 31.51 -56.20 -100.60
C LYS M 143 30.85 -56.33 -99.24
N ASP M 144 30.61 -57.56 -98.80
CA ASP M 144 29.93 -57.81 -97.54
C ASP M 144 30.98 -57.94 -96.45
N PHE M 145 31.04 -56.94 -95.57
CA PHE M 145 32.02 -56.90 -94.49
C PHE M 145 31.40 -57.51 -93.24
N ILE M 146 32.00 -58.60 -92.75
CA ILE M 146 31.50 -59.32 -91.58
C ILE M 146 32.65 -59.45 -90.60
N PHE M 147 32.32 -59.41 -89.31
CA PHE M 147 33.29 -59.39 -88.23
C PHE M 147 32.96 -60.48 -87.22
N PHE M 148 33.99 -61.12 -86.68
CA PHE M 148 33.83 -62.23 -85.75
C PHE M 148 34.85 -62.13 -84.63
N GLU M 149 34.71 -63.03 -83.67
CA GLU M 149 35.77 -63.35 -82.70
C GLU M 149 35.79 -64.86 -82.56
N ASN M 150 36.82 -65.50 -83.11
CA ASN M 150 36.90 -66.96 -83.17
C ASN M 150 35.67 -67.53 -83.90
N THR M 151 35.29 -66.88 -85.00
CA THR M 151 34.17 -67.23 -85.87
C THR M 151 32.81 -66.88 -85.26
N LYS M 152 32.75 -66.37 -84.04
CA LYS M 152 31.49 -65.91 -83.45
C LYS M 152 31.21 -64.51 -83.99
N GLN M 153 30.20 -64.40 -84.84
CA GLN M 153 29.99 -63.16 -85.58
C GLN M 153 29.57 -62.02 -84.65
N LEU M 154 30.16 -60.84 -84.90
CA LEU M 154 29.82 -59.61 -84.21
C LEU M 154 28.84 -58.78 -85.04
N PHE M 155 29.20 -58.48 -86.28
CA PHE M 155 28.48 -57.52 -87.09
C PHE M 155 28.72 -57.82 -88.56
N SER M 156 27.73 -57.52 -89.40
CA SER M 156 27.83 -57.66 -90.84
C SER M 156 27.33 -56.39 -91.52
N SER M 157 27.94 -56.07 -92.66
CA SER M 157 27.58 -54.88 -93.41
C SER M 157 27.99 -55.06 -94.87
N SER M 158 27.43 -54.19 -95.72
CA SER M 158 27.70 -54.23 -97.16
C SER M 158 27.76 -52.80 -97.69
N ILE M 159 28.85 -52.46 -98.37
CA ILE M 159 29.04 -51.13 -98.94
C ILE M 159 29.67 -51.28 -100.33
N LYS M 160 29.32 -50.35 -101.22
CA LYS M 160 29.88 -50.30 -102.56
C LYS M 160 31.41 -50.17 -102.50
N GLY M 161 32.04 -50.38 -103.65
CA GLY M 161 33.49 -50.48 -103.72
C GLY M 161 34.24 -49.17 -103.78
N THR M 162 33.89 -48.23 -102.90
CA THR M 162 34.66 -47.01 -102.68
C THR M 162 35.14 -47.00 -101.24
N ILE M 163 36.42 -46.70 -101.05
CA ILE M 163 37.07 -46.93 -99.77
C ILE M 163 36.53 -45.99 -98.70
N ASP M 164 36.24 -44.73 -99.07
CA ASP M 164 35.81 -43.75 -98.08
C ASP M 164 34.49 -44.15 -97.44
N GLU M 165 33.50 -44.50 -98.26
CA GLU M 165 32.21 -44.92 -97.72
C GLU M 165 32.35 -46.22 -96.92
N ILE M 166 33.24 -47.12 -97.36
CA ILE M 166 33.44 -48.38 -96.65
C ILE M 166 33.95 -48.11 -95.24
N VAL M 167 35.01 -47.30 -95.12
CA VAL M 167 35.58 -47.05 -93.79
C VAL M 167 34.59 -46.24 -92.95
N LEU M 168 33.87 -45.31 -93.56
CA LEU M 168 32.90 -44.52 -92.81
C LEU M 168 31.80 -45.40 -92.24
N GLU M 169 31.27 -46.33 -93.04
CA GLU M 169 30.26 -47.24 -92.53
C GLU M 169 30.82 -48.15 -91.45
N ILE M 170 32.03 -48.67 -91.65
CA ILE M 170 32.61 -49.61 -90.69
C ILE M 170 32.84 -48.90 -89.36
N ASN M 171 33.20 -47.62 -89.39
CA ASN M 171 33.37 -46.84 -88.17
C ASN M 171 32.06 -46.25 -87.64
N SER M 172 30.99 -46.29 -88.44
CA SER M 172 29.75 -45.62 -88.05
C SER M 172 28.96 -46.44 -87.04
N ASN M 173 28.59 -47.66 -87.40
CA ASN M 173 27.76 -48.47 -86.54
C ASN M 173 28.53 -48.90 -85.30
N LEU M 174 27.91 -48.75 -84.13
CA LEU M 174 28.50 -49.21 -82.89
C LEU M 174 28.42 -50.71 -82.71
N ASP M 175 27.72 -51.43 -83.59
CA ASP M 175 27.85 -52.87 -83.63
C ASP M 175 29.27 -53.29 -83.96
N ASN M 176 30.01 -52.44 -84.68
CA ASN M 176 31.42 -52.65 -85.00
C ASN M 176 32.34 -51.93 -84.00
N GLU M 177 31.90 -51.80 -82.75
CA GLU M 177 32.69 -51.07 -81.77
C GLU M 177 33.99 -51.79 -81.41
N TYR M 178 34.09 -53.10 -81.68
CA TYR M 178 35.30 -53.83 -81.35
C TYR M 178 36.51 -53.38 -82.15
N VAL M 179 36.30 -52.76 -83.31
CA VAL M 179 37.37 -52.50 -84.27
C VAL M 179 37.18 -51.11 -84.86
N ILE M 180 38.32 -50.49 -85.20
CA ILE M 180 38.36 -49.18 -85.86
C ILE M 180 38.95 -49.37 -87.25
N ALA M 181 38.29 -48.79 -88.25
CA ALA M 181 38.76 -48.82 -89.63
C ALA M 181 39.37 -47.47 -89.98
N THR M 182 40.52 -47.51 -90.66
CA THR M 182 41.20 -46.31 -91.11
C THR M 182 41.62 -46.48 -92.56
N LYS M 183 41.56 -45.38 -93.30
CA LYS M 183 41.87 -45.40 -94.73
C LYS M 183 43.37 -45.30 -94.94
N VAL M 184 43.92 -46.24 -95.71
CA VAL M 184 45.34 -46.23 -96.03
C VAL M 184 45.61 -45.44 -97.30
N ALA M 185 44.68 -45.49 -98.26
CA ALA M 185 44.83 -44.76 -99.51
C ALA M 185 43.45 -44.38 -100.03
N ASP M 186 43.43 -43.35 -100.87
CA ASP M 186 42.18 -42.82 -101.44
C ASP M 186 41.91 -43.51 -102.77
N SER M 187 41.46 -44.76 -102.67
CA SER M 187 41.17 -45.59 -103.82
C SER M 187 39.66 -45.75 -103.98
N ASP M 188 39.24 -45.96 -105.23
CA ASP M 188 37.87 -46.32 -105.56
C ASP M 188 37.81 -47.71 -106.18
N THR M 189 38.73 -48.59 -105.77
CA THR M 189 38.91 -49.90 -106.36
C THR M 189 38.26 -50.98 -105.52
N ILE M 190 38.04 -52.14 -106.15
CA ILE M 190 37.37 -53.25 -105.48
C ILE M 190 38.32 -53.86 -104.45
N LEU M 191 37.81 -54.09 -103.24
CA LEU M 191 38.62 -54.65 -102.18
C LEU M 191 38.87 -56.13 -102.40
N ALA M 192 39.89 -56.64 -101.71
CA ALA M 192 40.21 -58.06 -101.73
C ALA M 192 39.38 -58.80 -100.68
N ASN M 193 38.93 -60.00 -101.03
CA ASN M 193 38.11 -60.79 -100.12
C ASN M 193 38.99 -61.46 -99.08
N VAL M 194 38.54 -61.40 -97.82
CA VAL M 194 39.18 -62.08 -96.70
C VAL M 194 38.12 -62.93 -96.02
N VAL M 195 38.57 -63.95 -95.31
CA VAL M 195 37.67 -64.88 -94.63
C VAL M 195 38.20 -65.19 -93.24
N ASN M 196 37.60 -64.58 -92.22
CA ASN M 196 37.92 -64.86 -90.83
C ASN M 196 39.39 -64.58 -90.52
N GLN M 197 39.91 -63.49 -91.07
CA GLN M 197 41.30 -63.10 -90.85
C GLN M 197 41.41 -62.35 -89.53
N ALA M 198 42.24 -62.86 -88.63
CA ALA M 198 42.37 -62.28 -87.31
C ALA M 198 43.13 -60.97 -87.37
N LEU M 199 42.76 -60.05 -86.48
CA LEU M 199 43.48 -58.78 -86.32
C LEU M 199 44.71 -59.05 -85.47
N GLU M 200 45.80 -59.39 -86.15
CA GLU M 200 47.02 -59.82 -85.48
C GLU M 200 47.87 -58.62 -85.07
N GLY M 201 49.00 -58.89 -84.45
CA GLY M 201 49.89 -57.86 -83.97
C GLY M 201 49.58 -57.36 -82.57
N GLY M 202 48.49 -57.83 -81.95
CA GLY M 202 48.15 -57.39 -80.62
C GLY M 202 48.85 -58.19 -79.54
N ASN M 203 48.84 -57.65 -78.33
CA ASN M 203 49.43 -58.27 -77.16
C ASN M 203 48.45 -58.14 -76.00
N ASP M 204 48.52 -59.11 -75.09
CA ASP M 204 47.37 -59.46 -74.26
C ASP M 204 47.16 -58.52 -73.08
N GLY M 205 48.10 -58.50 -72.13
CA GLY M 205 47.92 -57.76 -70.89
C GLY M 205 48.42 -58.49 -69.67
N CYS M 206 48.52 -59.82 -69.75
CA CYS M 206 49.21 -60.61 -68.74
C CYS M 206 50.71 -60.75 -69.04
N THR M 207 51.21 -59.99 -70.01
CA THR M 207 52.58 -60.14 -70.48
C THR M 207 53.53 -59.34 -69.59
N SER M 208 54.30 -60.04 -68.76
CA SER M 208 55.41 -59.45 -68.01
C SER M 208 54.94 -58.31 -67.11
N ILE M 209 53.82 -58.51 -66.43
CA ILE M 209 53.31 -57.53 -65.48
C ILE M 209 54.08 -57.68 -64.17
N THR M 210 54.64 -56.57 -63.69
CA THR M 210 55.51 -56.55 -62.52
C THR M 210 55.07 -55.45 -61.57
N ASN M 211 55.82 -55.30 -60.48
CA ASN M 211 55.47 -54.34 -59.43
C ASN M 211 55.42 -52.92 -59.95
N GLU M 212 56.23 -52.59 -60.97
CA GLU M 212 56.26 -51.24 -61.48
C GLU M 212 54.93 -50.85 -62.10
N SER M 213 54.27 -51.80 -62.78
CA SER M 213 52.96 -51.52 -63.35
C SER M 213 51.95 -51.19 -62.24
N TYR M 214 52.00 -51.95 -61.15
CA TYR M 214 51.11 -51.67 -60.03
C TYR M 214 51.43 -50.32 -59.40
N LEU M 215 52.71 -49.98 -59.31
CA LEU M 215 53.09 -48.68 -58.76
C LEU M 215 52.55 -47.55 -59.63
N LYS M 216 52.67 -47.68 -60.95
CA LYS M 216 52.12 -46.68 -61.86
C LYS M 216 50.60 -46.59 -61.72
N ALA M 217 49.94 -47.74 -61.57
CA ALA M 217 48.49 -47.75 -61.39
C ALA M 217 48.11 -47.02 -60.11
N LEU M 218 48.84 -47.25 -59.02
CA LEU M 218 48.55 -46.57 -57.77
C LEU M 218 48.77 -45.07 -57.90
N GLU M 219 49.83 -44.67 -58.60
CA GLU M 219 50.08 -43.24 -58.82
C GLU M 219 48.95 -42.61 -59.62
N GLU M 220 48.41 -43.33 -60.60
CA GLU M 220 47.21 -42.86 -61.28
C GLU M 220 46.04 -42.76 -60.31
N PHE M 221 45.92 -43.75 -59.41
CA PHE M 221 44.81 -43.77 -58.46
C PHE M 221 44.92 -42.68 -57.41
N GLU M 222 46.09 -42.05 -57.27
CA GLU M 222 46.22 -40.93 -56.34
C GLU M 222 45.26 -39.79 -56.66
N ARG M 223 44.88 -39.66 -57.94
CA ARG M 223 44.01 -38.58 -58.36
C ARG M 223 42.66 -38.64 -57.65
N TYR M 224 42.10 -39.84 -57.52
CA TYR M 224 40.70 -40.01 -57.16
C TYR M 224 40.56 -40.19 -55.65
N SER M 225 39.32 -40.35 -55.20
CA SER M 225 38.99 -40.66 -53.82
C SER M 225 38.23 -41.97 -53.78
N PHE M 226 38.48 -42.78 -52.75
CA PHE M 226 37.95 -44.12 -52.67
C PHE M 226 37.52 -44.44 -51.25
N ASP M 227 36.70 -45.47 -51.13
CA ASP M 227 36.34 -46.04 -49.84
C ASP M 227 37.22 -47.23 -49.46
N SER M 228 37.80 -47.91 -50.44
CA SER M 228 38.69 -49.03 -50.14
C SER M 228 39.55 -49.36 -51.34
N PHE M 229 40.61 -50.13 -51.08
CA PHE M 229 41.54 -50.61 -52.09
C PHE M 229 41.90 -52.05 -51.75
N VAL M 230 42.12 -52.88 -52.79
CA VAL M 230 42.27 -54.32 -52.60
C VAL M 230 43.47 -54.91 -53.33
N LEU M 231 44.07 -54.15 -54.25
CA LEU M 231 45.31 -54.55 -54.92
C LEU M 231 45.16 -55.82 -55.76
N ASP M 232 44.23 -55.76 -56.72
CA ASP M 232 44.17 -56.67 -57.86
C ASP M 232 44.00 -58.13 -57.47
N GLY M 233 43.65 -58.44 -56.22
CA GLY M 233 43.55 -59.82 -55.82
C GLY M 233 44.86 -60.56 -55.88
N VAL M 234 45.98 -59.86 -55.73
CA VAL M 234 47.32 -60.42 -55.80
C VAL M 234 48.00 -60.24 -54.45
N ALA M 235 48.62 -61.31 -53.96
CA ALA M 235 49.19 -61.34 -52.61
C ALA M 235 50.70 -61.21 -52.61
N ASP M 236 51.29 -60.64 -53.66
CA ASP M 236 52.73 -60.44 -53.70
C ASP M 236 53.16 -59.50 -52.57
N GLU M 237 54.20 -59.90 -51.84
CA GLU M 237 54.54 -59.22 -50.60
C GLU M 237 55.00 -57.79 -50.85
N ALA M 238 55.97 -57.61 -51.76
CA ALA M 238 56.56 -56.29 -51.98
C ALA M 238 55.50 -55.29 -52.41
N LEU M 239 54.56 -55.74 -53.24
CA LEU M 239 53.42 -54.89 -53.58
C LEU M 239 52.62 -54.53 -52.34
N GLN M 240 52.50 -55.46 -51.39
CA GLN M 240 51.74 -55.17 -50.18
C GLN M 240 52.42 -54.12 -49.33
N GLU M 241 53.74 -54.21 -49.13
CA GLU M 241 54.43 -53.15 -48.38
C GLU M 241 54.36 -51.82 -49.13
N THR M 242 54.49 -51.85 -50.45
CA THR M 242 54.40 -50.63 -51.24
C THR M 242 53.04 -49.97 -51.06
N THR M 243 51.97 -50.76 -51.13
CA THR M 243 50.63 -50.21 -50.97
C THR M 243 50.40 -49.75 -49.53
N LYS M 244 51.01 -50.42 -48.56
CA LYS M 244 50.91 -49.98 -47.17
C LYS M 244 51.51 -48.59 -47.01
N ALA M 245 52.73 -48.40 -47.53
CA ALA M 245 53.36 -47.08 -47.47
C ALA M 245 52.55 -46.04 -48.24
N TRP M 246 51.99 -46.45 -49.38
CA TRP M 246 51.21 -45.53 -50.20
C TRP M 246 49.96 -45.07 -49.47
N VAL M 247 49.28 -45.99 -48.79
CA VAL M 247 48.08 -45.64 -48.03
C VAL M 247 48.44 -44.78 -46.83
N ALA M 248 49.58 -45.05 -46.19
CA ALA M 248 50.01 -44.20 -45.09
C ALA M 248 50.26 -42.78 -45.57
N LYS M 249 50.92 -42.65 -46.74
CA LYS M 249 51.15 -41.33 -47.33
C LYS M 249 49.83 -40.65 -47.63
N ASN M 250 48.87 -41.38 -48.20
CA ASN M 250 47.59 -40.80 -48.54
C ASN M 250 46.86 -40.32 -47.29
N LYS M 251 46.92 -41.10 -46.21
CA LYS M 251 46.31 -40.69 -44.95
C LYS M 251 46.95 -39.41 -44.44
N GLU M 252 48.28 -39.35 -44.45
CA GLU M 252 48.97 -38.14 -43.99
C GLU M 252 48.65 -36.95 -44.88
N LEU M 253 48.32 -37.18 -46.15
CA LEU M 253 47.95 -36.13 -47.09
C LEU M 253 46.46 -35.80 -47.04
N GLY M 254 45.72 -36.35 -46.07
CA GLY M 254 44.31 -36.06 -45.92
C GLY M 254 43.38 -36.92 -46.74
N LYS M 255 43.88 -37.94 -47.42
CA LYS M 255 43.06 -38.88 -48.18
C LYS M 255 42.96 -40.17 -47.36
N ASP M 256 41.75 -40.47 -46.89
CA ASP M 256 41.52 -41.56 -45.93
C ASP M 256 41.09 -42.80 -46.71
N ILE M 257 42.09 -43.53 -47.20
CA ILE M 257 41.87 -44.72 -48.01
C ILE M 257 42.07 -45.94 -47.13
N LEU M 258 41.11 -46.86 -47.18
CA LEU M 258 41.17 -48.13 -46.48
C LEU M 258 41.73 -49.19 -47.44
N LEU M 259 42.45 -50.15 -46.89
CA LEU M 259 43.10 -51.19 -47.67
C LEU M 259 42.73 -52.56 -47.14
N PHE M 260 42.31 -53.44 -48.04
CA PHE M 260 42.08 -54.85 -47.76
C PHE M 260 43.13 -55.67 -48.49
N LEU M 261 43.57 -56.76 -47.85
CA LEU M 261 44.59 -57.63 -48.42
C LEU M 261 44.24 -59.07 -48.11
N GLY M 262 44.80 -59.97 -48.91
CA GLY M 262 44.64 -61.39 -48.72
C GLY M 262 45.95 -62.13 -48.89
N GLY M 263 46.23 -63.05 -47.98
CA GLY M 263 47.47 -63.79 -48.06
C GLY M 263 47.47 -64.82 -49.17
N LYS M 264 48.63 -65.43 -49.37
CA LYS M 264 48.78 -66.44 -50.40
C LYS M 264 48.07 -67.72 -49.98
N THR M 265 47.62 -68.48 -50.98
CA THR M 265 46.95 -69.75 -50.71
C THR M 265 47.89 -70.73 -50.02
N GLU M 266 49.20 -70.60 -50.24
CA GLU M 266 50.16 -71.51 -49.64
C GLU M 266 50.36 -71.23 -48.15
N ASP M 267 50.03 -70.04 -47.68
CA ASP M 267 50.28 -69.68 -46.30
C ASP M 267 49.37 -70.46 -45.37
N ASN M 268 49.95 -71.07 -44.34
CA ASN M 268 49.17 -71.68 -43.29
C ASN M 268 48.49 -70.60 -42.46
N ILE M 269 47.51 -71.02 -41.65
CA ILE M 269 46.82 -70.07 -40.77
C ILE M 269 47.81 -69.41 -39.82
N LYS M 270 48.85 -70.13 -39.42
CA LYS M 270 49.91 -69.52 -38.63
C LYS M 270 50.62 -68.43 -39.41
N GLN M 271 50.95 -68.70 -40.68
CA GLN M 271 51.61 -67.69 -41.50
C GLN M 271 50.69 -66.51 -41.76
N ILE M 272 49.41 -66.77 -42.00
CA ILE M 272 48.45 -65.69 -42.20
C ILE M 272 48.36 -64.84 -40.95
N ASN M 273 48.33 -65.48 -39.78
CA ASN M 273 48.28 -64.73 -38.52
C ASN M 273 49.56 -63.92 -38.32
N ASP M 274 50.70 -64.48 -38.72
CA ASP M 274 51.95 -63.72 -38.63
C ASP M 274 51.90 -62.49 -39.52
N LYS M 275 51.38 -62.63 -40.73
CA LYS M 275 51.25 -61.48 -41.62
C LYS M 275 50.28 -60.45 -41.06
N SER M 276 49.15 -60.92 -40.50
CA SER M 276 48.19 -60.03 -39.88
C SER M 276 48.75 -59.35 -38.64
N LYS M 277 49.74 -59.97 -38.00
CA LYS M 277 50.49 -59.30 -36.95
C LYS M 277 51.42 -58.25 -37.53
N SER M 278 52.07 -58.57 -38.65
CA SER M 278 53.00 -57.63 -39.26
C SER M 278 52.30 -56.34 -39.65
N PHE M 279 51.10 -56.47 -40.22
CA PHE M 279 50.24 -55.31 -40.44
C PHE M 279 49.57 -54.95 -39.12
N ASN M 280 49.71 -53.68 -38.72
CA ASN M 280 49.04 -53.18 -37.54
C ASN M 280 48.40 -51.81 -37.75
N ASP M 281 48.57 -51.20 -38.91
CA ASP M 281 47.82 -50.00 -39.23
C ASP M 281 46.35 -50.34 -39.38
N GLU M 282 45.49 -49.47 -38.86
CA GLU M 282 44.06 -49.75 -38.84
C GLU M 282 43.47 -49.89 -40.23
N ASN M 283 44.06 -49.22 -41.22
CA ASN M 283 43.55 -49.25 -42.59
C ASN M 283 43.97 -50.50 -43.35
N ILE M 284 44.53 -51.51 -42.67
CA ILE M 284 44.97 -52.75 -43.30
C ILE M 284 44.09 -53.88 -42.79
N VAL M 285 43.53 -54.65 -43.71
CA VAL M 285 42.72 -55.82 -43.40
C VAL M 285 43.31 -57.00 -44.16
N ASN M 286 43.66 -58.06 -43.43
CA ASN M 286 44.26 -59.25 -44.01
C ASN M 286 43.24 -60.37 -44.05
N VAL M 287 43.10 -61.01 -45.21
CA VAL M 287 42.13 -62.06 -45.44
C VAL M 287 42.87 -63.39 -45.59
N GLY M 288 42.41 -64.39 -44.85
CA GLY M 288 43.07 -65.69 -44.83
C GLY M 288 42.32 -66.76 -45.61
N SER M 289 41.00 -66.79 -45.48
CA SER M 289 40.21 -67.88 -46.03
C SER M 289 40.08 -67.77 -47.54
N SER M 290 40.07 -68.93 -48.19
CA SER M 290 39.70 -69.07 -49.60
C SER M 290 38.25 -69.51 -49.69
N ALA M 291 37.70 -69.44 -50.91
CA ALA M 291 36.27 -69.71 -51.07
C ALA M 291 35.98 -70.11 -52.51
N TYR M 292 34.79 -70.69 -52.69
CA TYR M 292 34.23 -71.03 -53.99
C TYR M 292 32.86 -70.37 -54.11
N TYR M 293 32.57 -69.81 -55.29
CA TYR M 293 31.26 -69.23 -55.58
C TYR M 293 30.52 -69.98 -56.67
N GLU M 294 31.06 -70.01 -57.89
CA GLU M 294 30.53 -70.84 -58.97
C GLU M 294 31.37 -72.10 -59.17
N ASN M 295 31.52 -72.85 -58.08
CA ASN M 295 32.33 -74.08 -58.07
C ASN M 295 33.77 -73.81 -58.50
N ILE M 296 34.25 -72.58 -58.32
CA ILE M 296 35.57 -72.15 -58.75
C ILE M 296 36.23 -71.45 -57.57
N LYS M 297 37.45 -71.86 -57.25
CA LYS M 297 38.12 -71.37 -56.06
C LYS M 297 38.48 -69.90 -56.22
N TYR M 298 38.65 -69.24 -55.07
CA TYR M 298 39.12 -67.86 -55.01
C TYR M 298 40.17 -67.76 -53.92
N THR M 299 41.32 -67.20 -54.26
CA THR M 299 42.40 -67.03 -53.31
C THR M 299 41.98 -66.04 -52.23
N PRO M 300 42.71 -65.97 -51.11
CA PRO M 300 42.31 -65.02 -50.05
C PRO M 300 42.23 -63.58 -50.51
N SER M 301 43.06 -63.19 -51.48
CA SER M 301 43.00 -61.83 -52.01
C SER M 301 41.83 -61.65 -52.97
N GLU M 302 41.50 -62.69 -53.75
CA GLU M 302 40.36 -62.59 -54.65
C GLU M 302 39.07 -62.42 -53.86
N VAL M 303 38.94 -63.11 -52.73
CA VAL M 303 37.81 -62.88 -51.83
C VAL M 303 38.00 -61.61 -51.00
N ALA M 304 39.24 -61.14 -50.84
CA ALA M 304 39.43 -59.83 -50.21
C ALA M 304 38.82 -58.73 -51.07
N VAL M 305 38.84 -58.91 -52.40
CA VAL M 305 38.11 -58.00 -53.28
C VAL M 305 36.65 -57.95 -52.89
N TYR M 306 36.03 -59.12 -52.74
CA TYR M 306 34.59 -59.18 -52.43
C TYR M 306 34.29 -58.62 -51.06
N ILE M 307 35.14 -58.92 -50.06
CA ILE M 307 34.83 -58.45 -48.71
C ILE M 307 35.00 -56.94 -48.63
N ALA M 308 35.99 -56.38 -49.33
CA ALA M 308 36.12 -54.93 -49.38
C ALA M 308 34.92 -54.31 -50.06
N ALA M 309 34.47 -54.91 -51.16
CA ALA M 309 33.30 -54.40 -51.88
C ALA M 309 32.07 -54.41 -50.98
N LEU M 310 31.87 -55.51 -50.26
CA LEU M 310 30.72 -55.62 -49.37
C LEU M 310 30.82 -54.61 -48.23
N SER M 311 32.03 -54.39 -47.73
CA SER M 311 32.22 -53.43 -46.64
C SER M 311 31.85 -52.02 -47.10
N VAL M 312 32.37 -51.60 -48.26
CA VAL M 312 32.08 -50.25 -48.73
C VAL M 312 30.60 -50.12 -49.09
N SER M 313 30.01 -51.19 -49.64
CA SER M 313 28.57 -51.15 -49.92
C SER M 313 27.77 -51.00 -48.64
N LYS M 314 28.22 -51.64 -47.57
CA LYS M 314 27.57 -51.48 -46.28
C LYS M 314 27.62 -50.04 -45.82
N GLY M 315 28.78 -49.39 -45.97
CA GLY M 315 28.91 -48.03 -45.54
C GLY M 315 28.74 -47.92 -44.03
N ILE M 316 28.20 -46.80 -43.60
CA ILE M 316 27.80 -46.59 -42.22
C ILE M 316 26.41 -47.23 -42.08
N THR M 317 25.95 -47.40 -40.84
CA THR M 317 24.66 -48.03 -40.55
C THR M 317 24.69 -49.52 -40.86
N GLY M 318 25.83 -50.16 -40.61
CA GLY M 318 25.95 -51.58 -40.86
C GLY M 318 27.33 -52.06 -40.51
N SER M 319 27.54 -53.35 -40.73
CA SER M 319 28.83 -53.99 -40.46
C SER M 319 28.92 -55.23 -41.34
N ILE M 320 29.91 -56.08 -41.06
CA ILE M 320 30.14 -57.30 -41.80
C ILE M 320 30.29 -58.52 -40.91
N CYS M 321 30.13 -58.37 -39.59
CA CYS M 321 30.50 -59.43 -38.67
C CYS M 321 29.65 -60.69 -38.83
N ASN M 322 28.49 -60.59 -39.48
CA ASN M 322 27.74 -61.78 -39.84
C ASN M 322 27.06 -61.66 -41.20
N ALA M 323 27.54 -60.77 -42.08
CA ALA M 323 26.93 -60.61 -43.38
C ALA M 323 27.09 -61.89 -44.20
N LYS M 324 25.99 -62.35 -44.81
CA LYS M 324 26.05 -63.56 -45.61
C LYS M 324 26.81 -63.29 -46.89
N THR M 325 27.62 -64.26 -47.32
CA THR M 325 28.42 -64.18 -48.52
C THR M 325 27.78 -65.00 -49.64
N ILE M 326 28.21 -64.70 -50.87
CA ILE M 326 27.73 -65.45 -52.04
C ILE M 326 28.44 -66.79 -52.19
N PHE M 327 29.48 -67.06 -51.42
CA PHE M 327 30.33 -68.21 -51.66
C PHE M 327 29.67 -69.50 -51.20
N GLU M 328 29.77 -70.53 -52.04
CA GLU M 328 29.16 -71.82 -51.75
C GLU M 328 30.05 -72.71 -50.90
N GLU M 329 31.35 -72.44 -50.84
CA GLU M 329 32.26 -73.16 -49.96
C GLU M 329 33.35 -72.21 -49.45
N VAL M 330 33.97 -72.61 -48.35
CA VAL M 330 35.04 -71.86 -47.71
C VAL M 330 36.10 -72.85 -47.24
N GLU M 331 37.37 -72.48 -47.39
CA GLU M 331 38.47 -73.26 -46.84
C GLU M 331 39.68 -72.33 -46.70
N PRO M 332 40.57 -72.60 -45.74
CA PRO M 332 40.57 -73.65 -44.71
C PRO M 332 39.54 -73.36 -43.62
N ARG M 333 39.07 -74.40 -42.95
CA ARG M 333 37.92 -74.32 -42.05
C ARG M 333 38.37 -74.50 -40.61
N LEU M 334 37.81 -73.69 -39.72
CA LEU M 334 38.40 -73.38 -38.43
C LEU M 334 37.47 -73.76 -37.29
N SER M 335 38.03 -74.40 -36.28
CA SER M 335 37.33 -74.54 -35.01
C SER M 335 37.34 -73.20 -34.28
N GLN M 336 36.59 -73.14 -33.17
CA GLN M 336 36.51 -71.91 -32.40
C GLN M 336 37.88 -71.48 -31.89
N SER M 337 38.75 -72.44 -31.57
CA SER M 337 40.12 -72.10 -31.19
C SER M 337 40.85 -71.40 -32.32
N GLU M 338 40.75 -71.93 -33.53
CA GLU M 338 41.41 -71.31 -34.68
C GLU M 338 40.81 -69.95 -34.98
N VAL M 339 39.48 -69.83 -34.88
CA VAL M 339 38.83 -68.55 -35.11
C VAL M 339 39.32 -67.51 -34.12
N LYS M 340 39.41 -67.89 -32.84
CA LYS M 340 39.88 -66.97 -31.82
C LYS M 340 41.33 -66.59 -32.06
N GLU M 341 42.15 -67.56 -32.50
CA GLU M 341 43.54 -67.27 -32.83
C GLU M 341 43.62 -66.25 -33.96
N CYS M 342 42.82 -66.44 -35.01
CA CYS M 342 42.84 -65.53 -36.14
C CYS M 342 42.36 -64.14 -35.75
N LEU M 343 41.30 -64.06 -34.94
CA LEU M 343 40.80 -62.75 -34.53
C LEU M 343 41.81 -62.03 -33.64
N LYS M 344 42.44 -62.76 -32.72
CA LYS M 344 43.48 -62.15 -31.90
C LYS M 344 44.64 -61.69 -32.75
N SER M 345 44.93 -62.39 -33.85
CA SER M 345 45.96 -61.97 -34.79
C SER M 345 45.53 -60.82 -35.67
N GLY M 346 44.25 -60.41 -35.62
CA GLY M 346 43.73 -59.41 -36.51
C GLY M 346 43.28 -59.94 -37.86
N THR M 347 43.46 -61.22 -38.12
CA THR M 347 43.04 -61.79 -39.39
C THR M 347 41.52 -61.80 -39.50
N LEU M 348 41.03 -61.54 -40.71
CA LEU M 348 39.63 -61.75 -41.06
C LEU M 348 39.53 -63.02 -41.89
N VAL M 349 38.64 -63.93 -41.48
CA VAL M 349 38.48 -65.23 -42.12
C VAL M 349 37.00 -65.54 -42.24
N LEU M 350 36.59 -66.05 -43.39
CA LEU M 350 35.20 -66.45 -43.55
C LEU M 350 34.93 -67.73 -42.76
N ASP M 351 33.66 -68.06 -42.62
CA ASP M 351 33.22 -69.16 -41.78
C ASP M 351 31.98 -69.80 -42.40
N PHE M 352 31.71 -71.03 -41.94
CA PHE M 352 30.56 -71.81 -42.39
C PHE M 352 29.62 -72.07 -41.23
N ASP M 353 29.28 -71.00 -40.49
CA ASP M 353 28.43 -71.12 -39.31
C ASP M 353 27.08 -71.76 -39.62
N ASP M 354 26.62 -71.67 -40.86
CA ASP M 354 25.39 -72.33 -41.30
C ASP M 354 25.67 -72.93 -42.68
N GLY M 355 24.61 -73.34 -43.38
CA GLY M 355 24.77 -73.95 -44.69
C GLY M 355 25.38 -73.03 -45.74
N ASP M 356 25.43 -71.73 -45.47
CA ASP M 356 26.11 -70.77 -46.33
C ASP M 356 27.48 -70.43 -45.75
N VAL M 357 28.23 -69.63 -46.48
CA VAL M 357 29.50 -69.08 -46.02
C VAL M 357 29.23 -67.71 -45.42
N ILE M 358 29.68 -67.49 -44.18
CA ILE M 358 29.35 -66.31 -43.40
C ILE M 358 30.64 -65.65 -42.94
N ILE M 359 30.67 -64.33 -42.97
CA ILE M 359 31.81 -63.58 -42.46
C ILE M 359 31.83 -63.70 -40.94
N VAL M 360 33.00 -63.97 -40.38
CA VAL M 360 33.06 -64.26 -38.95
C VAL M 360 32.91 -62.99 -38.12
N ASP M 361 33.61 -61.91 -38.48
CA ASP M 361 33.73 -60.77 -37.59
C ASP M 361 34.12 -59.54 -38.41
N ASP M 362 34.24 -58.40 -37.73
CA ASP M 362 34.53 -57.11 -38.32
C ASP M 362 36.00 -56.72 -38.16
N VAL M 363 36.86 -57.67 -37.79
CA VAL M 363 38.20 -57.32 -37.31
C VAL M 363 39.07 -56.84 -38.47
N ASN M 364 40.15 -56.13 -38.11
CA ASN M 364 41.20 -55.71 -39.03
C ASN M 364 42.54 -56.17 -38.48
N THR M 365 43.61 -55.95 -39.26
CA THR M 365 44.93 -56.37 -38.82
C THR M 365 45.40 -55.61 -37.58
N PHE M 366 44.88 -54.39 -37.37
CA PHE M 366 45.33 -53.61 -36.21
C PHE M 366 44.99 -54.29 -34.90
N LYS M 367 43.89 -55.07 -34.85
CA LYS M 367 43.27 -55.50 -33.60
C LYS M 367 44.23 -56.18 -32.63
N LYS M 368 45.40 -56.62 -33.10
CA LYS M 368 46.41 -57.18 -32.22
C LYS M 368 46.78 -56.24 -31.07
N TYR M 369 46.72 -54.92 -31.29
CA TYR M 369 46.94 -53.95 -30.23
C TYR M 369 45.61 -53.36 -29.80
N VAL M 370 45.59 -52.79 -28.60
CA VAL M 370 44.36 -52.71 -27.82
C VAL M 370 43.91 -51.29 -27.48
N ASP M 371 44.74 -50.56 -26.71
CA ASP M 371 44.20 -49.52 -25.83
C ASP M 371 44.26 -48.12 -26.43
N ASP M 372 45.44 -47.66 -26.87
CA ASP M 372 45.52 -46.29 -27.38
C ASP M 372 44.60 -46.13 -28.59
N LYS M 373 44.89 -46.81 -29.69
CA LYS M 373 43.90 -46.93 -30.75
C LYS M 373 42.91 -47.97 -30.24
N ASN M 374 41.71 -47.53 -29.86
CA ASN M 374 40.87 -48.33 -28.99
C ASN M 374 40.44 -49.62 -29.69
N GLU M 375 39.80 -50.49 -28.92
CA GLU M 375 39.41 -51.80 -29.44
C GLU M 375 38.39 -51.67 -30.56
N ALA M 376 37.56 -50.62 -30.52
CA ALA M 376 36.65 -50.38 -31.62
C ALA M 376 37.39 -50.06 -32.91
N MET M 377 38.58 -49.45 -32.80
CA MET M 377 39.40 -49.24 -34.00
C MET M 377 39.81 -50.57 -34.62
N GLY M 378 39.88 -51.63 -33.82
CA GLY M 378 40.14 -52.96 -34.36
C GLY M 378 39.05 -53.46 -35.29
N TYR M 379 37.88 -52.83 -35.27
CA TYR M 379 36.77 -53.20 -36.13
C TYR M 379 36.68 -52.25 -37.32
N ILE M 380 36.38 -52.81 -38.49
CA ILE M 380 36.44 -52.05 -39.73
C ILE M 380 35.36 -50.98 -39.78
N SER M 381 34.19 -51.26 -39.17
CA SER M 381 33.08 -50.31 -39.24
C SER M 381 33.45 -48.99 -38.58
N ASN M 382 34.15 -49.06 -37.45
CA ASN M 382 34.58 -47.83 -36.79
C ASN M 382 35.54 -47.04 -37.66
N ILE M 383 36.44 -47.73 -38.35
CA ILE M 383 37.38 -47.04 -39.24
C ILE M 383 36.64 -46.39 -40.38
N MET M 384 35.63 -47.08 -40.93
CA MET M 384 34.82 -46.48 -41.98
C MET M 384 34.12 -45.23 -41.46
N PHE M 385 33.61 -45.29 -40.24
CA PHE M 385 32.96 -44.13 -39.63
C PHE M 385 33.92 -42.97 -39.48
N ILE M 386 35.11 -43.24 -38.96
CA ILE M 386 36.09 -42.17 -38.73
C ILE M 386 36.54 -41.58 -40.07
N ASN M 387 36.76 -42.43 -41.07
CA ASN M 387 37.15 -41.94 -42.38
C ASN M 387 36.04 -41.08 -42.98
N THR M 388 34.78 -41.49 -42.79
CA THR M 388 33.68 -40.69 -43.30
C THR M 388 33.60 -39.33 -42.62
N ILE M 389 33.80 -39.29 -41.30
CA ILE M 389 33.78 -38.02 -40.58
C ILE M 389 34.91 -37.14 -41.08
N ASN M 390 36.10 -37.71 -41.23
CA ASN M 390 37.24 -36.97 -41.74
C ASN M 390 36.97 -36.46 -43.15
N LYS M 391 36.32 -37.26 -43.98
CA LYS M 391 36.04 -36.86 -45.36
C LYS M 391 35.04 -35.72 -45.41
N ASP M 392 33.95 -35.82 -44.63
CA ASP M 392 32.96 -34.75 -44.62
C ASP M 392 33.55 -33.47 -44.04
N THR M 393 34.40 -33.60 -43.04
CA THR M 393 35.06 -32.45 -42.46
C THR M 393 36.02 -31.79 -43.45
N SER M 394 36.82 -32.61 -44.14
CA SER M 394 37.69 -32.12 -45.18
C SER M 394 36.90 -31.68 -46.42
N LEU M 395 35.62 -31.98 -46.50
CA LEU M 395 34.75 -31.31 -47.46
C LEU M 395 34.37 -29.92 -46.96
N LYS M 396 34.11 -29.81 -45.67
CA LYS M 396 33.80 -28.51 -45.07
C LYS M 396 34.97 -27.54 -45.14
N ARG M 397 36.19 -28.05 -45.37
CA ARG M 397 37.35 -27.16 -45.42
C ARG M 397 37.10 -26.04 -46.42
N LYS M 398 36.67 -26.40 -47.62
CA LYS M 398 36.51 -25.45 -48.71
C LYS M 398 35.36 -24.48 -48.43
N GLU M 399 34.38 -24.90 -47.65
CA GLU M 399 33.32 -24.00 -47.25
C GLU M 399 33.84 -22.95 -46.28
N PHE M 400 34.73 -23.34 -45.36
CA PHE M 400 35.12 -22.45 -44.27
C PHE M 400 36.53 -21.89 -44.36
N VAL M 401 37.48 -22.56 -45.00
CA VAL M 401 38.85 -22.04 -45.02
C VAL M 401 38.92 -20.86 -45.98
N GLY M 402 39.50 -19.77 -45.51
CA GLY M 402 39.71 -18.63 -46.37
C GLY M 402 38.45 -17.89 -46.75
N LYS M 403 37.38 -18.05 -45.99
CA LYS M 403 36.09 -17.47 -46.35
C LYS M 403 35.32 -16.91 -45.16
N ILE M 404 35.89 -16.92 -43.95
CA ILE M 404 35.22 -16.38 -42.77
C ILE M 404 36.29 -15.97 -41.76
N PHE M 405 35.99 -14.93 -40.99
CA PHE M 405 37.01 -14.02 -40.49
C PHE M 405 37.65 -14.43 -39.15
N ASN M 406 37.42 -15.64 -38.65
CA ASN M 406 38.02 -16.08 -37.39
C ASN M 406 37.47 -15.34 -36.16
N ASP M 407 36.51 -14.43 -36.33
CA ASP M 407 35.93 -13.74 -35.20
C ASP M 407 35.02 -14.71 -34.46
N ALA M 408 34.34 -14.22 -33.41
CA ALA M 408 33.40 -15.06 -32.70
C ALA M 408 32.27 -15.52 -33.62
N THR M 409 31.87 -14.67 -34.56
CA THR M 409 30.80 -15.04 -35.49
C THR M 409 31.21 -16.20 -36.38
N GLY M 410 32.43 -16.14 -36.93
CA GLY M 410 32.88 -17.23 -37.79
C GLY M 410 33.04 -18.54 -37.05
N GLN M 411 33.62 -18.48 -35.85
CA GLN M 411 33.75 -19.67 -35.02
C GLN M 411 32.39 -20.25 -34.69
N THR M 412 31.44 -19.39 -34.34
CA THR M 412 30.08 -19.84 -34.03
C THR M 412 29.43 -20.48 -35.25
N THR M 413 29.63 -19.90 -36.43
CA THR M 413 29.05 -20.47 -37.64
C THR M 413 29.63 -21.84 -37.94
N VAL M 414 30.95 -21.98 -37.79
CA VAL M 414 31.60 -23.27 -38.02
C VAL M 414 31.07 -24.31 -37.03
N ILE M 415 30.99 -23.93 -35.76
CA ILE M 415 30.52 -24.84 -34.73
C ILE M 415 29.07 -25.22 -34.98
N CYS M 416 28.26 -24.26 -35.42
CA CYS M 416 26.86 -24.54 -35.69
C CYS M 416 26.71 -25.50 -36.87
N ALA M 417 27.52 -25.31 -37.91
CA ALA M 417 27.46 -26.23 -39.05
C ALA M 417 27.87 -27.64 -38.64
N LEU M 418 28.95 -27.77 -37.88
CA LEU M 418 29.38 -29.08 -37.42
C LEU M 418 28.34 -29.71 -36.50
N LYS M 419 27.71 -28.88 -35.66
CA LYS M 419 26.65 -29.38 -34.79
C LYS M 419 25.47 -29.87 -35.61
N LYS M 420 25.12 -29.15 -36.68
CA LYS M 420 24.04 -29.59 -37.54
C LYS M 420 24.37 -30.92 -38.20
N TYR M 421 25.62 -31.08 -38.64
CA TYR M 421 26.03 -32.35 -39.24
C TYR M 421 25.94 -33.49 -38.23
N PHE M 422 26.46 -33.27 -37.02
CA PHE M 422 26.42 -34.33 -36.01
C PHE M 422 24.99 -34.60 -35.57
N GLU M 423 24.11 -33.59 -35.58
CA GLU M 423 22.71 -33.83 -35.26
C GLU M 423 22.02 -34.61 -36.37
N GLU M 424 22.42 -34.40 -37.62
CA GLU M 424 21.96 -35.25 -38.70
C GLU M 424 22.38 -36.69 -38.47
N LEU M 425 23.62 -36.88 -38.02
CA LEU M 425 24.08 -38.23 -37.67
C LEU M 425 23.27 -38.81 -36.52
N MET M 426 22.96 -38.00 -35.52
CA MET M 426 22.14 -38.44 -34.40
C MET M 426 20.76 -38.86 -34.86
N SER M 427 20.17 -38.11 -35.80
CA SER M 427 18.85 -38.43 -36.31
C SER M 427 18.84 -39.80 -36.98
N GLN M 428 19.93 -40.15 -37.67
CA GLN M 428 20.07 -41.48 -38.24
C GLN M 428 20.31 -42.55 -37.18
N GLY M 429 20.57 -42.16 -35.93
CA GLY M 429 20.78 -43.11 -34.86
C GLY M 429 22.17 -43.68 -34.79
N ILE M 430 23.07 -43.27 -35.70
CA ILE M 430 24.42 -43.85 -35.74
C ILE M 430 25.17 -43.51 -34.47
N ILE M 431 24.95 -42.32 -33.92
CA ILE M 431 25.62 -41.84 -32.72
C ILE M 431 24.60 -41.84 -31.59
N SER M 432 24.99 -42.39 -30.45
CA SER M 432 24.15 -42.37 -29.26
C SER M 432 24.32 -41.09 -28.45
N GLU M 433 25.51 -40.51 -28.45
CA GLU M 433 25.79 -39.29 -27.71
C GLU M 433 26.96 -38.58 -28.37
N PHE M 434 26.94 -37.25 -28.31
CA PHE M 434 28.05 -36.47 -28.83
C PHE M 434 28.03 -35.09 -28.20
N ASN M 435 29.18 -34.43 -28.27
CA ASN M 435 29.29 -33.00 -28.06
C ASN M 435 30.44 -32.49 -28.91
N VAL M 436 30.28 -31.29 -29.45
CA VAL M 436 31.30 -30.64 -30.27
C VAL M 436 31.44 -29.20 -29.81
N ASP M 437 32.67 -28.77 -29.54
CA ASP M 437 32.91 -27.47 -28.94
C ASP M 437 34.29 -26.98 -29.39
N ILE M 438 34.51 -25.67 -29.19
CA ILE M 438 35.79 -25.08 -29.50
C ILE M 438 36.85 -25.64 -28.56
N ASP M 439 38.05 -25.85 -29.09
CA ASP M 439 39.16 -26.40 -28.31
C ASP M 439 39.89 -25.22 -27.68
N THR M 440 39.28 -24.70 -26.62
CA THR M 440 39.77 -23.47 -26.00
C THR M 440 41.19 -23.62 -25.47
N GLU M 441 41.59 -24.84 -25.12
CA GLU M 441 42.96 -25.09 -24.72
C GLU M 441 43.92 -24.77 -25.86
N LEU M 442 43.68 -25.35 -27.03
CA LEU M 442 44.51 -25.08 -28.21
C LEU M 442 44.15 -23.75 -28.86
N GLN M 443 42.90 -23.30 -28.71
CA GLN M 443 42.53 -22.01 -29.28
C GLN M 443 43.25 -20.87 -28.60
N ALA M 444 43.56 -21.00 -27.32
CA ALA M 444 44.36 -19.99 -26.64
C ALA M 444 45.75 -19.90 -27.27
N THR M 445 46.35 -21.04 -27.59
CA THR M 445 47.65 -21.08 -28.25
C THR M 445 47.55 -20.92 -29.76
N ALA M 446 46.35 -20.91 -30.32
CA ALA M 446 46.20 -20.84 -31.76
C ALA M 446 46.68 -19.51 -32.29
N LYS M 447 47.31 -19.54 -33.46
CA LYS M 447 47.63 -18.32 -34.16
C LYS M 447 46.35 -17.68 -34.69
N ALA M 448 46.42 -16.38 -34.95
CA ALA M 448 45.22 -15.62 -35.27
C ALA M 448 44.54 -16.09 -36.55
N ASP M 449 45.27 -16.70 -37.47
CA ASP M 449 44.75 -17.13 -38.75
C ASP M 449 44.33 -18.59 -38.76
N GLU M 450 44.08 -19.19 -37.59
CA GLU M 450 43.71 -20.60 -37.51
C GLU M 450 42.69 -20.82 -36.40
N PHE M 451 42.12 -22.02 -36.39
CA PHE M 451 41.04 -22.40 -35.51
C PHE M 451 41.24 -23.83 -35.04
N TYR M 452 40.93 -24.08 -33.78
CA TYR M 452 40.97 -25.41 -33.18
C TYR M 452 39.61 -25.73 -32.58
N TRP M 453 39.24 -27.01 -32.65
CA TRP M 453 37.92 -27.43 -32.18
C TRP M 453 38.02 -28.89 -31.77
N LYS M 454 37.11 -29.29 -30.89
CA LYS M 454 37.10 -30.64 -30.33
C LYS M 454 35.69 -31.21 -30.41
N TRP M 455 35.62 -32.53 -30.46
CA TRP M 455 34.32 -33.20 -30.42
C TRP M 455 34.48 -34.60 -29.85
N ASP M 456 33.49 -34.99 -29.04
CA ASP M 456 33.35 -36.35 -28.55
C ASP M 456 32.08 -36.95 -29.13
N ALA M 457 32.08 -38.28 -29.26
CA ALA M 457 30.93 -38.99 -29.80
C ALA M 457 30.91 -40.40 -29.24
N VAL M 458 29.80 -41.08 -29.46
CA VAL M 458 29.63 -42.48 -29.10
C VAL M 458 28.89 -43.16 -30.23
N LYS M 459 29.62 -43.89 -31.07
CA LYS M 459 28.99 -44.65 -32.14
C LYS M 459 28.09 -45.72 -31.54
N VAL M 460 26.95 -45.95 -32.20
CA VAL M 460 26.02 -46.94 -31.72
C VAL M 460 26.56 -48.32 -32.10
N ASP M 461 26.54 -49.24 -31.16
CA ASP M 461 27.17 -50.55 -31.35
C ASP M 461 26.23 -51.47 -32.11
N VAL M 462 26.61 -52.75 -32.22
CA VAL M 462 25.80 -53.79 -32.85
C VAL M 462 26.06 -55.06 -32.07
N MET M 463 25.03 -55.92 -31.95
CA MET M 463 25.25 -57.23 -31.34
C MET M 463 26.22 -58.05 -32.17
N LYS M 464 27.37 -58.36 -31.57
CA LYS M 464 28.22 -59.44 -32.03
C LYS M 464 28.02 -60.69 -31.20
N LYS M 465 27.92 -60.55 -29.88
CA LYS M 465 27.70 -61.64 -28.95
C LYS M 465 26.32 -61.51 -28.35
N ILE M 466 25.64 -62.64 -28.13
CA ILE M 466 24.38 -62.63 -27.38
C ILE M 466 24.33 -63.89 -26.53
N TYR M 467 23.78 -63.75 -25.32
CA TYR M 467 23.70 -64.84 -24.36
C TYR M 467 22.29 -64.91 -23.79
N GLY M 468 21.79 -66.13 -23.66
CA GLY M 468 20.47 -66.37 -23.10
C GLY M 468 20.52 -67.42 -22.02
N THR M 469 19.67 -67.25 -21.01
CA THR M 469 19.56 -68.16 -19.88
C THR M 469 18.09 -68.52 -19.71
N GLY M 470 17.82 -69.81 -19.50
CA GLY M 470 16.46 -70.32 -19.49
C GLY M 470 16.04 -70.86 -18.14
N TYR M 471 14.77 -70.65 -17.82
CA TYR M 471 14.14 -71.19 -16.62
C TYR M 471 12.90 -71.97 -17.03
N LEU M 472 12.68 -73.12 -16.41
CA LEU M 472 11.53 -73.98 -16.67
C LEU M 472 10.85 -74.37 -15.36
N GLU N 13 -41.23 27.38 -58.83
CA GLU N 13 -42.40 27.13 -59.71
C GLU N 13 -43.69 27.27 -58.93
N ILE N 14 -44.83 27.14 -59.61
CA ILE N 14 -46.12 27.17 -58.94
C ILE N 14 -46.28 25.89 -58.14
N PRO N 15 -47.09 25.87 -57.09
CA PRO N 15 -47.30 24.62 -56.36
C PRO N 15 -48.00 23.58 -57.20
N GLY N 16 -47.61 22.33 -56.98
CA GLY N 16 -48.12 21.21 -57.76
C GLY N 16 -47.18 20.03 -57.62
N PHE N 17 -47.48 18.97 -58.38
CA PHE N 17 -46.73 17.71 -58.29
C PHE N 17 -46.34 17.40 -59.73
N TYR N 18 -45.20 17.90 -60.19
CA TYR N 18 -44.86 17.86 -61.61
C TYR N 18 -43.79 16.83 -61.89
N ASN N 19 -44.20 15.76 -62.58
CA ASN N 19 -43.31 14.66 -62.94
C ASN N 19 -42.45 15.05 -64.13
N ARG N 20 -41.24 14.50 -64.17
CA ARG N 20 -40.33 14.67 -65.32
C ARG N 20 -39.57 13.36 -65.49
N PHE N 21 -40.05 12.54 -66.40
CA PHE N 21 -39.57 11.17 -66.53
C PHE N 21 -38.26 11.11 -67.31
N LYS N 22 -37.38 10.22 -66.86
CA LYS N 22 -35.98 10.19 -67.29
C LYS N 22 -35.53 8.76 -67.56
N THR N 23 -36.37 7.96 -68.21
CA THR N 23 -35.97 6.64 -68.71
C THR N 23 -35.25 6.82 -70.05
N GLN N 24 -34.10 7.51 -70.09
CA GLN N 24 -33.46 7.54 -71.41
C GLN N 24 -32.39 6.40 -71.51
N ALA N 25 -31.54 6.16 -70.51
CA ALA N 25 -30.53 5.10 -70.64
C ALA N 25 -30.59 4.18 -69.42
N GLU N 26 -31.80 3.68 -69.13
CA GLU N 26 -32.04 2.95 -67.89
C GLU N 26 -31.08 1.76 -67.75
N LYS N 27 -31.12 0.82 -68.69
CA LYS N 27 -30.14 -0.26 -68.73
C LYS N 27 -29.75 -0.57 -70.18
N SER N 28 -29.58 0.47 -70.98
CA SER N 28 -29.16 0.35 -72.37
C SER N 28 -27.67 0.61 -72.54
N THR N 29 -26.87 0.21 -71.55
CA THR N 29 -25.46 0.56 -71.46
C THR N 29 -24.60 -0.70 -71.42
N ASN N 30 -23.38 -0.58 -71.98
CA ASN N 30 -22.38 -1.62 -71.91
C ASN N 30 -21.01 -0.96 -71.80
N THR N 31 -20.04 -1.73 -71.29
CA THR N 31 -18.72 -1.23 -70.94
C THR N 31 -17.62 -1.92 -71.75
N GLY N 32 -17.91 -2.26 -73.00
CA GLY N 32 -16.97 -2.99 -73.82
C GLY N 32 -16.07 -2.14 -74.70
N LEU N 33 -15.97 -0.84 -74.39
CA LEU N 33 -15.24 0.09 -75.23
C LEU N 33 -14.41 1.03 -74.36
N LYS N 34 -13.32 1.54 -74.95
CA LYS N 34 -12.42 2.43 -74.24
C LYS N 34 -11.50 3.09 -75.26
N GLY N 35 -10.86 4.17 -74.83
CA GLY N 35 -9.79 4.79 -75.59
C GLY N 35 -10.29 5.73 -76.68
N ARG N 36 -9.37 6.56 -77.16
CA ARG N 36 -9.63 7.48 -78.26
C ARG N 36 -8.38 7.56 -79.13
N LEU N 37 -8.60 7.77 -80.43
CA LEU N 37 -7.56 7.68 -81.43
C LEU N 37 -7.64 8.86 -82.39
N ALA N 38 -6.47 9.27 -82.89
CA ALA N 38 -6.35 10.32 -83.89
C ALA N 38 -6.19 9.71 -85.28
N MET N 39 -6.70 10.42 -86.29
CA MET N 39 -6.76 9.90 -87.65
C MET N 39 -6.75 11.04 -88.65
N PRO N 40 -5.61 11.34 -89.26
CA PRO N 40 -5.63 12.06 -90.54
C PRO N 40 -6.05 11.10 -91.65
N ILE N 41 -7.01 11.53 -92.47
CA ILE N 41 -7.63 10.66 -93.47
C ILE N 41 -7.84 11.41 -94.77
N ARG N 42 -7.68 10.69 -95.89
CA ARG N 42 -8.14 11.13 -97.19
C ARG N 42 -9.53 10.56 -97.43
N ALA N 43 -10.46 11.40 -97.88
CA ALA N 43 -11.85 11.00 -98.02
C ALA N 43 -12.46 11.67 -99.23
N ASN N 44 -13.34 10.93 -99.91
CA ASN N 44 -14.16 11.50 -100.97
C ASN N 44 -15.32 12.34 -100.44
N TRP N 45 -15.74 12.09 -99.20
CA TRP N 45 -16.93 12.71 -98.63
C TRP N 45 -16.65 13.08 -97.19
N GLY N 46 -17.38 14.09 -96.70
CA GLY N 46 -17.37 14.47 -95.31
C GLY N 46 -16.76 15.85 -95.10
N ASP N 47 -16.80 16.26 -93.83
CA ASP N 47 -16.33 17.59 -93.45
C ASP N 47 -14.83 17.72 -93.71
N VAL N 48 -14.40 18.96 -93.91
CA VAL N 48 -13.02 19.28 -94.28
C VAL N 48 -12.51 20.35 -93.32
N GLY N 49 -11.25 20.19 -92.90
CA GLY N 49 -10.59 21.20 -92.10
C GLY N 49 -10.97 21.23 -90.64
N LYS N 50 -11.61 20.18 -90.13
CA LYS N 50 -12.00 20.10 -88.73
C LYS N 50 -11.72 18.70 -88.20
N VAL N 51 -11.47 18.63 -86.89
CA VAL N 51 -11.23 17.37 -86.20
C VAL N 51 -12.55 16.95 -85.58
N VAL N 52 -13.16 15.91 -86.16
CA VAL N 52 -14.50 15.46 -85.77
C VAL N 52 -14.37 14.12 -85.04
N THR N 53 -15.11 14.00 -83.93
CA THR N 53 -15.14 12.77 -83.16
C THR N 53 -16.22 11.85 -83.71
N ILE N 54 -15.90 10.57 -83.81
CA ILE N 54 -16.80 9.54 -84.33
C ILE N 54 -17.01 8.51 -83.23
N LYS N 55 -18.28 8.27 -82.88
CA LYS N 55 -18.62 7.19 -81.98
C LYS N 55 -18.45 5.86 -82.71
N ASN N 56 -18.32 4.78 -81.93
CA ASN N 56 -17.84 3.52 -82.48
C ASN N 56 -18.81 2.88 -83.47
N ASP N 57 -20.03 3.37 -83.60
CA ASP N 57 -20.93 2.86 -84.63
C ASP N 57 -20.38 3.23 -86.01
N LEU N 58 -20.12 2.21 -86.83
CA LEU N 58 -19.61 2.47 -88.17
C LEU N 58 -20.62 3.20 -89.05
N ARG N 59 -21.91 3.11 -88.71
CA ARG N 59 -22.92 3.88 -89.43
C ARG N 59 -22.62 5.37 -89.37
N GLN N 60 -22.10 5.84 -88.24
CA GLN N 60 -21.71 7.24 -88.13
C GLN N 60 -20.58 7.55 -89.10
N LEU N 61 -19.58 6.68 -89.18
CA LEU N 61 -18.49 6.86 -90.15
C LEU N 61 -19.03 6.84 -91.57
N LYS N 62 -19.91 5.89 -91.87
CA LYS N 62 -20.47 5.77 -93.21
C LYS N 62 -21.24 7.02 -93.59
N ASN N 63 -22.00 7.58 -92.64
CA ASN N 63 -22.77 8.78 -92.92
C ASN N 63 -21.86 9.98 -93.11
N LEU N 64 -20.91 10.19 -92.21
CA LEU N 64 -20.15 11.43 -92.15
C LEU N 64 -18.94 11.46 -93.07
N PHE N 65 -18.52 10.32 -93.63
CA PHE N 65 -17.38 10.30 -94.54
C PHE N 65 -17.55 9.32 -95.70
N GLY N 66 -18.75 8.81 -95.93
CA GLY N 66 -18.99 7.92 -97.05
C GLY N 66 -18.56 6.49 -96.73
N ASP N 67 -18.74 5.63 -97.74
CA ASP N 67 -18.51 4.20 -97.61
C ASP N 67 -17.60 3.68 -98.73
N ASP N 68 -16.68 4.51 -99.20
CA ASP N 68 -15.78 4.14 -100.29
C ASP N 68 -14.50 3.57 -99.70
N MET N 69 -14.23 2.29 -100.01
CA MET N 69 -13.03 1.63 -99.53
C MET N 69 -11.79 1.98 -100.33
N ASN N 70 -11.92 2.71 -101.44
CA ASN N 70 -10.76 3.18 -102.18
C ASN N 70 -9.97 4.25 -101.43
N TYR N 71 -10.51 4.79 -100.33
CA TYR N 71 -9.93 5.92 -99.63
C TYR N 71 -9.52 5.48 -98.22
N SER N 72 -8.48 6.14 -97.71
CA SER N 72 -7.98 5.80 -96.38
C SER N 72 -9.05 5.98 -95.31
N ALA N 73 -9.94 6.95 -95.51
CA ALA N 73 -10.93 7.31 -94.50
C ALA N 73 -11.79 6.12 -94.07
N PHE N 74 -12.59 5.58 -94.99
CA PHE N 74 -13.52 4.53 -94.61
C PHE N 74 -12.81 3.25 -94.19
N LYS N 75 -11.76 2.87 -94.91
CA LYS N 75 -11.06 1.62 -94.62
C LYS N 75 -10.41 1.67 -93.25
N LEU N 76 -9.60 2.70 -93.00
CA LEU N 76 -8.92 2.81 -91.72
C LEU N 76 -9.91 3.09 -90.60
N GLY N 77 -11.01 3.79 -90.89
CA GLY N 77 -12.04 3.97 -89.88
C GLY N 77 -12.67 2.65 -89.48
N LYS N 78 -12.99 1.80 -90.46
CA LYS N 78 -13.55 0.50 -90.15
C LYS N 78 -12.58 -0.33 -89.33
N LEU N 79 -11.29 -0.30 -89.69
CA LEU N 79 -10.29 -1.04 -88.91
C LEU N 79 -10.22 -0.52 -87.48
N ALA N 80 -10.23 0.80 -87.31
CA ALA N 80 -10.16 1.37 -85.96
C ALA N 80 -11.41 1.01 -85.15
N LEU N 81 -12.59 1.09 -85.77
CA LEU N 81 -13.82 0.77 -85.07
C LEU N 81 -13.85 -0.69 -84.66
N LEU N 82 -13.37 -1.58 -85.53
CA LEU N 82 -13.20 -2.98 -85.14
C LEU N 82 -12.13 -3.14 -84.07
N GLY N 83 -11.23 -2.16 -83.95
CA GLY N 83 -10.35 -2.10 -82.79
C GLY N 83 -11.04 -1.72 -81.50
N ASN N 84 -12.32 -1.35 -81.56
CA ASN N 84 -13.16 -1.14 -80.37
C ASN N 84 -12.73 0.12 -79.60
N VAL N 85 -12.44 1.19 -80.32
CA VAL N 85 -12.15 2.47 -79.71
C VAL N 85 -13.46 3.13 -79.29
N LYS N 86 -13.46 3.74 -78.11
CA LYS N 86 -14.68 4.38 -77.63
C LYS N 86 -15.10 5.53 -78.53
N GLU N 87 -14.14 6.36 -78.95
CA GLU N 87 -14.43 7.49 -79.82
C GLU N 87 -13.25 7.69 -80.76
N LEU N 88 -13.53 7.67 -82.06
CA LEU N 88 -12.52 7.79 -83.10
C LEU N 88 -12.55 9.21 -83.65
N LEU N 89 -11.43 9.91 -83.56
CA LEU N 89 -11.33 11.30 -83.99
C LEU N 89 -10.65 11.35 -85.35
N LEU N 90 -11.33 11.94 -86.33
CA LEU N 90 -10.88 11.97 -87.71
C LEU N 90 -10.58 13.39 -88.16
N TYR N 91 -9.83 13.50 -89.25
CA TYR N 91 -9.56 14.79 -89.88
C TYR N 91 -9.36 14.55 -91.36
N ARG N 92 -10.17 15.21 -92.20
CA ARG N 92 -10.11 15.00 -93.64
C ARG N 92 -8.98 15.84 -94.22
N LEU N 93 -8.06 15.16 -94.91
CA LEU N 93 -6.93 15.82 -95.57
C LEU N 93 -7.30 16.14 -97.01
N VAL N 94 -6.90 17.34 -97.45
CA VAL N 94 -7.22 17.81 -98.80
C VAL N 94 -6.10 18.71 -99.29
N ASP N 95 -6.00 18.81 -100.61
CA ASP N 95 -5.27 19.90 -101.24
C ASP N 95 -6.20 21.10 -101.36
N GLY N 96 -5.61 22.30 -101.42
CA GLY N 96 -6.40 23.52 -101.44
C GLY N 96 -7.38 23.58 -102.59
N ASN N 97 -7.07 22.93 -103.71
CA ASN N 97 -7.98 22.90 -104.85
C ASN N 97 -9.22 22.05 -104.60
N GLN N 98 -9.27 21.28 -103.52
CA GLN N 98 -10.38 20.37 -103.27
C GLN N 98 -11.68 21.15 -103.09
N LYS N 99 -12.76 20.63 -103.66
CA LYS N 99 -13.93 21.45 -103.97
C LYS N 99 -15.21 20.65 -103.85
N LYS N 100 -16.32 21.37 -103.70
CA LYS N 100 -17.67 20.80 -103.68
C LYS N 100 -18.23 20.68 -105.09
N GLY N 101 -19.03 19.63 -105.30
CA GLY N 101 -19.81 19.53 -106.51
C GLY N 101 -20.96 20.51 -106.49
N THR N 102 -21.40 20.90 -107.69
CA THR N 102 -22.41 21.95 -107.83
C THR N 102 -23.24 21.71 -109.08
N LEU N 103 -24.49 22.15 -109.01
CA LEU N 103 -25.41 22.14 -110.15
C LEU N 103 -26.31 23.36 -110.05
N THR N 104 -26.77 23.84 -111.20
CA THR N 104 -27.61 25.03 -111.29
C THR N 104 -28.90 24.70 -112.02
N LEU N 105 -29.98 25.36 -111.60
CA LEU N 105 -31.30 25.20 -112.18
C LEU N 105 -31.78 26.53 -112.75
N LYS N 106 -32.68 26.44 -113.73
CA LYS N 106 -33.16 27.61 -114.46
C LYS N 106 -34.65 27.50 -114.68
N ASP N 107 -35.29 28.65 -114.87
CA ASP N 107 -36.71 28.71 -115.12
C ASP N 107 -37.01 28.51 -116.61
N THR N 108 -38.30 28.30 -116.91
CA THR N 108 -38.76 28.10 -118.28
C THR N 108 -39.92 29.00 -118.67
N THR N 109 -40.51 29.76 -117.74
CA THR N 109 -41.62 30.65 -118.09
C THR N 109 -41.17 31.73 -119.06
N GLU N 110 -39.99 32.30 -118.83
CA GLU N 110 -39.45 33.37 -119.67
C GLU N 110 -38.62 32.78 -120.80
N ASN N 111 -38.70 33.41 -121.97
CA ASN N 111 -37.88 32.98 -123.09
C ASN N 111 -36.40 33.14 -122.77
N SER N 112 -36.02 34.27 -122.18
CA SER N 112 -34.67 34.47 -121.65
C SER N 112 -34.63 33.87 -120.26
N ALA N 113 -34.39 32.56 -120.22
CA ALA N 113 -34.40 31.82 -118.96
C ALA N 113 -33.30 32.32 -118.04
N LYS N 114 -33.62 32.40 -116.74
CA LYS N 114 -32.73 32.94 -115.72
C LYS N 114 -32.51 31.89 -114.64
N ASP N 115 -31.25 31.79 -114.20
CA ASP N 115 -30.93 30.85 -113.12
C ASP N 115 -31.60 31.30 -111.83
N VAL N 116 -32.25 30.37 -111.16
CA VAL N 116 -33.05 30.66 -109.97
C VAL N 116 -32.71 29.80 -108.77
N ILE N 117 -32.13 28.61 -108.96
CA ILE N 117 -31.72 27.75 -107.86
C ILE N 117 -30.38 27.12 -108.22
N LYS N 118 -29.50 27.01 -107.22
CA LYS N 118 -28.24 26.29 -107.33
C LYS N 118 -28.18 25.21 -106.26
N LEU N 119 -27.72 24.03 -106.66
CA LEU N 119 -27.56 22.88 -105.77
C LEU N 119 -26.08 22.59 -105.61
N GLU N 120 -25.64 22.44 -104.37
CA GLU N 120 -24.24 22.16 -104.05
C GLU N 120 -24.18 21.07 -102.99
N THR N 121 -23.22 20.16 -103.13
CA THR N 121 -23.07 19.07 -102.18
C THR N 121 -22.77 19.62 -100.79
N LYS N 122 -23.38 18.99 -99.78
CA LYS N 122 -23.22 19.49 -98.42
C LYS N 122 -21.77 19.42 -97.94
N TYR N 123 -21.00 18.48 -98.49
CA TYR N 123 -19.59 18.31 -98.16
C TYR N 123 -18.77 18.33 -99.43
N PRO N 124 -17.50 18.74 -99.36
CA PRO N 124 -16.65 18.67 -100.55
C PRO N 124 -16.47 17.23 -101.02
N THR N 125 -16.45 17.06 -102.34
CA THR N 125 -16.38 15.74 -102.95
C THR N 125 -16.14 15.90 -104.45
N ALA N 126 -16.09 14.76 -105.14
CA ALA N 126 -16.15 14.72 -106.59
C ALA N 126 -17.08 13.62 -107.09
N ARG N 127 -17.88 13.01 -106.22
CA ARG N 127 -18.73 11.91 -106.62
C ARG N 127 -19.85 12.38 -107.53
N ASN N 128 -20.47 11.43 -108.21
CA ASN N 128 -21.51 11.72 -109.20
C ASN N 128 -22.89 11.77 -108.53
N PHE N 129 -23.03 12.70 -107.59
CA PHE N 129 -24.35 12.97 -107.01
C PHE N 129 -25.20 13.64 -108.07
N ASN N 130 -26.34 13.02 -108.40
CA ASN N 130 -27.18 13.42 -109.51
C ASN N 130 -28.55 13.86 -109.03
N VAL N 131 -29.22 14.65 -109.87
CA VAL N 131 -30.52 15.23 -109.55
C VAL N 131 -31.41 15.14 -110.77
N THR N 132 -32.71 14.96 -110.53
CA THR N 132 -33.73 14.90 -111.57
C THR N 132 -34.89 15.80 -111.19
N ILE N 133 -35.37 16.57 -112.17
CA ILE N 133 -36.57 17.39 -112.01
C ILE N 133 -37.49 17.09 -113.19
N LYS N 134 -38.75 16.84 -112.90
CA LYS N 134 -39.73 16.48 -113.92
C LYS N 134 -41.08 17.08 -113.55
N SER N 135 -41.96 17.16 -114.54
CA SER N 135 -43.29 17.71 -114.32
C SER N 135 -44.09 16.79 -113.41
N ASN N 136 -44.76 17.38 -112.42
CA ASN N 136 -45.61 16.61 -111.54
C ASN N 136 -46.85 16.14 -112.29
N LEU N 137 -47.19 14.86 -112.15
CA LEU N 137 -48.31 14.29 -112.87
C LEU N 137 -49.66 14.61 -112.24
N VAL N 138 -49.67 15.06 -110.99
CA VAL N 138 -50.92 15.33 -110.27
C VAL N 138 -51.25 16.81 -110.40
N ASP N 139 -50.37 17.67 -109.88
CA ASP N 139 -50.56 19.11 -109.89
C ASP N 139 -49.80 19.72 -111.06
N SER N 140 -50.41 20.72 -111.69
CA SER N 140 -49.84 21.28 -112.92
C SER N 140 -48.52 21.99 -112.65
N ASP N 141 -48.50 22.89 -111.66
CA ASP N 141 -47.33 23.72 -111.42
C ASP N 141 -46.23 23.03 -110.62
N LYS N 142 -46.49 21.83 -110.09
CA LYS N 142 -45.51 21.16 -109.25
C LYS N 142 -44.44 20.48 -110.09
N LYS N 143 -43.22 20.47 -109.57
CA LYS N 143 -42.09 19.77 -110.17
C LYS N 143 -41.59 18.74 -109.17
N ASP N 144 -41.33 17.52 -109.65
CA ASP N 144 -40.91 16.42 -108.79
C ASP N 144 -39.38 16.43 -108.74
N PHE N 145 -38.83 16.81 -107.58
CA PHE N 145 -37.39 16.89 -107.40
C PHE N 145 -36.89 15.58 -106.81
N ILE N 146 -36.01 14.89 -107.55
CA ILE N 146 -35.46 13.61 -107.16
C ILE N 146 -33.94 13.70 -107.21
N PHE N 147 -33.29 12.99 -106.30
CA PHE N 147 -31.85 13.06 -106.10
C PHE N 147 -31.27 11.66 -106.12
N PHE N 148 -30.08 11.52 -106.72
CA PHE N 148 -29.44 10.23 -106.88
C PHE N 148 -27.94 10.37 -106.65
N GLU N 149 -27.27 9.22 -106.65
CA GLU N 149 -25.82 9.14 -106.80
C GLU N 149 -25.54 7.99 -107.76
N ASN N 150 -25.12 8.32 -108.98
CA ASN N 150 -24.97 7.33 -110.05
C ASN N 150 -26.27 6.58 -110.29
N THR N 151 -27.39 7.32 -110.30
CA THR N 151 -28.75 6.83 -110.50
C THR N 151 -29.32 6.09 -109.30
N LYS N 152 -28.55 5.91 -108.23
CA LYS N 152 -29.08 5.31 -107.01
C LYS N 152 -29.81 6.41 -106.23
N GLN N 153 -31.13 6.32 -106.16
CA GLN N 153 -31.93 7.41 -105.64
C GLN N 153 -31.69 7.62 -104.16
N LEU N 154 -31.58 8.90 -103.77
CA LEU N 154 -31.47 9.31 -102.38
C LEU N 154 -32.82 9.74 -101.83
N PHE N 155 -33.47 10.68 -102.50
CA PHE N 155 -34.66 11.34 -101.98
C PHE N 155 -35.47 11.90 -103.13
N SER N 156 -36.79 11.95 -102.94
CA SER N 156 -37.72 12.51 -103.91
C SER N 156 -38.68 13.46 -103.20
N SER N 157 -39.09 14.51 -103.92
CA SER N 157 -39.99 15.51 -103.36
C SER N 157 -40.71 16.22 -104.51
N SER N 158 -41.78 16.93 -104.15
CA SER N 158 -42.59 17.67 -105.11
C SER N 158 -43.07 18.96 -104.47
N ILE N 159 -42.82 20.09 -105.13
CA ILE N 159 -43.22 21.41 -104.64
C ILE N 159 -43.74 22.22 -105.82
N LYS N 160 -44.70 23.10 -105.53
CA LYS N 160 -45.24 24.02 -106.52
C LYS N 160 -44.14 24.90 -107.09
N GLY N 161 -44.48 25.59 -108.18
CA GLY N 161 -43.49 26.32 -108.96
C GLY N 161 -43.15 27.70 -108.44
N THR N 162 -42.87 27.82 -107.13
CA THR N 162 -42.30 29.02 -106.54
C THR N 162 -40.96 28.66 -105.94
N ILE N 163 -39.96 29.49 -106.21
CA ILE N 163 -38.57 29.11 -105.94
C ILE N 163 -38.30 29.04 -104.44
N ASP N 164 -38.90 29.96 -103.67
CA ASP N 164 -38.62 30.01 -102.23
C ASP N 164 -39.06 28.73 -101.53
N GLU N 165 -40.30 28.30 -101.79
CA GLU N 165 -40.79 27.07 -101.17
C GLU N 165 -39.99 25.86 -101.67
N ILE N 166 -39.58 25.88 -102.94
CA ILE N 166 -38.81 24.77 -103.49
C ILE N 166 -37.49 24.63 -102.73
N VAL N 167 -36.73 25.72 -102.59
CA VAL N 167 -35.44 25.64 -101.94
C VAL N 167 -35.62 25.33 -100.46
N LEU N 168 -36.67 25.89 -99.83
CA LEU N 168 -36.91 25.61 -98.42
C LEU N 168 -37.20 24.14 -98.19
N GLU N 169 -38.03 23.53 -99.03
CA GLU N 169 -38.30 22.10 -98.90
C GLU N 169 -37.04 21.27 -99.16
N ILE N 170 -36.28 21.64 -100.19
CA ILE N 170 -35.09 20.86 -100.54
C ILE N 170 -34.08 20.91 -99.41
N ASN N 171 -33.97 22.05 -98.72
CA ASN N 171 -33.09 22.18 -97.57
C ASN N 171 -33.72 21.67 -96.27
N SER N 172 -35.02 21.42 -96.25
CA SER N 172 -35.70 21.07 -95.00
C SER N 172 -35.45 19.62 -94.62
N ASN N 173 -35.85 18.68 -95.49
CA ASN N 173 -35.74 17.28 -95.16
C ASN N 173 -34.28 16.85 -95.12
N LEU N 174 -33.92 16.11 -94.06
CA LEU N 174 -32.57 15.57 -93.93
C LEU N 174 -32.35 14.35 -94.82
N ASP N 175 -33.39 13.85 -95.48
CA ASP N 175 -33.17 12.88 -96.55
C ASP N 175 -32.35 13.49 -97.68
N ASN N 176 -32.43 14.82 -97.85
CA ASN N 176 -31.63 15.56 -98.81
C ASN N 176 -30.36 16.13 -98.19
N GLU N 177 -29.81 15.46 -97.19
CA GLU N 177 -28.63 15.99 -96.49
C GLU N 177 -27.40 16.00 -97.38
N TYR N 178 -27.38 15.22 -98.47
CA TYR N 178 -26.21 15.19 -99.33
C TYR N 178 -25.96 16.52 -100.04
N VAL N 179 -26.99 17.36 -100.19
CA VAL N 179 -26.93 18.53 -101.04
C VAL N 179 -27.62 19.70 -100.35
N ILE N 180 -27.13 20.90 -100.65
CA ILE N 180 -27.69 22.16 -100.15
C ILE N 180 -28.24 22.94 -101.34
N ALA N 181 -29.46 23.43 -101.22
CA ALA N 181 -30.08 24.26 -102.23
C ALA N 181 -30.05 25.72 -101.80
N THR N 182 -29.70 26.61 -102.74
CA THR N 182 -29.66 28.04 -102.50
C THR N 182 -30.37 28.76 -103.62
N LYS N 183 -31.04 29.85 -103.28
CA LYS N 183 -31.81 30.62 -104.24
C LYS N 183 -30.92 31.59 -104.99
N VAL N 184 -30.96 31.53 -106.31
CA VAL N 184 -30.19 32.44 -107.15
C VAL N 184 -30.97 33.71 -107.46
N ALA N 185 -32.29 33.59 -107.61
CA ALA N 185 -33.14 34.74 -107.90
C ALA N 185 -34.52 34.50 -107.30
N ASP N 186 -35.23 35.61 -107.07
CA ASP N 186 -36.56 35.56 -106.44
C ASP N 186 -37.61 35.49 -107.55
N SER N 187 -37.72 34.30 -108.14
CA SER N 187 -38.65 34.03 -109.23
C SER N 187 -39.80 33.18 -108.73
N ASP N 188 -40.95 33.34 -109.39
CA ASP N 188 -42.12 32.49 -109.19
C ASP N 188 -42.45 31.71 -110.47
N THR N 189 -41.42 31.39 -111.25
CA THR N 189 -41.57 30.80 -112.57
C THR N 189 -41.33 29.29 -112.52
N ILE N 190 -41.79 28.61 -113.56
CA ILE N 190 -41.67 27.16 -113.63
C ILE N 190 -40.23 26.78 -113.90
N LEU N 191 -39.72 25.82 -113.14
CA LEU N 191 -38.34 25.39 -113.28
C LEU N 191 -38.15 24.54 -114.53
N ALA N 192 -36.91 24.43 -114.96
CA ALA N 192 -36.54 23.57 -116.08
C ALA N 192 -36.32 22.15 -115.60
N ASN N 193 -36.75 21.19 -116.41
CA ASN N 193 -36.61 19.78 -116.07
C ASN N 193 -35.19 19.31 -116.33
N VAL N 194 -34.63 18.57 -115.37
CA VAL N 194 -33.33 17.94 -115.48
C VAL N 194 -33.51 16.46 -115.18
N VAL N 195 -32.59 15.65 -115.68
CA VAL N 195 -32.65 14.20 -115.51
C VAL N 195 -31.26 13.68 -115.18
N ASN N 196 -31.04 13.35 -113.90
CA ASN N 196 -29.81 12.71 -113.45
C ASN N 196 -28.59 13.57 -113.76
N GLN N 197 -28.73 14.89 -113.58
CA GLN N 197 -27.63 15.81 -113.83
C GLN N 197 -26.70 15.84 -112.61
N ALA N 198 -25.43 15.53 -112.83
CA ALA N 198 -24.47 15.45 -111.75
C ALA N 198 -24.12 16.83 -111.23
N LEU N 199 -23.86 16.92 -109.92
CA LEU N 199 -23.37 18.14 -109.30
C LEU N 199 -21.88 18.25 -109.58
N GLU N 200 -21.55 18.88 -110.70
CA GLU N 200 -20.18 18.93 -111.18
C GLU N 200 -19.43 20.08 -110.50
N GLY N 201 -18.16 20.23 -110.87
CA GLY N 201 -17.30 21.25 -110.29
C GLY N 201 -16.60 20.84 -109.01
N GLY N 202 -16.88 19.65 -108.48
CA GLY N 202 -16.23 19.19 -107.27
C GLY N 202 -14.89 18.53 -107.53
N ASN N 203 -14.12 18.39 -106.45
CA ASN N 203 -12.82 17.76 -106.48
C ASN N 203 -12.72 16.82 -105.29
N ASP N 204 -11.91 15.76 -105.46
CA ASP N 204 -12.12 14.53 -104.69
C ASP N 204 -11.54 14.60 -103.28
N GLY N 205 -10.22 14.70 -103.17
CA GLY N 205 -9.56 14.60 -101.87
C GLY N 205 -8.27 13.81 -101.91
N CYS N 206 -8.11 12.94 -102.91
CA CYS N 206 -6.84 12.30 -103.19
C CYS N 206 -5.98 13.13 -104.14
N THR N 207 -6.37 14.37 -104.40
CA THR N 207 -5.71 15.21 -105.41
C THR N 207 -4.52 15.91 -104.79
N SER N 208 -3.32 15.46 -105.16
CA SER N 208 -2.07 16.15 -104.83
C SER N 208 -1.89 16.33 -103.33
N ILE N 209 -2.19 15.29 -102.57
CA ILE N 209 -1.99 15.32 -101.12
C ILE N 209 -0.51 15.06 -100.84
N THR N 210 0.10 15.95 -100.06
CA THR N 210 1.53 15.94 -99.78
C THR N 210 1.77 16.09 -98.29
N ASN N 211 3.05 16.14 -97.91
CA ASN N 211 3.42 16.18 -96.50
C ASN N 211 2.89 17.42 -95.80
N GLU N 212 2.71 18.51 -96.53
CA GLU N 212 2.22 19.75 -95.92
C GLU N 212 0.80 19.57 -95.39
N SER N 213 -0.03 18.84 -96.12
CA SER N 213 -1.39 18.57 -95.65
C SER N 213 -1.36 17.79 -94.34
N TYR N 214 -0.49 16.79 -94.25
CA TYR N 214 -0.36 16.04 -93.00
C TYR N 214 0.17 16.91 -91.88
N LEU N 215 1.10 17.81 -92.18
CA LEU N 215 1.61 18.72 -91.17
C LEU N 215 0.50 19.62 -90.64
N LYS N 216 -0.32 20.16 -91.53
CA LYS N 216 -1.45 20.98 -91.12
C LYS N 216 -2.43 20.17 -90.28
N ALA N 217 -2.69 18.92 -90.68
CA ALA N 217 -3.57 18.07 -89.90
C ALA N 217 -3.03 17.83 -88.50
N LEU N 218 -1.72 17.58 -88.38
CA LEU N 218 -1.12 17.38 -87.07
C LEU N 218 -1.22 18.64 -86.23
N GLU N 219 -1.00 19.81 -86.84
CA GLU N 219 -1.13 21.06 -86.11
C GLU N 219 -2.55 21.27 -85.61
N GLU N 220 -3.55 20.88 -86.42
CA GLU N 220 -4.91 20.86 -85.93
C GLU N 220 -5.08 19.89 -84.77
N PHE N 221 -4.44 18.72 -84.87
CA PHE N 221 -4.55 17.70 -83.84
C PHE N 221 -3.85 18.10 -82.55
N GLU N 222 -3.00 19.13 -82.57
CA GLU N 222 -2.36 19.61 -81.35
C GLU N 222 -3.39 20.05 -80.32
N ARG N 223 -4.57 20.49 -80.77
CA ARG N 223 -5.60 20.99 -79.87
C ARG N 223 -6.06 19.91 -78.89
N TYR N 224 -6.23 18.69 -79.38
CA TYR N 224 -6.94 17.66 -78.65
C TYR N 224 -5.97 16.80 -77.85
N SER N 225 -6.52 15.83 -77.12
CA SER N 225 -5.75 14.83 -76.39
C SER N 225 -6.13 13.45 -76.92
N PHE N 226 -5.14 12.56 -77.00
CA PHE N 226 -5.32 11.25 -77.62
C PHE N 226 -4.58 10.19 -76.83
N ASP N 227 -4.97 8.95 -77.08
CA ASP N 227 -4.28 7.78 -76.57
C ASP N 227 -3.26 7.24 -77.56
N SER N 228 -3.45 7.46 -78.87
CA SER N 228 -2.51 6.99 -79.86
C SER N 228 -2.70 7.75 -81.17
N PHE N 229 -1.68 7.65 -82.03
CA PHE N 229 -1.69 8.24 -83.36
C PHE N 229 -1.04 7.23 -84.31
N VAL N 230 -1.51 7.21 -85.56
CA VAL N 230 -1.12 6.17 -86.51
C VAL N 230 -0.72 6.69 -87.89
N LEU N 231 -1.04 7.96 -88.17
CA LEU N 231 -0.56 8.63 -89.40
C LEU N 231 -1.14 7.99 -90.66
N ASP N 232 -2.47 7.95 -90.74
CA ASP N 232 -3.21 7.75 -91.98
C ASP N 232 -2.90 6.43 -92.68
N GLY N 233 -2.24 5.49 -92.01
CA GLY N 233 -1.88 4.25 -92.68
C GLY N 233 -0.92 4.45 -93.82
N VAL N 234 -0.10 5.50 -93.77
CA VAL N 234 0.85 5.83 -94.82
C VAL N 234 2.25 5.74 -94.23
N ALA N 235 3.16 5.09 -94.96
CA ALA N 235 4.50 4.79 -94.49
C ALA N 235 5.57 5.70 -95.09
N ASP N 236 5.19 6.88 -95.57
CA ASP N 236 6.15 7.81 -96.13
C ASP N 236 7.14 8.23 -95.04
N GLU N 237 8.43 8.19 -95.38
CA GLU N 237 9.47 8.32 -94.36
C GLU N 237 9.47 9.72 -93.76
N ALA N 238 9.50 10.76 -94.59
CA ALA N 238 9.61 12.14 -94.09
C ALA N 238 8.46 12.47 -93.17
N LEU N 239 7.26 12.01 -93.51
CA LEU N 239 6.12 12.15 -92.60
C LEU N 239 6.39 11.45 -91.28
N GLN N 240 7.08 10.30 -91.31
CA GLN N 240 7.34 9.58 -90.07
C GLN N 240 8.32 10.34 -89.18
N GLU N 241 9.40 10.90 -89.75
CA GLU N 241 10.28 11.71 -88.92
C GLU N 241 9.58 12.96 -88.40
N THR N 242 8.74 13.58 -89.25
CA THR N 242 8.01 14.76 -88.82
C THR N 242 7.10 14.43 -87.64
N THR N 243 6.38 13.31 -87.72
CA THR N 243 5.49 12.93 -86.64
C THR N 243 6.28 12.52 -85.40
N LYS N 244 7.47 11.93 -85.59
CA LYS N 244 8.32 11.60 -84.45
C LYS N 244 8.70 12.86 -83.68
N ALA N 245 9.18 13.88 -84.41
CA ALA N 245 9.53 15.14 -83.77
C ALA N 245 8.31 15.79 -83.14
N TRP N 246 7.15 15.69 -83.81
CA TRP N 246 5.93 16.29 -83.29
C TRP N 246 5.52 15.63 -81.98
N VAL N 247 5.61 14.30 -81.90
CA VAL N 247 5.25 13.59 -80.68
C VAL N 247 6.25 13.90 -79.57
N ALA N 248 7.53 14.02 -79.91
CA ALA N 248 8.52 14.41 -78.91
C ALA N 248 8.21 15.78 -78.34
N LYS N 249 7.85 16.73 -79.21
CA LYS N 249 7.46 18.05 -78.76
C LYS N 249 6.23 17.98 -77.85
N ASN N 250 5.24 17.17 -78.24
CA ASN N 250 4.03 17.06 -77.44
C ASN N 250 4.33 16.47 -76.07
N LYS N 251 5.23 15.47 -76.02
CA LYS N 251 5.63 14.90 -74.74
C LYS N 251 6.31 15.95 -73.87
N GLU N 252 7.23 16.72 -74.45
CA GLU N 252 7.91 17.76 -73.68
C GLU N 252 6.93 18.84 -73.23
N LEU N 253 5.85 19.04 -73.97
CA LEU N 253 4.82 20.00 -73.60
C LEU N 253 3.76 19.41 -72.67
N GLY N 254 3.97 18.20 -72.16
CA GLY N 254 3.04 17.61 -71.21
C GLY N 254 1.90 16.84 -71.84
N LYS N 255 1.89 16.65 -73.17
CA LYS N 255 0.88 15.85 -73.85
C LYS N 255 1.52 14.52 -74.21
N ASP N 256 1.02 13.45 -73.59
CA ASP N 256 1.64 12.12 -73.68
C ASP N 256 0.94 11.33 -74.77
N ILE N 257 1.36 11.55 -76.01
CA ILE N 257 0.77 10.92 -77.18
C ILE N 257 1.66 9.75 -77.61
N LEU N 258 1.04 8.60 -77.81
CA LEU N 258 1.72 7.41 -78.31
C LEU N 258 1.56 7.36 -79.83
N LEU N 259 2.57 6.81 -80.51
CA LEU N 259 2.57 6.74 -81.96
C LEU N 259 2.84 5.31 -82.42
N PHE N 260 1.99 4.84 -83.34
CA PHE N 260 2.18 3.58 -84.04
C PHE N 260 2.51 3.86 -85.49
N LEU N 261 3.37 3.04 -86.07
CA LEU N 261 3.80 3.20 -87.45
C LEU N 261 3.92 1.83 -88.10
N GLY N 262 3.84 1.83 -89.43
CA GLY N 262 4.02 0.63 -90.21
C GLY N 262 4.90 0.87 -91.41
N GLY N 263 5.83 -0.04 -91.66
CA GLY N 263 6.74 0.12 -92.77
C GLY N 263 6.07 -0.14 -94.11
N LYS N 264 6.82 0.13 -95.17
CA LYS N 264 6.30 -0.09 -96.51
C LYS N 264 6.23 -1.58 -96.82
N THR N 265 5.28 -1.93 -97.70
CA THR N 265 5.15 -3.32 -98.11
C THR N 265 6.40 -3.84 -98.80
N GLU N 266 7.15 -2.94 -99.45
CA GLU N 266 8.35 -3.35 -100.17
C GLU N 266 9.51 -3.67 -99.23
N ASP N 267 9.48 -3.18 -97.99
CA ASP N 267 10.58 -3.40 -97.08
C ASP N 267 10.66 -4.85 -96.67
N ASN N 268 11.86 -5.43 -96.76
CA ASN N 268 12.11 -6.74 -96.21
C ASN N 268 12.10 -6.68 -94.69
N ILE N 269 12.02 -7.86 -94.06
CA ILE N 269 12.04 -7.92 -92.61
C ILE N 269 13.33 -7.33 -92.07
N LYS N 270 14.43 -7.47 -92.82
CA LYS N 270 15.66 -6.79 -92.43
C LYS N 270 15.49 -5.28 -92.46
N GLN N 271 14.88 -4.76 -93.52
CA GLN N 271 14.67 -3.31 -93.61
C GLN N 271 13.71 -2.83 -92.52
N ILE N 272 12.66 -3.61 -92.26
CA ILE N 272 11.72 -3.26 -91.18
C ILE N 272 12.45 -3.23 -89.85
N ASN N 273 13.31 -4.22 -89.61
CA ASN N 273 14.07 -4.24 -88.35
C ASN N 273 15.03 -3.07 -88.27
N ASP N 274 15.62 -2.68 -89.41
CA ASP N 274 16.49 -1.50 -89.42
C ASP N 274 15.71 -0.24 -89.07
N LYS N 275 14.50 -0.10 -89.61
CA LYS N 275 13.67 1.05 -89.27
C LYS N 275 13.26 1.02 -87.80
N SER N 276 12.90 -0.16 -87.29
CA SER N 276 12.56 -0.29 -85.88
C SER N 276 13.75 -0.04 -84.98
N LYS N 277 14.97 -0.23 -85.49
CA LYS N 277 16.16 0.20 -84.78
C LYS N 277 16.31 1.71 -84.82
N SER N 278 16.02 2.31 -85.98
CA SER N 278 16.14 3.76 -86.12
C SER N 278 15.23 4.48 -85.13
N PHE N 279 14.01 3.99 -85.00
CA PHE N 279 13.12 4.45 -83.94
C PHE N 279 13.52 3.80 -82.63
N ASN N 280 13.77 4.61 -81.61
CA ASN N 280 14.07 4.11 -80.28
C ASN N 280 13.34 4.85 -79.18
N ASP N 281 12.57 5.89 -79.50
CA ASP N 281 11.70 6.49 -78.51
C ASP N 281 10.58 5.51 -78.16
N GLU N 282 10.23 5.47 -76.87
CA GLU N 282 9.28 4.47 -76.39
C GLU N 282 7.90 4.67 -77.00
N ASN N 283 7.55 5.90 -77.38
CA ASN N 283 6.25 6.19 -77.95
C ASN N 283 6.14 5.84 -79.43
N ILE N 284 7.11 5.12 -79.99
CA ILE N 284 7.12 4.72 -81.40
C ILE N 284 6.97 3.21 -81.47
N VAL N 285 6.02 2.75 -82.27
CA VAL N 285 5.79 1.34 -82.50
C VAL N 285 5.80 1.12 -84.02
N ASN N 286 6.66 0.23 -84.48
CA ASN N 286 6.82 -0.06 -85.91
C ASN N 286 6.18 -1.40 -86.21
N VAL N 287 5.34 -1.43 -87.25
CA VAL N 287 4.60 -2.62 -87.65
C VAL N 287 5.16 -3.12 -88.97
N GLY N 288 5.47 -4.41 -89.02
CA GLY N 288 6.07 -5.01 -90.21
C GLY N 288 5.13 -5.85 -91.03
N SER N 289 4.28 -6.63 -90.37
CA SER N 289 3.46 -7.61 -91.05
C SER N 289 2.29 -6.95 -91.78
N SER N 290 1.95 -7.52 -92.94
CA SER N 290 0.73 -7.20 -93.66
C SER N 290 -0.32 -8.26 -93.34
N ALA N 291 -1.56 -7.98 -93.74
CA ALA N 291 -2.66 -8.87 -93.36
C ALA N 291 -3.83 -8.70 -94.32
N TYR N 292 -4.74 -9.68 -94.26
CA TYR N 292 -6.01 -9.66 -94.98
C TYR N 292 -7.13 -9.87 -93.97
N TYR N 293 -8.22 -9.11 -94.13
CA TYR N 293 -9.40 -9.27 -93.30
C TYR N 293 -10.61 -9.74 -94.09
N GLU N 294 -11.07 -8.94 -95.05
CA GLU N 294 -12.13 -9.36 -95.98
C GLU N 294 -11.53 -9.74 -97.33
N ASN N 295 -10.59 -10.68 -97.29
CA ASN N 295 -9.88 -11.12 -98.50
C ASN N 295 -9.19 -9.97 -99.23
N ILE N 296 -8.85 -8.90 -98.50
CA ILE N 296 -8.27 -7.69 -99.06
C ILE N 296 -7.05 -7.34 -98.23
N LYS N 297 -5.92 -7.12 -98.89
CA LYS N 297 -4.66 -6.93 -98.18
C LYS N 297 -4.67 -5.60 -97.44
N TYR N 298 -3.82 -5.52 -96.41
CA TYR N 298 -3.60 -4.30 -95.65
C TYR N 298 -2.10 -4.14 -95.44
N THR N 299 -1.59 -2.96 -95.79
CA THR N 299 -0.17 -2.68 -95.64
C THR N 299 0.18 -2.66 -94.15
N PRO N 300 1.47 -2.69 -93.80
CA PRO N 300 1.83 -2.68 -92.38
C PRO N 300 1.29 -1.47 -91.62
N SER N 301 1.16 -0.32 -92.27
CA SER N 301 0.60 0.86 -91.62
C SER N 301 -0.91 0.77 -91.52
N GLU N 302 -1.58 0.18 -92.52
CA GLU N 302 -3.02 0.02 -92.43
C GLU N 302 -3.41 -0.89 -91.27
N VAL N 303 -2.63 -1.95 -91.04
CA VAL N 303 -2.83 -2.76 -89.85
C VAL N 303 -2.25 -2.11 -88.60
N ALA N 304 -1.31 -1.17 -88.75
CA ALA N 304 -0.88 -0.39 -87.61
C ALA N 304 -2.03 0.45 -87.07
N VAL N 305 -2.92 0.90 -87.94
CA VAL N 305 -4.14 1.56 -87.48
C VAL N 305 -4.91 0.63 -86.55
N TYR N 306 -5.13 -0.61 -86.99
CA TYR N 306 -5.91 -1.55 -86.19
C TYR N 306 -5.22 -1.91 -84.89
N ILE N 307 -3.91 -2.11 -84.91
CA ILE N 307 -3.23 -2.51 -83.69
C ILE N 307 -3.21 -1.36 -82.68
N ALA N 308 -3.06 -0.12 -83.17
CA ALA N 308 -3.15 1.02 -82.26
C ALA N 308 -4.55 1.13 -81.67
N ALA N 309 -5.58 0.92 -82.51
CA ALA N 309 -6.95 0.97 -82.02
C ALA N 309 -7.19 -0.08 -80.96
N LEU N 310 -6.72 -1.31 -81.20
CA LEU N 310 -6.90 -2.38 -80.24
C LEU N 310 -6.13 -2.09 -78.95
N SER N 311 -4.95 -1.49 -79.07
CA SER N 311 -4.16 -1.16 -77.89
C SER N 311 -4.88 -0.14 -77.02
N VAL N 312 -5.38 0.93 -77.64
CA VAL N 312 -6.06 1.96 -76.85
C VAL N 312 -7.36 1.43 -76.29
N SER N 313 -8.06 0.56 -77.04
CA SER N 313 -9.27 -0.05 -76.52
C SER N 313 -8.96 -0.93 -75.32
N LYS N 314 -7.82 -1.62 -75.36
CA LYS N 314 -7.39 -2.41 -74.21
C LYS N 314 -7.19 -1.53 -72.99
N GLY N 315 -6.56 -0.38 -73.17
CA GLY N 315 -6.30 0.50 -72.06
C GLY N 315 -5.37 -0.17 -71.05
N ILE N 316 -5.59 0.17 -69.78
CA ILE N 316 -4.92 -0.50 -68.68
C ILE N 316 -5.73 -1.77 -68.39
N THR N 317 -5.18 -2.67 -67.58
CA THR N 317 -5.81 -3.94 -67.26
C THR N 317 -5.85 -4.87 -68.46
N GLY N 318 -4.81 -4.82 -69.29
CA GLY N 318 -4.75 -5.68 -70.44
C GLY N 318 -3.47 -5.44 -71.21
N SER N 319 -3.34 -6.16 -72.31
CA SER N 319 -2.17 -6.06 -73.19
C SER N 319 -2.59 -6.54 -74.57
N ILE N 320 -1.61 -6.74 -75.44
CA ILE N 320 -1.83 -7.18 -76.82
C ILE N 320 -0.98 -8.36 -77.20
N CYS N 321 -0.18 -8.91 -76.27
CA CYS N 321 0.84 -9.87 -76.65
C CYS N 321 0.26 -11.17 -77.20
N ASN N 322 -1.03 -11.45 -76.96
CA ASN N 322 -1.69 -12.56 -77.64
C ASN N 322 -3.13 -12.24 -78.01
N ALA N 323 -3.49 -10.97 -78.13
CA ALA N 323 -4.86 -10.62 -78.48
C ALA N 323 -5.18 -11.10 -79.89
N LYS N 324 -6.32 -11.76 -80.04
CA LYS N 324 -6.72 -12.27 -81.35
C LYS N 324 -7.11 -11.09 -82.25
N THR N 325 -6.73 -11.20 -83.53
CA THR N 325 -7.02 -10.18 -84.52
C THR N 325 -8.16 -10.63 -85.42
N ILE N 326 -8.75 -9.66 -86.12
CA ILE N 326 -9.81 -9.94 -87.07
C ILE N 326 -9.29 -10.47 -88.40
N PHE N 327 -7.98 -10.45 -88.63
CA PHE N 327 -7.43 -10.72 -89.94
C PHE N 327 -7.43 -12.20 -90.25
N GLU N 328 -7.85 -12.54 -91.47
CA GLU N 328 -7.94 -13.92 -91.91
C GLU N 328 -6.62 -14.46 -92.43
N GLU N 329 -5.68 -13.58 -92.81
CA GLU N 329 -4.35 -14.01 -93.22
C GLU N 329 -3.32 -12.96 -92.79
N VAL N 330 -2.07 -13.39 -92.73
CA VAL N 330 -0.95 -12.55 -92.35
C VAL N 330 0.23 -12.90 -93.23
N GLU N 331 0.98 -11.88 -93.66
CA GLU N 331 2.23 -12.09 -94.37
C GLU N 331 3.08 -10.84 -94.22
N PRO N 332 4.42 -10.95 -94.28
CA PRO N 332 5.25 -12.17 -94.40
C PRO N 332 5.25 -12.99 -93.11
N ARG N 333 5.50 -14.28 -93.21
CA ARG N 333 5.31 -15.22 -92.11
C ARG N 333 6.65 -15.74 -91.63
N LEU N 334 6.79 -15.84 -90.31
CA LEU N 334 8.08 -15.85 -89.65
C LEU N 334 8.25 -17.13 -88.83
N SER N 335 9.43 -17.73 -88.94
CA SER N 335 9.85 -18.75 -87.99
C SER N 335 10.21 -18.09 -86.67
N GLN N 336 10.45 -18.93 -85.65
CA GLN N 336 10.81 -18.40 -84.33
C GLN N 336 12.08 -17.59 -84.38
N SER N 337 13.02 -17.95 -85.26
CA SER N 337 14.22 -17.14 -85.44
C SER N 337 13.86 -15.74 -85.94
N GLU N 338 13.01 -15.67 -86.96
CA GLU N 338 12.61 -14.36 -87.48
C GLU N 338 11.83 -13.56 -86.46
N VAL N 339 10.95 -14.24 -85.70
CA VAL N 339 10.19 -13.56 -84.66
C VAL N 339 11.12 -12.98 -83.61
N LYS N 340 12.11 -13.76 -83.19
CA LYS N 340 13.06 -13.27 -82.20
C LYS N 340 13.87 -12.12 -82.75
N GLU N 341 14.26 -12.18 -84.02
CA GLU N 341 14.97 -11.08 -84.66
C GLU N 341 14.13 -9.82 -84.64
N CYS N 342 12.85 -9.94 -85.00
CA CYS N 342 11.98 -8.77 -85.04
C CYS N 342 11.77 -8.19 -83.65
N LEU N 343 11.57 -9.05 -82.64
CA LEU N 343 11.37 -8.55 -81.29
C LEU N 343 12.62 -7.87 -80.76
N LYS N 344 13.79 -8.46 -81.02
CA LYS N 344 15.04 -7.82 -80.62
C LYS N 344 15.22 -6.48 -81.32
N SER N 345 14.73 -6.37 -82.56
CA SER N 345 14.76 -5.11 -83.28
C SER N 345 13.70 -4.12 -82.80
N GLY N 346 12.81 -4.53 -81.91
CA GLY N 346 11.70 -3.70 -81.49
C GLY N 346 10.50 -3.74 -82.42
N THR N 347 10.57 -4.47 -83.52
CA THR N 347 9.45 -4.56 -84.43
C THR N 347 8.30 -5.32 -83.80
N LEU N 348 7.08 -4.88 -84.09
CA LEU N 348 5.87 -5.63 -83.79
C LEU N 348 5.36 -6.25 -85.08
N VAL N 349 5.11 -7.55 -85.06
CA VAL N 349 4.69 -8.30 -86.23
C VAL N 349 3.59 -9.28 -85.82
N LEU N 350 2.55 -9.37 -86.64
CA LEU N 350 1.50 -10.34 -86.37
C LEU N 350 2.00 -11.74 -86.67
N ASP N 351 1.21 -12.73 -86.21
CA ASP N 351 1.62 -14.13 -86.28
C ASP N 351 0.38 -14.99 -86.51
N PHE N 352 0.63 -16.23 -86.95
CA PHE N 352 -0.40 -17.20 -87.22
C PHE N 352 -0.23 -18.41 -86.29
N ASP N 353 -0.07 -18.13 -84.99
CA ASP N 353 0.17 -19.18 -84.01
C ASP N 353 -0.92 -20.24 -84.01
N ASP N 354 -2.13 -19.88 -84.43
CA ASP N 354 -3.23 -20.83 -84.57
C ASP N 354 -3.93 -20.53 -85.89
N GLY N 355 -5.13 -21.09 -86.08
CA GLY N 355 -5.87 -20.88 -87.31
C GLY N 355 -6.27 -19.43 -87.57
N ASP N 356 -6.19 -18.58 -86.56
CA ASP N 356 -6.41 -17.15 -86.70
C ASP N 356 -5.07 -16.42 -86.76
N VAL N 357 -5.14 -15.10 -86.99
CA VAL N 357 -3.98 -14.23 -86.93
C VAL N 357 -3.90 -13.65 -85.54
N ILE N 358 -2.74 -13.78 -84.90
CA ILE N 358 -2.55 -13.44 -83.49
C ILE N 358 -1.38 -12.47 -83.37
N ILE N 359 -1.53 -11.48 -82.51
CA ILE N 359 -0.44 -10.55 -82.23
C ILE N 359 0.65 -11.29 -81.45
N VAL N 360 1.89 -11.09 -81.86
CA VAL N 360 2.97 -11.88 -81.27
C VAL N 360 3.31 -11.41 -79.86
N ASP N 361 3.44 -10.09 -79.66
CA ASP N 361 4.02 -9.58 -78.42
C ASP N 361 3.60 -8.12 -78.24
N ASP N 362 4.04 -7.55 -77.12
CA ASP N 362 3.69 -6.19 -76.73
C ASP N 362 4.79 -5.19 -77.03
N VAL N 363 5.76 -5.57 -77.86
CA VAL N 363 7.00 -4.81 -77.98
C VAL N 363 6.76 -3.48 -78.70
N ASN N 364 7.70 -2.56 -78.53
CA ASN N 364 7.75 -1.29 -79.24
C ASN N 364 9.14 -1.14 -79.87
N THR N 365 9.33 -0.07 -80.64
CA THR N 365 10.62 0.15 -81.29
C THR N 365 11.72 0.41 -80.28
N PHE N 366 11.38 0.92 -79.10
CA PHE N 366 12.42 1.24 -78.12
C PHE N 366 13.17 -0.02 -77.66
N LYS N 367 12.51 -1.18 -77.66
CA LYS N 367 12.99 -2.37 -76.96
C LYS N 367 14.43 -2.77 -77.32
N LYS N 368 14.97 -2.25 -78.42
CA LYS N 368 16.36 -2.49 -78.76
C LYS N 368 17.32 -2.12 -77.64
N TYR N 369 16.99 -1.10 -76.85
CA TYR N 369 17.78 -0.74 -75.68
C TYR N 369 17.08 -1.20 -74.41
N VAL N 370 17.84 -1.33 -73.33
CA VAL N 370 17.51 -2.27 -72.27
C VAL N 370 17.28 -1.61 -70.91
N ASP N 371 18.32 -0.98 -70.35
CA ASP N 371 18.45 -0.90 -68.90
C ASP N 371 17.93 0.41 -68.30
N ASP N 372 18.40 1.56 -68.78
CA ASP N 372 17.96 2.82 -68.18
C ASP N 372 16.44 2.97 -68.35
N LYS N 373 15.94 3.11 -69.56
CA LYS N 373 14.52 2.94 -69.80
C LYS N 373 14.29 1.43 -69.76
N ASN N 374 13.66 0.95 -68.69
CA ASN N 374 13.76 -0.46 -68.35
C ASN N 374 13.10 -1.32 -69.42
N GLU N 375 13.28 -2.64 -69.28
CA GLU N 375 12.78 -3.57 -70.29
C GLU N 375 11.26 -3.53 -70.36
N ALA N 376 10.59 -3.23 -69.25
CA ALA N 376 9.15 -3.08 -69.30
C ALA N 376 8.74 -1.89 -70.15
N MET N 377 9.59 -0.85 -70.23
CA MET N 377 9.31 0.25 -71.14
C MET N 377 9.32 -0.21 -72.59
N GLY N 378 10.03 -1.30 -72.90
CA GLY N 378 9.98 -1.88 -74.21
C GLY N 378 8.62 -2.42 -74.59
N TYR N 379 7.72 -2.61 -73.61
CA TYR N 379 6.38 -3.10 -73.84
C TYR N 379 5.39 -1.94 -73.83
N ILE N 380 4.42 -2.00 -74.75
CA ILE N 380 3.51 -0.89 -74.96
C ILE N 380 2.61 -0.68 -73.75
N SER N 381 2.22 -1.76 -73.06
CA SER N 381 1.30 -1.65 -71.94
C SER N 381 1.88 -0.78 -70.84
N ASN N 382 3.17 -0.93 -70.56
CA ASN N 382 3.80 -0.10 -69.55
C ASN N 382 3.79 1.36 -69.95
N ILE N 383 4.02 1.65 -71.24
CA ILE N 383 3.99 3.03 -71.70
C ILE N 383 2.59 3.60 -71.57
N MET N 384 1.57 2.80 -71.88
CA MET N 384 0.20 3.25 -71.69
C MET N 384 -0.07 3.56 -70.23
N PHE N 385 0.44 2.71 -69.33
CA PHE N 385 0.27 2.93 -67.90
C PHE N 385 0.94 4.23 -67.47
N ILE N 386 2.18 4.46 -67.90
CA ILE N 386 2.91 5.65 -67.51
C ILE N 386 2.23 6.90 -68.06
N ASN N 387 1.78 6.83 -69.31
CA ASN N 387 1.08 7.97 -69.90
C ASN N 387 -0.22 8.25 -69.16
N THR N 388 -0.93 7.20 -68.74
CA THR N 388 -2.15 7.41 -67.98
C THR N 388 -1.87 8.05 -66.63
N ILE N 389 -0.81 7.61 -65.95
CA ILE N 389 -0.46 8.22 -64.66
C ILE N 389 -0.10 9.68 -64.86
N ASN N 390 0.70 9.96 -65.90
CA ASN N 390 1.07 11.35 -66.19
C ASN N 390 -0.17 12.17 -66.52
N LYS N 391 -1.12 11.59 -67.26
CA LYS N 391 -2.32 12.33 -67.63
C LYS N 391 -3.18 12.64 -66.42
N ASP N 392 -3.40 11.66 -65.55
CA ASP N 392 -4.21 11.90 -64.36
C ASP N 392 -3.52 12.89 -63.44
N THR N 393 -2.20 12.81 -63.34
CA THR N 393 -1.45 13.76 -62.53
C THR N 393 -1.54 15.17 -63.09
N SER N 394 -1.37 15.30 -64.41
CA SER N 394 -1.54 16.58 -65.07
C SER N 394 -3.00 17.01 -65.11
N LEU N 395 -3.93 16.14 -64.76
CA LEU N 395 -5.29 16.58 -64.46
C LEU N 395 -5.36 17.15 -63.06
N LYS N 396 -4.66 16.54 -62.12
CA LYS N 396 -4.60 17.06 -60.76
C LYS N 396 -3.92 18.42 -60.67
N ARG N 397 -3.17 18.81 -61.71
CA ARG N 397 -2.47 20.10 -61.66
C ARG N 397 -3.46 21.22 -61.36
N LYS N 398 -4.58 21.23 -62.09
CA LYS N 398 -5.55 22.31 -61.98
C LYS N 398 -6.27 22.28 -60.65
N GLU N 399 -6.37 21.09 -60.03
CA GLU N 399 -6.94 21.02 -58.70
C GLU N 399 -6.01 21.64 -57.67
N PHE N 400 -4.69 21.44 -57.82
CA PHE N 400 -3.74 21.81 -56.78
C PHE N 400 -2.87 23.02 -57.09
N VAL N 401 -2.58 23.31 -58.35
CA VAL N 401 -1.68 24.43 -58.65
C VAL N 401 -2.42 25.74 -58.42
N GLY N 402 -1.80 26.65 -57.68
CA GLY N 402 -2.38 27.96 -57.48
C GLY N 402 -3.61 27.99 -56.62
N LYS N 403 -3.82 26.95 -55.80
CA LYS N 403 -5.05 26.84 -55.01
C LYS N 403 -4.81 26.31 -53.61
N ILE N 404 -3.56 26.10 -53.19
CA ILE N 404 -3.27 25.62 -51.84
C ILE N 404 -1.86 26.06 -51.49
N PHE N 405 -1.64 26.31 -50.20
CA PHE N 405 -0.66 27.30 -49.76
C PHE N 405 0.76 26.77 -49.57
N ASN N 406 1.08 25.55 -50.00
CA ASN N 406 2.44 25.00 -49.86
C ASN N 406 2.83 24.73 -48.40
N ASP N 407 1.94 24.94 -47.44
CA ASP N 407 2.25 24.64 -46.06
C ASP N 407 2.22 23.13 -45.87
N ALA N 408 2.42 22.67 -44.64
CA ALA N 408 2.34 21.24 -44.38
C ALA N 408 0.95 20.70 -44.68
N THR N 409 -0.08 21.51 -44.46
CA THR N 409 -1.45 21.07 -44.74
C THR N 409 -1.65 20.84 -46.23
N GLY N 410 -1.18 21.76 -47.07
CA GLY N 410 -1.35 21.60 -48.50
C GLY N 410 -0.58 20.42 -49.04
N GLN N 411 0.67 20.25 -48.58
CA GLN N 411 1.46 19.10 -49.00
C GLN N 411 0.79 17.80 -48.56
N THR N 412 0.27 17.77 -47.34
CA THR N 412 -0.42 16.58 -46.85
C THR N 412 -1.66 16.29 -47.68
N THR N 413 -2.42 17.33 -48.05
CA THR N 413 -3.61 17.13 -48.85
C THR N 413 -3.25 16.57 -50.22
N VAL N 414 -2.21 17.11 -50.85
CA VAL N 414 -1.78 16.63 -52.16
C VAL N 414 -1.35 15.17 -52.06
N ILE N 415 -0.56 14.85 -51.03
CA ILE N 415 -0.07 13.49 -50.86
C ILE N 415 -1.23 12.54 -50.60
N CYS N 416 -2.21 12.99 -49.81
CA CYS N 416 -3.37 12.16 -49.52
C CYS N 416 -4.20 11.89 -50.77
N ALA N 417 -4.37 12.91 -51.61
CA ALA N 417 -5.12 12.71 -52.85
C ALA N 417 -4.39 11.73 -53.77
N LEU N 418 -3.06 11.89 -53.91
CA LEU N 418 -2.31 10.97 -54.75
C LEU N 418 -2.33 9.56 -54.17
N LYS N 419 -2.28 9.45 -52.84
CA LYS N 419 -2.37 8.15 -52.20
C LYS N 419 -3.72 7.51 -52.45
N LYS N 420 -4.79 8.30 -52.41
CA LYS N 420 -6.12 7.78 -52.70
C LYS N 420 -6.20 7.28 -54.14
N TYR N 421 -5.60 8.03 -55.08
CA TYR N 421 -5.60 7.60 -56.47
C TYR N 421 -4.84 6.28 -56.63
N PHE N 422 -3.65 6.19 -56.03
CA PHE N 422 -2.86 4.97 -56.15
C PHE N 422 -3.52 3.81 -55.43
N GLU N 423 -4.26 4.07 -54.35
CA GLU N 423 -5.00 3.01 -53.69
C GLU N 423 -6.18 2.55 -54.53
N GLU N 424 -6.79 3.47 -55.28
CA GLU N 424 -7.79 3.07 -56.26
C GLU N 424 -7.18 2.15 -57.31
N LEU N 425 -5.96 2.48 -57.75
CA LEU N 425 -5.25 1.61 -58.68
C LEU N 425 -4.97 0.24 -58.05
N MET N 426 -4.56 0.24 -56.77
CA MET N 426 -4.31 -1.00 -56.06
C MET N 426 -5.58 -1.85 -55.98
N SER N 427 -6.73 -1.21 -55.73
CA SER N 427 -7.99 -1.94 -55.64
C SER N 427 -8.31 -2.64 -56.94
N GLN N 428 -7.99 -2.02 -58.07
CA GLN N 428 -8.14 -2.66 -59.37
C GLN N 428 -7.11 -3.77 -59.60
N GLY N 429 -6.11 -3.88 -58.74
CA GLY N 429 -5.10 -4.92 -58.88
C GLY N 429 -4.02 -4.61 -59.88
N ILE N 430 -4.05 -3.45 -60.52
CA ILE N 430 -3.07 -3.12 -61.55
C ILE N 430 -1.67 -3.02 -60.96
N ILE N 431 -1.59 -2.52 -59.73
CA ILE N 431 -0.32 -2.34 -59.03
C ILE N 431 -0.25 -3.36 -57.92
N SER N 432 0.89 -4.04 -57.81
CA SER N 432 1.12 -5.00 -56.74
C SER N 432 1.67 -4.33 -55.49
N GLU N 433 2.45 -3.26 -55.64
CA GLU N 433 3.03 -2.55 -54.52
C GLU N 433 3.32 -1.12 -54.95
N PHE N 434 3.20 -0.19 -54.01
CA PHE N 434 3.55 1.19 -54.28
C PHE N 434 3.82 1.90 -52.97
N ASN N 435 4.53 3.04 -53.08
CA ASN N 435 4.58 4.04 -52.04
C ASN N 435 4.75 5.38 -52.71
N VAL N 436 4.13 6.41 -52.13
CA VAL N 436 4.23 7.78 -52.63
C VAL N 436 4.48 8.70 -51.44
N ASP N 437 5.50 9.55 -51.56
CA ASP N 437 5.95 10.37 -50.45
C ASP N 437 6.56 11.66 -51.00
N ILE N 438 6.71 12.63 -50.10
CA ILE N 438 7.34 13.89 -50.46
C ILE N 438 8.81 13.64 -50.80
N ASP N 439 9.31 14.36 -51.79
CA ASP N 439 10.69 14.22 -52.24
C ASP N 439 11.52 15.19 -51.42
N THR N 440 11.78 14.79 -50.18
CA THR N 440 12.42 15.68 -49.21
C THR N 440 13.81 16.09 -49.67
N GLU N 441 14.48 15.27 -50.48
CA GLU N 441 15.76 15.67 -51.05
C GLU N 441 15.60 16.90 -51.94
N LEU N 442 14.66 16.86 -52.88
CA LEU N 442 14.41 18.00 -53.74
C LEU N 442 13.55 19.05 -53.05
N GLN N 443 12.72 18.65 -52.08
CA GLN N 443 11.92 19.63 -51.35
C GLN N 443 12.79 20.56 -50.52
N ALA N 444 13.93 20.07 -50.03
CA ALA N 444 14.86 20.94 -49.33
C ALA N 444 15.39 22.03 -50.25
N THR N 445 15.71 21.65 -51.49
CA THR N 445 16.17 22.61 -52.49
C THR N 445 15.03 23.32 -53.20
N ALA N 446 13.79 22.92 -52.96
CA ALA N 446 12.66 23.51 -53.66
C ALA N 446 12.49 24.98 -53.28
N LYS N 447 12.12 25.79 -54.26
CA LYS N 447 11.73 27.16 -53.98
C LYS N 447 10.39 27.16 -53.25
N ALA N 448 10.11 28.25 -52.55
CA ALA N 448 8.96 28.29 -51.65
C ALA N 448 7.63 28.15 -52.39
N ASP N 449 7.58 28.49 -53.67
CA ASP N 449 6.35 28.45 -54.45
C ASP N 449 6.20 27.17 -55.26
N GLU N 450 6.91 26.10 -54.89
CA GLU N 450 6.86 24.85 -55.62
C GLU N 450 6.93 23.66 -54.68
N PHE N 451 6.66 22.47 -55.24
CA PHE N 451 6.55 21.24 -54.48
C PHE N 451 7.18 20.11 -55.29
N TYR N 452 7.88 19.21 -54.60
CA TYR N 452 8.46 18.01 -55.18
C TYR N 452 7.96 16.80 -54.43
N TRP N 453 7.77 15.70 -55.16
CA TRP N 453 7.22 14.49 -54.57
C TRP N 453 7.72 13.30 -55.38
N LYS N 454 7.74 12.14 -54.73
CA LYS N 454 8.26 10.92 -55.33
C LYS N 454 7.29 9.79 -55.11
N TRP N 455 7.33 8.80 -56.01
CA TRP N 455 6.52 7.61 -55.85
C TRP N 455 7.18 6.43 -56.55
N ASP N 456 7.09 5.27 -55.89
CA ASP N 456 7.48 4.00 -56.48
C ASP N 456 6.24 3.12 -56.63
N ALA N 457 6.29 2.22 -57.61
CA ALA N 457 5.17 1.33 -57.87
C ALA N 457 5.70 0.06 -58.51
N VAL N 458 4.82 -0.94 -58.58
CA VAL N 458 5.12 -2.21 -59.24
C VAL N 458 3.87 -2.61 -60.02
N LYS N 459 3.88 -2.37 -61.33
CA LYS N 459 2.77 -2.81 -62.17
C LYS N 459 2.66 -4.32 -62.13
N VAL N 460 1.42 -4.81 -62.14
CA VAL N 460 1.20 -6.25 -62.11
C VAL N 460 1.47 -6.78 -63.52
N ASP N 461 2.22 -7.87 -63.61
CA ASP N 461 2.66 -8.40 -64.89
C ASP N 461 1.56 -9.24 -65.52
N VAL N 462 1.89 -9.91 -66.62
CA VAL N 462 0.99 -10.82 -67.32
C VAL N 462 1.86 -11.96 -67.86
N MET N 463 1.30 -13.18 -67.91
CA MET N 463 2.03 -14.27 -68.55
C MET N 463 2.22 -13.99 -70.02
N LYS N 464 3.47 -13.85 -70.43
CA LYS N 464 3.88 -13.98 -71.82
C LYS N 464 4.44 -15.36 -72.11
N LYS N 465 5.28 -15.87 -71.21
CA LYS N 465 5.89 -17.19 -71.33
C LYS N 465 5.32 -18.10 -70.26
N ILE N 466 5.11 -19.37 -70.58
CA ILE N 466 4.74 -20.36 -69.58
C ILE N 466 5.44 -21.68 -69.92
N TYR N 467 5.88 -22.39 -68.88
CA TYR N 467 6.62 -23.63 -69.04
C TYR N 467 6.03 -24.69 -68.12
N GLY N 468 5.89 -25.90 -68.65
CA GLY N 468 5.38 -27.02 -67.87
C GLY N 468 6.28 -28.22 -68.01
N THR N 469 6.37 -28.99 -66.92
CA THR N 469 7.17 -30.20 -66.86
C THR N 469 6.30 -31.32 -66.31
N GLY N 470 6.39 -32.49 -66.94
CA GLY N 470 5.49 -33.60 -66.67
C GLY N 470 6.19 -34.80 -66.08
N TYR N 471 5.50 -35.47 -65.17
CA TYR N 471 5.95 -36.72 -64.56
C TYR N 471 4.86 -37.77 -64.75
N LEU N 472 5.28 -38.99 -65.08
CA LEU N 472 4.36 -40.11 -65.28
C LEU N 472 4.84 -41.33 -64.49
N GLU O 13 -73.19 23.21 4.07
CA GLU O 13 -74.61 22.77 3.94
C GLU O 13 -74.98 21.84 5.08
N ILE O 14 -76.25 21.43 5.12
CA ILE O 14 -76.71 20.48 6.12
C ILE O 14 -76.12 19.12 5.77
N PRO O 15 -75.96 18.21 6.74
CA PRO O 15 -75.46 16.88 6.39
C PRO O 15 -76.44 16.12 5.51
N GLY O 16 -75.87 15.32 4.62
CA GLY O 16 -76.64 14.58 3.64
C GLY O 16 -75.76 14.16 2.49
N PHE O 17 -76.40 13.55 1.47
CA PHE O 17 -75.67 13.01 0.32
C PHE O 17 -76.37 13.63 -0.90
N TYR O 18 -75.93 14.80 -1.34
CA TYR O 18 -76.69 15.57 -2.32
C TYR O 18 -76.02 15.51 -3.69
N ASN O 19 -76.67 14.81 -4.62
CA ASN O 19 -76.17 14.65 -5.98
C ASN O 19 -76.43 15.91 -6.79
N ARG O 20 -75.55 16.18 -7.75
CA ARG O 20 -75.73 17.29 -8.69
C ARG O 20 -75.17 16.83 -10.03
N PHE O 21 -76.07 16.36 -10.90
CA PHE O 21 -75.67 15.69 -12.13
C PHE O 21 -75.28 16.68 -13.21
N LYS O 22 -74.23 16.31 -13.97
CA LYS O 22 -73.55 17.23 -14.87
C LYS O 22 -73.26 16.56 -16.21
N THR O 23 -74.24 15.80 -16.73
CA THR O 23 -74.15 15.29 -18.10
C THR O 23 -74.61 16.37 -19.08
N GLN O 24 -73.91 17.51 -19.16
CA GLN O 24 -74.36 18.45 -20.18
C GLN O 24 -73.56 18.25 -21.50
N ALA O 25 -72.23 18.10 -21.50
CA ALA O 25 -71.51 17.91 -22.75
C ALA O 25 -70.60 16.70 -22.66
N GLU O 26 -71.20 15.56 -22.29
CA GLU O 26 -70.41 14.37 -21.96
C GLU O 26 -69.51 13.97 -23.13
N LYS O 27 -70.10 13.66 -24.29
CA LYS O 27 -69.32 13.43 -25.50
C LYS O 27 -70.01 14.04 -26.71
N SER O 28 -70.57 15.23 -26.54
CA SER O 28 -71.23 15.97 -27.61
C SER O 28 -70.33 17.03 -28.22
N THR O 29 -69.02 16.74 -28.29
CA THR O 29 -68.00 17.72 -28.65
C THR O 29 -67.23 17.26 -29.89
N ASN O 30 -66.78 18.23 -30.66
CA ASN O 30 -65.91 17.98 -31.81
C ASN O 30 -64.93 19.15 -31.92
N THR O 31 -63.81 18.90 -32.61
CA THR O 31 -62.68 19.82 -32.67
C THR O 31 -62.40 20.26 -34.11
N GLY O 32 -63.44 20.39 -34.93
CA GLY O 32 -63.28 20.72 -36.32
C GLY O 32 -63.34 22.20 -36.65
N LEU O 33 -63.21 23.07 -35.65
CA LEU O 33 -63.37 24.50 -35.83
C LEU O 33 -62.28 25.25 -35.07
N LYS O 34 -61.97 26.46 -35.55
CA LYS O 34 -60.94 27.28 -34.96
C LYS O 34 -61.07 28.70 -35.51
N GLY O 35 -60.44 29.64 -34.82
CA GLY O 35 -60.27 30.99 -35.32
C GLY O 35 -61.49 31.87 -35.08
N ARG O 36 -61.25 33.17 -35.20
CA ARG O 36 -62.31 34.17 -35.09
C ARG O 36 -62.05 35.28 -36.10
N LEU O 37 -63.14 35.87 -36.61
CA LEU O 37 -63.08 36.81 -37.72
C LEU O 37 -63.95 38.03 -37.42
N ALA O 38 -63.51 39.16 -37.96
CA ALA O 38 -64.23 40.43 -37.87
C ALA O 38 -65.03 40.66 -39.15
N MET O 39 -66.17 41.34 -39.00
CA MET O 39 -67.11 41.53 -40.11
C MET O 39 -67.92 42.80 -39.90
N PRO O 40 -67.58 43.90 -40.57
CA PRO O 40 -68.57 44.95 -40.80
C PRO O 40 -69.54 44.50 -41.89
N ILE O 41 -70.84 44.66 -41.63
CA ILE O 41 -71.87 44.12 -42.50
C ILE O 41 -73.02 45.12 -42.64
N ARG O 42 -73.60 45.16 -43.83
CA ARG O 42 -74.89 45.80 -44.06
C ARG O 42 -75.97 44.74 -43.95
N ALA O 43 -77.04 45.05 -43.20
CA ALA O 43 -78.07 44.07 -42.92
C ALA O 43 -79.44 44.75 -42.88
N ASN O 44 -80.45 44.03 -43.35
CA ASN O 44 -81.83 44.46 -43.21
C ASN O 44 -82.36 44.22 -41.79
N TRP O 45 -81.77 43.27 -41.06
CA TRP O 45 -82.29 42.85 -39.76
C TRP O 45 -81.11 42.64 -38.82
N GLY O 46 -81.40 42.77 -37.52
CA GLY O 46 -80.45 42.44 -36.47
C GLY O 46 -80.03 43.68 -35.69
N ASP O 47 -79.21 43.42 -34.67
CA ASP O 47 -78.76 44.46 -33.78
C ASP O 47 -77.89 45.47 -34.52
N VAL O 48 -77.86 46.69 -33.99
CA VAL O 48 -77.18 47.82 -34.61
C VAL O 48 -76.26 48.46 -33.58
N GLY O 49 -75.05 48.83 -34.02
CA GLY O 49 -74.14 49.58 -33.18
C GLY O 49 -73.39 48.76 -32.16
N LYS O 50 -73.38 47.43 -32.29
CA LYS O 50 -72.67 46.56 -31.37
C LYS O 50 -71.94 45.47 -32.14
N VAL O 51 -70.85 45.00 -31.57
CA VAL O 51 -70.06 43.92 -32.14
C VAL O 51 -70.52 42.63 -31.47
N VAL O 52 -71.24 41.79 -32.21
CA VAL O 52 -71.86 40.58 -31.70
C VAL O 52 -71.12 39.37 -32.24
N THR O 53 -70.85 38.41 -31.36
CA THR O 53 -70.20 37.16 -31.74
C THR O 53 -71.25 36.15 -32.18
N ILE O 54 -70.95 35.44 -33.27
CA ILE O 54 -71.84 34.43 -33.84
C ILE O 54 -71.12 33.10 -33.82
N LYS O 55 -71.73 32.10 -33.20
CA LYS O 55 -71.23 30.74 -33.27
C LYS O 55 -71.48 30.19 -34.67
N ASN O 56 -70.73 29.14 -35.02
CA ASN O 56 -70.65 28.72 -36.41
C ASN O 56 -71.96 28.16 -36.97
N ASP O 57 -72.96 27.91 -36.14
CA ASP O 57 -74.25 27.51 -36.67
C ASP O 57 -74.87 28.66 -37.45
N LEU O 58 -75.15 28.43 -38.73
CA LEU O 58 -75.76 29.47 -39.56
C LEU O 58 -77.17 29.83 -39.09
N ARG O 59 -77.84 28.93 -38.37
CA ARG O 59 -79.13 29.25 -37.79
C ARG O 59 -79.04 30.46 -36.87
N GLN O 60 -77.93 30.59 -36.15
CA GLN O 60 -77.73 31.77 -35.32
C GLN O 60 -77.64 33.03 -36.17
N LEU O 61 -76.90 32.97 -37.28
CA LEU O 61 -76.82 34.10 -38.20
C LEU O 61 -78.20 34.41 -38.77
N LYS O 62 -78.93 33.39 -39.19
CA LYS O 62 -80.24 33.58 -39.78
C LYS O 62 -81.19 34.23 -38.79
N ASN O 63 -81.12 33.82 -37.52
CA ASN O 63 -81.98 34.39 -36.50
C ASN O 63 -81.62 35.83 -36.20
N LEU O 64 -80.33 36.11 -36.00
CA LEU O 64 -79.88 37.39 -35.47
C LEU O 64 -79.67 38.46 -36.53
N PHE O 65 -79.64 38.09 -37.82
CA PHE O 65 -79.47 39.09 -38.88
C PHE O 65 -80.30 38.79 -40.12
N GLY O 66 -81.26 37.87 -40.05
CA GLY O 66 -82.11 37.58 -41.18
C GLY O 66 -81.44 36.64 -42.17
N ASP O 67 -82.18 36.36 -43.25
CA ASP O 67 -81.76 35.39 -44.26
C ASP O 67 -81.86 35.98 -45.66
N ASP O 68 -81.62 37.30 -45.79
CA ASP O 68 -81.71 37.97 -47.08
C ASP O 68 -80.33 37.99 -47.73
N MET O 69 -80.21 37.35 -48.89
CA MET O 69 -78.96 37.30 -49.62
C MET O 69 -78.67 38.57 -50.41
N ASN O 70 -79.63 39.50 -50.47
CA ASN O 70 -79.38 40.79 -51.11
C ASN O 70 -78.41 41.67 -50.33
N TYR O 71 -78.09 41.30 -49.09
CA TYR O 71 -77.29 42.12 -48.18
C TYR O 71 -75.99 41.41 -47.87
N SER O 72 -74.96 42.22 -47.61
CA SER O 72 -73.64 41.67 -47.32
C SER O 72 -73.66 40.77 -46.09
N ALA O 73 -74.54 41.07 -45.12
CA ALA O 73 -74.57 40.36 -43.86
C ALA O 73 -74.75 38.87 -44.02
N PHE O 74 -75.90 38.44 -44.54
CA PHE O 74 -76.18 37.01 -44.60
C PHE O 74 -75.24 36.29 -45.58
N LYS O 75 -74.97 36.89 -46.73
CA LYS O 75 -74.14 36.23 -47.73
C LYS O 75 -72.72 36.03 -47.23
N LEU O 76 -72.09 37.10 -46.76
CA LEU O 76 -70.72 36.99 -46.26
C LEU O 76 -70.67 36.18 -44.98
N GLY O 77 -71.72 36.21 -44.16
CA GLY O 77 -71.76 35.35 -43.00
C GLY O 77 -71.79 33.89 -43.37
N LYS O 78 -72.62 33.54 -44.36
CA LYS O 78 -72.66 32.15 -44.81
C LYS O 78 -71.30 31.72 -45.35
N LEU O 79 -70.65 32.59 -46.13
CA LEU O 79 -69.32 32.26 -46.65
C LEU O 79 -68.33 32.05 -45.52
N ALA O 80 -68.35 32.93 -44.51
CA ALA O 80 -67.43 32.79 -43.39
C ALA O 80 -67.69 31.51 -42.60
N LEU O 81 -68.97 31.21 -42.36
CA LEU O 81 -69.32 30.00 -41.61
C LEU O 81 -68.89 28.76 -42.36
N LEU O 82 -69.07 28.75 -43.68
CA LEU O 82 -68.53 27.67 -44.49
C LEU O 82 -67.01 27.66 -44.47
N GLY O 83 -66.39 28.79 -44.16
CA GLY O 83 -64.97 28.81 -43.86
C GLY O 83 -64.59 28.16 -42.55
N ASN O 84 -65.58 27.75 -41.74
CA ASN O 84 -65.36 26.95 -40.54
C ASN O 84 -64.66 27.75 -39.44
N VAL O 85 -65.07 29.00 -39.26
CA VAL O 85 -64.56 29.82 -38.17
C VAL O 85 -65.27 29.41 -36.89
N LYS O 86 -64.52 29.34 -35.79
CA LYS O 86 -65.10 28.94 -34.52
C LYS O 86 -66.16 29.94 -34.05
N GLU O 87 -65.87 31.23 -34.17
CA GLU O 87 -66.79 32.28 -33.76
C GLU O 87 -66.65 33.46 -34.71
N LEU O 88 -67.75 33.86 -35.33
CA LEU O 88 -67.78 34.93 -36.30
C LEU O 88 -68.34 36.17 -35.64
N LEU O 89 -67.55 37.26 -35.62
CA LEU O 89 -67.94 38.50 -34.97
C LEU O 89 -68.40 39.49 -36.03
N LEU O 90 -69.63 39.99 -35.87
CA LEU O 90 -70.30 40.84 -36.84
C LEU O 90 -70.54 42.22 -36.26
N TYR O 91 -70.78 43.17 -37.16
CA TYR O 91 -71.17 44.53 -36.76
C TYR O 91 -72.04 45.10 -37.86
N ARG O 92 -73.26 45.51 -37.51
CA ARG O 92 -74.20 46.01 -38.49
C ARG O 92 -73.91 47.48 -38.79
N LEU O 93 -73.67 47.78 -40.07
CA LEU O 93 -73.40 49.14 -40.50
C LEU O 93 -74.70 49.80 -40.93
N VAL O 94 -74.87 51.08 -40.55
CA VAL O 94 -76.08 51.82 -40.85
C VAL O 94 -75.73 53.29 -41.04
N ASP O 95 -76.60 53.99 -41.76
CA ASP O 95 -76.64 55.44 -41.72
C ASP O 95 -77.50 55.86 -40.54
N GLY O 96 -77.25 57.07 -40.03
CA GLY O 96 -77.96 57.54 -38.85
C GLY O 96 -79.47 57.56 -39.01
N ASN O 97 -79.95 57.74 -40.24
CA ASN O 97 -81.40 57.71 -40.49
C ASN O 97 -82.01 56.33 -40.35
N GLN O 98 -81.19 55.28 -40.24
CA GLN O 98 -81.72 53.92 -40.21
C GLN O 98 -82.58 53.71 -38.97
N LYS O 99 -83.69 52.99 -39.14
CA LYS O 99 -84.82 53.10 -38.23
C LYS O 99 -85.57 51.77 -38.12
N LYS O 100 -86.32 51.63 -37.04
CA LYS O 100 -87.19 50.49 -36.79
C LYS O 100 -88.57 50.70 -37.42
N GLY O 101 -89.16 49.60 -37.88
CA GLY O 101 -90.55 49.64 -38.29
C GLY O 101 -91.47 49.73 -37.08
N THR O 102 -92.65 50.29 -37.29
CA THR O 102 -93.57 50.56 -36.19
C THR O 102 -95.01 50.49 -36.68
N LEU O 103 -95.90 50.10 -35.76
CA LEU O 103 -97.34 50.10 -36.00
C LEU O 103 -98.03 50.45 -34.70
N THR O 104 -99.22 51.05 -34.82
CA THR O 104 -99.99 51.49 -33.67
C THR O 104 -101.38 50.87 -33.72
N LEU O 105 -101.92 50.60 -32.53
CA LEU O 105 -103.25 50.02 -32.36
C LEU O 105 -104.12 50.98 -31.56
N LYS O 106 -105.43 50.84 -31.76
CA LYS O 106 -106.40 51.75 -31.17
C LYS O 106 -107.61 50.97 -30.68
N ASP O 107 -108.32 51.54 -29.71
CA ASP O 107 -109.51 50.93 -29.15
C ASP O 107 -110.73 51.26 -30.00
N THR O 108 -111.83 50.56 -29.73
CA THR O 108 -113.10 50.75 -30.42
C THR O 108 -114.28 50.95 -29.49
N THR O 109 -114.13 50.79 -28.18
CA THR O 109 -115.25 50.97 -27.27
C THR O 109 -115.73 52.42 -27.29
N GLU O 110 -114.79 53.37 -27.32
CA GLU O 110 -115.12 54.79 -27.30
C GLU O 110 -115.26 55.31 -28.73
N ASN O 111 -116.21 56.22 -28.93
CA ASN O 111 -116.36 56.84 -30.25
C ASN O 111 -115.11 57.60 -30.63
N SER O 112 -114.54 58.37 -29.70
CA SER O 112 -113.25 59.02 -29.89
C SER O 112 -112.17 58.00 -29.52
N ALA O 113 -111.84 57.16 -30.51
CA ALA O 113 -110.88 56.08 -30.28
C ALA O 113 -109.51 56.64 -29.92
N LYS O 114 -108.85 55.96 -28.99
CA LYS O 114 -107.57 56.39 -28.44
C LYS O 114 -106.53 55.29 -28.65
N ASP O 115 -105.34 55.69 -29.05
CA ASP O 115 -104.25 54.73 -29.22
C ASP O 115 -103.87 54.14 -27.87
N VAL O 116 -103.76 52.81 -27.83
CA VAL O 116 -103.53 52.09 -26.57
C VAL O 116 -102.35 51.13 -26.65
N ILE O 117 -101.94 50.65 -27.82
CA ILE O 117 -100.80 49.78 -27.97
C ILE O 117 -100.03 50.20 -29.22
N LYS O 118 -98.69 50.15 -29.13
CA LYS O 118 -97.81 50.36 -30.26
C LYS O 118 -96.91 49.14 -30.42
N LEU O 119 -96.73 48.71 -31.67
CA LEU O 119 -95.87 47.58 -32.02
C LEU O 119 -94.68 48.11 -32.80
N GLU O 120 -93.48 47.69 -32.41
CA GLU O 120 -92.24 48.10 -33.05
C GLU O 120 -91.34 46.89 -33.21
N THR O 121 -90.67 46.81 -34.36
CA THR O 121 -89.78 45.69 -34.63
C THR O 121 -88.66 45.64 -33.60
N LYS O 122 -88.31 44.43 -33.17
CA LYS O 122 -87.30 44.28 -32.12
C LYS O 122 -85.94 44.81 -32.57
N TYR O 123 -85.66 44.77 -33.88
CA TYR O 123 -84.42 45.27 -34.45
C TYR O 123 -84.73 46.28 -35.55
N PRO O 124 -83.83 47.22 -35.81
CA PRO O 124 -84.06 48.14 -36.93
C PRO O 124 -84.11 47.40 -38.27
N THR O 125 -85.00 47.86 -39.14
CA THR O 125 -85.22 47.20 -40.41
C THR O 125 -86.12 48.09 -41.27
N ALA O 126 -86.46 47.59 -42.46
CA ALA O 126 -87.51 48.15 -43.29
C ALA O 126 -88.39 47.08 -43.90
N ARG O 127 -88.29 45.83 -43.44
CA ARG O 127 -89.05 44.75 -44.04
C ARG O 127 -90.53 44.89 -43.71
N ASN O 128 -91.35 44.15 -44.47
CA ASN O 128 -92.81 44.23 -44.35
C ASN O 128 -93.31 43.25 -43.30
N PHE O 129 -92.85 43.42 -42.07
CA PHE O 129 -93.40 42.67 -40.96
C PHE O 129 -94.83 43.15 -40.70
N ASN O 130 -95.79 42.24 -40.79
CA ASN O 130 -97.20 42.56 -40.76
C ASN O 130 -97.89 41.93 -39.56
N VAL O 131 -99.03 42.50 -39.19
CA VAL O 131 -99.79 42.09 -38.01
C VAL O 131 -101.26 42.07 -38.36
N THR O 132 -101.99 41.13 -37.75
CA THR O 132 -103.44 40.99 -37.92
C THR O 132 -104.09 40.86 -36.55
N ILE O 133 -105.19 41.58 -36.36
CA ILE O 133 -106.02 41.47 -35.16
C ILE O 133 -107.45 41.27 -35.62
N LYS O 134 -108.12 40.27 -35.04
CA LYS O 134 -109.48 39.93 -35.41
C LYS O 134 -110.25 39.47 -34.17
N SER O 135 -111.57 39.50 -34.27
CA SER O 135 -112.41 39.09 -33.17
C SER O 135 -112.25 37.59 -32.91
N ASN O 136 -112.09 37.23 -31.64
CA ASN O 136 -111.99 35.83 -31.26
C ASN O 136 -113.34 35.16 -31.44
N LEU O 137 -113.34 33.98 -32.07
CA LEU O 137 -114.59 33.28 -32.36
C LEU O 137 -115.13 32.51 -31.17
N VAL O 138 -114.32 32.29 -30.13
CA VAL O 138 -114.73 31.50 -28.97
C VAL O 138 -115.21 32.46 -27.88
N ASP O 139 -114.31 33.32 -27.41
CA ASP O 139 -114.60 34.27 -26.34
C ASP O 139 -114.95 35.63 -26.95
N SER O 140 -115.93 36.30 -26.35
CA SER O 140 -116.44 37.54 -26.92
C SER O 140 -115.41 38.64 -26.89
N ASP O 141 -114.79 38.89 -25.73
CA ASP O 141 -113.89 40.02 -25.57
C ASP O 141 -112.48 39.75 -26.08
N LYS O 142 -112.16 38.52 -26.47
CA LYS O 142 -110.81 38.19 -26.91
C LYS O 142 -110.57 38.64 -28.34
N LYS O 143 -109.34 39.06 -28.62
CA LYS O 143 -108.88 39.42 -29.95
C LYS O 143 -107.72 38.51 -30.31
N ASP O 144 -107.75 37.98 -31.54
CA ASP O 144 -106.73 37.05 -31.99
C ASP O 144 -105.61 37.85 -32.65
N PHE O 145 -104.46 37.91 -31.99
CA PHE O 145 -103.32 38.67 -32.49
C PHE O 145 -102.42 37.73 -33.29
N ILE O 146 -102.24 38.03 -34.58
CA ILE O 146 -101.42 37.22 -35.48
C ILE O 146 -100.41 38.13 -36.15
N PHE O 147 -99.23 37.58 -36.41
CA PHE O 147 -98.09 38.31 -36.92
C PHE O 147 -97.53 37.62 -38.15
N PHE O 148 -97.11 38.41 -39.13
CA PHE O 148 -96.62 37.90 -40.41
C PHE O 148 -95.41 38.70 -40.86
N GLU O 149 -94.82 38.23 -41.96
CA GLU O 149 -93.88 39.01 -42.77
C GLU O 149 -94.24 38.75 -44.22
N ASN O 150 -94.84 39.74 -44.88
CA ASN O 150 -95.36 39.56 -46.24
C ASN O 150 -96.37 38.42 -46.28
N THR O 151 -97.25 38.36 -45.27
CA THR O 151 -98.30 37.38 -45.10
C THR O 151 -97.79 36.01 -44.66
N LYS O 152 -96.48 35.81 -44.52
CA LYS O 152 -95.94 34.57 -43.98
C LYS O 152 -96.01 34.64 -42.46
N GLN O 153 -96.90 33.85 -41.88
CA GLN O 153 -97.22 33.98 -40.47
C GLN O 153 -96.02 33.62 -39.59
N LEU O 154 -95.81 34.43 -38.56
CA LEU O 154 -94.81 34.19 -37.53
C LEU O 154 -95.43 33.54 -36.29
N PHE O 155 -96.46 34.17 -35.74
CA PHE O 155 -97.00 33.78 -34.44
C PHE O 155 -98.44 34.24 -34.35
N SER O 156 -99.24 33.47 -33.60
CA SER O 156 -100.65 33.81 -33.34
C SER O 156 -100.93 33.67 -31.85
N SER O 157 -101.82 34.53 -31.36
CA SER O 157 -102.19 34.53 -29.95
C SER O 157 -103.57 35.15 -29.78
N SER O 158 -104.16 34.93 -28.60
CA SER O 158 -105.48 35.44 -28.27
C SER O 158 -105.51 35.84 -26.80
N ILE O 159 -105.91 37.08 -26.52
CA ILE O 159 -106.00 37.61 -25.17
C ILE O 159 -107.27 38.44 -25.04
N LYS O 160 -107.84 38.42 -23.84
CA LYS O 160 -109.01 39.22 -23.52
C LYS O 160 -108.73 40.71 -23.76
N GLY O 161 -109.81 41.50 -23.76
CA GLY O 161 -109.73 42.89 -24.15
C GLY O 161 -109.26 43.85 -23.08
N THR O 162 -108.18 43.52 -22.38
CA THR O 162 -107.49 44.44 -21.48
C THR O 162 -106.08 44.65 -22.01
N ILE O 163 -105.65 45.91 -22.06
CA ILE O 163 -104.45 46.25 -22.80
C ILE O 163 -103.20 45.70 -22.11
N ASP O 164 -103.18 45.70 -20.78
CA ASP O 164 -101.99 45.27 -20.05
C ASP O 164 -101.66 43.80 -20.32
N GLU O 165 -102.67 42.94 -20.18
CA GLU O 165 -102.46 41.52 -20.45
C GLU O 165 -102.11 41.29 -21.92
N ILE O 166 -102.71 42.07 -22.82
CA ILE O 166 -102.42 41.92 -24.25
C ILE O 166 -100.94 42.20 -24.52
N VAL O 167 -100.44 43.34 -24.05
CA VAL O 167 -99.05 43.69 -24.32
C VAL O 167 -98.11 42.73 -23.60
N LEU O 168 -98.47 42.30 -22.40
CA LEU O 168 -97.62 41.36 -21.67
C LEU O 168 -97.51 40.03 -22.40
N GLU O 169 -98.63 39.51 -22.92
CA GLU O 169 -98.57 38.28 -23.69
C GLU O 169 -97.78 38.47 -24.98
N ILE O 170 -98.00 39.58 -25.67
CA ILE O 170 -97.32 39.80 -26.94
C ILE O 170 -95.82 39.91 -26.73
N ASN O 171 -95.38 40.49 -25.61
CA ASN O 171 -93.97 40.56 -25.28
C ASN O 171 -93.45 39.30 -24.60
N SER O 172 -94.33 38.40 -24.16
CA SER O 172 -93.90 37.24 -23.37
C SER O 172 -93.31 36.16 -24.26
N ASN O 173 -94.08 35.65 -25.21
CA ASN O 173 -93.64 34.54 -26.03
C ASN O 173 -92.52 35.00 -26.97
N LEU O 174 -91.45 34.21 -27.03
CA LEU O 174 -90.35 34.47 -27.94
C LEU O 174 -90.69 34.10 -29.39
N ASP O 175 -91.83 33.47 -29.62
CA ASP O 175 -92.33 33.34 -31.00
C ASP O 175 -92.59 34.71 -31.60
N ASN O 176 -92.90 35.70 -30.75
CA ASN O 176 -93.11 37.08 -31.17
C ASN O 176 -91.83 37.91 -31.01
N GLU O 177 -90.67 37.29 -31.15
CA GLU O 177 -89.41 38.01 -30.94
C GLU O 177 -89.16 39.06 -32.00
N TYR O 178 -89.82 38.98 -33.16
CA TYR O 178 -89.59 39.96 -34.21
C TYR O 178 -90.06 41.36 -33.82
N VAL O 179 -90.98 41.48 -32.85
CA VAL O 179 -91.66 42.73 -32.57
C VAL O 179 -91.79 42.90 -31.07
N ILE O 180 -91.78 44.17 -30.64
CA ILE O 180 -91.96 44.55 -29.24
C ILE O 180 -93.25 45.35 -29.14
N ALA O 181 -94.09 45.00 -28.16
CA ALA O 181 -95.33 45.69 -27.89
C ALA O 181 -95.16 46.59 -26.67
N THR O 182 -95.66 47.81 -26.76
CA THR O 182 -95.61 48.77 -25.67
C THR O 182 -96.99 49.41 -25.50
N LYS O 183 -97.34 49.68 -24.24
CA LYS O 183 -98.64 50.23 -23.91
C LYS O 183 -98.62 51.75 -24.09
N VAL O 184 -99.58 52.25 -24.86
CA VAL O 184 -99.72 53.70 -25.08
C VAL O 184 -100.62 54.32 -24.02
N ALA O 185 -101.65 53.60 -23.59
CA ALA O 185 -102.58 54.09 -22.58
C ALA O 185 -103.10 52.92 -21.76
N ASP O 186 -103.56 53.23 -20.55
CA ASP O 186 -104.07 52.22 -19.62
C ASP O 186 -105.56 52.08 -19.81
N SER O 187 -105.94 51.41 -20.91
CA SER O 187 -107.32 51.19 -21.28
C SER O 187 -107.71 49.73 -21.05
N ASP O 188 -108.99 49.53 -20.78
CA ASP O 188 -109.59 48.19 -20.71
C ASP O 188 -110.62 48.01 -21.82
N THR O 189 -110.42 48.66 -22.96
CA THR O 189 -111.37 48.72 -24.05
C THR O 189 -111.01 47.75 -25.15
N ILE O 190 -112.00 47.45 -25.99
CA ILE O 190 -111.81 46.49 -27.07
C ILE O 190 -110.93 47.11 -28.16
N LEU O 191 -109.93 46.36 -28.60
CA LEU O 191 -109.01 46.85 -29.62
C LEU O 191 -109.67 46.88 -31.00
N ALA O 192 -109.07 47.65 -31.89
CA ALA O 192 -109.50 47.72 -33.28
C ALA O 192 -108.86 46.60 -34.08
N ASN O 193 -109.63 46.02 -35.00
CA ASN O 193 -109.14 44.92 -35.82
C ASN O 193 -108.26 45.46 -36.95
N VAL O 194 -107.12 44.82 -37.15
CA VAL O 194 -106.21 45.10 -38.25
C VAL O 194 -105.97 43.80 -39.01
N VAL O 195 -105.58 43.93 -40.27
CA VAL O 195 -105.35 42.78 -41.13
C VAL O 195 -104.08 42.99 -41.94
N ASN O 196 -103.00 42.33 -41.53
CA ASN O 196 -101.75 42.33 -42.28
C ASN O 196 -101.19 43.75 -42.43
N GLN O 197 -101.30 44.54 -41.37
CA GLN O 197 -100.79 45.91 -41.38
C GLN O 197 -99.30 45.90 -41.10
N ALA O 198 -98.52 46.45 -42.03
CA ALA O 198 -97.07 46.44 -41.90
C ALA O 198 -96.61 47.41 -40.83
N LEU O 199 -95.52 47.05 -40.15
CA LEU O 199 -94.87 47.93 -39.18
C LEU O 199 -94.03 48.92 -39.95
N GLU O 200 -94.64 50.04 -40.31
CA GLU O 200 -94.01 51.02 -41.18
C GLU O 200 -93.14 51.97 -40.35
N GLY O 201 -92.50 52.92 -41.04
CA GLY O 201 -91.60 53.86 -40.42
C GLY O 201 -90.17 53.39 -40.29
N GLY O 202 -89.86 52.15 -40.67
CA GLY O 202 -88.51 51.65 -40.59
C GLY O 202 -87.68 51.99 -41.81
N ASN O 203 -86.37 51.85 -41.64
CA ASN O 203 -85.40 52.11 -42.70
C ASN O 203 -84.39 50.96 -42.70
N ASP O 204 -83.84 50.70 -43.88
CA ASP O 204 -83.31 49.37 -44.19
C ASP O 204 -81.92 49.11 -43.61
N GLY O 205 -80.91 49.85 -44.08
CA GLY O 205 -79.53 49.57 -43.72
C GLY O 205 -78.57 49.71 -44.87
N CYS O 206 -79.06 49.60 -46.10
CA CYS O 206 -78.29 49.94 -47.29
C CYS O 206 -78.43 51.41 -47.66
N THR O 207 -79.03 52.22 -46.78
CA THR O 207 -79.36 53.61 -47.09
C THR O 207 -78.15 54.49 -46.81
N SER O 208 -77.51 54.97 -47.88
CA SER O 208 -76.48 56.00 -47.79
C SER O 208 -75.32 55.58 -46.89
N ILE O 209 -74.88 54.33 -47.03
CA ILE O 209 -73.73 53.85 -46.28
C ILE O 209 -72.46 54.32 -46.97
N THR O 210 -71.59 54.96 -46.21
CA THR O 210 -70.38 55.61 -46.72
C THR O 210 -69.18 55.18 -45.88
N ASN O 211 -68.02 55.75 -46.22
CA ASN O 211 -66.78 55.37 -45.56
C ASN O 211 -66.80 55.68 -44.07
N GLU O 212 -67.55 56.70 -43.66
CA GLU O 212 -67.60 57.06 -42.24
C GLU O 212 -68.22 55.95 -41.40
N SER O 213 -69.24 55.28 -41.94
CA SER O 213 -69.83 54.15 -41.23
C SER O 213 -68.81 53.04 -41.03
N TYR O 214 -68.02 52.74 -42.05
CA TYR O 214 -66.99 51.72 -41.92
C TYR O 214 -65.93 52.15 -40.92
N LEU O 215 -65.57 53.44 -40.92
CA LEU O 215 -64.60 53.93 -39.95
C LEU O 215 -65.10 53.76 -38.53
N LYS O 216 -66.37 54.10 -38.30
CA LYS O 216 -66.97 53.90 -36.98
C LYS O 216 -66.99 52.43 -36.60
N ALA O 217 -67.31 51.56 -37.57
CA ALA O 217 -67.31 50.13 -37.30
C ALA O 217 -65.92 49.64 -36.91
N LEU O 218 -64.89 50.12 -37.61
CA LEU O 218 -63.52 49.72 -37.27
C LEU O 218 -63.14 50.22 -35.88
N GLU O 219 -63.54 51.45 -35.55
CA GLU O 219 -63.25 51.97 -34.21
C GLU O 219 -63.93 51.13 -33.14
N GLU O 220 -65.16 50.68 -33.41
CA GLU O 220 -65.78 49.71 -32.50
C GLU O 220 -64.98 48.42 -32.44
N PHE O 221 -64.48 47.96 -33.58
CA PHE O 221 -63.73 46.71 -33.64
C PHE O 221 -62.37 46.82 -32.96
N GLU O 222 -61.89 48.04 -32.67
CA GLU O 222 -60.63 48.20 -31.93
C GLU O 222 -60.69 47.51 -30.57
N ARG O 223 -61.89 47.40 -29.99
CA ARG O 223 -62.03 46.82 -28.65
C ARG O 223 -61.56 45.37 -28.62
N TYR O 224 -61.89 44.60 -29.65
CA TYR O 224 -61.78 43.15 -29.61
C TYR O 224 -60.43 42.71 -30.19
N SER O 225 -60.21 41.40 -30.19
CA SER O 225 -59.05 40.78 -30.81
C SER O 225 -59.54 39.80 -31.87
N PHE O 226 -58.80 39.72 -32.97
CA PHE O 226 -59.22 38.95 -34.13
C PHE O 226 -58.04 38.23 -34.75
N ASP O 227 -58.35 37.23 -35.56
CA ASP O 227 -57.38 36.54 -36.38
C ASP O 227 -57.29 37.12 -37.80
N SER O 228 -58.37 37.75 -38.28
CA SER O 228 -58.34 38.34 -39.61
C SER O 228 -59.48 39.35 -39.75
N PHE O 229 -59.35 40.19 -40.78
CA PHE O 229 -60.34 41.20 -41.14
C PHE O 229 -60.45 41.23 -42.65
N VAL O 230 -61.65 41.50 -43.16
CA VAL O 230 -61.93 41.36 -44.60
C VAL O 230 -62.66 42.55 -45.20
N LEU O 231 -63.22 43.42 -44.37
CA LEU O 231 -63.82 44.68 -44.82
C LEU O 231 -65.04 44.47 -45.71
N ASP O 232 -66.03 43.76 -45.17
CA ASP O 232 -67.40 43.76 -45.67
C ASP O 232 -67.53 43.27 -47.12
N GLY O 233 -66.49 42.64 -47.67
CA GLY O 233 -66.57 42.23 -49.06
C GLY O 233 -66.72 43.39 -50.02
N VAL O 234 -66.20 44.56 -49.66
CA VAL O 234 -66.30 45.77 -50.46
C VAL O 234 -64.89 46.21 -50.83
N ALA O 235 -64.70 46.54 -52.12
CA ALA O 235 -63.39 46.83 -52.66
C ALA O 235 -63.16 48.33 -52.88
N ASP O 236 -63.89 49.18 -52.17
CA ASP O 236 -63.69 50.63 -52.30
C ASP O 236 -62.28 50.99 -51.85
N GLU O 237 -61.59 51.78 -52.67
CA GLU O 237 -60.16 52.01 -52.47
C GLU O 237 -59.88 52.76 -51.16
N ALA O 238 -60.56 53.89 -50.95
CA ALA O 238 -60.28 54.73 -49.79
C ALA O 238 -60.48 53.95 -48.49
N LEU O 239 -61.53 53.12 -48.46
CA LEU O 239 -61.71 52.22 -47.32
C LEU O 239 -60.52 51.28 -47.17
N GLN O 240 -59.94 50.84 -48.29
CA GLN O 240 -58.80 49.92 -48.19
C GLN O 240 -57.57 50.62 -47.62
N GLU O 241 -57.32 51.85 -48.03
CA GLU O 241 -56.18 52.57 -47.47
C GLU O 241 -56.41 52.87 -46.00
N THR O 242 -57.66 53.22 -45.65
CA THR O 242 -58.01 53.48 -44.26
C THR O 242 -57.78 52.25 -43.39
N THR O 243 -58.24 51.09 -43.87
CA THR O 243 -58.06 49.86 -43.10
C THR O 243 -56.59 49.46 -43.04
N LYS O 244 -55.83 49.75 -44.10
CA LYS O 244 -54.40 49.47 -44.07
C LYS O 244 -53.73 50.27 -42.95
N ALA O 245 -54.01 51.57 -42.88
CA ALA O 245 -53.44 52.40 -41.83
C ALA O 245 -53.93 51.93 -40.46
N TRP O 246 -55.20 51.53 -40.38
CA TRP O 246 -55.77 51.08 -39.12
C TRP O 246 -55.08 49.82 -38.62
N VAL O 247 -54.82 48.88 -39.53
CA VAL O 247 -54.14 47.64 -39.15
C VAL O 247 -52.70 47.92 -38.77
N ALA O 248 -52.05 48.85 -39.48
CA ALA O 248 -50.69 49.23 -39.10
C ALA O 248 -50.65 49.81 -37.69
N LYS O 249 -51.62 50.67 -37.37
CA LYS O 249 -51.72 51.22 -36.03
C LYS O 249 -51.94 50.12 -35.01
N ASN O 250 -52.83 49.18 -35.32
CA ASN O 250 -53.11 48.09 -34.38
C ASN O 250 -51.87 47.24 -34.14
N LYS O 251 -51.11 46.97 -35.20
CA LYS O 251 -49.86 46.22 -35.06
C LYS O 251 -48.89 46.97 -34.16
N GLU O 252 -48.73 48.28 -34.39
CA GLU O 252 -47.82 49.06 -33.55
C GLU O 252 -48.31 49.12 -32.11
N LEU O 253 -49.61 49.00 -31.88
CA LEU O 253 -50.19 48.99 -30.56
C LEU O 253 -50.23 47.59 -29.94
N GLY O 254 -49.58 46.61 -30.56
CA GLY O 254 -49.52 45.27 -30.01
C GLY O 254 -50.67 44.37 -30.37
N LYS O 255 -51.59 44.81 -31.24
CA LYS O 255 -52.70 43.99 -31.71
C LYS O 255 -52.36 43.51 -33.12
N ASP O 256 -52.16 42.20 -33.28
CA ASP O 256 -51.64 41.61 -34.51
C ASP O 256 -52.82 41.13 -35.34
N ILE O 257 -53.40 42.06 -36.09
CA ILE O 257 -54.57 41.79 -36.92
C ILE O 257 -54.12 41.60 -38.36
N LEU O 258 -54.58 40.53 -38.99
CA LEU O 258 -54.31 40.25 -40.39
C LEU O 258 -55.48 40.77 -41.22
N LEU O 259 -55.19 41.21 -42.44
CA LEU O 259 -56.20 41.80 -43.31
C LEU O 259 -56.19 41.10 -44.66
N PHE O 260 -57.36 40.71 -45.13
CA PHE O 260 -57.59 40.19 -46.47
C PHE O 260 -58.42 41.20 -47.25
N LEU O 261 -58.11 41.32 -48.54
CA LEU O 261 -58.79 42.26 -49.42
C LEU O 261 -59.02 41.62 -50.77
N GLY O 262 -59.99 42.15 -51.49
CA GLY O 262 -60.29 41.70 -52.84
C GLY O 262 -60.53 42.88 -53.76
N GLY O 263 -59.95 42.83 -54.95
CA GLY O 263 -60.10 43.91 -55.90
C GLY O 263 -61.49 43.94 -56.52
N LYS O 264 -61.72 44.99 -57.29
CA LYS O 264 -63.01 45.15 -57.97
C LYS O 264 -63.11 44.16 -59.12
N THR O 265 -64.35 43.78 -59.43
CA THR O 265 -64.59 42.86 -60.55
C THR O 265 -64.14 43.47 -61.87
N GLU O 266 -64.15 44.81 -61.98
CA GLU O 266 -63.76 45.47 -63.21
C GLU O 266 -62.25 45.45 -63.43
N ASP O 267 -61.47 45.25 -62.38
CA ASP O 267 -60.02 45.30 -62.51
C ASP O 267 -59.52 44.10 -63.31
N ASN O 268 -58.67 44.37 -64.30
CA ASN O 268 -57.98 43.32 -65.01
C ASN O 268 -56.93 42.69 -64.09
N ILE O 269 -56.42 41.53 -64.50
CA ILE O 269 -55.38 40.87 -63.72
C ILE O 269 -54.15 41.76 -63.61
N LYS O 270 -53.88 42.57 -64.63
CA LYS O 270 -52.81 43.55 -64.53
C LYS O 270 -53.12 44.57 -63.43
N GLN O 271 -54.35 45.07 -63.38
CA GLN O 271 -54.72 46.05 -62.36
C GLN O 271 -54.69 45.41 -60.97
N ILE O 272 -55.16 44.17 -60.87
CA ILE O 272 -55.11 43.45 -59.59
C ILE O 272 -53.66 43.29 -59.14
N ASN O 273 -52.77 42.93 -60.07
CA ASN O 273 -51.37 42.79 -59.72
C ASN O 273 -50.75 44.12 -59.33
N ASP O 274 -51.17 45.20 -59.97
CA ASP O 274 -50.70 46.53 -59.58
C ASP O 274 -51.14 46.87 -58.16
N LYS O 275 -52.39 46.55 -57.82
CA LYS O 275 -52.86 46.79 -56.46
C LYS O 275 -52.12 45.92 -55.45
N SER O 276 -51.88 44.65 -55.81
CA SER O 276 -51.13 43.76 -54.92
C SER O 276 -49.68 44.19 -54.80
N LYS O 277 -49.17 44.93 -55.78
CA LYS O 277 -47.86 45.58 -55.63
C LYS O 277 -47.96 46.76 -54.69
N SER O 278 -49.03 47.55 -54.80
CA SER O 278 -49.19 48.72 -53.96
C SER O 278 -49.23 48.33 -52.49
N PHE O 279 -49.95 47.25 -52.18
CA PHE O 279 -49.88 46.66 -50.85
C PHE O 279 -48.61 45.84 -50.74
N ASN O 280 -47.81 46.13 -49.71
CA ASN O 280 -46.62 45.34 -49.44
C ASN O 280 -46.44 45.00 -47.97
N ASP O 281 -47.31 45.48 -47.09
CA ASP O 281 -47.31 45.02 -45.72
C ASP O 281 -47.75 43.56 -45.67
N GLU O 282 -47.08 42.79 -44.81
CA GLU O 282 -47.31 41.35 -44.77
C GLU O 282 -48.75 41.02 -44.36
N ASN O 283 -49.38 41.88 -43.57
CA ASN O 283 -50.74 41.64 -43.10
C ASN O 283 -51.81 41.96 -44.13
N ILE O 284 -51.44 42.21 -45.39
CA ILE O 284 -52.37 42.53 -46.46
C ILE O 284 -52.36 41.39 -47.46
N VAL O 285 -53.55 40.89 -47.79
CA VAL O 285 -53.72 39.85 -48.78
C VAL O 285 -54.75 40.35 -49.79
N ASN O 286 -54.37 40.38 -51.07
CA ASN O 286 -55.23 40.85 -52.14
C ASN O 286 -55.75 39.68 -52.95
N VAL O 287 -57.06 39.64 -53.17
CA VAL O 287 -57.74 38.56 -53.86
C VAL O 287 -58.22 39.07 -55.21
N GLY O 288 -57.90 38.32 -56.27
CA GLY O 288 -58.22 38.73 -57.62
C GLY O 288 -59.39 37.97 -58.23
N SER O 289 -59.43 36.66 -58.00
CA SER O 289 -60.39 35.81 -58.68
C SER O 289 -61.80 35.97 -58.11
N SER O 290 -62.78 35.89 -58.99
CA SER O 290 -64.19 35.76 -58.63
C SER O 290 -64.60 34.30 -58.69
N ALA O 291 -65.78 34.00 -58.15
CA ALA O 291 -66.19 32.60 -58.03
C ALA O 291 -67.71 32.51 -57.92
N TYR O 292 -68.21 31.30 -58.15
CA TYR O 292 -69.60 30.93 -57.95
C TYR O 292 -69.67 29.75 -57.00
N TYR O 293 -70.63 29.79 -56.07
CA TYR O 293 -70.86 28.67 -55.16
C TYR O 293 -72.23 28.03 -55.38
N GLU O 294 -73.31 28.77 -55.17
CA GLU O 294 -74.67 28.30 -55.50
C GLU O 294 -75.15 28.93 -56.81
N ASN O 295 -74.36 28.74 -57.86
CA ASN O 295 -74.65 29.31 -59.18
C ASN O 295 -74.79 30.84 -59.12
N ILE O 296 -74.16 31.47 -58.14
CA ILE O 296 -74.27 32.91 -57.90
C ILE O 296 -72.86 33.46 -57.75
N LYS O 297 -72.55 34.51 -58.49
CA LYS O 297 -71.19 35.02 -58.53
C LYS O 297 -70.81 35.66 -57.20
N TYR O 298 -69.51 35.72 -56.96
CA TYR O 298 -68.95 36.40 -55.80
C TYR O 298 -67.76 37.23 -56.25
N THR O 299 -67.77 38.51 -55.89
CA THR O 299 -66.69 39.42 -56.26
C THR O 299 -65.41 38.98 -55.55
N PRO O 300 -64.25 39.49 -55.97
CA PRO O 300 -63.00 39.07 -55.32
C PRO O 300 -62.98 39.33 -53.82
N SER O 301 -63.65 40.39 -53.35
CA SER O 301 -63.71 40.65 -51.92
C SER O 301 -64.71 39.73 -51.22
N GLU O 302 -65.81 39.38 -51.88
CA GLU O 302 -66.76 38.45 -51.27
C GLU O 302 -66.12 37.08 -51.06
N VAL O 303 -65.30 36.64 -52.01
CA VAL O 303 -64.52 35.42 -51.80
C VAL O 303 -63.30 35.67 -50.91
N ALA O 304 -62.85 36.92 -50.79
CA ALA O 304 -61.82 37.22 -49.80
C ALA O 304 -62.35 36.97 -48.39
N VAL O 305 -63.64 37.20 -48.18
CA VAL O 305 -64.25 36.82 -46.90
C VAL O 305 -64.05 35.33 -46.64
N TYR O 306 -64.36 34.50 -47.64
CA TYR O 306 -64.27 33.06 -47.47
C TYR O 306 -62.83 32.61 -47.28
N ILE O 307 -61.89 33.18 -48.04
CA ILE O 307 -60.51 32.73 -47.93
C ILE O 307 -59.93 33.13 -46.59
N ALA O 308 -60.28 34.33 -46.08
CA ALA O 308 -59.84 34.71 -44.74
C ALA O 308 -60.44 33.78 -43.70
N ALA O 309 -61.71 33.44 -43.84
CA ALA O 309 -62.35 32.53 -42.90
C ALA O 309 -61.68 31.16 -42.90
N LEU O 310 -61.38 30.65 -44.09
CA LEU O 310 -60.71 29.35 -44.19
C LEU O 310 -59.30 29.42 -43.61
N SER O 311 -58.61 30.54 -43.82
CA SER O 311 -57.26 30.69 -43.28
C SER O 311 -57.28 30.67 -41.76
N VAL O 312 -58.17 31.45 -41.15
CA VAL O 312 -58.21 31.49 -39.69
C VAL O 312 -58.69 30.16 -39.13
N SER O 313 -59.61 29.49 -39.82
CA SER O 313 -60.04 28.17 -39.39
C SER O 313 -58.88 27.17 -39.46
N LYS O 314 -58.03 27.30 -40.47
CA LYS O 314 -56.84 26.46 -40.54
C LYS O 314 -55.94 26.68 -39.35
N GLY O 315 -55.75 27.94 -38.95
CA GLY O 315 -54.87 28.23 -37.85
C GLY O 315 -53.45 27.80 -38.15
N ILE O 316 -52.74 27.39 -37.10
CA ILE O 316 -51.43 26.78 -37.24
C ILE O 316 -51.67 25.31 -37.55
N THR O 317 -50.61 24.60 -37.97
CA THR O 317 -50.69 23.19 -38.36
C THR O 317 -51.47 23.03 -39.66
N GLY O 318 -51.30 23.98 -40.58
CA GLY O 318 -51.99 23.89 -41.85
C GLY O 318 -51.64 25.08 -42.71
N SER O 319 -52.24 25.10 -43.90
CA SER O 319 -52.04 26.18 -44.86
C SER O 319 -53.26 26.21 -45.77
N ILE O 320 -53.14 26.97 -46.87
CA ILE O 320 -54.23 27.12 -47.84
C ILE O 320 -53.75 26.89 -49.26
N CYS O 321 -52.49 26.52 -49.47
CA CYS O 321 -51.93 26.53 -50.82
C CYS O 321 -52.58 25.52 -51.74
N ASN O 322 -53.30 24.53 -51.21
CA ASN O 322 -54.12 23.66 -52.05
C ASN O 322 -55.43 23.27 -51.38
N ALA O 323 -55.91 24.06 -50.42
CA ALA O 323 -57.16 23.72 -49.75
C ALA O 323 -58.32 23.81 -50.73
N LYS O 324 -59.17 22.79 -50.73
CA LYS O 324 -60.30 22.77 -51.64
C LYS O 324 -61.33 23.80 -51.18
N THR O 325 -61.94 24.48 -52.15
CA THR O 325 -62.95 25.49 -51.88
C THR O 325 -64.34 24.94 -52.19
N ILE O 326 -65.35 25.63 -51.64
CA ILE O 326 -66.74 25.26 -51.90
C ILE O 326 -67.25 25.74 -53.24
N PHE O 327 -66.48 26.55 -53.96
CA PHE O 327 -66.97 27.23 -55.15
C PHE O 327 -67.04 26.28 -56.33
N GLU O 328 -68.14 26.35 -57.06
CA GLU O 328 -68.36 25.48 -58.21
C GLU O 328 -67.75 26.03 -59.49
N GLU O 329 -67.44 27.33 -59.54
CA GLU O 329 -66.74 27.92 -60.68
C GLU O 329 -65.84 29.04 -60.19
N VAL O 330 -64.85 29.37 -61.02
CA VAL O 330 -63.88 30.43 -60.75
C VAL O 330 -63.62 31.19 -62.04
N GLU O 331 -63.51 32.51 -61.93
CA GLU O 331 -63.11 33.34 -63.05
C GLU O 331 -62.53 34.64 -62.51
N PRO O 332 -61.61 35.29 -63.24
CA PRO O 332 -60.98 34.91 -64.51
C PRO O 332 -59.98 33.78 -64.34
N ARG O 333 -59.74 33.00 -65.39
CA ARG O 333 -59.01 31.75 -65.32
C ARG O 333 -57.67 31.88 -66.01
N LEU O 334 -56.64 31.32 -65.39
CA LEU O 334 -55.26 31.71 -65.62
C LEU O 334 -54.43 30.53 -66.09
N SER O 335 -53.61 30.78 -67.11
CA SER O 335 -52.55 29.85 -67.46
C SER O 335 -51.42 29.95 -66.43
N GLN O 336 -50.46 29.03 -66.52
CA GLN O 336 -49.34 29.03 -65.58
C GLN O 336 -48.57 30.33 -65.64
N SER O 337 -48.49 30.96 -66.82
CA SER O 337 -47.85 32.26 -66.92
C SER O 337 -48.59 33.30 -66.09
N GLU O 338 -49.91 33.34 -66.22
CA GLU O 338 -50.71 34.30 -65.46
C GLU O 338 -50.63 34.01 -63.97
N VAL O 339 -50.64 32.72 -63.59
CA VAL O 339 -50.53 32.35 -62.18
C VAL O 339 -49.20 32.82 -61.62
N LYS O 340 -48.12 32.61 -62.37
CA LYS O 340 -46.81 33.04 -61.91
C LYS O 340 -46.74 34.56 -61.81
N GLU O 341 -47.36 35.25 -62.76
CA GLU O 341 -47.41 36.71 -62.70
C GLU O 341 -48.13 37.18 -61.44
N CYS O 342 -49.27 36.56 -61.14
CA CYS O 342 -50.04 36.94 -59.97
C CYS O 342 -49.27 36.66 -58.68
N LEU O 343 -48.63 35.50 -58.60
CA LEU O 343 -47.87 35.16 -57.40
C LEU O 343 -46.68 36.09 -57.21
N LYS O 344 -45.98 36.41 -58.29
CA LYS O 344 -44.89 37.38 -58.20
C LYS O 344 -45.39 38.74 -57.78
N SER O 345 -46.62 39.09 -58.18
CA SER O 345 -47.24 40.34 -57.74
C SER O 345 -47.75 40.28 -56.32
N GLY O 346 -47.72 39.11 -55.67
CA GLY O 346 -48.30 38.94 -54.36
C GLY O 346 -49.78 38.66 -54.36
N THR O 347 -50.43 38.66 -55.52
CA THR O 347 -51.86 38.38 -55.59
C THR O 347 -52.14 36.93 -55.22
N LEU O 348 -53.25 36.72 -54.52
CA LEU O 348 -53.82 35.40 -54.30
C LEU O 348 -55.02 35.23 -55.22
N VAL O 349 -55.04 34.15 -55.99
CA VAL O 349 -56.08 33.88 -56.97
C VAL O 349 -56.46 32.42 -56.90
N LEU O 350 -57.76 32.13 -56.94
CA LEU O 350 -58.20 30.76 -56.96
C LEU O 350 -57.91 30.12 -58.32
N ASP O 351 -58.04 28.80 -58.39
CA ASP O 351 -57.66 28.05 -59.56
C ASP O 351 -58.60 26.85 -59.71
N PHE O 352 -58.59 26.28 -60.91
CA PHE O 352 -59.41 25.12 -61.26
C PHE O 352 -58.51 23.95 -61.62
N ASP O 353 -57.52 23.67 -60.77
CA ASP O 353 -56.55 22.62 -61.04
C ASP O 353 -57.21 21.26 -61.25
N ASP O 354 -58.40 21.05 -60.70
CA ASP O 354 -59.17 19.83 -60.90
C ASP O 354 -60.62 20.25 -61.14
N GLY O 355 -61.54 19.29 -61.08
CA GLY O 355 -62.95 19.57 -61.29
C GLY O 355 -63.56 20.51 -60.27
N ASP O 356 -62.89 20.74 -59.14
CA ASP O 356 -63.30 21.72 -58.15
C ASP O 356 -62.48 22.99 -58.30
N VAL O 357 -62.82 24.00 -57.51
CA VAL O 357 -62.05 25.23 -57.42
C VAL O 357 -61.09 25.10 -56.26
N ILE O 358 -59.80 25.34 -56.52
CA ILE O 358 -58.73 25.09 -55.57
C ILE O 358 -57.92 26.37 -55.39
N ILE O 359 -57.53 26.63 -54.14
CA ILE O 359 -56.66 27.77 -53.86
C ILE O 359 -55.27 27.49 -54.42
N VAL O 360 -54.69 28.47 -55.09
CA VAL O 360 -53.44 28.22 -55.79
C VAL O 360 -52.27 28.15 -54.82
N ASP O 361 -52.17 29.07 -53.87
CA ASP O 361 -50.95 29.23 -53.09
C ASP O 361 -51.28 29.98 -51.79
N ASP O 362 -50.25 30.15 -50.97
CA ASP O 362 -50.36 30.76 -49.65
C ASP O 362 -49.91 32.22 -49.65
N VAL O 363 -49.76 32.83 -50.84
CA VAL O 363 -49.04 34.09 -50.96
C VAL O 363 -49.86 35.24 -50.36
N ASN O 364 -49.17 36.33 -50.05
CA ASN O 364 -49.77 37.59 -49.62
C ASN O 364 -49.25 38.71 -50.51
N THR O 365 -49.77 39.92 -50.31
CA THR O 365 -49.34 41.05 -51.13
C THR O 365 -47.88 41.41 -50.88
N PHE O 366 -47.34 41.08 -49.70
CA PHE O 366 -45.96 41.43 -49.41
C PHE O 366 -44.98 40.74 -50.35
N LYS O 367 -45.32 39.54 -50.83
CA LYS O 367 -44.36 38.63 -51.47
C LYS O 367 -43.55 39.27 -52.60
N LYS O 368 -44.00 40.41 -53.13
CA LYS O 368 -43.23 41.14 -54.13
C LYS O 368 -41.81 41.44 -53.67
N TYR O 369 -41.59 41.65 -52.37
CA TYR O 369 -40.25 41.84 -51.83
C TYR O 369 -39.82 40.57 -51.11
N VAL O 370 -38.51 40.43 -50.93
CA VAL O 370 -37.90 39.10 -50.80
C VAL O 370 -37.17 38.87 -49.48
N ASP O 371 -36.12 39.65 -49.21
CA ASP O 371 -35.02 39.15 -48.39
C ASP O 371 -35.11 39.56 -46.92
N ASP O 372 -35.24 40.85 -46.62
CA ASP O 372 -35.27 41.26 -45.21
C ASP O 372 -36.47 40.63 -44.52
N LYS O 373 -37.69 40.99 -44.88
CA LYS O 373 -38.83 40.20 -44.48
C LYS O 373 -38.82 38.97 -45.37
N ASN O 374 -38.45 37.83 -44.80
CA ASN O 374 -38.00 36.70 -45.62
C ASN O 374 -39.13 36.19 -46.51
N GLU O 375 -38.76 35.28 -47.41
CA GLU O 375 -39.71 34.77 -48.39
C GLU O 375 -40.85 34.01 -47.71
N ALA O 376 -40.57 33.39 -46.56
CA ALA O 376 -41.64 32.74 -45.81
C ALA O 376 -42.66 33.76 -45.31
N MET O 377 -42.22 35.00 -45.04
CA MET O 377 -43.17 36.05 -44.68
C MET O 377 -44.13 36.34 -45.82
N GLY O 378 -43.72 36.07 -47.06
CA GLY O 378 -44.62 36.18 -48.18
C GLY O 378 -45.79 35.22 -48.13
N TYR O 379 -45.71 34.19 -47.30
CA TYR O 379 -46.77 33.20 -47.15
C TYR O 379 -47.59 33.51 -45.90
N ILE O 380 -48.90 33.33 -46.02
CA ILE O 380 -49.82 33.75 -44.95
C ILE O 380 -49.64 32.89 -43.71
N SER O 381 -49.31 31.60 -43.88
CA SER O 381 -49.20 30.71 -42.74
C SER O 381 -48.10 31.17 -41.78
N ASN O 382 -46.98 31.63 -42.33
CA ASN O 382 -45.91 32.13 -41.48
C ASN O 382 -46.36 33.36 -40.70
N ILE O 383 -47.12 34.25 -41.34
CA ILE O 383 -47.62 35.43 -40.65
C ILE O 383 -48.58 35.03 -39.55
N MET O 384 -49.43 34.04 -39.80
CA MET O 384 -50.32 33.56 -38.75
C MET O 384 -49.52 33.00 -37.58
N PHE O 385 -48.45 32.27 -37.89
CA PHE O 385 -47.59 31.73 -36.85
C PHE O 385 -46.95 32.84 -36.02
N ILE O 386 -46.40 33.86 -36.68
CA ILE O 386 -45.73 34.95 -35.98
C ILE O 386 -46.73 35.72 -35.14
N ASN O 387 -47.92 35.97 -35.68
CA ASN O 387 -48.95 36.67 -34.93
C ASN O 387 -49.38 35.86 -33.72
N THR O 388 -49.48 34.54 -33.87
CA THR O 388 -49.83 33.70 -32.73
C THR O 388 -48.76 33.74 -31.65
N ILE O 389 -47.49 33.68 -32.04
CA ILE O 389 -46.40 33.76 -31.07
C ILE O 389 -46.45 35.10 -30.35
N ASN O 390 -46.63 36.18 -31.11
CA ASN O 390 -46.73 37.51 -30.50
C ASN O 390 -47.92 37.58 -29.56
N LYS O 391 -49.04 36.97 -29.94
CA LYS O 391 -50.23 37.03 -29.10
C LYS O 391 -50.04 36.26 -27.80
N ASP O 392 -49.47 35.05 -27.87
CA ASP O 392 -49.24 34.28 -26.66
C ASP O 392 -48.21 34.97 -25.77
N THR O 393 -47.21 35.58 -26.38
CA THR O 393 -46.20 36.31 -25.62
C THR O 393 -46.81 37.54 -24.93
N SER O 394 -47.63 38.29 -25.67
CA SER O 394 -48.35 39.41 -25.09
C SER O 394 -49.45 38.96 -24.15
N LEU O 395 -49.78 37.67 -24.13
CA LEU O 395 -50.57 37.13 -23.03
C LEU O 395 -49.70 36.91 -21.80
N LYS O 396 -48.48 36.43 -22.01
CA LYS O 396 -47.54 36.25 -20.91
C LYS O 396 -47.15 37.56 -20.25
N ARG O 397 -47.38 38.70 -20.92
CA ARG O 397 -47.00 39.99 -20.34
C ARG O 397 -47.60 40.13 -18.95
N LYS O 398 -48.91 39.86 -18.83
CA LYS O 398 -49.64 40.07 -17.60
C LYS O 398 -49.20 39.08 -16.52
N GLU O 399 -48.72 37.91 -16.93
CA GLU O 399 -48.19 36.97 -15.96
C GLU O 399 -46.87 37.48 -15.38
N PHE O 400 -46.03 38.10 -16.22
CA PHE O 400 -44.66 38.44 -15.81
C PHE O 400 -44.40 39.92 -15.56
N VAL O 401 -45.11 40.83 -16.22
CA VAL O 401 -44.79 42.24 -16.03
C VAL O 401 -45.30 42.70 -14.67
N GLY O 402 -44.44 43.36 -13.91
CA GLY O 402 -44.85 43.92 -12.65
C GLY O 402 -45.12 42.91 -11.57
N LYS O 403 -44.59 41.69 -11.71
CA LYS O 403 -44.89 40.61 -10.77
C LYS O 403 -43.68 39.75 -10.44
N ILE O 404 -42.49 40.08 -10.92
CA ILE O 404 -41.29 39.31 -10.62
C ILE O 404 -40.09 40.23 -10.76
N PHE O 405 -39.06 39.97 -9.96
CA PHE O 405 -38.17 41.03 -9.49
C PHE O 405 -36.97 41.33 -10.40
N ASN O 406 -36.91 40.80 -11.61
CA ASN O 406 -35.80 41.07 -12.53
C ASN O 406 -34.47 40.45 -12.07
N ASP O 407 -34.46 39.71 -10.97
CA ASP O 407 -33.24 39.06 -10.52
C ASP O 407 -32.96 37.87 -11.44
N ALA O 408 -31.91 37.12 -11.13
CA ALA O 408 -31.63 35.92 -11.93
C ALA O 408 -32.77 34.92 -11.84
N THR O 409 -33.43 34.85 -10.67
CA THR O 409 -34.54 33.92 -10.51
C THR O 409 -35.71 34.29 -11.43
N GLY O 410 -36.07 35.58 -11.48
CA GLY O 410 -37.17 35.99 -12.34
C GLY O 410 -36.87 35.77 -13.81
N GLN O 411 -35.66 36.12 -14.23
CA GLN O 411 -35.26 35.90 -15.61
C GLN O 411 -35.30 34.42 -15.95
N THR O 412 -34.80 33.58 -15.03
CA THR O 412 -34.82 32.14 -15.24
C THR O 412 -36.24 31.61 -15.34
N THR O 413 -37.14 32.13 -14.49
CA THR O 413 -38.53 31.69 -14.54
C THR O 413 -39.18 32.06 -15.87
N VAL O 414 -38.93 33.29 -16.33
CA VAL O 414 -39.49 33.73 -17.61
C VAL O 414 -38.97 32.86 -18.74
N ILE O 415 -37.65 32.63 -18.74
CA ILE O 415 -37.05 31.82 -19.80
C ILE O 415 -37.57 30.40 -19.75
N CYS O 416 -37.77 29.85 -18.55
CA CYS O 416 -38.29 28.50 -18.41
C CYS O 416 -39.72 28.41 -18.93
N ALA O 417 -40.54 29.41 -18.64
CA ALA O 417 -41.91 29.41 -19.14
C ALA O 417 -41.93 29.49 -20.67
N LEU O 418 -41.13 30.37 -21.24
CA LEU O 418 -41.08 30.48 -22.69
C LEU O 418 -40.54 29.19 -23.31
N LYS O 419 -39.55 28.56 -22.66
CA LYS O 419 -39.02 27.30 -23.13
C LYS O 419 -40.09 26.21 -23.10
N LYS O 420 -40.90 26.20 -22.03
CA LYS O 420 -42.00 25.24 -21.95
C LYS O 420 -43.00 25.45 -23.07
N TYR O 421 -43.32 26.71 -23.37
CA TYR O 421 -44.23 27.01 -24.46
C TYR O 421 -43.67 26.53 -25.80
N PHE O 422 -42.40 26.84 -26.06
CA PHE O 422 -41.80 26.44 -27.32
C PHE O 422 -41.64 24.92 -27.40
N GLU O 423 -41.44 24.26 -26.26
CA GLU O 423 -41.38 22.80 -26.26
C GLU O 423 -42.76 22.21 -26.52
N GLU O 424 -43.81 22.86 -26.04
CA GLU O 424 -45.16 22.45 -26.41
C GLU O 424 -45.36 22.58 -27.91
N LEU O 425 -44.84 23.66 -28.51
CA LEU O 425 -44.90 23.81 -29.96
C LEU O 425 -44.11 22.70 -30.65
N MET O 426 -42.94 22.37 -30.11
CA MET O 426 -42.12 21.29 -30.67
C MET O 426 -42.86 19.96 -30.62
N SER O 427 -43.57 19.71 -29.52
CA SER O 427 -44.32 18.46 -29.39
C SER O 427 -45.40 18.34 -30.46
N GLN O 428 -46.02 19.46 -30.82
CA GLN O 428 -46.96 19.47 -31.93
C GLN O 428 -46.28 19.31 -33.28
N GLY O 429 -44.95 19.40 -33.34
CA GLY O 429 -44.23 19.25 -34.58
C GLY O 429 -44.19 20.49 -35.45
N ILE O 430 -44.80 21.59 -35.00
CA ILE O 430 -44.87 22.80 -35.82
C ILE O 430 -43.46 23.36 -36.05
N ILE O 431 -42.60 23.25 -35.05
CA ILE O 431 -41.24 23.76 -35.11
C ILE O 431 -40.30 22.57 -35.21
N SER O 432 -39.36 22.65 -36.14
CA SER O 432 -38.33 21.62 -36.28
C SER O 432 -37.14 21.85 -35.37
N GLU O 433 -36.81 23.12 -35.09
CA GLU O 433 -35.68 23.45 -34.23
C GLU O 433 -35.94 24.82 -33.63
N PHE O 434 -35.46 25.02 -32.41
CA PHE O 434 -35.55 26.33 -31.78
C PHE O 434 -34.53 26.44 -30.68
N ASN O 435 -34.23 27.68 -30.30
CA ASN O 435 -33.56 27.98 -29.05
C ASN O 435 -34.05 29.34 -28.58
N VAL O 436 -34.20 29.50 -27.27
CA VAL O 436 -34.63 30.76 -26.67
C VAL O 436 -33.72 31.04 -25.49
N ASP O 437 -33.17 32.26 -25.43
CA ASP O 437 -32.17 32.62 -24.46
C ASP O 437 -32.26 34.11 -24.17
N ILE O 438 -31.63 34.51 -23.06
CA ILE O 438 -31.57 35.92 -22.71
C ILE O 438 -30.74 36.66 -23.74
N ASP O 439 -31.15 37.89 -24.05
CA ASP O 439 -30.48 38.73 -25.03
C ASP O 439 -29.42 39.52 -24.28
N THR O 440 -28.32 38.83 -23.97
CA THR O 440 -27.29 39.40 -23.12
C THR O 440 -26.67 40.66 -23.72
N GLU O 441 -26.69 40.76 -25.05
CA GLU O 441 -26.23 41.98 -25.71
C GLU O 441 -27.09 43.18 -25.29
N LEU O 442 -28.41 43.05 -25.43
CA LEU O 442 -29.30 44.12 -25.02
C LEU O 442 -29.54 44.12 -23.51
N GLN O 443 -29.40 42.96 -22.85
CA GLN O 443 -29.57 42.92 -21.41
C GLN O 443 -28.47 43.70 -20.70
N ALA O 444 -27.26 43.74 -21.28
CA ALA O 444 -26.22 44.58 -20.71
C ALA O 444 -26.60 46.05 -20.75
N THR O 445 -27.20 46.49 -21.85
CA THR O 445 -27.68 47.85 -21.98
C THR O 445 -29.06 48.07 -21.38
N ALA O 446 -29.73 47.01 -20.93
CA ALA O 446 -31.08 47.13 -20.41
C ALA O 446 -31.09 47.93 -19.12
N LYS O 447 -32.12 48.75 -18.96
CA LYS O 447 -32.34 49.40 -17.69
C LYS O 447 -32.79 48.37 -16.65
N ALA O 448 -32.60 48.71 -15.38
CA ALA O 448 -32.80 47.73 -14.32
C ALA O 448 -34.23 47.23 -14.22
N ASP O 449 -35.21 48.01 -14.69
CA ASP O 449 -36.62 47.65 -14.59
C ASP O 449 -37.15 46.99 -15.87
N GLU O 450 -36.28 46.44 -16.70
CA GLU O 450 -36.69 45.82 -17.96
C GLU O 450 -35.85 44.59 -18.26
N PHE O 451 -36.30 43.84 -19.26
CA PHE O 451 -35.71 42.56 -19.63
C PHE O 451 -35.73 42.42 -21.14
N TYR O 452 -34.65 41.85 -21.68
CA TYR O 452 -34.52 41.55 -23.09
C TYR O 452 -34.21 40.07 -23.27
N TRP O 453 -34.74 39.49 -24.35
CA TRP O 453 -34.60 38.06 -24.58
C TRP O 453 -34.67 37.83 -26.08
N LYS O 454 -34.08 36.71 -26.51
CA LYS O 454 -33.99 36.37 -27.93
C LYS O 454 -34.43 34.93 -28.13
N TRP O 455 -34.91 34.63 -29.32
CA TRP O 455 -35.24 33.26 -29.67
C TRP O 455 -35.13 33.06 -31.17
N ASP O 456 -34.62 31.89 -31.55
CA ASP O 456 -34.62 31.43 -32.94
C ASP O 456 -35.50 30.20 -33.04
N ALA O 457 -36.06 29.99 -34.23
CA ALA O 457 -36.93 28.86 -34.48
C ALA O 457 -36.87 28.49 -35.95
N VAL O 458 -37.44 27.33 -36.27
CA VAL O 458 -37.56 26.87 -37.65
C VAL O 458 -38.94 26.24 -37.79
N LYS O 459 -39.87 26.98 -38.38
CA LYS O 459 -41.19 26.43 -38.63
C LYS O 459 -41.08 25.26 -39.60
N VAL O 460 -41.91 24.24 -39.37
CA VAL O 460 -41.89 23.07 -40.24
C VAL O 460 -42.63 23.43 -41.52
N ASP O 461 -42.04 23.09 -42.66
CA ASP O 461 -42.58 23.50 -43.94
C ASP O 461 -43.71 22.57 -44.38
N VAL O 462 -44.17 22.74 -45.61
CA VAL O 462 -45.20 21.90 -46.22
C VAL O 462 -44.84 21.77 -47.69
N MET O 463 -45.14 20.61 -48.30
CA MET O 463 -44.95 20.49 -49.75
C MET O 463 -45.88 21.43 -50.48
N LYS O 464 -45.29 22.38 -51.19
CA LYS O 464 -45.97 23.11 -52.25
C LYS O 464 -45.61 22.53 -53.62
N LYS O 465 -44.34 22.23 -53.84
CA LYS O 465 -43.85 21.66 -55.09
C LYS O 465 -43.41 20.22 -54.83
N ILE O 466 -43.65 19.33 -55.79
CA ILE O 466 -43.10 17.98 -55.73
C ILE O 466 -42.70 17.56 -57.14
N TYR O 467 -41.59 16.84 -57.24
CA TYR O 467 -41.04 16.38 -58.51
C TYR O 467 -40.71 14.91 -58.44
N GLY O 468 -41.04 14.19 -59.49
CA GLY O 468 -40.75 12.77 -59.58
C GLY O 468 -40.07 12.44 -60.90
N THR O 469 -39.18 11.46 -60.84
CA THR O 469 -38.43 10.98 -62.00
C THR O 469 -38.54 9.47 -62.06
N GLY O 470 -38.79 8.94 -63.25
CA GLY O 470 -39.12 7.54 -63.44
C GLY O 470 -38.08 6.79 -64.24
N TYR O 471 -37.86 5.54 -63.86
CA TYR O 471 -36.99 4.62 -64.57
C TYR O 471 -37.78 3.35 -64.89
N LEU O 472 -37.59 2.83 -66.09
CA LEU O 472 -38.25 1.62 -66.57
C LEU O 472 -37.23 0.66 -67.15
N GLU P 13 -51.32 -24.20 51.72
CA GLU P 13 -52.37 -25.22 52.01
C GLU P 13 -51.74 -26.59 52.19
N ILE P 14 -52.56 -27.59 52.52
CA ILE P 14 -52.08 -28.96 52.65
C ILE P 14 -51.76 -29.48 51.25
N PRO P 15 -50.88 -30.46 51.11
CA PRO P 15 -50.63 -31.01 49.77
C PRO P 15 -51.85 -31.70 49.20
N GLY P 16 -51.99 -31.59 47.89
CA GLY P 16 -53.14 -32.12 47.19
C GLY P 16 -53.29 -31.45 45.84
N PHE P 17 -54.37 -31.79 45.14
CA PHE P 17 -54.61 -31.29 43.79
C PHE P 17 -56.02 -30.70 43.83
N TYR P 18 -56.14 -29.42 44.17
CA TYR P 18 -57.45 -28.85 44.48
C TYR P 18 -57.92 -27.94 43.36
N ASN P 19 -58.97 -28.39 42.66
CA ASN P 19 -59.55 -27.64 41.54
C ASN P 19 -60.43 -26.52 42.07
N ARG P 20 -60.50 -25.45 41.30
CA ARG P 20 -61.40 -24.32 41.60
C ARG P 20 -61.91 -23.78 40.27
N PHE P 21 -63.10 -24.22 39.87
CA PHE P 21 -63.60 -23.97 38.53
C PHE P 21 -64.18 -22.56 38.41
N LYS P 22 -63.95 -21.95 37.25
CA LYS P 22 -64.18 -20.52 37.04
C LYS P 22 -64.85 -20.28 35.69
N THR P 23 -65.82 -21.12 35.33
CA THR P 23 -66.66 -20.86 34.17
C THR P 23 -67.78 -19.89 34.56
N GLN P 24 -67.47 -18.65 34.96
CA GLN P 24 -68.60 -17.77 35.23
C GLN P 24 -68.94 -16.92 33.98
N ALA P 25 -67.98 -16.32 33.25
CA ALA P 25 -68.32 -15.52 32.09
C ALA P 25 -67.49 -15.96 30.89
N GLU P 26 -67.53 -17.26 30.61
CA GLU P 26 -66.63 -17.83 29.61
C GLU P 26 -66.76 -17.14 28.27
N LYS P 27 -67.95 -17.17 27.67
CA LYS P 27 -68.22 -16.40 26.45
C LYS P 27 -69.63 -15.81 26.50
N SER P 28 -70.03 -15.31 27.67
CA SER P 28 -71.33 -14.68 27.87
C SER P 28 -71.21 -13.16 27.83
N THR P 29 -70.32 -12.64 26.99
CA THR P 29 -69.96 -11.23 26.98
C THR P 29 -70.22 -10.62 25.61
N ASN P 30 -70.55 -9.32 25.63
CA ASN P 30 -70.71 -8.54 24.40
C ASN P 30 -70.22 -7.13 24.68
N THR P 31 -69.88 -6.41 23.61
CA THR P 31 -69.23 -5.10 23.67
C THR P 31 -70.09 -4.01 23.04
N GLY P 32 -71.40 -4.13 23.14
CA GLY P 32 -72.30 -3.19 22.49
C GLY P 32 -72.73 -2.02 23.34
N LEU P 33 -72.02 -1.75 24.44
CA LEU P 33 -72.41 -0.72 25.39
C LEU P 33 -71.20 0.08 25.83
N LYS P 34 -71.44 1.32 26.23
CA LYS P 34 -70.38 2.22 26.67
C LYS P 34 -71.01 3.41 27.37
N GLY P 35 -70.19 4.14 28.12
CA GLY P 35 -70.56 5.42 28.67
C GLY P 35 -71.35 5.30 29.97
N ARG P 36 -71.41 6.43 30.68
CA ARG P 36 -72.18 6.54 31.92
C ARG P 36 -72.82 7.91 31.97
N LEU P 37 -74.01 7.97 32.59
CA LEU P 37 -74.85 9.15 32.58
C LEU P 37 -75.37 9.46 33.97
N ALA P 38 -75.57 10.74 34.24
CA ALA P 38 -76.15 11.23 35.48
C ALA P 38 -77.62 11.53 35.29
N MET P 39 -78.41 11.34 36.35
CA MET P 39 -79.87 11.46 36.28
C MET P 39 -80.43 11.85 37.64
N PRO P 40 -80.77 13.11 37.84
CA PRO P 40 -81.74 13.44 38.89
C PRO P 40 -83.14 13.07 38.42
N ILE P 41 -83.89 12.37 39.27
CA ILE P 41 -85.18 11.81 38.89
C ILE P 41 -86.19 11.97 40.01
N ARG P 42 -87.44 12.20 39.63
CA ARG P 42 -88.58 12.07 40.53
C ARG P 42 -89.16 10.68 40.37
N ALA P 43 -89.42 10.01 41.49
CA ALA P 43 -89.85 8.61 41.46
C ALA P 43 -90.85 8.36 42.58
N ASN P 44 -91.83 7.51 42.28
CA ASN P 44 -92.75 7.01 43.30
C ASN P 44 -92.11 5.93 44.18
N TRP P 45 -91.08 5.25 43.68
CA TRP P 45 -90.49 4.11 44.36
C TRP P 45 -88.97 4.17 44.22
N GLY P 46 -88.29 3.55 45.17
CA GLY P 46 -86.85 3.37 45.12
C GLY P 46 -86.13 4.16 46.20
N ASP P 47 -84.81 3.96 46.24
CA ASP P 47 -83.97 4.58 47.25
C ASP P 47 -84.00 6.10 47.11
N VAL P 48 -83.73 6.76 48.23
CA VAL P 48 -83.80 8.22 48.34
C VAL P 48 -82.50 8.73 48.93
N GLY P 49 -81.99 9.83 48.39
CA GLY P 49 -80.84 10.50 48.95
C GLY P 49 -79.51 9.87 48.63
N LYS P 50 -79.45 8.97 47.65
CA LYS P 50 -78.22 8.32 47.25
C LYS P 50 -78.13 8.26 45.73
N VAL P 51 -76.90 8.25 45.23
CA VAL P 51 -76.63 8.14 43.80
C VAL P 51 -76.34 6.68 43.52
N VAL P 52 -77.28 6.01 42.86
CA VAL P 52 -77.24 4.57 42.61
C VAL P 52 -76.96 4.33 41.13
N THR P 53 -76.06 3.39 40.86
CA THR P 53 -75.73 3.00 39.50
C THR P 53 -76.68 1.90 39.03
N ILE P 54 -77.14 2.02 37.79
CA ILE P 54 -78.07 1.05 37.19
C ILE P 54 -77.40 0.47 35.96
N LYS P 55 -77.30 -0.85 35.92
CA LYS P 55 -76.85 -1.54 34.72
C LYS P 55 -77.95 -1.48 33.66
N ASN P 56 -77.55 -1.67 32.40
CA ASN P 56 -78.42 -1.32 31.28
C ASN P 56 -79.67 -2.19 31.19
N ASP P 57 -79.78 -3.26 31.95
CA ASP P 57 -81.02 -4.03 31.97
C ASP P 57 -82.12 -3.18 32.60
N LEU P 58 -83.20 -2.95 31.84
CA LEU P 58 -84.32 -2.17 32.36
C LEU P 58 -85.02 -2.87 33.51
N ARG P 59 -84.89 -4.19 33.62
CA ARG P 59 -85.43 -4.91 34.77
C ARG P 59 -84.87 -4.37 36.07
N GLN P 60 -83.58 -3.99 36.06
CA GLN P 60 -82.98 -3.38 37.25
C GLN P 60 -83.65 -2.06 37.59
N LEU P 61 -83.89 -1.23 36.56
CA LEU P 61 -84.60 0.03 36.77
C LEU P 61 -86.01 -0.23 37.30
N LYS P 62 -86.71 -1.20 36.69
CA LYS P 62 -88.07 -1.50 37.09
C LYS P 62 -88.12 -1.97 38.54
N ASN P 63 -87.14 -2.78 38.95
CA ASN P 63 -87.10 -3.28 40.32
C ASN P 63 -86.78 -2.16 41.30
N LEU P 64 -85.76 -1.36 41.00
CA LEU P 64 -85.21 -0.42 41.98
C LEU P 64 -85.92 0.92 42.01
N PHE P 65 -86.76 1.24 41.02
CA PHE P 65 -87.48 2.50 41.01
C PHE P 65 -88.91 2.38 40.47
N GLY P 66 -89.44 1.18 40.34
CA GLY P 66 -90.80 1.00 39.88
C GLY P 66 -90.92 1.10 38.38
N ASP P 67 -92.16 0.97 37.91
CA ASP P 67 -92.48 0.93 36.48
C ASP P 67 -93.58 1.92 36.14
N ASP P 68 -93.64 3.04 36.84
CA ASP P 68 -94.68 4.05 36.61
C ASP P 68 -94.17 5.09 35.62
N MET P 69 -94.83 5.19 34.47
CA MET P 69 -94.44 6.14 33.45
C MET P 69 -94.93 7.55 33.74
N ASN P 70 -95.75 7.75 34.77
CA ASN P 70 -96.16 9.08 35.17
C ASN P 70 -95.02 9.90 35.76
N TYR P 71 -93.88 9.28 36.07
CA TYR P 71 -92.78 9.90 36.78
C TYR P 71 -91.55 9.96 35.88
N SER P 72 -90.73 10.98 36.10
CA SER P 72 -89.53 11.16 35.29
C SER P 72 -88.60 9.97 35.39
N ALA P 73 -88.58 9.30 36.54
CA ALA P 73 -87.63 8.23 36.79
C ALA P 73 -87.71 7.11 35.76
N PHE P 74 -88.85 6.41 35.70
CA PHE P 74 -88.94 5.25 34.82
C PHE P 74 -88.88 5.65 33.35
N LYS P 75 -89.55 6.74 32.97
CA LYS P 75 -89.60 7.14 31.57
C LYS P 75 -88.22 7.54 31.07
N LEU P 76 -87.56 8.45 31.78
CA LEU P 76 -86.24 8.89 31.36
C LEU P 76 -85.21 7.77 31.50
N GLY P 77 -85.40 6.88 32.48
CA GLY P 77 -84.52 5.73 32.57
C GLY P 77 -84.64 4.82 31.38
N LYS P 78 -85.87 4.54 30.95
CA LYS P 78 -86.08 3.72 29.76
C LYS P 78 -85.46 4.37 28.53
N LEU P 79 -85.63 5.69 28.40
CA LEU P 79 -85.02 6.38 27.27
C LEU P 79 -83.49 6.28 27.31
N ALA P 80 -82.90 6.46 28.48
CA ALA P 80 -81.45 6.37 28.61
C ALA P 80 -80.96 4.97 28.31
N LEU P 81 -81.66 3.95 28.83
CA LEU P 81 -81.25 2.56 28.60
C LEU P 81 -81.34 2.22 27.12
N LEU P 82 -82.39 2.68 26.44
CA LEU P 82 -82.45 2.54 25.00
C LEU P 82 -81.37 3.35 24.30
N GLY P 83 -80.83 4.38 24.96
CA GLY P 83 -79.63 5.02 24.50
C GLY P 83 -78.37 4.18 24.62
N ASN P 84 -78.46 3.01 25.26
CA ASN P 84 -77.38 2.02 25.30
C ASN P 84 -76.20 2.51 26.14
N VAL P 85 -76.50 3.11 27.28
CA VAL P 85 -75.46 3.50 28.23
C VAL P 85 -75.03 2.27 29.01
N LYS P 86 -73.72 2.15 29.24
CA LYS P 86 -73.19 1.00 29.96
C LYS P 86 -73.73 0.95 31.39
N GLU P 87 -73.74 2.09 32.07
CA GLU P 87 -74.22 2.17 33.45
C GLU P 87 -74.90 3.52 33.64
N LEU P 88 -76.16 3.49 34.07
CA LEU P 88 -76.97 4.67 34.26
C LEU P 88 -77.04 4.98 35.75
N LEU P 89 -76.59 6.18 36.12
CA LEU P 89 -76.53 6.59 37.52
C LEU P 89 -77.71 7.52 37.82
N LEU P 90 -78.52 7.14 38.81
CA LEU P 90 -79.75 7.82 39.14
C LEU P 90 -79.67 8.44 40.52
N TYR P 91 -80.57 9.39 40.78
CA TYR P 91 -80.71 9.99 42.11
C TYR P 91 -82.16 10.41 42.27
N ARG P 92 -82.82 9.90 43.30
CA ARG P 92 -84.24 10.19 43.53
C ARG P 92 -84.38 11.53 44.22
N LEU P 93 -85.13 12.44 43.59
CA LEU P 93 -85.40 13.75 44.14
C LEU P 93 -86.68 13.72 44.95
N VAL P 94 -86.67 14.39 46.11
CA VAL P 94 -87.82 14.41 47.01
C VAL P 94 -87.85 15.74 47.73
N ASP P 95 -89.05 16.10 48.20
CA ASP P 95 -89.20 17.11 49.24
C ASP P 95 -89.04 16.43 50.60
N GLY P 96 -88.63 17.22 51.60
CA GLY P 96 -88.35 16.67 52.91
C GLY P 96 -89.54 15.94 53.53
N ASN P 97 -90.75 16.33 53.18
CA ASN P 97 -91.95 15.65 53.68
C ASN P 97 -92.14 14.26 53.09
N GLN P 98 -91.37 13.90 52.07
CA GLN P 98 -91.57 12.62 51.40
C GLN P 98 -91.30 11.46 52.36
N LYS P 99 -92.14 10.43 52.29
CA LYS P 99 -92.30 9.49 53.39
C LYS P 99 -92.62 8.09 52.89
N LYS P 100 -92.36 7.11 53.76
CA LYS P 100 -92.69 5.71 53.53
C LYS P 100 -94.13 5.40 53.94
N GLY P 101 -94.76 4.49 53.20
CA GLY P 101 -96.02 3.94 53.64
C GLY P 101 -95.83 2.99 54.81
N THR P 102 -96.88 2.85 55.62
CA THR P 102 -96.79 2.08 56.85
C THR P 102 -98.14 1.47 57.19
N LEU P 103 -98.09 0.32 57.85
CA LEU P 103 -99.27 -0.36 58.37
C LEU P 103 -98.88 -1.04 59.68
N THR P 104 -99.87 -1.20 60.56
CA THR P 104 -99.66 -1.78 61.88
C THR P 104 -100.62 -2.96 62.07
N LEU P 105 -100.14 -3.96 62.81
CA LEU P 105 -100.90 -5.16 63.11
C LEU P 105 -101.05 -5.29 64.62
N LYS P 106 -102.10 -6.00 65.03
CA LYS P 106 -102.47 -6.12 66.43
C LYS P 106 -102.90 -7.55 66.73
N ASP P 107 -102.78 -7.93 67.99
CA ASP P 107 -103.17 -9.26 68.44
C ASP P 107 -104.67 -9.31 68.75
N THR P 108 -105.17 -10.53 68.92
CA THR P 108 -106.57 -10.77 69.24
C THR P 108 -106.79 -11.66 70.46
N THR P 109 -105.74 -12.27 71.02
CA THR P 109 -105.92 -13.13 72.18
C THR P 109 -106.42 -12.33 73.38
N GLU P 110 -105.89 -11.12 73.58
CA GLU P 110 -106.26 -10.28 74.71
C GLU P 110 -107.41 -9.36 74.31
N ASN P 111 -108.32 -9.13 75.25
CA ASN P 111 -109.41 -8.19 75.01
C ASN P 111 -108.87 -6.79 74.73
N SER P 112 -107.90 -6.34 75.52
CA SER P 112 -107.19 -5.09 75.26
C SER P 112 -106.06 -5.41 74.27
N ALA P 113 -106.42 -5.41 72.99
CA ALA P 113 -105.48 -5.78 71.95
C ALA P 113 -104.32 -4.79 71.90
N LYS P 114 -103.12 -5.33 71.66
CA LYS P 114 -101.88 -4.57 71.67
C LYS P 114 -101.18 -4.72 70.33
N ASP P 115 -100.66 -3.62 69.82
CA ASP P 115 -99.90 -3.66 68.57
C ASP P 115 -98.63 -4.46 68.75
N VAL P 116 -98.38 -5.39 67.83
CA VAL P 116 -97.26 -6.33 67.94
C VAL P 116 -96.38 -6.35 66.71
N ILE P 117 -96.86 -5.97 65.53
CA ILE P 117 -96.06 -5.92 64.31
C ILE P 117 -96.43 -4.67 63.53
N LYS P 118 -95.43 -4.03 62.95
CA LYS P 118 -95.63 -2.91 62.04
C LYS P 118 -94.96 -3.24 60.70
N LEU P 119 -95.66 -2.91 59.61
CA LEU P 119 -95.18 -3.12 58.26
C LEU P 119 -94.95 -1.76 57.61
N GLU P 120 -93.77 -1.59 57.00
CA GLU P 120 -93.39 -0.35 56.35
C GLU P 120 -92.74 -0.67 55.01
N THR P 121 -93.06 0.13 53.99
CA THR P 121 -92.50 -0.09 52.67
C THR P 121 -90.98 0.04 52.71
N LYS P 122 -90.30 -0.84 51.97
CA LYS P 122 -88.84 -0.85 51.99
C LYS P 122 -88.26 0.45 51.48
N TYR P 123 -88.97 1.14 50.58
CA TYR P 123 -88.55 2.41 50.01
C TYR P 123 -89.64 3.44 50.22
N PRO P 124 -89.28 4.73 50.31
CA PRO P 124 -90.33 5.76 50.40
C PRO P 124 -91.21 5.77 49.16
N THR P 125 -92.50 6.00 49.38
CA THR P 125 -93.49 5.95 48.32
C THR P 125 -94.81 6.49 48.85
N ALA P 126 -95.83 6.46 47.99
CA ALA P 126 -97.21 6.67 48.39
C ALA P 126 -98.15 5.68 47.70
N ARG P 127 -97.62 4.63 47.07
CA ARG P 127 -98.46 3.70 46.34
C ARG P 127 -99.29 2.86 47.30
N ASN P 128 -100.32 2.22 46.75
CA ASN P 128 -101.28 1.44 47.55
C ASN P 128 -100.80 0.00 47.69
N PHE P 129 -99.63 -0.16 48.31
CA PHE P 129 -99.16 -1.49 48.69
C PHE P 129 -100.04 -2.02 49.82
N ASN P 130 -100.68 -3.16 49.58
CA ASN P 130 -101.71 -3.68 50.46
C ASN P 130 -101.27 -5.03 51.03
N VAL P 131 -101.89 -5.39 52.16
CA VAL P 131 -101.55 -6.60 52.90
C VAL P 131 -102.84 -7.27 53.37
N THR P 132 -102.82 -8.59 53.42
CA THR P 132 -103.95 -9.40 53.89
C THR P 132 -103.44 -10.44 54.88
N ILE P 133 -104.16 -10.59 55.98
CA ILE P 133 -103.90 -11.63 56.97
C ILE P 133 -105.21 -12.36 57.24
N LYS P 134 -105.17 -13.68 57.20
CA LYS P 134 -106.36 -14.50 57.37
C LYS P 134 -105.98 -15.78 58.12
N SER P 135 -106.99 -16.43 58.68
CA SER P 135 -106.77 -17.67 59.42
C SER P 135 -106.31 -18.77 58.48
N ASN P 136 -105.28 -19.48 58.88
CA ASN P 136 -104.80 -20.62 58.09
C ASN P 136 -105.80 -21.76 58.15
N LEU P 137 -106.11 -22.33 56.99
CA LEU P 137 -107.13 -23.37 56.92
C LEU P 137 -106.60 -24.74 57.33
N VAL P 138 -105.27 -24.92 57.39
CA VAL P 138 -104.67 -26.21 57.71
C VAL P 138 -104.34 -26.25 59.20
N ASP P 139 -103.47 -25.34 59.64
CA ASP P 139 -103.04 -25.27 61.03
C ASP P 139 -103.85 -24.21 61.77
N SER P 140 -104.19 -24.52 63.02
CA SER P 140 -105.08 -23.65 63.78
C SER P 140 -104.45 -22.30 64.07
N ASP P 141 -103.22 -22.30 64.60
CA ASP P 141 -102.59 -21.07 65.05
C ASP P 141 -101.93 -20.28 63.94
N LYS P 142 -101.85 -20.82 62.73
CA LYS P 142 -101.17 -20.15 61.64
C LYS P 142 -102.06 -19.08 61.02
N LYS P 143 -101.41 -17.99 60.58
CA LYS P 143 -102.06 -16.91 59.85
C LYS P 143 -101.40 -16.79 58.49
N ASP P 144 -102.21 -16.67 57.45
CA ASP P 144 -101.71 -16.59 56.08
C ASP P 144 -101.48 -15.12 55.73
N PHE P 145 -100.21 -14.74 55.63
CA PHE P 145 -99.82 -13.36 55.34
C PHE P 145 -99.65 -13.22 53.82
N ILE P 146 -100.45 -12.34 53.21
CA ILE P 146 -100.43 -12.10 51.78
C ILE P 146 -100.27 -10.61 51.55
N PHE P 147 -99.56 -10.27 50.48
CA PHE P 147 -99.19 -8.90 50.17
C PHE P 147 -99.59 -8.58 48.73
N PHE P 148 -100.06 -7.35 48.52
CA PHE P 148 -100.54 -6.91 47.23
C PHE P 148 -100.10 -5.48 46.95
N GLU P 149 -100.40 -5.03 45.74
CA GLU P 149 -100.38 -3.60 45.38
C GLU P 149 -101.62 -3.36 44.54
N ASN P 150 -102.61 -2.67 45.11
CA ASN P 150 -103.91 -2.50 44.47
C ASN P 150 -104.54 -3.84 44.12
N THR P 151 -104.43 -4.79 45.06
CA THR P 151 -104.96 -6.15 44.97
C THR P 151 -104.14 -7.06 44.06
N LYS P 152 -103.10 -6.55 43.40
CA LYS P 152 -102.21 -7.39 42.61
C LYS P 152 -101.21 -8.04 43.56
N GLN P 153 -101.35 -9.35 43.75
CA GLN P 153 -100.59 -10.03 44.79
C GLN P 153 -99.10 -10.04 44.50
N LEU P 154 -98.31 -9.78 45.54
CA LEU P 154 -96.86 -9.86 45.50
C LEU P 154 -96.37 -11.20 46.04
N PHE P 155 -96.78 -11.54 47.26
CA PHE P 155 -96.20 -12.67 47.98
C PHE P 155 -97.21 -13.16 49.02
N SER P 156 -97.17 -14.46 49.29
CA SER P 156 -98.01 -15.08 50.31
C SER P 156 -97.16 -15.98 51.19
N SER P 157 -97.55 -16.06 52.47
CA SER P 157 -96.81 -16.86 53.44
C SER P 157 -97.73 -17.22 54.59
N SER P 158 -97.30 -18.20 55.38
CA SER P 158 -98.06 -18.69 56.52
C SER P 158 -97.09 -19.04 57.65
N ILE P 159 -97.32 -18.49 58.84
CA ILE P 159 -96.48 -18.74 60.01
C ILE P 159 -97.38 -18.88 61.23
N LYS P 160 -96.95 -19.72 62.17
CA LYS P 160 -97.64 -19.91 63.44
C LYS P 160 -97.76 -18.58 64.19
N GLY P 161 -98.61 -18.58 65.21
CA GLY P 161 -98.98 -17.36 65.91
C GLY P 161 -98.00 -16.88 66.96
N THR P 162 -96.71 -16.84 66.62
CA THR P 162 -95.69 -16.20 67.45
C THR P 162 -95.08 -15.06 66.64
N ILE P 163 -94.94 -13.89 67.27
CA ILE P 163 -94.65 -12.68 66.54
C ILE P 163 -93.24 -12.71 65.97
N ASP P 164 -92.29 -13.27 66.73
CA ASP P 164 -90.88 -13.25 66.30
C ASP P 164 -90.70 -14.03 65.00
N GLU P 165 -91.22 -15.26 64.94
CA GLU P 165 -91.10 -16.05 63.73
C GLU P 165 -91.85 -15.40 62.57
N ILE P 166 -92.99 -14.76 62.87
CA ILE P 166 -93.77 -14.09 61.83
C ILE P 166 -92.95 -12.99 61.18
N VAL P 167 -92.38 -12.10 61.99
CA VAL P 167 -91.63 -10.98 61.44
C VAL P 167 -90.37 -11.48 60.76
N LEU P 168 -89.73 -12.51 61.32
CA LEU P 168 -88.53 -13.05 60.71
C LEU P 168 -88.81 -13.63 59.33
N GLU P 169 -89.91 -14.38 59.20
CA GLU P 169 -90.27 -14.90 57.89
C GLU P 169 -90.63 -13.79 56.92
N ILE P 170 -91.40 -12.79 57.39
CA ILE P 170 -91.83 -11.72 56.50
C ILE P 170 -90.63 -10.93 56.00
N ASN P 171 -89.60 -10.76 56.83
CA ASN P 171 -88.38 -10.10 56.42
C ASN P 171 -87.40 -11.03 55.71
N SER P 172 -87.61 -12.34 55.75
CA SER P 172 -86.64 -13.28 55.21
C SER P 172 -86.72 -13.37 53.70
N ASN P 173 -87.89 -13.74 53.17
CA ASN P 173 -88.02 -13.95 51.74
C ASN P 173 -87.94 -12.62 51.00
N LEU P 174 -87.14 -12.59 49.94
CA LEU P 174 -87.04 -11.41 49.09
C LEU P 174 -88.24 -11.24 48.17
N ASP P 175 -89.15 -12.20 48.13
CA ASP P 175 -90.44 -11.97 47.49
C ASP P 175 -91.21 -10.86 48.21
N ASN P 176 -90.95 -10.67 49.50
CA ASN P 176 -91.51 -9.60 50.30
C ASN P 176 -90.59 -8.39 50.38
N GLU P 177 -89.79 -8.15 49.34
CA GLU P 177 -88.84 -7.05 49.36
C GLU P 177 -89.52 -5.69 49.36
N TYR P 178 -90.78 -5.61 48.95
CA TYR P 178 -91.46 -4.32 48.92
C TYR P 178 -91.67 -3.72 50.31
N VAL P 179 -91.66 -4.55 51.36
CA VAL P 179 -92.07 -4.14 52.69
C VAL P 179 -91.13 -4.72 53.73
N ILE P 180 -90.96 -3.99 54.83
CA ILE P 180 -90.15 -4.41 55.96
C ILE P 180 -91.08 -4.58 57.16
N ALA P 181 -90.95 -5.70 57.86
CA ALA P 181 -91.71 -5.98 59.06
C ALA P 181 -90.83 -5.77 60.29
N THR P 182 -91.38 -5.11 61.30
CA THR P 182 -90.68 -4.87 62.56
C THR P 182 -91.60 -5.22 63.72
N LYS P 183 -91.00 -5.76 64.78
CA LYS P 183 -91.75 -6.19 65.95
C LYS P 183 -92.02 -5.01 66.87
N VAL P 184 -93.29 -4.83 67.21
CA VAL P 184 -93.70 -3.77 68.13
C VAL P 184 -93.66 -4.25 69.58
N ALA P 185 -94.01 -5.53 69.81
CA ALA P 185 -94.00 -6.09 71.14
C ALA P 185 -93.68 -7.57 71.04
N ASP P 186 -93.20 -8.12 72.16
CA ASP P 186 -92.79 -9.53 72.24
C ASP P 186 -93.98 -10.36 72.72
N SER P 187 -94.92 -10.56 71.82
CA SER P 187 -96.14 -11.30 72.09
C SER P 187 -96.11 -12.66 71.41
N ASP P 188 -96.80 -13.62 72.01
CA ASP P 188 -97.04 -14.94 71.41
C ASP P 188 -98.52 -15.15 71.13
N THR P 189 -99.24 -14.07 70.84
CA THR P 189 -100.69 -14.06 70.70
C THR P 189 -101.09 -14.10 69.24
N ILE P 190 -102.34 -14.48 69.01
CA ILE P 190 -102.87 -14.60 67.65
C ILE P 190 -103.07 -13.22 67.06
N LEU P 191 -102.61 -13.03 65.83
CA LEU P 191 -102.72 -11.74 65.17
C LEU P 191 -104.14 -11.48 64.70
N ALA P 192 -104.43 -10.21 64.44
CA ALA P 192 -105.71 -9.79 63.90
C ALA P 192 -105.69 -9.92 62.38
N ASN P 193 -106.82 -10.36 61.83
CA ASN P 193 -106.93 -10.52 60.39
C ASN P 193 -107.16 -9.18 59.71
N VAL P 194 -106.43 -8.94 58.62
CA VAL P 194 -106.59 -7.77 57.78
C VAL P 194 -106.81 -8.25 56.35
N VAL P 195 -107.43 -7.40 55.54
CA VAL P 195 -107.75 -7.75 54.15
C VAL P 195 -107.44 -6.56 53.26
N ASN P 196 -106.31 -6.64 52.53
CA ASN P 196 -105.95 -5.64 51.53
C ASN P 196 -105.81 -4.25 52.16
N GLN P 197 -105.23 -4.19 53.36
CA GLN P 197 -105.03 -2.92 54.05
C GLN P 197 -103.78 -2.25 53.51
N ALA P 198 -103.93 -1.02 53.01
CA ALA P 198 -102.82 -0.32 52.40
C ALA P 198 -101.84 0.17 53.47
N LEU P 199 -100.56 0.20 53.10
CA LEU P 199 -99.51 0.76 53.96
C LEU P 199 -99.56 2.27 53.81
N GLU P 200 -100.37 2.92 54.65
CA GLU P 200 -100.64 4.34 54.53
C GLU P 200 -99.55 5.14 55.25
N GLY P 201 -99.67 6.46 55.20
CA GLY P 201 -98.71 7.36 55.79
C GLY P 201 -97.56 7.73 54.89
N GLY P 202 -97.48 7.16 53.69
CA GLY P 202 -96.40 7.49 52.77
C GLY P 202 -96.70 8.71 51.92
N ASN P 203 -95.64 9.24 51.31
CA ASN P 203 -95.73 10.40 50.44
C ASN P 203 -94.90 10.12 49.20
N ASP P 204 -95.30 10.74 48.08
CA ASP P 204 -95.01 10.19 46.77
C ASP P 204 -93.59 10.50 46.28
N GLY P 205 -93.28 11.78 46.05
CA GLY P 205 -92.03 12.15 45.43
C GLY P 205 -92.16 13.28 44.43
N CYS P 206 -93.36 13.46 43.88
CA CYS P 206 -93.68 14.65 43.08
C CYS P 206 -94.20 15.79 43.95
N THR P 207 -94.09 15.68 45.27
CA THR P 207 -94.68 16.64 46.19
C THR P 207 -93.73 17.80 46.39
N SER P 208 -94.08 18.95 45.81
CA SER P 208 -93.40 20.23 46.09
C SER P 208 -91.91 20.15 45.78
N ILE P 209 -91.56 19.54 44.66
CA ILE P 209 -90.17 19.48 44.22
C ILE P 209 -89.81 20.81 43.56
N THR P 210 -88.72 21.41 44.04
CA THR P 210 -88.30 22.74 43.63
C THR P 210 -86.82 22.72 43.27
N ASN P 211 -86.30 23.90 42.92
CA ASN P 211 -84.92 24.02 42.47
C ASN P 211 -83.92 23.58 43.53
N GLU P 212 -84.27 23.73 44.81
CA GLU P 212 -83.35 23.36 45.88
C GLU P 212 -83.08 21.85 45.88
N SER P 213 -84.11 21.06 45.59
CA SER P 213 -83.91 19.61 45.51
C SER P 213 -82.93 19.25 44.39
N TYR P 214 -83.06 19.92 43.23
CA TYR P 214 -82.13 19.68 42.14
C TYR P 214 -80.72 20.13 42.51
N LEU P 215 -80.62 21.25 43.24
CA LEU P 215 -79.30 21.71 43.67
C LEU P 215 -78.64 20.70 44.60
N LYS P 216 -79.41 20.15 45.54
CA LYS P 216 -78.89 19.13 46.43
C LYS P 216 -78.49 17.89 45.65
N ALA P 217 -79.29 17.50 44.66
CA ALA P 217 -78.95 16.35 43.84
C ALA P 217 -77.65 16.58 43.08
N LEU P 218 -77.46 17.78 42.53
CA LEU P 218 -76.22 18.08 41.83
C LEU P 218 -75.03 18.05 42.78
N GLU P 219 -75.20 18.57 43.99
CA GLU P 219 -74.13 18.53 44.98
C GLU P 219 -73.77 17.09 45.32
N GLU P 220 -74.77 16.22 45.43
CA GLU P 220 -74.48 14.80 45.58
C GLU P 220 -73.73 14.27 44.36
N PHE P 221 -74.12 14.70 43.17
CA PHE P 221 -73.50 14.22 41.94
C PHE P 221 -72.07 14.74 41.78
N GLU P 222 -71.67 15.75 42.55
CA GLU P 222 -70.28 16.21 42.50
C GLU P 222 -69.29 15.10 42.84
N ARG P 223 -69.71 14.13 43.64
CA ARG P 223 -68.83 13.05 44.06
C ARG P 223 -68.31 12.25 42.88
N TYR P 224 -69.19 11.95 41.93
CA TYR P 224 -68.93 10.95 40.91
C TYR P 224 -68.34 11.60 39.66
N SER P 225 -68.03 10.77 38.66
CA SER P 225 -67.59 11.21 37.35
C SER P 225 -68.57 10.71 36.31
N PHE P 226 -68.81 11.51 35.29
CA PHE P 226 -69.84 11.23 34.30
C PHE P 226 -69.35 11.62 32.91
N ASP P 227 -70.04 11.06 31.91
CA ASP P 227 -69.86 11.45 30.52
C ASP P 227 -70.84 12.53 30.08
N SER P 228 -72.01 12.62 30.72
CA SER P 228 -72.97 13.64 30.36
C SER P 228 -73.99 13.82 31.49
N PHE P 229 -74.70 14.95 31.42
CA PHE P 229 -75.77 15.29 32.37
C PHE P 229 -76.90 15.92 31.57
N VAL P 230 -78.15 15.68 32.01
CA VAL P 230 -79.33 16.05 31.23
C VAL P 230 -80.40 16.79 32.04
N LEU P 231 -80.29 16.76 33.37
CA LEU P 231 -81.16 17.55 34.24
C LEU P 231 -82.63 17.11 34.14
N ASP P 232 -82.88 15.83 34.42
CA ASP P 232 -84.19 15.31 34.77
C ASP P 232 -85.25 15.51 33.67
N GLY P 233 -84.83 15.86 32.45
CA GLY P 233 -85.82 16.12 31.42
C GLY P 233 -86.72 17.29 31.73
N VAL P 234 -86.23 18.26 32.50
CA VAL P 234 -86.99 19.43 32.92
C VAL P 234 -86.30 20.67 32.36
N ALA P 235 -87.09 21.57 31.76
CA ALA P 235 -86.58 22.73 31.04
C ALA P 235 -86.72 24.02 31.83
N ASP P 236 -86.83 23.94 33.15
CA ASP P 236 -86.93 25.15 33.97
C ASP P 236 -85.66 25.97 33.83
N GLU P 237 -85.83 27.28 33.60
CA GLU P 237 -84.71 28.12 33.20
C GLU P 237 -83.69 28.25 34.32
N ALA P 238 -84.13 28.61 35.53
CA ALA P 238 -83.21 28.86 36.63
C ALA P 238 -82.37 27.64 36.94
N LEU P 239 -82.99 26.45 36.87
CA LEU P 239 -82.23 25.22 36.99
C LEU P 239 -81.18 25.11 35.89
N GLN P 240 -81.51 25.59 34.67
CA GLN P 240 -80.55 25.49 33.58
C GLN P 240 -79.34 26.40 33.81
N GLU P 241 -79.58 27.62 34.30
CA GLU P 241 -78.48 28.52 34.59
C GLU P 241 -77.63 27.96 35.74
N THR P 242 -78.30 27.37 36.75
CA THR P 242 -77.60 26.79 37.88
C THR P 242 -76.71 25.64 37.43
N THR P 243 -77.24 24.77 36.57
CA THR P 243 -76.46 23.64 36.09
C THR P 243 -75.34 24.10 35.18
N LYS P 244 -75.55 25.19 34.42
CA LYS P 244 -74.48 25.74 33.60
C LYS P 244 -73.32 26.20 34.46
N ALA P 245 -73.61 26.96 35.51
CA ALA P 245 -72.57 27.40 36.43
C ALA P 245 -71.90 26.22 37.11
N TRP P 246 -72.70 25.20 37.47
CA TRP P 246 -72.17 24.03 38.15
C TRP P 246 -71.20 23.28 37.25
N VAL P 247 -71.55 23.13 35.96
CA VAL P 247 -70.67 22.43 35.02
C VAL P 247 -69.42 23.24 34.77
N ALA P 248 -69.55 24.57 34.70
CA ALA P 248 -68.37 25.40 34.54
C ALA P 248 -67.42 25.24 35.73
N LYS P 249 -67.97 25.21 36.93
CA LYS P 249 -67.17 24.97 38.12
C LYS P 249 -66.49 23.61 38.06
N ASN P 250 -67.23 22.58 37.66
CA ASN P 250 -66.67 21.24 37.57
C ASN P 250 -65.53 21.19 36.56
N LYS P 251 -65.71 21.87 35.42
CA LYS P 251 -64.64 21.93 34.42
C LYS P 251 -63.40 22.60 34.99
N GLU P 252 -63.59 23.74 35.67
CA GLU P 252 -62.44 24.42 36.27
C GLU P 252 -61.78 23.59 37.36
N LEU P 253 -62.54 22.70 38.00
CA LEU P 253 -62.02 21.81 39.02
C LEU P 253 -61.46 20.51 38.44
N GLY P 254 -61.34 20.41 37.11
CA GLY P 254 -60.77 19.24 36.47
C GLY P 254 -61.74 18.12 36.20
N LYS P 255 -63.04 18.32 36.42
CA LYS P 255 -64.07 17.34 36.10
C LYS P 255 -64.76 17.78 34.82
N ASP P 256 -64.59 17.01 33.75
CA ASP P 256 -65.03 17.40 32.41
C ASP P 256 -66.39 16.77 32.15
N ILE P 257 -67.42 17.46 32.62
CA ILE P 257 -68.80 17.00 32.50
C ILE P 257 -69.47 17.73 31.35
N LEU P 258 -70.12 16.97 30.47
CA LEU P 258 -70.88 17.51 29.36
C LEU P 258 -72.34 17.62 29.79
N LEU P 259 -73.03 18.63 29.26
CA LEU P 259 -74.42 18.89 29.62
C LEU P 259 -75.29 18.99 28.37
N PHE P 260 -76.40 18.26 28.38
CA PHE P 260 -77.44 18.35 27.37
C PHE P 260 -78.68 18.98 28.00
N LEU P 261 -79.38 19.79 27.20
CA LEU P 261 -80.57 20.48 27.65
C LEU P 261 -81.61 20.48 26.55
N GLY P 262 -82.86 20.65 26.96
CA GLY P 262 -83.97 20.75 26.02
C GLY P 262 -84.91 21.87 26.41
N GLY P 263 -85.33 22.66 25.43
CA GLY P 263 -86.21 23.78 25.71
C GLY P 263 -87.62 23.32 26.01
N LYS P 264 -88.44 24.28 26.40
CA LYS P 264 -89.83 24.00 26.71
C LYS P 264 -90.62 23.74 25.43
N THR P 265 -91.67 22.93 25.56
CA THR P 265 -92.52 22.62 24.41
C THR P 265 -93.19 23.88 23.87
N GLU P 266 -93.42 24.87 24.71
CA GLU P 266 -94.07 26.10 24.29
C GLU P 266 -93.16 26.99 23.45
N ASP P 267 -91.85 26.81 23.56
CA ASP P 267 -90.92 27.68 22.85
C ASP P 267 -90.99 27.44 21.34
N ASN P 268 -91.13 28.51 20.58
CA ASN P 268 -91.01 28.42 19.14
C ASN P 268 -89.56 28.14 18.76
N ILE P 269 -89.36 27.75 17.50
CA ILE P 269 -88.02 27.49 16.99
C ILE P 269 -87.16 28.74 17.11
N LYS P 270 -87.78 29.92 16.97
CA LYS P 270 -87.05 31.16 17.19
C LYS P 270 -86.61 31.26 18.65
N GLN P 271 -87.50 30.95 19.59
CA GLN P 271 -87.14 31.01 21.00
C GLN P 271 -86.09 29.96 21.34
N ILE P 272 -86.22 28.76 20.77
CA ILE P 272 -85.21 27.73 21.00
C ILE P 272 -83.86 28.18 20.47
N ASN P 273 -83.84 28.81 19.30
CA ASN P 273 -82.59 29.31 18.73
C ASN P 273 -82.02 30.43 19.60
N ASP P 274 -82.88 31.28 20.15
CA ASP P 274 -82.41 32.32 21.07
C ASP P 274 -81.77 31.70 22.31
N LYS P 275 -82.37 30.66 22.86
CA LYS P 275 -81.79 30.00 24.01
C LYS P 275 -80.47 29.32 23.65
N SER P 276 -80.41 28.69 22.48
CA SER P 276 -79.17 28.06 22.02
C SER P 276 -78.10 29.10 21.73
N LYS P 277 -78.49 30.34 21.43
CA LYS P 277 -77.54 31.44 21.35
C LYS P 277 -77.08 31.84 22.74
N SER P 278 -78.00 31.88 23.70
CA SER P 278 -77.66 32.28 25.06
C SER P 278 -76.61 31.33 25.64
N PHE P 279 -76.78 30.04 25.42
CA PHE P 279 -75.75 29.07 25.74
C PHE P 279 -74.68 29.11 24.66
N ASN P 280 -73.43 29.29 25.07
CA ASN P 280 -72.31 29.26 24.14
C ASN P 280 -71.12 28.47 24.67
N ASP P 281 -71.18 27.97 25.89
CA ASP P 281 -70.16 27.04 26.36
C ASP P 281 -70.29 25.73 25.60
N GLU P 282 -69.13 25.16 25.25
CA GLU P 282 -69.12 23.97 24.40
C GLU P 282 -69.80 22.78 25.07
N ASN P 283 -69.80 22.73 26.40
CA ASN P 283 -70.39 21.62 27.12
C ASN P 283 -71.91 21.72 27.25
N ILE P 284 -72.55 22.65 26.53
CA ILE P 284 -73.99 22.84 26.58
C ILE P 284 -74.56 22.45 25.22
N VAL P 285 -75.58 21.60 25.24
CA VAL P 285 -76.29 21.18 24.04
C VAL P 285 -77.78 21.42 24.28
N ASN P 286 -78.40 22.20 23.40
CA ASN P 286 -79.81 22.56 23.51
C ASN P 286 -80.62 21.78 22.49
N VAL P 287 -81.69 21.14 22.95
CA VAL P 287 -82.54 20.29 22.12
C VAL P 287 -83.88 20.99 21.92
N GLY P 288 -84.31 21.08 20.68
CA GLY P 288 -85.54 21.78 20.32
C GLY P 288 -86.70 20.87 19.99
N SER P 289 -86.43 19.79 19.26
CA SER P 289 -87.49 18.96 18.74
C SER P 289 -88.11 18.07 19.81
N SER P 290 -89.42 17.86 19.70
CA SER P 290 -90.13 16.86 20.48
C SER P 290 -90.31 15.61 19.63
N ALA P 291 -90.74 14.52 20.28
CA ALA P 291 -90.81 13.24 19.58
C ALA P 291 -91.79 12.31 20.28
N TYR P 292 -92.17 11.26 19.55
CA TYR P 292 -92.98 10.16 20.06
C TYR P 292 -92.24 8.86 19.82
N TYR P 293 -92.27 7.97 20.81
CA TYR P 293 -91.68 6.64 20.69
C TYR P 293 -92.72 5.53 20.75
N GLU P 294 -93.43 5.40 21.87
CA GLU P 294 -94.57 4.47 21.99
C GLU P 294 -95.88 5.23 21.89
N ASN P 295 -96.04 5.99 20.81
CA ASN P 295 -97.23 6.81 20.58
C ASN P 295 -97.46 7.81 21.71
N ILE P 296 -96.39 8.19 22.43
CA ILE P 296 -96.45 9.06 23.59
C ILE P 296 -95.41 10.15 23.40
N LYS P 297 -95.82 11.41 23.55
CA LYS P 297 -94.94 12.52 23.25
C LYS P 297 -93.82 12.61 24.26
N TYR P 298 -92.72 13.25 23.84
CA TYR P 298 -91.60 13.54 24.71
C TYR P 298 -91.16 14.98 24.48
N THR P 299 -91.05 15.74 25.56
CA THR P 299 -90.64 17.13 25.46
C THR P 299 -89.19 17.20 24.98
N PRO P 300 -88.72 18.38 24.55
CA PRO P 300 -87.33 18.47 24.07
C PRO P 300 -86.30 18.01 25.08
N SER P 301 -86.56 18.21 26.37
CA SER P 301 -85.63 17.75 27.41
C SER P 301 -85.74 16.25 27.63
N GLU P 302 -86.94 15.69 27.53
CA GLU P 302 -87.10 14.24 27.67
C GLU P 302 -86.35 13.50 26.57
N VAL P 303 -86.38 14.03 25.35
CA VAL P 303 -85.56 13.49 24.27
C VAL P 303 -84.10 13.93 24.39
N ALA P 304 -83.83 15.02 25.11
CA ALA P 304 -82.45 15.36 25.40
C ALA P 304 -81.80 14.30 26.27
N VAL P 305 -82.59 13.67 27.14
CA VAL P 305 -82.10 12.52 27.90
C VAL P 305 -81.61 11.44 26.93
N TYR P 306 -82.45 11.10 25.95
CA TYR P 306 -82.11 10.04 25.02
C TYR P 306 -80.90 10.40 24.15
N ILE P 307 -80.84 11.64 23.69
CA ILE P 307 -79.73 12.01 22.80
C ILE P 307 -78.42 12.03 23.58
N ALA P 308 -78.45 12.49 24.83
CA ALA P 308 -77.24 12.42 25.65
C ALA P 308 -76.83 10.98 25.88
N ALA P 309 -77.80 10.11 26.16
CA ALA P 309 -77.50 8.69 26.38
C ALA P 309 -76.87 8.07 25.13
N LEU P 310 -77.43 8.38 23.96
CA LEU P 310 -76.90 7.84 22.73
C LEU P 310 -75.51 8.39 22.44
N SER P 311 -75.28 9.67 22.77
CA SER P 311 -73.96 10.26 22.56
C SER P 311 -72.91 9.58 23.42
N VAL P 312 -73.20 9.40 24.70
CA VAL P 312 -72.21 8.78 25.58
C VAL P 312 -72.02 7.32 25.21
N SER P 313 -73.08 6.64 24.78
CA SER P 313 -72.94 5.26 24.33
C SER P 313 -72.06 5.19 23.09
N LYS P 314 -72.18 6.18 22.20
CA LYS P 314 -71.31 6.24 21.03
C LYS P 314 -69.86 6.37 21.45
N GLY P 315 -69.58 7.22 22.44
CA GLY P 315 -68.22 7.42 22.87
C GLY P 315 -67.38 8.00 21.75
N ILE P 316 -66.11 7.63 21.75
CA ILE P 316 -65.20 7.96 20.65
C ILE P 316 -65.44 6.90 19.58
N THR P 317 -64.92 7.14 18.36
CA THR P 317 -65.10 6.24 17.23
C THR P 317 -66.54 6.26 16.72
N GLY P 318 -67.16 7.43 16.78
CA GLY P 318 -68.52 7.55 16.31
C GLY P 318 -69.00 8.98 16.47
N SER P 319 -70.27 9.18 16.09
CA SER P 319 -70.91 10.48 16.18
C SER P 319 -72.41 10.25 16.25
N ILE P 320 -73.18 11.33 16.09
CA ILE P 320 -74.63 11.29 16.13
C ILE P 320 -75.28 11.99 14.95
N CYS P 321 -74.49 12.48 14.00
CA CYS P 321 -75.02 13.38 12.98
C CYS P 321 -76.03 12.70 12.07
N ASN P 322 -76.05 11.36 12.03
CA ASN P 322 -77.13 10.66 11.33
C ASN P 322 -77.55 9.39 12.05
N ALA P 323 -77.30 9.28 13.36
CA ALA P 323 -77.68 8.08 14.09
C ALA P 323 -79.20 7.94 14.12
N LYS P 324 -79.69 6.75 13.80
CA LYS P 324 -81.12 6.51 13.81
C LYS P 324 -81.64 6.51 15.25
N THR P 325 -82.82 7.09 15.44
CA THR P 325 -83.46 7.16 16.74
C THR P 325 -84.59 6.16 16.84
N ILE P 326 -84.99 5.88 18.08
CA ILE P 326 -86.12 4.97 18.32
C ILE P 326 -87.47 5.63 18.11
N PHE P 327 -87.51 6.95 17.91
CA PHE P 327 -88.77 7.68 17.92
C PHE P 327 -89.54 7.47 16.63
N GLU P 328 -90.84 7.24 16.77
CA GLU P 328 -91.71 6.99 15.62
C GLU P 328 -92.23 8.28 14.99
N GLU P 329 -92.18 9.41 15.70
CA GLU P 329 -92.54 10.71 15.14
C GLU P 329 -91.68 11.79 15.77
N VAL P 330 -91.60 12.91 15.07
CA VAL P 330 -90.84 14.08 15.49
C VAL P 330 -91.65 15.33 15.16
N GLU P 331 -91.62 16.30 16.07
CA GLU P 331 -92.21 17.61 15.81
C GLU P 331 -91.56 18.62 16.74
N PRO P 332 -91.49 19.90 16.34
CA PRO P 332 -91.90 20.51 15.07
C PRO P 332 -90.95 20.15 13.94
N ARG P 333 -91.43 20.18 12.70
CA ARG P 333 -90.74 19.63 11.55
C ARG P 333 -90.28 20.75 10.63
N LEU P 334 -89.06 20.62 10.13
CA LEU P 334 -88.28 21.75 9.63
C LEU P 334 -87.90 21.55 8.17
N SER P 335 -88.06 22.61 7.38
CA SER P 335 -87.46 22.66 6.06
C SER P 335 -85.96 22.88 6.20
N GLN P 336 -85.24 22.77 5.07
CA GLN P 336 -83.80 22.97 5.10
C GLN P 336 -83.42 24.36 5.60
N SER P 337 -84.25 25.36 5.31
CA SER P 337 -84.01 26.69 5.85
C SER P 337 -84.07 26.68 7.37
N GLU P 338 -85.10 26.05 7.93
CA GLU P 338 -85.23 26.00 9.39
C GLU P 338 -84.10 25.19 10.00
N VAL P 339 -83.71 24.09 9.35
CA VAL P 339 -82.61 23.26 9.84
C VAL P 339 -81.32 24.08 9.87
N LYS P 340 -81.06 24.82 8.80
CA LYS P 340 -79.86 25.65 8.75
C LYS P 340 -79.90 26.74 9.81
N GLU P 341 -81.08 27.33 10.03
CA GLU P 341 -81.23 28.32 11.08
C GLU P 341 -80.91 27.73 12.45
N CYS P 342 -81.43 26.54 12.72
CA CYS P 342 -81.20 25.90 14.00
C CYS P 342 -79.73 25.54 14.19
N LEU P 343 -79.10 25.01 13.15
CA LEU P 343 -77.68 24.65 13.25
C LEU P 343 -76.81 25.88 13.45
N LYS P 344 -77.10 26.97 12.72
CA LYS P 344 -76.37 28.22 12.93
C LYS P 344 -76.58 28.74 14.34
N SER P 345 -77.75 28.52 14.91
CA SER P 345 -78.03 28.90 16.29
C SER P 345 -77.38 27.95 17.31
N GLY P 346 -76.79 26.85 16.86
CA GLY P 346 -76.26 25.84 17.76
C GLY P 346 -77.28 24.84 18.25
N THR P 347 -78.56 25.00 17.88
CA THR P 347 -79.57 24.06 18.31
C THR P 347 -79.37 22.70 17.66
N LEU P 348 -79.64 21.65 18.43
CA LEU P 348 -79.75 20.29 17.92
C LEU P 348 -81.22 19.92 17.84
N VAL P 349 -81.65 19.46 16.66
CA VAL P 349 -83.05 19.14 16.41
C VAL P 349 -83.11 17.84 15.62
N LEU P 350 -84.03 16.96 16.00
CA LEU P 350 -84.22 15.73 15.26
C LEU P 350 -84.89 16.02 13.92
N ASP P 351 -84.88 15.02 13.05
CA ASP P 351 -85.35 15.18 11.68
C ASP P 351 -85.99 13.88 11.21
N PHE P 352 -86.77 13.99 10.14
CA PHE P 352 -87.47 12.86 9.54
C PHE P 352 -86.96 12.65 8.11
N ASP P 353 -85.64 12.62 7.94
CA ASP P 353 -85.03 12.49 6.62
C ASP P 353 -85.50 11.25 5.89
N ASP P 354 -85.93 10.21 6.61
CA ASP P 354 -86.50 9.00 6.02
C ASP P 354 -87.72 8.63 6.83
N GLY P 355 -88.23 7.41 6.63
CA GLY P 355 -89.40 6.95 7.36
C GLY P 355 -89.23 6.87 8.86
N ASP P 356 -87.99 6.91 9.35
CA ASP P 356 -87.69 6.96 10.77
C ASP P 356 -87.34 8.40 11.16
N VAL P 357 -87.15 8.59 12.47
CA VAL P 357 -86.67 9.87 13.00
C VAL P 357 -85.16 9.78 13.13
N ILE P 358 -84.46 10.76 12.56
CA ILE P 358 -83.01 10.74 12.43
C ILE P 358 -82.45 12.02 13.03
N ILE P 359 -81.33 11.89 13.73
CA ILE P 359 -80.64 13.05 14.27
C ILE P 359 -80.01 13.83 13.12
N VAL P 360 -80.18 15.15 13.14
CA VAL P 360 -79.76 15.94 12.00
C VAL P 360 -78.24 16.10 11.97
N ASP P 361 -77.61 16.41 13.09
CA ASP P 361 -76.22 16.85 13.08
C ASP P 361 -75.62 16.64 14.47
N ASP P 362 -74.33 16.96 14.59
CA ASP P 362 -73.56 16.78 15.81
C ASP P 362 -73.39 18.08 16.60
N VAL P 363 -74.18 19.11 16.26
CA VAL P 363 -73.90 20.46 16.72
C VAL P 363 -74.17 20.59 18.22
N ASN P 364 -73.59 21.62 18.83
CA ASN P 364 -73.85 22.03 20.21
C ASN P 364 -74.22 23.51 20.22
N THR P 365 -74.57 24.02 21.41
CA THR P 365 -74.96 25.42 21.52
C THR P 365 -73.79 26.36 21.22
N PHE P 366 -72.56 25.89 21.42
CA PHE P 366 -71.41 26.77 21.20
C PHE P 366 -71.31 27.20 19.74
N LYS P 367 -71.75 26.36 18.80
CA LYS P 367 -71.42 26.49 17.38
C LYS P 367 -71.71 27.87 16.79
N LYS P 368 -72.52 28.69 17.48
CA LYS P 368 -72.75 30.06 17.04
C LYS P 368 -71.45 30.85 16.86
N TYR P 369 -70.42 30.55 17.65
CA TYR P 369 -69.12 31.18 17.47
C TYR P 369 -68.16 30.17 16.81
N VAL P 370 -67.09 30.70 16.21
CA VAL P 370 -66.44 30.02 15.10
C VAL P 370 -64.98 29.66 15.36
N ASP P 371 -64.13 30.68 15.57
CA ASP P 371 -62.72 30.54 15.19
C ASP P 371 -61.80 30.15 16.34
N ASP P 372 -61.82 30.89 17.45
CA ASP P 372 -60.91 30.57 18.54
C ASP P 372 -61.19 29.16 19.07
N LYS P 373 -62.35 28.93 19.66
CA LYS P 373 -62.80 27.57 19.88
C LYS P 373 -63.28 27.07 18.53
N ASN P 374 -62.50 26.19 17.90
CA ASN P 374 -62.63 25.98 16.47
C ASN P 374 -64.00 25.39 16.13
N GLU P 375 -64.27 25.31 14.82
CA GLU P 375 -65.58 24.86 14.35
C GLU P 375 -65.82 23.40 14.75
N ALA P 376 -64.76 22.61 14.85
CA ALA P 376 -64.92 21.24 15.33
C ALA P 376 -65.39 21.22 16.77
N MET P 377 -65.03 22.22 17.57
CA MET P 377 -65.56 22.32 18.93
C MET P 377 -67.07 22.50 18.91
N GLY P 378 -67.61 23.07 17.84
CA GLY P 378 -69.06 23.15 17.70
C GLY P 378 -69.75 21.81 17.60
N TYR P 379 -68.99 20.74 17.34
CA TYR P 379 -69.53 19.39 17.25
C TYR P 379 -69.26 18.63 18.54
N ILE P 380 -70.26 17.85 18.96
CA ILE P 380 -70.21 17.20 20.27
C ILE P 380 -69.12 16.14 20.30
N SER P 381 -68.87 15.46 19.18
CA SER P 381 -67.89 14.38 19.16
C SER P 381 -66.51 14.89 19.52
N ASN P 382 -66.14 16.06 19.01
CA ASN P 382 -64.83 16.63 19.35
C ASN P 382 -64.75 16.93 20.84
N ILE P 383 -65.83 17.45 21.42
CA ILE P 383 -65.82 17.74 22.85
C ILE P 383 -65.68 16.46 23.65
N MET P 384 -66.35 15.40 23.22
CA MET P 384 -66.20 14.11 23.90
C MET P 384 -64.76 13.63 23.80
N PHE P 385 -64.14 13.81 22.64
CA PHE P 385 -62.74 13.44 22.47
C PHE P 385 -61.83 14.22 23.41
N ILE P 386 -62.02 15.54 23.46
CA ILE P 386 -61.17 16.38 24.30
C ILE P 386 -61.37 16.03 25.77
N ASN P 387 -62.62 15.81 26.18
CA ASN P 387 -62.89 15.44 27.56
C ASN P 387 -62.26 14.10 27.89
N THR P 388 -62.28 13.16 26.95
CA THR P 388 -61.66 11.86 27.19
C THR P 388 -60.14 12.00 27.34
N ILE P 389 -59.52 12.83 26.49
CA ILE P 389 -58.08 13.03 26.60
C ILE P 389 -57.75 13.67 27.94
N ASN P 390 -58.53 14.68 28.33
CA ASN P 390 -58.32 15.32 29.62
C ASN P 390 -58.51 14.33 30.76
N LYS P 391 -59.49 13.45 30.65
CA LYS P 391 -59.76 12.49 31.71
C LYS P 391 -58.62 11.47 31.83
N ASP P 392 -58.16 10.94 30.71
CA ASP P 392 -57.05 9.97 30.77
C ASP P 392 -55.78 10.64 31.27
N THR P 393 -55.56 11.89 30.88
CA THR P 393 -54.40 12.63 31.35
C THR P 393 -54.48 12.89 32.85
N SER P 394 -55.65 13.33 33.33
CA SER P 394 -55.88 13.49 34.75
C SER P 394 -55.95 12.16 35.48
N LEU P 395 -56.03 11.04 34.76
CA LEU P 395 -55.77 9.76 35.39
C LEU P 395 -54.27 9.53 35.54
N LYS P 396 -53.50 9.94 34.52
CA LYS P 396 -52.05 9.83 34.60
C LYS P 396 -51.44 10.70 35.69
N ARG P 397 -52.20 11.69 36.18
CA ARG P 397 -51.66 12.58 37.22
C ARG P 397 -51.13 11.76 38.39
N LYS P 398 -51.94 10.81 38.86
CA LYS P 398 -51.62 10.03 40.05
C LYS P 398 -50.46 9.09 39.79
N GLU P 399 -50.28 8.68 38.54
CA GLU P 399 -49.12 7.87 38.20
C GLU P 399 -47.84 8.68 38.27
N PHE P 400 -47.89 9.95 37.83
CA PHE P 400 -46.68 10.75 37.66
C PHE P 400 -46.47 11.85 38.69
N VAL P 401 -47.53 12.42 39.27
CA VAL P 401 -47.33 13.53 40.20
C VAL P 401 -46.78 12.99 41.51
N GLY P 402 -45.71 13.62 42.00
CA GLY P 402 -45.18 13.25 43.29
C GLY P 402 -44.51 11.90 43.34
N LYS P 403 -44.10 11.37 42.18
CA LYS P 403 -43.55 10.03 42.11
C LYS P 403 -42.36 9.90 41.16
N ILE P 404 -41.89 10.99 40.56
CA ILE P 404 -40.75 10.94 39.67
C ILE P 404 -40.10 12.33 39.65
N PHE P 405 -38.78 12.34 39.46
CA PHE P 405 -37.94 13.38 40.04
C PHE P 405 -37.76 14.63 39.18
N ASN P 406 -38.51 14.81 38.09
CA ASN P 406 -38.39 16.00 37.25
C ASN P 406 -37.08 16.07 36.48
N ASP P 407 -36.22 15.06 36.58
CA ASP P 407 -34.97 15.05 35.84
C ASP P 407 -35.30 14.73 34.39
N ALA P 408 -34.26 14.62 33.56
CA ALA P 408 -34.49 14.25 32.16
C ALA P 408 -35.12 12.87 32.05
N THR P 409 -34.77 11.97 32.96
CA THR P 409 -35.33 10.62 32.95
C THR P 409 -36.84 10.66 33.21
N GLY P 410 -37.27 11.43 34.22
CA GLY P 410 -38.69 11.50 34.52
C GLY P 410 -39.49 12.14 33.40
N GLN P 411 -38.96 13.23 32.84
CA GLN P 411 -39.62 13.88 31.72
C GLN P 411 -39.72 12.93 30.53
N THR P 412 -38.64 12.19 30.26
CA THR P 412 -38.65 11.24 29.16
C THR P 412 -39.67 10.13 29.40
N THR P 413 -39.76 9.65 30.65
CA THR P 413 -40.74 8.61 30.96
C THR P 413 -42.16 9.11 30.76
N VAL P 414 -42.44 10.33 31.22
CA VAL P 414 -43.77 10.91 31.06
C VAL P 414 -44.11 11.05 29.58
N ILE P 415 -43.15 11.57 28.81
CA ILE P 415 -43.38 11.78 27.38
C ILE P 415 -43.56 10.45 26.68
N CYS P 416 -42.81 9.43 27.08
CA CYS P 416 -42.94 8.11 26.48
C CYS P 416 -44.30 7.50 26.77
N ALA P 417 -44.79 7.65 28.01
CA ALA P 417 -46.10 7.14 28.35
C ALA P 417 -47.19 7.84 27.55
N LEU P 418 -47.11 9.17 27.45
CA LEU P 418 -48.11 9.89 26.67
C LEU P 418 -48.02 9.53 25.20
N LYS P 419 -46.81 9.31 24.69
CA LYS P 419 -46.63 8.88 23.31
C LYS P 419 -47.24 7.51 23.09
N LYS P 420 -47.07 6.60 24.05
CA LYS P 420 -47.68 5.29 23.94
C LYS P 420 -49.20 5.38 23.92
N TYR P 421 -49.76 6.26 24.76
CA TYR P 421 -51.21 6.45 24.76
C TYR P 421 -51.69 6.98 23.42
N PHE P 422 -51.02 8.01 22.89
CA PHE P 422 -51.43 8.59 21.62
C PHE P 422 -51.21 7.61 20.48
N GLU P 423 -50.20 6.75 20.58
CA GLU P 423 -50.01 5.73 19.55
C GLU P 423 -51.09 4.66 19.63
N GLU P 424 -51.57 4.37 20.84
CA GLU P 424 -52.74 3.51 20.97
C GLU P 424 -53.95 4.14 20.29
N LEU P 425 -54.11 5.45 20.46
CA LEU P 425 -55.18 6.15 19.75
C LEU P 425 -54.99 6.09 18.24
N MET P 426 -53.75 6.24 17.78
CA MET P 426 -53.46 6.14 16.36
C MET P 426 -53.80 4.75 15.82
N SER P 427 -53.50 3.70 16.60
CA SER P 427 -53.80 2.35 16.17
C SER P 427 -55.30 2.15 15.97
N GLN P 428 -56.11 2.78 16.81
CA GLN P 428 -57.56 2.76 16.63
C GLN P 428 -58.01 3.59 15.44
N GLY P 429 -57.13 4.40 14.85
CA GLY P 429 -57.46 5.21 13.71
C GLY P 429 -58.17 6.51 14.05
N ILE P 430 -58.41 6.79 15.34
CA ILE P 430 -59.15 7.99 15.72
C ILE P 430 -58.38 9.24 15.33
N ILE P 431 -57.06 9.20 15.42
CA ILE P 431 -56.20 10.32 15.11
C ILE P 431 -55.47 10.00 13.81
N SER P 432 -55.46 10.97 12.89
CA SER P 432 -54.73 10.83 11.65
C SER P 432 -53.28 11.24 11.77
N GLU P 433 -52.98 12.22 12.64
CA GLU P 433 -51.63 12.70 12.84
C GLU P 433 -51.53 13.30 14.24
N PHE P 434 -50.35 13.17 14.85
CA PHE P 434 -50.13 13.79 16.14
C PHE P 434 -48.63 13.95 16.36
N ASN P 435 -48.29 14.84 17.28
CA ASN P 435 -46.98 14.88 17.90
C ASN P 435 -47.15 15.40 19.32
N VAL P 436 -46.34 14.87 20.24
CA VAL P 436 -46.36 15.28 21.63
C VAL P 436 -44.92 15.47 22.08
N ASP P 437 -44.64 16.62 22.70
CA ASP P 437 -43.28 16.99 23.03
C ASP P 437 -43.29 17.90 24.25
N ILE P 438 -42.12 18.05 24.86
CA ILE P 438 -41.98 18.94 26.00
C ILE P 438 -42.19 20.38 25.54
N ASP P 439 -42.84 21.18 26.39
CA ASP P 439 -43.13 22.57 26.09
C ASP P 439 -41.94 23.39 26.57
N THR P 440 -40.87 23.34 25.77
CA THR P 440 -39.60 23.95 26.17
C THR P 440 -39.73 25.45 26.39
N GLU P 441 -40.68 26.09 25.72
CA GLU P 441 -40.94 27.50 25.97
C GLU P 441 -41.39 27.72 27.41
N LEU P 442 -42.40 26.98 27.86
CA LEU P 442 -42.87 27.10 29.23
C LEU P 442 -41.98 26.32 30.19
N GLN P 443 -41.31 25.28 29.72
CA GLN P 443 -40.40 24.53 30.59
C GLN P 443 -39.21 25.37 31.01
N ALA P 444 -38.77 26.30 30.17
CA ALA P 444 -37.71 27.23 30.57
C ALA P 444 -38.17 28.09 31.73
N THR P 445 -39.42 28.57 31.68
CA THR P 445 -40.00 29.36 32.76
C THR P 445 -40.57 28.51 33.88
N ALA P 446 -40.61 27.19 33.72
CA ALA P 446 -41.21 26.34 34.72
C ALA P 446 -40.41 26.34 36.01
N LYS P 447 -41.11 26.31 37.13
CA LYS P 447 -40.44 26.13 38.40
C LYS P 447 -39.93 24.69 38.49
N ALA P 448 -38.94 24.48 39.37
CA ALA P 448 -38.23 23.21 39.39
C ALA P 448 -39.13 22.04 39.77
N ASP P 449 -40.23 22.28 40.47
CA ASP P 449 -41.12 21.22 40.94
C ASP P 449 -42.31 21.01 40.02
N GLU P 450 -42.22 21.43 38.75
CA GLU P 450 -43.33 21.31 37.81
C GLU P 450 -42.82 21.01 36.41
N PHE P 451 -43.75 20.64 35.54
CA PHE P 451 -43.46 20.19 34.18
C PHE P 451 -44.51 20.75 33.24
N TYR P 452 -44.06 21.14 32.04
CA TYR P 452 -44.94 21.61 30.97
C TYR P 452 -44.69 20.77 29.72
N TRP P 453 -45.75 20.54 28.96
CA TRP P 453 -45.65 19.69 27.79
C TRP P 453 -46.73 20.12 26.81
N LYS P 454 -46.51 19.82 25.53
CA LYS P 454 -47.38 20.23 24.46
C LYS P 454 -47.68 19.04 23.55
N TRP P 455 -48.82 19.09 22.89
CA TRP P 455 -49.16 18.06 21.91
C TRP P 455 -50.12 18.63 20.88
N ASP P 456 -49.89 18.22 19.63
CA ASP P 456 -50.81 18.49 18.53
C ASP P 456 -51.38 17.17 18.04
N ALA P 457 -52.58 17.24 17.47
CA ALA P 457 -53.25 16.06 16.96
C ALA P 457 -54.20 16.45 15.84
N VAL P 458 -54.69 15.45 15.13
CA VAL P 458 -55.70 15.64 14.09
C VAL P 458 -56.71 14.51 14.22
N LYS P 459 -57.86 14.80 14.81
CA LYS P 459 -58.91 13.80 14.90
C LYS P 459 -59.39 13.43 13.51
N VAL P 460 -59.71 12.15 13.33
CA VAL P 460 -60.18 11.69 12.03
C VAL P 460 -61.63 12.11 11.88
N ASP P 461 -61.97 12.66 10.72
CA ASP P 461 -63.29 13.24 10.52
C ASP P 461 -64.29 12.14 10.17
N VAL P 462 -65.50 12.55 9.79
CA VAL P 462 -66.56 11.65 9.34
C VAL P 462 -67.33 12.39 8.25
N MET P 463 -67.84 11.65 7.25
CA MET P 463 -68.71 12.29 6.27
C MET P 463 -69.97 12.79 6.92
N LYS P 464 -70.16 14.11 6.89
CA LYS P 464 -71.45 14.72 7.09
C LYS P 464 -72.10 15.10 5.76
N LYS P 465 -71.33 15.65 4.84
CA LYS P 465 -71.79 16.05 3.51
C LYS P 465 -71.15 15.13 2.47
N ILE P 466 -71.89 14.78 1.43
CA ILE P 466 -71.32 14.06 0.30
C ILE P 466 -71.97 14.57 -0.98
N TYR P 467 -71.18 14.69 -2.04
CA TYR P 467 -71.64 15.21 -3.32
C TYR P 467 -71.20 14.28 -4.44
N GLY P 468 -72.10 14.05 -5.39
CA GLY P 468 -71.79 13.22 -6.52
C GLY P 468 -72.20 13.91 -7.82
N THR P 469 -71.42 13.66 -8.86
CA THR P 469 -71.65 14.21 -10.19
C THR P 469 -71.61 13.09 -11.19
N GLY P 470 -72.57 13.08 -12.12
CA GLY P 470 -72.79 11.97 -13.03
C GLY P 470 -72.53 12.34 -14.48
N TYR P 471 -71.97 11.38 -15.22
CA TYR P 471 -71.76 11.49 -16.66
C TYR P 471 -72.41 10.29 -17.33
N LEU P 472 -73.06 10.54 -18.46
CA LEU P 472 -73.73 9.51 -19.25
C LEU P 472 -73.32 9.62 -20.72
N GLU Q 13 2.49 -67.40 36.44
CA GLU Q 13 2.06 -68.83 36.40
C GLU Q 13 2.78 -69.56 35.28
N ILE Q 14 2.53 -70.86 35.17
CA ILE Q 14 3.10 -71.65 34.08
C ILE Q 14 2.41 -71.25 32.79
N PRO Q 15 3.03 -71.43 31.63
CA PRO Q 15 2.34 -71.12 30.38
C PRO Q 15 1.15 -72.03 30.15
N GLY Q 16 0.12 -71.45 29.55
CA GLY Q 16 -1.13 -72.15 29.31
C GLY Q 16 -2.24 -71.16 29.08
N PHE Q 17 -3.47 -71.69 28.95
CA PHE Q 17 -4.64 -70.86 28.62
C PHE Q 17 -5.66 -71.22 29.70
N TYR Q 18 -5.65 -70.50 30.82
CA TYR Q 18 -6.42 -70.94 31.99
C TYR Q 18 -7.63 -70.04 32.19
N ASN Q 19 -8.81 -70.62 31.96
CA ASN Q 19 -10.08 -69.91 32.10
C ASN Q 19 -10.46 -69.79 33.57
N ARG Q 20 -11.16 -68.72 33.91
CA ARG Q 20 -11.70 -68.53 35.25
C ARG Q 20 -13.05 -67.83 35.10
N PHE Q 21 -14.12 -68.62 35.12
CA PHE Q 21 -15.45 -68.12 34.77
C PHE Q 21 -16.10 -67.36 35.92
N LYS Q 22 -16.79 -66.29 35.57
CA LYS Q 22 -17.27 -65.30 36.53
C LYS Q 22 -18.71 -64.90 36.24
N THR Q 23 -19.55 -65.88 35.91
CA THR Q 23 -20.99 -65.63 35.81
C THR Q 23 -21.61 -65.69 37.21
N GLN Q 24 -21.23 -64.80 38.13
CA GLN Q 24 -21.92 -64.87 39.42
C GLN Q 24 -23.15 -63.91 39.43
N ALA Q 25 -23.04 -62.66 39.00
CA ALA Q 25 -24.19 -61.75 39.04
C ALA Q 25 -24.39 -61.10 37.67
N GLU Q 26 -24.47 -61.94 36.64
CA GLU Q 26 -24.47 -61.45 35.26
C GLU Q 26 -25.58 -60.44 35.03
N LYS Q 27 -26.84 -60.84 35.22
CA LYS Q 27 -27.96 -59.91 35.18
C LYS Q 27 -28.98 -60.26 36.26
N SER Q 28 -28.50 -60.61 37.44
CA SER Q 28 -29.34 -60.94 38.59
C SER Q 28 -29.46 -59.76 39.56
N THR Q 29 -29.46 -58.53 39.02
CA THR Q 29 -29.37 -57.31 39.80
C THR Q 29 -30.58 -56.42 39.57
N ASN Q 30 -30.94 -55.67 40.60
CA ASN Q 30 -31.99 -54.66 40.52
C ASN Q 30 -31.60 -53.49 41.41
N THR Q 31 -32.19 -52.33 41.13
CA THR Q 31 -31.82 -51.06 41.76
C THR Q 31 -32.98 -50.45 42.54
N GLY Q 32 -33.83 -51.29 43.13
CA GLY Q 32 -35.02 -50.81 43.80
C GLY Q 32 -34.85 -50.56 45.30
N LEU Q 33 -33.61 -50.46 45.77
CA LEU Q 33 -33.32 -50.34 47.19
C LEU Q 33 -32.25 -49.30 47.43
N LYS Q 34 -32.27 -48.70 48.61
CA LYS Q 34 -31.32 -47.66 48.99
C LYS Q 34 -31.39 -47.45 50.49
N GLY Q 35 -30.37 -46.80 51.02
CA GLY Q 35 -30.39 -46.32 52.39
C GLY Q 35 -30.01 -47.39 53.41
N ARG Q 36 -29.67 -46.91 54.61
CA ARG Q 36 -29.36 -47.78 55.74
C ARG Q 36 -29.93 -47.16 57.01
N LEU Q 37 -30.34 -48.01 57.94
CA LEU Q 37 -31.08 -47.60 59.13
C LEU Q 37 -30.50 -48.27 60.37
N ALA Q 38 -30.58 -47.55 61.49
CA ALA Q 38 -30.18 -48.06 62.80
C ALA Q 38 -31.40 -48.55 63.57
N MET Q 39 -31.17 -49.56 64.41
CA MET Q 39 -32.27 -50.24 65.11
C MET Q 39 -31.76 -50.84 66.41
N PRO Q 40 -31.99 -50.20 67.55
CA PRO Q 40 -31.98 -50.93 68.82
C PRO Q 40 -33.26 -51.74 68.94
N ILE Q 41 -33.12 -53.03 69.29
CA ILE Q 41 -34.24 -53.96 69.29
C ILE Q 41 -34.18 -54.87 70.50
N ARG Q 42 -35.35 -55.21 71.02
CA ARG Q 42 -35.52 -56.31 71.97
C ARG Q 42 -35.89 -57.56 71.20
N ALA Q 43 -35.22 -58.67 71.49
CA ALA Q 43 -35.40 -59.89 70.73
C ALA Q 43 -35.29 -61.10 71.65
N ASN Q 44 -36.11 -62.12 71.35
CA ASN Q 44 -35.98 -63.41 72.01
C ASN Q 44 -34.81 -64.23 71.49
N TRP Q 45 -34.35 -63.95 70.26
CA TRP Q 45 -33.34 -64.75 69.61
C TRP Q 45 -32.37 -63.83 68.87
N GLY Q 46 -31.16 -64.32 68.67
CA GLY Q 46 -30.15 -63.66 67.85
C GLY Q 46 -28.97 -63.18 68.67
N ASP Q 47 -28.00 -62.63 67.94
CA ASP Q 47 -26.77 -62.16 68.56
C ASP Q 47 -27.04 -61.02 69.53
N VAL Q 48 -26.14 -60.87 70.49
CA VAL Q 48 -26.27 -59.90 71.58
C VAL Q 48 -24.99 -59.09 71.67
N GLY Q 49 -25.14 -57.79 71.88
CA GLY Q 49 -24.00 -56.93 72.12
C GLY Q 49 -23.22 -56.52 70.89
N LYS Q 50 -23.76 -56.72 69.69
CA LYS Q 50 -23.09 -56.35 68.46
C LYS Q 50 -24.09 -55.70 67.52
N VAL Q 51 -23.57 -54.82 66.66
CA VAL Q 51 -24.36 -54.14 65.64
C VAL Q 51 -24.21 -54.93 64.35
N VAL Q 52 -25.28 -55.64 63.96
CA VAL Q 52 -25.26 -56.55 62.82
C VAL Q 52 -26.07 -55.93 61.68
N THR Q 53 -25.52 -56.01 60.47
CA THR Q 53 -26.21 -55.52 59.28
C THR Q 53 -27.08 -56.63 58.71
N ILE Q 54 -28.29 -56.26 58.29
CA ILE Q 54 -29.26 -57.19 57.72
C ILE Q 54 -29.59 -56.73 56.31
N LYS Q 55 -29.40 -57.61 55.34
CA LYS Q 55 -29.86 -57.35 53.99
C LYS Q 55 -31.37 -57.43 53.94
N ASN Q 56 -31.96 -56.81 52.90
CA ASN Q 56 -33.39 -56.55 52.89
C ASN Q 56 -34.25 -57.81 52.83
N ASP Q 57 -33.67 -58.98 52.58
CA ASP Q 57 -34.46 -60.20 52.65
C ASP Q 57 -34.89 -60.45 54.09
N LEU Q 58 -36.20 -60.53 54.31
CA LEU Q 58 -36.71 -60.79 55.66
C LEU Q 58 -36.33 -62.18 56.16
N ARG Q 59 -36.01 -63.10 55.25
CA ARG Q 59 -35.53 -64.42 55.67
C ARG Q 59 -34.26 -64.28 56.52
N GLN Q 60 -33.40 -63.32 56.18
CA GLN Q 60 -32.22 -63.07 56.99
C GLN Q 60 -32.60 -62.62 58.39
N LEU Q 61 -33.57 -61.70 58.49
CA LEU Q 61 -34.06 -61.26 59.79
C LEU Q 61 -34.66 -62.44 60.56
N LYS Q 62 -35.47 -63.24 59.88
CA LYS Q 62 -36.12 -64.38 60.53
C LYS Q 62 -35.09 -65.37 61.05
N ASN Q 63 -34.03 -65.60 60.28
CA ASN Q 63 -32.98 -66.53 60.70
C ASN Q 63 -32.19 -65.97 61.88
N LEU Q 64 -31.77 -64.71 61.79
CA LEU Q 64 -30.80 -64.17 62.73
C LEU Q 64 -31.42 -63.59 63.99
N PHE Q 65 -32.74 -63.38 64.03
CA PHE Q 65 -33.39 -62.84 65.22
C PHE Q 65 -34.75 -63.48 65.49
N GLY Q 66 -35.10 -64.57 64.84
CA GLY Q 66 -36.36 -65.24 65.08
C GLY Q 66 -37.52 -64.58 64.35
N ASP Q 67 -38.70 -65.13 64.56
CA ASP Q 67 -39.92 -64.71 63.87
C ASP Q 67 -41.05 -64.43 64.86
N ASP Q 68 -40.72 -63.97 66.06
CA ASP Q 68 -41.71 -63.69 67.08
C ASP Q 68 -42.15 -62.25 66.99
N MET Q 69 -43.44 -62.02 66.71
CA MET Q 69 -43.99 -60.68 66.60
C MET Q 69 -44.28 -60.05 67.96
N ASN Q 70 -44.15 -60.80 69.05
CA ASN Q 70 -44.30 -60.22 70.38
C ASN Q 70 -43.17 -59.27 70.74
N TYR Q 71 -42.08 -59.24 69.96
CA TYR Q 71 -40.87 -58.51 70.29
C TYR Q 71 -40.65 -57.42 69.26
N SER Q 72 -40.02 -56.33 69.70
CA SER Q 72 -39.76 -55.20 68.81
C SER Q 72 -38.91 -55.61 67.62
N ALA Q 73 -38.02 -56.59 67.81
CA ALA Q 73 -37.05 -56.97 66.78
C ALA Q 73 -37.72 -57.37 65.48
N PHE Q 74 -38.49 -58.46 65.49
CA PHE Q 74 -39.04 -58.97 64.24
C PHE Q 74 -40.07 -58.01 63.65
N LYS Q 75 -40.93 -57.43 64.49
CA LYS Q 75 -41.98 -56.55 63.99
C LYS Q 75 -41.41 -55.30 63.33
N LEU Q 76 -40.54 -54.59 64.05
CA LEU Q 76 -39.94 -53.39 63.50
C LEU Q 76 -39.00 -53.71 62.36
N GLY Q 77 -38.35 -54.88 62.39
CA GLY Q 77 -37.54 -55.27 61.25
C GLY Q 77 -38.38 -55.48 60.00
N LYS Q 78 -39.52 -56.15 60.15
CA LYS Q 78 -40.40 -56.36 59.00
C LYS Q 78 -40.89 -55.02 58.46
N LEU Q 79 -41.25 -54.09 59.36
CA LEU Q 79 -41.68 -52.78 58.91
C LEU Q 79 -40.56 -52.05 58.16
N ALA Q 80 -39.34 -52.11 58.68
CA ALA Q 80 -38.22 -51.45 58.02
C ALA Q 80 -37.93 -52.08 56.66
N LEU Q 81 -37.95 -53.41 56.59
CA LEU Q 81 -37.68 -54.09 55.33
C LEU Q 81 -38.74 -53.75 54.29
N LEU Q 82 -40.01 -53.69 54.71
CA LEU Q 82 -41.05 -53.20 53.82
C LEU Q 82 -40.86 -51.73 53.47
N GLY Q 83 -40.12 -50.99 54.30
CA GLY Q 83 -39.66 -49.66 53.92
C GLY Q 83 -38.60 -49.66 52.84
N ASN Q 84 -38.09 -50.83 52.45
CA ASN Q 84 -37.20 -50.98 51.30
C ASN Q 84 -35.82 -50.36 51.56
N VAL Q 85 -35.30 -50.57 52.76
CA VAL Q 85 -33.95 -50.15 53.09
C VAL Q 85 -32.96 -51.13 52.50
N LYS Q 86 -31.86 -50.62 51.93
CA LYS Q 86 -30.87 -51.50 51.32
C LYS Q 86 -30.24 -52.43 52.34
N GLU Q 87 -29.89 -51.90 53.52
CA GLU Q 87 -29.28 -52.69 54.58
C GLU Q 87 -29.76 -52.18 55.92
N LEU Q 88 -30.36 -53.06 56.71
CA LEU Q 88 -30.92 -52.71 58.01
C LEU Q 88 -29.95 -53.17 59.10
N LEU Q 89 -29.50 -52.23 59.92
CA LEU Q 89 -28.53 -52.50 60.97
C LEU Q 89 -29.25 -52.59 62.31
N LEU Q 90 -29.09 -53.72 62.99
CA LEU Q 90 -29.81 -54.03 64.21
C LEU Q 90 -28.84 -54.15 65.38
N TYR Q 91 -29.40 -54.05 66.59
CA TYR Q 91 -28.64 -54.27 67.82
C TYR Q 91 -29.59 -54.81 68.87
N ARG Q 92 -29.28 -55.98 69.41
CA ARG Q 92 -30.16 -56.63 70.38
C ARG Q 92 -29.92 -56.04 71.77
N LEU Q 93 -30.97 -55.52 72.36
CA LEU Q 93 -30.92 -54.95 73.71
C LEU Q 93 -31.26 -56.01 74.74
N VAL Q 94 -30.51 -56.01 75.84
CA VAL Q 94 -30.69 -57.01 76.89
C VAL Q 94 -30.35 -56.37 78.24
N ASP Q 95 -30.91 -56.95 79.29
CA ASP Q 95 -30.39 -56.76 80.63
C ASP Q 95 -29.26 -57.75 80.87
N GLY Q 96 -28.35 -57.38 81.79
CA GLY Q 96 -27.18 -58.20 82.04
C GLY Q 96 -27.50 -59.64 82.43
N ASN Q 97 -28.67 -59.85 83.07
CA ASN Q 97 -29.08 -61.20 83.44
C ASN Q 97 -29.48 -62.06 82.24
N GLN Q 98 -29.61 -61.48 81.06
CA GLN Q 98 -30.09 -62.21 79.90
C GLN Q 98 -29.09 -63.32 79.54
N LYS Q 99 -29.63 -64.49 79.17
CA LYS Q 99 -28.87 -65.74 79.24
C LYS Q 99 -29.30 -66.69 78.14
N LYS Q 100 -28.41 -67.65 77.85
CA LYS Q 100 -28.65 -68.74 76.92
C LYS Q 100 -29.34 -69.92 77.60
N GLY Q 101 -30.21 -70.59 76.85
CA GLY Q 101 -30.74 -71.86 77.31
C GLY Q 101 -29.68 -72.95 77.24
N THR Q 102 -29.85 -73.96 78.09
CA THR Q 102 -28.84 -75.01 78.23
C THR Q 102 -29.50 -76.33 78.62
N LEU Q 103 -28.87 -77.42 78.19
CA LEU Q 103 -29.26 -78.77 78.56
C LEU Q 103 -28.00 -79.61 78.67
N THR Q 104 -28.06 -80.64 79.52
CA THR Q 104 -26.93 -81.52 79.77
C THR Q 104 -27.35 -82.97 79.52
N LEU Q 105 -26.40 -83.76 79.04
CA LEU Q 105 -26.58 -85.17 78.74
C LEU Q 105 -25.64 -85.99 79.58
N LYS Q 106 -26.02 -87.25 79.81
CA LYS Q 106 -25.28 -88.14 80.70
C LYS Q 106 -25.22 -89.53 80.09
N ASP Q 107 -24.21 -90.30 80.50
CA ASP Q 107 -24.04 -91.66 80.02
C ASP Q 107 -24.86 -92.63 80.86
N THR Q 108 -24.96 -93.87 80.36
CA THR Q 108 -25.72 -94.93 81.03
C THR Q 108 -24.92 -96.22 81.20
N THR Q 109 -23.72 -96.34 80.63
CA THR Q 109 -22.94 -97.56 80.79
C THR Q 109 -22.54 -97.76 82.25
N GLU Q 110 -22.15 -96.69 82.93
CA GLU Q 110 -21.72 -96.77 84.32
C GLU Q 110 -22.91 -96.55 85.24
N ASN Q 111 -22.91 -97.27 86.36
CA ASN Q 111 -23.96 -97.07 87.37
C ASN Q 111 -23.93 -95.66 87.91
N SER Q 112 -22.74 -95.15 88.22
CA SER Q 112 -22.54 -93.75 88.60
C SER Q 112 -22.41 -92.95 87.30
N ALA Q 113 -23.56 -92.59 86.74
CA ALA Q 113 -23.57 -91.90 85.46
C ALA Q 113 -22.90 -90.54 85.56
N LYS Q 114 -22.16 -90.18 84.51
CA LYS Q 114 -21.36 -88.97 84.46
C LYS Q 114 -21.79 -88.12 83.27
N ASP Q 115 -21.88 -86.81 83.49
CA ASP Q 115 -22.23 -85.90 82.41
C ASP Q 115 -21.11 -85.89 81.38
N VAL Q 116 -21.49 -86.02 80.11
CA VAL Q 116 -20.52 -86.14 79.03
C VAL Q 116 -20.75 -85.16 77.89
N ILE Q 117 -21.96 -84.63 77.71
CA ILE Q 117 -22.25 -83.64 76.68
C ILE Q 117 -23.19 -82.60 77.26
N LYS Q 118 -22.96 -81.33 76.90
CA LYS Q 118 -23.86 -80.23 77.23
C LYS Q 118 -24.28 -79.55 75.95
N LEU Q 119 -25.58 -79.21 75.87
CA LEU Q 119 -26.16 -78.52 74.74
C LEU Q 119 -26.59 -77.13 75.19
N GLU Q 120 -26.21 -76.12 74.41
CA GLU Q 120 -26.53 -74.72 74.72
C GLU Q 120 -26.97 -74.03 73.43
N THR Q 121 -27.99 -73.18 73.56
CA THR Q 121 -28.50 -72.47 72.39
C THR Q 121 -27.41 -71.58 71.80
N LYS Q 122 -27.36 -71.53 70.47
CA LYS Q 122 -26.31 -70.77 69.80
C LYS Q 122 -26.39 -69.28 70.12
N TYR Q 123 -27.60 -68.78 70.42
CA TYR Q 123 -27.83 -67.39 70.76
C TYR Q 123 -28.57 -67.31 72.09
N PRO Q 124 -28.39 -66.22 72.85
CA PRO Q 124 -29.18 -66.09 74.08
C PRO Q 124 -30.67 -66.02 73.80
N THR Q 125 -31.45 -66.63 74.67
CA THR Q 125 -32.90 -66.74 74.49
C THR Q 125 -33.51 -67.29 75.77
N ALA Q 126 -34.82 -67.48 75.73
CA ALA Q 126 -35.54 -68.25 76.73
C ALA Q 126 -36.58 -69.18 76.10
N ARG Q 127 -36.54 -69.38 74.79
CA ARG Q 127 -37.55 -70.19 74.12
C ARG Q 127 -37.37 -71.66 74.49
N ASN Q 128 -38.41 -72.44 74.20
CA ASN Q 128 -38.45 -73.86 74.56
C ASN Q 128 -37.85 -74.71 73.44
N PHE Q 129 -36.59 -74.46 73.16
CA PHE Q 129 -35.85 -75.33 72.24
C PHE Q 129 -35.62 -76.67 72.93
N ASN Q 130 -36.12 -77.75 72.32
CA ASN Q 130 -36.16 -79.06 72.93
C ASN Q 130 -35.32 -80.05 72.14
N VAL Q 131 -34.93 -81.13 72.81
CA VAL Q 131 -34.04 -82.15 72.25
C VAL Q 131 -34.56 -83.52 72.67
N THR Q 132 -34.38 -84.50 71.78
CA THR Q 132 -34.75 -85.88 72.02
C THR Q 132 -33.59 -86.79 71.64
N ILE Q 133 -33.31 -87.77 72.50
CA ILE Q 133 -32.32 -88.81 72.22
C ILE Q 133 -32.99 -90.15 72.49
N LYS Q 134 -32.85 -91.08 71.54
CA LYS Q 134 -33.47 -92.39 71.63
C LYS Q 134 -32.55 -93.43 71.01
N SER Q 135 -32.79 -94.69 71.36
CA SER Q 135 -31.99 -95.78 70.83
C SER Q 135 -32.21 -95.92 69.33
N ASN Q 136 -31.12 -96.06 68.59
CA ASN Q 136 -31.22 -96.28 67.16
C ASN Q 136 -31.76 -97.68 66.87
N LEU Q 137 -32.73 -97.75 65.97
CA LEU Q 137 -33.39 -99.02 65.68
C LEU Q 137 -32.59 -99.90 64.74
N VAL Q 138 -31.58 -99.35 64.04
CA VAL Q 138 -30.80 -100.09 63.07
C VAL Q 138 -29.52 -100.59 63.73
N ASP Q 139 -28.69 -99.66 64.20
CA ASP Q 139 -27.42 -99.98 64.84
C ASP Q 139 -27.59 -99.97 66.36
N SER Q 140 -26.93 -100.91 67.02
CA SER Q 140 -27.12 -101.09 68.46
C SER Q 140 -26.61 -99.90 69.25
N ASP Q 141 -25.37 -99.48 68.98
CA ASP Q 141 -24.74 -98.44 69.79
C ASP Q 141 -25.14 -97.03 69.39
N LYS Q 142 -25.88 -96.86 68.29
CA LYS Q 142 -26.22 -95.53 67.81
C LYS Q 142 -27.39 -94.95 68.60
N LYS Q 143 -27.36 -93.64 68.81
CA LYS Q 143 -28.44 -92.89 69.42
C LYS Q 143 -28.95 -91.86 68.43
N ASP Q 144 -30.26 -91.76 68.30
CA ASP Q 144 -30.87 -90.84 67.33
C ASP Q 144 -31.11 -89.50 68.02
N PHE Q 145 -30.32 -88.50 67.64
CA PHE Q 145 -30.41 -87.16 68.23
C PHE Q 145 -31.35 -86.31 67.39
N ILE Q 146 -32.44 -85.86 68.01
CA ILE Q 146 -33.45 -85.04 67.36
C ILE Q 146 -33.66 -83.77 68.16
N PHE Q 147 -33.94 -82.68 67.46
CA PHE Q 147 -34.04 -81.35 68.05
C PHE Q 147 -35.36 -80.72 67.64
N PHE Q 148 -35.98 -79.98 68.58
CA PHE Q 148 -37.27 -79.37 68.36
C PHE Q 148 -37.30 -77.97 68.98
N GLU Q 149 -38.41 -77.28 68.73
CA GLU Q 149 -38.80 -76.10 69.48
C GLU Q 149 -40.29 -76.21 69.75
N ASN Q 150 -40.66 -76.50 71.00
CA ASN Q 150 -42.05 -76.79 71.35
C ASN Q 150 -42.58 -77.96 70.53
N THR Q 151 -41.76 -78.99 70.36
CA THR Q 151 -42.05 -80.23 69.63
C THR Q 151 -42.02 -80.04 68.11
N LYS Q 152 -41.79 -78.83 67.60
CA LYS Q 152 -41.63 -78.61 66.17
C LYS Q 152 -40.19 -78.96 65.81
N GLN Q 153 -40.01 -80.06 65.08
CA GLN Q 153 -38.67 -80.61 64.87
C GLN Q 153 -37.83 -79.68 64.01
N LEU Q 154 -36.57 -79.52 64.42
CA LEU Q 154 -35.57 -78.78 63.66
C LEU Q 154 -34.69 -79.73 62.84
N PHE Q 155 -34.09 -80.71 63.48
CA PHE Q 155 -33.06 -81.54 62.86
C PHE Q 155 -33.00 -82.88 63.59
N SER Q 156 -32.64 -83.92 62.83
CA SER Q 156 -32.46 -85.26 63.37
C SER Q 156 -31.14 -85.83 62.88
N SER Q 157 -30.50 -86.66 63.72
CA SER Q 157 -29.23 -87.26 63.39
C SER Q 157 -29.04 -88.51 64.22
N SER Q 158 -28.07 -89.33 63.80
CA SER Q 158 -27.75 -90.58 64.48
C SER Q 158 -26.25 -90.81 64.42
N ILE Q 159 -25.63 -91.05 65.58
CA ILE Q 159 -24.20 -91.29 65.69
C ILE Q 159 -23.97 -92.39 66.70
N LYS Q 160 -22.91 -93.18 66.47
CA LYS Q 160 -22.50 -94.23 67.38
C LYS Q 160 -22.19 -93.66 68.77
N GLY Q 161 -22.08 -94.57 69.74
CA GLY Q 161 -21.98 -94.17 71.13
C GLY Q 161 -20.61 -93.76 71.61
N THR Q 162 -19.92 -92.89 70.85
CA THR Q 162 -18.71 -92.23 71.29
C THR Q 162 -18.96 -90.74 71.33
N ILE Q 163 -18.54 -90.10 72.42
CA ILE Q 163 -18.98 -88.73 72.69
C ILE Q 163 -18.37 -87.75 71.70
N ASP Q 164 -17.11 -87.97 71.30
CA ASP Q 164 -16.43 -87.02 70.43
C ASP Q 164 -17.12 -86.93 69.08
N GLU Q 165 -17.40 -88.07 68.45
CA GLU Q 165 -18.08 -88.05 67.16
C GLU Q 165 -19.49 -87.50 67.30
N ILE Q 166 -20.15 -87.76 68.42
CA ILE Q 166 -21.50 -87.26 68.64
C ILE Q 166 -21.49 -85.73 68.65
N VAL Q 167 -20.62 -85.14 69.46
CA VAL Q 167 -20.60 -83.68 69.55
C VAL Q 167 -20.12 -83.06 68.25
N LEU Q 168 -19.17 -83.71 67.58
CA LEU Q 168 -18.69 -83.18 66.30
C LEU Q 168 -19.79 -83.17 65.25
N GLU Q 169 -20.58 -84.25 65.17
CA GLU Q 169 -21.71 -84.26 64.23
C GLU Q 169 -22.75 -83.22 64.61
N ILE Q 170 -23.06 -83.11 65.91
CA ILE Q 170 -24.11 -82.19 66.34
C ILE Q 170 -23.70 -80.75 66.03
N ASN Q 171 -22.40 -80.45 66.16
CA ASN Q 171 -21.90 -79.12 65.80
C ASN Q 171 -21.60 -78.96 64.32
N SER Q 172 -21.60 -80.05 63.55
CA SER Q 172 -21.18 -79.97 62.15
C SER Q 172 -22.30 -79.42 61.26
N ASN Q 173 -23.43 -80.10 61.25
CA ASN Q 173 -24.52 -79.70 60.36
C ASN Q 173 -25.11 -78.37 60.81
N LEU Q 174 -25.30 -77.46 59.85
CA LEU Q 174 -25.94 -76.19 60.12
C LEU Q 174 -27.46 -76.30 60.28
N ASP Q 175 -28.03 -77.47 60.01
CA ASP Q 175 -29.41 -77.72 60.41
C ASP Q 175 -29.57 -77.64 61.92
N ASN Q 176 -28.49 -77.93 62.66
CA ASN Q 176 -28.45 -77.80 64.11
C ASN Q 176 -27.88 -76.46 64.56
N GLU Q 177 -28.06 -75.41 63.76
CA GLU Q 177 -27.49 -74.11 64.08
C GLU Q 177 -28.11 -73.49 65.32
N TYR Q 178 -29.30 -73.93 65.73
CA TYR Q 178 -29.94 -73.35 66.91
C TYR Q 178 -29.18 -73.63 68.19
N VAL Q 179 -28.35 -74.67 68.22
CA VAL Q 179 -27.76 -75.18 69.46
C VAL Q 179 -26.30 -75.54 69.20
N ILE Q 180 -25.49 -75.40 70.24
CA ILE Q 180 -24.08 -75.76 70.24
C ILE Q 180 -23.88 -76.89 71.23
N ALA Q 181 -23.18 -77.94 70.80
CA ALA Q 181 -22.84 -79.08 71.65
C ALA Q 181 -21.39 -78.98 72.09
N THR Q 182 -21.13 -79.24 73.36
CA THR Q 182 -19.79 -79.23 73.92
C THR Q 182 -19.59 -80.48 74.77
N LYS Q 183 -18.36 -81.00 74.73
CA LYS Q 183 -18.03 -82.22 75.44
C LYS Q 183 -17.71 -81.91 76.89
N VAL Q 184 -18.39 -82.61 77.80
CA VAL Q 184 -18.13 -82.46 79.23
C VAL Q 184 -17.05 -83.42 79.70
N ALA Q 185 -17.00 -84.62 79.14
CA ALA Q 185 -16.00 -85.62 79.49
C ALA Q 185 -15.68 -86.47 78.29
N ASP Q 186 -14.50 -87.09 78.32
CA ASP Q 186 -14.02 -87.92 77.22
C ASP Q 186 -14.43 -89.36 77.48
N SER Q 187 -15.71 -89.63 77.26
CA SER Q 187 -16.30 -90.95 77.47
C SER Q 187 -16.60 -91.61 76.15
N ASP Q 188 -16.57 -92.94 76.15
CA ASP Q 188 -17.02 -93.76 75.03
C ASP Q 188 -18.24 -94.59 75.40
N THR Q 189 -19.07 -94.06 76.30
CA THR Q 189 -20.19 -94.79 76.90
C THR Q 189 -21.49 -94.39 76.22
N ILE Q 190 -22.50 -95.25 76.42
CA ILE Q 190 -23.80 -95.03 75.80
C ILE Q 190 -24.51 -93.88 76.50
N LEU Q 191 -25.05 -92.96 75.71
CA LEU Q 191 -25.73 -91.79 76.26
C LEU Q 191 -27.09 -92.18 76.83
N ALA Q 192 -27.61 -91.29 77.68
CA ALA Q 192 -28.95 -91.45 78.25
C ALA Q 192 -29.98 -90.87 77.30
N ASN Q 193 -31.12 -91.55 77.20
CA ASN Q 193 -32.19 -91.11 76.32
C ASN Q 193 -32.97 -89.97 76.96
N VAL Q 194 -33.24 -88.93 76.16
CA VAL Q 194 -34.07 -87.80 76.55
C VAL Q 194 -35.16 -87.66 75.51
N VAL Q 195 -36.26 -87.02 75.92
CA VAL Q 195 -37.41 -86.84 75.04
C VAL Q 195 -37.96 -85.43 75.20
N ASN Q 196 -37.65 -84.57 74.22
CA ASN Q 196 -38.21 -83.22 74.17
C ASN Q 196 -37.83 -82.41 75.41
N GLN Q 197 -36.57 -82.57 75.85
CA GLN Q 197 -36.09 -81.84 77.02
C GLN Q 197 -35.65 -80.45 76.60
N ALA Q 198 -36.24 -79.43 77.22
CA ALA Q 198 -35.95 -78.06 76.84
C ALA Q 198 -34.57 -77.64 77.33
N LEU Q 199 -33.93 -76.77 76.55
CA LEU Q 199 -32.65 -76.18 76.94
C LEU Q 199 -32.95 -75.03 77.90
N GLU Q 200 -32.99 -75.38 79.19
CA GLU Q 200 -33.41 -74.44 80.22
C GLU Q 200 -32.23 -73.58 80.66
N GLY Q 201 -32.50 -72.67 81.60
CA GLY Q 201 -31.50 -71.76 82.10
C GLY Q 201 -31.35 -70.48 81.32
N GLY Q 202 -32.08 -70.32 80.20
CA GLY Q 202 -32.00 -69.12 79.40
C GLY Q 202 -32.93 -68.03 79.89
N ASN Q 203 -32.66 -66.82 79.42
CA ASN Q 203 -33.46 -65.65 79.76
C ASN Q 203 -33.71 -64.86 78.47
N ASP Q 204 -34.83 -64.15 78.46
CA ASP Q 204 -35.49 -63.82 77.19
C ASP Q 204 -34.87 -62.62 76.48
N GLY Q 205 -34.94 -61.44 77.08
CA GLY Q 205 -34.53 -60.22 76.41
C GLY Q 205 -35.44 -59.04 76.66
N CYS Q 206 -36.70 -59.31 77.02
CA CYS Q 206 -37.61 -58.28 77.53
C CYS Q 206 -37.49 -58.10 79.04
N THR Q 207 -36.49 -58.70 79.65
CA THR Q 207 -36.35 -58.73 81.10
C THR Q 207 -35.67 -57.46 81.58
N SER Q 208 -36.44 -56.56 82.19
CA SER Q 208 -35.90 -55.40 82.91
C SER Q 208 -35.05 -54.51 81.99
N ILE Q 209 -35.53 -54.28 80.77
CA ILE Q 209 -34.84 -53.39 79.85
C ILE Q 209 -35.19 -51.96 80.21
N THR Q 210 -34.16 -51.13 80.38
CA THR Q 210 -34.29 -49.76 80.86
C THR Q 210 -33.49 -48.83 79.97
N ASN Q 211 -33.49 -47.54 80.33
CA ASN Q 211 -32.84 -46.52 79.52
C ASN Q 211 -31.35 -46.77 79.36
N GLU Q 212 -30.71 -47.40 80.36
CA GLU Q 212 -29.28 -47.63 80.29
C GLU Q 212 -28.93 -48.58 79.15
N SER Q 213 -29.77 -49.58 78.90
CA SER Q 213 -29.54 -50.49 77.78
C SER Q 213 -29.59 -49.74 76.46
N TYR Q 214 -30.56 -48.83 76.31
CA TYR Q 214 -30.64 -48.03 75.10
C TYR Q 214 -29.44 -47.11 74.96
N LEU Q 215 -28.97 -46.55 76.08
CA LEU Q 215 -27.78 -45.70 76.05
C LEU Q 215 -26.57 -46.48 75.58
N LYS Q 216 -26.39 -47.69 76.11
CA LYS Q 216 -25.29 -48.55 75.67
C LYS Q 216 -25.42 -48.89 74.19
N ALA Q 217 -26.64 -49.17 73.73
CA ALA Q 217 -26.86 -49.46 72.33
C ALA Q 217 -26.49 -48.27 71.45
N LEU Q 218 -26.87 -47.06 71.88
CA LEU Q 218 -26.51 -45.87 71.11
C LEU Q 218 -25.01 -45.67 71.07
N GLU Q 219 -24.33 -45.90 72.21
CA GLU Q 219 -22.88 -45.78 72.24
C GLU Q 219 -22.22 -46.78 71.30
N GLU Q 220 -22.77 -48.00 71.21
CA GLU Q 220 -22.31 -48.93 70.20
C GLU Q 220 -22.58 -48.39 68.80
N PHE Q 221 -23.74 -47.77 68.60
CA PHE Q 221 -24.10 -47.25 67.28
C PHE Q 221 -23.26 -46.04 66.89
N GLU Q 222 -22.54 -45.43 67.82
CA GLU Q 222 -21.65 -44.32 67.47
C GLU Q 222 -20.60 -44.75 66.45
N ARG Q 223 -20.24 -46.03 66.45
CA ARG Q 223 -19.19 -46.51 65.55
C ARG Q 223 -19.57 -46.31 64.09
N TYR Q 224 -20.83 -46.58 63.75
CA TYR Q 224 -21.25 -46.73 62.36
C TYR Q 224 -21.77 -45.40 61.82
N SER Q 225 -22.17 -45.40 60.55
CA SER Q 225 -22.82 -44.28 59.89
C SER Q 225 -24.19 -44.73 59.41
N PHE Q 226 -25.16 -43.82 59.50
CA PHE Q 226 -26.55 -44.15 59.22
C PHE Q 226 -27.22 -43.01 58.46
N ASP Q 227 -28.35 -43.35 57.83
CA ASP Q 227 -29.23 -42.36 57.23
C ASP Q 227 -30.35 -41.93 58.16
N SER Q 228 -30.73 -42.77 59.13
CA SER Q 228 -31.78 -42.39 60.07
C SER Q 228 -31.72 -43.29 61.30
N PHE Q 229 -32.39 -42.83 62.35
CA PHE Q 229 -32.53 -43.56 63.61
C PHE Q 229 -33.95 -43.37 64.11
N VAL Q 230 -34.49 -44.40 64.78
CA VAL Q 230 -35.92 -44.43 65.12
C VAL Q 230 -36.17 -44.82 66.58
N LEU Q 231 -35.17 -45.36 67.27
CA LEU Q 231 -35.26 -45.64 68.70
C LEU Q 231 -36.32 -46.69 69.03
N ASP Q 232 -36.16 -47.88 68.43
CA ASP Q 232 -36.79 -49.12 68.88
C ASP Q 232 -38.32 -49.06 68.88
N GLY Q 233 -38.92 -48.06 68.23
CA GLY Q 233 -40.38 -47.95 68.27
C GLY Q 233 -40.92 -47.72 69.67
N VAL Q 234 -40.13 -47.08 70.54
CA VAL Q 234 -40.50 -46.83 71.92
C VAL Q 234 -40.54 -45.31 72.12
N ALA Q 235 -41.61 -44.83 72.76
CA ALA Q 235 -41.88 -43.41 72.91
C ALA Q 235 -41.56 -42.89 74.31
N ASP Q 236 -40.71 -43.58 75.06
CA ASP Q 236 -40.33 -43.12 76.39
C ASP Q 236 -39.62 -41.78 76.29
N GLU Q 237 -40.05 -40.82 77.12
CA GLU Q 237 -39.61 -39.43 76.96
C GLU Q 237 -38.12 -39.27 77.20
N ALA Q 238 -37.63 -39.78 78.35
CA ALA Q 238 -36.24 -39.57 78.72
C ALA Q 238 -35.30 -40.14 77.66
N LEU Q 239 -35.65 -41.30 77.11
CA LEU Q 239 -34.91 -41.84 75.98
C LEU Q 239 -34.93 -40.88 74.81
N GLN Q 240 -36.05 -40.18 74.59
CA GLN Q 240 -36.13 -39.26 73.46
C GLN Q 240 -35.22 -38.06 73.65
N GLU Q 241 -35.17 -37.52 74.86
CA GLU Q 241 -34.28 -36.40 75.14
C GLU Q 241 -32.82 -36.84 75.04
N THR Q 242 -32.53 -38.06 75.51
CA THR Q 242 -31.18 -38.60 75.44
C THR Q 242 -30.74 -38.77 73.99
N THR Q 243 -31.62 -39.31 73.15
CA THR Q 243 -31.29 -39.50 71.74
C THR Q 243 -31.18 -38.16 71.03
N LYS Q 244 -31.98 -37.17 71.42
CA LYS Q 244 -31.87 -35.84 70.85
C LYS Q 244 -30.48 -35.26 71.11
N ALA Q 245 -30.04 -35.32 72.36
CA ALA Q 245 -28.70 -34.82 72.70
C ALA Q 245 -27.62 -35.63 71.98
N TRP Q 246 -27.83 -36.94 71.86
CA TRP Q 246 -26.86 -37.80 71.20
C TRP Q 246 -26.73 -37.44 69.73
N VAL Q 247 -27.85 -37.18 69.05
CA VAL Q 247 -27.82 -36.81 67.65
C VAL Q 247 -27.20 -35.43 67.47
N ALA Q 248 -27.48 -34.52 68.40
CA ALA Q 248 -26.84 -33.20 68.34
C ALA Q 248 -25.33 -33.33 68.45
N LYS Q 249 -24.87 -34.17 69.38
CA LYS Q 249 -23.44 -34.42 69.52
C LYS Q 249 -22.86 -35.02 68.24
N ASN Q 250 -23.57 -35.98 67.66
CA ASN Q 250 -23.07 -36.61 66.43
C ASN Q 250 -22.99 -35.60 65.30
N LYS Q 251 -23.97 -34.71 65.19
CA LYS Q 251 -23.93 -33.67 64.18
C LYS Q 251 -22.72 -32.76 64.40
N GLU Q 252 -22.49 -32.33 65.64
CA GLU Q 252 -21.35 -31.48 65.92
C GLU Q 252 -20.03 -32.20 65.65
N LEU Q 253 -20.03 -33.53 65.77
CA LEU Q 253 -18.85 -34.34 65.50
C LEU Q 253 -18.72 -34.73 64.03
N GLY Q 254 -19.55 -34.16 63.15
CA GLY Q 254 -19.47 -34.42 61.73
C GLY Q 254 -20.23 -35.64 61.25
N LYS Q 255 -21.02 -36.28 62.12
CA LYS Q 255 -21.86 -37.41 61.73
C LYS Q 255 -23.29 -36.90 61.63
N ASP Q 256 -23.83 -36.90 60.42
CA ASP Q 256 -25.13 -36.28 60.13
C ASP Q 256 -26.20 -37.35 60.17
N ILE Q 257 -26.68 -37.62 61.39
CA ILE Q 257 -27.69 -38.64 61.64
C ILE Q 257 -29.04 -37.98 61.80
N LEU Q 258 -30.03 -38.49 61.08
CA LEU Q 258 -31.41 -38.03 61.17
C LEU Q 258 -32.15 -38.91 62.16
N LEU Q 259 -33.12 -38.33 62.86
CA LEU Q 259 -33.87 -39.04 63.88
C LEU Q 259 -35.37 -38.89 63.63
N PHE Q 260 -36.07 -40.03 63.66
CA PHE Q 260 -37.52 -40.09 63.63
C PHE Q 260 -38.03 -40.56 64.98
N LEU Q 261 -39.16 -40.01 65.40
CA LEU Q 261 -39.76 -40.35 66.69
C LEU Q 261 -41.26 -40.43 66.53
N GLY Q 262 -41.89 -41.15 67.46
CA GLY Q 262 -43.33 -41.27 67.51
C GLY Q 262 -43.85 -41.13 68.93
N GLY Q 263 -44.91 -40.36 69.10
CA GLY Q 263 -45.46 -40.14 70.42
C GLY Q 263 -46.20 -41.36 70.93
N LYS Q 264 -46.61 -41.27 72.19
CA LYS Q 264 -47.34 -42.36 72.81
C LYS Q 264 -48.76 -42.42 72.26
N THR Q 265 -49.33 -43.62 72.27
CA THR Q 265 -50.70 -43.81 71.80
C THR Q 265 -51.69 -43.02 72.66
N GLU Q 266 -51.35 -42.80 73.93
CA GLU Q 266 -52.25 -42.08 74.82
C GLU Q 266 -52.29 -40.57 74.54
N ASP Q 267 -51.27 -40.05 73.86
CA ASP Q 267 -51.20 -38.61 73.62
C ASP Q 267 -52.28 -38.18 72.64
N ASN Q 268 -53.02 -37.14 73.00
CA ASN Q 268 -53.94 -36.51 72.07
C ASN Q 268 -53.15 -35.78 70.98
N ILE Q 269 -53.86 -35.41 69.91
CA ILE Q 269 -53.21 -34.66 68.83
C ILE Q 269 -52.67 -33.34 69.36
N LYS Q 270 -53.34 -32.75 70.35
CA LYS Q 270 -52.79 -31.57 71.00
C LYS Q 270 -51.47 -31.88 71.69
N GLN Q 271 -51.42 -33.00 72.42
CA GLN Q 271 -50.18 -33.37 73.10
C GLN Q 271 -49.08 -33.72 72.10
N ILE Q 272 -49.44 -34.40 71.02
CA ILE Q 272 -48.46 -34.70 69.97
C ILE Q 272 -47.93 -33.43 69.36
N ASN Q 273 -48.81 -32.46 69.11
CA ASN Q 273 -48.37 -31.17 68.57
C ASN Q 273 -47.48 -30.43 69.54
N ASP Q 274 -47.79 -30.52 70.84
CA ASP Q 274 -46.93 -29.91 71.85
C ASP Q 274 -45.54 -30.54 71.84
N LYS Q 275 -45.47 -31.87 71.72
CA LYS Q 275 -44.18 -32.53 71.65
C LYS Q 275 -43.43 -32.15 70.39
N SER Q 276 -44.14 -32.08 69.26
CA SER Q 276 -43.53 -31.67 68.01
C SER Q 276 -43.08 -30.21 68.05
N LYS Q 277 -43.70 -29.40 68.90
CA LYS Q 277 -43.20 -28.06 69.17
C LYS Q 277 -41.94 -28.11 70.02
N SER Q 278 -41.93 -29.00 71.02
CA SER Q 278 -40.77 -29.11 71.90
C SER Q 278 -39.52 -29.49 71.12
N PHE Q 279 -39.67 -30.42 70.18
CA PHE Q 279 -38.60 -30.71 69.23
C PHE Q 279 -38.61 -29.63 68.14
N ASN Q 280 -37.46 -29.00 67.94
CA ASN Q 280 -37.32 -28.03 66.86
C ASN Q 280 -36.03 -28.19 66.08
N ASP Q 281 -35.15 -29.12 66.46
CA ASP Q 281 -34.01 -29.44 65.62
C ASP Q 281 -34.49 -30.13 64.36
N GLU Q 282 -33.86 -29.77 63.23
CA GLU Q 282 -34.32 -30.26 61.93
C GLU Q 282 -34.21 -31.77 61.82
N ASN Q 283 -33.26 -32.39 62.54
CA ASN Q 283 -33.06 -33.83 62.47
C ASN Q 283 -34.05 -34.62 63.31
N ILE Q 284 -35.11 -33.98 63.82
CA ILE Q 284 -36.12 -34.63 64.65
C ILE Q 284 -37.43 -34.63 63.88
N VAL Q 285 -38.05 -35.81 63.77
CA VAL Q 285 -39.34 -35.98 63.13
C VAL Q 285 -40.24 -36.70 64.12
N ASN Q 286 -41.39 -36.10 64.43
CA ASN Q 286 -42.34 -36.65 65.39
C ASN Q 286 -43.54 -37.20 64.65
N VAL Q 287 -43.92 -38.44 64.98
CA VAL Q 287 -45.00 -39.16 64.32
C VAL Q 287 -46.16 -39.28 65.30
N GLY Q 288 -47.36 -38.90 64.84
CA GLY Q 288 -48.54 -38.91 65.68
C GLY Q 288 -49.50 -40.04 65.41
N SER Q 289 -49.70 -40.36 64.14
CA SER Q 289 -50.74 -41.31 63.77
C SER Q 289 -50.31 -42.75 64.06
N SER Q 290 -51.29 -43.55 64.45
CA SER Q 290 -51.16 -45.00 64.54
C SER Q 290 -51.74 -45.64 63.29
N ALA Q 291 -51.48 -46.93 63.12
CA ALA Q 291 -51.88 -47.59 61.88
C ALA Q 291 -51.98 -49.10 62.09
N TYR Q 292 -52.64 -49.75 61.14
CA TYR Q 292 -52.75 -51.19 61.06
C TYR Q 292 -52.25 -51.65 59.69
N TYR Q 293 -51.48 -52.74 59.67
CA TYR Q 293 -51.01 -53.32 58.42
C TYR Q 293 -51.59 -54.72 58.18
N GLU Q 294 -51.29 -55.68 59.05
CA GLU Q 294 -51.91 -57.00 59.00
C GLU Q 294 -53.00 -57.12 60.08
N ASN Q 295 -53.95 -56.19 60.05
CA ASN Q 295 -55.03 -56.13 61.03
C ASN Q 295 -54.50 -56.02 62.46
N ILE Q 296 -53.30 -55.48 62.63
CA ILE Q 296 -52.61 -55.39 63.91
C ILE Q 296 -52.12 -53.95 64.07
N LYS Q 297 -52.45 -53.33 65.19
CA LYS Q 297 -52.16 -51.93 65.38
C LYS Q 297 -50.65 -51.69 65.49
N TYR Q 298 -50.25 -50.46 65.19
CA TYR Q 298 -48.87 -50.02 65.36
C TYR Q 298 -48.88 -48.64 66.00
N THR Q 299 -48.12 -48.49 67.09
CA THR Q 299 -48.05 -47.23 67.79
C THR Q 299 -47.38 -46.19 66.90
N PRO Q 300 -47.46 -44.90 67.24
CA PRO Q 300 -46.84 -43.89 66.39
C PRO Q 300 -45.34 -44.09 66.18
N SER Q 301 -44.65 -44.65 67.17
CA SER Q 301 -43.22 -44.93 67.02
C SER Q 301 -42.98 -46.18 66.16
N GLU Q 302 -43.86 -47.19 66.28
CA GLU Q 302 -43.70 -48.37 65.45
C GLU Q 302 -43.86 -48.03 63.98
N VAL Q 303 -44.80 -47.14 63.65
CA VAL Q 303 -44.91 -46.63 62.30
C VAL Q 303 -43.84 -45.58 61.99
N ALA Q 304 -43.27 -44.94 63.02
CA ALA Q 304 -42.12 -44.08 62.78
C ALA Q 304 -40.94 -44.89 62.25
N VAL Q 305 -40.82 -46.14 62.69
CA VAL Q 305 -39.82 -47.03 62.10
C VAL Q 305 -40.04 -47.14 60.59
N TYR Q 306 -41.29 -47.41 60.19
CA TYR Q 306 -41.58 -47.60 58.77
C TYR Q 306 -41.38 -46.32 57.98
N ILE Q 307 -41.79 -45.17 58.52
CA ILE Q 307 -41.66 -43.93 57.77
C ILE Q 307 -40.20 -43.55 57.63
N ALA Q 308 -39.39 -43.78 58.65
CA ALA Q 308 -37.96 -43.53 58.52
C ALA Q 308 -37.34 -44.45 57.48
N ALA Q 309 -37.75 -45.73 57.50
CA ALA Q 309 -37.24 -46.68 56.51
C ALA Q 309 -37.59 -46.25 55.10
N LEU Q 310 -38.84 -45.83 54.89
CA LEU Q 310 -39.27 -45.39 53.57
C LEU Q 310 -38.54 -44.13 53.16
N SER Q 311 -38.29 -43.22 54.11
CA SER Q 311 -37.58 -42.00 53.79
C SER Q 311 -36.16 -42.29 53.33
N VAL Q 312 -35.44 -43.13 54.06
CA VAL Q 312 -34.07 -43.43 53.69
C VAL Q 312 -34.03 -44.23 52.38
N SER Q 313 -35.01 -45.11 52.17
CA SER Q 313 -35.09 -45.83 50.91
C SER Q 313 -35.33 -44.87 49.75
N LYS Q 314 -36.14 -43.84 49.98
CA LYS Q 314 -36.34 -42.82 48.95
C LYS Q 314 -35.03 -42.13 48.61
N GLY Q 315 -34.24 -41.79 49.62
CA GLY Q 315 -32.99 -41.11 49.37
C GLY Q 315 -33.25 -39.74 48.75
N ILE Q 316 -32.31 -39.32 47.90
CA ILE Q 316 -32.48 -38.13 47.09
C ILE Q 316 -33.28 -38.55 45.86
N THR Q 317 -33.78 -37.59 45.09
CA THR Q 317 -34.61 -37.84 43.92
C THR Q 317 -35.98 -38.37 44.32
N GLY Q 318 -36.52 -37.89 45.43
CA GLY Q 318 -37.82 -38.32 45.87
C GLY Q 318 -38.20 -37.63 47.16
N SER Q 319 -39.37 -38.00 47.66
CA SER Q 319 -39.90 -37.43 48.90
C SER Q 319 -40.89 -38.44 49.47
N ILE Q 320 -41.66 -38.00 50.47
CA ILE Q 320 -42.65 -38.83 51.14
C ILE Q 320 -44.00 -38.16 51.24
N CYS Q 321 -44.17 -36.96 50.67
CA CYS Q 321 -45.35 -36.16 50.95
C CYS Q 321 -46.64 -36.80 50.43
N ASN Q 322 -46.54 -37.76 49.50
CA ASN Q 322 -47.70 -38.55 49.13
C ASN Q 322 -47.37 -40.02 48.87
N ALA Q 323 -46.27 -40.52 49.42
CA ALA Q 323 -45.90 -41.90 49.19
C ALA Q 323 -46.92 -42.83 49.81
N LYS Q 324 -47.36 -43.82 49.05
CA LYS Q 324 -48.35 -44.77 49.56
C LYS Q 324 -47.72 -45.67 50.60
N THR Q 325 -48.48 -45.97 51.65
CA THR Q 325 -48.02 -46.82 52.74
C THR Q 325 -48.65 -48.19 52.63
N ILE Q 326 -48.04 -49.16 53.33
CA ILE Q 326 -48.57 -50.52 53.38
C ILE Q 326 -49.74 -50.68 54.32
N PHE Q 327 -50.04 -49.67 55.12
CA PHE Q 327 -51.00 -49.81 56.21
C PHE Q 327 -52.43 -49.81 55.69
N GLU Q 328 -53.23 -50.74 56.21
CA GLU Q 328 -54.62 -50.89 55.80
C GLU Q 328 -55.56 -49.96 56.53
N GLU Q 329 -55.15 -49.44 57.69
CA GLU Q 329 -55.94 -48.45 58.42
C GLU Q 329 -55.00 -47.47 59.12
N VAL Q 330 -55.56 -46.31 59.45
CA VAL Q 330 -54.84 -45.23 60.13
C VAL Q 330 -55.78 -44.62 61.17
N GLU Q 331 -55.23 -44.30 62.34
CA GLU Q 331 -55.97 -43.55 63.35
C GLU Q 331 -54.97 -42.88 64.27
N PRO Q 332 -55.33 -41.74 64.89
CA PRO Q 332 -56.57 -40.96 64.77
C PRO Q 332 -56.65 -40.23 63.44
N ARG Q 333 -57.87 -39.93 62.98
CA ARG Q 333 -58.12 -39.45 61.63
C ARG Q 333 -58.56 -38.01 61.66
N LEU Q 334 -58.04 -37.22 60.73
CA LEU Q 334 -57.96 -35.78 60.85
C LEU Q 334 -58.69 -35.09 59.72
N SER Q 335 -59.46 -34.06 60.05
CA SER Q 335 -59.96 -33.14 59.06
C SER Q 335 -58.83 -32.21 58.61
N GLN Q 336 -59.11 -31.43 57.56
CA GLN Q 336 -58.09 -30.52 57.05
C GLN Q 336 -57.63 -29.53 58.10
N SER Q 337 -58.52 -29.12 59.01
CA SER Q 337 -58.11 -28.26 60.11
C SER Q 337 -57.09 -28.96 60.99
N GLU Q 338 -57.35 -30.21 61.36
CA GLU Q 338 -56.42 -30.96 62.20
C GLU Q 338 -55.11 -31.20 61.48
N VAL Q 339 -55.18 -31.51 60.18
CA VAL Q 339 -53.96 -31.72 59.40
C VAL Q 339 -53.12 -30.45 59.37
N LYS Q 340 -53.76 -29.31 59.15
CA LYS Q 340 -53.03 -28.05 59.13
C LYS Q 340 -52.43 -27.73 60.49
N GLU Q 341 -53.18 -28.04 61.56
CA GLU Q 341 -52.65 -27.85 62.91
C GLU Q 341 -51.41 -28.70 63.13
N CYS Q 342 -51.47 -29.97 62.71
CA CYS Q 342 -50.33 -30.86 62.90
C CYS Q 342 -49.13 -30.40 62.09
N LEU Q 343 -49.35 -30.00 60.84
CA LEU Q 343 -48.24 -29.54 60.00
C LEU Q 343 -47.61 -28.26 60.55
N LYS Q 344 -48.45 -27.32 61.02
CA LYS Q 344 -47.93 -26.12 61.64
C LYS Q 344 -47.14 -26.46 62.91
N SER Q 345 -47.54 -27.50 63.62
CA SER Q 345 -46.81 -27.97 64.79
C SER Q 345 -45.55 -28.75 64.43
N GLY Q 346 -45.31 -29.03 63.15
CA GLY Q 346 -44.21 -29.86 62.73
C GLY Q 346 -44.48 -31.35 62.80
N THR Q 347 -45.65 -31.77 63.27
CA THR Q 347 -45.97 -33.18 63.36
C THR Q 347 -46.13 -33.77 61.97
N LEU Q 348 -45.68 -35.00 61.81
CA LEU Q 348 -45.97 -35.83 60.64
C LEU Q 348 -47.03 -36.85 61.03
N VAL Q 349 -48.10 -36.91 60.23
CA VAL Q 349 -49.24 -37.79 60.51
C VAL Q 349 -49.69 -38.42 59.20
N LEU Q 350 -49.98 -39.71 59.26
CA LEU Q 350 -50.50 -40.38 58.07
C LEU Q 350 -51.95 -39.95 57.83
N ASP Q 351 -52.45 -40.30 56.64
CA ASP Q 351 -53.76 -39.84 56.19
C ASP Q 351 -54.39 -40.93 55.34
N PHE Q 352 -55.71 -40.80 55.16
CA PHE Q 352 -56.50 -41.73 54.36
C PHE Q 352 -57.12 -41.00 53.19
N ASP Q 353 -56.29 -40.24 52.46
CA ASP Q 353 -56.77 -39.43 51.34
C ASP Q 353 -57.50 -40.26 50.28
N ASP Q 354 -57.19 -41.56 50.19
CA ASP Q 354 -57.87 -42.48 49.29
C ASP Q 354 -58.13 -43.77 50.06
N GLY Q 355 -58.50 -44.84 49.36
CA GLY Q 355 -58.77 -46.10 50.00
C GLY Q 355 -57.58 -46.72 50.71
N ASP Q 356 -56.38 -46.24 50.44
CA ASP Q 356 -55.17 -46.65 51.15
C ASP Q 356 -54.80 -45.60 52.20
N VAL Q 357 -53.77 -45.92 52.98
CA VAL Q 357 -53.20 -44.97 53.93
C VAL Q 357 -52.02 -44.27 53.24
N ILE Q 358 -52.04 -42.94 53.27
CA ILE Q 358 -51.10 -42.13 52.51
C ILE Q 358 -50.43 -41.15 53.47
N ILE Q 359 -49.12 -40.95 53.26
CA ILE Q 359 -48.38 -39.96 54.04
C ILE Q 359 -48.83 -38.57 53.63
N VAL Q 360 -49.07 -37.72 54.63
CA VAL Q 360 -49.66 -36.42 54.31
C VAL Q 360 -48.62 -35.48 53.70
N ASP Q 361 -47.42 -35.40 54.27
CA ASP Q 361 -46.50 -34.33 53.92
C ASP Q 361 -45.08 -34.76 54.29
N ASP Q 362 -44.13 -33.89 53.98
CA ASP Q 362 -42.70 -34.14 54.20
C ASP Q 362 -42.18 -33.44 55.45
N VAL Q 363 -43.07 -32.98 56.33
CA VAL Q 363 -42.69 -32.05 57.38
C VAL Q 363 -41.86 -32.75 58.46
N ASN Q 364 -41.12 -31.95 59.23
CA ASN Q 364 -40.39 -32.39 60.40
C ASN Q 364 -40.79 -31.52 61.60
N THR Q 365 -40.27 -31.86 62.78
CA THR Q 365 -40.61 -31.10 63.97
C THR Q 365 -40.10 -29.67 63.90
N PHE Q 366 -39.04 -29.42 63.14
CA PHE Q 366 -38.48 -28.08 63.08
C PHE Q 366 -39.46 -27.07 62.49
N LYS Q 367 -40.36 -27.52 61.59
CA LYS Q 367 -41.13 -26.63 60.72
C LYS Q 367 -41.89 -25.54 61.46
N LYS Q 368 -42.06 -25.67 62.78
CA LYS Q 368 -42.67 -24.62 63.58
C LYS Q 368 -41.98 -23.27 63.41
N TYR Q 369 -40.66 -23.26 63.18
CA TYR Q 369 -39.93 -22.04 62.91
C TYR Q 369 -39.61 -21.97 61.41
N VAL Q 370 -39.33 -20.76 60.93
CA VAL Q 370 -39.58 -20.42 59.53
C VAL Q 370 -38.32 -20.00 58.76
N ASP Q 371 -37.69 -18.90 59.18
CA ASP Q 371 -36.95 -18.08 58.23
C ASP Q 371 -35.44 -18.36 58.19
N ASP Q 372 -34.76 -18.32 59.34
CA ASP Q 372 -33.32 -18.53 59.31
C ASP Q 372 -33.01 -19.94 58.79
N LYS Q 373 -33.38 -20.98 59.51
CA LYS Q 373 -33.39 -22.30 58.90
C LYS Q 373 -34.63 -22.32 58.02
N ASN Q 374 -34.43 -22.28 56.70
CA ASN Q 374 -35.50 -21.89 55.80
C ASN Q 374 -36.65 -22.90 55.84
N GLU Q 375 -37.74 -22.54 55.17
CA GLU Q 375 -38.94 -23.37 55.20
C GLU Q 375 -38.68 -24.72 54.54
N ALA Q 376 -37.77 -24.78 53.57
CA ALA Q 376 -37.41 -26.06 52.98
C ALA Q 376 -36.73 -26.96 54.00
N MET Q 377 -36.02 -26.37 54.97
CA MET Q 377 -35.46 -27.18 56.06
C MET Q 377 -36.55 -27.85 56.88
N GLY Q 378 -37.75 -27.27 56.89
CA GLY Q 378 -38.88 -27.91 57.54
C GLY Q 378 -39.29 -29.21 56.88
N TYR Q 379 -38.82 -29.48 55.66
CA TYR Q 379 -39.13 -30.70 54.93
C TYR Q 379 -37.95 -31.67 55.03
N ILE Q 380 -38.28 -32.95 55.20
CA ILE Q 380 -37.26 -33.96 55.48
C ILE Q 380 -36.35 -34.15 54.27
N SER Q 381 -36.89 -34.03 53.05
CA SER Q 381 -36.10 -34.29 51.85
C SER Q 381 -34.92 -33.33 51.76
N ASN Q 382 -35.15 -32.06 52.11
CA ASN Q 382 -34.04 -31.09 52.09
C ASN Q 382 -32.98 -31.46 53.11
N ILE Q 383 -33.39 -31.92 54.28
CA ILE Q 383 -32.41 -32.33 55.29
C ILE Q 383 -31.61 -33.52 54.81
N MET Q 384 -32.28 -34.48 54.15
CA MET Q 384 -31.56 -35.61 53.59
C MET Q 384 -30.55 -35.15 52.54
N PHE Q 385 -30.95 -34.18 51.71
CA PHE Q 385 -30.04 -33.63 50.72
C PHE Q 385 -28.82 -32.98 51.37
N ILE Q 386 -29.07 -32.14 52.38
CA ILE Q 386 -27.97 -31.44 53.04
C ILE Q 386 -27.04 -32.43 53.73
N ASN Q 387 -27.62 -33.44 54.39
CA ASN Q 387 -26.80 -34.45 55.06
C ASN Q 387 -25.98 -35.23 54.04
N THR Q 388 -26.56 -35.52 52.87
CA THR Q 388 -25.81 -36.23 51.83
C THR Q 388 -24.66 -35.38 51.31
N ILE Q 389 -24.89 -34.08 51.11
CA ILE Q 389 -23.81 -33.20 50.64
C ILE Q 389 -22.71 -33.14 51.70
N ASN Q 390 -23.10 -33.00 52.96
CA ASN Q 390 -22.12 -32.98 54.04
C ASN Q 390 -21.35 -34.28 54.10
N LYS Q 391 -22.04 -35.41 53.88
CA LYS Q 391 -21.37 -36.71 53.96
C LYS Q 391 -20.38 -36.88 52.82
N ASP Q 392 -20.77 -36.53 51.59
CA ASP Q 392 -19.86 -36.67 50.46
C ASP Q 392 -18.67 -35.71 50.61
N THR Q 393 -18.93 -34.53 51.14
CA THR Q 393 -17.86 -33.56 51.38
C THR Q 393 -16.88 -34.07 52.45
N SER Q 394 -17.43 -34.60 53.54
CA SER Q 394 -16.62 -35.21 54.58
C SER Q 394 -16.01 -36.53 54.12
N LEU Q 395 -16.45 -37.07 52.99
CA LEU Q 395 -15.69 -38.13 52.35
C LEU Q 395 -14.51 -37.55 51.59
N LYS Q 396 -14.71 -36.41 50.93
CA LYS Q 396 -13.62 -35.74 50.23
C LYS Q 396 -12.52 -35.25 51.17
N ARG Q 397 -12.82 -35.16 52.48
CA ARG Q 397 -11.80 -34.67 53.42
C ARG Q 397 -10.53 -35.49 53.28
N LYS Q 398 -10.66 -36.82 53.28
CA LYS Q 398 -9.52 -37.72 53.27
C LYS Q 398 -8.78 -37.67 51.94
N GLU Q 399 -9.49 -37.33 50.87
CA GLU Q 399 -8.83 -37.15 49.59
C GLU Q 399 -7.96 -35.89 49.60
N PHE Q 400 -8.43 -34.82 50.24
CA PHE Q 400 -7.78 -33.52 50.12
C PHE Q 400 -7.04 -33.05 51.37
N VAL Q 401 -7.43 -33.46 52.58
CA VAL Q 401 -6.76 -32.95 53.76
C VAL Q 401 -5.40 -33.61 53.90
N GLY Q 402 -4.37 -32.80 54.11
CA GLY Q 402 -3.05 -33.32 54.34
C GLY Q 402 -2.41 -33.97 53.14
N LYS Q 403 -2.87 -33.63 51.93
CA LYS Q 403 -2.38 -34.29 50.73
C LYS Q 403 -2.19 -33.33 49.55
N ILE Q 404 -2.39 -32.02 49.73
CA ILE Q 404 -2.22 -31.05 48.67
C ILE Q 404 -1.91 -29.70 49.30
N PHE Q 405 -1.11 -28.90 48.59
CA PHE Q 405 -0.23 -27.94 49.25
C PHE Q 405 -0.83 -26.57 49.52
N ASN Q 406 -2.15 -26.38 49.38
CA ASN Q 406 -2.78 -25.08 49.66
C ASN Q 406 -2.40 -24.00 48.65
N ASP Q 407 -1.60 -24.31 47.63
CA ASP Q 407 -1.25 -23.32 46.63
C ASP Q 407 -2.46 -23.09 45.73
N ALA Q 408 -2.30 -22.25 44.70
CA ALA Q 408 -3.39 -22.04 43.76
C ALA Q 408 -3.76 -23.33 43.06
N THR Q 409 -2.78 -24.20 42.79
CA THR Q 409 -3.06 -25.47 42.13
C THR Q 409 -3.94 -26.37 43.00
N GLY Q 410 -3.62 -26.48 44.29
CA GLY Q 410 -4.41 -27.32 45.17
C GLY Q 410 -5.83 -26.80 45.34
N GLN Q 411 -5.97 -25.49 45.52
CA GLN Q 411 -7.29 -24.88 45.62
C GLN Q 411 -8.08 -25.12 44.35
N THR Q 412 -7.44 -24.95 43.19
CA THR Q 412 -8.11 -25.17 41.92
C THR Q 412 -8.54 -26.63 41.78
N THR Q 413 -7.69 -27.56 42.21
CA THR Q 413 -8.04 -28.98 42.12
C THR Q 413 -9.25 -29.29 43.01
N VAL Q 414 -9.25 -28.75 44.23
CA VAL Q 414 -10.37 -28.99 45.14
C VAL Q 414 -11.65 -28.42 44.54
N ILE Q 415 -11.57 -27.19 44.03
CA ILE Q 415 -12.75 -26.55 43.46
C ILE Q 415 -13.24 -27.31 42.23
N CYS Q 416 -12.30 -27.81 41.43
CA CYS Q 416 -12.68 -28.58 40.24
C CYS Q 416 -13.37 -29.88 40.62
N ALA Q 417 -12.87 -30.56 41.65
CA ALA Q 417 -13.51 -31.80 42.10
C ALA Q 417 -14.91 -31.53 42.63
N LEU Q 418 -15.07 -30.48 43.44
CA LEU Q 418 -16.39 -30.15 43.95
C LEU Q 418 -17.33 -29.73 42.82
N LYS Q 419 -16.79 -29.02 41.83
CA LYS Q 419 -17.59 -28.64 40.67
C LYS Q 419 -18.03 -29.86 39.89
N LYS Q 420 -17.14 -30.84 39.74
CA LYS Q 420 -17.50 -32.08 39.06
C LYS Q 420 -18.61 -32.81 39.82
N TYR Q 421 -18.52 -32.84 41.15
CA TYR Q 421 -19.56 -33.48 41.95
C TYR Q 421 -20.89 -32.77 41.77
N PHE Q 422 -20.89 -31.43 41.86
CA PHE Q 422 -22.13 -30.69 41.72
C PHE Q 422 -22.68 -30.79 40.30
N GLU Q 423 -21.81 -30.91 39.30
CA GLU Q 423 -22.27 -31.11 37.94
C GLU Q 423 -22.86 -32.49 37.76
N GLU Q 424 -22.33 -33.49 38.46
CA GLU Q 424 -22.98 -34.80 38.50
C GLU Q 424 -24.37 -34.69 39.09
N LEU Q 425 -24.51 -33.91 40.16
CA LEU Q 425 -25.84 -33.66 40.73
C LEU Q 425 -26.75 -32.97 39.74
N MET Q 426 -26.21 -31.98 39.01
CA MET Q 426 -26.99 -31.28 37.99
C MET Q 426 -27.46 -32.24 36.91
N SER Q 427 -26.60 -33.17 36.50
CA SER Q 427 -26.96 -34.14 35.47
C SER Q 427 -28.14 -34.99 35.90
N GLN Q 428 -28.20 -35.33 37.19
CA GLN Q 428 -29.33 -36.05 37.73
C GLN Q 428 -30.58 -35.17 37.84
N GLY Q 429 -30.44 -33.86 37.64
CA GLY Q 429 -31.57 -32.95 37.72
C GLY Q 429 -31.97 -32.54 39.11
N ILE Q 430 -31.27 -33.03 40.14
CA ILE Q 430 -31.65 -32.73 41.51
C ILE Q 430 -31.51 -31.24 41.80
N ILE Q 431 -30.52 -30.60 41.20
CA ILE Q 431 -30.23 -29.18 41.39
C ILE Q 431 -30.60 -28.47 40.10
N SER Q 432 -31.34 -27.36 40.25
CA SER Q 432 -31.69 -26.52 39.10
C SER Q 432 -30.61 -25.50 38.79
N GLU Q 433 -29.90 -25.01 39.80
CA GLU Q 433 -28.85 -24.03 39.62
C GLU Q 433 -27.87 -24.15 40.77
N PHE Q 434 -26.61 -23.87 40.50
CA PHE Q 434 -25.60 -23.85 41.55
C PHE Q 434 -24.40 -23.04 41.09
N ASN Q 435 -23.61 -22.60 42.08
CA ASN Q 435 -22.26 -22.14 41.84
C ASN Q 435 -21.44 -22.47 43.07
N VAL Q 436 -20.18 -22.82 42.87
CA VAL Q 436 -19.25 -23.13 43.96
C VAL Q 436 -17.94 -22.42 43.67
N ASP Q 437 -17.43 -21.69 44.67
CA ASP Q 437 -16.27 -20.84 44.49
C ASP Q 437 -15.53 -20.72 45.81
N ILE Q 438 -14.29 -20.24 45.73
CA ILE Q 438 -13.49 -20.01 46.91
C ILE Q 438 -14.12 -18.89 47.73
N ASP Q 439 -14.06 -19.02 49.05
CA ASP Q 439 -14.63 -18.04 49.97
C ASP Q 439 -13.54 -17.02 50.25
N THR Q 440 -13.34 -16.13 49.27
CA THR Q 440 -12.22 -15.19 49.33
C THR Q 440 -12.32 -14.27 50.53
N GLU Q 441 -13.54 -14.02 51.03
CA GLU Q 441 -13.69 -13.24 52.25
C GLU Q 441 -13.01 -13.94 53.43
N LEU Q 442 -13.35 -15.22 53.64
CA LEU Q 442 -12.72 -15.98 54.71
C LEU Q 442 -11.35 -16.48 54.32
N GLN Q 443 -11.08 -16.68 53.03
CA GLN Q 443 -9.75 -17.10 52.60
C GLN Q 443 -8.71 -16.04 52.87
N ALA Q 444 -9.09 -14.76 52.82
CA ALA Q 444 -8.16 -13.70 53.19
C ALA Q 444 -7.77 -13.82 54.65
N THR Q 445 -8.73 -14.12 55.52
CA THR Q 445 -8.47 -14.32 56.94
C THR Q 445 -7.99 -15.73 57.26
N ALA Q 446 -8.00 -16.64 56.29
CA ALA Q 446 -7.64 -18.02 56.56
C ALA Q 446 -6.17 -18.14 56.92
N LYS Q 447 -5.87 -19.02 57.87
CA LYS Q 447 -4.48 -19.35 58.15
C LYS Q 447 -3.92 -20.15 56.98
N ALA Q 448 -2.59 -20.15 56.89
CA ALA Q 448 -1.93 -20.70 55.70
C ALA Q 448 -2.18 -22.19 55.53
N ASP Q 449 -2.48 -22.91 56.61
CA ASP Q 449 -2.68 -24.36 56.57
C ASP Q 449 -4.15 -24.76 56.44
N GLU Q 450 -5.00 -23.86 55.97
CA GLU Q 450 -6.43 -24.14 55.87
C GLU Q 450 -7.02 -23.47 54.62
N PHE Q 451 -8.25 -23.86 54.31
CA PHE Q 451 -8.94 -23.45 53.10
C PHE Q 451 -10.40 -23.20 53.42
N TYR Q 452 -10.97 -22.16 52.81
CA TYR Q 452 -12.37 -21.82 52.92
C TYR Q 452 -12.99 -21.76 51.53
N TRP Q 453 -14.25 -22.16 51.42
CA TRP Q 453 -14.92 -22.22 50.13
C TRP Q 453 -16.41 -22.06 50.37
N LYS Q 454 -17.11 -21.61 49.33
CA LYS Q 454 -18.53 -21.32 49.40
C LYS Q 454 -19.24 -21.94 48.21
N TRP Q 455 -20.52 -22.24 48.40
CA TRP Q 455 -21.33 -22.75 47.30
C TRP Q 455 -22.79 -22.40 47.53
N ASP Q 456 -23.47 -22.03 46.45
CA ASP Q 456 -24.91 -21.86 46.42
C ASP Q 456 -25.52 -22.90 45.51
N ALA Q 457 -26.77 -23.25 45.78
CA ALA Q 457 -27.47 -24.25 45.00
C ALA Q 457 -28.97 -23.99 45.08
N VAL Q 458 -29.72 -24.67 44.21
CA VAL Q 458 -31.17 -24.62 44.21
C VAL Q 458 -31.67 -26.04 43.98
N LYS Q 459 -32.10 -26.71 45.05
CA LYS Q 459 -32.67 -28.03 44.90
C LYS Q 459 -33.95 -27.96 44.07
N VAL Q 460 -34.16 -28.97 43.24
CA VAL Q 460 -35.35 -28.99 42.41
C VAL Q 460 -36.52 -29.40 43.28
N ASP Q 461 -37.64 -28.69 43.16
CA ASP Q 461 -38.77 -28.90 44.04
C ASP Q 461 -39.61 -30.08 43.55
N VAL Q 462 -40.77 -30.27 44.18
CA VAL Q 462 -41.74 -31.29 43.80
C VAL Q 462 -43.13 -30.70 44.04
N MET Q 463 -44.10 -31.07 43.20
CA MET Q 463 -45.48 -30.66 43.47
C MET Q 463 -45.97 -31.26 44.77
N LYS Q 464 -46.26 -30.39 45.73
CA LYS Q 464 -47.10 -30.72 46.87
C LYS Q 464 -48.53 -30.23 46.66
N LYS Q 465 -48.68 -29.01 46.16
CA LYS Q 465 -49.98 -28.41 45.89
C LYS Q 465 -50.15 -28.27 44.38
N ILE Q 466 -51.37 -28.47 43.89
CA ILE Q 466 -51.68 -28.19 42.49
C ILE Q 466 -53.09 -27.63 42.41
N TYR Q 467 -53.29 -26.66 41.53
CA TYR Q 467 -54.56 -25.97 41.37
C TYR Q 467 -54.94 -25.92 39.90
N GLY Q 468 -56.21 -26.16 39.61
CA GLY Q 468 -56.72 -26.10 38.25
C GLY Q 468 -57.97 -25.27 38.18
N THR Q 469 -58.12 -24.59 37.05
CA THR Q 469 -59.28 -23.73 36.79
C THR Q 469 -59.83 -24.08 35.43
N GLY Q 470 -61.15 -24.20 35.35
CA GLY Q 470 -61.82 -24.73 34.16
C GLY Q 470 -62.69 -23.70 33.48
N TYR Q 471 -62.72 -23.77 32.14
CA TYR Q 471 -63.58 -22.96 31.31
C TYR Q 471 -64.38 -23.88 30.40
N LEU Q 472 -65.67 -23.56 30.23
CA LEU Q 472 -66.58 -24.33 29.39
C LEU Q 472 -67.33 -23.40 28.43
N GLU R 13 34.40 -63.20 -26.44
CA GLU R 13 34.22 -64.44 -27.23
C GLU R 13 34.02 -64.10 -28.70
N ILE R 14 33.91 -65.12 -29.54
CA ILE R 14 33.65 -64.93 -30.96
C ILE R 14 32.20 -64.45 -31.11
N PRO R 15 31.85 -63.73 -32.17
CA PRO R 15 30.45 -63.35 -32.35
C PRO R 15 29.54 -64.54 -32.56
N GLY R 16 28.33 -64.42 -32.04
CA GLY R 16 27.36 -65.50 -32.07
C GLY R 16 26.30 -65.27 -31.01
N PHE R 17 25.40 -66.26 -30.88
CA PHE R 17 24.26 -66.15 -29.97
C PHE R 17 24.33 -67.42 -29.12
N TYR R 18 25.05 -67.39 -28.02
CA TYR R 18 25.38 -68.61 -27.28
C TYR R 18 24.56 -68.71 -26.00
N ASN R 19 23.63 -69.66 -25.98
CA ASN R 19 22.76 -69.89 -24.84
C ASN R 19 23.50 -70.65 -23.75
N ARG R 20 23.13 -70.40 -22.50
CA ARG R 20 23.66 -71.13 -21.35
C ARG R 20 22.52 -71.28 -20.34
N PHE R 21 21.87 -72.44 -20.38
CA PHE R 21 20.63 -72.63 -19.63
C PHE R 21 20.90 -72.94 -18.17
N LYS R 22 20.05 -72.38 -17.31
CA LYS R 22 20.28 -72.33 -15.86
C LYS R 22 19.01 -72.69 -15.10
N THR R 23 18.29 -73.71 -15.56
CA THR R 23 17.18 -74.27 -14.79
C THR R 23 17.73 -75.25 -13.75
N GLN R 24 18.54 -74.80 -12.79
CA GLN R 24 18.95 -75.80 -11.80
C GLN R 24 18.00 -75.76 -10.57
N ALA R 25 17.64 -74.59 -10.00
CA ALA R 25 16.76 -74.57 -8.83
C ALA R 25 15.59 -73.62 -9.07
N GLU R 26 14.90 -73.82 -10.20
CA GLU R 26 13.89 -72.87 -10.65
C GLU R 26 12.83 -72.63 -9.58
N LYS R 27 12.12 -73.68 -9.16
CA LYS R 27 11.20 -73.60 -8.04
C LYS R 27 11.27 -74.86 -7.19
N SER R 28 12.48 -75.38 -6.98
CA SER R 28 12.72 -76.56 -6.16
C SER R 28 13.19 -76.18 -4.76
N THR R 29 12.68 -75.07 -4.22
CA THR R 29 13.17 -74.48 -2.99
C THR R 29 12.06 -74.38 -1.96
N ASN R 30 12.44 -74.47 -0.70
CA ASN R 30 11.53 -74.27 0.43
C ASN R 30 12.31 -73.61 1.56
N THR R 31 11.57 -72.96 2.46
CA THR R 31 12.14 -72.11 3.51
C THR R 31 11.78 -72.63 4.90
N GLY R 32 11.69 -73.94 5.06
CA GLY R 32 11.28 -74.53 6.32
C GLY R 32 12.41 -74.91 7.26
N LEU R 33 13.61 -74.37 7.02
CA LEU R 33 14.79 -74.75 7.79
C LEU R 33 15.60 -73.52 8.14
N LYS R 34 16.36 -73.61 9.23
CA LYS R 34 17.18 -72.51 9.70
C LYS R 34 18.15 -73.04 10.74
N GLY R 35 19.19 -72.25 11.02
CA GLY R 35 20.08 -72.49 12.13
C GLY R 35 21.16 -73.51 11.81
N ARG R 36 22.19 -73.50 12.66
CA ARG R 36 23.29 -74.46 12.58
C ARG R 36 23.72 -74.86 13.98
N LEU R 37 24.16 -76.10 14.11
CA LEU R 37 24.43 -76.71 15.41
C LEU R 37 25.78 -77.43 15.39
N ALA R 38 26.44 -77.43 16.55
CA ALA R 38 27.68 -78.14 16.77
C ALA R 38 27.42 -79.49 17.44
N MET R 39 28.27 -80.46 17.13
CA MET R 39 28.06 -81.85 17.57
C MET R 39 29.40 -82.57 17.65
N PRO R 40 29.96 -82.72 18.85
CA PRO R 40 30.93 -83.80 19.07
C PRO R 40 30.20 -85.13 19.18
N ILE R 41 30.69 -86.13 18.44
CA ILE R 41 29.99 -87.41 18.32
C ILE R 41 30.97 -88.56 18.36
N ARG R 42 30.54 -89.66 18.96
CA ARG R 42 31.21 -90.95 18.83
C ARG R 42 30.54 -91.73 17.70
N ALA R 43 31.34 -92.29 16.81
CA ALA R 43 30.81 -92.95 15.62
C ALA R 43 31.66 -94.16 15.28
N ASN R 44 30.99 -95.20 14.79
CA ASN R 44 31.67 -96.36 14.22
C ASN R 44 32.22 -96.09 12.83
N TRP R 45 31.66 -95.12 12.11
CA TRP R 45 32.00 -94.87 10.72
C TRP R 45 32.07 -93.37 10.48
N GLY R 46 32.85 -92.99 9.48
CA GLY R 46 32.91 -91.62 9.01
C GLY R 46 34.27 -90.99 9.26
N ASP R 47 34.39 -89.75 8.78
CA ASP R 47 35.64 -89.01 8.87
C ASP R 47 36.00 -88.75 10.33
N VAL R 48 37.30 -88.58 10.57
CA VAL R 48 37.86 -88.42 11.90
C VAL R 48 38.74 -87.17 11.91
N GLY R 49 38.65 -86.40 12.99
CA GLY R 49 39.53 -85.27 13.19
C GLY R 49 39.18 -84.03 12.41
N LYS R 50 37.97 -83.95 11.85
CA LYS R 50 37.54 -82.78 11.09
C LYS R 50 36.10 -82.45 11.45
N VAL R 51 35.78 -81.16 11.32
CA VAL R 51 34.44 -80.65 11.57
C VAL R 51 33.73 -80.59 10.23
N VAL R 52 32.78 -81.49 10.01
CA VAL R 52 32.09 -81.65 8.73
C VAL R 52 30.66 -81.15 8.88
N THR R 53 30.20 -80.39 7.89
CA THR R 53 28.83 -79.88 7.85
C THR R 53 27.93 -80.92 7.18
N ILE R 54 26.75 -81.12 7.75
CA ILE R 54 25.77 -82.07 7.24
C ILE R 54 24.49 -81.30 6.90
N LYS R 55 24.04 -81.42 5.66
CA LYS R 55 22.75 -80.89 5.28
C LYS R 55 21.64 -81.74 5.89
N ASN R 56 20.45 -81.16 6.00
CA ASN R 56 19.40 -81.74 6.83
C ASN R 56 18.89 -83.09 6.34
N ASP R 57 19.24 -83.52 5.13
CA ASP R 57 18.86 -84.85 4.69
C ASP R 57 19.60 -85.89 5.53
N LEU R 58 18.83 -86.75 6.21
CA LEU R 58 19.44 -87.79 7.04
C LEU R 58 20.21 -88.80 6.21
N ARG R 59 19.90 -88.92 4.91
CA ARG R 59 20.68 -89.78 4.03
C ARG R 59 22.14 -89.38 4.02
N GLN R 60 22.41 -88.07 4.09
CA GLN R 60 23.79 -87.60 4.17
C GLN R 60 24.46 -88.08 5.46
N LEU R 61 23.74 -87.98 6.58
CA LEU R 61 24.26 -88.50 7.85
C LEU R 61 24.50 -90.00 7.76
N LYS R 62 23.53 -90.72 7.20
CA LYS R 62 23.65 -92.18 7.09
C LYS R 62 24.85 -92.57 6.25
N ASN R 63 25.08 -91.83 5.16
CA ASN R 63 26.21 -92.13 4.29
C ASN R 63 27.53 -91.81 4.98
N LEU R 64 27.65 -90.62 5.58
CA LEU R 64 28.93 -90.12 6.03
C LEU R 64 29.31 -90.57 7.43
N PHE R 65 28.37 -91.14 8.20
CA PHE R 65 28.70 -91.63 9.54
C PHE R 65 27.99 -92.93 9.91
N GLY R 66 27.40 -93.63 8.93
CA GLY R 66 26.75 -94.90 9.21
C GLY R 66 25.36 -94.71 9.77
N ASP R 67 24.73 -95.85 10.07
CA ASP R 67 23.34 -95.91 10.52
C ASP R 67 23.20 -96.74 11.79
N ASP R 68 24.22 -96.74 12.64
CA ASP R 68 24.21 -97.52 13.86
C ASP R 68 23.68 -96.66 15.01
N MET R 69 22.55 -97.08 15.57
CA MET R 69 21.94 -96.36 16.69
C MET R 69 22.62 -96.63 18.02
N ASN R 70 23.55 -97.58 18.08
CA ASN R 70 24.31 -97.82 19.30
C ASN R 70 25.27 -96.68 19.63
N TYR R 71 25.48 -95.75 18.71
CA TYR R 71 26.49 -94.70 18.83
C TYR R 71 25.81 -93.35 18.88
N SER R 72 26.45 -92.41 19.59
CA SER R 72 25.89 -91.07 19.74
C SER R 72 25.70 -90.40 18.39
N ALA R 73 26.57 -90.70 17.42
CA ALA R 73 26.58 -90.01 16.13
C ALA R 73 25.23 -90.10 15.42
N PHE R 74 24.81 -91.31 15.04
CA PHE R 74 23.60 -91.44 14.23
C PHE R 74 22.35 -91.04 15.03
N LYS R 75 22.27 -91.44 16.30
CA LYS R 75 21.08 -91.16 17.10
C LYS R 75 20.91 -89.66 17.31
N LEU R 76 21.95 -88.99 17.80
CA LEU R 76 21.85 -87.56 18.03
C LEU R 76 21.75 -86.79 16.73
N GLY R 77 22.35 -87.29 15.65
CA GLY R 77 22.18 -86.66 14.37
C GLY R 77 20.74 -86.72 13.89
N LYS R 78 20.10 -87.88 14.04
CA LYS R 78 18.70 -88.01 13.66
C LYS R 78 17.84 -87.06 14.49
N LEU R 79 18.11 -86.98 15.79
CA LEU R 79 17.34 -86.06 16.63
C LEU R 79 17.53 -84.61 16.19
N ALA R 80 18.77 -84.23 15.88
CA ALA R 80 19.03 -82.86 15.44
C ALA R 80 18.35 -82.57 14.11
N LEU R 81 18.42 -83.51 13.17
CA LEU R 81 17.80 -83.32 11.87
C LEU R 81 16.29 -83.20 12.00
N LEU R 82 15.69 -84.01 12.86
CA LEU R 82 14.28 -83.83 13.17
C LEU R 82 14.01 -82.52 13.88
N GLY R 83 15.03 -81.94 14.51
CA GLY R 83 14.95 -80.57 14.99
C GLY R 83 14.94 -79.53 13.89
N ASN R 84 15.15 -79.94 12.63
CA ASN R 84 15.00 -79.06 11.47
C ASN R 84 16.08 -77.99 11.41
N VAL R 85 17.32 -78.39 11.70
CA VAL R 85 18.46 -77.48 11.56
C VAL R 85 18.85 -77.42 10.09
N LYS R 86 19.17 -76.21 9.62
CA LYS R 86 19.54 -76.05 8.22
C LYS R 86 20.80 -76.82 7.88
N GLU R 87 21.81 -76.76 8.74
CA GLU R 87 23.07 -77.47 8.53
C GLU R 87 23.61 -77.93 9.86
N LEU R 88 23.84 -79.24 9.99
CA LEU R 88 24.31 -79.85 11.22
C LEU R 88 25.80 -80.13 11.08
N LEU R 89 26.59 -79.56 11.98
CA LEU R 89 28.05 -79.69 11.94
C LEU R 89 28.48 -80.72 12.98
N LEU R 90 29.19 -81.74 12.52
CA LEU R 90 29.58 -82.89 13.33
C LEU R 90 31.09 -82.95 13.48
N TYR R 91 31.53 -83.70 14.49
CA TYR R 91 32.95 -83.98 14.69
C TYR R 91 33.08 -85.34 15.36
N ARG R 92 33.80 -86.26 14.72
CA ARG R 92 33.93 -87.62 15.23
C ARG R 92 35.00 -87.66 16.32
N LEU R 93 34.62 -88.11 17.51
CA LEU R 93 35.54 -88.24 18.63
C LEU R 93 36.13 -89.64 18.64
N VAL R 94 37.42 -89.72 18.93
CA VAL R 94 38.14 -91.00 18.93
C VAL R 94 39.25 -90.94 19.96
N ASP R 95 39.66 -92.11 20.43
CA ASP R 95 40.94 -92.27 21.09
C ASP R 95 42.02 -92.48 20.04
N GLY R 96 43.26 -92.13 20.39
CA GLY R 96 44.35 -92.19 19.42
C GLY R 96 44.55 -93.58 18.83
N ASN R 97 44.20 -94.63 19.57
CA ASN R 97 44.32 -95.99 19.05
C ASN R 97 43.29 -96.31 17.98
N GLN R 98 42.29 -95.44 17.76
CA GLN R 98 41.23 -95.74 16.81
C GLN R 98 41.79 -95.85 15.40
N LYS R 99 41.29 -96.82 14.64
CA LYS R 99 42.01 -97.35 13.49
C LYS R 99 41.04 -97.80 12.39
N LYS R 100 41.57 -97.89 11.17
CA LYS R 100 40.86 -98.40 10.01
C LYS R 100 40.98 -99.92 9.92
N GLY R 101 39.91 -100.55 9.43
CA GLY R 101 39.99 -101.95 9.07
C GLY R 101 40.81 -102.14 7.80
N THR R 102 41.40 -103.33 7.67
CA THR R 102 42.31 -103.60 6.57
C THR R 102 42.26 -105.08 6.20
N LEU R 103 42.52 -105.35 4.92
CA LEU R 103 42.65 -106.71 4.40
C LEU R 103 43.70 -106.69 3.30
N THR R 104 44.36 -107.83 3.11
CA THR R 104 45.43 -107.97 2.13
C THR R 104 45.11 -109.13 1.19
N LEU R 105 45.54 -108.97 -0.06
CA LEU R 105 45.35 -109.97 -1.10
C LEU R 105 46.71 -110.42 -1.63
N LYS R 106 46.73 -111.64 -2.17
CA LYS R 106 47.96 -112.27 -2.62
C LYS R 106 47.72 -112.98 -3.94
N ASP R 107 48.81 -113.17 -4.69
CA ASP R 107 48.75 -113.85 -5.96
C ASP R 107 48.84 -115.37 -5.77
N THR R 108 48.56 -116.10 -6.85
CA THR R 108 48.61 -117.55 -6.85
C THR R 108 49.44 -118.14 -7.99
N THR R 109 49.89 -117.34 -8.95
CA THR R 109 50.69 -117.87 -10.05
C THR R 109 52.00 -118.44 -9.55
N GLU R 110 52.64 -117.74 -8.61
CA GLU R 110 53.94 -118.16 -8.07
C GLU R 110 53.72 -119.05 -6.84
N ASN R 111 54.58 -120.06 -6.69
CA ASN R 111 54.52 -120.91 -5.51
C ASN R 111 54.76 -120.09 -4.25
N SER R 112 55.78 -119.23 -4.28
CA SER R 112 56.02 -118.27 -3.20
C SER R 112 55.12 -117.06 -3.45
N ALA R 113 53.87 -117.17 -3.00
CA ALA R 113 52.89 -116.13 -3.25
C ALA R 113 53.31 -114.82 -2.57
N LYS R 114 53.05 -113.71 -3.27
CA LYS R 114 53.45 -112.39 -2.84
C LYS R 114 52.23 -111.49 -2.74
N ASP R 115 52.18 -110.69 -1.68
CA ASP R 115 51.08 -109.75 -1.52
C ASP R 115 51.15 -108.69 -2.61
N VAL R 116 50.01 -108.43 -3.25
CA VAL R 116 49.94 -107.54 -4.40
C VAL R 116 48.87 -106.46 -4.25
N ILE R 117 47.84 -106.65 -3.45
CA ILE R 117 46.80 -105.65 -3.23
C ILE R 117 46.44 -105.65 -1.75
N LYS R 118 46.21 -104.46 -1.21
CA LYS R 118 45.70 -104.28 0.15
C LYS R 118 44.42 -103.46 0.09
N LEU R 119 43.42 -103.88 0.86
CA LEU R 119 42.14 -103.20 0.96
C LEU R 119 42.00 -102.62 2.36
N GLU R 120 41.62 -101.34 2.44
CA GLU R 120 41.46 -100.64 3.70
C GLU R 120 40.18 -99.82 3.65
N THR R 121 39.44 -99.82 4.76
CA THR R 121 38.19 -99.06 4.82
C THR R 121 38.46 -97.59 4.59
N LYS R 122 37.55 -96.94 3.84
CA LYS R 122 37.75 -95.54 3.50
C LYS R 122 37.76 -94.64 4.74
N TYR R 123 37.05 -95.05 5.79
CA TYR R 123 36.99 -94.32 7.05
C TYR R 123 37.38 -95.24 8.20
N PRO R 124 37.92 -94.69 9.29
CA PRO R 124 38.22 -95.54 10.45
C PRO R 124 36.95 -96.16 11.02
N THR R 125 37.08 -97.41 11.46
CA THR R 125 35.94 -98.18 11.94
C THR R 125 36.47 -99.47 12.58
N ALA R 126 35.52 -100.29 13.03
CA ALA R 126 35.80 -101.67 13.42
C ALA R 126 34.74 -102.63 12.90
N ARG R 127 33.86 -102.18 12.00
CA ARG R 127 32.77 -103.02 11.52
C ARG R 127 33.31 -104.15 10.65
N ASN R 128 32.46 -105.15 10.44
CA ASN R 128 32.84 -106.35 9.69
C ASN R 128 32.56 -106.17 8.20
N PHE R 129 33.23 -105.18 7.62
CA PHE R 129 33.21 -105.02 6.17
C PHE R 129 34.00 -106.17 5.55
N ASN R 130 33.32 -106.95 4.70
CA ASN R 130 33.86 -108.19 4.16
C ASN R 130 34.01 -108.11 2.65
N VAL R 131 34.88 -108.97 2.13
CA VAL R 131 35.22 -108.99 0.70
C VAL R 131 35.30 -110.44 0.24
N THR R 132 34.90 -110.67 -1.01
CA THR R 132 34.96 -111.97 -1.65
C THR R 132 35.60 -111.84 -3.02
N ILE R 133 36.50 -112.78 -3.33
CA ILE R 133 37.12 -112.87 -4.65
C ILE R 133 36.98 -114.32 -5.11
N LYS R 134 36.52 -114.51 -6.34
CA LYS R 134 36.29 -115.83 -6.90
C LYS R 134 36.61 -115.82 -8.38
N SER R 135 36.82 -117.02 -8.93
CA SER R 135 37.13 -117.14 -10.34
C SER R 135 35.94 -116.71 -11.19
N ASN R 136 36.21 -115.91 -12.21
CA ASN R 136 35.16 -115.49 -13.13
C ASN R 136 34.74 -116.68 -13.99
N LEU R 137 33.43 -116.87 -14.11
CA LEU R 137 32.89 -118.01 -14.84
C LEU R 137 32.89 -117.81 -16.34
N VAL R 138 33.06 -116.57 -16.82
CA VAL R 138 33.01 -116.28 -18.25
C VAL R 138 34.43 -116.23 -18.80
N ASP R 139 35.24 -115.32 -18.27
CA ASP R 139 36.62 -115.13 -18.72
C ASP R 139 37.56 -115.88 -17.77
N SER R 140 38.60 -116.49 -18.34
CA SER R 140 39.48 -117.35 -17.56
C SER R 140 40.27 -116.55 -16.53
N ASP R 141 40.92 -115.47 -16.96
CA ASP R 141 41.81 -114.72 -16.08
C ASP R 141 41.10 -113.73 -15.16
N LYS R 142 39.80 -113.53 -15.34
CA LYS R 142 39.07 -112.55 -14.55
C LYS R 142 38.73 -113.11 -13.17
N LYS R 143 38.76 -112.23 -12.17
CA LYS R 143 38.34 -112.54 -10.81
C LYS R 143 37.19 -111.62 -10.44
N ASP R 144 36.15 -112.20 -9.84
CA ASP R 144 34.95 -111.45 -9.48
C ASP R 144 35.13 -110.90 -8.07
N PHE R 145 35.30 -109.59 -7.96
CA PHE R 145 35.51 -108.93 -6.68
C PHE R 145 34.17 -108.46 -6.14
N ILE R 146 33.78 -108.98 -4.98
CA ILE R 146 32.52 -108.65 -4.34
C ILE R 146 32.80 -108.19 -2.91
N PHE R 147 31.99 -107.25 -2.43
CA PHE R 147 32.19 -106.59 -1.15
C PHE R 147 30.91 -106.67 -0.35
N PHE R 148 31.05 -106.87 0.97
CA PHE R 148 29.92 -107.03 1.87
C PHE R 148 30.18 -106.30 3.17
N GLU R 149 29.15 -106.29 4.02
CA GLU R 149 29.28 -105.96 5.44
C GLU R 149 28.41 -106.97 6.19
N ASN R 150 29.06 -107.91 6.87
CA ASN R 150 28.36 -109.02 7.52
C ASN R 150 27.52 -109.81 6.51
N THR R 151 28.11 -110.04 5.33
CA THR R 151 27.52 -110.76 4.20
C THR R 151 26.46 -109.96 3.45
N LYS R 152 26.14 -108.74 3.88
CA LYS R 152 25.23 -107.88 3.13
C LYS R 152 26.03 -107.21 2.03
N GLN R 153 25.77 -107.59 0.78
CA GLN R 153 26.62 -107.18 -0.32
C GLN R 153 26.51 -105.67 -0.57
N LEU R 154 27.67 -105.06 -0.81
CA LEU R 154 27.78 -103.66 -1.19
C LEU R 154 27.91 -103.51 -2.70
N PHE R 155 28.89 -104.19 -3.29
CA PHE R 155 29.27 -103.96 -4.68
C PHE R 155 29.97 -105.21 -5.21
N SER R 156 29.81 -105.45 -6.52
CA SER R 156 30.46 -106.56 -7.21
C SER R 156 31.11 -106.04 -8.48
N SER R 157 32.23 -106.66 -8.85
CA SER R 157 32.97 -106.27 -10.05
C SER R 157 33.82 -107.43 -10.51
N SER R 158 34.30 -107.33 -11.76
CA SER R 158 35.13 -108.36 -12.37
C SER R 158 36.18 -107.69 -13.25
N ILE R 159 37.45 -108.03 -13.03
CA ILE R 159 38.56 -107.48 -13.80
C ILE R 159 39.56 -108.60 -14.08
N LYS R 160 40.22 -108.49 -15.23
CA LYS R 160 41.26 -109.43 -15.63
C LYS R 160 42.38 -109.45 -14.58
N GLY R 161 43.24 -110.46 -14.70
CA GLY R 161 44.24 -110.73 -13.69
C GLY R 161 45.50 -109.89 -13.76
N THR R 162 45.36 -108.58 -13.91
CA THR R 162 46.46 -107.63 -13.78
C THR R 162 46.15 -106.70 -12.63
N ILE R 163 47.14 -106.49 -11.75
CA ILE R 163 46.87 -105.85 -10.46
C ILE R 163 46.50 -104.39 -10.65
N ASP R 164 47.15 -103.70 -11.60
CA ASP R 164 46.91 -102.26 -11.77
C ASP R 164 45.47 -101.98 -12.15
N GLU R 165 44.95 -102.68 -13.17
CA GLU R 165 43.57 -102.48 -13.57
C GLU R 165 42.61 -102.89 -12.45
N ILE R 166 42.96 -103.93 -11.70
CA ILE R 166 42.10 -104.38 -10.61
C ILE R 166 41.94 -103.28 -9.57
N VAL R 167 43.07 -102.72 -9.10
CA VAL R 167 43.00 -101.70 -8.07
C VAL R 167 42.35 -100.44 -8.61
N LEU R 168 42.63 -100.10 -9.87
CA LEU R 168 42.02 -98.92 -10.47
C LEU R 168 40.50 -99.04 -10.54
N GLU R 169 39.99 -100.21 -10.95
CA GLU R 169 38.55 -100.41 -10.98
C GLU R 169 37.97 -100.39 -9.58
N ILE R 170 38.64 -101.05 -8.62
CA ILE R 170 38.10 -101.12 -7.27
C ILE R 170 38.03 -99.74 -6.65
N ASN R 171 38.99 -98.86 -6.96
CA ASN R 171 38.96 -97.49 -6.49
C ASN R 171 38.11 -96.56 -7.36
N SER R 172 37.70 -97.02 -8.55
CA SER R 172 37.01 -96.13 -9.49
C SER R 172 35.55 -95.95 -9.10
N ASN R 173 34.80 -97.05 -9.04
CA ASN R 173 33.37 -96.95 -8.78
C ASN R 173 33.11 -96.51 -7.35
N LEU R 174 32.21 -95.54 -7.19
CA LEU R 174 31.82 -95.07 -5.86
C LEU R 174 30.87 -96.04 -5.17
N ASP R 175 30.40 -97.08 -5.86
CA ASP R 175 29.73 -98.17 -5.16
C ASP R 175 30.67 -98.85 -4.17
N ASN R 176 31.98 -98.80 -4.43
CA ASN R 176 33.01 -99.31 -3.55
C ASN R 176 33.59 -98.23 -2.64
N GLU R 177 32.77 -97.23 -2.30
CA GLU R 177 33.27 -96.12 -1.50
C GLU R 177 33.63 -96.54 -0.07
N TYR R 178 33.13 -97.68 0.40
CA TYR R 178 33.43 -98.11 1.77
C TYR R 178 34.90 -98.45 1.95
N VAL R 179 35.62 -98.78 0.88
CA VAL R 179 36.96 -99.35 0.97
C VAL R 179 37.84 -98.72 -0.10
N ILE R 180 39.14 -98.64 0.23
CA ILE R 180 40.17 -98.14 -0.67
C ILE R 180 41.12 -99.28 -0.98
N ALA R 181 41.43 -99.48 -2.26
CA ALA R 181 42.38 -100.48 -2.70
C ALA R 181 43.70 -99.82 -3.07
N THR R 182 44.80 -100.43 -2.62
CA THR R 182 46.14 -99.94 -2.93
C THR R 182 47.01 -101.10 -3.39
N LYS R 183 47.91 -100.79 -4.32
CA LYS R 183 48.77 -101.81 -4.90
C LYS R 183 49.97 -102.05 -4.02
N VAL R 184 50.21 -103.31 -3.67
CA VAL R 184 51.37 -103.68 -2.86
C VAL R 184 52.58 -103.99 -3.75
N ALA R 185 52.33 -104.59 -4.92
CA ALA R 185 53.40 -104.93 -5.84
C ALA R 185 52.88 -104.86 -7.26
N ASP R 186 53.80 -104.68 -8.20
CA ASP R 186 53.47 -104.55 -9.63
C ASP R 186 53.51 -105.93 -10.27
N SER R 187 52.48 -106.71 -9.99
CA SER R 187 52.35 -108.08 -10.49
C SER R 187 51.28 -108.14 -11.56
N ASP R 188 51.44 -109.09 -12.48
CA ASP R 188 50.43 -109.45 -13.48
C ASP R 188 49.92 -110.87 -13.26
N THR R 189 49.91 -111.31 -12.01
CA THR R 189 49.61 -112.69 -11.65
C THR R 189 48.17 -112.83 -11.16
N ILE R 190 47.69 -114.06 -11.17
CA ILE R 190 46.31 -114.34 -10.78
C ILE R 190 46.19 -114.19 -9.27
N LEU R 191 45.14 -113.48 -8.83
CA LEU R 191 44.93 -113.24 -7.42
C LEU R 191 44.41 -114.49 -6.72
N ALA R 192 44.54 -114.51 -5.39
CA ALA R 192 44.01 -115.58 -4.57
C ALA R 192 42.55 -115.30 -4.24
N ASN R 193 41.75 -116.37 -4.24
CA ASN R 193 40.33 -116.24 -3.95
C ASN R 193 40.10 -116.11 -2.45
N VAL R 194 39.24 -115.16 -2.07
CA VAL R 194 38.82 -114.96 -0.70
C VAL R 194 37.29 -114.99 -0.68
N VAL R 195 36.74 -115.29 0.49
CA VAL R 195 35.29 -115.40 0.64
C VAL R 195 34.87 -114.74 1.95
N ASN R 196 34.30 -113.54 1.84
CA ASN R 196 33.73 -112.83 2.98
C ASN R 196 34.79 -112.57 4.05
N GLN R 197 36.00 -112.21 3.63
CA GLN R 197 37.08 -111.94 4.56
C GLN R 197 36.94 -110.50 5.07
N ALA R 198 36.84 -110.35 6.39
CA ALA R 198 36.65 -109.04 6.98
C ALA R 198 37.92 -108.21 6.91
N LEU R 199 37.73 -106.89 6.75
CA LEU R 199 38.85 -105.94 6.79
C LEU R 199 39.19 -105.69 8.25
N GLU R 200 40.09 -106.52 8.78
CA GLU R 200 40.41 -106.51 10.20
C GLU R 200 41.46 -105.45 10.49
N GLY R 201 41.83 -105.34 11.76
CA GLY R 201 42.79 -104.36 12.21
C GLY R 201 42.21 -103.01 12.58
N GLY R 202 40.91 -102.81 12.37
CA GLY R 202 40.28 -101.55 12.72
C GLY R 202 39.85 -101.47 14.16
N ASN R 203 39.57 -100.25 14.59
CA ASN R 203 39.12 -99.97 15.95
C ASN R 203 37.96 -98.98 15.87
N ASP R 204 37.07 -99.07 16.85
CA ASP R 204 35.69 -98.63 16.67
C ASP R 204 35.51 -97.12 16.79
N GLY R 205 35.74 -96.57 17.98
CA GLY R 205 35.44 -95.17 18.23
C GLY R 205 34.84 -94.92 19.61
N CYS R 206 34.23 -95.94 20.20
CA CYS R 206 33.83 -95.90 21.60
C CYS R 206 34.95 -96.37 22.53
N THR R 207 36.16 -96.53 22.01
CA THR R 207 37.27 -97.11 22.76
C THR R 207 37.96 -96.01 23.58
N SER R 208 37.75 -96.05 24.89
CA SER R 208 38.51 -95.22 25.84
C SER R 208 38.36 -93.73 25.54
N ILE R 209 37.15 -93.30 25.22
CA ILE R 209 36.89 -91.88 24.99
C ILE R 209 36.74 -91.18 26.33
N THR R 210 37.51 -90.11 26.52
CA THR R 210 37.61 -89.40 27.79
C THR R 210 37.44 -87.90 27.54
N ASN R 211 37.56 -87.13 28.62
CA ASN R 211 37.34 -85.69 28.56
C ASN R 211 38.31 -85.00 27.61
N GLU R 212 39.52 -85.55 27.46
CA GLU R 212 40.51 -84.91 26.59
C GLU R 212 40.06 -84.92 25.14
N SER R 213 39.41 -85.99 24.71
CA SER R 213 38.88 -86.03 23.35
C SER R 213 37.84 -84.95 23.14
N TYR R 214 36.96 -84.76 24.11
CA TYR R 214 35.96 -83.69 24.01
C TYR R 214 36.63 -82.32 24.01
N LEU R 215 37.68 -82.14 24.81
CA LEU R 215 38.40 -80.88 24.82
C LEU R 215 39.01 -80.59 23.45
N LYS R 216 39.63 -81.60 22.85
CA LYS R 216 40.19 -81.44 21.51
C LYS R 216 39.11 -81.11 20.50
N ALA R 217 37.95 -81.78 20.61
CA ALA R 217 36.85 -81.50 19.71
C ALA R 217 36.38 -80.06 19.86
N LEU R 218 36.27 -79.57 21.09
CA LEU R 218 35.85 -78.18 21.30
C LEU R 218 36.87 -77.21 20.73
N GLU R 219 38.17 -77.51 20.90
CA GLU R 219 39.21 -76.66 20.34
C GLU R 219 39.11 -76.62 18.82
N GLU R 220 38.80 -77.76 18.20
CA GLU R 220 38.51 -77.75 16.76
C GLU R 220 37.29 -76.90 16.46
N PHE R 221 36.26 -76.98 17.31
CA PHE R 221 35.03 -76.24 17.08
C PHE R 221 35.22 -74.74 17.28
N GLU R 222 36.32 -74.31 17.91
CA GLU R 222 36.59 -72.88 18.05
C GLU R 222 36.66 -72.18 16.71
N ARG R 223 37.05 -72.90 15.65
CA ARG R 223 37.20 -72.31 14.33
C ARG R 223 35.90 -71.74 13.82
N TYR R 224 34.79 -72.46 14.02
CA TYR R 224 33.55 -72.19 13.32
C TYR R 224 32.66 -71.27 14.16
N SER R 225 31.49 -70.94 13.62
CA SER R 225 30.45 -70.19 14.31
C SER R 225 29.19 -71.05 14.36
N PHE R 226 28.47 -70.96 15.48
CA PHE R 226 27.32 -71.82 15.74
C PHE R 226 26.20 -71.02 16.38
N ASP R 227 25.00 -71.60 16.32
CA ASP R 227 23.85 -71.11 17.05
C ASP R 227 23.67 -71.79 18.39
N SER R 228 24.16 -73.02 18.54
CA SER R 228 24.04 -73.72 19.82
C SER R 228 25.03 -74.87 19.87
N PHE R 229 25.25 -75.36 21.10
CA PHE R 229 26.11 -76.50 21.38
C PHE R 229 25.44 -77.35 22.45
N VAL R 230 25.64 -78.67 22.38
CA VAL R 230 24.88 -79.61 23.21
C VAL R 230 25.75 -80.66 23.89
N LEU R 231 27.00 -80.82 23.45
CA LEU R 231 27.97 -81.68 24.12
C LEU R 231 27.56 -83.15 24.07
N ASP R 232 27.39 -83.67 22.86
CA ASP R 232 27.38 -85.10 22.56
C ASP R 232 26.29 -85.88 23.30
N GLY R 233 25.31 -85.20 23.89
CA GLY R 233 24.30 -85.91 24.66
C GLY R 233 24.87 -86.64 25.85
N VAL R 234 25.97 -86.14 26.42
CA VAL R 234 26.65 -86.75 27.56
C VAL R 234 26.60 -85.77 28.71
N ALA R 235 26.24 -86.26 29.90
CA ALA R 235 26.00 -85.44 31.08
C ALA R 235 27.14 -85.50 32.08
N ASP R 236 28.35 -85.87 31.65
CA ASP R 236 29.49 -85.90 32.55
C ASP R 236 29.78 -84.50 33.08
N GLU R 237 29.97 -84.40 34.40
CA GLU R 237 30.01 -83.09 35.05
C GLU R 237 31.21 -82.29 34.62
N ALA R 238 32.41 -82.87 34.69
CA ALA R 238 33.63 -82.14 34.40
C ALA R 238 33.62 -81.59 32.98
N LEU R 239 33.10 -82.38 32.04
CA LEU R 239 32.90 -81.89 30.68
C LEU R 239 31.96 -80.68 30.68
N GLN R 240 30.94 -80.70 31.55
CA GLN R 240 30.00 -79.59 31.57
C GLN R 240 30.66 -78.31 32.08
N GLU R 241 31.45 -78.39 33.16
CA GLU R 241 32.16 -77.19 33.59
C GLU R 241 33.16 -76.72 32.55
N THR R 242 33.85 -77.66 31.90
CA THR R 242 34.81 -77.30 30.86
C THR R 242 34.12 -76.56 29.74
N THR R 243 32.97 -77.05 29.29
CA THR R 243 32.25 -76.41 28.21
C THR R 243 31.67 -75.08 28.66
N LYS R 244 31.29 -74.96 29.93
CA LYS R 244 30.82 -73.68 30.46
C LYS R 244 31.91 -72.63 30.36
N ALA R 245 33.12 -72.98 30.83
CA ALA R 245 34.24 -72.05 30.74
C ALA R 245 34.58 -71.74 29.29
N TRP R 246 34.49 -72.75 28.43
CA TRP R 246 34.80 -72.57 27.02
C TRP R 246 33.83 -71.60 26.36
N VAL R 247 32.54 -71.73 26.68
CA VAL R 247 31.54 -70.83 26.11
C VAL R 247 31.72 -69.42 26.67
N ALA R 248 32.07 -69.31 27.96
CA ALA R 248 32.33 -67.98 28.51
C ALA R 248 33.49 -67.32 27.80
N LYS R 249 34.56 -68.08 27.54
CA LYS R 249 35.69 -67.56 26.79
C LYS R 249 35.27 -67.13 25.40
N ASN R 250 34.46 -67.95 24.73
CA ASN R 250 34.02 -67.62 23.38
C ASN R 250 33.18 -66.34 23.38
N LYS R 251 32.32 -66.18 24.37
CA LYS R 251 31.53 -64.96 24.49
C LYS R 251 32.43 -63.75 24.68
N GLU R 252 33.42 -63.86 25.57
CA GLU R 252 34.33 -62.74 25.79
C GLU R 252 35.17 -62.45 24.54
N LEU R 253 35.39 -63.45 23.69
CA LEU R 253 36.11 -63.28 22.44
C LEU R 253 35.21 -62.86 21.28
N GLY R 254 33.96 -62.52 21.56
CA GLY R 254 33.05 -62.05 20.53
C GLY R 254 32.31 -63.13 19.79
N LYS R 255 32.43 -64.40 20.19
CA LYS R 255 31.68 -65.51 19.60
C LYS R 255 30.55 -65.86 20.54
N ASP R 256 29.31 -65.63 20.10
CA ASP R 256 28.13 -65.74 20.95
C ASP R 256 27.52 -67.13 20.75
N ILE R 257 28.05 -68.10 21.48
CA ILE R 257 27.64 -69.49 21.38
C ILE R 257 26.71 -69.79 22.55
N LEU R 258 25.57 -70.39 22.25
CA LEU R 258 24.61 -70.84 23.25
C LEU R 258 24.87 -72.31 23.54
N LEU R 259 24.62 -72.72 24.79
CA LEU R 259 24.87 -74.07 25.25
C LEU R 259 23.62 -74.67 25.88
N PHE R 260 23.27 -75.87 25.46
CA PHE R 260 22.22 -76.68 26.06
C PHE R 260 22.87 -77.88 26.74
N LEU R 261 22.30 -78.28 27.87
CA LEU R 261 22.81 -79.39 28.65
C LEU R 261 21.65 -80.20 29.20
N GLY R 262 21.94 -81.46 29.52
CA GLY R 262 20.97 -82.33 30.14
C GLY R 262 21.58 -83.13 31.27
N GLY R 263 20.87 -83.22 32.38
CA GLY R 263 21.38 -83.93 33.53
C GLY R 263 21.34 -85.43 33.33
N LYS R 264 21.92 -86.13 34.31
CA LYS R 264 21.96 -87.57 34.26
C LYS R 264 20.58 -88.15 34.55
N THR R 265 20.30 -89.33 33.99
CA THR R 265 19.04 -89.99 34.24
C THR R 265 18.85 -90.33 35.71
N GLU R 266 19.95 -90.53 36.44
CA GLU R 266 19.86 -90.88 37.86
C GLU R 266 19.48 -89.69 38.73
N ASP R 267 19.67 -88.46 38.23
CA ASP R 267 19.40 -87.28 39.05
C ASP R 267 17.90 -87.13 39.28
N ASN R 268 17.51 -86.93 40.53
CA ASN R 268 16.14 -86.57 40.85
C ASN R 268 15.86 -85.15 40.38
N ILE R 269 14.58 -84.79 40.33
CA ILE R 269 14.20 -83.44 39.94
C ILE R 269 14.81 -82.42 40.89
N LYS R 270 14.98 -82.78 42.16
CA LYS R 270 15.69 -81.91 43.08
C LYS R 270 17.14 -81.73 42.66
N GLN R 271 17.81 -82.83 42.29
CA GLN R 271 19.19 -82.73 41.85
C GLN R 271 19.30 -81.94 40.54
N ILE R 272 18.37 -82.16 39.63
CA ILE R 272 18.36 -81.42 38.38
C ILE R 272 18.18 -79.93 38.65
N ASN R 273 17.27 -79.60 39.58
CA ASN R 273 17.06 -78.20 39.93
C ASN R 273 18.30 -77.60 40.59
N ASP R 274 19.00 -78.40 41.40
CA ASP R 274 20.25 -77.93 41.99
C ASP R 274 21.28 -77.63 40.92
N LYS R 275 21.39 -78.51 39.93
CA LYS R 275 22.34 -78.26 38.84
C LYS R 275 21.93 -77.03 38.04
N SER R 276 20.63 -76.87 37.76
CA SER R 276 20.15 -75.70 37.05
C SER R 276 20.34 -74.43 37.86
N LYS R 277 20.41 -74.54 39.18
CA LYS R 277 20.80 -73.42 40.02
C LYS R 277 22.30 -73.15 39.89
N SER R 278 23.11 -74.22 39.85
CA SER R 278 24.55 -74.06 39.74
C SER R 278 24.92 -73.32 38.46
N PHE R 279 24.27 -73.67 37.36
CA PHE R 279 24.37 -72.90 36.14
C PHE R 279 23.50 -71.66 36.25
N ASN R 280 24.09 -70.49 36.03
CA ASN R 280 23.34 -69.25 36.02
C ASN R 280 23.72 -68.32 34.87
N ASP R 281 24.71 -68.69 34.06
CA ASP R 281 24.96 -67.95 32.83
C ASP R 281 23.81 -68.16 31.86
N GLU R 282 23.44 -67.08 31.17
CA GLU R 282 22.26 -67.11 30.31
C GLU R 282 22.42 -68.09 29.17
N ASN R 283 23.64 -68.35 28.73
CA ASN R 283 23.89 -69.25 27.61
C ASN R 283 23.86 -70.72 28.01
N ILE R 284 23.42 -71.05 29.22
CA ILE R 284 23.35 -72.42 29.71
C ILE R 284 21.89 -72.79 29.88
N VAL R 285 21.50 -73.92 29.30
CA VAL R 285 20.15 -74.47 29.41
C VAL R 285 20.29 -75.91 29.90
N ASN R 286 19.63 -76.22 31.02
CA ASN R 286 19.68 -77.54 31.63
C ASN R 286 18.38 -78.27 31.38
N VAL R 287 18.48 -79.50 30.89
CA VAL R 287 17.32 -80.33 30.53
C VAL R 287 17.20 -81.46 31.53
N GLY R 288 16.01 -81.64 32.08
CA GLY R 288 15.76 -82.64 33.11
C GLY R 288 15.02 -83.86 32.62
N SER R 289 14.01 -83.65 31.76
CA SER R 289 13.12 -84.73 31.38
C SER R 289 13.77 -85.67 30.38
N SER R 290 13.45 -86.95 30.50
CA SER R 290 13.76 -87.97 29.51
C SER R 290 12.53 -88.20 28.63
N ALA R 291 12.74 -88.92 27.52
CA ALA R 291 11.67 -89.08 26.55
C ALA R 291 11.90 -90.31 25.70
N TYR R 292 10.84 -90.73 25.01
CA TYR R 292 10.86 -91.80 24.03
C TYR R 292 10.30 -91.26 22.72
N TYR R 293 10.94 -91.63 21.61
CA TYR R 293 10.46 -91.26 20.27
C TYR R 293 10.04 -92.47 19.46
N GLU R 294 10.96 -93.39 19.16
CA GLU R 294 10.64 -94.67 18.52
C GLU R 294 10.64 -95.79 19.55
N ASN R 295 9.84 -95.62 20.60
CA ASN R 295 9.76 -96.58 21.71
C ASN R 295 11.12 -96.84 22.35
N ILE R 296 12.03 -95.87 22.26
CA ILE R 296 13.40 -95.99 22.74
C ILE R 296 13.70 -94.76 23.58
N LYS R 297 14.20 -94.98 24.79
CA LYS R 297 14.38 -93.88 25.72
C LYS R 297 15.50 -92.95 25.26
N TYR R 298 15.44 -91.70 25.73
CA TYR R 298 16.48 -90.72 25.49
C TYR R 298 16.78 -90.00 26.81
N THR R 299 18.06 -89.97 27.18
CA THR R 299 18.47 -89.31 28.41
C THR R 299 18.20 -87.81 28.29
N PRO R 300 18.25 -87.08 29.41
CA PRO R 300 17.98 -85.62 29.32
C PRO R 300 18.92 -84.89 28.38
N SER R 301 20.16 -85.35 28.24
CA SER R 301 21.08 -84.72 27.30
C SER R 301 20.80 -85.13 25.86
N GLU R 302 20.37 -86.37 25.65
CA GLU R 302 20.03 -86.79 24.29
C GLU R 302 18.84 -86.00 23.76
N VAL R 303 17.86 -85.71 24.62
CA VAL R 303 16.77 -84.82 24.24
C VAL R 303 17.21 -83.35 24.29
N ALA R 304 18.26 -83.02 25.04
CA ALA R 304 18.82 -81.68 24.96
C ALA R 304 19.36 -81.40 23.57
N VAL R 305 19.88 -82.43 22.91
CA VAL R 305 20.27 -82.29 21.51
C VAL R 305 19.08 -81.83 20.68
N TYR R 306 17.94 -82.52 20.84
CA TYR R 306 16.76 -82.20 20.04
C TYR R 306 16.22 -80.82 20.38
N ILE R 307 16.19 -80.45 21.66
CA ILE R 307 15.61 -79.16 22.01
C ILE R 307 16.50 -78.03 21.51
N ALA R 308 17.83 -78.21 21.58
CA ALA R 308 18.72 -77.20 21.01
C ALA R 308 18.52 -77.08 19.50
N ALA R 309 18.38 -78.24 18.82
CA ALA R 309 18.16 -78.22 17.38
C ALA R 309 16.87 -77.50 17.04
N LEU R 310 15.79 -77.78 17.79
CA LEU R 310 14.52 -77.12 17.53
C LEU R 310 14.61 -75.63 17.82
N SER R 311 15.36 -75.24 18.86
CA SER R 311 15.50 -73.83 19.18
C SER R 311 16.21 -73.09 18.07
N VAL R 312 17.33 -73.63 17.58
CA VAL R 312 18.07 -72.94 16.52
C VAL R 312 17.27 -72.94 15.23
N SER R 313 16.52 -74.02 14.96
CA SER R 313 15.66 -74.03 13.78
C SER R 313 14.58 -72.97 13.89
N LYS R 314 14.06 -72.75 15.10
CA LYS R 314 13.08 -71.68 15.30
C LYS R 314 13.69 -70.32 14.98
N GLY R 315 14.93 -70.10 15.41
CA GLY R 315 15.56 -68.82 15.17
C GLY R 315 14.80 -67.70 15.86
N ILE R 316 14.83 -66.53 15.24
CA ILE R 316 14.01 -65.40 15.65
C ILE R 316 12.63 -65.62 15.05
N THR R 317 11.63 -64.85 15.50
CA THR R 317 10.25 -64.96 15.03
C THR R 317 9.61 -66.27 15.53
N GLY R 318 9.97 -66.68 16.73
CA GLY R 318 9.41 -67.89 17.30
C GLY R 318 9.97 -68.15 18.68
N SER R 319 9.53 -69.26 19.24
CA SER R 319 9.96 -69.66 20.58
C SER R 319 9.76 -71.18 20.68
N ILE R 320 9.87 -71.70 21.90
CA ILE R 320 9.73 -73.12 22.17
C ILE R 320 8.77 -73.41 23.31
N CYS R 321 8.13 -72.39 23.88
CA CYS R 321 7.40 -72.56 25.12
C CYS R 321 6.20 -73.50 24.98
N ASN R 322 5.73 -73.75 23.76
CA ASN R 322 4.72 -74.77 23.53
C ASN R 322 4.94 -75.54 22.23
N ALA R 323 6.16 -75.55 21.70
CA ALA R 323 6.41 -76.26 20.45
C ALA R 323 6.22 -77.75 20.65
N LYS R 324 5.47 -78.38 19.74
CA LYS R 324 5.23 -79.81 19.85
C LYS R 324 6.51 -80.57 19.53
N THR R 325 6.73 -81.65 20.27
CA THR R 325 7.91 -82.50 20.11
C THR R 325 7.53 -83.78 19.39
N ILE R 326 8.56 -84.45 18.85
CA ILE R 326 8.36 -85.74 18.20
C ILE R 326 8.22 -86.89 19.16
N PHE R 327 8.45 -86.67 20.46
CA PHE R 327 8.55 -87.76 21.41
C PHE R 327 7.18 -88.30 21.77
N GLU R 328 7.08 -89.64 21.81
CA GLU R 328 5.82 -90.30 22.10
C GLU R 328 5.58 -90.46 23.59
N GLU R 329 6.62 -90.36 24.42
CA GLU R 329 6.47 -90.38 25.87
C GLU R 329 7.51 -89.47 26.51
N VAL R 330 7.22 -89.08 27.75
CA VAL R 330 8.09 -88.22 28.53
C VAL R 330 8.10 -88.72 29.97
N GLU R 331 9.27 -88.69 30.61
CA GLU R 331 9.37 -88.99 32.03
C GLU R 331 10.64 -88.36 32.55
N PRO R 332 10.70 -88.00 33.85
CA PRO R 332 9.66 -88.05 34.88
C PRO R 332 8.60 -86.99 34.66
N ARG R 333 7.39 -87.23 35.16
CA ARG R 333 6.21 -86.44 34.82
C ARG R 333 5.77 -85.64 36.04
N LEU R 334 5.40 -84.38 35.80
CA LEU R 334 5.39 -83.35 36.82
C LEU R 334 3.99 -82.75 36.98
N SER R 335 3.57 -82.58 38.23
CA SER R 335 2.43 -81.74 38.53
C SER R 335 2.81 -80.27 38.37
N GLN R 336 1.81 -79.40 38.44
CA GLN R 336 2.06 -77.96 38.30
C GLN R 336 3.03 -77.46 39.36
N SER R 337 2.99 -78.03 40.56
CA SER R 337 3.96 -77.66 41.59
C SER R 337 5.37 -78.01 41.14
N GLU R 338 5.57 -79.21 40.62
CA GLU R 338 6.90 -79.61 40.16
C GLU R 338 7.35 -78.77 38.98
N VAL R 339 6.43 -78.47 38.06
CA VAL R 339 6.75 -77.63 36.92
C VAL R 339 7.20 -76.25 37.38
N LYS R 340 6.47 -75.67 38.33
CA LYS R 340 6.83 -74.35 38.84
C LYS R 340 8.18 -74.41 39.56
N GLU R 341 8.43 -75.48 40.30
CA GLU R 341 9.73 -75.64 40.95
C GLU R 341 10.84 -75.69 39.93
N CYS R 342 10.65 -76.45 38.85
CA CYS R 342 11.68 -76.58 37.83
C CYS R 342 11.91 -75.25 37.12
N LEU R 343 10.84 -74.53 36.80
CA LEU R 343 10.99 -73.24 36.12
C LEU R 343 11.68 -72.22 37.01
N LYS R 344 11.31 -72.19 38.29
CA LYS R 344 12.00 -71.30 39.23
C LYS R 344 13.47 -71.67 39.36
N SER R 345 13.79 -72.95 39.24
CA SER R 345 15.17 -73.41 39.24
C SER R 345 15.90 -73.13 37.93
N GLY R 346 15.20 -72.66 36.90
CA GLY R 346 15.77 -72.49 35.59
C GLY R 346 15.79 -73.74 34.74
N THR R 347 15.34 -74.87 35.27
CA THR R 347 15.32 -76.10 34.50
C THR R 347 14.30 -76.02 33.38
N LEU R 348 14.65 -76.61 32.24
CA LEU R 348 13.71 -76.85 31.15
C LEU R 348 13.34 -78.33 31.16
N VAL R 349 12.03 -78.61 31.16
CA VAL R 349 11.52 -79.97 31.25
C VAL R 349 10.36 -80.11 30.28
N LEU R 350 10.32 -81.22 29.55
CA LEU R 350 9.20 -81.48 28.67
C LEU R 350 7.96 -81.84 29.49
N ASP R 351 6.82 -81.84 28.81
CA ASP R 351 5.53 -82.02 29.46
C ASP R 351 4.60 -82.77 28.53
N PHE R 352 3.53 -83.31 29.12
CA PHE R 352 2.51 -84.07 28.41
C PHE R 352 1.17 -83.36 28.52
N ASP R 353 1.16 -82.06 28.23
CA ASP R 353 -0.04 -81.25 28.38
C ASP R 353 -1.20 -81.78 27.53
N ASP R 354 -0.91 -82.51 26.46
CA ASP R 354 -1.92 -83.15 25.64
C ASP R 354 -1.42 -84.56 25.31
N GLY R 355 -2.06 -85.22 24.35
CA GLY R 355 -1.68 -86.57 23.98
C GLY R 355 -0.28 -86.68 23.41
N ASP R 356 0.34 -85.57 23.03
CA ASP R 356 1.73 -85.53 22.61
C ASP R 356 2.61 -85.02 23.74
N VAL R 357 3.92 -85.04 23.50
CA VAL R 357 4.89 -84.45 24.42
C VAL R 357 5.16 -83.03 23.97
N ILE R 358 5.03 -82.08 24.90
CA ILE R 358 5.08 -80.66 24.60
C ILE R 358 6.12 -80.00 25.48
N ILE R 359 6.87 -79.06 24.92
CA ILE R 359 7.83 -78.29 25.68
C ILE R 359 7.09 -77.35 26.60
N VAL R 360 7.52 -77.28 27.87
CA VAL R 360 6.74 -76.53 28.84
C VAL R 360 6.95 -75.03 28.65
N ASP R 361 8.18 -74.57 28.49
CA ASP R 361 8.48 -73.14 28.58
C ASP R 361 9.79 -72.86 27.86
N ASP R 362 10.16 -71.58 27.83
CA ASP R 362 11.34 -71.08 27.14
C ASP R 362 12.51 -70.84 28.08
N VAL R 363 12.44 -71.36 29.30
CA VAL R 363 13.35 -70.93 30.36
C VAL R 363 14.76 -71.47 30.11
N ASN R 364 15.74 -70.82 30.76
CA ASN R 364 17.12 -71.25 30.79
C ASN R 364 17.58 -71.36 32.24
N THR R 365 18.81 -71.83 32.44
CA THR R 365 19.31 -71.98 33.80
C THR R 365 19.48 -70.64 34.50
N PHE R 366 19.67 -69.56 33.74
CA PHE R 366 19.88 -68.26 34.37
C PHE R 366 18.66 -67.82 35.17
N LYS R 367 17.46 -68.23 34.76
CA LYS R 367 16.21 -67.62 35.23
C LYS R 367 16.07 -67.56 36.76
N LYS R 368 16.88 -68.32 37.49
CA LYS R 368 16.90 -68.23 38.94
C LYS R 368 17.13 -66.81 39.44
N TYR R 369 17.90 -66.00 38.71
CA TYR R 369 18.09 -64.59 39.05
C TYR R 369 17.26 -63.73 38.10
N VAL R 370 16.99 -62.49 38.53
CA VAL R 370 15.81 -61.77 38.08
C VAL R 370 16.11 -60.47 37.35
N ASP R 371 16.72 -59.51 38.04
CA ASP R 371 16.50 -58.10 37.72
C ASP R 371 17.56 -57.49 36.82
N ASP R 372 18.85 -57.59 37.18
CA ASP R 372 19.88 -56.96 36.36
C ASP R 372 19.88 -57.57 34.95
N LYS R 373 20.22 -58.84 34.83
CA LYS R 373 19.94 -59.54 33.59
C LYS R 373 18.45 -59.85 33.63
N ASN R 374 17.66 -59.13 32.82
CA ASN R 374 16.23 -59.04 33.08
C ASN R 374 15.56 -60.40 32.93
N GLU R 375 14.28 -60.44 33.30
CA GLU R 375 13.55 -61.69 33.31
C GLU R 375 13.41 -62.25 31.90
N ALA R 376 13.37 -61.38 30.89
CA ALA R 376 13.35 -61.86 29.51
C ALA R 376 14.65 -62.59 29.16
N MET R 377 15.77 -62.21 29.78
CA MET R 377 17.01 -62.96 29.60
C MET R 377 16.87 -64.38 30.10
N GLY R 378 15.98 -64.61 31.06
CA GLY R 378 15.70 -65.96 31.51
C GLY R 378 15.10 -66.84 30.44
N TYR R 379 14.60 -66.26 29.36
CA TYR R 379 14.01 -66.99 28.25
C TYR R 379 15.01 -67.10 27.11
N ILE R 380 15.03 -68.28 26.48
CA ILE R 380 16.05 -68.59 25.47
C ILE R 380 15.87 -67.72 24.24
N SER R 381 14.62 -67.39 23.88
CA SER R 381 14.38 -66.63 22.66
C SER R 381 15.04 -65.25 22.72
N ASN R 382 14.99 -64.60 23.88
CA ASN R 382 15.65 -63.32 24.02
C ASN R 382 17.15 -63.44 23.86
N ILE R 383 17.74 -64.51 24.40
CA ILE R 383 19.18 -64.71 24.25
C ILE R 383 19.52 -64.94 22.79
N MET R 384 18.70 -65.71 22.08
CA MET R 384 18.93 -65.90 20.65
C MET R 384 18.87 -64.57 19.92
N PHE R 385 17.90 -63.72 20.28
CA PHE R 385 17.79 -62.41 19.67
C PHE R 385 19.03 -61.57 19.93
N ILE R 386 19.49 -61.53 21.18
CA ILE R 386 20.66 -60.71 21.52
C ILE R 386 21.89 -61.23 20.83
N ASN R 387 22.06 -62.56 20.78
CA ASN R 387 23.20 -63.13 20.08
C ASN R 387 23.15 -62.81 18.59
N THR R 388 21.96 -62.83 18.01
CA THR R 388 21.84 -62.49 16.59
C THR R 388 22.20 -61.03 16.34
N ILE R 389 21.75 -60.13 17.22
CA ILE R 389 22.09 -58.72 17.05
C ILE R 389 23.60 -58.53 17.19
N ASN R 390 24.20 -59.18 18.18
CA ASN R 390 25.65 -59.11 18.36
C ASN R 390 26.36 -59.67 17.14
N LYS R 391 25.85 -60.76 16.57
CA LYS R 391 26.51 -61.37 15.43
C LYS R 391 26.43 -60.47 14.20
N ASP R 392 25.26 -59.90 13.92
CA ASP R 392 25.13 -59.02 12.77
C ASP R 392 25.97 -57.76 12.95
N THR R 393 26.04 -57.26 14.18
CA THR R 393 26.85 -56.09 14.48
C THR R 393 28.34 -56.40 14.30
N SER R 394 28.78 -57.54 14.82
CA SER R 394 30.14 -58.00 14.62
C SER R 394 30.39 -58.43 13.18
N LEU R 395 29.36 -58.57 12.37
CA LEU R 395 29.55 -58.65 10.92
C LEU R 395 29.80 -57.27 10.33
N LYS R 396 29.07 -56.26 10.84
CA LYS R 396 29.27 -54.89 10.40
C LYS R 396 30.66 -54.36 10.76
N ARG R 397 31.36 -55.01 11.70
CA ARG R 397 32.68 -54.52 12.10
C ARG R 397 33.56 -54.37 10.88
N LYS R 398 33.61 -55.40 10.04
CA LYS R 398 34.51 -55.43 8.89
C LYS R 398 34.10 -54.43 7.83
N GLU R 399 32.81 -54.10 7.78
CA GLU R 399 32.37 -53.05 6.87
C GLU R 399 32.85 -51.69 7.33
N PHE R 400 32.85 -51.44 8.65
CA PHE R 400 33.09 -50.10 9.17
C PHE R 400 34.44 -49.90 9.85
N VAL R 401 35.04 -50.93 10.44
CA VAL R 401 36.29 -50.71 11.15
C VAL R 401 37.42 -50.51 10.15
N GLY R 402 38.20 -49.46 10.35
CA GLY R 402 39.37 -49.24 9.52
C GLY R 402 39.05 -48.83 8.10
N LYS R 403 37.84 -48.32 7.85
CA LYS R 403 37.41 -48.01 6.49
C LYS R 403 36.62 -46.71 6.39
N ILE R 404 36.47 -45.96 7.48
CA ILE R 404 35.74 -44.69 7.45
C ILE R 404 36.25 -43.82 8.60
N PHE R 405 36.24 -42.51 8.38
CA PHE R 405 37.22 -41.62 8.98
C PHE R 405 36.83 -41.08 10.35
N ASN R 406 35.79 -41.58 11.01
CA ASN R 406 35.40 -41.10 12.34
C ASN R 406 34.85 -39.67 12.33
N ASP R 407 34.74 -39.03 11.18
CA ASP R 407 34.17 -37.69 11.11
C ASP R 407 32.67 -37.79 11.31
N ALA R 408 31.97 -36.66 11.23
CA ALA R 408 30.52 -36.68 11.34
C ALA R 408 29.90 -37.51 10.23
N THR R 409 30.51 -37.50 9.04
CA THR R 409 29.98 -38.28 7.92
C THR R 409 30.06 -39.78 8.21
N GLY R 410 31.20 -40.24 8.72
CA GLY R 410 31.34 -41.66 9.01
C GLY R 410 30.41 -42.12 10.12
N GLN R 411 30.29 -41.32 11.18
CA GLN R 411 29.37 -41.64 12.26
C GLN R 411 27.93 -41.69 11.75
N THR R 412 27.57 -40.72 10.90
CA THR R 412 26.23 -40.70 10.33
C THR R 412 25.98 -41.91 9.46
N THR R 413 26.97 -42.31 8.68
CA THR R 413 26.82 -43.49 7.83
C THR R 413 26.63 -44.75 8.66
N VAL R 414 27.42 -44.89 9.72
CA VAL R 414 27.28 -46.06 10.61
C VAL R 414 25.91 -46.08 11.24
N ILE R 415 25.47 -44.92 11.75
CA ILE R 415 24.17 -44.84 12.41
C ILE R 415 23.06 -45.13 11.41
N CYS R 416 23.20 -44.65 10.18
CA CYS R 416 22.19 -44.89 9.17
C CYS R 416 22.11 -46.36 8.81
N ALA R 417 23.26 -47.04 8.70
CA ALA R 417 23.25 -48.46 8.40
C ALA R 417 22.59 -49.25 9.53
N LEU R 418 22.95 -48.93 10.78
CA LEU R 418 22.33 -49.62 11.91
C LEU R 418 20.84 -49.33 11.98
N LYS R 419 20.44 -48.11 11.66
CA LYS R 419 19.02 -47.75 11.62
C LYS R 419 18.30 -48.54 10.55
N LYS R 420 18.93 -48.71 9.39
CA LYS R 420 18.33 -49.51 8.32
C LYS R 420 18.16 -50.95 8.77
N TYR R 421 19.16 -51.50 9.45
CA TYR R 421 19.04 -52.87 9.95
C TYR R 421 17.91 -53.00 10.96
N PHE R 422 17.83 -52.07 11.91
CA PHE R 422 16.77 -52.14 12.91
C PHE R 422 15.40 -51.88 12.29
N GLU R 423 15.34 -51.07 11.24
CA GLU R 423 14.07 -50.88 10.54
C GLU R 423 13.67 -52.13 9.77
N GLU R 424 14.65 -52.87 9.24
CA GLU R 424 14.35 -54.16 8.67
C GLU R 424 13.78 -55.10 9.72
N LEU R 425 14.34 -55.06 10.93
CA LEU R 425 13.78 -55.85 12.03
C LEU R 425 12.36 -55.40 12.36
N MET R 426 12.13 -54.09 12.36
CA MET R 426 10.79 -53.57 12.63
C MET R 426 9.81 -54.04 11.58
N SER R 427 10.23 -54.08 10.31
CA SER R 427 9.35 -54.52 9.23
C SER R 427 8.92 -55.97 9.44
N GLN R 428 9.82 -56.80 9.96
CA GLN R 428 9.47 -58.16 10.31
C GLN R 428 8.57 -58.24 11.54
N GLY R 429 8.38 -57.13 12.26
CA GLY R 429 7.54 -57.11 13.43
C GLY R 429 8.18 -57.64 14.69
N ILE R 430 9.45 -58.05 14.62
CA ILE R 430 10.12 -58.64 15.79
C ILE R 430 10.25 -57.61 16.90
N ILE R 431 10.47 -56.35 16.53
CA ILE R 431 10.65 -55.26 17.48
C ILE R 431 9.41 -54.38 17.41
N SER R 432 8.87 -54.03 18.58
CA SER R 432 7.74 -53.12 18.65
C SER R 432 8.17 -51.67 18.68
N GLU R 433 9.33 -51.38 19.26
CA GLU R 433 9.84 -50.01 19.35
C GLU R 433 11.35 -50.08 19.48
N PHE R 434 12.02 -49.07 18.93
CA PHE R 434 13.47 -48.98 19.07
C PHE R 434 13.91 -47.54 18.81
N ASN R 435 15.10 -47.23 19.30
CA ASN R 435 15.85 -46.06 18.86
C ASN R 435 17.33 -46.40 18.97
N VAL R 436 18.11 -45.89 18.03
CA VAL R 436 19.56 -46.08 18.01
C VAL R 436 20.21 -44.74 17.73
N ASP R 437 21.19 -44.37 18.56
CA ASP R 437 21.79 -43.05 18.51
C ASP R 437 23.23 -43.14 19.01
N ILE R 438 23.99 -42.09 18.70
CA ILE R 438 25.36 -42.00 19.17
C ILE R 438 25.37 -41.89 20.68
N ASP R 439 26.35 -42.52 21.32
CA ASP R 439 26.49 -42.51 22.78
C ASP R 439 27.35 -41.30 23.13
N THR R 440 26.70 -40.13 23.09
CA THR R 440 27.44 -38.88 23.24
C THR R 440 28.10 -38.78 24.60
N GLU R 441 27.57 -39.47 25.61
CA GLU R 441 28.23 -39.52 26.91
C GLU R 441 29.61 -40.17 26.79
N LEU R 442 29.66 -41.36 26.20
CA LEU R 442 30.93 -42.05 26.00
C LEU R 442 31.69 -41.50 24.80
N GLN R 443 30.98 -40.93 23.82
CA GLN R 443 31.67 -40.35 22.67
C GLN R 443 32.49 -39.13 23.07
N ALA R 444 32.04 -38.39 24.08
CA ALA R 444 32.85 -37.28 24.59
C ALA R 444 34.16 -37.79 25.16
N THR R 445 34.12 -38.90 25.89
CA THR R 445 35.33 -39.52 26.44
C THR R 445 36.03 -40.42 25.44
N ALA R 446 35.45 -40.66 24.28
CA ALA R 446 36.03 -41.58 23.32
C ALA R 446 37.34 -41.03 22.77
N LYS R 447 38.30 -41.92 22.57
CA LYS R 447 39.52 -41.54 21.87
C LYS R 447 39.19 -41.31 20.40
N ALA R 448 40.06 -40.56 19.73
CA ALA R 448 39.76 -40.09 18.38
C ALA R 448 39.62 -41.22 17.37
N ASP R 449 40.24 -42.38 17.64
CA ASP R 449 40.23 -43.51 16.72
C ASP R 449 39.14 -44.53 17.06
N GLU R 450 38.11 -44.14 17.79
CA GLU R 450 37.06 -45.06 18.21
C GLU R 450 35.70 -44.35 18.22
N PHE R 451 34.66 -45.17 18.35
CA PHE R 451 33.27 -44.72 18.25
C PHE R 451 32.44 -45.46 19.28
N TYR R 452 31.50 -44.75 19.90
CA TYR R 452 30.54 -45.31 20.84
C TYR R 452 29.13 -44.99 20.38
N TRP R 453 28.21 -45.92 20.62
CA TRP R 453 26.84 -45.76 20.15
C TRP R 453 25.94 -46.55 21.08
N LYS R 454 24.67 -46.15 21.12
CA LYS R 454 23.68 -46.74 22.01
C LYS R 454 22.43 -47.05 21.23
N TRP R 455 21.67 -48.04 21.73
CA TRP R 455 20.39 -48.36 21.13
C TRP R 455 19.49 -49.00 22.17
N ASP R 456 18.20 -48.63 22.12
CA ASP R 456 17.15 -49.26 22.88
C ASP R 456 16.19 -49.96 21.93
N ALA R 457 15.55 -51.00 22.43
CA ALA R 457 14.59 -51.76 21.62
C ALA R 457 13.57 -52.40 22.54
N VAL R 458 12.52 -52.93 21.92
CA VAL R 458 11.48 -53.68 22.62
C VAL R 458 11.12 -54.87 21.75
N LYS R 459 11.63 -56.05 22.10
CA LYS R 459 11.26 -57.26 21.39
C LYS R 459 9.77 -57.53 21.55
N VAL R 460 9.15 -58.01 20.48
CA VAL R 460 7.73 -58.32 20.54
C VAL R 460 7.56 -59.62 21.30
N ASP R 461 6.61 -59.65 22.23
CA ASP R 461 6.45 -60.79 23.12
C ASP R 461 5.63 -61.88 22.42
N VAL R 462 5.27 -62.91 23.18
CA VAL R 462 4.44 -64.01 22.71
C VAL R 462 3.56 -64.43 23.89
N MET R 463 2.33 -64.86 23.61
CA MET R 463 1.50 -65.42 24.68
C MET R 463 2.13 -66.68 25.23
N LYS R 464 2.50 -66.62 26.51
CA LYS R 464 2.74 -67.81 27.31
C LYS R 464 1.53 -68.13 28.19
N LYS R 465 0.93 -67.11 28.81
CA LYS R 465 -0.24 -67.25 29.66
C LYS R 465 -1.43 -66.60 28.97
N ILE R 466 -2.61 -67.19 29.11
CA ILE R 466 -3.84 -66.55 28.65
C ILE R 466 -4.95 -66.86 29.64
N TYR R 467 -5.82 -65.88 29.90
CA TYR R 467 -6.90 -66.00 30.86
C TYR R 467 -8.20 -65.53 30.22
N GLY R 468 -9.27 -66.27 30.48
CA GLY R 468 -10.58 -65.91 29.98
C GLY R 468 -11.61 -65.94 31.09
N THR R 469 -12.58 -65.05 30.98
CA THR R 469 -13.67 -64.93 31.94
C THR R 469 -14.98 -64.90 31.18
N GLY R 470 -15.96 -65.66 31.66
CA GLY R 470 -17.20 -65.89 30.94
C GLY R 470 -18.41 -65.32 31.66
N TYR R 471 -19.35 -64.81 30.85
CA TYR R 471 -20.63 -64.32 31.33
C TYR R 471 -21.73 -65.03 30.56
N LEU R 472 -22.79 -65.41 31.26
CA LEU R 472 -23.94 -66.09 30.69
C LEU R 472 -25.23 -65.41 31.12
#